data_9JVP
#
_entry.id   9JVP
#
loop_
_entity.id
_entity.type
_entity.pdbx_description
1 polymer 'ATP-dependent Clp protease ATP-binding subunit ClpC1'
2 polymer 'ATP-dependent Clp protease proteolytic subunit 2'
3 polymer 'ATP-dependent Clp protease proteolytic subunit 1'
4 polymer Beta-casein
5 non-polymer "ADENOSINE-5'-TRIPHOSPHATE"
6 non-polymer 'MAGNESIUM ION'
7 non-polymer "ADENOSINE-5'-DIPHOSPHATE"
8 non-polymer N-[(1R)-1-(DIHYDROXYBORYL)-3-METHYLBUTYL]-N-(PYRAZIN-2-YLCARBONYL)-L-PHENYLALANINAMIDE
#
loop_
_entity_poly.entity_id
_entity_poly.type
_entity_poly.pdbx_seq_one_letter_code
_entity_poly.pdbx_strand_id
1 'polypeptide(L)'
;SLVLDQFGRNLTAAAMEGKLDPVIGREKEIERVMQVLSRRTKNNPVLIGEPGVGKTAVVEGLAQAIVHGEVPETLKDKQL
YTLDLGSLVAGSRYRGDFEERLKKVLKEINTRGDIILFIDALHTLVGAGAAEGAIDAASILKPKLARGELQTIGATTLDE
YRKYIEKDAALERRFQPVQVGEPTVEHTIEILKGLRDRYEAHHRVSITDAAMVAAATLADRYINDRFLPDKAIDLIDEAG
ARMRIRRMTAPPDLREFDEKIAEARREKESAIDAQDSEKAASLRDREKTLVAQRAEREKQWRSGDLDVVAEVDDEQIAEV
LGNWTGIPVFKLTEAETTRLLRMEEELHKRIIGQEDAVKAVSKAIRRTRAGLKDPKRPSGSFIFAGPSGVGKTELSKALA
NFLFGDDDALIQIDMGEFHDRFTASRLFGAPPGYVGYEEGGQLTEKVRRKPFSVVLFDAIEKAHQEIYNSLLQVLEDGRL
TDGQGRTVDFKNTVLIFTSNLGTSDISKPVGLGFSKGGGENDYERMKQKVNDELKKHFRPEFLNRIDDIIVFHQLTREEI
IRMVDLMISRVAGQLKSKDMALVLTDAAKALLAKRGFDPVLGARPLRRTIQREIEDQLSEKILFEEVGPGQVVTVDVDNW
DGEGPGEDAVFTFTGTR
;
A,B,C,D,E,F
2 'polypeptide(L)'
;NPYNKLFEERIIFLGVQVDDASANDIMAQLLVLESLDPDRDITMYINSPGGGFTSLMAIYDTMQYVRADIQTVCLGQAAS
AAAVLLAAGTPGKRMALPNARVLIHQPSLSGVIQGQFSDLEIQAAEIERMRTLMETTLARHTGKDAGVIRKDTDRDKILT
AEEAKDYGIIDTVLEYRKLS
;
M,G,H,I,J,K,L
3 'polypeptide(L)'
;SLTDSVYERLLSERIIFLGSEVNDEIANRLCAQILLLAAEDASKDISLYINSPGGSISAGMAIYDTMVLAPCDIATYAMG
MAASMGEFLLAAGTKGKRYALPHARILMHQPLGGVTGSAADIAIQAEQFAVIKKEMFRLNAEFTGQPIERIEADSDRDRW
FTAAEALEYGFVDHIITR
;
T,N,O,P,Q,R,S
4 'polypeptide(L)' MKVLILACLVALALARELEELNVP U
#
loop_
_chem_comp.id
_chem_comp.type
_chem_comp.name
_chem_comp.formula
ADP non-polymer ADENOSINE-5'-DIPHOSPHATE 'C10 H15 N5 O10 P2'
ATP non-polymer ADENOSINE-5'-TRIPHOSPHATE 'C10 H16 N5 O13 P3'
BO2 non-polymer N-[(1R)-1-(DIHYDROXYBORYL)-3-METHYLBUTYL]-N-(PYRAZIN-2-YLCARBONYL)-L-PHENYLALANINAMIDE 'C19 H25 B N4 O4'
MG non-polymer 'MAGNESIUM ION' 'Mg 2'
#
# COMPACT_ATOMS: atom_id res chain seq x y z
N LEU A 2 -49.04 77.46 16.23
CA LEU A 2 -48.99 77.06 17.63
C LEU A 2 -47.65 76.43 17.99
N VAL A 3 -47.60 75.80 19.16
CA VAL A 3 -46.37 75.14 19.62
C VAL A 3 -46.05 73.94 18.75
N LEU A 4 -47.07 73.23 18.28
CA LEU A 4 -46.81 72.03 17.51
C LEU A 4 -46.42 72.34 16.07
N ASP A 5 -46.83 73.49 15.54
CA ASP A 5 -46.46 73.78 14.15
C ASP A 5 -45.01 74.23 14.06
N GLN A 6 -44.45 74.82 15.11
CA GLN A 6 -43.07 75.26 15.01
C GLN A 6 -42.10 74.10 15.19
N PHE A 7 -42.58 72.94 15.63
CA PHE A 7 -41.77 71.75 15.62
C PHE A 7 -42.31 70.70 14.66
N GLY A 8 -43.51 70.20 14.89
CA GLY A 8 -44.01 69.15 14.05
C GLY A 8 -44.57 69.64 12.75
N ARG A 9 -44.79 68.70 11.85
CA ARG A 9 -45.52 68.93 10.62
C ARG A 9 -46.89 68.31 10.79
N ASN A 10 -47.93 69.12 10.69
CA ASN A 10 -49.29 68.61 10.81
C ASN A 10 -49.63 67.80 9.57
N LEU A 11 -49.64 66.47 9.70
CA LEU A 11 -49.98 65.61 8.58
C LEU A 11 -51.46 65.67 8.26
N THR A 12 -52.30 65.91 9.26
CA THR A 12 -53.72 66.03 9.04
C THR A 12 -54.05 67.28 8.25
N ALA A 13 -53.36 68.38 8.54
CA ALA A 13 -53.52 69.58 7.74
C ALA A 13 -52.92 69.40 6.35
N ALA A 14 -51.87 68.61 6.23
CA ALA A 14 -51.31 68.33 4.91
C ALA A 14 -52.23 67.43 4.10
N ALA A 15 -52.99 66.56 4.77
CA ALA A 15 -53.97 65.75 4.06
C ALA A 15 -55.21 66.53 3.68
N MET A 16 -55.52 67.61 4.40
CA MET A 16 -56.63 68.47 3.96
C MET A 16 -56.25 69.25 2.72
N GLU A 17 -55.01 69.68 2.62
CA GLU A 17 -54.56 70.47 1.49
C GLU A 17 -54.07 69.59 0.34
N GLY A 18 -54.20 68.28 0.44
CA GLY A 18 -53.86 67.39 -0.64
C GLY A 18 -52.37 67.27 -0.90
N LYS A 19 -51.55 67.55 0.11
CA LYS A 19 -50.11 67.54 -0.10
C LYS A 19 -49.49 66.19 0.19
N LEU A 20 -50.26 65.23 0.70
CA LEU A 20 -49.75 63.89 0.92
C LEU A 20 -50.16 63.01 -0.25
N ASP A 21 -49.27 62.09 -0.62
CA ASP A 21 -49.51 61.16 -1.71
C ASP A 21 -50.66 60.23 -1.35
N PRO A 22 -51.46 59.78 -2.32
CA PRO A 22 -52.49 58.80 -2.02
C PRO A 22 -51.92 57.48 -1.58
N VAL A 23 -52.31 57.02 -0.40
CA VAL A 23 -51.85 55.75 0.11
C VAL A 23 -53.01 54.80 -0.05
N ILE A 24 -52.96 54.15 -1.22
CA ILE A 24 -53.95 53.11 -1.57
C ILE A 24 -53.35 51.83 -1.02
N GLY A 25 -54.15 50.77 -0.96
CA GLY A 25 -53.60 49.58 -0.30
C GLY A 25 -53.23 49.93 1.12
N ARG A 26 -52.43 49.13 1.81
CA ARG A 26 -51.95 49.52 3.17
C ARG A 26 -53.12 49.88 4.09
N GLU A 27 -54.36 49.65 3.65
CA GLU A 27 -55.55 50.00 4.46
C GLU A 27 -55.65 49.05 5.66
N LYS A 28 -55.27 47.79 5.47
CA LYS A 28 -55.43 46.85 6.57
C LYS A 28 -54.47 47.14 7.70
N GLU A 29 -53.52 48.03 7.48
CA GLU A 29 -52.53 48.38 8.48
C GLU A 29 -52.66 49.82 8.95
N ILE A 30 -53.32 50.68 8.17
CA ILE A 30 -53.79 51.94 8.72
C ILE A 30 -54.81 51.68 9.81
N GLU A 31 -55.78 50.81 9.54
CA GLU A 31 -56.77 50.49 10.55
C GLU A 31 -56.21 49.65 11.66
N ARG A 32 -55.09 48.97 11.43
CA ARG A 32 -54.43 48.23 12.49
C ARG A 32 -53.67 49.16 13.42
N VAL A 33 -53.09 50.24 12.90
CA VAL A 33 -52.54 51.30 13.74
C VAL A 33 -53.62 51.89 14.63
N MET A 34 -54.83 52.05 14.10
CA MET A 34 -55.93 52.54 14.89
C MET A 34 -56.39 51.53 15.94
N GLN A 35 -56.18 50.23 15.69
CA GLN A 35 -56.42 49.22 16.70
C GLN A 35 -55.43 49.36 17.84
N VAL A 36 -54.15 49.56 17.51
CA VAL A 36 -53.12 49.57 18.53
C VAL A 36 -53.22 50.83 19.39
N LEU A 37 -53.66 51.94 18.80
CA LEU A 37 -53.84 53.17 19.57
C LEU A 37 -54.96 53.07 20.59
N SER A 38 -55.84 52.07 20.47
CA SER A 38 -56.98 51.92 21.37
C SER A 38 -56.82 50.75 22.32
N ARG A 39 -55.59 50.28 22.51
CA ARG A 39 -55.33 49.12 23.36
C ARG A 39 -55.10 49.55 24.80
N ARG A 40 -55.04 48.53 25.68
CA ARG A 40 -54.86 48.81 27.10
C ARG A 40 -53.43 49.19 27.41
N THR A 41 -52.50 48.28 27.22
CA THR A 41 -51.09 48.58 27.18
C THR A 41 -50.57 48.07 25.85
N LYS A 42 -49.29 48.35 25.60
CA LYS A 42 -48.68 48.27 24.26
C LYS A 42 -49.52 49.04 23.26
N ASN A 43 -49.90 50.25 23.64
CA ASN A 43 -50.77 51.05 22.81
C ASN A 43 -50.03 52.07 21.96
N ASN A 44 -48.75 51.89 21.74
CA ASN A 44 -47.99 52.77 20.88
C ASN A 44 -47.54 52.00 19.67
N PRO A 45 -48.16 52.17 18.52
CA PRO A 45 -47.73 51.40 17.35
C PRO A 45 -46.44 51.95 16.76
N VAL A 46 -45.37 51.17 16.81
CA VAL A 46 -44.19 51.51 16.04
C VAL A 46 -44.19 50.70 14.75
N LEU A 47 -44.20 51.42 13.63
CA LEU A 47 -44.24 50.81 12.31
C LEU A 47 -42.85 50.32 11.97
N ILE A 48 -42.63 49.03 12.01
CA ILE A 48 -41.34 48.49 11.62
C ILE A 48 -41.46 47.90 10.23
N GLY A 49 -40.40 48.03 9.46
CA GLY A 49 -40.40 47.54 8.11
C GLY A 49 -39.13 48.00 7.44
N GLU A 50 -38.81 47.35 6.34
CA GLU A 50 -37.61 47.66 5.59
C GLU A 50 -37.74 49.05 4.97
N PRO A 51 -36.63 49.76 4.74
CA PRO A 51 -36.74 51.13 4.25
C PRO A 51 -37.28 51.22 2.84
N GLY A 52 -38.51 51.71 2.72
CA GLY A 52 -39.14 51.88 1.44
C GLY A 52 -40.48 51.24 1.30
N VAL A 53 -40.93 50.49 2.31
CA VAL A 53 -42.16 49.75 2.21
C VAL A 53 -43.37 50.60 2.54
N GLY A 54 -43.16 51.83 2.99
CA GLY A 54 -44.25 52.74 3.20
C GLY A 54 -44.64 52.91 4.64
N LYS A 55 -43.67 52.96 5.55
CA LYS A 55 -43.96 53.19 6.95
C LYS A 55 -44.46 54.60 7.18
N THR A 56 -43.78 55.58 6.60
CA THR A 56 -44.25 56.96 6.66
C THR A 56 -45.57 57.09 5.92
N ALA A 57 -45.77 56.30 4.87
CA ALA A 57 -46.99 56.38 4.09
C ALA A 57 -48.19 55.83 4.83
N VAL A 58 -47.98 54.88 5.74
CA VAL A 58 -49.09 54.38 6.56
C VAL A 58 -49.65 55.48 7.43
N VAL A 59 -48.78 56.26 8.07
CA VAL A 59 -49.25 57.39 8.87
C VAL A 59 -49.71 58.54 7.97
N GLU A 60 -49.09 58.71 6.80
CA GLU A 60 -49.65 59.64 5.83
C GLU A 60 -50.99 59.14 5.29
N GLY A 61 -51.15 57.82 5.22
CA GLY A 61 -52.45 57.27 4.90
C GLY A 61 -53.41 57.32 6.07
N LEU A 62 -52.87 57.35 7.28
CA LEU A 62 -53.71 57.57 8.45
C LEU A 62 -54.22 59.00 8.50
N ALA A 63 -53.38 59.97 8.12
CA ALA A 63 -53.82 61.35 8.06
C ALA A 63 -54.87 61.57 6.99
N GLN A 64 -54.77 60.88 5.87
CA GLN A 64 -55.80 60.97 4.85
C GLN A 64 -57.07 60.26 5.27
N ALA A 65 -56.97 59.27 6.15
CA ALA A 65 -58.17 58.62 6.65
C ALA A 65 -58.90 59.49 7.66
N ILE A 66 -58.17 60.29 8.42
CA ILE A 66 -58.80 61.17 9.40
C ILE A 66 -59.57 62.29 8.70
N VAL A 67 -58.98 62.86 7.65
CA VAL A 67 -59.63 63.99 6.98
C VAL A 67 -60.81 63.53 6.12
N HIS A 68 -60.89 62.24 5.79
CA HIS A 68 -62.01 61.74 5.03
C HIS A 68 -63.14 61.24 5.92
N GLY A 69 -62.94 61.25 7.23
CA GLY A 69 -63.96 60.74 8.14
C GLY A 69 -64.09 59.23 8.08
N GLU A 70 -63.02 58.54 7.66
CA GLU A 70 -63.02 57.10 7.56
C GLU A 70 -62.31 56.46 8.74
N VAL A 71 -62.22 57.18 9.85
CA VAL A 71 -61.63 56.68 11.08
C VAL A 71 -62.75 56.50 12.10
N PRO A 72 -62.51 55.77 13.20
CA PRO A 72 -63.49 55.78 14.30
C PRO A 72 -63.66 57.14 14.93
N GLU A 73 -64.74 57.30 15.69
CA GLU A 73 -65.02 58.58 16.32
C GLU A 73 -64.05 58.89 17.46
N THR A 74 -63.33 57.91 17.98
CA THR A 74 -62.29 58.16 18.96
C THR A 74 -61.01 58.64 18.32
N LEU A 75 -60.85 58.48 17.01
CA LEU A 75 -59.73 59.09 16.30
C LEU A 75 -60.21 60.07 15.26
N LYS A 76 -61.45 60.54 15.39
CA LYS A 76 -62.01 61.50 14.46
C LYS A 76 -61.45 62.89 14.76
N ASP A 77 -61.01 63.58 13.70
CA ASP A 77 -60.49 64.95 13.76
C ASP A 77 -59.27 65.08 14.67
N LYS A 78 -58.51 64.00 14.80
CA LYS A 78 -57.20 64.06 15.41
C LYS A 78 -56.25 64.75 14.47
N GLN A 79 -55.21 65.32 15.01
CA GLN A 79 -54.19 66.01 14.23
C GLN A 79 -52.89 65.24 14.39
N LEU A 80 -52.49 64.53 13.33
CA LEU A 80 -51.20 63.88 13.33
C LEU A 80 -50.10 64.92 13.18
N TYR A 81 -49.09 64.85 14.03
CA TYR A 81 -47.92 65.69 13.90
C TYR A 81 -46.69 64.81 13.78
N THR A 82 -45.97 64.95 12.68
CA THR A 82 -44.65 64.35 12.60
C THR A 82 -43.69 65.26 13.34
N LEU A 83 -43.47 64.95 14.60
CA LEU A 83 -42.49 65.67 15.41
C LEU A 83 -41.11 65.30 14.91
N ASP A 84 -40.45 66.21 14.20
CA ASP A 84 -39.06 65.99 13.86
C ASP A 84 -38.18 66.43 15.02
N LEU A 85 -37.17 65.64 15.30
CA LEU A 85 -36.27 65.99 16.38
C LEU A 85 -35.33 67.11 15.97
N GLY A 86 -35.17 67.36 14.67
CA GLY A 86 -34.23 68.37 14.23
C GLY A 86 -34.67 69.78 14.58
N SER A 87 -35.96 70.08 14.38
CA SER A 87 -36.50 71.37 14.77
C SER A 87 -36.59 71.53 16.27
N LEU A 88 -36.63 70.42 16.99
CA LEU A 88 -36.72 70.45 18.43
C LEU A 88 -35.36 70.71 19.05
N VAL A 89 -34.29 70.21 18.45
CA VAL A 89 -32.95 70.51 18.92
C VAL A 89 -32.54 71.91 18.47
N ALA A 90 -32.95 72.31 17.27
CA ALA A 90 -32.52 73.59 16.70
C ALA A 90 -33.02 74.76 17.52
N GLY A 91 -32.22 75.82 17.55
CA GLY A 91 -32.33 76.74 18.66
C GLY A 91 -31.54 76.17 19.81
N SER A 92 -32.11 76.23 21.02
CA SER A 92 -31.60 75.56 22.22
C SER A 92 -30.18 75.98 22.59
N ARG A 93 -29.83 77.22 22.28
CA ARG A 93 -28.50 77.72 22.57
C ARG A 93 -28.31 78.08 24.03
N TYR A 94 -29.27 77.62 24.86
CA TYR A 94 -29.25 77.92 26.32
C TYR A 94 -29.65 76.65 27.08
N ARG A 95 -29.82 76.75 28.41
CA ARG A 95 -30.09 75.55 29.23
C ARG A 95 -31.59 75.23 29.30
N GLY A 96 -31.94 73.95 29.41
CA GLY A 96 -33.36 73.54 29.50
C GLY A 96 -34.10 73.87 28.23
N ASP A 97 -33.57 74.80 27.43
CA ASP A 97 -34.22 75.16 26.14
C ASP A 97 -34.77 73.88 25.51
N PHE A 98 -34.05 72.76 25.61
CA PHE A 98 -34.56 71.58 24.92
C PHE A 98 -35.64 70.88 25.73
N GLU A 99 -35.47 70.81 27.05
CA GLU A 99 -36.49 70.15 27.86
C GLU A 99 -37.76 70.99 27.93
N GLU A 100 -37.67 72.32 27.90
CA GLU A 100 -38.90 73.09 27.96
C GLU A 100 -39.58 73.22 26.61
N ARG A 101 -38.80 73.15 25.51
CA ARG A 101 -39.44 73.09 24.20
C ARG A 101 -40.11 71.74 23.98
N LEU A 102 -39.63 70.70 24.66
CA LEU A 102 -40.31 69.42 24.60
C LEU A 102 -41.42 69.32 25.64
N LYS A 103 -41.30 70.01 26.77
CA LYS A 103 -42.41 70.07 27.71
C LYS A 103 -43.57 70.87 27.13
N LYS A 104 -43.29 71.94 26.39
CA LYS A 104 -44.36 72.71 25.76
C LYS A 104 -45.03 71.94 24.63
N VAL A 105 -44.30 71.03 23.98
CA VAL A 105 -44.93 70.13 23.03
C VAL A 105 -45.88 69.18 23.74
N LEU A 106 -45.42 68.55 24.81
CA LEU A 106 -46.23 67.59 25.54
C LEU A 106 -47.36 68.25 26.32
N LYS A 107 -47.19 69.48 26.78
CA LYS A 107 -48.29 70.19 27.40
C LYS A 107 -49.35 70.53 26.37
N GLU A 108 -48.93 70.82 25.13
CA GLU A 108 -49.90 71.15 24.08
C GLU A 108 -50.61 69.90 23.59
N ILE A 109 -49.99 68.74 23.71
CA ILE A 109 -50.66 67.49 23.38
C ILE A 109 -51.72 67.16 24.44
N ASN A 110 -51.42 67.41 25.71
CA ASN A 110 -52.40 67.14 26.75
C ASN A 110 -53.49 68.19 26.81
N THR A 111 -53.20 69.43 26.40
CA THR A 111 -54.19 70.48 26.53
C THR A 111 -55.29 70.34 25.48
N ARG A 112 -54.90 70.25 24.20
CA ARG A 112 -55.90 70.08 23.15
C ARG A 112 -56.48 68.67 23.18
N GLY A 113 -55.62 67.67 23.41
CA GLY A 113 -56.09 66.30 23.56
C GLY A 113 -56.51 65.62 22.29
N ASP A 114 -56.36 66.28 21.14
CA ASP A 114 -56.68 65.70 19.85
C ASP A 114 -55.45 65.54 18.99
N ILE A 115 -54.31 65.24 19.60
CA ILE A 115 -53.05 65.08 18.88
C ILE A 115 -52.64 63.63 19.00
N ILE A 116 -52.44 63.00 17.86
CA ILE A 116 -51.69 61.75 17.80
C ILE A 116 -50.30 62.10 17.34
N LEU A 117 -49.33 61.94 18.23
CA LEU A 117 -47.95 62.25 17.89
C LEU A 117 -47.39 61.15 17.01
N PHE A 118 -46.68 61.55 15.96
CA PHE A 118 -45.95 60.59 15.15
C PHE A 118 -44.47 60.93 15.21
N ILE A 119 -43.68 60.00 15.71
CA ILE A 119 -42.25 60.17 15.77
C ILE A 119 -41.67 59.27 14.69
N ASP A 120 -41.47 59.84 13.50
CA ASP A 120 -40.74 59.13 12.47
C ASP A 120 -39.30 59.00 12.91
N ALA A 121 -38.68 57.87 12.56
CA ALA A 121 -37.35 57.46 13.03
C ALA A 121 -37.30 57.48 14.55
N LEU A 122 -38.10 56.61 15.18
CA LEU A 122 -38.18 56.54 16.63
C LEU A 122 -36.88 56.10 17.27
N HIS A 123 -36.00 55.45 16.51
CA HIS A 123 -34.68 55.10 17.03
C HIS A 123 -33.83 56.35 17.25
N THR A 124 -34.09 57.43 16.52
CA THR A 124 -33.37 58.68 16.71
C THR A 124 -33.82 59.46 17.93
N LEU A 125 -34.80 58.94 18.67
CA LEU A 125 -35.21 59.59 19.91
C LEU A 125 -34.14 59.44 20.98
N VAL A 126 -33.35 58.38 20.90
CA VAL A 126 -32.24 58.17 21.84
C VAL A 126 -31.11 59.11 21.47
N GLY A 127 -30.91 60.13 22.30
CA GLY A 127 -29.78 61.05 22.08
C GLY A 127 -30.20 62.28 21.30
N ALA A 128 -31.35 62.85 21.66
CA ALA A 128 -31.79 64.10 21.00
C ALA A 128 -31.88 65.19 22.07
N GLY A 129 -31.08 66.25 21.94
CA GLY A 129 -31.08 67.33 22.93
C GLY A 129 -30.30 66.93 24.19
N ALA A 130 -29.90 65.65 24.27
CA ALA A 130 -29.06 65.20 25.40
C ALA A 130 -27.96 66.22 25.09
N ALA A 131 -27.86 67.27 25.88
CA ALA A 131 -26.66 68.15 25.93
C ALA A 131 -25.90 67.91 27.22
N GLU A 132 -24.73 68.54 27.38
CA GLU A 132 -23.98 68.42 28.65
C GLU A 132 -24.93 68.86 29.78
N GLY A 133 -25.01 68.06 30.85
CA GLY A 133 -25.95 68.38 31.95
C GLY A 133 -27.36 68.55 31.43
N ALA A 134 -27.73 67.81 30.38
CA ALA A 134 -29.10 67.88 29.83
C ALA A 134 -29.59 66.46 29.50
N ILE A 135 -30.89 66.24 29.56
CA ILE A 135 -31.44 64.86 29.33
C ILE A 135 -31.98 64.82 27.90
N ASP A 136 -31.79 63.70 27.20
CA ASP A 136 -32.19 63.64 25.79
C ASP A 136 -33.72 63.64 25.72
N ALA A 137 -34.22 63.62 24.49
CA ALA A 137 -35.65 63.49 24.27
C ALA A 137 -36.18 62.12 24.65
N ALA A 138 -35.32 61.09 24.70
CA ALA A 138 -35.78 59.77 25.08
C ALA A 138 -36.10 59.70 26.57
N SER A 139 -35.24 60.31 27.40
CA SER A 139 -35.45 60.30 28.84
C SER A 139 -36.63 61.16 29.27
N ILE A 140 -36.98 62.18 28.50
CA ILE A 140 -38.11 63.03 28.84
C ILE A 140 -39.42 62.29 28.62
N LEU A 141 -39.47 61.56 27.49
CA LEU A 141 -40.76 60.93 27.07
C LEU A 141 -40.95 59.56 27.73
N LYS A 142 -39.90 58.74 27.80
CA LYS A 142 -40.01 57.44 28.50
C LYS A 142 -41.05 57.57 29.63
N PRO A 143 -40.92 58.52 30.57
CA PRO A 143 -41.93 58.73 31.60
C PRO A 143 -43.33 58.97 31.01
N LYS A 144 -43.49 60.01 30.19
CA LYS A 144 -44.83 60.36 29.65
C LYS A 144 -45.51 59.09 29.13
N LEU A 145 -44.76 58.23 28.45
CA LEU A 145 -45.33 56.96 27.94
C LEU A 145 -46.00 56.21 29.10
N ALA A 146 -45.30 56.06 30.22
CA ALA A 146 -45.89 55.41 31.41
C ALA A 146 -47.28 55.98 31.67
N ARG A 147 -47.35 57.27 32.01
CA ARG A 147 -48.65 57.91 32.33
C ARG A 147 -49.65 57.63 31.22
N GLY A 148 -49.18 57.17 30.05
CA GLY A 148 -50.10 56.97 28.92
C GLY A 148 -50.61 58.31 28.45
N GLU A 149 -50.00 59.40 28.94
CA GLU A 149 -50.39 60.76 28.53
C GLU A 149 -49.72 61.08 27.19
N LEU A 150 -49.24 60.04 26.49
CA LEU A 150 -48.48 60.29 25.24
C LEU A 150 -48.63 59.12 24.26
N GLN A 151 -49.78 58.99 23.59
CA GLN A 151 -49.83 57.98 22.55
C GLN A 151 -49.02 58.47 21.37
N THR A 152 -47.92 57.79 21.09
CA THR A 152 -47.10 58.12 19.93
C THR A 152 -47.22 57.00 18.90
N ILE A 153 -47.00 57.35 17.66
CA ILE A 153 -46.77 56.37 16.61
C ILE A 153 -45.31 56.48 16.23
N GLY A 154 -44.63 55.34 16.11
CA GLY A 154 -43.25 55.30 15.72
C GLY A 154 -43.07 54.69 14.34
N ALA A 155 -41.87 54.87 13.80
CA ALA A 155 -41.53 54.25 12.54
C ALA A 155 -40.04 54.01 12.44
N THR A 156 -39.60 52.79 12.73
CA THR A 156 -38.21 52.41 12.59
C THR A 156 -38.07 51.31 11.56
N THR A 157 -36.84 50.97 11.25
CA THR A 157 -36.60 49.77 10.48
C THR A 157 -36.61 48.56 11.40
N LEU A 158 -36.54 47.37 10.80
CA LEU A 158 -36.48 46.16 11.62
C LEU A 158 -35.14 46.05 12.34
N ASP A 159 -34.07 46.53 11.70
CA ASP A 159 -32.75 46.50 12.34
C ASP A 159 -32.70 47.45 13.53
N GLU A 160 -33.12 48.68 13.31
CA GLU A 160 -33.04 49.73 14.31
C GLU A 160 -34.18 49.68 15.31
N TYR A 161 -35.08 48.72 15.14
CA TYR A 161 -36.13 48.54 16.18
C TYR A 161 -35.49 47.76 17.31
N ARG A 162 -34.89 46.62 16.98
CA ARG A 162 -34.19 45.80 18.00
C ARG A 162 -32.97 46.58 18.50
N LYS A 163 -32.19 47.15 17.58
CA LYS A 163 -30.95 47.87 17.95
C LYS A 163 -31.23 48.92 19.04
N TYR A 164 -32.50 49.27 19.27
CA TYR A 164 -32.81 50.34 20.25
C TYR A 164 -34.16 50.08 20.91
N ILE A 165 -35.23 50.62 20.32
CA ILE A 165 -36.59 50.48 20.92
C ILE A 165 -36.89 49.15 21.62
N GLU A 166 -36.58 48.03 20.98
CA GLU A 166 -36.73 46.70 21.63
C GLU A 166 -35.95 46.69 22.94
N LYS A 167 -34.63 46.72 22.87
CA LYS A 167 -33.78 46.67 24.09
C LYS A 167 -34.53 47.32 25.25
N ASP A 168 -34.79 48.63 25.17
CA ASP A 168 -35.47 49.36 26.27
C ASP A 168 -36.55 48.33 26.62
N ALA A 169 -36.45 47.73 27.80
CA ALA A 169 -37.52 46.84 28.30
C ALA A 169 -38.75 47.69 28.66
N ALA A 170 -38.53 48.86 29.24
CA ALA A 170 -39.66 49.75 29.57
C ALA A 170 -40.52 49.95 28.33
N LEU A 171 -39.89 50.29 27.21
CA LEU A 171 -40.64 50.55 25.96
C LEU A 171 -41.39 49.28 25.53
N GLU A 172 -40.75 48.11 25.69
CA GLU A 172 -41.36 46.84 25.22
C GLU A 172 -42.84 46.76 25.62
N ARG A 173 -43.16 46.92 26.91
CA ARG A 173 -44.57 46.68 27.32
C ARG A 173 -45.45 47.84 26.85
N ARG A 174 -44.88 48.80 26.12
CA ARG A 174 -45.63 50.01 25.69
C ARG A 174 -45.62 50.14 24.16
N PHE A 175 -44.49 49.85 23.52
CA PHE A 175 -44.42 49.95 22.07
C PHE A 175 -44.82 48.62 21.47
N GLN A 176 -45.61 48.70 20.42
CA GLN A 176 -46.09 47.53 19.74
C GLN A 176 -45.59 47.56 18.31
N PRO A 177 -44.71 46.64 17.92
CA PRO A 177 -44.19 46.64 16.56
C PRO A 177 -45.25 46.23 15.56
N VAL A 178 -45.58 47.16 14.67
CA VAL A 178 -46.47 46.89 13.55
C VAL A 178 -45.61 46.50 12.37
N GLN A 179 -45.78 45.28 11.88
CA GLN A 179 -45.10 44.85 10.67
C GLN A 179 -45.67 45.62 9.49
N VAL A 180 -44.83 46.45 8.88
CA VAL A 180 -45.18 47.09 7.62
C VAL A 180 -44.48 46.28 6.54
N GLY A 181 -45.19 45.36 5.93
CA GLY A 181 -44.57 44.43 5.03
C GLY A 181 -44.25 45.07 3.70
N GLU A 182 -43.23 44.55 3.03
CA GLU A 182 -43.00 44.92 1.65
C GLU A 182 -44.16 44.40 0.84
N PRO A 183 -44.83 45.24 0.05
CA PRO A 183 -45.97 44.76 -0.72
C PRO A 183 -45.55 43.81 -1.83
N THR A 184 -46.52 43.06 -2.32
CA THR A 184 -46.31 42.19 -3.45
C THR A 184 -46.26 43.02 -4.72
N VAL A 185 -46.02 42.34 -5.85
CA VAL A 185 -46.05 43.03 -7.13
C VAL A 185 -47.46 43.51 -7.44
N GLU A 186 -48.44 42.67 -7.15
CA GLU A 186 -49.83 43.02 -7.45
C GLU A 186 -50.34 44.14 -6.56
N HIS A 187 -49.85 44.19 -5.32
CA HIS A 187 -50.15 45.32 -4.45
C HIS A 187 -49.45 46.57 -4.92
N THR A 188 -48.24 46.43 -5.47
CA THR A 188 -47.46 47.58 -5.90
C THR A 188 -48.05 48.19 -7.17
N ILE A 189 -48.62 47.36 -8.04
CA ILE A 189 -49.30 47.88 -9.23
C ILE A 189 -50.50 48.72 -8.82
N GLU A 190 -51.22 48.30 -7.77
CA GLU A 190 -52.33 49.09 -7.29
C GLU A 190 -51.86 50.36 -6.58
N ILE A 191 -50.66 50.34 -6.00
CA ILE A 191 -50.07 51.57 -5.50
C ILE A 191 -49.73 52.51 -6.64
N LEU A 192 -49.13 51.98 -7.70
CA LEU A 192 -48.75 52.80 -8.84
C LEU A 192 -49.96 53.31 -9.60
N LYS A 193 -51.06 52.56 -9.64
CA LYS A 193 -52.28 53.06 -10.24
C LYS A 193 -52.86 54.19 -9.42
N GLY A 194 -52.80 54.08 -8.09
CA GLY A 194 -53.24 55.17 -7.24
C GLY A 194 -52.35 56.38 -7.30
N LEU A 195 -51.10 56.19 -7.70
CA LEU A 195 -50.15 57.28 -7.83
C LEU A 195 -49.95 57.74 -9.27
N ARG A 196 -50.84 57.37 -10.19
CA ARG A 196 -50.73 57.86 -11.56
C ARG A 196 -50.86 59.37 -11.61
N ASP A 197 -51.95 59.90 -11.07
CA ASP A 197 -52.30 61.30 -11.19
C ASP A 197 -51.34 62.23 -10.48
N ARG A 198 -50.51 61.74 -9.57
CA ARG A 198 -49.46 62.57 -9.02
C ARG A 198 -48.27 62.63 -9.96
N TYR A 199 -47.84 61.49 -10.49
CA TYR A 199 -46.68 61.45 -11.35
C TYR A 199 -47.02 61.74 -12.81
N GLU A 200 -48.28 61.62 -13.21
CA GLU A 200 -48.68 62.11 -14.52
C GLU A 200 -48.88 63.62 -14.53
N ALA A 201 -49.04 64.24 -13.38
CA ALA A 201 -49.20 65.69 -13.34
C ALA A 201 -47.89 66.41 -13.12
N HIS A 202 -46.97 65.78 -12.40
CA HIS A 202 -45.66 66.40 -12.19
C HIS A 202 -44.85 66.40 -13.47
N HIS A 203 -44.90 65.31 -14.20
CA HIS A 203 -44.10 65.18 -15.41
C HIS A 203 -44.87 65.53 -16.67
N ARG A 204 -46.16 65.87 -16.54
CA ARG A 204 -47.15 66.03 -17.60
C ARG A 204 -47.01 64.97 -18.71
N VAL A 205 -46.90 63.73 -18.27
CA VAL A 205 -46.84 62.57 -19.15
C VAL A 205 -48.06 61.72 -18.91
N SER A 206 -48.17 60.65 -19.67
CA SER A 206 -49.17 59.63 -19.47
C SER A 206 -48.45 58.32 -19.16
N ILE A 207 -48.87 57.64 -18.10
CA ILE A 207 -48.24 56.41 -17.68
C ILE A 207 -49.22 55.28 -17.95
N THR A 208 -48.87 54.41 -18.88
CA THR A 208 -49.77 53.36 -19.31
C THR A 208 -49.87 52.28 -18.24
N ASP A 209 -50.92 51.47 -18.33
CA ASP A 209 -51.07 50.34 -17.43
C ASP A 209 -49.98 49.31 -17.66
N ALA A 210 -49.51 49.20 -18.91
CA ALA A 210 -48.39 48.33 -19.23
C ALA A 210 -47.12 48.75 -18.51
N ALA A 211 -46.93 50.06 -18.32
CA ALA A 211 -45.71 50.55 -17.69
C ALA A 211 -45.69 50.25 -16.20
N MET A 212 -46.85 50.37 -15.54
CA MET A 212 -46.88 50.18 -14.10
C MET A 212 -46.82 48.71 -13.73
N VAL A 213 -47.42 47.85 -14.54
CA VAL A 213 -47.23 46.42 -14.37
C VAL A 213 -45.77 46.06 -14.61
N ALA A 214 -45.16 46.70 -15.62
CA ALA A 214 -43.74 46.48 -15.86
C ALA A 214 -42.88 47.10 -14.76
N ALA A 215 -43.32 48.21 -14.18
CA ALA A 215 -42.51 48.85 -13.15
C ALA A 215 -42.44 47.99 -11.89
N ALA A 216 -43.55 47.43 -11.46
CA ALA A 216 -43.52 46.59 -10.27
C ALA A 216 -42.93 45.21 -10.53
N THR A 217 -43.07 44.68 -11.75
CA THR A 217 -42.53 43.36 -12.03
C THR A 217 -41.03 43.41 -12.23
N LEU A 218 -40.54 44.37 -13.01
CA LEU A 218 -39.12 44.47 -13.28
C LEU A 218 -38.34 44.97 -12.07
N ALA A 219 -39.01 45.63 -11.12
CA ALA A 219 -38.30 46.08 -9.95
C ALA A 219 -38.15 44.97 -8.91
N ASP A 220 -39.17 44.13 -8.76
CA ASP A 220 -39.03 42.95 -7.91
C ASP A 220 -37.99 42.00 -8.48
N ARG A 221 -37.94 41.87 -9.80
CA ARG A 221 -37.08 40.88 -10.42
C ARG A 221 -35.62 41.33 -10.42
N TYR A 222 -35.37 42.57 -10.82
CA TYR A 222 -34.02 42.99 -11.12
C TYR A 222 -33.40 43.90 -10.06
N ILE A 223 -33.89 43.86 -8.82
CA ILE A 223 -33.29 44.59 -7.72
C ILE A 223 -33.28 43.66 -6.52
N ASN A 224 -32.16 43.66 -5.78
CA ASN A 224 -32.19 42.97 -4.49
C ASN A 224 -31.73 43.88 -3.37
N ASP A 225 -31.63 45.19 -3.59
CA ASP A 225 -31.14 46.10 -2.57
C ASP A 225 -32.17 47.11 -2.10
N ARG A 226 -33.27 47.26 -2.85
CA ARG A 226 -34.34 48.24 -2.51
C ARG A 226 -35.65 47.49 -2.21
N PHE A 227 -36.74 48.21 -1.95
CA PHE A 227 -38.01 47.54 -1.55
C PHE A 227 -39.16 47.88 -2.51
N LEU A 228 -40.12 46.98 -2.67
CA LEU A 228 -41.17 47.12 -3.73
C LEU A 228 -41.76 48.51 -3.89
N PRO A 229 -42.42 49.13 -2.91
CA PRO A 229 -43.11 50.40 -3.16
C PRO A 229 -42.19 51.35 -3.94
N ASP A 230 -41.11 51.83 -3.33
CA ASP A 230 -40.27 52.85 -4.01
C ASP A 230 -39.55 52.23 -5.19
N LYS A 231 -38.89 51.09 -5.01
CA LYS A 231 -38.10 50.51 -6.13
C LYS A 231 -38.92 50.67 -7.42
N ALA A 232 -40.24 50.54 -7.34
CA ALA A 232 -41.08 50.64 -8.52
C ALA A 232 -41.53 52.06 -8.81
N ILE A 233 -41.67 52.89 -7.77
CA ILE A 233 -41.90 54.31 -7.95
C ILE A 233 -40.65 54.97 -8.50
N ASP A 234 -39.46 54.48 -8.14
CA ASP A 234 -38.22 54.90 -8.77
C ASP A 234 -38.25 54.74 -10.29
N LEU A 235 -38.84 53.64 -10.76
CA LEU A 235 -38.88 53.41 -12.20
C LEU A 235 -39.92 54.27 -12.87
N ILE A 236 -41.09 54.44 -12.24
CA ILE A 236 -42.15 55.28 -12.78
C ILE A 236 -41.72 56.74 -12.81
N ASP A 237 -41.12 57.22 -11.72
CA ASP A 237 -40.82 58.64 -11.60
C ASP A 237 -39.66 59.03 -12.51
N GLU A 238 -38.64 58.18 -12.62
CA GLU A 238 -37.50 58.53 -13.45
C GLU A 238 -37.83 58.36 -14.93
N ALA A 239 -38.76 57.46 -15.27
CA ALA A 239 -39.17 57.33 -16.67
C ALA A 239 -40.04 58.50 -17.08
N GLY A 240 -40.91 58.96 -16.19
CA GLY A 240 -41.64 60.19 -16.46
C GLY A 240 -40.73 61.39 -16.47
N ALA A 241 -39.64 61.34 -15.73
CA ALA A 241 -38.67 62.42 -15.80
C ALA A 241 -37.81 62.32 -17.05
N ARG A 242 -37.45 61.12 -17.51
CA ARG A 242 -36.73 61.00 -18.78
C ARG A 242 -37.65 61.34 -19.94
N MET A 243 -38.96 61.14 -19.78
CA MET A 243 -39.89 61.45 -20.85
C MET A 243 -40.13 62.95 -20.95
N ARG A 244 -40.22 63.64 -19.82
CA ARG A 244 -40.43 65.07 -19.88
C ARG A 244 -39.19 65.85 -20.31
N ILE A 245 -38.03 65.22 -20.37
CA ILE A 245 -36.90 65.86 -21.03
C ILE A 245 -37.01 65.74 -22.55
N ARG A 246 -37.75 64.75 -23.04
CA ARG A 246 -37.90 64.55 -24.47
C ARG A 246 -38.99 65.43 -25.07
N ARG A 247 -40.08 65.69 -24.34
CA ARG A 247 -41.07 66.62 -24.86
C ARG A 247 -40.61 68.07 -24.74
N MET A 248 -39.59 68.36 -23.94
CA MET A 248 -39.04 69.70 -23.88
C MET A 248 -37.81 69.85 -24.77
N ALA A 310 -45.84 61.97 -24.95
CA ALA A 310 -45.98 62.09 -23.50
C ALA A 310 -46.43 60.78 -22.89
N GLU A 311 -45.95 59.65 -23.38
CA GLU A 311 -46.46 58.38 -22.90
C GLU A 311 -45.33 57.50 -22.39
N VAL A 312 -45.38 57.16 -21.12
CA VAL A 312 -44.42 56.27 -20.49
C VAL A 312 -44.93 54.86 -20.66
N ASP A 313 -44.14 54.01 -21.31
CA ASP A 313 -44.54 52.69 -21.73
C ASP A 313 -43.72 51.65 -20.98
N ASP A 314 -44.10 50.38 -21.16
CA ASP A 314 -43.31 49.21 -20.79
C ASP A 314 -41.84 49.37 -21.16
N GLU A 315 -41.56 49.81 -22.39
CA GLU A 315 -40.19 49.92 -22.84
C GLU A 315 -39.46 51.08 -22.18
N GLN A 316 -40.18 52.14 -21.83
CA GLN A 316 -39.55 53.27 -21.15
C GLN A 316 -39.18 52.95 -19.72
N ILE A 317 -39.88 52.00 -19.08
CA ILE A 317 -39.51 51.59 -17.74
C ILE A 317 -38.23 50.76 -17.77
N ALA A 318 -38.13 49.86 -18.73
CA ALA A 318 -36.97 48.99 -18.84
C ALA A 318 -35.71 49.74 -19.27
N GLU A 319 -35.86 50.87 -19.96
CA GLU A 319 -34.72 51.72 -20.25
C GLU A 319 -34.16 52.34 -18.98
N VAL A 320 -35.06 52.72 -18.06
CA VAL A 320 -34.64 53.31 -16.80
C VAL A 320 -34.03 52.27 -15.90
N LEU A 321 -34.59 51.06 -15.89
CA LEU A 321 -33.99 49.96 -15.15
C LEU A 321 -32.65 49.56 -15.75
N GLY A 322 -32.50 49.70 -17.06
CA GLY A 322 -31.22 49.43 -17.68
C GLY A 322 -30.16 50.45 -17.32
N ASN A 323 -30.54 51.73 -17.21
CA ASN A 323 -29.57 52.74 -16.80
C ASN A 323 -29.18 52.60 -15.35
N TRP A 324 -30.03 52.02 -14.52
CA TRP A 324 -29.87 52.12 -13.08
C TRP A 324 -29.23 50.87 -12.49
N THR A 325 -29.70 49.70 -12.87
CA THR A 325 -29.04 48.47 -12.42
C THR A 325 -27.87 48.12 -13.31
N GLY A 326 -27.89 48.58 -14.56
CA GLY A 326 -26.88 48.19 -15.51
C GLY A 326 -27.21 46.91 -16.23
N ILE A 327 -28.36 46.32 -15.92
CA ILE A 327 -28.79 45.06 -16.51
C ILE A 327 -29.56 45.40 -17.78
N PRO A 328 -29.16 44.90 -18.95
CA PRO A 328 -29.95 45.15 -20.15
C PRO A 328 -31.24 44.34 -20.12
N VAL A 329 -32.34 45.04 -19.88
CA VAL A 329 -33.67 44.45 -19.83
C VAL A 329 -34.51 45.15 -20.87
N PHE A 330 -33.97 46.23 -21.43
CA PHE A 330 -34.71 47.03 -22.39
C PHE A 330 -34.84 46.29 -23.70
N LYS A 331 -35.78 46.75 -24.52
CA LYS A 331 -36.03 46.13 -25.81
C LYS A 331 -34.85 46.36 -26.74
N LEU A 332 -34.44 45.29 -27.42
CA LEU A 332 -33.21 45.31 -28.21
C LEU A 332 -33.36 46.21 -29.42
N THR A 333 -32.42 47.12 -29.61
CA THR A 333 -32.38 47.91 -30.81
C THR A 333 -31.99 47.02 -31.99
N GLU A 334 -32.28 47.51 -33.20
CA GLU A 334 -32.03 46.73 -34.41
C GLU A 334 -30.54 46.47 -34.63
N ALA A 335 -29.68 47.41 -34.25
CA ALA A 335 -28.24 47.18 -34.34
C ALA A 335 -27.78 46.13 -33.34
N GLU A 336 -28.44 46.06 -32.18
CA GLU A 336 -28.06 45.10 -31.15
C GLU A 336 -28.77 43.76 -31.32
N THR A 337 -29.90 43.73 -32.02
CA THR A 337 -30.57 42.46 -32.26
C THR A 337 -29.77 41.63 -33.24
N THR A 338 -29.32 42.24 -34.33
CA THR A 338 -28.50 41.52 -35.29
C THR A 338 -27.11 41.24 -34.74
N ARG A 339 -26.65 42.05 -33.79
CA ARG A 339 -25.37 41.78 -33.14
C ARG A 339 -25.42 40.51 -32.31
N LEU A 340 -26.53 40.25 -31.65
CA LEU A 340 -26.70 38.96 -30.98
C LEU A 340 -26.96 37.83 -31.97
N LEU A 341 -27.43 38.15 -33.17
CA LEU A 341 -27.55 37.12 -34.18
C LEU A 341 -26.17 36.69 -34.65
N ARG A 342 -25.28 37.66 -34.86
CA ARG A 342 -23.92 37.40 -35.30
C ARG A 342 -22.93 37.32 -34.14
N MET A 343 -23.40 36.99 -32.93
CA MET A 343 -22.53 37.04 -31.75
C MET A 343 -21.47 35.96 -31.78
N GLU A 344 -21.85 34.75 -32.18
CA GLU A 344 -20.89 33.69 -32.42
C GLU A 344 -19.86 34.08 -33.48
N GLU A 345 -20.30 34.80 -34.51
CA GLU A 345 -19.36 35.35 -35.48
C GLU A 345 -18.54 36.48 -34.89
N GLU A 346 -19.09 37.24 -33.93
CA GLU A 346 -18.31 38.30 -33.31
C GLU A 346 -17.37 37.76 -32.23
N LEU A 347 -17.71 36.65 -31.60
CA LEU A 347 -16.78 36.05 -30.66
C LEU A 347 -15.64 35.35 -31.39
N HIS A 348 -15.89 34.87 -32.60
CA HIS A 348 -14.84 34.24 -33.41
C HIS A 348 -13.84 35.23 -33.96
N LYS A 349 -14.09 36.52 -33.86
CA LYS A 349 -13.04 37.50 -34.12
C LYS A 349 -11.97 37.50 -33.05
N ARG A 350 -12.24 36.91 -31.88
CA ARG A 350 -11.26 36.93 -30.81
C ARG A 350 -10.90 35.54 -30.34
N ILE A 351 -11.72 34.52 -30.57
CA ILE A 351 -11.33 33.16 -30.26
C ILE A 351 -11.40 32.32 -31.53
N ILE A 352 -10.35 31.54 -31.77
CA ILE A 352 -10.24 30.72 -32.97
C ILE A 352 -10.76 29.32 -32.66
N GLY A 353 -11.70 28.87 -33.48
CA GLY A 353 -12.26 27.55 -33.25
C GLY A 353 -13.15 27.55 -32.04
N GLN A 354 -13.15 26.41 -31.34
CA GLN A 354 -13.95 26.17 -30.14
C GLN A 354 -15.43 26.46 -30.37
N GLU A 355 -15.94 25.95 -31.50
CA GLU A 355 -17.27 26.30 -31.96
C GLU A 355 -18.37 25.80 -31.05
N ASP A 356 -18.19 24.64 -30.41
CA ASP A 356 -19.20 24.14 -29.49
C ASP A 356 -19.33 25.00 -28.25
N ALA A 357 -18.27 25.69 -27.87
CA ALA A 357 -18.25 26.52 -26.67
C ALA A 357 -18.73 27.93 -26.94
N VAL A 358 -18.41 28.45 -28.14
CA VAL A 358 -18.91 29.76 -28.52
C VAL A 358 -20.41 29.71 -28.75
N LYS A 359 -20.91 28.57 -29.24
CA LYS A 359 -22.36 28.42 -29.40
C LYS A 359 -23.06 28.34 -28.06
N ALA A 360 -22.46 27.67 -27.09
CA ALA A 360 -23.17 27.44 -25.83
C ALA A 360 -23.21 28.69 -24.97
N VAL A 361 -22.21 29.55 -25.08
CA VAL A 361 -22.35 30.87 -24.47
C VAL A 361 -23.16 31.78 -25.37
N SER A 362 -23.40 31.38 -26.61
CA SER A 362 -24.33 32.14 -27.42
C SER A 362 -25.76 31.75 -27.18
N LYS A 363 -26.00 30.49 -26.82
CA LYS A 363 -27.34 30.09 -26.44
C LYS A 363 -27.75 30.74 -25.12
N ALA A 364 -26.77 31.07 -24.27
CA ALA A 364 -27.09 31.60 -22.94
C ALA A 364 -27.38 33.08 -22.96
N ILE A 365 -26.63 33.86 -23.74
CA ILE A 365 -26.88 35.29 -23.81
C ILE A 365 -28.17 35.56 -24.56
N ARG A 366 -28.46 34.76 -25.57
CA ARG A 366 -29.67 34.97 -26.34
C ARG A 366 -30.91 34.46 -25.62
N ARG A 367 -30.75 33.55 -24.65
CA ARG A 367 -31.88 33.29 -23.75
C ARG A 367 -32.20 34.49 -22.88
N THR A 368 -31.17 35.19 -22.40
CA THR A 368 -31.37 36.30 -21.49
C THR A 368 -32.01 37.49 -22.20
N ARG A 369 -31.50 37.84 -23.37
CA ARG A 369 -32.05 38.99 -24.08
C ARG A 369 -33.37 38.66 -24.77
N ALA A 370 -33.72 37.40 -24.89
CA ALA A 370 -35.08 37.07 -25.28
C ALA A 370 -36.03 36.98 -24.09
N GLY A 371 -35.61 37.48 -22.93
CA GLY A 371 -36.46 37.51 -21.73
C GLY A 371 -36.93 36.15 -21.31
N LEU A 372 -36.07 35.14 -21.41
CA LEU A 372 -36.53 33.77 -21.53
C LEU A 372 -35.76 32.81 -20.64
N LYS A 373 -34.78 33.29 -19.89
CA LYS A 373 -34.07 32.44 -18.95
C LYS A 373 -34.91 32.26 -17.70
N ASP A 374 -34.62 31.20 -16.95
CA ASP A 374 -35.25 30.95 -15.67
C ASP A 374 -34.82 32.02 -14.67
N PRO A 375 -35.73 32.85 -14.15
CA PRO A 375 -35.31 33.90 -13.21
C PRO A 375 -35.22 33.41 -11.77
N LYS A 376 -34.65 32.23 -11.58
CA LYS A 376 -34.35 31.68 -10.27
C LYS A 376 -32.97 31.05 -10.31
N ARG A 377 -32.15 31.50 -11.25
CA ARG A 377 -30.99 30.77 -11.74
C ARG A 377 -30.18 31.73 -12.59
N PRO A 378 -28.85 31.69 -12.50
CA PRO A 378 -28.02 32.63 -13.25
C PRO A 378 -28.20 32.57 -14.76
N SER A 379 -27.88 33.70 -15.41
CA SER A 379 -28.13 33.86 -16.84
C SER A 379 -27.36 32.87 -17.68
N GLY A 380 -26.15 32.53 -17.23
CA GLY A 380 -25.39 31.45 -17.81
C GLY A 380 -24.57 30.79 -16.74
N SER A 381 -24.46 29.48 -16.79
CA SER A 381 -23.65 28.73 -15.85
C SER A 381 -22.84 27.73 -16.65
N PHE A 382 -21.52 27.82 -16.56
CA PHE A 382 -20.67 27.05 -17.44
C PHE A 382 -19.48 26.48 -16.72
N ILE A 383 -19.19 25.21 -16.99
CA ILE A 383 -17.87 24.65 -16.79
C ILE A 383 -17.16 24.70 -18.13
N PHE A 384 -16.14 25.54 -18.24
CA PHE A 384 -15.23 25.44 -19.37
C PHE A 384 -14.11 24.50 -18.96
N ALA A 385 -13.99 23.41 -19.68
CA ALA A 385 -12.99 22.43 -19.30
C ALA A 385 -12.29 21.98 -20.56
N GLY A 386 -11.22 21.23 -20.37
CA GLY A 386 -10.44 20.79 -21.49
C GLY A 386 -8.96 21.08 -21.29
N PRO A 387 -8.20 21.00 -22.36
CA PRO A 387 -6.75 21.16 -22.24
C PRO A 387 -6.34 22.59 -21.98
N SER A 388 -5.13 22.74 -21.47
CA SER A 388 -4.60 24.04 -21.11
C SER A 388 -4.17 24.82 -22.34
N GLY A 389 -4.75 25.99 -22.52
CA GLY A 389 -4.31 26.91 -23.54
C GLY A 389 -5.16 27.01 -24.77
N VAL A 390 -6.35 26.43 -24.77
CA VAL A 390 -7.14 26.35 -25.97
C VAL A 390 -8.26 27.38 -25.99
N GLY A 391 -8.27 28.30 -25.04
CA GLY A 391 -9.21 29.40 -25.07
C GLY A 391 -10.33 29.35 -24.07
N LYS A 392 -10.10 28.78 -22.90
CA LYS A 392 -11.11 28.81 -21.84
C LYS A 392 -11.20 30.18 -21.20
N THR A 393 -10.07 30.76 -20.83
CA THR A 393 -10.07 32.12 -20.33
C THR A 393 -10.26 33.13 -21.45
N GLU A 394 -9.82 32.78 -22.66
CA GLU A 394 -9.97 33.69 -23.79
C GLU A 394 -11.42 33.84 -24.22
N LEU A 395 -12.23 32.79 -24.08
CA LEU A 395 -13.63 32.92 -24.41
C LEU A 395 -14.37 33.73 -23.36
N SER A 396 -14.00 33.55 -22.09
CA SER A 396 -14.58 34.32 -21.02
C SER A 396 -14.26 35.79 -21.17
N LYS A 397 -13.03 36.11 -21.59
CA LYS A 397 -12.69 37.49 -21.87
C LYS A 397 -13.37 37.99 -23.13
N ALA A 398 -13.56 37.14 -24.13
CA ALA A 398 -14.24 37.57 -25.34
C ALA A 398 -15.72 37.78 -25.09
N LEU A 399 -16.33 36.96 -24.24
CA LEU A 399 -17.73 37.17 -23.88
C LEU A 399 -17.91 38.44 -23.07
N ALA A 400 -16.97 38.76 -22.19
CA ALA A 400 -17.01 40.04 -21.49
C ALA A 400 -16.65 41.20 -22.41
N ASN A 401 -15.81 40.97 -23.42
CA ASN A 401 -15.54 42.02 -24.38
C ASN A 401 -16.72 42.23 -25.31
N PHE A 402 -17.51 41.19 -25.56
CA PHE A 402 -18.74 41.38 -26.33
C PHE A 402 -19.71 42.26 -25.56
N LEU A 403 -20.09 41.81 -24.37
CA LEU A 403 -21.17 42.40 -23.62
C LEU A 403 -20.82 43.77 -23.06
N PHE A 404 -19.53 44.11 -22.99
CA PHE A 404 -19.13 45.34 -22.34
C PHE A 404 -18.08 46.15 -23.08
N GLY A 405 -17.54 45.67 -24.19
CA GLY A 405 -16.55 46.44 -24.92
C GLY A 405 -15.15 46.39 -24.33
N ASP A 406 -14.95 45.65 -23.26
CA ASP A 406 -13.68 45.63 -22.57
C ASP A 406 -13.59 44.35 -21.75
N ASP A 407 -12.47 43.65 -21.87
CA ASP A 407 -12.35 42.36 -21.19
C ASP A 407 -11.89 42.50 -19.75
N ASP A 408 -11.65 43.71 -19.26
CA ASP A 408 -11.43 43.93 -17.84
C ASP A 408 -12.74 44.15 -17.11
N ALA A 409 -13.85 44.13 -17.82
CA ALA A 409 -15.18 44.07 -17.21
C ALA A 409 -15.55 42.66 -16.79
N LEU A 410 -14.74 41.68 -17.15
CA LEU A 410 -14.85 40.34 -16.64
C LEU A 410 -14.52 40.35 -15.15
N ILE A 411 -15.45 39.88 -14.33
CA ILE A 411 -15.12 39.65 -12.93
C ILE A 411 -14.34 38.35 -12.89
N GLN A 412 -13.02 38.45 -12.87
CA GLN A 412 -12.17 37.27 -12.99
C GLN A 412 -11.71 36.89 -11.60
N ILE A 413 -12.34 35.87 -11.04
CA ILE A 413 -12.01 35.38 -9.71
C ILE A 413 -11.14 34.16 -9.89
N ASP A 414 -9.83 34.35 -9.79
CA ASP A 414 -8.87 33.30 -10.07
C ASP A 414 -8.77 32.36 -8.88
N MET A 415 -9.37 31.17 -9.01
CA MET A 415 -9.66 30.31 -7.88
C MET A 415 -8.45 29.54 -7.40
N GLY A 416 -7.31 29.64 -8.07
CA GLY A 416 -6.14 28.94 -7.62
C GLY A 416 -5.55 29.48 -6.34
N GLU A 417 -5.83 30.74 -6.01
CA GLU A 417 -5.39 31.33 -4.76
C GLU A 417 -6.41 31.15 -3.66
N PHE A 418 -7.41 30.29 -3.88
CA PHE A 418 -8.42 29.99 -2.87
C PHE A 418 -8.35 28.55 -2.40
N HIS A 419 -7.18 27.94 -2.43
CA HIS A 419 -7.10 26.55 -2.03
C HIS A 419 -7.08 26.38 -0.52
N ASP A 420 -6.95 27.47 0.23
CA ASP A 420 -7.14 27.40 1.67
C ASP A 420 -8.63 27.30 1.98
N ARG A 421 -8.93 26.77 3.17
CA ARG A 421 -10.29 26.43 3.55
C ARG A 421 -11.13 27.67 3.79
N PHE A 422 -10.48 28.78 4.08
CA PHE A 422 -11.06 29.94 4.72
C PHE A 422 -10.84 31.21 3.94
N THR A 423 -10.25 31.09 2.76
CA THR A 423 -10.24 32.16 1.77
C THR A 423 -11.58 32.34 1.09
N ALA A 424 -12.61 31.59 1.48
CA ALA A 424 -13.97 31.89 1.08
C ALA A 424 -14.43 33.24 1.61
N SER A 425 -13.82 33.72 2.69
CA SER A 425 -14.02 35.07 3.19
C SER A 425 -13.56 36.15 2.22
N ARG A 426 -12.79 35.81 1.20
CA ARG A 426 -12.52 36.77 0.15
C ARG A 426 -13.68 36.86 -0.84
N LEU A 427 -14.43 35.78 -1.02
CA LEU A 427 -15.52 35.81 -1.95
C LEU A 427 -16.72 36.55 -1.39
N PHE A 428 -17.12 36.20 -0.17
CA PHE A 428 -18.38 36.78 0.37
C PHE A 428 -18.11 37.84 1.43
N GLY A 429 -16.88 37.96 1.90
CA GLY A 429 -16.63 38.93 2.94
C GLY A 429 -16.50 38.32 4.32
N ALA A 430 -15.87 39.09 5.19
CA ALA A 430 -15.77 38.70 6.58
C ALA A 430 -17.12 38.89 7.26
N PRO A 431 -17.41 38.09 8.28
CA PRO A 431 -18.59 38.36 9.09
C PRO A 431 -18.40 39.64 9.87
N PRO A 432 -19.51 40.29 10.30
CA PRO A 432 -19.38 41.60 10.93
C PRO A 432 -18.68 41.55 12.27
N GLY A 433 -17.83 42.54 12.52
CA GLY A 433 -17.01 42.56 13.70
C GLY A 433 -15.63 41.97 13.53
N TYR A 434 -15.40 41.25 12.44
CA TYR A 434 -14.09 40.69 12.13
C TYR A 434 -13.54 41.54 10.99
N VAL A 435 -12.23 41.84 11.05
CA VAL A 435 -11.60 42.90 10.26
C VAL A 435 -11.76 42.71 8.76
N GLY A 436 -12.03 43.79 8.06
CA GLY A 436 -12.38 43.72 6.66
C GLY A 436 -13.80 43.30 6.39
N TYR A 437 -14.69 43.38 7.37
CA TYR A 437 -16.09 43.12 7.10
C TYR A 437 -16.72 44.22 6.26
N GLU A 438 -16.31 45.46 6.47
CA GLU A 438 -16.95 46.62 5.89
C GLU A 438 -16.70 46.75 4.40
N GLU A 439 -15.70 46.03 3.88
CA GLU A 439 -15.35 46.13 2.47
C GLU A 439 -15.31 44.74 1.86
N GLY A 440 -15.77 43.76 2.62
CA GLY A 440 -15.51 42.38 2.28
C GLY A 440 -16.34 41.89 1.12
N GLY A 441 -15.77 40.93 0.40
CA GLY A 441 -16.43 40.29 -0.70
C GLY A 441 -15.89 40.79 -2.01
N GLN A 442 -14.97 40.07 -2.63
CA GLN A 442 -14.55 40.48 -3.96
C GLN A 442 -15.41 39.83 -5.02
N LEU A 443 -16.16 38.80 -4.65
CA LEU A 443 -17.20 38.31 -5.54
C LEU A 443 -18.49 39.07 -5.35
N THR A 444 -18.96 39.17 -4.11
CA THR A 444 -20.31 39.67 -3.86
C THR A 444 -20.43 41.15 -4.11
N GLU A 445 -19.41 41.94 -3.81
CA GLU A 445 -19.52 43.37 -4.02
C GLU A 445 -19.36 43.77 -5.47
N LYS A 446 -18.62 43.00 -6.26
CA LYS A 446 -18.52 43.30 -7.68
C LYS A 446 -19.77 42.94 -8.45
N VAL A 447 -20.67 42.17 -7.86
CA VAL A 447 -21.90 41.78 -8.53
C VAL A 447 -23.05 42.56 -7.91
N ARG A 448 -22.89 42.96 -6.66
CA ARG A 448 -23.82 43.92 -6.07
C ARG A 448 -23.81 45.23 -6.84
N ARG A 449 -22.65 45.60 -7.40
CA ARG A 449 -22.55 46.80 -8.22
C ARG A 449 -22.90 46.54 -9.68
N LYS A 450 -22.42 45.44 -10.25
CA LYS A 450 -22.72 45.09 -11.64
C LYS A 450 -23.43 43.75 -11.65
N PRO A 451 -24.76 43.74 -11.58
CA PRO A 451 -25.49 42.47 -11.53
C PRO A 451 -25.45 41.72 -12.85
N PHE A 452 -25.48 42.41 -13.97
CA PHE A 452 -25.22 41.79 -15.25
C PHE A 452 -23.72 41.77 -15.43
N SER A 453 -23.12 40.59 -15.25
CA SER A 453 -21.68 40.45 -15.31
C SER A 453 -21.36 39.07 -15.84
N VAL A 454 -20.17 38.94 -16.40
CA VAL A 454 -19.61 37.63 -16.64
C VAL A 454 -18.59 37.39 -15.53
N VAL A 455 -18.82 36.38 -14.72
CA VAL A 455 -17.95 36.09 -13.59
C VAL A 455 -17.16 34.85 -13.93
N LEU A 456 -15.85 34.98 -14.01
CA LEU A 456 -14.97 33.88 -14.36
C LEU A 456 -14.35 33.32 -13.10
N PHE A 457 -14.64 32.05 -12.83
CA PHE A 457 -13.96 31.31 -11.78
C PHE A 457 -12.88 30.45 -12.41
N ASP A 458 -11.75 31.09 -12.71
CA ASP A 458 -10.68 30.42 -13.42
C ASP A 458 -9.95 29.47 -12.48
N ALA A 459 -9.65 28.27 -12.99
CA ALA A 459 -9.05 27.15 -12.24
C ALA A 459 -9.88 26.81 -11.01
N ILE A 460 -11.14 26.44 -11.25
CA ILE A 460 -12.08 26.20 -10.16
C ILE A 460 -11.72 24.94 -9.38
N GLU A 461 -11.01 24.00 -10.01
CA GLU A 461 -10.64 22.77 -9.33
C GLU A 461 -9.53 23.00 -8.30
N LYS A 462 -8.87 24.15 -8.34
CA LYS A 462 -7.83 24.49 -7.38
C LYS A 462 -8.34 25.29 -6.20
N ALA A 463 -9.64 25.26 -5.93
CA ALA A 463 -10.21 25.88 -4.75
C ALA A 463 -10.53 24.81 -3.72
N HIS A 464 -10.85 25.25 -2.51
CA HIS A 464 -11.20 24.30 -1.48
C HIS A 464 -12.63 23.84 -1.69
N GLN A 465 -12.96 22.68 -1.12
CA GLN A 465 -14.28 22.09 -1.30
C GLN A 465 -15.37 22.91 -0.64
N GLU A 466 -15.06 23.64 0.44
CA GLU A 466 -16.06 24.42 1.13
C GLU A 466 -16.50 25.63 0.33
N ILE A 467 -15.71 26.03 -0.66
CA ILE A 467 -16.07 27.12 -1.54
C ILE A 467 -17.17 26.71 -2.52
N TYR A 468 -17.15 25.44 -2.94
CA TYR A 468 -18.17 24.95 -3.86
C TYR A 468 -19.52 24.89 -3.19
N ASN A 469 -19.54 24.53 -1.91
CA ASN A 469 -20.77 24.51 -1.14
C ASN A 469 -21.29 25.92 -0.92
N SER A 470 -20.40 26.90 -0.90
CA SER A 470 -20.83 28.30 -0.89
C SER A 470 -21.41 28.70 -2.23
N LEU A 471 -20.82 28.25 -3.33
CA LEU A 471 -21.31 28.54 -4.67
C LEU A 471 -22.39 27.57 -5.12
N LEU A 472 -22.79 26.64 -4.26
CA LEU A 472 -23.88 25.73 -4.61
C LEU A 472 -25.23 26.42 -4.47
N GLN A 473 -25.34 27.31 -3.47
CA GLN A 473 -26.53 28.14 -3.32
C GLN A 473 -26.69 29.10 -4.48
N VAL A 474 -25.56 29.46 -5.11
CA VAL A 474 -25.54 30.39 -6.23
C VAL A 474 -26.24 29.81 -7.44
N LEU A 475 -25.93 28.58 -7.78
CA LEU A 475 -26.52 27.97 -8.96
C LEU A 475 -27.93 27.49 -8.69
N GLU A 476 -28.27 27.25 -7.42
CA GLU A 476 -29.62 26.83 -7.07
C GLU A 476 -30.58 28.01 -7.05
N ASP A 477 -30.29 29.01 -6.22
CA ASP A 477 -31.22 30.11 -5.99
C ASP A 477 -30.92 31.35 -6.80
N GLY A 478 -29.69 31.52 -7.27
CA GLY A 478 -29.28 32.81 -7.78
C GLY A 478 -28.86 33.78 -6.69
N ARG A 479 -28.81 33.33 -5.45
CA ARG A 479 -28.49 34.16 -4.30
C ARG A 479 -27.14 33.73 -3.73
N LEU A 480 -26.54 34.64 -2.98
CA LEU A 480 -25.37 34.30 -2.18
C LEU A 480 -25.38 35.21 -0.96
N THR A 481 -25.55 34.61 0.21
CA THR A 481 -25.40 35.35 1.46
C THR A 481 -23.96 35.75 1.66
N ASP A 482 -23.69 37.04 1.75
CA ASP A 482 -22.33 37.50 1.98
C ASP A 482 -22.02 37.56 3.47
N GLY A 483 -20.93 38.24 3.83
CA GLY A 483 -20.54 38.40 5.21
C GLY A 483 -21.55 39.10 6.10
N GLN A 484 -22.13 40.21 5.60
CA GLN A 484 -23.18 40.89 6.35
C GLN A 484 -24.42 40.03 6.50
N GLY A 485 -24.78 39.31 5.45
CA GLY A 485 -25.99 38.52 5.48
C GLY A 485 -26.94 38.92 4.37
N ARG A 486 -26.59 39.95 3.61
CA ARG A 486 -27.46 40.34 2.51
C ARG A 486 -27.23 39.39 1.34
N THR A 487 -28.32 39.00 0.69
CA THR A 487 -28.19 38.14 -0.48
C THR A 487 -27.89 38.99 -1.70
N VAL A 488 -26.88 38.59 -2.45
CA VAL A 488 -26.48 39.28 -3.66
C VAL A 488 -27.10 38.53 -4.83
N ASP A 489 -27.80 39.25 -5.68
CA ASP A 489 -28.50 38.67 -6.81
C ASP A 489 -27.49 38.24 -7.86
N PHE A 490 -27.39 36.93 -8.11
CA PHE A 490 -26.54 36.42 -9.17
C PHE A 490 -27.35 35.94 -10.36
N LYS A 491 -28.61 36.34 -10.45
CA LYS A 491 -29.51 35.81 -11.46
C LYS A 491 -29.23 36.35 -12.84
N ASN A 492 -28.46 37.43 -12.94
CA ASN A 492 -28.18 38.04 -14.23
C ASN A 492 -26.72 37.87 -14.61
N THR A 493 -26.02 36.97 -13.95
CA THR A 493 -24.61 36.75 -14.18
C THR A 493 -24.42 35.58 -15.13
N VAL A 494 -23.34 35.65 -15.89
CA VAL A 494 -22.85 34.50 -16.64
C VAL A 494 -21.70 33.94 -15.83
N LEU A 495 -21.95 32.85 -15.13
CA LEU A 495 -20.93 32.23 -14.31
C LEU A 495 -20.15 31.24 -15.15
N ILE A 496 -18.84 31.40 -15.20
CA ILE A 496 -17.99 30.51 -15.95
C ILE A 496 -16.97 29.92 -15.00
N PHE A 497 -17.03 28.61 -14.83
CA PHE A 497 -16.13 27.90 -13.94
C PHE A 497 -15.12 27.19 -14.83
N THR A 498 -13.98 27.83 -15.06
CA THR A 498 -12.95 27.22 -15.89
C THR A 498 -12.22 26.13 -15.13
N SER A 499 -12.21 24.93 -15.70
CA SER A 499 -11.44 23.81 -15.18
C SER A 499 -10.32 23.46 -16.14
N ASN A 500 -9.26 22.88 -15.59
CA ASN A 500 -8.16 22.35 -16.37
C ASN A 500 -8.03 20.85 -16.21
N LEU A 501 -9.10 20.17 -15.82
CA LEU A 501 -9.05 18.73 -15.66
C LEU A 501 -9.04 18.05 -17.02
N GLY A 502 -8.44 16.86 -17.07
CA GLY A 502 -8.15 16.26 -18.35
C GLY A 502 -6.87 16.76 -18.97
N THR A 503 -6.11 17.59 -18.24
CA THR A 503 -4.73 17.86 -18.62
C THR A 503 -3.89 17.75 -17.35
N SER A 504 -3.55 16.51 -16.99
CA SER A 504 -2.44 16.25 -16.09
C SER A 504 -1.77 14.96 -16.51
N ASP A 505 -2.32 14.33 -17.56
CA ASP A 505 -1.81 13.08 -18.08
C ASP A 505 -1.91 13.05 -19.60
N ILE A 506 -2.17 14.22 -20.21
CA ILE A 506 -2.67 14.25 -21.57
C ILE A 506 -1.54 13.89 -22.56
N SER A 507 -1.66 12.70 -23.15
CA SER A 507 -0.60 12.13 -23.96
C SER A 507 -1.15 11.35 -25.14
N LYS A 508 -2.31 11.78 -25.68
CA LYS A 508 -3.27 10.94 -26.42
C LYS A 508 -3.61 9.81 -25.46
N PRO A 509 -4.51 10.08 -24.47
CA PRO A 509 -4.78 9.11 -23.40
C PRO A 509 -5.34 7.78 -23.90
N VAL A 510 -4.56 6.73 -23.72
CA VAL A 510 -4.93 5.39 -24.13
C VAL A 510 -4.95 4.48 -22.91
N GLY A 511 -5.75 3.43 -23.00
CA GLY A 511 -5.73 2.37 -22.01
C GLY A 511 -4.69 1.34 -22.39
N LEU A 512 -4.99 0.09 -22.04
CA LEU A 512 -4.09 -1.03 -22.46
C LEU A 512 -4.11 -1.17 -23.99
N GLY A 513 -3.43 -2.18 -24.55
CA GLY A 513 -3.23 -2.21 -26.01
C GLY A 513 -4.30 -2.84 -26.87
N PHE A 514 -4.02 -2.93 -28.18
CA PHE A 514 -4.96 -3.57 -29.13
C PHE A 514 -6.34 -2.94 -28.99
N SER A 515 -6.50 -1.74 -29.56
CA SER A 515 -7.79 -1.04 -29.47
C SER A 515 -8.28 -0.67 -30.88
N LYS A 516 -7.35 -0.33 -31.78
CA LYS A 516 -7.74 0.10 -33.15
C LYS A 516 -8.56 1.40 -33.04
N GLU A 520 -10.20 9.97 -33.45
CA GLU A 520 -11.26 10.45 -32.57
C GLU A 520 -11.09 9.82 -31.20
N ASN A 521 -10.01 10.19 -30.52
CA ASN A 521 -9.69 9.72 -29.18
C ASN A 521 -9.35 10.96 -28.38
N ASP A 522 -9.02 12.03 -29.11
CA ASP A 522 -8.49 13.23 -28.39
C ASP A 522 -9.61 14.22 -28.10
N TYR A 523 -10.85 13.76 -28.19
CA TYR A 523 -12.00 14.64 -27.86
C TYR A 523 -13.13 13.72 -27.48
N GLU A 524 -13.80 13.12 -28.45
CA GLU A 524 -14.96 12.26 -28.13
C GLU A 524 -14.58 11.42 -26.91
N ARG A 525 -13.30 11.10 -26.77
CA ARG A 525 -12.83 10.27 -25.64
C ARG A 525 -12.26 11.17 -24.55
N MET A 526 -11.42 12.12 -24.94
CA MET A 526 -10.86 13.02 -23.95
C MET A 526 -11.98 13.74 -23.20
N LYS A 527 -13.13 13.92 -23.84
CA LYS A 527 -14.25 14.63 -23.21
C LYS A 527 -14.82 13.83 -22.05
N GLN A 528 -14.96 12.51 -22.23
CA GLN A 528 -15.51 11.71 -21.14
C GLN A 528 -14.49 11.47 -20.05
N LYS A 529 -13.20 11.63 -20.35
CA LYS A 529 -12.20 11.60 -19.29
C LYS A 529 -12.27 12.87 -18.44
N VAL A 530 -12.55 14.00 -19.09
CA VAL A 530 -12.74 15.25 -18.35
C VAL A 530 -13.99 15.18 -17.49
N ASN A 531 -15.09 14.70 -18.07
CA ASN A 531 -16.33 14.55 -17.31
C ASN A 531 -16.21 13.52 -16.19
N ASP A 532 -15.32 12.54 -16.35
CA ASP A 532 -15.09 11.58 -15.27
C ASP A 532 -14.25 12.21 -14.17
N GLU A 533 -13.22 12.98 -14.53
CA GLU A 533 -12.45 13.73 -13.53
C GLU A 533 -13.26 14.85 -12.92
N LEU A 534 -14.30 15.31 -13.61
CA LEU A 534 -15.12 16.39 -13.09
C LEU A 534 -16.02 15.91 -11.96
N LYS A 535 -16.77 14.85 -12.21
CA LYS A 535 -17.75 14.39 -11.22
C LYS A 535 -17.10 13.67 -10.06
N LYS A 536 -15.86 13.22 -10.19
CA LYS A 536 -15.16 12.67 -9.05
C LYS A 536 -14.51 13.76 -8.22
N HIS A 537 -14.46 14.98 -8.73
CA HIS A 537 -13.87 16.11 -8.01
C HIS A 537 -14.94 17.02 -7.43
N PHE A 538 -16.02 17.24 -8.16
CA PHE A 538 -17.10 18.10 -7.74
C PHE A 538 -18.24 17.28 -7.15
N ARG A 539 -19.10 17.95 -6.40
CA ARG A 539 -20.34 17.34 -5.95
C ARG A 539 -21.24 17.11 -7.17
N PRO A 540 -22.02 16.02 -7.17
CA PRO A 540 -22.95 15.82 -8.28
C PRO A 540 -24.07 16.83 -8.32
N GLU A 541 -24.41 17.43 -7.18
CA GLU A 541 -25.40 18.49 -7.18
C GLU A 541 -24.82 19.83 -7.59
N PHE A 542 -23.49 19.96 -7.60
CA PHE A 542 -22.87 21.15 -8.19
C PHE A 542 -22.90 21.10 -9.70
N LEU A 543 -22.73 19.91 -10.28
CA LEU A 543 -22.63 19.80 -11.73
C LEU A 543 -23.99 19.70 -12.40
N ASN A 544 -25.01 19.23 -11.69
CA ASN A 544 -26.36 19.22 -12.25
C ASN A 544 -26.95 20.61 -12.36
N ARG A 545 -26.37 21.56 -11.63
CA ARG A 545 -26.87 22.96 -11.64
C ARG A 545 -26.19 23.71 -12.78
N ILE A 546 -24.98 23.30 -13.18
CA ILE A 546 -24.31 23.92 -14.31
C ILE A 546 -25.19 23.74 -15.53
N ASP A 547 -25.39 24.82 -16.29
CA ASP A 547 -26.20 24.74 -17.49
C ASP A 547 -25.50 23.90 -18.56
N ASP A 548 -24.29 24.31 -18.96
CA ASP A 548 -23.54 23.62 -19.98
C ASP A 548 -22.13 23.35 -19.49
N ILE A 549 -21.73 22.08 -19.46
CA ILE A 549 -20.35 21.69 -19.21
C ILE A 549 -19.74 21.47 -20.59
N ILE A 550 -18.79 22.31 -20.93
CA ILE A 550 -18.16 22.28 -22.24
C ILE A 550 -16.73 21.80 -22.06
N VAL A 551 -16.39 20.67 -22.66
CA VAL A 551 -15.02 20.21 -22.71
C VAL A 551 -14.45 20.77 -23.99
N PHE A 552 -13.34 21.49 -23.89
CA PHE A 552 -12.86 22.17 -25.07
C PHE A 552 -12.01 21.25 -25.92
N HIS A 553 -11.89 21.58 -27.19
CA HIS A 553 -11.08 20.81 -28.11
C HIS A 553 -9.62 21.21 -27.97
N GLN A 554 -8.74 20.28 -28.31
CA GLN A 554 -7.39 20.65 -28.67
C GLN A 554 -7.47 21.51 -29.93
N LEU A 555 -6.56 22.46 -30.03
CA LEU A 555 -6.56 23.28 -31.24
C LEU A 555 -5.94 22.51 -32.39
N THR A 556 -6.69 22.39 -33.47
CA THR A 556 -6.19 21.71 -34.65
C THR A 556 -5.11 22.57 -35.31
N ARG A 557 -4.37 21.94 -36.22
CA ARG A 557 -3.30 22.65 -36.92
C ARG A 557 -3.85 23.76 -37.80
N GLU A 558 -5.06 23.59 -38.33
CA GLU A 558 -5.66 24.64 -39.13
C GLU A 558 -6.15 25.80 -38.27
N GLU A 559 -6.44 25.54 -37.00
CA GLU A 559 -6.82 26.61 -36.09
C GLU A 559 -5.60 27.34 -35.56
N ILE A 560 -4.45 26.68 -35.51
CA ILE A 560 -3.20 27.35 -35.12
C ILE A 560 -2.76 28.33 -36.20
N ILE A 561 -3.05 28.02 -37.47
CA ILE A 561 -2.71 28.95 -38.55
C ILE A 561 -3.50 30.24 -38.44
N ARG A 562 -4.77 30.14 -38.07
CA ARG A 562 -5.54 31.34 -37.83
C ARG A 562 -5.17 31.99 -36.51
N MET A 563 -4.68 31.20 -35.55
CA MET A 563 -4.21 31.76 -34.29
C MET A 563 -2.92 32.53 -34.47
N VAL A 564 -2.16 32.28 -35.55
CA VAL A 564 -1.01 33.12 -35.88
C VAL A 564 -1.47 34.53 -36.23
N ASP A 565 -2.51 34.65 -37.06
CA ASP A 565 -3.04 35.96 -37.43
C ASP A 565 -3.56 36.73 -36.23
N LEU A 566 -4.13 36.02 -35.26
CA LEU A 566 -4.65 36.67 -34.07
C LEU A 566 -3.53 37.13 -33.15
N MET A 567 -2.37 36.48 -33.21
CA MET A 567 -1.26 36.82 -32.35
C MET A 567 -0.23 37.73 -32.99
N ILE A 568 -0.08 37.69 -34.32
CA ILE A 568 0.73 38.69 -35.00
C ILE A 568 0.06 40.05 -34.92
N SER A 569 -1.27 40.06 -34.88
CA SER A 569 -2.04 41.31 -34.83
C SER A 569 -1.82 42.08 -33.54
N ARG A 570 -1.45 41.40 -32.46
CA ARG A 570 -1.02 42.12 -31.27
C ARG A 570 0.35 42.72 -31.47
N VAL A 571 1.25 42.00 -32.15
CA VAL A 571 2.60 42.50 -32.38
C VAL A 571 2.55 43.59 -33.43
N ALA A 572 1.72 43.44 -34.45
CA ALA A 572 1.60 44.47 -35.47
C ALA A 572 0.95 45.72 -34.91
N GLY A 573 0.06 45.57 -33.93
CA GLY A 573 -0.58 46.73 -33.32
C GLY A 573 0.36 47.55 -32.47
N GLN A 574 1.38 46.89 -31.89
CA GLN A 574 2.36 47.61 -31.11
C GLN A 574 3.39 48.28 -32.00
N LEU A 575 3.56 47.79 -33.22
CA LEU A 575 4.39 48.51 -34.18
C LEU A 575 3.68 49.69 -34.79
N LYS A 576 2.34 49.71 -34.76
CA LYS A 576 1.61 50.89 -35.18
C LYS A 576 1.84 52.06 -34.22
N SER A 577 2.10 51.77 -32.95
CA SER A 577 2.48 52.81 -32.01
C SER A 577 3.84 53.39 -32.33
N LYS A 578 4.68 52.66 -33.06
CA LYS A 578 5.93 53.17 -33.57
C LYS A 578 5.82 53.68 -34.99
N ASP A 579 4.60 53.71 -35.55
CA ASP A 579 4.34 53.96 -36.97
C ASP A 579 5.14 53.00 -37.84
N MET A 580 5.04 51.71 -37.52
CA MET A 580 5.64 50.65 -38.29
C MET A 580 4.56 49.64 -38.64
N ALA A 581 4.73 48.95 -39.75
CA ALA A 581 3.81 47.89 -40.09
C ALA A 581 4.53 46.56 -39.97
N LEU A 582 3.74 45.49 -39.90
CA LEU A 582 4.31 44.15 -39.77
C LEU A 582 3.58 43.26 -40.76
N VAL A 583 4.18 43.02 -41.91
CA VAL A 583 3.62 42.17 -42.93
C VAL A 583 4.36 40.84 -42.86
N LEU A 584 3.61 39.75 -42.75
CA LEU A 584 4.16 38.41 -42.83
C LEU A 584 3.72 37.75 -44.12
N THR A 585 4.63 37.00 -44.73
CA THR A 585 4.27 36.20 -45.88
C THR A 585 3.48 34.99 -45.42
N ASP A 586 2.84 34.32 -46.37
CA ASP A 586 2.13 33.08 -46.05
C ASP A 586 3.07 31.97 -45.65
N ALA A 587 4.32 32.02 -46.12
CA ALA A 587 5.32 31.06 -45.65
C ALA A 587 5.80 31.40 -44.26
N ALA A 588 5.76 32.69 -43.89
CA ALA A 588 6.14 33.09 -42.55
C ALA A 588 5.11 32.65 -41.53
N LYS A 589 3.84 32.77 -41.88
CA LYS A 589 2.78 32.32 -40.99
C LYS A 589 2.69 30.80 -40.97
N ALA A 590 3.13 30.14 -42.02
CA ALA A 590 3.16 28.68 -42.02
C ALA A 590 4.27 28.15 -41.14
N LEU A 591 5.38 28.87 -41.03
CA LEU A 591 6.49 28.40 -40.22
C LEU A 591 6.23 28.63 -38.74
N LEU A 592 5.58 29.74 -38.40
CA LEU A 592 5.15 29.97 -37.03
C LEU A 592 4.12 28.94 -36.60
N ALA A 593 3.23 28.55 -37.51
CA ALA A 593 2.19 27.61 -37.15
C ALA A 593 2.73 26.20 -36.97
N LYS A 594 3.71 25.80 -37.76
CA LYS A 594 4.21 24.44 -37.63
C LYS A 594 5.23 24.28 -36.51
N ARG A 595 5.91 25.35 -36.11
CA ARG A 595 6.75 25.27 -34.91
C ARG A 595 6.01 25.71 -33.67
N GLY A 596 4.86 26.33 -33.81
CA GLY A 596 4.02 26.67 -32.68
C GLY A 596 2.92 25.68 -32.41
N PHE A 597 2.85 24.59 -33.16
CA PHE A 597 1.82 23.59 -32.95
C PHE A 597 2.33 22.52 -32.00
N ASP A 598 1.74 22.45 -30.82
CA ASP A 598 1.74 21.23 -30.03
C ASP A 598 0.32 20.70 -30.03
N PRO A 599 0.11 19.43 -30.35
CA PRO A 599 -1.25 18.86 -30.29
C PRO A 599 -1.76 18.62 -28.87
N VAL A 600 -0.98 18.94 -27.84
CA VAL A 600 -1.39 18.71 -26.46
C VAL A 600 -1.55 20.00 -25.67
N LEU A 601 -0.96 21.11 -26.11
CA LEU A 601 -1.15 22.36 -25.37
C LEU A 601 -1.91 23.40 -26.17
N GLY A 602 -1.37 23.83 -27.29
CA GLY A 602 -2.17 24.71 -28.12
C GLY A 602 -2.02 26.16 -27.72
N ALA A 603 -1.53 26.95 -28.66
CA ALA A 603 -1.55 28.42 -28.73
C ALA A 603 -0.67 29.14 -27.71
N ARG A 604 -0.28 28.49 -26.63
CA ARG A 604 0.80 29.06 -25.83
C ARG A 604 2.17 28.63 -26.34
N PRO A 605 2.39 27.39 -26.79
CA PRO A 605 3.58 27.15 -27.62
C PRO A 605 3.64 28.01 -28.87
N LEU A 606 2.50 28.37 -29.45
CA LEU A 606 2.52 29.32 -30.57
C LEU A 606 2.90 30.70 -30.09
N ARG A 607 2.37 31.11 -28.94
CA ARG A 607 2.73 32.44 -28.38
C ARG A 607 4.23 32.46 -28.14
N ARG A 608 4.77 31.43 -27.47
CA ARG A 608 6.19 31.41 -27.20
C ARG A 608 7.01 31.39 -28.48
N THR A 609 6.49 30.76 -29.53
CA THR A 609 7.18 30.74 -30.82
C THR A 609 7.22 32.12 -31.43
N ILE A 610 6.12 32.86 -31.36
CA ILE A 610 6.07 34.21 -31.90
C ILE A 610 6.93 35.15 -31.07
N GLN A 611 7.05 34.90 -29.77
CA GLN A 611 7.99 35.69 -28.97
C GLN A 611 9.43 35.40 -29.35
N ARG A 612 9.79 34.12 -29.45
CA ARG A 612 11.18 33.76 -29.71
C ARG A 612 11.59 34.09 -31.13
N GLU A 613 10.71 33.87 -32.09
CA GLU A 613 11.12 33.98 -33.50
C GLU A 613 10.77 35.31 -34.14
N ILE A 614 9.78 36.04 -33.61
CA ILE A 614 9.40 37.30 -34.23
C ILE A 614 9.74 38.45 -33.29
N GLU A 615 9.19 38.42 -32.08
CA GLU A 615 9.26 39.57 -31.18
C GLU A 615 10.66 39.79 -30.63
N ASP A 616 11.35 38.71 -30.23
CA ASP A 616 12.71 38.87 -29.72
C ASP A 616 13.67 39.28 -30.82
N GLN A 617 13.39 38.88 -32.05
CA GLN A 617 14.21 39.33 -33.17
C GLN A 617 13.86 40.77 -33.55
N LEU A 618 12.56 41.11 -33.55
CA LEU A 618 12.16 42.49 -33.81
C LEU A 618 12.60 43.44 -32.71
N SER A 619 12.69 42.97 -31.47
CA SER A 619 13.12 43.84 -30.38
C SER A 619 14.59 44.19 -30.51
N GLU A 620 15.38 43.32 -31.12
CA GLU A 620 16.75 43.67 -31.42
C GLU A 620 16.82 44.65 -32.58
N LYS A 621 16.10 44.36 -33.67
CA LYS A 621 16.13 45.18 -34.89
C LYS A 621 15.65 46.60 -34.64
N ILE A 622 14.69 46.78 -33.72
CA ILE A 622 14.26 48.13 -33.35
C ILE A 622 15.33 48.82 -32.52
N LEU A 623 15.93 48.10 -31.58
CA LEU A 623 16.98 48.68 -30.77
C LEU A 623 18.30 48.83 -31.53
N PHE A 624 18.56 47.98 -32.52
CA PHE A 624 19.66 48.30 -33.43
C PHE A 624 19.34 49.49 -34.33
N GLU A 625 18.05 49.84 -34.45
CA GLU A 625 17.53 50.77 -35.44
C GLU A 625 17.85 50.32 -36.86
N GLU A 626 17.91 49.01 -37.07
CA GLU A 626 17.95 48.49 -38.44
C GLU A 626 16.60 48.70 -39.11
N VAL A 627 15.52 48.41 -38.40
CA VAL A 627 14.20 48.87 -38.78
C VAL A 627 13.78 49.91 -37.76
N GLY A 628 13.05 50.92 -38.22
CA GLY A 628 12.72 52.03 -37.38
C GLY A 628 11.35 52.57 -37.69
N PRO A 629 10.99 53.70 -37.10
CA PRO A 629 9.67 54.31 -37.37
C PRO A 629 9.49 54.75 -38.80
N GLY A 630 8.29 54.54 -39.34
CA GLY A 630 8.03 54.89 -40.72
C GLY A 630 8.53 53.87 -41.71
N GLN A 631 8.40 52.58 -41.39
CA GLN A 631 9.08 51.54 -42.15
C GLN A 631 8.31 50.25 -41.98
N VAL A 632 7.92 49.63 -43.09
CA VAL A 632 7.15 48.40 -43.03
C VAL A 632 8.10 47.21 -42.93
N VAL A 633 8.05 46.50 -41.82
CA VAL A 633 8.84 45.29 -41.65
C VAL A 633 8.12 44.15 -42.32
N THR A 634 8.68 43.66 -43.41
CA THR A 634 8.16 42.50 -44.12
C THR A 634 8.90 41.29 -43.58
N VAL A 635 8.15 40.27 -43.21
CA VAL A 635 8.71 39.07 -42.59
C VAL A 635 8.60 37.93 -43.60
N ASP A 636 9.73 37.57 -44.20
CA ASP A 636 9.81 36.44 -45.11
C ASP A 636 10.78 35.44 -44.49
N VAL A 637 10.79 34.23 -45.03
CA VAL A 637 11.61 33.15 -44.49
C VAL A 637 12.68 32.82 -45.53
N ASP A 638 13.90 32.61 -45.04
CA ASP A 638 14.98 32.15 -45.94
C ASP A 638 15.16 30.67 -45.64
N ASN A 639 15.41 29.85 -46.66
CA ASN A 639 15.55 28.38 -46.48
C ASN A 639 14.17 27.77 -46.19
N TRP A 640 14.00 26.49 -46.51
CA TRP A 640 12.73 25.76 -46.23
C TRP A 640 11.58 26.25 -47.13
N ASP A 641 10.64 25.35 -47.41
CA ASP A 641 9.46 25.67 -48.26
C ASP A 641 8.25 24.81 -47.91
N GLY A 642 7.88 24.72 -46.63
CA GLY A 642 6.69 23.98 -46.18
C GLY A 642 6.87 22.48 -46.29
N GLU A 643 7.69 22.01 -47.23
CA GLU A 643 7.84 20.59 -47.45
C GLU A 643 8.92 19.96 -46.58
N GLY A 644 9.79 20.76 -45.99
CA GLY A 644 10.82 20.24 -45.13
C GLY A 644 10.35 20.09 -43.71
N PRO A 645 11.27 19.82 -42.79
CA PRO A 645 10.89 19.73 -41.38
C PRO A 645 10.54 21.08 -40.78
N GLY A 646 11.00 22.17 -41.38
CA GLY A 646 10.68 23.49 -40.92
C GLY A 646 11.45 23.89 -39.67
N GLU A 647 12.71 23.48 -39.58
CA GLU A 647 13.54 23.97 -38.48
C GLU A 647 14.96 24.27 -38.93
N ASP A 648 15.22 24.12 -40.22
CA ASP A 648 16.45 24.65 -40.81
C ASP A 648 16.28 26.07 -41.33
N ALA A 649 15.06 26.57 -41.35
CA ALA A 649 14.73 27.86 -41.94
C ALA A 649 14.68 28.94 -40.87
N VAL A 650 14.96 30.17 -41.26
CA VAL A 650 15.02 31.28 -40.33
C VAL A 650 14.29 32.47 -40.96
N PHE A 651 13.66 33.28 -40.11
CA PHE A 651 13.01 34.48 -40.59
C PHE A 651 14.04 35.54 -40.93
N THR A 652 13.71 36.37 -41.90
CA THR A 652 14.47 37.57 -42.18
C THR A 652 13.54 38.77 -42.13
N PHE A 653 14.05 39.88 -41.62
CA PHE A 653 13.25 41.06 -41.38
C PHE A 653 13.79 42.19 -42.23
N THR A 654 13.04 42.58 -43.25
CA THR A 654 13.46 43.64 -44.16
C THR A 654 12.46 44.78 -44.07
N GLY A 655 12.95 45.97 -43.75
CA GLY A 655 12.12 47.17 -43.82
C GLY A 655 12.13 47.77 -45.20
N THR A 656 10.99 48.36 -45.57
CA THR A 656 10.80 48.75 -46.96
C THR A 656 10.72 50.26 -47.20
N ARG A 657 9.75 50.93 -46.58
CA ARG A 657 9.45 52.31 -46.97
C ARG A 657 10.27 53.30 -46.18
N SER B 1 -27.97 83.90 -2.32
CA SER B 1 -28.17 83.79 -0.88
C SER B 1 -27.18 84.62 -0.11
N LEU B 2 -27.35 84.63 1.22
CA LEU B 2 -26.30 85.02 2.14
C LEU B 2 -26.14 84.02 3.26
N VAL B 3 -27.19 83.28 3.61
CA VAL B 3 -27.08 82.17 4.54
C VAL B 3 -26.24 81.06 3.93
N LEU B 4 -26.42 80.81 2.64
CA LEU B 4 -25.86 79.65 1.98
C LEU B 4 -24.51 79.94 1.32
N ASP B 5 -24.10 81.21 1.27
CA ASP B 5 -22.75 81.51 0.81
C ASP B 5 -21.70 81.09 1.84
N GLN B 6 -22.01 81.20 3.12
CA GLN B 6 -21.05 80.83 4.15
C GLN B 6 -21.06 79.36 4.48
N PHE B 7 -21.99 78.59 3.94
CA PHE B 7 -21.97 77.14 4.12
C PHE B 7 -21.96 76.41 2.79
N GLY B 8 -21.71 77.12 1.71
CA GLY B 8 -21.76 76.50 0.41
C GLY B 8 -20.96 77.31 -0.58
N ARG B 9 -20.53 76.62 -1.62
CA ARG B 9 -19.88 77.24 -2.76
C ARG B 9 -20.85 77.12 -3.92
N ASN B 10 -21.23 78.25 -4.51
CA ASN B 10 -22.14 78.26 -5.64
C ASN B 10 -21.37 77.78 -6.86
N LEU B 11 -21.69 76.59 -7.36
CA LEU B 11 -21.00 76.11 -8.54
C LEU B 11 -21.49 76.76 -9.82
N THR B 12 -22.74 77.21 -9.86
CA THR B 12 -23.18 77.94 -11.04
C THR B 12 -22.61 79.33 -11.10
N ALA B 13 -22.30 79.93 -9.96
CA ALA B 13 -21.55 81.17 -9.99
C ALA B 13 -20.10 80.92 -10.37
N ALA B 14 -19.57 79.76 -10.00
CA ALA B 14 -18.21 79.40 -10.40
C ALA B 14 -18.16 79.03 -11.87
N ALA B 15 -19.22 78.43 -12.41
CA ALA B 15 -19.25 78.10 -13.82
C ALA B 15 -19.43 79.32 -14.70
N MET B 16 -20.04 80.39 -14.20
CA MET B 16 -20.09 81.61 -14.99
C MET B 16 -18.75 82.32 -15.01
N GLU B 17 -17.95 82.15 -13.97
CA GLU B 17 -16.65 82.79 -13.85
C GLU B 17 -15.54 81.96 -14.46
N GLY B 18 -15.88 80.86 -15.12
CA GLY B 18 -14.88 80.00 -15.73
C GLY B 18 -13.97 79.30 -14.75
N LYS B 19 -14.44 79.08 -13.53
CA LYS B 19 -13.61 78.51 -12.49
C LYS B 19 -13.80 77.02 -12.35
N LEU B 20 -14.59 76.40 -13.23
CA LEU B 20 -14.76 74.96 -13.25
C LEU B 20 -14.13 74.45 -14.52
N ASP B 21 -13.47 73.31 -14.43
CA ASP B 21 -12.83 72.69 -15.58
C ASP B 21 -13.90 72.23 -16.57
N PRO B 22 -13.60 72.21 -17.86
CA PRO B 22 -14.55 71.66 -18.83
C PRO B 22 -14.75 70.17 -18.60
N VAL B 23 -16.00 69.73 -18.71
CA VAL B 23 -16.33 68.29 -18.50
C VAL B 23 -16.66 67.68 -19.86
N ILE B 24 -15.67 67.06 -20.50
CA ILE B 24 -15.83 66.49 -21.86
C ILE B 24 -16.44 65.09 -21.76
N GLY B 25 -17.55 64.86 -22.45
CA GLY B 25 -18.23 63.56 -22.34
C GLY B 25 -19.16 63.59 -21.14
N ARG B 26 -19.23 62.49 -20.40
CA ARG B 26 -20.06 62.46 -19.20
C ARG B 26 -21.47 63.00 -19.43
N GLU B 27 -21.93 63.05 -20.68
CA GLU B 27 -23.20 63.68 -20.97
C GLU B 27 -24.35 62.73 -20.72
N LYS B 28 -24.10 61.43 -20.78
CA LYS B 28 -25.09 60.47 -20.34
C LYS B 28 -25.23 60.47 -18.83
N GLU B 29 -24.21 60.90 -18.11
CA GLU B 29 -24.26 61.01 -16.66
C GLU B 29 -24.82 62.34 -16.20
N ILE B 30 -24.59 63.41 -16.96
CA ILE B 30 -25.26 64.68 -16.68
C ILE B 30 -26.73 64.60 -17.05
N GLU B 31 -27.06 63.92 -18.16
CA GLU B 31 -28.46 63.69 -18.50
C GLU B 31 -29.14 62.84 -17.45
N ARG B 32 -28.39 61.90 -16.87
CA ARG B 32 -28.95 61.01 -15.87
C ARG B 32 -29.26 61.76 -14.57
N VAL B 33 -28.36 62.63 -14.13
CA VAL B 33 -28.65 63.38 -12.92
C VAL B 33 -29.70 64.44 -13.17
N MET B 34 -29.86 64.89 -14.41
CA MET B 34 -30.96 65.81 -14.69
C MET B 34 -32.29 65.09 -14.70
N GLN B 35 -32.30 63.79 -14.98
CA GLN B 35 -33.52 63.00 -14.82
C GLN B 35 -33.86 62.84 -13.37
N VAL B 36 -32.88 62.45 -12.56
CA VAL B 36 -33.15 62.20 -11.15
C VAL B 36 -33.52 63.49 -10.46
N LEU B 37 -32.85 64.59 -10.79
CA LEU B 37 -33.26 65.89 -10.26
C LEU B 37 -34.61 66.35 -10.79
N SER B 38 -35.08 65.82 -11.91
CA SER B 38 -36.39 66.20 -12.40
C SER B 38 -37.50 65.31 -11.88
N ARG B 39 -37.19 64.34 -11.04
CA ARG B 39 -38.18 63.45 -10.49
C ARG B 39 -39.07 64.19 -9.50
N ARG B 40 -40.23 63.58 -9.22
CA ARG B 40 -41.17 64.16 -8.26
C ARG B 40 -40.71 63.92 -6.83
N THR B 41 -40.52 62.67 -6.45
CA THR B 41 -40.03 62.31 -5.14
C THR B 41 -38.69 61.60 -5.26
N LYS B 42 -37.92 61.65 -4.18
CA LYS B 42 -36.57 61.11 -4.09
C LYS B 42 -35.69 61.62 -5.22
N ASN B 43 -35.80 62.92 -5.47
CA ASN B 43 -35.18 63.53 -6.62
C ASN B 43 -33.74 63.90 -6.31
N ASN B 44 -32.96 62.87 -6.03
CA ASN B 44 -31.65 63.03 -5.40
C ASN B 44 -30.67 62.03 -6.01
N PRO B 45 -29.83 62.43 -6.95
CA PRO B 45 -28.86 61.48 -7.48
C PRO B 45 -27.62 61.43 -6.61
N VAL B 46 -27.19 60.25 -6.24
CA VAL B 46 -25.85 60.10 -5.70
C VAL B 46 -24.94 59.59 -6.81
N LEU B 47 -23.84 60.28 -7.02
CA LEU B 47 -22.88 59.88 -8.03
C LEU B 47 -21.93 58.88 -7.38
N ILE B 48 -22.12 57.64 -7.66
CA ILE B 48 -21.20 56.64 -7.16
C ILE B 48 -20.23 56.29 -8.27
N GLY B 49 -19.01 55.98 -7.88
CA GLY B 49 -17.98 55.64 -8.83
C GLY B 49 -16.66 55.56 -8.11
N GLU B 50 -15.66 55.07 -8.80
CA GLU B 50 -14.36 54.92 -8.21
C GLU B 50 -13.71 56.29 -8.05
N PRO B 51 -12.77 56.46 -7.12
CA PRO B 51 -12.22 57.80 -6.87
C PRO B 51 -11.43 58.35 -8.03
N GLY B 52 -11.94 59.43 -8.61
CA GLY B 52 -11.27 60.15 -9.66
C GLY B 52 -11.77 59.84 -11.04
N VAL B 53 -12.94 59.22 -11.13
CA VAL B 53 -13.57 58.98 -12.41
C VAL B 53 -14.37 60.18 -12.87
N GLY B 54 -14.50 61.19 -12.02
CA GLY B 54 -15.17 62.40 -12.42
C GLY B 54 -16.53 62.57 -11.80
N LYS B 55 -16.70 62.11 -10.56
CA LYS B 55 -17.99 62.27 -9.88
C LYS B 55 -18.24 63.73 -9.53
N THR B 56 -17.24 64.42 -8.97
CA THR B 56 -17.37 65.85 -8.71
C THR B 56 -17.43 66.63 -10.01
N ALA B 57 -16.82 66.11 -11.06
CA ALA B 57 -16.82 66.79 -12.35
C ALA B 57 -18.18 66.77 -13.02
N VAL B 58 -18.96 65.69 -12.83
CA VAL B 58 -20.29 65.59 -13.42
C VAL B 58 -21.19 66.71 -12.93
N VAL B 59 -21.14 66.98 -11.63
CA VAL B 59 -21.87 68.10 -11.06
C VAL B 59 -21.32 69.43 -11.55
N GLU B 60 -20.00 69.54 -11.64
CA GLU B 60 -19.40 70.72 -12.25
C GLU B 60 -19.71 70.80 -13.73
N GLY B 61 -19.87 69.66 -14.40
CA GLY B 61 -20.39 69.67 -15.75
C GLY B 61 -21.88 69.97 -15.79
N LEU B 62 -22.60 69.60 -14.73
CA LEU B 62 -23.99 70.01 -14.62
C LEU B 62 -24.10 71.51 -14.37
N ALA B 63 -23.24 72.04 -13.50
CA ALA B 63 -23.28 73.47 -13.21
C ALA B 63 -22.89 74.31 -14.42
N GLN B 64 -22.02 73.79 -15.28
CA GLN B 64 -21.75 74.46 -16.54
C GLN B 64 -22.91 74.31 -17.50
N ALA B 65 -23.62 73.18 -17.45
CA ALA B 65 -24.78 72.98 -18.30
C ALA B 65 -25.95 73.87 -17.90
N ILE B 66 -26.03 74.27 -16.64
CA ILE B 66 -27.08 75.18 -16.21
C ILE B 66 -26.80 76.57 -16.75
N VAL B 67 -25.58 77.07 -16.57
CA VAL B 67 -25.28 78.44 -16.93
C VAL B 67 -25.15 78.65 -18.42
N HIS B 68 -24.96 77.58 -19.20
CA HIS B 68 -25.02 77.67 -20.64
C HIS B 68 -26.38 77.31 -21.19
N GLY B 69 -27.37 77.12 -20.33
CA GLY B 69 -28.73 76.88 -20.77
C GLY B 69 -28.99 75.53 -21.39
N GLU B 70 -28.06 74.60 -21.23
CA GLU B 70 -28.18 73.28 -21.84
C GLU B 70 -28.93 72.30 -20.96
N VAL B 71 -29.68 72.79 -19.99
CA VAL B 71 -30.48 71.98 -19.07
C VAL B 71 -31.94 72.08 -19.50
N PRO B 72 -32.84 71.22 -19.01
CA PRO B 72 -34.26 71.44 -19.25
C PRO B 72 -34.80 72.62 -18.46
N GLU B 73 -36.09 72.87 -18.64
CA GLU B 73 -36.73 73.95 -17.90
C GLU B 73 -36.95 73.57 -16.44
N THR B 74 -36.90 72.28 -16.13
CA THR B 74 -36.87 71.83 -14.75
C THR B 74 -35.62 72.29 -14.03
N LEU B 75 -34.46 72.19 -14.68
CA LEU B 75 -33.19 72.57 -14.08
C LEU B 75 -32.72 73.94 -14.52
N LYS B 76 -33.58 74.72 -15.18
CA LYS B 76 -33.17 75.99 -15.76
C LYS B 76 -32.99 77.01 -14.64
N ASP B 77 -31.85 77.71 -14.68
CA ASP B 77 -31.46 78.78 -13.76
C ASP B 77 -31.43 78.33 -12.31
N LYS B 78 -31.17 77.05 -12.07
CA LYS B 78 -30.93 76.55 -10.73
C LYS B 78 -29.55 77.01 -10.29
N GLN B 79 -29.45 77.50 -9.06
CA GLN B 79 -28.17 77.86 -8.49
C GLN B 79 -27.67 76.68 -7.69
N LEU B 80 -26.62 76.04 -8.17
CA LEU B 80 -26.14 74.80 -7.59
C LEU B 80 -25.10 75.17 -6.54
N TYR B 81 -25.41 74.89 -5.27
CA TYR B 81 -24.51 75.16 -4.17
C TYR B 81 -23.92 73.87 -3.67
N THR B 82 -22.60 73.82 -3.52
CA THR B 82 -21.95 72.67 -2.92
C THR B 82 -21.93 72.85 -1.42
N LEU B 83 -22.77 72.11 -0.71
CA LEU B 83 -22.91 72.27 0.73
C LEU B 83 -21.66 71.78 1.43
N ASP B 84 -20.92 72.70 2.04
CA ASP B 84 -19.75 72.36 2.82
C ASP B 84 -20.22 71.91 4.19
N LEU B 85 -20.22 70.60 4.42
CA LEU B 85 -20.61 70.09 5.72
C LEU B 85 -19.60 70.46 6.80
N GLY B 86 -18.33 70.58 6.43
CA GLY B 86 -17.32 71.01 7.37
C GLY B 86 -17.52 72.44 7.84
N SER B 87 -18.00 73.32 6.97
CA SER B 87 -18.38 74.67 7.38
C SER B 87 -19.63 74.64 8.22
N LEU B 88 -20.48 73.66 7.97
CA LEU B 88 -21.77 73.59 8.62
C LEU B 88 -21.60 73.02 10.03
N VAL B 89 -20.57 72.21 10.24
CA VAL B 89 -20.22 71.77 11.59
C VAL B 89 -19.48 72.86 12.34
N ALA B 90 -18.63 73.62 11.64
CA ALA B 90 -17.64 74.49 12.28
C ALA B 90 -18.26 75.61 13.08
N GLY B 91 -17.96 75.65 14.37
CA GLY B 91 -18.43 76.68 15.25
C GLY B 91 -19.82 76.43 15.78
N SER B 92 -20.15 75.16 16.00
CA SER B 92 -21.48 74.78 16.44
C SER B 92 -21.46 74.32 17.87
N ARG B 93 -20.67 74.99 18.70
CA ARG B 93 -20.32 74.45 20.01
C ARG B 93 -21.52 74.37 20.95
N TYR B 94 -22.50 75.24 20.74
CA TYR B 94 -23.67 75.17 21.61
C TYR B 94 -24.67 74.18 21.05
N ARG B 95 -25.62 73.78 21.90
CA ARG B 95 -26.62 72.81 21.52
C ARG B 95 -27.58 73.39 20.50
N GLY B 96 -27.85 72.61 19.46
CA GLY B 96 -28.75 73.08 18.44
C GLY B 96 -28.16 74.07 17.47
N ASP B 97 -26.89 74.45 17.62
CA ASP B 97 -26.26 75.36 16.66
C ASP B 97 -26.12 74.73 15.30
N PHE B 98 -25.66 73.48 15.25
CA PHE B 98 -25.55 72.77 13.99
C PHE B 98 -26.90 72.60 13.34
N GLU B 99 -27.88 72.20 14.14
CA GLU B 99 -29.20 71.92 13.64
C GLU B 99 -29.88 73.19 13.16
N GLU B 100 -29.68 74.32 13.84
CA GLU B 100 -30.33 75.54 13.35
C GLU B 100 -29.61 76.11 12.14
N ARG B 101 -28.31 75.83 11.96
CA ARG B 101 -27.65 76.21 10.73
C ARG B 101 -28.19 75.42 9.55
N LEU B 102 -28.46 74.14 9.75
CA LEU B 102 -28.96 73.33 8.66
C LEU B 102 -30.42 73.66 8.38
N LYS B 103 -31.19 74.02 9.40
CA LYS B 103 -32.56 74.46 9.16
C LYS B 103 -32.59 75.81 8.45
N LYS B 104 -31.66 76.72 8.78
CA LYS B 104 -31.61 77.99 8.07
C LYS B 104 -31.17 77.80 6.63
N VAL B 105 -30.32 76.81 6.38
CA VAL B 105 -29.95 76.47 5.00
C VAL B 105 -31.17 75.92 4.27
N LEU B 106 -31.86 74.96 4.88
CA LEU B 106 -33.02 74.34 4.24
C LEU B 106 -34.19 75.31 4.11
N LYS B 107 -34.30 76.28 5.00
CA LYS B 107 -35.33 77.30 4.84
C LYS B 107 -35.00 78.20 3.67
N GLU B 108 -33.72 78.50 3.46
CA GLU B 108 -33.31 79.34 2.35
C GLU B 108 -33.46 78.62 1.02
N ILE B 109 -33.36 77.30 1.01
CA ILE B 109 -33.61 76.51 -0.19
C ILE B 109 -35.09 76.52 -0.54
N ASN B 110 -35.96 76.39 0.45
CA ASN B 110 -37.39 76.35 0.20
C ASN B 110 -37.94 77.69 -0.24
N THR B 111 -37.44 78.79 0.31
CA THR B 111 -37.94 80.10 -0.08
C THR B 111 -37.45 80.50 -1.45
N ARG B 112 -36.23 80.11 -1.82
CA ARG B 112 -35.73 80.44 -3.15
C ARG B 112 -36.25 79.45 -4.18
N GLY B 113 -36.15 78.16 -3.88
CA GLY B 113 -36.69 77.14 -4.77
C GLY B 113 -35.89 76.94 -6.03
N ASP B 114 -34.68 77.49 -6.09
CA ASP B 114 -33.83 77.31 -7.27
C ASP B 114 -32.46 76.79 -6.88
N ILE B 115 -32.39 75.93 -5.88
CA ILE B 115 -31.11 75.51 -5.34
C ILE B 115 -31.00 74.00 -5.45
N ILE B 116 -30.10 73.56 -6.30
CA ILE B 116 -29.61 72.19 -6.27
C ILE B 116 -28.51 72.16 -5.22
N LEU B 117 -28.51 71.14 -4.39
CA LEU B 117 -27.45 70.99 -3.42
C LEU B 117 -26.51 69.91 -3.89
N PHE B 118 -25.23 70.16 -3.74
CA PHE B 118 -24.27 69.10 -3.99
C PHE B 118 -23.56 68.81 -2.69
N ILE B 119 -23.94 67.70 -2.08
CA ILE B 119 -23.19 67.22 -0.93
C ILE B 119 -22.13 66.30 -1.46
N ASP B 120 -20.97 66.86 -1.78
CA ASP B 120 -19.79 66.05 -2.04
C ASP B 120 -19.43 65.32 -0.76
N ALA B 121 -18.95 64.08 -0.91
CA ALA B 121 -18.75 63.13 0.18
C ALA B 121 -20.03 62.99 1.00
N LEU B 122 -21.04 62.44 0.33
CA LEU B 122 -22.36 62.23 0.92
C LEU B 122 -22.31 61.29 2.11
N HIS B 123 -21.32 60.40 2.18
CA HIS B 123 -21.18 59.52 3.32
C HIS B 123 -20.87 60.27 4.61
N THR B 124 -20.32 61.48 4.51
CA THR B 124 -20.07 62.32 5.66
C THR B 124 -21.31 63.04 6.16
N LEU B 125 -22.46 62.78 5.56
CA LEU B 125 -23.71 63.32 6.09
C LEU B 125 -24.17 62.49 7.28
N VAL B 126 -23.83 61.21 7.29
CA VAL B 126 -24.11 60.37 8.44
C VAL B 126 -23.18 60.76 9.57
N GLY B 127 -23.75 61.16 10.70
CA GLY B 127 -22.94 61.61 11.81
C GLY B 127 -22.39 63.00 11.65
N ALA B 128 -22.89 63.77 10.69
CA ALA B 128 -22.47 65.15 10.50
C ALA B 128 -23.06 65.98 11.63
N GLY B 129 -22.20 66.53 12.49
CA GLY B 129 -22.68 67.28 13.62
C GLY B 129 -23.44 66.46 14.64
N ALA B 130 -23.13 65.18 14.72
CA ALA B 130 -23.77 64.30 15.70
C ALA B 130 -22.95 64.27 17.00
N ALA B 131 -22.91 65.38 17.73
CA ALA B 131 -22.22 65.40 19.04
C ALA B 131 -23.14 64.79 20.09
N GLU B 132 -22.74 64.81 21.38
CA GLU B 132 -23.54 64.21 22.49
C GLU B 132 -24.99 63.95 22.06
N GLY B 133 -25.90 64.86 22.40
CA GLY B 133 -27.30 64.73 21.96
C GLY B 133 -27.51 65.65 20.78
N ALA B 134 -26.93 65.29 19.63
CA ALA B 134 -26.97 66.24 18.49
C ALA B 134 -27.45 65.57 17.20
N ILE B 135 -28.76 65.50 17.01
CA ILE B 135 -29.31 65.02 15.75
C ILE B 135 -28.51 65.35 14.49
N ASP B 136 -27.92 64.33 13.88
CA ASP B 136 -26.98 64.55 12.79
C ASP B 136 -27.68 65.17 11.59
N ALA B 137 -26.88 65.53 10.59
CA ALA B 137 -27.45 66.17 9.42
C ALA B 137 -28.20 65.18 8.56
N ALA B 138 -27.94 63.89 8.71
CA ALA B 138 -28.68 62.90 7.94
C ALA B 138 -30.12 62.80 8.39
N SER B 139 -30.36 62.80 9.71
CA SER B 139 -31.71 62.70 10.23
C SER B 139 -32.53 63.94 9.97
N ILE B 140 -31.89 65.09 9.83
CA ILE B 140 -32.61 66.30 9.47
C ILE B 140 -33.03 66.26 8.02
N LEU B 141 -32.16 65.76 7.14
CA LEU B 141 -32.44 65.79 5.71
C LEU B 141 -33.37 64.68 5.26
N LYS B 142 -33.35 63.52 5.95
CA LYS B 142 -34.17 62.38 5.54
C LYS B 142 -35.68 62.62 5.40
N PRO B 143 -36.34 63.49 6.18
CA PRO B 143 -37.71 63.85 5.79
C PRO B 143 -37.77 64.68 4.52
N LYS B 144 -36.83 65.60 4.33
CA LYS B 144 -36.84 66.46 3.14
C LYS B 144 -36.49 65.68 1.88
N LEU B 145 -35.57 64.72 1.99
CA LEU B 145 -35.06 64.04 0.82
C LEU B 145 -36.03 63.00 0.30
N ALA B 146 -36.86 62.43 1.16
CA ALA B 146 -37.72 61.33 0.76
C ALA B 146 -38.92 61.82 -0.03
N ARG B 147 -39.38 63.02 0.26
CA ARG B 147 -40.63 63.52 -0.37
C ARG B 147 -40.32 64.44 -1.56
N GLY B 148 -39.04 64.60 -1.90
CA GLY B 148 -38.69 65.37 -3.07
C GLY B 148 -38.69 66.87 -2.86
N GLU B 149 -38.83 67.34 -1.63
CA GLU B 149 -38.82 68.75 -1.33
C GLU B 149 -37.42 69.28 -1.05
N LEU B 150 -36.40 68.52 -1.44
CA LEU B 150 -35.01 68.94 -1.37
C LEU B 150 -34.28 68.24 -2.49
N GLN B 151 -33.73 68.99 -3.43
CA GLN B 151 -33.00 68.40 -4.55
C GLN B 151 -31.52 68.46 -4.23
N THR B 152 -30.93 67.29 -4.01
CA THR B 152 -29.58 67.15 -3.49
C THR B 152 -28.82 66.17 -4.35
N ILE B 153 -27.66 66.56 -4.83
CA ILE B 153 -26.78 65.61 -5.48
C ILE B 153 -25.75 65.14 -4.47
N GLY B 154 -25.62 63.84 -4.33
CA GLY B 154 -24.52 63.31 -3.56
C GLY B 154 -23.44 62.83 -4.49
N ALA B 155 -22.23 62.68 -3.98
CA ALA B 155 -21.17 62.01 -4.69
C ALA B 155 -20.35 61.24 -3.68
N THR B 156 -20.20 59.96 -3.89
CA THR B 156 -19.56 59.09 -2.93
C THR B 156 -18.72 58.11 -3.73
N THR B 157 -17.57 57.71 -3.20
CA THR B 157 -16.89 56.63 -3.87
C THR B 157 -17.62 55.31 -3.60
N LEU B 158 -17.34 54.32 -4.44
CA LEU B 158 -18.00 53.02 -4.30
C LEU B 158 -17.63 52.33 -3.01
N ASP B 159 -16.41 52.52 -2.53
CA ASP B 159 -16.03 52.00 -1.23
C ASP B 159 -16.75 52.74 -0.11
N GLU B 160 -16.81 54.06 -0.20
CA GLU B 160 -17.48 54.84 0.83
C GLU B 160 -18.99 54.73 0.74
N TYR B 161 -19.52 54.19 -0.34
CA TYR B 161 -20.95 53.96 -0.45
C TYR B 161 -21.37 52.68 0.26
N ARG B 162 -20.57 51.62 0.14
CA ARG B 162 -20.89 50.40 0.86
C ARG B 162 -20.48 50.46 2.33
N LYS B 163 -19.55 51.34 2.68
CA LYS B 163 -19.09 51.39 4.06
C LYS B 163 -19.92 52.33 4.92
N TYR B 164 -20.54 53.34 4.36
CA TYR B 164 -21.16 54.34 5.20
C TYR B 164 -22.59 54.65 4.80
N ILE B 165 -22.90 54.57 3.52
CA ILE B 165 -24.26 54.88 3.08
C ILE B 165 -25.12 53.63 3.06
N GLU B 166 -24.59 52.50 2.60
CA GLU B 166 -25.35 51.25 2.67
C GLU B 166 -25.49 50.71 4.08
N LYS B 167 -24.70 51.21 5.04
CA LYS B 167 -24.88 50.85 6.44
C LYS B 167 -25.94 51.67 7.11
N ASP B 168 -26.45 52.71 6.45
CA ASP B 168 -27.64 53.43 6.87
C ASP B 168 -28.64 53.24 5.74
N ALA B 169 -29.38 52.13 5.80
CA ALA B 169 -30.23 51.71 4.68
C ALA B 169 -31.38 52.66 4.43
N ALA B 170 -31.75 53.47 5.41
CA ALA B 170 -32.77 54.49 5.18
C ALA B 170 -32.22 55.61 4.31
N LEU B 171 -30.95 55.94 4.45
CA LEU B 171 -30.40 57.09 3.72
C LEU B 171 -30.09 56.74 2.28
N GLU B 172 -29.58 55.54 2.01
CA GLU B 172 -29.31 55.11 0.64
C GLU B 172 -30.57 55.01 -0.20
N ARG B 173 -31.73 54.86 0.42
CA ARG B 173 -32.98 54.85 -0.33
C ARG B 173 -33.28 56.22 -0.90
N ARG B 174 -33.02 57.27 -0.13
CA ARG B 174 -33.34 58.63 -0.56
C ARG B 174 -32.51 59.10 -1.74
N PHE B 175 -31.46 58.38 -2.10
CA PHE B 175 -30.58 58.76 -3.18
C PHE B 175 -30.60 57.71 -4.28
N GLN B 176 -30.55 58.17 -5.52
CA GLN B 176 -30.50 57.28 -6.66
C GLN B 176 -29.05 57.11 -7.10
N PRO B 177 -28.53 55.90 -7.11
CA PRO B 177 -27.15 55.70 -7.55
C PRO B 177 -26.99 55.93 -9.04
N VAL B 178 -26.35 57.03 -9.39
CA VAL B 178 -25.92 57.27 -10.75
C VAL B 178 -24.48 56.77 -10.85
N GLN B 179 -24.30 55.64 -11.51
CA GLN B 179 -22.97 55.07 -11.65
C GLN B 179 -22.16 55.91 -12.61
N VAL B 180 -21.16 56.61 -12.09
CA VAL B 180 -20.18 57.31 -12.90
C VAL B 180 -19.07 56.32 -13.17
N GLY B 181 -19.07 55.74 -14.36
CA GLY B 181 -18.07 54.75 -14.69
C GLY B 181 -16.73 55.40 -14.96
N GLU B 182 -15.69 54.59 -14.82
CA GLU B 182 -14.36 55.02 -15.24
C GLU B 182 -14.37 55.20 -16.76
N PRO B 183 -13.82 56.29 -17.28
CA PRO B 183 -13.72 56.44 -18.73
C PRO B 183 -12.86 55.38 -19.38
N THR B 184 -13.16 55.11 -20.64
CA THR B 184 -12.26 54.35 -21.47
C THR B 184 -11.07 55.23 -21.83
N VAL B 185 -10.07 54.62 -22.49
CA VAL B 185 -8.90 55.37 -22.91
C VAL B 185 -9.28 56.36 -23.99
N GLU B 186 -10.19 55.97 -24.89
CA GLU B 186 -10.66 56.89 -25.93
C GLU B 186 -11.47 58.04 -25.34
N HIS B 187 -12.26 57.77 -24.31
CA HIS B 187 -12.99 58.82 -23.62
C HIS B 187 -12.05 59.72 -22.84
N THR B 188 -10.96 59.15 -22.32
CA THR B 188 -10.02 59.92 -21.51
C THR B 188 -9.21 60.87 -22.38
N ILE B 189 -8.87 60.44 -23.60
CA ILE B 189 -8.21 61.31 -24.56
C ILE B 189 -9.08 62.50 -24.90
N GLU B 190 -10.39 62.29 -25.04
CA GLU B 190 -11.33 63.39 -25.26
C GLU B 190 -11.35 64.34 -24.07
N ILE B 191 -11.30 63.78 -22.86
CA ILE B 191 -11.21 64.59 -21.65
C ILE B 191 -9.94 65.41 -21.64
N LEU B 192 -8.81 64.79 -21.98
CA LEU B 192 -7.55 65.51 -22.00
C LEU B 192 -7.51 66.55 -23.11
N LYS B 193 -8.14 66.29 -24.25
CA LYS B 193 -8.18 67.30 -25.31
C LYS B 193 -9.00 68.52 -24.91
N GLY B 194 -10.01 68.35 -24.09
CA GLY B 194 -10.85 69.46 -23.71
C GLY B 194 -10.30 70.16 -22.49
N LEU B 195 -9.50 69.44 -21.70
CA LEU B 195 -8.77 70.04 -20.60
C LEU B 195 -7.42 70.60 -21.03
N ARG B 196 -7.07 70.45 -22.32
CA ARG B 196 -5.75 70.84 -22.81
C ARG B 196 -5.45 72.31 -22.58
N ASP B 197 -6.43 73.18 -22.83
CA ASP B 197 -6.20 74.62 -22.69
C ASP B 197 -6.05 75.06 -21.26
N ARG B 198 -6.62 74.34 -20.29
CA ARG B 198 -6.47 74.71 -18.90
C ARG B 198 -5.06 74.43 -18.41
N TYR B 199 -4.47 73.32 -18.84
CA TYR B 199 -3.13 72.95 -18.41
C TYR B 199 -2.05 73.57 -19.27
N GLU B 200 -2.37 73.94 -20.50
CA GLU B 200 -1.44 74.75 -21.27
C GLU B 200 -1.34 76.16 -20.74
N ALA B 201 -2.46 76.76 -20.33
CA ALA B 201 -2.42 78.13 -19.83
C ALA B 201 -1.81 78.19 -18.45
N HIS B 202 -1.96 77.14 -17.66
CA HIS B 202 -1.41 77.15 -16.31
C HIS B 202 0.09 76.92 -16.31
N HIS B 203 0.58 76.01 -17.14
CA HIS B 203 1.99 75.65 -17.12
C HIS B 203 2.79 76.39 -18.16
N ARG B 204 2.15 77.22 -18.98
CA ARG B 204 2.77 77.98 -20.07
C ARG B 204 3.48 77.05 -21.06
N VAL B 205 2.87 75.89 -21.29
CA VAL B 205 3.42 74.87 -22.16
C VAL B 205 2.45 74.62 -23.31
N SER B 206 2.87 73.75 -24.22
CA SER B 206 2.02 73.25 -25.28
C SER B 206 2.00 71.73 -25.17
N ILE B 207 0.82 71.14 -25.24
CA ILE B 207 0.67 69.71 -25.02
C ILE B 207 0.31 69.07 -26.35
N THR B 208 1.21 68.24 -26.86
CA THR B 208 1.01 67.60 -28.14
C THR B 208 -0.13 66.59 -28.03
N ASP B 209 -0.82 66.34 -29.15
CA ASP B 209 -1.85 65.32 -29.18
C ASP B 209 -1.28 63.93 -28.92
N ALA B 210 0.00 63.76 -29.27
CA ALA B 210 0.72 62.54 -28.91
C ALA B 210 0.83 62.38 -27.40
N ALA B 211 0.96 63.50 -26.67
CA ALA B 211 1.19 63.41 -25.24
C ALA B 211 -0.06 62.98 -24.50
N MET B 212 -1.23 63.37 -25.00
CA MET B 212 -2.48 63.01 -24.34
C MET B 212 -3.00 61.65 -24.75
N VAL B 213 -2.69 61.22 -25.97
CA VAL B 213 -2.90 59.83 -26.34
C VAL B 213 -2.00 58.94 -25.51
N ALA B 214 -0.75 59.37 -25.29
CA ALA B 214 0.14 58.61 -24.42
C ALA B 214 -0.29 58.69 -22.96
N ALA B 215 -0.75 59.84 -22.49
CA ALA B 215 -1.11 59.96 -21.09
C ALA B 215 -2.32 59.14 -20.73
N ALA B 216 -3.25 58.93 -21.66
CA ALA B 216 -4.35 58.04 -21.34
C ALA B 216 -3.97 56.59 -21.53
N THR B 217 -3.14 56.30 -22.52
CA THR B 217 -2.76 54.91 -22.79
C THR B 217 -1.78 54.40 -21.74
N LEU B 218 -0.76 55.20 -21.42
CA LEU B 218 0.24 54.74 -20.47
C LEU B 218 -0.27 54.75 -19.04
N ALA B 219 -1.25 55.58 -18.73
CA ALA B 219 -1.78 55.55 -17.37
C ALA B 219 -2.72 54.38 -17.18
N ASP B 220 -3.51 54.05 -18.20
CA ASP B 220 -4.39 52.89 -18.10
C ASP B 220 -3.59 51.59 -18.07
N ARG B 221 -2.41 51.58 -18.68
CA ARG B 221 -1.60 50.38 -18.75
C ARG B 221 -0.76 50.19 -17.49
N TYR B 222 -0.12 51.24 -17.01
CA TYR B 222 0.92 51.09 -16.00
C TYR B 222 0.49 51.49 -14.60
N ILE B 223 -0.81 51.67 -14.35
CA ILE B 223 -1.34 51.98 -13.04
C ILE B 223 -2.57 51.10 -12.85
N ASN B 224 -2.73 50.56 -11.65
CA ASN B 224 -4.02 49.94 -11.35
C ASN B 224 -4.54 50.39 -10.00
N ASP B 225 -3.81 51.28 -9.34
CA ASP B 225 -4.27 51.88 -8.10
C ASP B 225 -5.12 53.11 -8.33
N ARG B 226 -4.99 53.74 -9.50
CA ARG B 226 -5.73 55.01 -9.77
C ARG B 226 -6.75 54.80 -10.91
N PHE B 227 -7.53 55.83 -11.25
CA PHE B 227 -8.61 55.66 -12.27
C PHE B 227 -8.34 56.56 -13.49
N LEU B 228 -8.73 56.10 -14.69
CA LEU B 228 -8.34 56.76 -15.96
C LEU B 228 -8.34 58.29 -15.94
N PRO B 229 -9.48 59.00 -15.85
CA PRO B 229 -9.47 60.46 -16.03
C PRO B 229 -8.31 61.04 -15.22
N ASP B 230 -8.28 60.81 -13.91
CA ASP B 230 -7.25 61.43 -13.04
C ASP B 230 -5.84 60.98 -13.43
N LYS B 231 -5.54 59.68 -13.37
CA LYS B 231 -4.14 59.24 -13.62
C LYS B 231 -3.60 59.88 -14.90
N ALA B 232 -4.43 59.99 -15.94
CA ALA B 232 -3.97 60.58 -17.20
C ALA B 232 -3.80 62.07 -17.06
N ILE B 233 -4.67 62.71 -16.29
CA ILE B 233 -4.50 64.13 -15.98
C ILE B 233 -3.27 64.33 -15.10
N ASP B 234 -2.99 63.36 -14.21
CA ASP B 234 -1.77 63.39 -13.41
C ASP B 234 -0.52 63.42 -14.26
N LEU B 235 -0.52 62.71 -15.38
CA LEU B 235 0.66 62.69 -16.23
C LEU B 235 0.78 63.97 -17.02
N ILE B 236 -0.35 64.51 -17.49
CA ILE B 236 -0.36 65.76 -18.23
C ILE B 236 0.04 66.92 -17.32
N ASP B 237 -0.49 66.94 -16.11
CA ASP B 237 -0.27 68.07 -15.22
C ASP B 237 1.16 68.07 -14.70
N GLU B 238 1.71 66.90 -14.38
CA GLU B 238 3.05 66.85 -13.84
C GLU B 238 4.12 67.00 -14.92
N ALA B 239 3.83 66.58 -16.15
CA ALA B 239 4.77 66.82 -17.23
C ALA B 239 4.76 68.28 -17.64
N GLY B 240 3.59 68.92 -17.60
CA GLY B 240 3.54 70.35 -17.80
C GLY B 240 4.21 71.11 -16.67
N ALA B 241 4.13 70.58 -15.45
CA ALA B 241 4.83 71.20 -14.33
C ALA B 241 6.32 70.90 -14.35
N ARG B 242 6.73 69.79 -14.96
CA ARG B 242 8.17 69.58 -15.13
C ARG B 242 8.71 70.48 -16.21
N MET B 243 7.93 70.75 -17.25
CA MET B 243 8.41 71.61 -18.33
C MET B 243 8.42 73.08 -17.96
N ARG B 244 7.57 73.51 -17.04
CA ARG B 244 7.68 74.88 -16.58
C ARG B 244 8.80 75.07 -15.58
N ILE B 245 9.41 73.98 -15.11
CA ILE B 245 10.69 74.04 -14.43
C ILE B 245 11.87 74.06 -15.38
N ARG B 246 11.73 73.44 -16.55
CA ARG B 246 12.83 73.38 -17.50
C ARG B 246 12.95 74.65 -18.33
N ARG B 247 11.83 75.35 -18.56
CA ARG B 247 11.84 76.52 -19.41
C ARG B 247 12.49 77.73 -18.75
N MET B 248 12.68 77.69 -17.43
CA MET B 248 13.46 78.72 -16.76
C MET B 248 14.60 78.04 -16.00
N ALA B 310 8.34 75.66 -25.05
CA ALA B 310 8.25 74.52 -24.15
C ALA B 310 7.05 73.66 -24.54
N GLU B 311 7.30 72.37 -24.75
CA GLU B 311 6.29 71.49 -25.32
C GLU B 311 6.30 70.16 -24.59
N VAL B 312 5.10 69.68 -24.26
CA VAL B 312 4.92 68.38 -23.63
C VAL B 312 4.55 67.39 -24.72
N ASP B 313 5.45 66.47 -25.01
CA ASP B 313 5.24 65.43 -25.99
C ASP B 313 5.13 64.11 -25.22
N ASP B 314 4.98 63.00 -25.94
CA ASP B 314 4.80 61.70 -25.28
C ASP B 314 6.03 61.23 -24.52
N GLU B 315 7.21 61.73 -24.88
CA GLU B 315 8.40 61.36 -24.12
C GLU B 315 8.40 61.99 -22.73
N GLN B 316 7.86 63.19 -22.59
CA GLN B 316 7.77 63.82 -21.29
C GLN B 316 6.69 63.20 -20.43
N ILE B 317 5.66 62.64 -21.05
CA ILE B 317 4.66 61.87 -20.30
C ILE B 317 5.28 60.59 -19.77
N ALA B 318 6.09 59.94 -20.59
CA ALA B 318 6.71 58.70 -20.18
C ALA B 318 7.86 58.93 -19.20
N GLU B 319 8.47 60.12 -19.19
CA GLU B 319 9.41 60.43 -18.11
C GLU B 319 8.70 60.55 -16.78
N VAL B 320 7.52 61.15 -16.78
CA VAL B 320 6.76 61.35 -15.55
C VAL B 320 6.22 60.02 -15.04
N LEU B 321 5.75 59.17 -15.94
CA LEU B 321 5.27 57.85 -15.54
C LEU B 321 6.42 56.98 -15.06
N GLY B 322 7.60 57.10 -15.66
CA GLY B 322 8.74 56.37 -15.19
C GLY B 322 9.25 56.86 -13.84
N ASN B 323 9.08 58.15 -13.55
CA ASN B 323 9.47 58.67 -12.25
C ASN B 323 8.51 58.23 -11.16
N TRP B 324 7.32 57.77 -11.53
CA TRP B 324 6.25 57.61 -10.57
C TRP B 324 5.87 56.16 -10.35
N THR B 325 5.82 55.37 -11.40
CA THR B 325 5.66 53.93 -11.21
C THR B 325 6.99 53.25 -11.05
N GLY B 326 8.07 53.86 -11.52
CA GLY B 326 9.35 53.20 -11.52
C GLY B 326 9.55 52.29 -12.69
N ILE B 327 8.63 52.31 -13.65
CA ILE B 327 8.65 51.43 -14.81
C ILE B 327 9.30 52.20 -15.95
N PRO B 328 10.41 51.73 -16.50
CA PRO B 328 11.02 52.43 -17.62
C PRO B 328 10.23 52.30 -18.90
N VAL B 329 9.51 53.36 -19.23
CA VAL B 329 8.72 53.43 -20.45
C VAL B 329 9.15 54.56 -21.34
N PHE B 330 10.13 55.34 -20.93
CA PHE B 330 10.53 56.53 -21.64
C PHE B 330 11.37 56.18 -22.86
N LYS B 331 11.53 57.16 -23.74
CA LYS B 331 12.29 56.95 -24.97
C LYS B 331 13.75 56.70 -24.65
N LEU B 332 14.33 55.74 -25.35
CA LEU B 332 15.56 55.11 -24.94
C LEU B 332 16.75 56.02 -25.27
N THR B 333 17.56 56.31 -24.26
CA THR B 333 18.83 56.97 -24.47
C THR B 333 19.73 56.08 -25.31
N GLU B 334 20.52 56.69 -26.21
CA GLU B 334 21.46 55.94 -27.03
C GLU B 334 22.52 55.26 -26.18
N ALA B 335 22.84 55.83 -25.03
CA ALA B 335 23.72 55.13 -24.08
C ALA B 335 23.01 53.96 -23.43
N GLU B 336 21.71 54.11 -23.17
CA GLU B 336 20.96 53.01 -22.57
C GLU B 336 20.59 51.97 -23.61
N THR B 337 20.36 52.40 -24.85
CA THR B 337 20.11 51.46 -25.93
C THR B 337 21.32 50.58 -26.20
N THR B 338 22.52 51.17 -26.15
CA THR B 338 23.75 50.40 -26.27
C THR B 338 23.89 49.44 -25.10
N ARG B 339 23.49 49.88 -23.91
CA ARG B 339 23.55 49.03 -22.73
C ARG B 339 22.57 47.85 -22.82
N LEU B 340 21.43 48.04 -23.47
CA LEU B 340 20.50 46.93 -23.63
C LEU B 340 20.94 45.98 -24.73
N LEU B 341 21.54 46.49 -25.80
CA LEU B 341 22.05 45.61 -26.83
C LEU B 341 23.29 44.88 -26.35
N ARG B 342 24.08 45.53 -25.49
CA ARG B 342 25.20 44.89 -24.79
C ARG B 342 24.74 44.48 -23.39
N MET B 343 23.70 43.67 -23.35
CA MET B 343 23.19 43.18 -22.07
C MET B 343 23.78 41.84 -21.73
N GLU B 344 23.86 40.96 -22.73
CA GLU B 344 24.44 39.65 -22.56
C GLU B 344 25.91 39.75 -22.17
N GLU B 345 26.59 40.76 -22.70
CA GLU B 345 27.99 40.97 -22.33
C GLU B 345 28.10 41.56 -20.93
N GLU B 346 27.17 42.41 -20.53
CA GLU B 346 27.29 43.03 -19.22
C GLU B 346 26.73 42.14 -18.12
N LEU B 347 25.88 41.18 -18.47
CA LEU B 347 25.52 40.16 -17.49
C LEU B 347 26.60 39.11 -17.35
N HIS B 348 27.46 38.95 -18.35
CA HIS B 348 28.59 38.05 -18.28
C HIS B 348 29.75 38.63 -17.49
N LYS B 349 29.65 39.87 -17.02
CA LYS B 349 30.61 40.37 -16.06
C LYS B 349 30.39 39.75 -14.69
N ARG B 350 29.21 39.23 -14.43
CA ARG B 350 28.93 38.52 -13.19
C ARG B 350 28.61 37.05 -13.40
N ILE B 351 28.19 36.65 -14.59
CA ILE B 351 27.76 35.29 -14.85
C ILE B 351 28.71 34.65 -15.84
N ILE B 352 29.51 33.72 -15.38
CA ILE B 352 30.44 33.01 -16.25
C ILE B 352 29.66 31.93 -16.97
N GLY B 353 29.74 31.93 -18.29
CA GLY B 353 29.03 30.98 -19.08
C GLY B 353 27.54 31.25 -19.01
N GLN B 354 26.80 30.14 -19.06
CA GLN B 354 25.34 30.12 -18.99
C GLN B 354 24.70 31.04 -20.03
N GLU B 355 25.26 31.03 -21.23
CA GLU B 355 24.86 32.02 -22.23
C GLU B 355 23.46 31.77 -22.76
N ASP B 356 22.91 30.56 -22.58
CA ASP B 356 21.55 30.27 -23.00
C ASP B 356 20.55 31.07 -22.18
N ALA B 357 20.83 31.23 -20.89
CA ALA B 357 19.91 31.92 -20.00
C ALA B 357 20.22 33.40 -19.88
N VAL B 358 21.46 33.79 -20.12
CA VAL B 358 21.80 35.20 -20.16
C VAL B 358 21.16 35.85 -21.36
N LYS B 359 21.16 35.16 -22.49
CA LYS B 359 20.47 35.69 -23.66
C LYS B 359 18.96 35.56 -23.51
N ALA B 360 18.47 34.62 -22.70
CA ALA B 360 17.03 34.48 -22.56
C ALA B 360 16.45 35.60 -21.73
N VAL B 361 17.12 35.99 -20.65
CA VAL B 361 16.63 37.13 -19.89
C VAL B 361 16.99 38.43 -20.56
N SER B 362 17.92 38.42 -21.49
CA SER B 362 18.21 39.65 -22.23
C SER B 362 17.20 39.87 -23.33
N LYS B 363 16.69 38.79 -23.90
CA LYS B 363 15.61 38.92 -24.86
C LYS B 363 14.33 39.38 -24.19
N ALA B 364 14.15 39.08 -22.90
CA ALA B 364 12.94 39.52 -22.21
C ALA B 364 12.98 41.00 -21.90
N ILE B 365 14.14 41.52 -21.52
CA ILE B 365 14.25 42.93 -21.19
C ILE B 365 14.24 43.78 -22.44
N ARG B 366 14.90 43.31 -23.50
CA ARG B 366 14.86 44.04 -24.77
C ARG B 366 13.48 44.02 -25.39
N ARG B 367 12.70 42.97 -25.14
CA ARG B 367 11.33 42.94 -25.64
C ARG B 367 10.46 43.91 -24.86
N THR B 368 10.78 44.15 -23.59
CA THR B 368 10.05 45.13 -22.81
C THR B 368 10.42 46.54 -23.22
N ARG B 369 11.71 46.81 -23.40
CA ARG B 369 12.14 48.16 -23.73
C ARG B 369 11.87 48.49 -25.18
N ALA B 370 11.70 47.50 -26.04
CA ALA B 370 11.19 47.80 -27.36
C ALA B 370 9.68 47.93 -27.37
N GLY B 371 9.01 47.73 -26.24
CA GLY B 371 7.56 47.82 -26.23
C GLY B 371 6.88 46.70 -26.97
N LEU B 372 7.58 45.59 -27.16
CA LEU B 372 7.02 44.46 -27.89
C LEU B 372 6.57 43.33 -26.97
N LYS B 373 6.52 43.55 -25.68
CA LYS B 373 6.01 42.53 -24.79
C LYS B 373 4.49 42.63 -24.73
N ASP B 374 3.85 41.50 -24.52
CA ASP B 374 2.40 41.43 -24.35
C ASP B 374 2.01 42.26 -23.13
N PRO B 375 1.14 43.27 -23.28
CA PRO B 375 0.83 44.12 -22.13
C PRO B 375 0.02 43.40 -21.07
N LYS B 376 -0.59 42.27 -21.39
CA LYS B 376 -1.35 41.51 -20.41
C LYS B 376 -0.47 40.54 -19.64
N ARG B 377 0.68 40.21 -20.16
CA ARG B 377 1.56 39.25 -19.53
C ARG B 377 2.73 39.96 -18.87
N PRO B 378 3.43 39.30 -17.94
CA PRO B 378 4.67 39.87 -17.40
C PRO B 378 5.78 40.01 -18.43
N SER B 379 6.83 40.74 -18.05
CA SER B 379 7.92 41.04 -18.98
C SER B 379 8.69 39.79 -19.38
N GLY B 380 8.75 38.82 -18.50
CA GLY B 380 9.37 37.55 -18.79
C GLY B 380 9.10 36.59 -17.67
N SER B 381 8.80 35.35 -18.00
CA SER B 381 8.62 34.31 -17.02
C SER B 381 9.62 33.20 -17.32
N PHE B 382 10.44 32.86 -16.34
CA PHE B 382 11.54 31.94 -16.57
C PHE B 382 11.57 30.88 -15.49
N ILE B 383 11.88 29.66 -15.89
CA ILE B 383 12.32 28.63 -14.97
C ILE B 383 13.79 28.41 -15.23
N PHE B 384 14.61 28.80 -14.28
CA PHE B 384 16.03 28.49 -14.33
C PHE B 384 16.21 27.13 -13.69
N ALA B 385 16.37 26.12 -14.51
CA ALA B 385 16.55 24.80 -13.95
C ALA B 385 17.96 24.33 -14.25
N GLY B 386 18.35 23.25 -13.61
CA GLY B 386 19.66 22.73 -13.83
C GLY B 386 20.29 22.22 -12.56
N PRO B 387 21.60 22.11 -12.55
CA PRO B 387 22.30 21.59 -11.37
C PRO B 387 22.58 22.70 -10.37
N SER B 388 22.93 22.30 -9.16
CA SER B 388 23.17 23.24 -8.08
C SER B 388 24.49 23.95 -8.29
N GLY B 389 24.50 25.26 -8.04
CA GLY B 389 25.72 26.03 -8.01
C GLY B 389 26.13 26.70 -9.30
N VAL B 390 25.38 26.51 -10.39
CA VAL B 390 25.85 26.96 -11.69
C VAL B 390 25.37 28.35 -12.05
N GLY B 391 24.65 29.00 -11.16
CA GLY B 391 24.32 30.41 -11.36
C GLY B 391 22.88 30.69 -11.71
N LYS B 392 21.96 29.93 -11.14
CA LYS B 392 20.54 30.23 -11.28
C LYS B 392 20.13 31.42 -10.42
N THR B 393 20.50 31.38 -9.13
CA THR B 393 20.22 32.54 -8.27
C THR B 393 21.14 33.70 -8.61
N GLU B 394 22.35 33.42 -9.09
CA GLU B 394 23.28 34.51 -9.39
C GLU B 394 22.89 35.26 -10.64
N LEU B 395 22.23 34.62 -11.60
CA LEU B 395 21.77 35.33 -12.77
C LEU B 395 20.57 36.21 -12.42
N SER B 396 19.73 35.74 -11.51
CA SER B 396 18.63 36.55 -11.01
C SER B 396 19.14 37.77 -10.26
N LYS B 397 20.27 37.62 -9.58
CA LYS B 397 20.88 38.76 -8.92
C LYS B 397 21.64 39.63 -9.91
N ALA B 398 22.19 39.02 -10.96
CA ALA B 398 22.86 39.82 -11.98
C ALA B 398 21.85 40.58 -12.82
N LEU B 399 20.68 39.99 -13.05
CA LEU B 399 19.63 40.69 -13.77
C LEU B 399 19.05 41.82 -12.94
N ALA B 400 18.95 41.63 -11.63
CA ALA B 400 18.44 42.69 -10.78
C ALA B 400 19.44 43.82 -10.63
N ASN B 401 20.74 43.51 -10.62
CA ASN B 401 21.72 44.58 -10.59
C ASN B 401 21.83 45.27 -11.93
N PHE B 402 21.56 44.55 -13.03
CA PHE B 402 21.55 45.21 -14.32
C PHE B 402 20.42 46.21 -14.43
N LEU B 403 19.25 45.85 -13.91
CA LEU B 403 18.09 46.71 -14.06
C LEU B 403 18.02 47.78 -12.99
N PHE B 404 18.73 47.61 -11.87
CA PHE B 404 18.55 48.51 -10.74
C PHE B 404 19.84 48.98 -10.07
N GLY B 405 20.99 48.39 -10.37
CA GLY B 405 22.20 48.75 -9.69
C GLY B 405 22.43 48.06 -8.37
N ASP B 406 21.43 47.38 -7.83
CA ASP B 406 21.56 46.63 -6.59
C ASP B 406 20.98 45.25 -6.84
N ASP B 407 21.68 44.21 -6.40
CA ASP B 407 21.07 42.89 -6.44
C ASP B 407 20.15 42.66 -5.24
N ASP B 408 20.10 43.60 -4.30
CA ASP B 408 19.11 43.58 -3.24
C ASP B 408 17.78 44.16 -3.68
N ALA B 409 17.70 44.69 -4.90
CA ALA B 409 16.42 45.06 -5.49
C ALA B 409 15.67 43.86 -6.03
N LEU B 410 16.31 42.70 -6.05
CA LEU B 410 15.64 41.46 -6.38
C LEU B 410 14.60 41.13 -5.32
N ILE B 411 13.35 41.00 -5.73
CA ILE B 411 12.31 40.49 -4.83
C ILE B 411 12.51 38.98 -4.80
N GLN B 412 13.08 38.48 -3.73
CA GLN B 412 13.53 37.09 -3.67
C GLN B 412 12.62 36.35 -2.72
N ILE B 413 11.64 35.64 -3.27
CA ILE B 413 10.74 34.82 -2.47
C ILE B 413 11.34 33.42 -2.43
N ASP B 414 12.01 33.10 -1.33
CA ASP B 414 12.66 31.81 -1.19
C ASP B 414 11.61 30.75 -0.88
N MET B 415 11.36 29.84 -1.82
CA MET B 415 10.19 28.98 -1.76
C MET B 415 10.41 27.75 -0.90
N GLY B 416 11.57 27.61 -0.29
CA GLY B 416 11.80 26.49 0.59
C GLY B 416 11.03 26.63 1.88
N GLU B 417 10.71 27.85 2.26
CA GLU B 417 9.90 28.10 3.44
C GLU B 417 8.42 27.96 3.17
N PHE B 418 8.03 27.44 2.01
CA PHE B 418 6.65 27.11 1.77
C PHE B 418 6.57 25.60 1.78
N HIS B 419 5.97 25.04 2.82
CA HIS B 419 6.17 23.62 3.06
C HIS B 419 4.83 22.91 3.00
N ASP B 420 3.77 23.66 3.22
CA ASP B 420 2.43 23.13 3.02
C ASP B 420 1.59 24.24 2.44
N ARG B 421 0.37 23.91 2.04
CA ARG B 421 -0.47 24.77 1.21
C ARG B 421 -0.77 26.11 1.85
N PHE B 422 -0.84 26.12 3.17
CA PHE B 422 -1.35 27.23 3.93
C PHE B 422 -0.40 28.41 4.00
N THR B 423 0.85 28.24 3.58
CA THR B 423 1.80 29.35 3.50
C THR B 423 1.62 30.17 2.23
N ALA B 424 0.60 29.88 1.42
CA ALA B 424 0.28 30.72 0.28
C ALA B 424 -0.21 32.08 0.69
N SER B 425 -0.74 32.21 1.91
CA SER B 425 -1.16 33.50 2.44
C SER B 425 0.00 34.39 2.80
N ARG B 426 1.24 33.92 2.70
CA ARG B 426 2.36 34.82 2.69
C ARG B 426 2.44 35.59 1.39
N LEU B 427 2.10 34.96 0.27
CA LEU B 427 2.17 35.64 -1.02
C LEU B 427 1.12 36.72 -1.14
N PHE B 428 -0.15 36.37 -1.00
CA PHE B 428 -1.21 37.32 -1.27
C PHE B 428 -1.83 37.93 -0.03
N GLY B 429 -1.63 37.36 1.14
CA GLY B 429 -2.16 37.93 2.37
C GLY B 429 -3.21 37.05 3.00
N ALA B 430 -3.62 37.45 4.19
CA ALA B 430 -4.72 36.78 4.84
C ALA B 430 -6.04 37.23 4.22
N PRO B 431 -7.04 36.38 4.19
CA PRO B 431 -8.38 36.79 3.77
C PRO B 431 -9.02 37.68 4.82
N PRO B 432 -10.16 38.33 4.51
CA PRO B 432 -10.81 39.17 5.51
C PRO B 432 -11.28 38.42 6.74
N GLY B 433 -10.98 38.99 7.90
CA GLY B 433 -11.42 38.45 9.15
C GLY B 433 -10.44 37.47 9.76
N TYR B 434 -9.16 37.65 9.48
CA TYR B 434 -8.10 36.79 10.01
C TYR B 434 -6.92 37.68 10.33
N VAL B 435 -5.98 37.17 11.13
CA VAL B 435 -4.86 38.01 11.55
C VAL B 435 -3.93 38.22 10.38
N GLY B 436 -3.26 39.36 10.37
CA GLY B 436 -2.46 39.72 9.23
C GLY B 436 -3.24 40.07 7.99
N TYR B 437 -4.52 40.37 8.13
CA TYR B 437 -5.29 40.87 6.99
C TYR B 437 -4.84 42.28 6.63
N GLU B 438 -4.49 43.08 7.64
CA GLU B 438 -4.05 44.44 7.38
C GLU B 438 -2.64 44.48 6.82
N GLU B 439 -1.80 43.51 7.16
CA GLU B 439 -0.45 43.42 6.63
C GLU B 439 -0.39 42.70 5.29
N GLY B 440 -1.50 42.67 4.56
CA GLY B 440 -1.77 41.64 3.57
C GLY B 440 -0.84 41.53 2.38
N GLY B 441 -0.05 40.47 2.38
CA GLY B 441 0.77 40.16 1.24
C GLY B 441 2.22 40.53 1.46
N GLN B 442 3.09 39.58 1.14
CA GLN B 442 4.51 39.86 1.12
C GLN B 442 5.01 39.96 -0.31
N LEU B 443 4.58 39.04 -1.17
CA LEU B 443 4.88 39.15 -2.58
C LEU B 443 4.16 40.31 -3.21
N THR B 444 2.87 40.46 -2.90
CA THR B 444 2.06 41.46 -3.56
C THR B 444 2.45 42.87 -3.18
N GLU B 445 2.79 43.10 -1.92
CA GLU B 445 3.15 44.44 -1.50
C GLU B 445 4.53 44.85 -1.96
N LYS B 446 5.44 43.89 -2.16
CA LYS B 446 6.74 44.23 -2.71
C LYS B 446 6.65 44.60 -4.18
N VAL B 447 5.67 44.04 -4.89
CA VAL B 447 5.49 44.34 -6.30
C VAL B 447 4.51 45.49 -6.52
N ARG B 448 3.57 45.71 -5.59
CA ARG B 448 2.75 46.90 -5.72
C ARG B 448 3.57 48.16 -5.47
N ARG B 449 4.62 48.06 -4.66
CA ARG B 449 5.50 49.20 -4.48
C ARG B 449 6.53 49.31 -5.59
N LYS B 450 7.00 48.20 -6.13
CA LYS B 450 7.94 48.22 -7.25
C LYS B 450 7.37 47.37 -8.38
N PRO B 451 6.58 47.96 -9.29
CA PRO B 451 5.94 47.18 -10.34
C PRO B 451 6.93 46.60 -11.35
N PHE B 452 7.89 47.39 -11.75
CA PHE B 452 9.01 46.87 -12.53
C PHE B 452 9.98 46.24 -11.55
N SER B 453 10.02 44.92 -11.54
CA SER B 453 10.83 44.18 -10.59
C SER B 453 11.31 42.91 -11.26
N VAL B 454 12.32 42.31 -10.67
CA VAL B 454 12.66 40.92 -10.94
C VAL B 454 12.24 40.16 -9.71
N VAL B 455 11.27 39.27 -9.85
CA VAL B 455 10.77 38.49 -8.74
C VAL B 455 11.36 37.10 -8.82
N LEU B 456 12.12 36.72 -7.80
CA LEU B 456 12.80 35.44 -7.77
C LEU B 456 12.05 34.49 -6.87
N PHE B 457 11.53 33.42 -7.46
CA PHE B 457 10.95 32.32 -6.69
C PHE B 457 12.02 31.25 -6.58
N ASP B 458 12.90 31.42 -5.62
CA ASP B 458 14.08 30.58 -5.51
C ASP B 458 13.71 29.25 -4.87
N ALA B 459 14.37 28.19 -5.36
CA ALA B 459 14.13 26.79 -4.97
C ALA B 459 12.65 26.45 -5.11
N ILE B 460 12.15 26.52 -6.34
CA ILE B 460 10.71 26.55 -6.56
C ILE B 460 10.06 25.20 -6.30
N GLU B 461 10.74 24.09 -6.55
CA GLU B 461 10.18 22.77 -6.33
C GLU B 461 10.05 22.42 -4.85
N LYS B 462 10.66 23.20 -3.97
CA LYS B 462 10.55 23.01 -2.53
C LYS B 462 9.23 23.55 -1.97
N ALA B 463 8.43 24.23 -2.78
CA ALA B 463 7.15 24.71 -2.32
C ALA B 463 6.13 23.57 -2.38
N HIS B 464 4.98 23.81 -1.78
CA HIS B 464 3.86 22.90 -1.90
C HIS B 464 3.30 23.01 -3.31
N GLN B 465 2.59 21.96 -3.74
CA GLN B 465 2.01 21.96 -5.09
C GLN B 465 0.98 23.05 -5.25
N GLU B 466 0.24 23.36 -4.20
CA GLU B 466 -0.83 24.33 -4.29
C GLU B 466 -0.34 25.77 -4.16
N ILE B 467 0.96 26.00 -4.07
CA ILE B 467 1.47 27.37 -4.12
C ILE B 467 1.47 27.87 -5.55
N TYR B 468 1.65 26.98 -6.52
CA TYR B 468 1.68 27.35 -7.93
C TYR B 468 0.33 27.78 -8.44
N ASN B 469 -0.73 27.21 -7.88
CA ASN B 469 -2.06 27.55 -8.32
C ASN B 469 -2.39 28.98 -7.96
N SER B 470 -1.78 29.50 -6.90
CA SER B 470 -1.82 30.92 -6.63
C SER B 470 -1.07 31.72 -7.70
N LEU B 471 -0.04 31.15 -8.29
CA LEU B 471 0.82 31.85 -9.23
C LEU B 471 0.46 31.59 -10.68
N LEU B 472 -0.67 30.92 -10.95
CA LEU B 472 -1.06 30.69 -12.33
C LEU B 472 -1.57 31.97 -12.98
N GLN B 473 -2.37 32.74 -12.25
CA GLN B 473 -2.79 34.05 -12.75
C GLN B 473 -1.64 35.02 -12.85
N VAL B 474 -0.59 34.81 -12.06
CA VAL B 474 0.59 35.65 -12.06
C VAL B 474 1.30 35.58 -13.41
N LEU B 475 1.37 34.41 -14.00
CA LEU B 475 2.16 34.20 -15.19
C LEU B 475 1.41 34.53 -16.46
N GLU B 476 0.12 34.26 -16.50
CA GLU B 476 -0.68 34.46 -17.71
C GLU B 476 -1.36 35.82 -17.69
N ASP B 477 -2.05 36.13 -16.61
CA ASP B 477 -2.81 37.36 -16.54
C ASP B 477 -2.02 38.52 -15.96
N GLY B 478 -0.92 38.24 -15.27
CA GLY B 478 -0.17 39.33 -14.64
C GLY B 478 -0.87 39.88 -13.42
N ARG B 479 -1.70 39.07 -12.78
CA ARG B 479 -2.52 39.50 -11.66
C ARG B 479 -2.18 38.65 -10.45
N LEU B 480 -2.27 39.24 -9.27
CA LEU B 480 -2.31 38.46 -8.04
C LEU B 480 -3.11 39.30 -7.06
N THR B 481 -4.37 38.94 -6.88
CA THR B 481 -5.25 39.69 -6.01
C THR B 481 -4.89 39.43 -4.55
N ASP B 482 -4.83 40.50 -3.77
CA ASP B 482 -4.62 40.45 -2.33
C ASP B 482 -5.74 39.68 -1.64
N GLY B 483 -5.48 39.33 -0.38
CA GLY B 483 -6.56 38.98 0.51
C GLY B 483 -7.46 40.18 0.78
N GLN B 484 -6.87 41.38 0.72
CA GLN B 484 -7.64 42.61 0.80
C GLN B 484 -8.40 42.93 -0.47
N GLY B 485 -8.10 42.22 -1.56
CA GLY B 485 -8.86 42.37 -2.77
C GLY B 485 -8.24 43.26 -3.81
N ARG B 486 -7.15 43.92 -3.48
CA ARG B 486 -6.46 44.78 -4.43
C ARG B 486 -5.64 43.90 -5.35
N THR B 487 -5.99 43.91 -6.63
CA THR B 487 -5.22 43.20 -7.63
C THR B 487 -3.93 43.94 -7.89
N VAL B 488 -2.81 43.24 -7.76
CA VAL B 488 -1.50 43.81 -7.92
C VAL B 488 -1.00 43.49 -9.32
N ASP B 489 -0.57 44.51 -10.04
CA ASP B 489 -0.13 44.38 -11.42
C ASP B 489 1.23 43.68 -11.45
N PHE B 490 1.30 42.52 -12.07
CA PHE B 490 2.59 41.85 -12.26
C PHE B 490 3.04 41.89 -13.70
N LYS B 491 2.44 42.75 -14.51
CA LYS B 491 2.65 42.75 -15.94
C LYS B 491 3.99 43.37 -16.34
N ASN B 492 4.74 43.90 -15.39
CA ASN B 492 6.02 44.53 -15.66
C ASN B 492 7.16 43.81 -14.95
N THR B 493 6.89 42.66 -14.37
CA THR B 493 7.88 41.93 -13.63
C THR B 493 8.60 40.93 -14.50
N VAL B 494 9.81 40.56 -14.09
CA VAL B 494 10.51 39.41 -14.63
C VAL B 494 10.41 38.33 -13.56
N LEU B 495 9.59 37.32 -13.84
CA LEU B 495 9.36 36.25 -12.88
C LEU B 495 10.37 35.15 -13.15
N ILE B 496 11.14 34.78 -12.14
CA ILE B 496 12.15 33.75 -12.29
C ILE B 496 11.92 32.69 -11.24
N PHE B 497 11.84 31.45 -11.69
CA PHE B 497 11.59 30.29 -10.84
C PHE B 497 12.84 29.42 -10.91
N THR B 498 13.81 29.64 -10.03
CA THR B 498 14.98 28.78 -10.08
C THR B 498 14.68 27.43 -9.44
N SER B 499 15.22 26.36 -10.01
CA SER B 499 14.89 25.00 -9.50
C SER B 499 16.06 24.04 -9.71
N ASN B 500 16.13 23.00 -8.88
CA ASN B 500 17.18 21.96 -9.03
C ASN B 500 16.48 20.64 -9.35
N LEU B 501 15.31 20.70 -9.97
CA LEU B 501 14.51 19.48 -10.28
C LEU B 501 15.29 18.61 -11.26
N GLY B 502 15.35 17.31 -11.00
CA GLY B 502 16.03 16.38 -11.92
C GLY B 502 17.51 16.63 -12.04
N THR B 503 18.22 16.79 -10.92
CA THR B 503 19.65 17.14 -11.02
C THR B 503 20.46 16.56 -9.85
N SER B 504 20.14 15.34 -9.39
CA SER B 504 20.99 14.68 -8.37
C SER B 504 22.27 13.90 -8.73
N ASP B 505 22.17 12.81 -9.48
CA ASP B 505 23.43 12.19 -9.98
C ASP B 505 22.95 12.71 -11.33
N ILE B 506 23.81 13.37 -12.11
CA ILE B 506 23.23 14.03 -13.26
C ILE B 506 24.31 14.19 -14.35
N SER B 507 23.86 14.43 -15.58
CA SER B 507 24.64 14.43 -16.83
C SER B 507 25.34 13.09 -17.02
N LYS B 508 24.65 12.00 -16.68
CA LYS B 508 25.21 10.65 -16.69
C LYS B 508 24.17 9.67 -17.22
N PRO B 509 24.56 8.48 -17.71
CA PRO B 509 23.57 7.45 -18.03
C PRO B 509 23.11 6.63 -16.85
N VAL B 510 23.37 7.08 -15.62
CA VAL B 510 22.79 6.48 -14.43
C VAL B 510 21.28 6.63 -14.49
N GLY B 511 20.56 5.59 -14.08
CA GLY B 511 19.17 5.48 -14.46
C GLY B 511 18.83 4.09 -14.97
N LEU B 512 19.66 3.12 -14.57
CA LEU B 512 19.39 1.68 -14.67
C LEU B 512 19.21 1.22 -16.10
N GLY B 513 20.29 1.14 -16.87
CA GLY B 513 20.20 0.45 -18.15
C GLY B 513 21.41 0.68 -19.04
N PHE B 514 21.33 0.02 -20.19
CA PHE B 514 22.33 0.15 -21.24
C PHE B 514 22.02 1.35 -22.11
N SER B 515 23.04 2.14 -22.44
CA SER B 515 22.85 3.38 -23.19
C SER B 515 24.02 3.62 -24.14
N LYS B 516 23.83 4.58 -25.04
CA LYS B 516 24.90 4.98 -25.96
C LYS B 516 25.98 5.76 -25.22
N GLY B 517 27.09 6.00 -25.90
CA GLY B 517 28.15 6.85 -25.30
C GLY B 517 27.65 8.27 -25.12
N GLY B 518 27.10 8.61 -23.95
CA GLY B 518 26.53 9.95 -23.73
C GLY B 518 27.59 11.02 -23.57
N GLY B 519 28.80 10.77 -24.08
CA GLY B 519 29.90 11.75 -23.98
C GLY B 519 29.68 12.94 -24.90
N GLU B 520 28.47 13.08 -25.45
CA GLU B 520 28.16 14.20 -26.39
C GLU B 520 27.93 15.48 -25.58
N ASN B 521 27.13 16.42 -26.11
CA ASN B 521 26.80 17.64 -25.34
C ASN B 521 26.58 17.18 -23.89
N ASP B 522 25.98 16.01 -23.72
CA ASP B 522 25.82 15.41 -22.36
C ASP B 522 24.78 16.22 -21.59
N TYR B 523 24.86 17.56 -21.66
CA TYR B 523 23.87 18.42 -20.98
C TYR B 523 22.48 18.09 -21.52
N GLU B 524 22.38 17.81 -22.83
CA GLU B 524 21.07 17.51 -23.45
C GLU B 524 20.42 16.35 -22.68
N ARG B 525 21.19 15.32 -22.36
CA ARG B 525 20.66 14.19 -21.57
C ARG B 525 20.14 14.74 -20.23
N MET B 526 20.87 15.69 -19.64
CA MET B 526 20.41 16.33 -18.37
C MET B 526 19.25 17.28 -18.70
N LYS B 527 19.30 17.95 -19.86
CA LYS B 527 18.22 18.85 -20.25
C LYS B 527 16.90 18.11 -20.40
N GLN B 528 16.89 17.02 -21.15
CA GLN B 528 15.69 16.21 -21.25
C GLN B 528 15.35 15.50 -19.94
N LYS B 529 16.33 15.26 -19.07
CA LYS B 529 16.01 14.71 -17.76
C LYS B 529 15.37 15.76 -16.88
N VAL B 530 15.89 16.99 -16.93
CA VAL B 530 15.34 18.06 -16.13
C VAL B 530 13.97 18.48 -16.66
N ASN B 531 13.81 18.55 -17.99
CA ASN B 531 12.51 18.90 -18.57
C ASN B 531 11.44 17.86 -18.24
N ASP B 532 11.81 16.59 -18.18
CA ASP B 532 10.82 15.56 -17.87
C ASP B 532 10.49 15.54 -16.39
N GLU B 533 11.48 15.75 -15.53
CA GLU B 533 11.23 15.81 -14.09
C GLU B 533 10.50 17.10 -13.71
N LEU B 534 10.66 18.13 -14.54
CA LEU B 534 9.86 19.34 -14.41
C LEU B 534 8.41 19.07 -14.72
N LYS B 535 8.12 18.34 -15.80
CA LYS B 535 6.75 17.98 -16.17
C LYS B 535 6.10 17.03 -15.18
N LYS B 536 6.87 16.22 -14.47
CA LYS B 536 6.32 15.39 -13.42
C LYS B 536 5.95 16.19 -12.19
N HIS B 537 6.80 17.13 -11.78
CA HIS B 537 6.58 17.91 -10.58
C HIS B 537 5.51 18.98 -10.81
N PHE B 538 5.57 19.66 -11.93
CA PHE B 538 4.67 20.77 -12.20
C PHE B 538 3.52 20.30 -13.07
N ARG B 539 2.36 20.85 -12.80
CA ARG B 539 1.21 20.54 -13.64
C ARG B 539 1.40 21.25 -14.99
N PRO B 540 0.88 20.70 -16.09
CA PRO B 540 1.15 21.29 -17.40
C PRO B 540 0.49 22.63 -17.62
N GLU B 541 -0.48 23.02 -16.77
CA GLU B 541 -1.02 24.37 -16.83
C GLU B 541 -0.01 25.40 -16.34
N PHE B 542 0.93 24.99 -15.49
CA PHE B 542 1.94 25.92 -14.99
C PHE B 542 3.06 26.09 -16.00
N LEU B 543 3.54 24.99 -16.57
CA LEU B 543 4.64 25.05 -17.53
C LEU B 543 4.19 25.63 -18.86
N ASN B 544 2.88 25.63 -19.10
CA ASN B 544 2.32 26.27 -20.27
C ASN B 544 2.52 27.77 -20.22
N ARG B 545 2.59 28.34 -19.01
CA ARG B 545 2.59 29.78 -18.78
C ARG B 545 3.99 30.34 -18.59
N ILE B 546 4.98 29.48 -18.51
CA ILE B 546 6.38 29.91 -18.45
C ILE B 546 6.83 30.24 -19.86
N ASP B 547 7.48 31.40 -20.04
CA ASP B 547 7.96 31.79 -21.35
C ASP B 547 9.13 30.92 -21.79
N ASP B 548 10.18 30.85 -20.98
CA ASP B 548 11.33 30.04 -21.30
C ASP B 548 11.69 29.19 -20.09
N ILE B 549 11.88 27.89 -20.31
CA ILE B 549 12.56 27.02 -19.37
C ILE B 549 13.99 26.85 -19.85
N ILE B 550 14.95 27.27 -19.04
CA ILE B 550 16.34 27.12 -19.37
C ILE B 550 16.95 26.15 -18.39
N VAL B 551 17.33 24.98 -18.89
CA VAL B 551 18.11 24.04 -18.11
C VAL B 551 19.55 24.54 -18.17
N PHE B 552 20.15 24.75 -17.01
CA PHE B 552 21.47 25.37 -17.01
C PHE B 552 22.54 24.32 -17.24
N HIS B 553 23.67 24.75 -17.77
CA HIS B 553 24.77 23.84 -18.01
C HIS B 553 25.61 23.66 -16.76
N GLN B 554 26.29 22.53 -16.68
CA GLN B 554 27.38 22.38 -15.73
C GLN B 554 28.47 23.39 -16.04
N LEU B 555 29.13 23.87 -15.00
CA LEU B 555 30.24 24.79 -15.22
C LEU B 555 31.44 23.98 -15.68
N THR B 556 31.92 24.25 -16.88
CA THR B 556 33.08 23.55 -17.41
C THR B 556 34.34 24.08 -16.73
N ARG B 557 35.46 23.40 -16.99
CA ARG B 557 36.71 23.73 -16.32
C ARG B 557 37.23 25.08 -16.78
N GLU B 558 36.98 25.44 -18.03
CA GLU B 558 37.36 26.76 -18.52
C GLU B 558 36.50 27.86 -17.89
N GLU B 559 35.28 27.53 -17.49
CA GLU B 559 34.42 28.47 -16.80
C GLU B 559 34.77 28.60 -15.33
N ILE B 560 35.37 27.57 -14.74
CA ILE B 560 35.82 27.67 -13.36
C ILE B 560 37.08 28.52 -13.26
N ILE B 561 37.90 28.55 -14.31
CA ILE B 561 39.06 29.42 -14.35
C ILE B 561 38.64 30.88 -14.31
N ARG B 562 37.61 31.23 -15.07
CA ARG B 562 37.06 32.58 -14.99
C ARG B 562 36.27 32.81 -13.72
N MET B 563 35.74 31.76 -13.10
CA MET B 563 34.99 31.90 -11.85
C MET B 563 35.92 32.20 -10.69
N VAL B 564 37.20 31.80 -10.79
CA VAL B 564 38.19 32.18 -9.79
C VAL B 564 38.37 33.69 -9.75
N ASP B 565 38.36 34.32 -10.93
CA ASP B 565 38.53 35.77 -11.01
C ASP B 565 37.37 36.52 -10.37
N LEU B 566 36.16 35.96 -10.42
CA LEU B 566 35.04 36.59 -9.74
C LEU B 566 35.14 36.41 -8.23
N MET B 567 35.52 35.22 -7.79
CA MET B 567 35.45 34.92 -6.36
C MET B 567 36.66 35.42 -5.60
N ILE B 568 37.80 35.59 -6.28
CA ILE B 568 38.93 36.26 -5.63
C ILE B 568 38.64 37.75 -5.49
N SER B 569 37.89 38.32 -6.43
CA SER B 569 37.58 39.75 -6.39
C SER B 569 36.66 40.12 -5.23
N ARG B 570 35.99 39.12 -4.65
CA ARG B 570 35.20 39.39 -3.42
C ARG B 570 36.19 39.45 -2.26
N VAL B 571 37.22 38.60 -2.30
CA VAL B 571 38.21 38.60 -1.24
C VAL B 571 39.14 39.77 -1.38
N ALA B 572 39.54 40.08 -2.61
CA ALA B 572 40.42 41.22 -2.87
C ALA B 572 39.70 42.54 -2.59
N GLY B 573 38.38 42.57 -2.73
CA GLY B 573 37.64 43.76 -2.42
C GLY B 573 37.57 44.04 -0.93
N GLN B 574 37.64 42.99 -0.11
CA GLN B 574 37.62 43.18 1.33
C GLN B 574 38.98 43.52 1.88
N LEU B 575 40.03 43.00 1.26
CA LEU B 575 41.37 43.45 1.59
C LEU B 575 41.64 44.86 1.09
N LYS B 576 40.91 45.30 0.07
CA LYS B 576 41.00 46.68 -0.40
C LYS B 576 40.58 47.66 0.68
N SER B 577 39.64 47.26 1.54
CA SER B 577 39.26 48.09 2.69
C SER B 577 40.33 48.15 3.76
N LYS B 578 41.37 47.33 3.68
CA LYS B 578 42.52 47.44 4.56
C LYS B 578 43.73 48.06 3.90
N ASP B 579 43.58 48.61 2.68
CA ASP B 579 44.69 48.97 1.78
C ASP B 579 45.61 47.76 1.61
N MET B 580 45.04 46.65 1.16
CA MET B 580 45.79 45.44 0.86
C MET B 580 45.36 44.95 -0.51
N ALA B 581 46.26 45.01 -1.47
CA ALA B 581 45.99 44.45 -2.78
C ALA B 581 46.25 42.96 -2.73
N LEU B 582 45.24 42.18 -3.12
CA LEU B 582 45.39 40.72 -3.17
C LEU B 582 45.68 40.33 -4.60
N VAL B 583 46.94 40.09 -4.90
CA VAL B 583 47.35 39.68 -6.23
C VAL B 583 47.53 38.16 -6.22
N LEU B 584 46.84 37.47 -7.10
CA LEU B 584 47.05 36.05 -7.32
C LEU B 584 47.80 35.87 -8.63
N THR B 585 48.81 35.02 -8.62
CA THR B 585 49.54 34.72 -9.84
C THR B 585 48.72 33.78 -10.71
N ASP B 586 49.22 33.55 -11.92
CA ASP B 586 48.56 32.63 -12.86
C ASP B 586 48.57 31.21 -12.31
N ALA B 587 49.63 30.83 -11.60
CA ALA B 587 49.73 29.47 -11.08
C ALA B 587 48.75 29.25 -9.93
N ALA B 588 48.50 30.28 -9.13
CA ALA B 588 47.54 30.13 -8.04
C ALA B 588 46.11 30.11 -8.55
N LYS B 589 45.80 30.90 -9.57
CA LYS B 589 44.45 30.90 -10.12
C LYS B 589 44.16 29.65 -10.92
N ALA B 590 45.18 29.09 -11.58
CA ALA B 590 44.98 27.84 -12.31
C ALA B 590 44.89 26.65 -11.36
N LEU B 591 45.35 26.83 -10.13
CA LEU B 591 45.32 25.75 -9.14
C LEU B 591 44.00 25.72 -8.39
N LEU B 592 43.45 26.88 -8.06
CA LEU B 592 42.13 26.92 -7.44
C LEU B 592 41.08 26.35 -8.38
N ALA B 593 41.26 26.56 -9.68
CA ALA B 593 40.36 25.96 -10.65
C ALA B 593 40.55 24.46 -10.79
N LYS B 594 41.65 23.92 -10.28
CA LYS B 594 41.84 22.48 -10.27
C LYS B 594 41.29 21.84 -9.00
N ARG B 595 41.63 22.38 -7.84
CA ARG B 595 41.11 21.82 -6.60
C ARG B 595 39.69 22.26 -6.30
N GLY B 596 39.14 23.17 -7.09
CA GLY B 596 37.78 23.62 -6.93
C GLY B 596 36.83 23.21 -8.03
N PHE B 597 37.25 22.33 -8.92
CA PHE B 597 36.38 21.90 -10.01
C PHE B 597 35.64 20.63 -9.63
N ASP B 598 34.34 20.63 -9.88
CA ASP B 598 33.46 19.50 -9.63
C ASP B 598 32.28 19.62 -10.57
N PRO B 599 32.23 18.84 -11.65
CA PRO B 599 31.12 19.01 -12.61
C PRO B 599 29.88 18.21 -12.25
N VAL B 600 29.50 18.19 -10.97
CA VAL B 600 28.21 17.68 -10.55
C VAL B 600 27.69 18.75 -9.61
N LEU B 601 28.55 19.73 -9.37
CA LEU B 601 28.28 20.90 -8.57
C LEU B 601 28.79 22.07 -9.39
N GLY B 602 28.96 23.23 -8.80
CA GLY B 602 29.63 24.26 -9.54
C GLY B 602 29.87 25.46 -8.68
N ALA B 603 31.11 25.92 -8.67
CA ALA B 603 31.54 27.21 -8.14
C ALA B 603 31.42 27.35 -6.63
N ARG B 604 30.63 26.50 -5.96
CA ARG B 604 30.57 26.41 -4.50
C ARG B 604 31.66 25.50 -3.95
N PRO B 605 32.01 24.36 -4.56
CA PRO B 605 33.30 23.77 -4.23
C PRO B 605 34.47 24.66 -4.58
N LEU B 606 34.34 25.54 -5.58
CA LEU B 606 35.36 26.55 -5.78
C LEU B 606 35.29 27.62 -4.70
N ARG B 607 34.08 28.00 -4.28
CA ARG B 607 33.97 28.96 -3.18
C ARG B 607 34.58 28.33 -1.92
N ARG B 608 34.35 27.04 -1.69
CA ARG B 608 34.96 26.40 -0.53
C ARG B 608 36.46 26.33 -0.67
N THR B 609 36.95 26.00 -1.87
CA THR B 609 38.39 25.88 -2.09
C THR B 609 39.08 27.23 -1.90
N ILE B 610 38.42 28.30 -2.28
CA ILE B 610 38.97 29.62 -2.06
C ILE B 610 38.90 29.99 -0.58
N GLN B 611 37.81 29.63 0.11
CA GLN B 611 37.76 30.04 1.52
C GLN B 611 38.60 29.12 2.40
N ARG B 612 38.78 27.85 2.04
CA ARG B 612 39.66 27.00 2.82
C ARG B 612 41.12 27.34 2.64
N GLU B 613 41.51 27.81 1.46
CA GLU B 613 42.91 27.90 1.11
C GLU B 613 43.43 29.30 0.85
N ILE B 614 42.56 30.26 0.52
CA ILE B 614 42.94 31.67 0.46
C ILE B 614 42.45 32.42 1.68
N GLU B 615 41.15 32.35 1.97
CA GLU B 615 40.57 33.18 3.02
C GLU B 615 41.02 32.71 4.40
N ASP B 616 40.99 31.40 4.66
CA ASP B 616 41.41 30.91 5.96
C ASP B 616 42.91 31.05 6.18
N GLN B 617 43.69 31.00 5.11
CA GLN B 617 45.12 31.20 5.27
C GLN B 617 45.48 32.68 5.36
N LEU B 618 44.70 33.56 4.72
CA LEU B 618 44.87 34.99 4.94
C LEU B 618 44.33 35.44 6.28
N SER B 619 43.36 34.73 6.83
CA SER B 619 42.74 35.17 8.07
C SER B 619 43.67 35.01 9.24
N GLU B 620 44.52 33.99 9.21
CA GLU B 620 45.56 33.90 10.24
C GLU B 620 46.61 34.98 10.03
N LYS B 621 47.02 35.18 8.77
CA LYS B 621 48.14 36.06 8.49
C LYS B 621 47.77 37.53 8.68
N ILE B 622 46.49 37.87 8.67
CA ILE B 622 46.08 39.20 9.11
C ILE B 622 46.12 39.29 10.63
N LEU B 623 45.72 38.22 11.31
CA LEU B 623 45.74 38.24 12.76
C LEU B 623 47.14 38.05 13.33
N PHE B 624 48.03 37.34 12.63
CA PHE B 624 49.43 37.38 13.02
C PHE B 624 50.10 38.69 12.67
N GLU B 625 49.45 39.50 11.83
CA GLU B 625 49.97 40.77 11.29
C GLU B 625 51.29 40.55 10.54
N GLU B 626 51.38 39.41 9.86
CA GLU B 626 52.48 39.18 8.94
C GLU B 626 52.11 39.52 7.51
N VAL B 627 50.82 39.67 7.22
CA VAL B 627 50.35 40.56 6.16
C VAL B 627 49.49 41.61 6.84
N GLY B 628 49.56 42.83 6.36
CA GLY B 628 48.92 43.91 7.07
C GLY B 628 48.58 45.07 6.16
N PRO B 629 48.04 46.14 6.74
CA PRO B 629 47.64 47.31 5.95
C PRO B 629 48.80 48.01 5.26
N GLY B 630 48.62 48.29 3.97
CA GLY B 630 49.68 48.86 3.17
C GLY B 630 50.53 47.84 2.45
N GLN B 631 50.17 46.56 2.52
CA GLN B 631 50.95 45.52 1.88
C GLN B 631 50.17 44.88 0.76
N VAL B 632 50.87 44.50 -0.29
CA VAL B 632 50.28 43.80 -1.44
C VAL B 632 50.58 42.32 -1.27
N VAL B 633 49.55 41.54 -0.98
CA VAL B 633 49.70 40.10 -0.75
C VAL B 633 49.74 39.42 -2.10
N THR B 634 50.91 38.99 -2.52
CA THR B 634 51.07 38.22 -3.73
C THR B 634 50.92 36.75 -3.41
N VAL B 635 49.87 36.13 -3.91
CA VAL B 635 49.64 34.72 -3.68
C VAL B 635 50.34 33.93 -4.78
N ASP B 636 51.43 33.29 -4.40
CA ASP B 636 52.20 32.44 -5.29
C ASP B 636 51.99 31.02 -4.78
N VAL B 637 52.66 30.06 -5.41
CA VAL B 637 52.59 28.67 -4.96
C VAL B 637 53.92 28.01 -5.31
N ASP B 638 54.21 26.93 -4.57
CA ASP B 638 55.49 26.21 -4.76
C ASP B 638 55.18 24.83 -5.33
N ASN B 639 56.10 24.26 -6.10
CA ASN B 639 55.86 22.96 -6.75
C ASN B 639 54.57 23.04 -7.56
N TRP B 640 53.93 21.90 -7.83
CA TRP B 640 52.70 21.86 -8.66
C TRP B 640 52.97 22.30 -10.10
N ASP B 641 53.11 21.34 -11.02
CA ASP B 641 53.27 21.67 -12.45
C ASP B 641 51.92 21.39 -13.12
N GLY B 642 51.83 20.24 -13.79
CA GLY B 642 50.61 19.90 -14.54
C GLY B 642 49.36 20.07 -13.71
N GLU B 643 48.26 20.46 -14.37
CA GLU B 643 46.96 20.58 -13.65
C GLU B 643 46.49 19.16 -13.28
N GLY B 644 47.32 18.41 -12.57
CA GLY B 644 46.94 17.04 -12.13
C GLY B 644 47.16 16.87 -10.64
N PRO B 645 48.43 16.97 -10.18
CA PRO B 645 48.76 16.81 -8.81
C PRO B 645 49.08 18.14 -8.13
N GLY B 646 48.05 18.80 -7.63
CA GLY B 646 48.29 19.98 -6.78
C GLY B 646 48.22 19.55 -5.33
N GLU B 647 48.09 18.25 -5.09
CA GLU B 647 48.09 17.73 -3.70
C GLU B 647 49.29 18.33 -2.98
N ASP B 648 50.41 18.47 -3.69
CA ASP B 648 51.63 19.06 -3.09
C ASP B 648 51.49 20.59 -3.09
N ALA B 649 50.93 21.16 -4.17
CA ALA B 649 50.82 22.62 -4.28
C ALA B 649 50.53 23.22 -2.90
N VAL B 650 51.41 24.11 -2.43
CA VAL B 650 51.17 24.80 -1.13
C VAL B 650 51.16 26.30 -1.42
N PHE B 651 50.15 27.00 -0.93
CA PHE B 651 50.04 28.42 -1.22
C PHE B 651 51.04 29.22 -0.39
N THR B 652 51.72 30.15 -1.03
CA THR B 652 52.71 30.99 -0.38
C THR B 652 52.23 32.42 -0.46
N PHE B 653 52.14 33.09 0.69
CA PHE B 653 51.63 34.46 0.76
C PHE B 653 52.78 35.38 1.13
N THR B 654 53.11 36.31 0.24
CA THR B 654 54.20 37.23 0.47
C THR B 654 53.68 38.67 0.49
N GLY B 655 54.14 39.45 1.45
CA GLY B 655 53.81 40.86 1.46
C GLY B 655 54.78 41.66 0.61
N THR B 656 54.35 42.87 0.25
CA THR B 656 55.15 43.79 -0.56
C THR B 656 54.88 45.18 -0.05
N ARG B 657 55.94 45.99 0.11
CA ARG B 657 55.94 47.29 0.80
C ARG B 657 55.44 47.15 2.23
N SER C 1 0.08 82.47 9.34
CA SER C 1 0.33 83.84 9.77
C SER C 1 0.63 83.85 11.26
N LEU C 2 -0.43 83.92 12.06
CA LEU C 2 -0.33 83.78 13.51
C LEU C 2 -1.38 82.78 13.95
N VAL C 3 -2.32 82.49 13.05
CA VAL C 3 -3.19 81.34 13.23
C VAL C 3 -2.42 80.06 12.95
N LEU C 4 -1.55 80.10 11.94
CA LEU C 4 -0.74 78.95 11.56
C LEU C 4 0.30 78.60 12.61
N ASP C 5 0.77 79.57 13.39
CA ASP C 5 1.74 79.28 14.43
C ASP C 5 1.16 78.54 15.61
N GLN C 6 -0.12 78.73 15.89
CA GLN C 6 -0.80 77.95 16.90
C GLN C 6 -0.96 76.50 16.51
N PHE C 7 -0.95 76.19 15.22
CA PHE C 7 -1.29 74.87 14.73
C PHE C 7 -0.23 74.32 13.82
N GLY C 8 0.99 74.80 13.97
CA GLY C 8 2.08 74.34 13.14
C GLY C 8 3.30 75.19 13.34
N ARG C 9 4.40 74.73 12.80
CA ARG C 9 5.65 75.47 12.85
C ARG C 9 6.12 75.74 11.43
N ASN C 10 6.73 76.90 11.25
CA ASN C 10 7.17 77.34 9.95
C ASN C 10 8.54 76.72 9.67
N LEU C 11 8.59 75.80 8.71
CA LEU C 11 9.87 75.23 8.33
C LEU C 11 10.71 76.21 7.53
N THR C 12 10.07 77.08 6.79
CA THR C 12 10.78 78.09 6.02
C THR C 12 11.46 79.10 6.94
N ALA C 13 10.77 79.48 8.02
CA ALA C 13 11.41 80.31 9.03
C ALA C 13 12.45 79.52 9.81
N ALA C 14 12.25 78.21 9.97
CA ALA C 14 13.27 77.40 10.63
C ALA C 14 14.49 77.21 9.75
N ALA C 15 14.31 77.26 8.44
CA ALA C 15 15.45 77.15 7.54
C ALA C 15 16.25 78.44 7.48
N MET C 16 15.62 79.58 7.72
CA MET C 16 16.37 80.83 7.83
C MET C 16 17.18 80.87 9.11
N GLU C 17 16.67 80.27 10.17
CA GLU C 17 17.39 80.24 11.44
C GLU C 17 18.40 79.12 11.51
N GLY C 18 18.48 78.28 10.48
CA GLY C 18 19.42 77.16 10.46
C GLY C 18 19.09 76.08 11.46
N LYS C 19 17.83 75.98 11.85
CA LYS C 19 17.41 74.95 12.79
C LYS C 19 17.23 73.60 12.15
N LEU C 20 17.15 73.53 10.82
CA LEU C 20 16.98 72.27 10.13
C LEU C 20 18.33 71.73 9.70
N ASP C 21 18.44 70.41 9.72
CA ASP C 21 19.67 69.75 9.33
C ASP C 21 19.93 69.94 7.85
N PRO C 22 21.19 69.95 7.42
CA PRO C 22 21.48 69.99 5.98
C PRO C 22 21.01 68.72 5.32
N VAL C 23 20.45 68.86 4.13
CA VAL C 23 19.85 67.74 3.41
C VAL C 23 20.63 67.54 2.13
N ILE C 24 21.37 66.44 2.08
CA ILE C 24 22.44 66.25 1.11
C ILE C 24 22.00 65.15 0.18
N GLY C 25 22.16 65.37 -1.12
CA GLY C 25 21.51 64.47 -2.00
C GLY C 25 20.04 64.85 -1.99
N ARG C 26 19.20 63.86 -2.27
CA ARG C 26 17.74 63.96 -2.32
C ARG C 26 17.26 65.05 -3.26
N GLU C 27 18.07 65.47 -4.24
CA GLU C 27 17.69 66.56 -5.11
C GLU C 27 16.79 66.08 -6.23
N LYS C 28 16.81 64.79 -6.55
CA LYS C 28 15.78 64.24 -7.42
C LYS C 28 14.44 64.25 -6.73
N GLU C 29 14.41 64.04 -5.42
CA GLU C 29 13.18 64.01 -4.65
C GLU C 29 12.67 65.40 -4.32
N ILE C 30 13.55 66.38 -4.13
CA ILE C 30 13.11 67.75 -3.92
C ILE C 30 12.66 68.38 -5.24
N GLU C 31 13.34 68.07 -6.34
CA GLU C 31 12.84 68.43 -7.66
C GLU C 31 11.50 67.80 -7.94
N ARG C 32 11.29 66.58 -7.47
CA ARG C 32 10.05 65.87 -7.71
C ARG C 32 8.90 66.49 -6.94
N VAL C 33 9.12 66.89 -5.67
CA VAL C 33 8.03 67.52 -4.94
C VAL C 33 7.80 68.94 -5.44
N MET C 34 8.81 69.57 -6.01
CA MET C 34 8.57 70.86 -6.63
C MET C 34 7.80 70.74 -7.94
N GLN C 35 7.87 69.60 -8.61
CA GLN C 35 7.02 69.37 -9.76
C GLN C 35 5.59 69.15 -9.33
N VAL C 36 5.39 68.36 -8.29
CA VAL C 36 4.04 68.07 -7.85
C VAL C 36 3.40 69.31 -7.27
N LEU C 37 4.15 70.08 -6.49
CA LEU C 37 3.64 71.35 -5.99
C LEU C 37 3.42 72.38 -7.09
N SER C 38 4.04 72.23 -8.25
CA SER C 38 3.83 73.15 -9.35
C SER C 38 2.68 72.75 -10.24
N ARG C 39 2.01 71.65 -9.94
CA ARG C 39 0.89 71.19 -10.76
C ARG C 39 -0.32 72.10 -10.62
N ARG C 40 -1.23 71.99 -11.58
CA ARG C 40 -2.43 72.78 -11.53
C ARG C 40 -3.42 72.23 -10.51
N THR C 41 -3.85 71.00 -10.67
CA THR C 41 -4.74 70.33 -9.73
C THR C 41 -3.99 69.21 -9.05
N LYS C 42 -4.45 68.85 -7.85
CA LYS C 42 -3.84 67.83 -7.01
C LYS C 42 -2.35 68.08 -6.80
N ASN C 43 -2.03 69.33 -6.53
CA ASN C 43 -0.63 69.72 -6.37
C ASN C 43 -0.09 69.36 -4.99
N ASN C 44 -0.04 68.07 -4.72
CA ASN C 44 0.13 67.55 -3.36
C ASN C 44 1.03 66.33 -3.39
N PRO C 45 2.30 66.44 -3.05
CA PRO C 45 3.12 65.24 -2.99
C PRO C 45 3.03 64.57 -1.64
N VAL C 46 2.88 63.26 -1.63
CA VAL C 46 3.13 62.50 -0.41
C VAL C 46 4.47 61.80 -0.57
N LEU C 47 5.34 62.02 0.39
CA LEU C 47 6.64 61.37 0.41
C LEU C 47 6.47 60.03 1.09
N ILE C 48 6.46 58.96 0.32
CA ILE C 48 6.35 57.64 0.90
C ILE C 48 7.70 56.95 0.80
N GLY C 49 8.05 56.25 1.87
CA GLY C 49 9.34 55.59 1.95
C GLY C 49 9.36 54.79 3.22
N GLU C 50 10.46 54.08 3.41
CA GLU C 50 10.66 53.32 4.63
C GLU C 50 10.94 54.28 5.78
N PRO C 51 10.69 53.89 7.03
CA PRO C 51 10.92 54.81 8.13
C PRO C 51 12.39 55.07 8.38
N GLY C 52 12.81 56.30 8.13
CA GLY C 52 14.18 56.70 8.39
C GLY C 52 14.95 57.06 7.15
N VAL C 53 14.33 56.99 5.98
CA VAL C 53 15.03 57.23 4.73
C VAL C 53 15.16 58.70 4.43
N GLY C 54 14.50 59.56 5.19
CA GLY C 54 14.65 60.98 4.99
C GLY C 54 13.45 61.61 4.33
N LYS C 55 12.25 61.17 4.68
CA LYS C 55 11.03 61.75 4.13
C LYS C 55 10.79 63.14 4.69
N THR C 56 10.90 63.28 6.01
CA THR C 56 10.82 64.60 6.65
C THR C 56 11.98 65.47 6.21
N ALA C 57 13.13 64.87 5.92
CA ALA C 57 14.29 65.63 5.50
C ALA C 57 14.13 66.20 4.11
N VAL C 58 13.33 65.56 3.25
CA VAL C 58 13.10 66.10 1.91
C VAL C 58 12.35 67.42 2.00
N VAL C 59 11.34 67.50 2.87
CA VAL C 59 10.65 68.76 3.08
C VAL C 59 11.49 69.75 3.86
N GLU C 60 12.32 69.27 4.80
CA GLU C 60 13.32 70.15 5.40
C GLU C 60 14.36 70.57 4.38
N GLY C 61 14.64 69.73 3.39
CA GLY C 61 15.46 70.15 2.28
C GLY C 61 14.74 71.02 1.28
N LEU C 62 13.42 70.91 1.21
CA LEU C 62 12.66 71.85 0.42
C LEU C 62 12.61 73.22 1.08
N ALA C 63 12.49 73.26 2.41
CA ALA C 63 12.48 74.53 3.13
C ALA C 63 13.80 75.26 3.00
N GLN C 64 14.91 74.53 2.97
CA GLN C 64 16.19 75.14 2.73
C GLN C 64 16.37 75.54 1.28
N ALA C 65 15.67 74.87 0.36
CA ALA C 65 15.72 75.28 -1.03
C ALA C 65 14.90 76.53 -1.27
N ILE C 66 13.85 76.74 -0.48
CA ILE C 66 13.05 77.95 -0.62
C ILE C 66 13.81 79.16 -0.13
N VAL C 67 14.47 79.06 1.02
CA VAL C 67 15.16 80.22 1.58
C VAL C 67 16.45 80.53 0.84
N HIS C 68 16.98 79.57 0.08
CA HIS C 68 18.16 79.81 -0.73
C HIS C 68 17.82 80.20 -2.16
N GLY C 69 16.56 80.13 -2.54
CA GLY C 69 16.17 80.51 -3.89
C GLY C 69 16.47 79.45 -4.93
N GLU C 70 16.57 78.19 -4.52
CA GLU C 70 16.78 77.09 -5.44
C GLU C 70 15.48 76.53 -5.97
N VAL C 71 14.38 77.24 -5.77
CA VAL C 71 13.03 76.81 -6.14
C VAL C 71 12.61 77.58 -7.38
N PRO C 72 11.59 77.16 -8.12
CA PRO C 72 11.03 78.01 -9.18
C PRO C 72 10.34 79.26 -8.69
N GLU C 73 9.80 80.03 -9.64
CA GLU C 73 9.01 81.18 -9.27
C GLU C 73 7.65 80.77 -8.70
N THR C 74 7.18 79.57 -9.04
CA THR C 74 5.93 79.09 -8.46
C THR C 74 6.11 78.58 -7.05
N LEU C 75 7.34 78.37 -6.60
CA LEU C 75 7.64 77.95 -5.25
C LEU C 75 8.40 79.02 -4.50
N LYS C 76 8.54 80.19 -5.09
CA LYS C 76 9.38 81.25 -4.54
C LYS C 76 8.69 81.89 -3.34
N ASP C 77 9.43 81.96 -2.23
CA ASP C 77 9.03 82.62 -0.98
C ASP C 77 7.75 82.02 -0.42
N LYS C 78 7.67 80.70 -0.55
CA LYS C 78 6.60 79.93 0.07
C LYS C 78 6.98 79.64 1.51
N GLN C 79 6.00 79.52 2.37
CA GLN C 79 6.23 79.21 3.76
C GLN C 79 5.73 77.80 4.04
N LEU C 80 6.64 76.89 4.34
CA LEU C 80 6.28 75.52 4.70
C LEU C 80 5.87 75.50 6.17
N TYR C 81 4.61 75.23 6.43
CA TYR C 81 4.13 75.03 7.79
C TYR C 81 3.90 73.55 8.02
N THR C 82 4.50 73.01 9.08
CA THR C 82 4.24 71.62 9.42
C THR C 82 2.96 71.58 10.24
N LEU C 83 1.85 71.32 9.57
CA LEU C 83 0.55 71.24 10.22
C LEU C 83 0.52 69.98 11.06
N ASP C 84 0.73 70.11 12.36
CA ASP C 84 0.55 68.98 13.25
C ASP C 84 -0.91 68.87 13.64
N LEU C 85 -1.50 67.73 13.35
CA LEU C 85 -2.92 67.55 13.62
C LEU C 85 -3.19 67.37 15.10
N GLY C 86 -2.17 67.10 15.90
CA GLY C 86 -2.37 66.99 17.33
C GLY C 86 -2.71 68.33 17.97
N SER C 87 -2.12 69.41 17.46
CA SER C 87 -2.47 70.73 17.97
C SER C 87 -3.85 71.17 17.52
N LEU C 88 -4.30 70.70 16.35
CA LEU C 88 -5.64 71.01 15.89
C LEU C 88 -6.69 70.32 16.72
N VAL C 89 -6.47 69.05 17.06
CA VAL C 89 -7.43 68.30 17.85
C VAL C 89 -7.45 68.82 19.27
N ALA C 90 -6.28 69.14 19.82
CA ALA C 90 -6.16 69.63 21.19
C ALA C 90 -6.82 70.99 21.35
N GLY C 91 -7.18 71.30 22.59
CA GLY C 91 -7.78 72.58 22.89
C GLY C 91 -9.24 72.64 22.49
N SER C 92 -9.82 71.49 22.18
CA SER C 92 -11.23 71.41 21.84
C SER C 92 -11.85 70.44 22.82
N ARG C 93 -13.15 70.61 23.06
CA ARG C 93 -13.97 69.51 23.53
C ARG C 93 -15.34 69.59 22.89
N TYR C 94 -15.67 70.74 22.33
CA TYR C 94 -17.02 71.02 21.85
C TYR C 94 -17.09 70.75 20.36
N ARG C 95 -18.31 70.51 19.86
CA ARG C 95 -18.44 70.13 18.47
C ARG C 95 -18.20 71.34 17.59
N GLY C 96 -17.65 71.08 16.41
CA GLY C 96 -17.30 72.15 15.51
C GLY C 96 -16.20 73.05 16.00
N ASP C 97 -15.38 72.58 16.94
CA ASP C 97 -14.19 73.33 17.31
C ASP C 97 -13.01 72.93 16.45
N PHE C 98 -12.75 71.63 16.33
CA PHE C 98 -11.73 71.12 15.42
C PHE C 98 -12.00 71.55 14.00
N GLU C 99 -13.25 71.50 13.58
CA GLU C 99 -13.63 71.91 12.25
C GLU C 99 -13.43 73.41 12.09
N GLU C 100 -13.69 74.19 13.13
CA GLU C 100 -13.46 75.62 13.05
C GLU C 100 -11.97 75.94 13.08
N ARG C 101 -11.19 75.22 13.90
CA ARG C 101 -9.75 75.44 13.94
C ARG C 101 -9.09 75.07 12.62
N LEU C 102 -9.67 74.13 11.89
CA LEU C 102 -9.13 73.75 10.60
C LEU C 102 -9.62 74.63 9.47
N LYS C 103 -10.87 75.09 9.51
CA LYS C 103 -11.31 76.07 8.53
C LYS C 103 -10.65 77.42 8.75
N LYS C 104 -10.27 77.77 9.98
CA LYS C 104 -9.51 79.00 10.19
C LYS C 104 -8.11 78.90 9.61
N VAL C 105 -7.51 77.72 9.67
CA VAL C 105 -6.21 77.51 9.05
C VAL C 105 -6.32 77.63 7.54
N LEU C 106 -7.32 76.99 6.94
CA LEU C 106 -7.50 77.06 5.50
C LEU C 106 -7.94 78.43 5.04
N LYS C 107 -8.62 79.19 5.90
CA LYS C 107 -8.93 80.57 5.58
C LYS C 107 -7.68 81.43 5.57
N GLU C 108 -6.70 81.11 6.41
CA GLU C 108 -5.47 81.88 6.43
C GLU C 108 -4.47 81.41 5.39
N ILE C 109 -4.70 80.25 4.77
CA ILE C 109 -3.80 79.79 3.73
C ILE C 109 -4.14 80.45 2.40
N ASN C 110 -5.42 80.47 2.02
CA ASN C 110 -5.74 81.13 0.76
C ASN C 110 -5.75 82.65 0.89
N THR C 111 -5.82 83.18 2.11
CA THR C 111 -5.62 84.61 2.29
C THR C 111 -4.18 85.00 2.03
N ARG C 112 -3.24 84.29 2.66
CA ARG C 112 -1.83 84.58 2.43
C ARG C 112 -1.39 84.10 1.06
N GLY C 113 -1.79 82.90 0.67
CA GLY C 113 -1.47 82.40 -0.65
C GLY C 113 -0.06 81.88 -0.82
N ASP C 114 0.81 82.02 0.18
CA ASP C 114 2.17 81.52 0.10
C ASP C 114 2.44 80.37 1.05
N ILE C 115 1.41 79.72 1.55
CA ILE C 115 1.60 78.64 2.51
C ILE C 115 1.52 77.31 1.79
N ILE C 116 2.49 76.45 2.06
CA ILE C 116 2.41 75.05 1.71
C ILE C 116 2.35 74.27 3.02
N LEU C 117 1.27 73.53 3.23
CA LEU C 117 1.20 72.68 4.39
C LEU C 117 2.13 71.50 4.24
N PHE C 118 2.67 71.06 5.35
CA PHE C 118 3.33 69.76 5.41
C PHE C 118 2.69 68.96 6.52
N ILE C 119 1.95 67.93 6.16
CA ILE C 119 1.36 67.03 7.12
C ILE C 119 2.36 65.89 7.29
N ASP C 120 3.04 65.91 8.43
CA ASP C 120 4.21 65.07 8.64
C ASP C 120 3.84 63.59 8.71
N ALA C 121 2.64 63.30 9.20
CA ALA C 121 2.14 61.93 9.18
C ALA C 121 0.76 62.01 8.54
N LEU C 122 0.73 61.78 7.23
CA LEU C 122 -0.49 61.97 6.47
C LEU C 122 -1.54 60.92 6.79
N HIS C 123 -1.12 59.78 7.32
CA HIS C 123 -2.10 58.77 7.72
C HIS C 123 -2.89 59.22 8.95
N THR C 124 -2.35 60.14 9.72
CA THR C 124 -3.06 60.69 10.86
C THR C 124 -4.08 61.74 10.46
N LEU C 125 -4.14 62.11 9.18
CA LEU C 125 -5.12 63.08 8.73
C LEU C 125 -6.51 62.45 8.68
N VAL C 126 -6.59 61.19 8.30
CA VAL C 126 -7.88 60.50 8.23
C VAL C 126 -8.27 60.05 9.64
N GLY C 127 -9.50 60.36 10.02
CA GLY C 127 -9.94 60.11 11.37
C GLY C 127 -9.44 61.09 12.41
N ALA C 128 -8.87 62.21 11.98
CA ALA C 128 -8.47 63.24 12.94
C ALA C 128 -9.66 64.13 13.25
N GLY C 129 -9.95 64.31 14.53
CA GLY C 129 -11.20 64.91 14.90
C GLY C 129 -12.27 63.86 15.01
N ALA C 130 -13.22 63.84 14.08
CA ALA C 130 -14.24 62.81 14.09
C ALA C 130 -13.72 61.55 13.44
N ALA C 131 -14.59 60.53 13.40
CA ALA C 131 -14.23 59.23 12.85
C ALA C 131 -14.15 59.27 11.34
N GLU C 132 -13.70 58.17 10.75
CA GLU C 132 -13.72 58.00 9.31
C GLU C 132 -15.15 57.91 8.82
N GLY C 133 -15.41 58.48 7.64
CA GLY C 133 -16.77 58.59 7.16
C GLY C 133 -17.56 59.68 7.83
N ALA C 134 -16.91 60.53 8.61
CA ALA C 134 -17.52 61.70 9.20
C ALA C 134 -16.68 62.90 8.80
N ILE C 135 -17.05 64.07 9.27
CA ILE C 135 -16.25 65.24 9.00
C ILE C 135 -15.00 65.18 9.88
N ASP C 136 -13.91 64.71 9.30
CA ASP C 136 -12.64 64.67 9.99
C ASP C 136 -11.71 65.65 9.30
N ALA C 137 -10.42 65.62 9.64
CA ALA C 137 -9.48 66.51 8.97
C ALA C 137 -9.34 66.16 7.50
N ALA C 138 -9.50 64.89 7.16
CA ALA C 138 -9.39 64.47 5.77
C ALA C 138 -10.54 64.99 4.94
N SER C 139 -11.77 64.88 5.45
CA SER C 139 -12.95 65.27 4.68
C SER C 139 -13.04 66.76 4.46
N ILE C 140 -12.44 67.55 5.35
CA ILE C 140 -12.42 68.99 5.16
C ILE C 140 -11.41 69.36 4.07
N LEU C 141 -10.28 68.66 4.03
CA LEU C 141 -9.24 69.00 3.07
C LEU C 141 -9.49 68.46 1.68
N LYS C 142 -10.24 67.36 1.55
CA LYS C 142 -10.46 66.72 0.25
C LYS C 142 -11.08 67.60 -0.84
N PRO C 143 -11.99 68.54 -0.58
CA PRO C 143 -12.35 69.45 -1.69
C PRO C 143 -11.24 70.40 -2.08
N LYS C 144 -10.45 70.86 -1.12
CA LYS C 144 -9.37 71.79 -1.42
C LYS C 144 -8.23 71.10 -2.13
N LEU C 145 -7.90 69.88 -1.72
CA LEU C 145 -6.75 69.17 -2.26
C LEU C 145 -6.99 68.67 -3.67
N ALA C 146 -8.23 68.38 -4.04
CA ALA C 146 -8.52 67.85 -5.36
C ALA C 146 -8.49 68.92 -6.43
N ARG C 147 -8.93 70.12 -6.06
CA ARG C 147 -8.95 71.26 -7.03
C ARG C 147 -7.57 71.91 -7.06
N GLY C 148 -6.70 71.57 -6.13
CA GLY C 148 -5.35 72.11 -6.16
C GLY C 148 -5.25 73.49 -5.56
N GLU C 149 -6.28 73.92 -4.86
CA GLU C 149 -6.27 75.21 -4.17
C GLU C 149 -5.58 75.14 -2.81
N LEU C 150 -5.18 73.96 -2.38
CA LEU C 150 -4.40 73.78 -1.17
C LEU C 150 -3.16 72.96 -1.52
N GLN C 151 -1.99 73.56 -1.41
CA GLN C 151 -0.74 72.83 -1.62
C GLN C 151 -0.32 72.21 -0.31
N THR C 152 -0.24 70.89 -0.29
CA THR C 152 0.03 70.15 0.93
C THR C 152 1.01 69.03 0.64
N ILE C 153 2.10 68.98 1.36
CA ILE C 153 3.01 67.86 1.27
C ILE C 153 2.66 66.87 2.37
N GLY C 154 2.53 65.62 2.02
CA GLY C 154 2.42 64.57 3.00
C GLY C 154 3.71 63.82 3.11
N ALA C 155 3.87 63.10 4.21
CA ALA C 155 4.96 62.16 4.37
C ALA C 155 4.39 60.97 5.12
N THR C 156 4.64 59.78 4.62
CA THR C 156 4.03 58.59 5.21
C THR C 156 5.02 57.45 5.04
N THR C 157 5.07 56.57 6.04
CA THR C 157 5.73 55.29 5.87
C THR C 157 4.99 54.48 4.80
N LEU C 158 5.74 53.68 4.03
CA LEU C 158 5.15 52.76 3.07
C LEU C 158 4.16 51.80 3.73
N ASP C 159 4.45 51.38 4.96
CA ASP C 159 3.49 50.56 5.70
C ASP C 159 2.28 51.39 6.12
N GLU C 160 2.52 52.63 6.55
CA GLU C 160 1.42 53.49 6.94
C GLU C 160 0.65 54.01 5.74
N TYR C 161 1.24 53.99 4.56
CA TYR C 161 0.52 54.36 3.35
C TYR C 161 -0.48 53.29 2.97
N ARG C 162 -0.11 52.02 3.08
CA ARG C 162 -1.05 50.95 2.74
C ARG C 162 -2.03 50.70 3.86
N LYS C 163 -1.70 51.02 5.11
CA LYS C 163 -2.59 50.70 6.21
C LYS C 163 -3.66 51.74 6.41
N TYR C 164 -3.39 53.00 6.08
CA TYR C 164 -4.36 54.01 6.48
C TYR C 164 -4.72 54.97 5.36
N ILE C 165 -3.86 55.12 4.37
CA ILE C 165 -4.19 56.00 3.26
C ILE C 165 -4.83 55.22 2.12
N GLU C 166 -4.42 53.99 1.87
CA GLU C 166 -5.07 53.16 0.88
C GLU C 166 -6.40 52.59 1.37
N LYS C 167 -6.68 52.69 2.67
CA LYS C 167 -8.00 52.37 3.21
C LYS C 167 -8.92 53.57 3.11
N ASP C 168 -8.42 54.68 2.58
CA ASP C 168 -9.24 55.82 2.21
C ASP C 168 -8.88 56.16 0.78
N ALA C 169 -9.53 55.49 -0.18
CA ALA C 169 -9.13 55.57 -1.57
C ALA C 169 -9.40 56.92 -2.19
N ALA C 170 -10.26 57.73 -1.57
CA ALA C 170 -10.43 59.09 -2.04
C ALA C 170 -9.26 59.96 -1.61
N LEU C 171 -8.61 59.66 -0.49
CA LEU C 171 -7.54 60.51 0.02
C LEU C 171 -6.21 60.20 -0.64
N GLU C 172 -5.97 58.92 -0.97
CA GLU C 172 -4.76 58.54 -1.70
C GLU C 172 -4.72 59.14 -3.09
N ARG C 173 -5.88 59.50 -3.63
CA ARG C 173 -5.96 60.09 -4.95
C ARG C 173 -5.41 61.50 -4.97
N ARG C 174 -5.66 62.26 -3.91
CA ARG C 174 -5.32 63.68 -3.90
C ARG C 174 -3.83 63.91 -3.76
N PHE C 175 -3.08 62.88 -3.43
CA PHE C 175 -1.66 62.97 -3.18
C PHE C 175 -0.89 62.16 -4.20
N GLN C 176 0.17 62.74 -4.73
CA GLN C 176 1.07 62.02 -5.61
C GLN C 176 2.14 61.32 -4.79
N PRO C 177 2.23 60.02 -4.83
CA PRO C 177 3.31 59.35 -4.11
C PRO C 177 4.68 59.60 -4.73
N VAL C 178 5.47 60.38 -4.02
CA VAL C 178 6.87 60.58 -4.34
C VAL C 178 7.67 59.57 -3.54
N GLN C 179 8.32 58.65 -4.24
CA GLN C 179 9.14 57.66 -3.56
C GLN C 179 10.41 58.30 -3.03
N VAL C 180 10.61 58.22 -1.73
CA VAL C 180 11.89 58.52 -1.12
C VAL C 180 12.52 57.18 -0.83
N GLY C 181 13.41 56.74 -1.72
CA GLY C 181 14.06 55.46 -1.51
C GLY C 181 15.08 55.53 -0.40
N GLU C 182 15.39 54.37 0.15
CA GLU C 182 16.52 54.26 1.04
C GLU C 182 17.78 54.56 0.24
N PRO C 183 18.63 55.47 0.71
CA PRO C 183 19.85 55.78 -0.04
C PRO C 183 20.83 54.62 -0.05
N THR C 184 21.73 54.69 -1.02
CA THR C 184 22.83 53.75 -1.07
C THR C 184 23.84 54.11 0.02
N VAL C 185 24.84 53.24 0.18
CA VAL C 185 25.90 53.53 1.14
C VAL C 185 26.70 54.74 0.72
N GLU C 186 26.98 54.86 -0.58
CA GLU C 186 27.75 55.98 -1.10
C GLU C 186 26.97 57.29 -1.00
N HIS C 187 25.65 57.22 -1.11
CA HIS C 187 24.82 58.38 -0.86
C HIS C 187 24.75 58.69 0.62
N THR C 188 24.77 57.66 1.46
CA THR C 188 24.70 57.83 2.90
C THR C 188 25.99 58.43 3.45
N ILE C 189 27.13 58.02 2.90
CA ILE C 189 28.41 58.64 3.24
C ILE C 189 28.38 60.12 2.89
N GLU C 190 27.80 60.46 1.75
CA GLU C 190 27.71 61.84 1.33
C GLU C 190 26.73 62.61 2.21
N ILE C 191 25.69 61.94 2.70
CA ILE C 191 24.80 62.53 3.70
C ILE C 191 25.57 62.84 4.98
N LEU C 192 26.32 61.85 5.47
CA LEU C 192 27.03 62.00 6.74
C LEU C 192 28.13 63.06 6.67
N LYS C 193 28.76 63.22 5.51
CA LYS C 193 29.79 64.24 5.36
C LYS C 193 29.21 65.63 5.50
N GLY C 194 28.07 65.88 4.87
CA GLY C 194 27.44 67.18 4.95
C GLY C 194 26.67 67.41 6.21
N LEU C 195 26.53 66.38 7.02
CA LEU C 195 25.78 66.44 8.26
C LEU C 195 26.66 66.39 9.48
N ARG C 196 27.96 66.14 9.30
CA ARG C 196 28.83 65.94 10.46
C ARG C 196 29.16 67.24 11.17
N ASP C 197 28.99 68.39 10.52
CA ASP C 197 29.19 69.66 11.21
C ASP C 197 28.17 69.85 12.32
N ARG C 198 26.97 69.31 12.16
CA ARG C 198 25.97 69.38 13.22
C ARG C 198 26.32 68.46 14.39
N TYR C 199 27.00 67.35 14.12
CA TYR C 199 27.33 66.39 15.16
C TYR C 199 28.70 66.62 15.75
N GLU C 200 29.62 67.21 15.01
CA GLU C 200 30.86 67.68 15.61
C GLU C 200 30.58 68.84 16.56
N ALA C 201 29.61 69.69 16.22
CA ALA C 201 29.30 70.82 17.08
C ALA C 201 28.51 70.39 18.30
N HIS C 202 27.61 69.43 18.13
CA HIS C 202 26.77 69.03 19.26
C HIS C 202 27.56 68.20 20.26
N HIS C 203 28.40 67.31 19.79
CA HIS C 203 29.11 66.43 20.70
C HIS C 203 30.49 66.93 21.06
N ARG C 204 30.91 68.06 20.48
CA ARG C 204 32.23 68.67 20.70
C ARG C 204 33.35 67.71 20.35
N VAL C 205 33.11 66.92 19.30
CA VAL C 205 34.06 65.90 18.85
C VAL C 205 34.49 66.23 17.43
N SER C 206 35.37 65.40 16.89
CA SER C 206 35.73 65.42 15.48
C SER C 206 35.42 64.06 14.91
N ILE C 207 34.88 64.04 13.70
CA ILE C 207 34.45 62.79 13.07
C ILE C 207 35.28 62.58 11.82
N THR C 208 36.05 61.50 11.81
CA THR C 208 36.93 61.14 10.72
C THR C 208 36.10 60.77 9.50
N ASP C 209 36.66 61.01 8.31
CA ASP C 209 36.03 60.54 7.08
C ASP C 209 35.90 59.04 7.06
N ALA C 210 36.85 58.33 7.66
CA ALA C 210 36.76 56.88 7.74
C ALA C 210 35.69 56.44 8.71
N ALA C 211 35.32 57.28 9.68
CA ALA C 211 34.26 56.95 10.61
C ALA C 211 32.91 56.97 9.92
N MET C 212 32.72 57.91 8.98
CA MET C 212 31.45 58.02 8.29
C MET C 212 31.32 57.02 7.17
N VAL C 213 32.44 56.64 6.55
CA VAL C 213 32.41 55.51 5.63
C VAL C 213 32.07 54.24 6.39
N ALA C 214 32.67 54.06 7.57
CA ALA C 214 32.34 52.90 8.37
C ALA C 214 30.96 53.00 8.98
N ALA C 215 30.44 54.20 9.21
CA ALA C 215 29.09 54.31 9.76
C ALA C 215 28.05 53.89 8.75
N ALA C 216 28.30 54.16 7.48
CA ALA C 216 27.33 53.77 6.46
C ALA C 216 27.55 52.35 5.98
N THR C 217 28.80 51.90 5.90
CA THR C 217 29.07 50.55 5.43
C THR C 217 28.65 49.52 6.46
N LEU C 218 29.02 49.74 7.72
CA LEU C 218 28.69 48.76 8.75
C LEU C 218 27.24 48.82 9.17
N ALA C 219 26.52 49.89 8.82
CA ALA C 219 25.10 49.90 9.10
C ALA C 219 24.33 49.09 8.06
N ASP C 220 24.66 49.26 6.78
CA ASP C 220 24.02 48.46 5.75
C ASP C 220 24.33 46.97 5.92
N ARG C 221 25.54 46.65 6.33
CA ARG C 221 25.93 45.26 6.45
C ARG C 221 25.33 44.60 7.68
N TYR C 222 25.43 45.24 8.83
CA TYR C 222 25.15 44.57 10.09
C TYR C 222 23.83 44.95 10.72
N ILE C 223 22.95 45.64 10.00
CA ILE C 223 21.62 45.94 10.49
C ILE C 223 20.63 45.57 9.39
N ASN C 224 19.67 44.67 9.69
CA ASN C 224 18.45 44.62 8.92
C ASN C 224 17.32 44.72 9.93
N ASP C 225 17.17 45.93 10.44
CA ASP C 225 15.98 46.39 11.14
C ASP C 225 15.59 47.79 10.71
N ARG C 226 16.59 48.63 10.43
CA ARG C 226 16.34 50.06 10.12
C ARG C 226 16.84 50.43 8.72
N PHE C 227 16.87 51.73 8.39
CA PHE C 227 17.21 52.13 6.99
C PHE C 227 18.50 52.96 6.97
N LEU C 228 19.17 53.02 5.83
CA LEU C 228 20.55 53.61 5.78
C LEU C 228 20.70 55.00 6.37
N PRO C 229 19.93 56.04 5.98
CA PRO C 229 20.22 57.38 6.48
C PRO C 229 20.31 57.31 8.02
N ASP C 230 19.20 56.99 8.69
CA ASP C 230 19.17 57.01 10.18
C ASP C 230 20.14 55.99 10.76
N LYS C 231 20.08 54.72 10.34
CA LYS C 231 20.93 53.67 10.95
C LYS C 231 22.39 54.16 11.02
N ALA C 232 22.87 54.85 9.99
CA ALA C 232 24.25 55.29 9.95
C ALA C 232 24.44 56.56 10.75
N ILE C 233 23.42 57.40 10.80
CA ILE C 233 23.45 58.58 11.67
C ILE C 233 23.45 58.17 13.12
N ASP C 234 22.73 57.09 13.45
CA ASP C 234 22.70 56.56 14.80
C ASP C 234 24.06 56.09 15.27
N LEU C 235 24.90 55.59 14.35
CA LEU C 235 26.24 55.18 14.73
C LEU C 235 27.13 56.39 14.96
N ILE C 236 27.02 57.39 14.08
CA ILE C 236 27.75 58.65 14.25
C ILE C 236 27.33 59.35 15.54
N ASP C 237 26.03 59.41 15.79
CA ASP C 237 25.52 60.20 16.90
C ASP C 237 25.83 59.55 18.25
N GLU C 238 25.72 58.22 18.33
CA GLU C 238 26.01 57.56 19.59
C GLU C 238 27.51 57.43 19.84
N ALA C 239 28.33 57.35 18.80
CA ALA C 239 29.77 57.38 19.01
C ALA C 239 30.24 58.76 19.39
N GLY C 240 29.62 59.80 18.85
CA GLY C 240 29.90 61.14 19.31
C GLY C 240 29.45 61.37 20.72
N ALA C 241 28.34 60.77 21.11
CA ALA C 241 27.89 60.87 22.49
C ALA C 241 28.69 59.99 23.43
N ARG C 242 29.27 58.90 22.93
CA ARG C 242 30.13 58.09 23.78
C ARG C 242 31.45 58.81 24.04
N MET C 243 31.94 59.59 23.09
CA MET C 243 33.13 60.39 23.31
C MET C 243 32.88 61.59 24.21
N ARG C 244 31.63 62.08 24.26
CA ARG C 244 31.28 63.12 25.21
C ARG C 244 31.36 62.59 26.65
N ILE C 245 31.09 61.31 26.86
CA ILE C 245 31.36 60.71 28.15
C ILE C 245 32.86 60.63 28.44
N ARG C 246 33.67 60.42 27.41
CA ARG C 246 35.10 60.20 27.61
C ARG C 246 35.81 61.48 28.05
N ARG C 247 35.60 62.57 27.31
CA ARG C 247 36.30 63.82 27.56
C ARG C 247 35.86 64.51 28.85
N ALA C 310 38.18 65.33 21.18
CA ALA C 310 37.90 63.91 21.03
C ALA C 310 37.62 63.60 19.56
N GLU C 311 38.01 62.42 19.13
CA GLU C 311 37.88 62.02 17.74
C GLU C 311 37.04 60.76 17.64
N VAL C 312 36.09 60.76 16.71
CA VAL C 312 35.31 59.59 16.38
C VAL C 312 35.92 58.99 15.12
N ASP C 313 36.52 57.83 15.26
CA ASP C 313 37.13 57.10 14.15
C ASP C 313 36.27 55.88 13.88
N ASP C 314 36.67 55.07 12.88
CA ASP C 314 35.94 53.86 12.54
C ASP C 314 35.95 52.82 13.64
N GLU C 315 36.93 52.88 14.54
CA GLU C 315 36.96 52.00 15.69
C GLU C 315 35.79 52.28 16.63
N GLN C 316 35.52 53.56 16.89
CA GLN C 316 34.44 53.92 17.80
C GLN C 316 33.07 53.73 17.19
N ILE C 317 32.98 53.73 15.86
CA ILE C 317 31.74 53.39 15.20
C ILE C 317 31.46 51.90 15.36
N ALA C 318 32.48 51.08 15.20
CA ALA C 318 32.31 49.64 15.32
C ALA C 318 32.08 49.23 16.76
N GLU C 319 32.57 50.00 17.72
CA GLU C 319 32.28 49.72 19.12
C GLU C 319 30.84 50.03 19.46
N VAL C 320 30.28 51.07 18.84
CA VAL C 320 28.87 51.38 19.03
C VAL C 320 27.99 50.34 18.36
N LEU C 321 28.35 49.94 17.14
CA LEU C 321 27.60 48.90 16.44
C LEU C 321 27.75 47.56 17.13
N GLY C 322 28.91 47.28 17.72
CA GLY C 322 29.07 46.06 18.47
C GLY C 322 28.23 46.03 19.74
N ASN C 323 28.07 47.19 20.38
CA ASN C 323 27.25 47.25 21.58
C ASN C 323 25.77 47.20 21.28
N TRP C 324 25.42 47.52 20.02
CA TRP C 324 23.99 47.63 19.63
C TRP C 324 23.51 46.30 19.06
N THR C 325 24.16 45.81 18.01
CA THR C 325 23.70 44.59 17.37
C THR C 325 24.11 43.37 18.18
N GLY C 326 25.21 43.48 18.92
CA GLY C 326 25.80 42.32 19.54
C GLY C 326 26.84 41.64 18.69
N ILE C 327 26.99 42.06 17.45
CA ILE C 327 27.95 41.47 16.51
C ILE C 327 29.30 42.12 16.77
N PRO C 328 30.34 41.34 17.10
CA PRO C 328 31.67 41.95 17.30
C PRO C 328 32.26 42.35 15.97
N VAL C 329 32.30 43.64 15.71
CA VAL C 329 32.87 44.16 14.48
C VAL C 329 33.99 45.11 14.87
N PHE C 330 34.19 45.27 16.17
CA PHE C 330 35.15 46.24 16.67
C PHE C 330 36.57 45.79 16.40
N LYS C 331 37.50 46.75 16.48
CA LYS C 331 38.91 46.49 16.25
C LYS C 331 39.43 45.55 17.32
N LEU C 332 40.12 44.50 16.91
CA LEU C 332 40.56 43.48 17.85
C LEU C 332 41.70 43.99 18.72
N THR C 333 41.50 43.91 20.03
CA THR C 333 42.57 44.18 20.97
C THR C 333 43.62 43.08 20.90
N GLU C 334 44.81 43.38 21.40
CA GLU C 334 45.88 42.39 21.40
C GLU C 334 45.58 41.23 22.33
N ALA C 335 44.74 41.44 23.36
CA ALA C 335 44.36 40.33 24.23
C ALA C 335 43.38 39.40 23.55
N GLU C 336 42.63 39.89 22.56
CA GLU C 336 41.68 39.08 21.83
C GLU C 336 42.22 38.60 20.50
N THR C 337 43.20 39.29 19.93
CA THR C 337 43.83 38.82 18.71
C THR C 337 44.64 37.55 18.99
N THR C 338 45.33 37.51 20.12
CA THR C 338 46.05 36.30 20.50
C THR C 338 45.07 35.19 20.88
N ARG C 339 43.93 35.56 21.46
CA ARG C 339 42.94 34.56 21.87
C ARG C 339 42.33 33.84 20.68
N LEU C 340 42.01 34.58 19.61
CA LEU C 340 41.54 33.97 18.38
C LEU C 340 42.60 33.12 17.70
N LEU C 341 43.86 33.45 17.89
CA LEU C 341 44.89 32.63 17.28
C LEU C 341 45.05 31.31 18.03
N ARG C 342 44.94 31.34 19.36
CA ARG C 342 44.82 30.11 20.13
C ARG C 342 43.36 29.76 20.42
N MET C 343 42.54 29.83 19.38
CA MET C 343 41.13 29.46 19.54
C MET C 343 40.99 27.97 19.68
N GLU C 344 41.83 27.23 18.97
CA GLU C 344 41.81 25.78 19.05
C GLU C 344 42.26 25.30 20.42
N GLU C 345 43.24 25.99 21.00
CA GLU C 345 43.71 25.63 22.34
C GLU C 345 42.67 25.97 23.39
N GLU C 346 41.89 27.02 23.18
CA GLU C 346 40.84 27.33 24.14
C GLU C 346 39.64 26.42 23.97
N LEU C 347 39.38 25.95 22.76
CA LEU C 347 38.32 24.97 22.58
C LEU C 347 38.75 23.58 23.01
N HIS C 348 40.05 23.30 23.01
CA HIS C 348 40.54 22.03 23.50
C HIS C 348 40.57 21.93 25.01
N LYS C 349 40.30 23.03 25.72
CA LYS C 349 40.07 22.93 27.15
C LYS C 349 38.72 22.31 27.44
N ARG C 350 37.86 22.24 26.44
CA ARG C 350 36.50 21.68 26.63
C ARG C 350 36.27 20.51 25.68
N ILE C 351 37.04 20.45 24.58
CA ILE C 351 36.90 19.38 23.61
C ILE C 351 38.17 18.55 23.59
N ILE C 352 38.04 17.26 23.88
CA ILE C 352 39.17 16.35 23.86
C ILE C 352 39.29 15.80 22.45
N GLY C 353 40.47 15.97 21.85
CA GLY C 353 40.66 15.49 20.50
C GLY C 353 39.87 16.33 19.53
N GLN C 354 39.38 15.69 18.48
CA GLN C 354 38.57 16.29 17.43
C GLN C 354 39.28 17.48 16.78
N GLU C 355 40.49 17.23 16.29
CA GLU C 355 41.36 18.31 15.85
C GLU C 355 40.83 18.99 14.60
N ASP C 356 40.42 18.22 13.59
CA ASP C 356 39.88 18.80 12.37
C ASP C 356 38.55 19.48 12.61
N ALA C 357 37.81 19.03 13.62
CA ALA C 357 36.56 19.68 13.98
C ALA C 357 36.78 21.03 14.62
N VAL C 358 37.77 21.11 15.50
CA VAL C 358 38.05 22.35 16.22
C VAL C 358 38.75 23.34 15.31
N LYS C 359 39.60 22.85 14.39
CA LYS C 359 40.22 23.72 13.40
C LYS C 359 39.19 24.35 12.48
N ALA C 360 38.16 23.59 12.10
CA ALA C 360 37.21 24.08 11.11
C ALA C 360 36.36 25.21 11.64
N VAL C 361 35.89 25.11 12.89
CA VAL C 361 35.12 26.21 13.44
C VAL C 361 36.01 27.33 13.92
N SER C 362 37.29 27.07 14.13
CA SER C 362 38.21 28.15 14.43
C SER C 362 38.56 28.96 13.20
N LYS C 363 38.60 28.31 12.04
CA LYS C 363 38.82 29.04 10.81
C LYS C 363 37.60 29.87 10.44
N ALA C 364 36.42 29.45 10.87
CA ALA C 364 35.21 30.23 10.58
C ALA C 364 35.17 31.50 11.39
N ILE C 365 35.58 31.43 12.67
CA ILE C 365 35.55 32.62 13.51
C ILE C 365 36.71 33.54 13.15
N ARG C 366 37.84 32.97 12.73
CA ARG C 366 38.96 33.82 12.36
C ARG C 366 38.70 34.56 11.06
N ARG C 367 38.08 33.92 10.07
CA ARG C 367 37.77 34.68 8.87
C ARG C 367 36.60 35.63 9.07
N THR C 368 35.80 35.43 10.11
CA THR C 368 34.79 36.42 10.44
C THR C 368 35.43 37.64 11.06
N ARG C 369 36.34 37.42 12.00
CA ARG C 369 36.94 38.54 12.71
C ARG C 369 38.10 39.17 11.97
N ALA C 370 38.67 38.50 10.96
CA ALA C 370 39.59 39.16 10.07
C ALA C 370 38.89 39.95 8.98
N GLY C 371 37.57 39.92 8.94
CA GLY C 371 36.83 40.63 7.92
C GLY C 371 36.91 39.97 6.57
N LEU C 372 37.14 38.66 6.53
CA LEU C 372 37.29 37.96 5.27
C LEU C 372 36.14 37.05 4.91
N LYS C 373 35.05 37.07 5.67
CA LYS C 373 33.92 36.23 5.29
C LYS C 373 33.09 36.92 4.23
N ASP C 374 32.31 36.14 3.52
CA ASP C 374 31.36 36.65 2.55
C ASP C 374 30.26 37.34 3.34
N PRO C 375 30.00 38.63 3.12
CA PRO C 375 28.95 39.32 3.86
C PRO C 375 27.54 38.97 3.41
N LYS C 376 27.41 38.09 2.40
CA LYS C 376 26.13 37.62 1.92
C LYS C 376 25.82 36.23 2.46
N ARG C 377 26.70 35.66 3.24
CA ARG C 377 26.61 34.28 3.70
C ARG C 377 26.87 34.25 5.19
N PRO C 378 26.44 33.20 5.88
CA PRO C 378 26.77 33.07 7.31
C PRO C 378 28.25 32.92 7.60
N SER C 379 28.60 33.07 8.87
CA SER C 379 30.01 33.03 9.28
C SER C 379 30.61 31.66 9.06
N GLY C 380 29.82 30.63 9.25
CA GLY C 380 30.25 29.28 9.00
C GLY C 380 29.07 28.36 8.99
N SER C 381 29.06 27.42 8.08
CA SER C 381 28.01 26.42 7.98
C SER C 381 28.67 25.05 8.11
N PHE C 382 28.31 24.32 9.15
CA PHE C 382 29.02 23.09 9.44
C PHE C 382 28.05 21.94 9.60
N ILE C 383 28.43 20.78 9.09
CA ILE C 383 27.83 19.52 9.48
C ILE C 383 28.85 18.81 10.34
N PHE C 384 28.53 18.65 11.61
CA PHE C 384 29.33 17.83 12.50
C PHE C 384 28.78 16.42 12.40
N ALA C 385 29.54 15.54 11.80
CA ALA C 385 29.02 14.20 11.64
C ALA C 385 30.00 13.23 12.28
N GLY C 386 29.52 12.02 12.51
CA GLY C 386 30.33 11.05 13.21
C GLY C 386 29.53 10.30 14.23
N PRO C 387 30.21 9.50 15.04
CA PRO C 387 29.50 8.60 15.96
C PRO C 387 28.99 9.32 17.19
N SER C 388 28.25 8.59 18.00
CA SER C 388 27.54 9.21 19.11
C SER C 388 28.45 9.39 20.32
N GLY C 389 28.62 10.62 20.76
CA GLY C 389 29.33 10.87 22.00
C GLY C 389 30.76 11.29 21.81
N VAL C 390 31.10 11.79 20.63
CA VAL C 390 32.47 12.16 20.36
C VAL C 390 32.66 13.66 20.31
N GLY C 391 31.59 14.42 20.52
CA GLY C 391 31.73 15.86 20.65
C GLY C 391 31.05 16.68 19.59
N LYS C 392 29.99 16.20 18.98
CA LYS C 392 29.29 16.97 17.96
C LYS C 392 28.46 18.08 18.60
N THR C 393 27.52 17.71 19.47
CA THR C 393 26.77 18.72 20.23
C THR C 393 27.70 19.45 21.19
N GLU C 394 28.75 18.75 21.60
CA GLU C 394 29.65 19.26 22.61
C GLU C 394 30.56 20.37 22.06
N LEU C 395 31.03 20.26 20.82
CA LEU C 395 31.81 21.34 20.24
C LEU C 395 30.97 22.58 19.98
N SER C 396 29.69 22.38 19.67
CA SER C 396 28.77 23.49 19.47
C SER C 396 28.56 24.27 20.76
N LYS C 397 28.57 23.57 21.89
CA LYS C 397 28.43 24.28 23.17
C LYS C 397 29.79 24.90 23.54
N ALA C 398 30.90 24.26 23.15
CA ALA C 398 32.20 24.84 23.44
C ALA C 398 32.46 26.06 22.60
N LEU C 399 31.94 26.08 21.37
CA LEU C 399 32.08 27.25 20.52
C LEU C 399 31.23 28.41 21.03
N ALA C 400 30.03 28.11 21.51
CA ALA C 400 29.21 29.16 22.10
C ALA C 400 29.76 29.61 23.44
N ASN C 401 30.44 28.73 24.16
CA ASN C 401 31.13 29.15 25.38
C ASN C 401 32.35 29.99 25.05
N PHE C 402 33.00 29.72 23.92
CA PHE C 402 34.13 30.54 23.51
C PHE C 402 33.67 31.94 23.14
N LEU C 403 32.65 32.02 22.29
CA LEU C 403 32.21 33.30 21.75
C LEU C 403 31.41 34.11 22.75
N PHE C 404 30.86 33.50 23.78
CA PHE C 404 29.96 34.21 24.67
C PHE C 404 30.16 33.96 26.16
N GLY C 405 30.99 33.02 26.57
CA GLY C 405 31.09 32.71 27.98
C GLY C 405 29.92 31.94 28.52
N ASP C 406 29.11 31.33 27.67
CA ASP C 406 27.92 30.64 28.13
C ASP C 406 27.57 29.56 27.13
N ASP C 407 27.32 28.35 27.62
CA ASP C 407 26.77 27.31 26.78
C ASP C 407 25.32 27.61 26.41
N ASP C 408 24.62 28.37 27.24
CA ASP C 408 23.22 28.69 27.01
C ASP C 408 23.04 29.81 26.00
N ALA C 409 24.11 30.41 25.50
CA ALA C 409 24.01 31.32 24.38
C ALA C 409 23.87 30.60 23.06
N LEU C 410 24.10 29.29 23.05
CA LEU C 410 23.86 28.47 21.87
C LEU C 410 22.36 28.41 21.58
N ILE C 411 21.99 28.73 20.34
CA ILE C 411 20.62 28.52 19.89
C ILE C 411 20.55 27.06 19.43
N GLN C 412 20.09 26.20 20.32
CA GLN C 412 20.09 24.75 20.07
C GLN C 412 18.69 24.38 19.59
N ILE C 413 18.54 24.26 18.28
CA ILE C 413 17.29 23.80 17.69
C ILE C 413 17.39 22.28 17.60
N ASP C 414 16.64 21.59 18.43
CA ASP C 414 16.68 20.14 18.51
C ASP C 414 15.86 19.58 17.36
N MET C 415 16.53 19.13 16.30
CA MET C 415 15.84 18.76 15.07
C MET C 415 15.13 17.42 15.16
N GLY C 416 15.28 16.70 16.28
CA GLY C 416 14.59 15.44 16.43
C GLY C 416 13.10 15.60 16.56
N GLU C 417 12.64 16.74 17.06
CA GLU C 417 11.22 17.01 17.15
C GLU C 417 10.68 17.72 15.92
N PHE C 418 11.44 17.73 14.84
CA PHE C 418 10.97 18.23 13.56
C PHE C 418 10.83 17.13 12.52
N HIS C 419 10.61 15.89 12.95
CA HIS C 419 10.47 14.79 12.01
C HIS C 419 9.17 14.87 11.24
N ASP C 420 8.17 15.50 11.83
CA ASP C 420 6.96 15.85 11.11
C ASP C 420 7.25 16.95 10.11
N ARG C 421 6.68 16.83 8.92
CA ARG C 421 6.93 17.77 7.83
C ARG C 421 6.34 19.14 8.11
N PHE C 422 5.40 19.22 9.03
CA PHE C 422 4.59 20.41 9.20
C PHE C 422 5.09 21.26 10.36
N THR C 423 6.18 20.86 11.00
CA THR C 423 6.83 21.64 12.05
C THR C 423 7.85 22.62 11.49
N ALA C 424 7.88 22.81 10.17
CA ALA C 424 8.74 23.83 9.59
C ALA C 424 8.33 25.23 10.03
N SER C 425 7.08 25.42 10.40
CA SER C 425 6.62 26.70 10.93
C SER C 425 7.17 26.98 12.31
N ARG C 426 7.77 26.02 12.99
CA ARG C 426 8.51 26.35 14.19
C ARG C 426 9.85 27.01 13.89
N LEU C 427 10.25 27.11 12.64
CA LEU C 427 11.45 27.84 12.30
C LEU C 427 11.17 29.28 11.93
N PHE C 428 10.07 29.56 11.26
CA PHE C 428 9.84 30.89 10.73
C PHE C 428 8.48 31.44 11.11
N GLY C 429 7.60 30.62 11.66
CA GLY C 429 6.33 31.12 12.11
C GLY C 429 5.18 30.76 11.20
N ALA C 430 3.99 30.99 11.70
CA ALA C 430 2.81 30.75 10.90
C ALA C 430 2.65 31.86 9.87
N PRO C 431 2.06 31.56 8.72
CA PRO C 431 1.75 32.57 7.73
C PRO C 431 0.56 33.41 8.18
N PRO C 432 0.21 34.50 7.45
CA PRO C 432 -0.97 35.29 7.82
C PRO C 432 -2.28 34.51 7.86
N GLY C 433 -3.04 34.74 8.93
CA GLY C 433 -4.32 34.09 9.10
C GLY C 433 -4.33 32.94 10.07
N TYR C 434 -3.29 32.76 10.86
CA TYR C 434 -3.15 31.57 11.67
C TYR C 434 -2.72 31.94 13.08
N VAL C 435 -2.83 30.96 13.98
CA VAL C 435 -2.34 31.19 15.32
C VAL C 435 -0.82 31.11 15.30
N GLY C 436 -0.19 31.85 16.19
CA GLY C 436 1.25 31.92 16.15
C GLY C 436 1.78 32.74 15.01
N TYR C 437 0.94 33.58 14.43
CA TYR C 437 1.38 34.56 13.46
C TYR C 437 1.94 35.81 14.14
N GLU C 438 1.41 36.18 15.30
CA GLU C 438 1.99 37.26 16.09
C GLU C 438 3.18 36.77 16.90
N GLU C 439 3.29 35.46 17.13
CA GLU C 439 4.44 34.90 17.82
C GLU C 439 5.43 34.36 16.80
N GLY C 440 5.55 35.05 15.67
CA GLY C 440 6.06 34.48 14.45
C GLY C 440 7.53 34.13 14.45
N GLY C 441 7.82 32.84 14.52
CA GLY C 441 9.19 32.39 14.44
C GLY C 441 9.74 32.01 15.78
N GLN C 442 10.32 30.83 15.86
CA GLN C 442 11.15 30.47 17.00
C GLN C 442 12.62 30.53 16.68
N LEU C 443 13.00 30.31 15.42
CA LEU C 443 14.38 30.49 15.01
C LEU C 443 14.64 31.91 14.53
N THR C 444 13.70 32.49 13.78
CA THR C 444 13.87 33.84 13.29
C THR C 444 13.91 34.87 14.41
N GLU C 445 13.19 34.62 15.49
CA GLU C 445 13.17 35.58 16.57
C GLU C 445 14.42 35.48 17.43
N LYS C 446 14.94 34.27 17.64
CA LYS C 446 16.16 34.12 18.41
C LYS C 446 17.37 34.71 17.73
N VAL C 447 17.33 34.88 16.41
CA VAL C 447 18.42 35.50 15.69
C VAL C 447 18.11 36.97 15.37
N ARG C 448 16.86 37.39 15.47
CA ARG C 448 16.59 38.82 15.51
C ARG C 448 17.19 39.45 16.74
N ARG C 449 17.20 38.74 17.87
CA ARG C 449 17.85 39.22 19.09
C ARG C 449 19.36 39.18 18.95
N LYS C 450 19.90 38.00 18.65
CA LYS C 450 21.33 37.76 18.60
C LYS C 450 21.68 37.41 17.16
N PRO C 451 21.96 38.40 16.32
CA PRO C 451 22.35 38.08 14.95
C PRO C 451 23.71 37.43 14.87
N PHE C 452 24.60 37.72 15.82
CA PHE C 452 25.81 36.94 15.98
C PHE C 452 25.52 35.90 17.04
N SER C 453 25.32 34.66 16.61
CA SER C 453 25.04 33.57 17.52
C SER C 453 25.50 32.29 16.84
N VAL C 454 25.61 31.22 17.62
CA VAL C 454 25.85 29.90 17.08
C VAL C 454 24.53 29.18 17.13
N VAL C 455 24.01 28.79 15.97
CA VAL C 455 22.73 28.12 15.87
C VAL C 455 23.00 26.64 15.64
N LEU C 456 22.63 25.83 16.60
CA LEU C 456 22.85 24.39 16.53
C LEU C 456 21.58 23.72 16.05
N PHE C 457 21.69 22.95 14.98
CA PHE C 457 20.62 22.11 14.51
C PHE C 457 20.97 20.69 14.91
N ASP C 458 20.59 20.32 16.12
CA ASP C 458 21.02 19.07 16.71
C ASP C 458 20.25 17.91 16.09
N ALA C 459 20.99 16.93 15.56
CA ALA C 459 20.47 15.73 14.91
C ALA C 459 19.58 16.07 13.72
N ILE C 460 20.23 16.66 12.72
CA ILE C 460 19.54 17.19 11.54
C ILE C 460 18.91 16.09 10.71
N GLU C 461 19.46 14.88 10.75
CA GLU C 461 18.90 13.76 10.01
C GLU C 461 17.60 13.26 10.60
N LYS C 462 17.26 13.67 11.82
CA LYS C 462 16.01 13.27 12.44
C LYS C 462 14.86 14.17 12.05
N ALA C 463 15.11 15.23 11.29
CA ALA C 463 14.05 16.10 10.83
C ALA C 463 13.49 15.58 9.52
N HIS C 464 12.35 16.13 9.13
CA HIS C 464 11.77 15.78 7.84
C HIS C 464 12.62 16.41 6.73
N GLN C 465 12.47 15.87 5.52
CA GLN C 465 13.20 16.37 4.37
C GLN C 465 12.84 17.82 4.07
N GLU C 466 11.60 18.21 4.33
CA GLU C 466 11.15 19.56 4.07
C GLU C 466 11.65 20.56 5.08
N ILE C 467 12.20 20.10 6.20
CA ILE C 467 12.60 21.05 7.23
C ILE C 467 13.90 21.72 6.86
N TYR C 468 14.89 20.95 6.41
CA TYR C 468 16.14 21.56 5.99
C TYR C 468 16.04 22.19 4.61
N ASN C 469 14.98 21.90 3.86
CA ASN C 469 14.75 22.64 2.62
C ASN C 469 14.29 24.06 2.89
N SER C 470 13.76 24.32 4.08
CA SER C 470 13.50 25.67 4.52
C SER C 470 14.77 26.39 4.91
N LEU C 471 15.86 25.65 5.11
CA LEU C 471 17.14 26.20 5.53
C LEU C 471 18.10 26.37 4.37
N LEU C 472 17.62 26.27 3.13
CA LEU C 472 18.52 26.44 2.00
C LEU C 472 18.87 27.91 1.79
N GLN C 473 17.88 28.79 1.92
CA GLN C 473 18.14 30.22 1.94
C GLN C 473 19.00 30.63 3.13
N VAL C 474 18.89 29.90 4.23
CA VAL C 474 19.65 30.17 5.44
C VAL C 474 21.14 30.02 5.20
N LEU C 475 21.53 29.00 4.45
CA LEU C 475 22.95 28.67 4.34
C LEU C 475 23.63 29.48 3.26
N GLU C 476 22.92 29.79 2.19
CA GLU C 476 23.53 30.47 1.05
C GLU C 476 23.30 31.96 1.08
N ASP C 477 22.07 32.38 1.33
CA ASP C 477 21.74 33.78 1.29
C ASP C 477 21.76 34.44 2.66
N GLY C 478 21.79 33.66 3.74
CA GLY C 478 21.74 34.23 5.07
C GLY C 478 20.40 34.82 5.42
N ARG C 479 19.34 34.33 4.80
CA ARG C 479 18.00 34.85 4.95
C ARG C 479 17.12 33.78 5.56
N LEU C 480 16.18 34.19 6.40
CA LEU C 480 15.05 33.35 6.75
C LEU C 480 13.93 34.34 7.03
N THR C 481 13.03 34.47 6.06
CA THR C 481 11.91 35.40 6.21
C THR C 481 10.91 34.79 7.15
N ASP C 482 10.50 35.53 8.18
CA ASP C 482 9.67 34.93 9.21
C ASP C 482 8.21 34.83 8.74
N GLY C 483 7.30 34.56 9.67
CA GLY C 483 5.91 34.46 9.29
C GLY C 483 5.31 35.79 8.91
N GLN C 484 5.71 36.84 9.62
CA GLN C 484 5.16 38.17 9.38
C GLN C 484 5.76 38.79 8.13
N GLY C 485 6.92 38.32 7.70
CA GLY C 485 7.52 38.81 6.48
C GLY C 485 8.81 39.56 6.69
N ARG C 486 9.34 39.53 7.90
CA ARG C 486 10.60 40.15 8.21
C ARG C 486 11.71 39.16 7.88
N THR C 487 12.62 39.56 7.01
CA THR C 487 13.80 38.76 6.74
C THR C 487 14.81 38.96 7.85
N VAL C 488 15.29 37.87 8.44
CA VAL C 488 16.26 37.92 9.52
C VAL C 488 17.63 37.60 8.93
N ASP C 489 18.62 38.44 9.24
CA ASP C 489 19.99 38.18 8.83
C ASP C 489 20.51 36.95 9.54
N PHE C 490 20.92 35.93 8.79
CA PHE C 490 21.69 34.85 9.40
C PHE C 490 23.13 34.93 8.95
N LYS C 491 23.53 36.09 8.42
CA LYS C 491 24.83 36.30 7.81
C LYS C 491 25.94 36.38 8.83
N ASN C 492 25.61 36.46 10.11
CA ASN C 492 26.62 36.52 11.16
C ASN C 492 26.54 35.31 12.07
N THR C 493 25.70 34.34 11.73
CA THR C 493 25.56 33.16 12.54
C THR C 493 26.58 32.11 12.15
N VAL C 494 26.87 31.23 13.08
CA VAL C 494 27.58 30.00 12.81
C VAL C 494 26.56 28.88 12.89
N LEU C 495 26.25 28.30 11.74
CA LEU C 495 25.22 27.28 11.64
C LEU C 495 25.87 25.92 11.73
N ILE C 496 25.46 25.12 12.70
CA ILE C 496 26.04 23.81 12.91
C ILE C 496 24.93 22.78 12.85
N PHE C 497 25.15 21.73 12.05
CA PHE C 497 24.20 20.64 11.83
C PHE C 497 24.85 19.38 12.36
N THR C 498 24.64 19.04 13.62
CA THR C 498 25.22 17.80 14.09
C THR C 498 24.41 16.62 13.61
N SER C 499 25.09 15.49 13.46
CA SER C 499 24.48 14.39 12.73
C SER C 499 25.12 13.08 13.11
N ASN C 500 24.31 12.12 13.49
CA ASN C 500 24.76 10.76 13.74
C ASN C 500 24.70 9.91 12.49
N LEU C 501 24.45 10.52 11.35
CA LEU C 501 24.06 9.80 10.16
C LEU C 501 25.28 9.14 9.52
N GLY C 502 25.12 7.90 9.11
CA GLY C 502 26.18 7.16 8.47
C GLY C 502 27.09 6.39 9.40
N THR C 503 26.73 6.24 10.66
CA THR C 503 27.54 5.53 11.63
C THR C 503 26.72 4.38 12.18
N SER C 504 26.76 3.25 11.49
CA SER C 504 26.08 2.05 11.96
C SER C 504 27.04 0.87 11.83
N ASP C 505 28.09 1.03 11.02
CA ASP C 505 29.17 0.05 10.96
C ASP C 505 30.21 0.27 12.04
N ILE C 506 29.99 1.23 12.93
CA ILE C 506 31.00 1.56 13.94
C ILE C 506 31.13 0.50 15.01
N SER C 507 30.09 -0.30 15.24
CA SER C 507 30.17 -1.44 16.15
C SER C 507 30.79 -2.65 15.50
N LYS C 508 31.14 -2.57 14.22
CA LYS C 508 31.71 -3.67 13.48
C LYS C 508 33.14 -3.34 13.05
N PRO C 509 34.06 -4.29 13.19
CA PRO C 509 35.44 -4.02 12.74
C PRO C 509 35.65 -4.33 11.26
N VAL C 510 34.85 -5.22 10.67
CA VAL C 510 34.93 -5.49 9.24
C VAL C 510 33.53 -5.37 8.66
N GLY C 511 33.47 -5.36 7.33
CA GLY C 511 32.21 -5.40 6.64
C GLY C 511 31.68 -6.80 6.45
N LEU C 512 30.62 -6.90 5.66
CA LEU C 512 30.01 -8.20 5.39
C LEU C 512 30.82 -8.97 4.35
N GLY C 513 31.54 -8.26 3.48
CA GLY C 513 32.16 -8.86 2.33
C GLY C 513 33.58 -9.36 2.59
N PHE C 514 34.14 -9.96 1.55
CA PHE C 514 35.54 -10.37 1.55
C PHE C 514 36.41 -9.17 1.18
N SER C 515 37.56 -9.03 1.86
CA SER C 515 38.38 -7.82 1.72
C SER C 515 39.86 -8.15 1.56
N LYS C 516 40.58 -7.31 0.81
CA LYS C 516 42.01 -7.51 0.62
C LYS C 516 42.80 -7.19 1.86
N GLY C 517 42.56 -6.02 2.45
CA GLY C 517 43.30 -5.57 3.61
C GLY C 517 42.60 -5.94 4.90
N GLY C 518 43.28 -5.68 6.02
CA GLY C 518 42.66 -5.88 7.34
C GLY C 518 43.27 -4.88 8.31
N GLY C 519 43.68 -3.71 7.80
CA GLY C 519 44.38 -2.71 8.63
C GLY C 519 43.45 -1.76 9.36
N GLU C 520 43.87 -0.48 9.49
CA GLU C 520 43.07 0.49 10.29
C GLU C 520 42.47 1.57 9.39
N ASN C 521 41.56 1.18 8.49
CA ASN C 521 40.84 2.22 7.70
C ASN C 521 39.73 2.74 8.59
N ASP C 522 39.86 2.56 9.91
CA ASP C 522 38.85 3.06 10.86
C ASP C 522 38.71 4.57 10.64
N TYR C 523 37.54 5.14 10.89
CA TYR C 523 37.30 6.57 10.61
C TYR C 523 37.37 6.70 9.09
N GLU C 524 38.47 6.24 8.51
CA GLU C 524 38.66 6.36 7.04
C GLU C 524 37.42 5.86 6.28
N ARG C 525 37.00 4.62 6.53
CA ARG C 525 35.76 4.09 5.90
C ARG C 525 34.58 4.86 6.50
N MET C 526 34.69 5.25 7.78
CA MET C 526 33.64 6.02 8.42
C MET C 526 33.42 7.36 7.73
N LYS C 527 34.51 8.06 7.43
CA LYS C 527 34.42 9.30 6.68
C LYS C 527 33.87 9.04 5.28
N GLN C 528 34.17 7.87 4.71
CA GLN C 528 33.55 7.50 3.45
C GLN C 528 32.07 7.14 3.65
N LYS C 529 31.74 6.46 4.74
CA LYS C 529 30.38 5.98 4.91
C LYS C 529 29.45 7.11 5.31
N VAL C 530 29.93 8.01 6.14
CA VAL C 530 29.16 9.19 6.52
C VAL C 530 28.91 10.09 5.31
N ASN C 531 29.94 10.36 4.50
CA ASN C 531 29.75 11.19 3.32
C ASN C 531 28.83 10.54 2.29
N ASP C 532 28.84 9.21 2.21
CA ASP C 532 27.90 8.52 1.34
C ASP C 532 26.48 8.64 1.87
N GLU C 533 26.28 8.50 3.17
CA GLU C 533 24.94 8.52 3.74
C GLU C 533 24.41 9.93 3.91
N LEU C 534 25.28 10.93 4.02
CA LEU C 534 24.82 12.31 3.95
C LEU C 534 24.38 12.69 2.53
N LYS C 535 25.05 12.15 1.51
CA LYS C 535 24.61 12.41 0.15
C LYS C 535 23.29 11.72 -0.16
N LYS C 536 23.01 10.61 0.51
CA LYS C 536 21.75 9.91 0.27
C LYS C 536 20.60 10.58 1.01
N HIS C 537 20.86 11.08 2.21
CA HIS C 537 19.78 11.63 3.02
C HIS C 537 19.50 13.08 2.68
N PHE C 538 20.52 13.85 2.33
CA PHE C 538 20.35 15.25 2.00
C PHE C 538 20.44 15.44 0.50
N ARG C 539 19.66 16.40 0.00
CA ARG C 539 19.77 16.81 -1.38
C ARG C 539 21.15 17.41 -1.60
N PRO C 540 21.72 17.24 -2.80
CA PRO C 540 23.10 17.72 -3.02
C PRO C 540 23.22 19.23 -2.97
N GLU C 541 22.13 19.95 -3.14
CA GLU C 541 22.13 21.40 -2.96
C GLU C 541 22.14 21.82 -1.50
N PHE C 542 21.75 20.95 -0.57
CA PHE C 542 21.94 21.26 0.83
C PHE C 542 23.39 21.12 1.21
N LEU C 543 24.01 20.02 0.80
CA LEU C 543 25.42 19.78 1.08
C LEU C 543 26.31 20.70 0.29
N ASN C 544 25.79 21.27 -0.79
CA ASN C 544 26.54 22.24 -1.56
C ASN C 544 26.73 23.52 -0.76
N ARG C 545 25.75 23.86 0.08
CA ARG C 545 25.73 25.12 0.82
C ARG C 545 26.39 25.02 2.18
N ILE C 546 26.69 23.82 2.64
CA ILE C 546 27.46 23.61 3.85
C ILE C 546 28.91 23.97 3.55
N ASP C 547 29.52 24.77 4.42
CA ASP C 547 30.92 25.12 4.22
C ASP C 547 31.84 23.94 4.46
N ASP C 548 31.63 23.21 5.55
CA ASP C 548 32.47 22.08 5.87
C ASP C 548 31.64 20.98 6.52
N ILE C 549 31.74 19.78 5.95
CA ILE C 549 31.26 18.55 6.58
C ILE C 549 32.45 17.91 7.26
N ILE C 550 32.44 17.91 8.59
CA ILE C 550 33.50 17.29 9.37
C ILE C 550 32.94 16.00 9.91
N VAL C 551 33.54 14.89 9.51
CA VAL C 551 33.24 13.59 10.08
C VAL C 551 34.14 13.44 11.29
N PHE C 552 33.56 13.10 12.44
CA PHE C 552 34.31 13.12 13.68
C PHE C 552 34.94 11.77 13.92
N HIS C 553 36.11 11.80 14.55
CA HIS C 553 36.78 10.57 14.97
C HIS C 553 36.04 9.92 16.12
N GLN C 554 36.10 8.61 16.19
CA GLN C 554 35.80 7.94 17.44
C GLN C 554 36.87 8.33 18.45
N LEU C 555 36.48 8.43 19.71
CA LEU C 555 37.43 8.83 20.73
C LEU C 555 38.39 7.68 21.01
N THR C 556 39.68 7.96 20.89
CA THR C 556 40.68 6.95 21.14
C THR C 556 40.85 6.77 22.64
N ARG C 557 41.69 5.80 23.03
CA ARG C 557 41.86 5.50 24.44
C ARG C 557 42.60 6.61 25.17
N GLU C 558 43.57 7.23 24.51
CA GLU C 558 44.26 8.37 25.10
C GLU C 558 43.38 9.60 25.20
N GLU C 559 42.30 9.66 24.45
CA GLU C 559 41.36 10.77 24.56
C GLU C 559 40.34 10.52 25.66
N ILE C 560 40.03 9.25 25.94
CA ILE C 560 39.14 8.93 27.05
C ILE C 560 39.84 9.15 28.38
N ILE C 561 41.17 8.97 28.42
CA ILE C 561 41.94 9.28 29.62
C ILE C 561 41.85 10.76 29.94
N ARG C 562 41.98 11.61 28.93
CA ARG C 562 41.78 13.03 29.14
C ARG C 562 40.33 13.40 29.36
N MET C 563 39.39 12.59 28.84
CA MET C 563 37.97 12.84 29.06
C MET C 563 37.56 12.53 30.49
N VAL C 564 38.33 11.69 31.20
CA VAL C 564 38.08 11.45 32.61
C VAL C 564 38.27 12.72 33.41
N ASP C 565 39.38 13.43 33.17
CA ASP C 565 39.68 14.67 33.88
C ASP C 565 38.63 15.73 33.60
N LEU C 566 38.11 15.76 32.38
CA LEU C 566 37.06 16.71 32.04
C LEU C 566 35.74 16.36 32.71
N MET C 567 35.49 15.07 32.98
CA MET C 567 34.24 14.66 33.58
C MET C 567 34.31 14.50 35.09
N ILE C 568 35.50 14.26 35.66
CA ILE C 568 35.63 14.32 37.11
C ILE C 568 35.47 15.75 37.59
N SER C 569 35.95 16.72 36.81
CA SER C 569 35.93 18.12 37.21
C SER C 569 34.52 18.69 37.28
N ARG C 570 33.55 18.06 36.65
CA ARG C 570 32.16 18.42 36.90
C ARG C 570 31.72 17.93 38.26
N VAL C 571 32.14 16.73 38.64
CA VAL C 571 31.77 16.17 39.93
C VAL C 571 32.55 16.87 41.03
N ALA C 572 33.83 17.15 40.78
CA ALA C 572 34.66 17.86 41.74
C ALA C 572 34.19 19.29 41.92
N GLY C 573 33.66 19.91 40.87
CA GLY C 573 33.12 21.25 40.99
C GLY C 573 31.86 21.32 41.82
N GLN C 574 31.10 20.24 41.90
CA GLN C 574 29.91 20.21 42.73
C GLN C 574 30.23 19.91 44.18
N LEU C 575 31.30 19.17 44.43
CA LEU C 575 31.73 18.94 45.79
C LEU C 575 32.37 20.18 46.40
N LYS C 576 32.98 21.03 45.57
CA LYS C 576 33.51 22.29 46.08
C LYS C 576 32.41 23.26 46.44
N SER C 577 31.19 23.06 45.92
CA SER C 577 30.04 23.82 46.38
C SER C 577 29.67 23.48 47.81
N LYS C 578 29.93 22.25 48.25
CA LYS C 578 29.78 21.88 49.65
C LYS C 578 31.13 21.73 50.34
N ASP C 579 32.17 22.39 49.81
CA ASP C 579 33.52 22.45 50.38
C ASP C 579 34.13 21.07 50.55
N MET C 580 34.12 20.29 49.47
CA MET C 580 34.78 19.00 49.42
C MET C 580 35.65 18.95 48.18
N ALA C 581 36.84 18.40 48.32
CA ALA C 581 37.75 18.28 47.19
C ALA C 581 37.76 16.84 46.73
N LEU C 582 37.38 16.61 45.48
CA LEU C 582 37.43 15.28 44.90
C LEU C 582 38.76 15.13 44.17
N VAL C 583 39.67 14.38 44.78
CA VAL C 583 40.97 14.12 44.19
C VAL C 583 40.99 12.67 43.75
N LEU C 584 41.30 12.44 42.48
CA LEU C 584 41.50 11.10 41.96
C LEU C 584 42.98 10.88 41.67
N THR C 585 43.49 9.72 42.09
CA THR C 585 44.84 9.36 41.73
C THR C 585 44.89 8.85 40.30
N ASP C 586 46.12 8.67 39.80
CA ASP C 586 46.28 8.19 38.44
C ASP C 586 45.88 6.73 38.29
N ALA C 587 45.81 5.99 39.39
CA ALA C 587 45.29 4.63 39.33
C ALA C 587 43.78 4.64 39.15
N ALA C 588 43.10 5.57 39.81
CA ALA C 588 41.64 5.63 39.71
C ALA C 588 41.21 6.25 38.39
N LYS C 589 41.98 7.23 37.90
CA LYS C 589 41.67 7.83 36.60
C LYS C 589 41.94 6.85 35.46
N ALA C 590 42.94 6.00 35.62
CA ALA C 590 43.20 4.99 34.59
C ALA C 590 42.14 3.92 34.57
N LEU C 591 41.57 3.60 35.74
CA LEU C 591 40.59 2.54 35.79
C LEU C 591 39.24 3.00 35.27
N LEU C 592 38.90 4.27 35.49
CA LEU C 592 37.71 4.83 34.85
C LEU C 592 37.86 4.82 33.33
N ALA C 593 39.07 5.03 32.83
CA ALA C 593 39.30 4.95 31.40
C ALA C 593 39.22 3.53 30.90
N LYS C 594 39.61 2.55 31.72
CA LYS C 594 39.46 1.16 31.29
C LYS C 594 38.01 0.72 31.33
N ARG C 595 37.29 1.06 32.40
CA ARG C 595 35.90 0.65 32.53
C ARG C 595 34.99 1.41 31.59
N GLY C 596 35.34 2.64 31.25
CA GLY C 596 34.46 3.46 30.45
C GLY C 596 34.94 3.72 29.04
N PHE C 597 35.60 2.75 28.42
CA PHE C 597 36.04 2.89 27.04
C PHE C 597 35.23 1.95 26.16
N ASP C 598 34.20 2.49 25.54
CA ASP C 598 33.64 1.87 24.35
C ASP C 598 34.18 2.60 23.14
N PRO C 599 34.83 1.89 22.21
CA PRO C 599 35.21 2.56 20.97
C PRO C 599 34.02 2.89 20.09
N VAL C 600 32.90 2.23 20.30
CA VAL C 600 31.72 2.46 19.47
C VAL C 600 31.01 3.74 19.91
N LEU C 601 30.89 3.97 21.21
CA LEU C 601 30.24 5.19 21.64
C LEU C 601 31.23 6.27 22.04
N GLY C 602 31.96 6.08 23.12
CA GLY C 602 32.89 7.09 23.56
C GLY C 602 32.21 8.14 24.41
N ALA C 603 32.72 8.30 25.63
CA ALA C 603 32.47 9.40 26.58
C ALA C 603 31.07 9.44 27.16
N ARG C 604 30.10 8.79 26.56
CA ARG C 604 28.87 8.60 27.32
C ARG C 604 28.92 7.34 28.19
N PRO C 605 29.48 6.20 27.75
CA PRO C 605 29.80 5.16 28.74
C PRO C 605 30.84 5.56 29.75
N LEU C 606 31.74 6.50 29.44
CA LEU C 606 32.62 7.02 30.47
C LEU C 606 31.84 7.88 31.47
N ARG C 607 30.89 8.65 30.96
CA ARG C 607 30.03 9.45 31.87
C ARG C 607 29.24 8.47 32.74
N ARG C 608 28.69 7.41 32.14
CA ARG C 608 27.92 6.46 32.93
C ARG C 608 28.80 5.68 33.88
N THR C 609 30.09 5.51 33.55
CA THR C 609 30.99 4.84 34.47
C THR C 609 31.25 5.69 35.69
N ILE C 610 31.57 6.97 35.49
CA ILE C 610 31.77 7.91 36.59
C ILE C 610 30.49 8.10 37.37
N GLN C 611 29.33 8.02 36.71
CA GLN C 611 28.05 8.07 37.40
C GLN C 611 27.87 6.86 38.31
N ARG C 612 28.15 5.66 37.80
CA ARG C 612 27.92 4.47 38.59
C ARG C 612 29.01 4.26 39.63
N GLU C 613 30.25 4.54 39.28
CA GLU C 613 31.35 4.12 40.13
C GLU C 613 31.86 5.21 41.07
N ILE C 614 31.78 6.47 40.65
CA ILE C 614 32.22 7.59 41.48
C ILE C 614 31.04 8.27 42.16
N GLU C 615 30.06 8.72 41.37
CA GLU C 615 29.00 9.58 41.90
C GLU C 615 28.05 8.80 42.79
N ASP C 616 27.66 7.60 42.37
CA ASP C 616 26.72 6.82 43.17
C ASP C 616 27.34 6.31 44.46
N GLN C 617 28.65 6.10 44.46
CA GLN C 617 29.31 5.73 45.69
C GLN C 617 29.60 6.94 46.57
N LEU C 618 29.81 8.11 45.95
CA LEU C 618 29.86 9.34 46.74
C LEU C 618 28.49 9.74 47.25
N SER C 619 27.43 9.44 46.51
CA SER C 619 26.10 9.80 46.95
C SER C 619 25.67 8.99 48.16
N GLU C 620 26.19 7.78 48.32
CA GLU C 620 26.07 7.08 49.58
C GLU C 620 26.87 7.79 50.66
N LYS C 621 28.16 7.95 50.43
CA LYS C 621 29.10 8.34 51.47
C LYS C 621 28.94 9.78 51.92
N ILE C 622 28.32 10.63 51.11
CA ILE C 622 27.95 11.96 51.60
C ILE C 622 26.75 11.87 52.53
N LEU C 623 25.77 11.05 52.17
CA LEU C 623 24.58 10.90 52.98
C LEU C 623 24.82 10.08 54.24
N PHE C 624 25.78 9.16 54.24
CA PHE C 624 26.11 8.46 55.47
C PHE C 624 26.95 9.29 56.43
N GLU C 625 27.44 10.46 56.01
CA GLU C 625 28.54 11.18 56.66
C GLU C 625 29.76 10.26 56.83
N GLU C 626 30.10 9.48 55.80
CA GLU C 626 31.41 8.85 55.79
C GLU C 626 32.45 9.82 55.26
N VAL C 627 32.10 10.54 54.19
CA VAL C 627 32.78 11.76 53.79
C VAL C 627 31.78 12.89 53.94
N GLY C 628 32.28 14.10 54.13
CA GLY C 628 31.41 15.21 54.40
C GLY C 628 32.07 16.54 54.12
N PRO C 629 31.36 17.64 54.38
CA PRO C 629 31.89 18.98 54.09
C PRO C 629 33.11 19.34 54.89
N GLY C 630 34.11 19.90 54.22
CA GLY C 630 35.37 20.19 54.86
C GLY C 630 36.38 19.08 54.76
N GLN C 631 36.15 18.11 53.88
CA GLN C 631 37.06 16.98 53.72
C GLN C 631 37.45 16.85 52.26
N VAL C 632 38.65 16.32 52.04
CA VAL C 632 39.08 15.93 50.70
C VAL C 632 38.85 14.44 50.54
N VAL C 633 38.30 14.05 49.40
CA VAL C 633 37.96 12.67 49.11
C VAL C 633 38.96 12.17 48.08
N THR C 634 39.94 11.41 48.54
CA THR C 634 40.94 10.82 47.65
C THR C 634 40.41 9.48 47.18
N VAL C 635 40.33 9.31 45.87
CA VAL C 635 39.80 8.09 45.27
C VAL C 635 40.96 7.21 44.84
N ASP C 636 41.00 5.99 45.37
CA ASP C 636 42.07 5.05 45.11
C ASP C 636 41.48 3.78 44.53
N VAL C 637 42.35 2.79 44.35
CA VAL C 637 41.95 1.44 43.97
C VAL C 637 42.65 0.48 44.93
N ASP C 638 41.88 -0.30 45.68
CA ASP C 638 42.44 -1.19 46.69
C ASP C 638 42.67 -2.61 46.17
N ASN C 639 42.12 -2.93 45.00
CA ASN C 639 42.24 -4.24 44.40
C ASN C 639 43.10 -4.05 43.17
N TRP C 640 43.13 -4.86 42.07
CA TRP C 640 43.87 -4.52 40.78
C TRP C 640 45.43 -4.64 40.65
N ASP C 641 45.99 -4.47 39.41
CA ASP C 641 47.43 -4.38 38.88
C ASP C 641 47.71 -2.92 38.48
N GLY C 642 48.75 -2.60 37.62
CA GLY C 642 48.72 -1.16 37.48
C GLY C 642 48.23 -0.83 36.09
N GLU C 643 48.02 -1.88 35.30
CA GLU C 643 47.61 -1.72 33.91
C GLU C 643 46.64 -2.79 33.46
N GLY C 644 46.17 -3.64 34.38
CA GLY C 644 45.29 -4.73 34.03
C GLY C 644 43.90 -4.29 33.59
N PRO C 645 43.07 -5.25 33.15
CA PRO C 645 41.75 -4.89 32.65
C PRO C 645 40.80 -4.36 33.71
N GLY C 646 40.73 -5.04 34.85
CA GLY C 646 39.87 -4.61 35.92
C GLY C 646 38.52 -5.29 35.84
N GLU C 647 38.31 -6.30 36.66
CA GLU C 647 37.03 -6.98 36.71
C GLU C 647 36.64 -7.19 38.17
N ASP C 648 37.63 -7.18 39.05
CA ASP C 648 37.42 -7.36 40.47
C ASP C 648 37.81 -6.13 41.27
N ALA C 649 38.10 -5.02 40.61
CA ALA C 649 38.64 -3.86 41.26
C ALA C 649 37.56 -3.07 41.98
N VAL C 650 38.01 -2.17 42.86
CA VAL C 650 37.11 -1.41 43.71
C VAL C 650 37.66 0.01 43.77
N PHE C 651 36.76 0.94 44.06
CA PHE C 651 37.12 2.32 44.36
C PHE C 651 36.95 2.54 45.85
N THR C 652 37.94 3.15 46.48
CA THR C 652 37.91 3.43 47.90
C THR C 652 37.94 4.94 48.10
N PHE C 653 37.01 5.44 48.91
CA PHE C 653 36.83 6.87 49.09
C PHE C 653 37.25 7.17 50.51
N THR C 654 38.51 7.55 50.71
CA THR C 654 39.03 7.86 52.03
C THR C 654 38.90 9.35 52.26
N GLY C 655 38.30 9.73 53.38
CA GLY C 655 38.20 11.13 53.73
C GLY C 655 39.37 11.57 54.59
N THR C 656 39.91 12.74 54.27
CA THR C 656 41.02 13.34 54.98
C THR C 656 40.58 14.74 55.35
N ARG C 657 41.22 15.33 56.37
CA ARG C 657 40.83 16.54 57.12
C ARG C 657 39.54 16.31 57.90
N SER D 1 7.71 72.02 38.21
CA SER D 1 6.53 71.71 37.40
C SER D 1 5.43 71.10 38.23
N LEU D 2 4.18 71.36 37.83
CA LEU D 2 3.03 70.76 38.49
C LEU D 2 2.20 69.99 37.48
N VAL D 3 2.39 70.30 36.19
CA VAL D 3 1.76 69.51 35.15
C VAL D 3 2.36 68.12 35.10
N LEU D 4 3.67 68.03 35.25
CA LEU D 4 4.34 66.73 35.26
C LEU D 4 4.11 65.97 36.55
N ASP D 5 3.71 66.63 37.63
CA ASP D 5 3.45 65.88 38.86
C ASP D 5 2.15 65.12 38.79
N GLN D 6 1.15 65.63 38.09
CA GLN D 6 -0.12 64.95 38.02
C GLN D 6 -0.19 63.93 36.90
N PHE D 7 0.75 63.96 35.96
CA PHE D 7 0.81 62.96 34.92
C PHE D 7 2.11 62.17 34.97
N GLY D 8 2.81 62.21 36.08
CA GLY D 8 4.08 61.54 36.16
C GLY D 8 4.60 61.52 37.58
N ARG D 9 5.53 60.62 37.81
CA ARG D 9 6.20 60.49 39.09
C ARG D 9 7.66 60.87 38.86
N ASN D 10 8.15 61.83 39.62
CA ASN D 10 9.53 62.27 39.51
C ASN D 10 10.42 61.21 40.15
N LEU D 11 11.11 60.42 39.33
CA LEU D 11 12.05 59.46 39.88
C LEU D 11 13.32 60.12 40.40
N THR D 12 13.64 61.31 39.93
CA THR D 12 14.77 62.03 40.49
C THR D 12 14.45 62.50 41.90
N ALA D 13 13.22 62.96 42.13
CA ALA D 13 12.82 63.31 43.48
C ALA D 13 12.65 62.08 44.35
N ALA D 14 12.30 60.94 43.76
CA ALA D 14 12.23 59.71 44.53
C ALA D 14 13.61 59.19 44.89
N ALA D 15 14.62 59.46 44.08
CA ALA D 15 15.97 59.07 44.43
C ALA D 15 16.61 60.02 45.43
N MET D 16 16.17 61.28 45.45
CA MET D 16 16.58 62.19 46.51
C MET D 16 16.05 61.72 47.86
N GLU D 17 14.83 61.18 47.88
CA GLU D 17 14.22 60.71 49.11
C GLU D 17 14.61 59.29 49.46
N GLY D 18 15.40 58.63 48.62
CA GLY D 18 15.86 57.29 48.90
C GLY D 18 14.77 56.25 48.82
N LYS D 19 13.77 56.49 47.97
CA LYS D 19 12.64 55.59 47.85
C LYS D 19 12.80 54.58 46.73
N LEU D 20 13.90 54.62 46.00
CA LEU D 20 14.17 53.67 44.94
C LEU D 20 15.21 52.68 45.43
N ASP D 21 15.07 51.43 45.01
CA ASP D 21 15.99 50.38 45.41
C ASP D 21 17.35 50.65 44.81
N PRO D 22 18.44 50.32 45.51
CA PRO D 22 19.77 50.52 44.92
C PRO D 22 20.00 49.52 43.80
N VAL D 23 20.59 50.01 42.73
CA VAL D 23 20.81 49.20 41.53
C VAL D 23 22.28 48.87 41.50
N ILE D 24 22.63 47.74 42.10
CA ILE D 24 24.01 47.34 42.31
C ILE D 24 24.36 46.36 41.21
N GLY D 25 25.25 46.78 40.32
CA GLY D 25 25.39 46.12 39.04
C GLY D 25 24.71 47.01 38.03
N ARG D 26 24.58 46.53 36.79
CA ARG D 26 23.86 47.21 35.70
C ARG D 26 24.45 48.57 35.36
N GLU D 27 25.73 48.77 35.68
CA GLU D 27 26.36 50.06 35.42
C GLU D 27 26.74 50.22 33.96
N LYS D 28 26.92 49.11 33.26
CA LYS D 28 27.30 49.15 31.86
C LYS D 28 26.13 49.55 30.98
N GLU D 29 24.90 49.38 31.45
CA GLU D 29 23.73 49.75 30.68
C GLU D 29 23.11 51.06 31.11
N ILE D 30 23.34 51.51 32.33
CA ILE D 30 23.07 52.90 32.66
C ILE D 30 24.00 53.81 31.88
N GLU D 31 25.25 53.40 31.73
CA GLU D 31 26.20 54.08 30.85
C GLU D 31 25.72 54.06 29.42
N ARG D 32 25.04 52.99 29.02
CA ARG D 32 24.55 52.87 27.66
C ARG D 32 23.38 53.81 27.40
N VAL D 33 22.46 53.92 28.35
CA VAL D 33 21.32 54.79 28.13
C VAL D 33 21.68 56.25 28.34
N MET D 34 22.79 56.55 29.02
CA MET D 34 23.26 57.92 29.04
C MET D 34 23.92 58.31 27.73
N GLN D 35 24.45 57.35 26.98
CA GLN D 35 24.94 57.64 25.64
C GLN D 35 23.79 57.98 24.72
N VAL D 36 22.71 57.21 24.79
CA VAL D 36 21.58 57.46 23.91
C VAL D 36 20.93 58.77 24.28
N LEU D 37 20.75 59.05 25.58
CA LEU D 37 20.20 60.33 26.00
C LEU D 37 21.11 61.50 25.68
N SER D 38 22.41 61.28 25.50
CA SER D 38 23.32 62.35 25.14
C SER D 38 23.38 62.61 23.65
N ARG D 39 22.66 61.84 22.85
CA ARG D 39 22.71 62.00 21.41
C ARG D 39 22.03 63.29 20.98
N ARG D 40 22.35 63.71 19.77
CA ARG D 40 21.74 64.89 19.18
C ARG D 40 20.35 64.56 18.68
N THR D 41 20.29 63.63 17.74
CA THR D 41 19.04 63.18 17.16
C THR D 41 18.65 61.87 17.82
N LYS D 42 17.35 61.66 18.02
CA LYS D 42 16.77 60.39 18.45
C LYS D 42 17.30 59.95 19.81
N ASN D 43 17.40 60.91 20.71
CA ASN D 43 18.03 60.66 22.00
C ASN D 43 17.06 59.97 22.97
N ASN D 44 16.73 58.73 22.61
CA ASN D 44 15.60 58.02 23.21
C ASN D 44 15.97 56.56 23.34
N PRO D 45 16.37 56.12 24.51
CA PRO D 45 16.63 54.70 24.67
C PRO D 45 15.40 53.91 25.06
N VAL D 46 15.08 52.83 24.35
CA VAL D 46 14.11 51.88 24.86
C VAL D 46 14.88 50.72 25.47
N LEU D 47 14.49 50.37 26.67
CA LEU D 47 15.15 49.32 27.43
C LEU D 47 14.36 48.05 27.21
N ILE D 48 14.83 47.19 26.33
CA ILE D 48 14.12 45.97 26.03
C ILE D 48 14.80 44.82 26.74
N GLY D 49 13.99 43.92 27.28
CA GLY D 49 14.51 42.85 28.09
C GLY D 49 13.36 41.99 28.57
N GLU D 50 13.71 40.88 29.20
CA GLU D 50 12.69 39.97 29.65
C GLU D 50 11.98 40.51 30.90
N PRO D 51 10.83 39.98 31.27
CA PRO D 51 10.19 40.46 32.51
C PRO D 51 10.95 40.02 33.74
N GLY D 52 11.50 40.97 34.48
CA GLY D 52 12.21 40.66 35.68
C GLY D 52 13.63 41.13 35.68
N VAL D 53 14.20 41.38 34.51
CA VAL D 53 15.63 41.59 34.41
C VAL D 53 16.08 42.96 34.92
N GLY D 54 15.15 43.85 35.21
CA GLY D 54 15.49 45.13 35.77
C GLY D 54 15.47 46.26 34.77
N LYS D 55 14.48 46.28 33.90
CA LYS D 55 14.35 47.38 32.95
C LYS D 55 13.93 48.65 33.65
N THR D 56 12.92 48.56 34.52
CA THR D 56 12.50 49.70 35.31
C THR D 56 13.58 50.08 36.31
N ALA D 57 14.36 49.10 36.76
CA ALA D 57 15.39 49.35 37.75
C ALA D 57 16.56 50.15 37.20
N VAL D 58 16.93 49.90 35.93
CA VAL D 58 18.01 50.65 35.30
C VAL D 58 17.68 52.13 35.23
N VAL D 59 16.43 52.45 34.89
CA VAL D 59 15.97 53.82 34.90
C VAL D 59 15.90 54.36 36.31
N GLU D 60 15.55 53.52 37.29
CA GLU D 60 15.68 53.92 38.68
C GLU D 60 17.15 54.02 39.08
N GLY D 61 18.01 53.23 38.46
CA GLY D 61 19.44 53.39 38.68
C GLY D 61 20.00 54.58 37.96
N LEU D 62 19.37 55.02 36.89
CA LEU D 62 19.74 56.26 36.26
C LEU D 62 19.32 57.46 37.12
N ALA D 63 18.11 57.39 37.69
CA ALA D 63 17.65 58.48 38.54
C ALA D 63 18.47 58.59 39.82
N GLN D 64 19.02 57.48 40.30
CA GLN D 64 19.95 57.55 41.41
C GLN D 64 21.31 58.04 40.94
N ALA D 65 21.64 57.84 39.68
CA ALA D 65 22.89 58.37 39.16
C ALA D 65 22.81 59.85 38.90
N ILE D 66 21.62 60.39 38.62
CA ILE D 66 21.47 61.83 38.42
C ILE D 66 21.59 62.55 39.75
N VAL D 67 20.96 62.03 40.79
CA VAL D 67 21.01 62.70 42.09
C VAL D 67 22.35 62.58 42.78
N HIS D 68 23.24 61.71 42.30
CA HIS D 68 24.58 61.58 42.84
C HIS D 68 25.63 62.26 41.99
N GLY D 69 25.25 62.79 40.83
CA GLY D 69 26.20 63.44 39.96
C GLY D 69 27.10 62.50 39.21
N GLU D 70 26.71 61.23 39.09
CA GLU D 70 27.49 60.24 38.37
C GLU D 70 27.15 60.20 36.89
N VAL D 71 26.42 61.20 36.40
CA VAL D 71 25.99 61.31 35.02
C VAL D 71 26.92 62.28 34.31
N PRO D 72 26.96 62.34 32.97
CA PRO D 72 27.68 63.44 32.32
C PRO D 72 27.03 64.78 32.53
N GLU D 73 27.71 65.84 32.09
CA GLU D 73 27.23 67.20 32.30
C GLU D 73 25.94 67.47 31.52
N THR D 74 25.75 66.78 30.41
CA THR D 74 24.51 66.90 29.66
C THR D 74 23.37 66.08 30.25
N LEU D 75 23.60 65.37 31.35
CA LEU D 75 22.53 64.72 32.09
C LEU D 75 22.43 65.20 33.52
N LYS D 76 23.23 66.18 33.94
CA LYS D 76 23.18 66.65 35.30
C LYS D 76 21.97 67.54 35.51
N ASP D 77 21.38 67.43 36.70
CA ASP D 77 20.22 68.20 37.16
C ASP D 77 19.01 67.97 36.26
N LYS D 78 18.90 66.76 35.75
CA LYS D 78 17.74 66.35 34.98
C LYS D 78 16.72 65.75 35.91
N GLN D 79 15.47 66.11 35.72
CA GLN D 79 14.39 65.57 36.53
C GLN D 79 13.75 64.48 35.69
N LEU D 80 13.87 63.25 36.15
CA LEU D 80 13.41 62.11 35.38
C LEU D 80 12.00 61.78 35.84
N TYR D 81 11.05 61.82 34.93
CA TYR D 81 9.64 61.62 35.25
C TYR D 81 9.15 60.32 34.62
N THR D 82 8.62 59.43 35.44
CA THR D 82 7.93 58.27 34.90
C THR D 82 6.57 58.74 34.42
N LEU D 83 6.46 58.96 33.12
CA LEU D 83 5.25 59.48 32.50
C LEU D 83 4.18 58.40 32.55
N ASP D 84 3.08 58.68 33.23
CA ASP D 84 1.96 57.75 33.32
C ASP D 84 1.04 58.01 32.14
N LEU D 85 1.10 57.16 31.12
CA LEU D 85 0.19 57.28 30.00
C LEU D 85 -1.25 57.03 30.42
N GLY D 86 -1.46 56.20 31.43
CA GLY D 86 -2.80 55.98 31.93
C GLY D 86 -3.39 57.18 32.61
N SER D 87 -2.56 58.00 33.25
CA SER D 87 -3.04 59.22 33.88
C SER D 87 -3.37 60.28 32.85
N LEU D 88 -2.70 60.27 31.71
CA LEU D 88 -3.01 61.19 30.63
C LEU D 88 -4.31 60.81 29.93
N VAL D 89 -4.56 59.52 29.75
CA VAL D 89 -5.83 59.08 29.20
C VAL D 89 -6.94 59.33 30.22
N ALA D 90 -6.63 59.17 31.50
CA ALA D 90 -7.56 59.52 32.56
C ALA D 90 -7.87 61.01 32.55
N GLY D 91 -9.13 61.35 32.79
CA GLY D 91 -9.54 62.73 32.73
C GLY D 91 -9.91 63.20 31.35
N SER D 92 -9.56 62.44 30.33
CA SER D 92 -10.10 62.65 28.99
C SER D 92 -11.47 62.01 29.03
N ARG D 93 -12.43 62.69 28.43
CA ARG D 93 -13.65 62.10 27.99
C ARG D 93 -13.99 62.57 26.60
N TYR D 94 -13.53 63.75 26.26
CA TYR D 94 -14.00 64.51 25.12
C TYR D 94 -12.92 64.58 24.05
N ARG D 95 -13.34 64.96 22.86
CA ARG D 95 -12.46 65.05 21.71
C ARG D 95 -11.44 66.14 21.95
N GLY D 96 -10.17 65.78 21.91
CA GLY D 96 -9.13 66.75 22.11
C GLY D 96 -8.67 66.94 23.53
N ASP D 97 -9.21 66.19 24.49
CA ASP D 97 -8.71 66.31 25.84
C ASP D 97 -7.32 65.72 25.96
N PHE D 98 -7.15 64.45 25.60
CA PHE D 98 -5.88 63.75 25.72
C PHE D 98 -4.77 64.42 24.92
N GLU D 99 -5.12 64.97 23.78
CA GLU D 99 -4.16 65.72 22.99
C GLU D 99 -3.76 67.00 23.70
N GLU D 100 -4.69 67.62 24.42
CA GLU D 100 -4.37 68.83 25.16
C GLU D 100 -3.51 68.55 26.37
N ARG D 101 -3.76 67.43 27.06
CA ARG D 101 -2.92 67.08 28.19
C ARG D 101 -1.52 66.69 27.74
N LEU D 102 -1.36 66.13 26.54
CA LEU D 102 -0.02 65.87 26.03
C LEU D 102 0.70 67.15 25.65
N LYS D 103 0.03 68.06 24.97
CA LYS D 103 0.66 69.30 24.59
C LYS D 103 1.00 70.16 25.80
N LYS D 104 0.23 70.04 26.89
CA LYS D 104 0.60 70.73 28.12
C LYS D 104 1.82 70.08 28.76
N VAL D 105 1.92 68.77 28.70
CA VAL D 105 3.10 68.07 29.20
C VAL D 105 4.32 68.41 28.37
N LEU D 106 4.19 68.38 27.05
CA LEU D 106 5.32 68.68 26.18
C LEU D 106 5.69 70.16 26.20
N LYS D 107 4.75 71.03 26.55
CA LYS D 107 5.10 72.43 26.73
C LYS D 107 5.95 72.63 27.96
N GLU D 108 5.66 71.88 29.03
CA GLU D 108 6.46 71.98 30.25
C GLU D 108 7.83 71.36 30.08
N ILE D 109 7.95 70.31 29.28
CA ILE D 109 9.25 69.73 29.02
C ILE D 109 10.08 70.65 28.14
N ASN D 110 9.43 71.34 27.19
CA ASN D 110 10.14 72.31 26.39
C ASN D 110 10.51 73.55 27.20
N THR D 111 9.68 73.93 28.16
CA THR D 111 9.93 75.15 28.92
C THR D 111 11.05 74.96 29.91
N ARG D 112 10.98 73.90 30.71
CA ARG D 112 12.01 73.67 31.71
C ARG D 112 13.28 73.15 31.06
N GLY D 113 13.16 72.16 30.19
CA GLY D 113 14.31 71.65 29.47
C GLY D 113 15.21 70.74 30.27
N ASP D 114 14.81 70.38 31.50
CA ASP D 114 15.57 69.46 32.31
C ASP D 114 14.81 68.17 32.58
N ILE D 115 13.98 67.71 31.66
CA ILE D 115 13.16 66.54 31.90
C ILE D 115 13.66 65.42 31.01
N ILE D 116 14.10 64.36 31.65
CA ILE D 116 14.15 63.05 31.02
C ILE D 116 12.77 62.45 31.19
N LEU D 117 12.15 62.05 30.11
CA LEU D 117 10.86 61.41 30.22
C LEU D 117 11.07 59.92 30.27
N PHE D 118 10.33 59.23 31.10
CA PHE D 118 10.39 57.78 31.12
C PHE D 118 9.00 57.23 30.91
N ILE D 119 8.77 56.64 29.74
CA ILE D 119 7.55 55.93 29.47
C ILE D 119 7.85 54.47 29.72
N ASP D 120 7.58 54.04 30.94
CA ASP D 120 7.50 52.63 31.22
C ASP D 120 6.31 52.07 30.47
N ALA D 121 6.44 50.81 30.03
CA ALA D 121 5.51 50.16 29.11
C ALA D 121 5.32 51.01 27.85
N LEU D 122 6.41 51.15 27.10
CA LEU D 122 6.39 51.93 25.88
C LEU D 122 5.54 51.29 24.79
N HIS D 123 5.24 50.00 24.89
CA HIS D 123 4.30 49.37 23.97
C HIS D 123 2.89 49.92 24.12
N THR D 124 2.58 50.55 25.24
CA THR D 124 1.30 51.22 25.45
C THR D 124 1.30 52.64 24.91
N LEU D 125 2.34 53.06 24.21
CA LEU D 125 2.32 54.38 23.60
C LEU D 125 1.52 54.37 22.31
N VAL D 126 1.59 53.29 21.54
CA VAL D 126 0.70 53.12 20.40
C VAL D 126 -0.70 52.84 20.93
N GLY D 127 -1.67 53.56 20.40
CA GLY D 127 -3.03 53.39 20.85
C GLY D 127 -3.32 54.02 22.19
N ALA D 128 -2.45 54.91 22.65
CA ALA D 128 -2.71 55.68 23.86
C ALA D 128 -3.46 56.93 23.46
N GLY D 129 -4.66 57.10 24.03
CA GLY D 129 -5.49 58.27 23.70
C GLY D 129 -6.08 58.13 22.32
N ALA D 130 -6.18 56.90 21.83
CA ALA D 130 -6.80 56.66 20.51
C ALA D 130 -8.32 56.55 20.68
N ALA D 131 -9.09 57.11 19.76
CA ALA D 131 -10.56 57.11 19.96
C ALA D 131 -11.26 57.58 18.68
N GLU D 132 -12.53 57.97 18.79
CA GLU D 132 -13.25 58.51 17.61
C GLU D 132 -12.34 59.67 17.27
N GLY D 133 -11.65 59.58 16.15
CA GLY D 133 -10.85 60.74 15.74
C GLY D 133 -9.84 61.42 16.63
N ALA D 134 -8.98 60.64 17.26
CA ALA D 134 -8.08 61.22 18.28
C ALA D 134 -6.63 60.99 17.85
N ILE D 135 -5.81 62.04 17.84
CA ILE D 135 -4.37 61.78 17.55
C ILE D 135 -3.80 61.00 18.73
N ASP D 136 -3.23 59.82 18.48
CA ASP D 136 -2.74 58.97 19.60
C ASP D 136 -1.44 59.56 20.17
N ALA D 137 -1.06 59.12 21.37
CA ALA D 137 0.14 59.64 22.02
C ALA D 137 1.37 59.39 21.18
N ALA D 138 1.35 58.32 20.38
CA ALA D 138 2.51 58.02 19.55
C ALA D 138 2.68 59.06 18.44
N SER D 139 1.60 59.43 17.76
CA SER D 139 1.69 60.35 16.64
C SER D 139 2.03 61.77 17.06
N ILE D 140 1.76 62.11 18.31
CA ILE D 140 2.12 63.43 18.81
C ILE D 140 3.59 63.46 19.22
N LEU D 141 4.10 62.37 19.77
CA LEU D 141 5.48 62.38 20.22
C LEU D 141 6.47 62.17 19.08
N LYS D 142 6.08 61.48 18.02
CA LYS D 142 6.97 61.17 16.90
C LYS D 142 7.68 62.35 16.23
N PRO D 143 7.12 63.54 16.07
CA PRO D 143 7.96 64.64 15.58
C PRO D 143 9.01 65.09 16.58
N LYS D 144 8.75 64.95 17.87
CA LYS D 144 9.71 65.40 18.86
C LYS D 144 10.73 64.32 19.17
N LEU D 145 10.35 63.05 19.07
CA LEU D 145 11.29 61.98 19.30
C LEU D 145 12.29 61.87 18.17
N ALA D 146 11.89 62.18 16.94
CA ALA D 146 12.75 62.03 15.78
C ALA D 146 13.80 63.12 15.69
N ARG D 147 13.57 64.25 16.35
CA ARG D 147 14.48 65.41 16.19
C ARG D 147 15.29 65.64 17.46
N GLY D 148 15.11 64.80 18.47
CA GLY D 148 15.91 64.93 19.68
C GLY D 148 15.48 66.05 20.60
N GLU D 149 14.32 66.65 20.36
CA GLU D 149 13.82 67.69 21.24
C GLU D 149 12.90 67.15 22.32
N LEU D 150 12.90 65.83 22.50
CA LEU D 150 12.23 65.18 23.61
C LEU D 150 13.08 63.97 23.98
N GLN D 151 13.51 63.89 25.24
CA GLN D 151 14.39 62.81 25.67
C GLN D 151 13.58 61.83 26.49
N THR D 152 13.13 60.77 25.83
CA THR D 152 12.20 59.81 26.39
C THR D 152 12.88 58.46 26.50
N ILE D 153 12.97 57.94 27.72
CA ILE D 153 13.39 56.57 27.93
C ILE D 153 12.16 55.68 27.85
N GLY D 154 12.25 54.61 27.10
CA GLY D 154 11.23 53.59 27.10
C GLY D 154 11.71 52.34 27.78
N ALA D 155 10.75 51.50 28.18
CA ALA D 155 11.07 50.19 28.72
C ALA D 155 9.98 49.25 28.27
N THR D 156 10.35 48.19 27.58
CA THR D 156 9.39 47.28 26.97
C THR D 156 9.90 45.87 27.16
N THR D 157 8.99 44.93 27.35
CA THR D 157 9.34 43.52 27.23
C THR D 157 9.74 43.23 25.79
N LEU D 158 10.70 42.30 25.62
CA LEU D 158 11.07 41.80 24.30
C LEU D 158 9.87 41.23 23.55
N ASP D 159 8.93 40.63 24.27
CA ASP D 159 7.70 40.19 23.64
C ASP D 159 6.85 41.36 23.22
N GLU D 160 6.70 42.34 24.09
CA GLU D 160 5.90 43.52 23.79
C GLU D 160 6.60 44.46 22.83
N TYR D 161 7.91 44.31 22.64
CA TYR D 161 8.60 45.12 21.64
C TYR D 161 8.34 44.60 20.24
N ARG D 162 8.35 43.27 20.07
CA ARG D 162 8.09 42.71 18.75
C ARG D 162 6.62 42.76 18.40
N LYS D 163 5.73 42.80 19.39
CA LYS D 163 4.31 42.79 19.12
C LYS D 163 3.74 44.17 18.89
N TYR D 164 4.29 45.19 19.52
CA TYR D 164 3.62 46.48 19.50
C TYR D 164 4.51 47.60 19.00
N ILE D 165 5.78 47.58 19.36
CA ILE D 165 6.66 48.65 18.88
C ILE D 165 7.08 48.37 17.45
N GLU D 166 7.48 47.14 17.14
CA GLU D 166 7.92 46.80 15.80
C GLU D 166 6.77 46.77 14.79
N LYS D 167 5.52 46.72 15.26
CA LYS D 167 4.39 46.85 14.35
C LYS D 167 4.15 48.30 13.94
N ASP D 168 4.75 49.25 14.64
CA ASP D 168 4.77 50.66 14.25
C ASP D 168 6.22 50.99 13.91
N ALA D 169 6.60 50.76 12.65
CA ALA D 169 7.99 50.87 12.25
C ALA D 169 8.51 52.30 12.28
N ALA D 170 7.62 53.29 12.22
CA ALA D 170 8.08 54.67 12.37
C ALA D 170 8.40 55.00 13.80
N LEU D 171 7.82 54.27 14.75
CA LEU D 171 8.11 54.49 16.16
C LEU D 171 9.31 53.68 16.64
N GLU D 172 9.62 52.54 16.01
CA GLU D 172 10.76 51.74 16.45
C GLU D 172 12.08 52.40 16.11
N ARG D 173 12.13 53.27 15.10
CA ARG D 173 13.30 54.08 14.84
C ARG D 173 13.20 55.44 15.51
N ARG D 174 12.30 55.61 16.43
CA ARG D 174 12.39 56.76 17.31
C ARG D 174 13.19 56.43 18.54
N PHE D 175 13.42 55.14 18.77
CA PHE D 175 13.98 54.65 20.01
C PHE D 175 15.16 53.75 19.71
N GLN D 176 16.16 53.81 20.57
CA GLN D 176 17.31 52.95 20.46
C GLN D 176 17.16 51.77 21.38
N PRO D 177 17.11 50.56 20.87
CA PRO D 177 17.01 49.39 21.74
C PRO D 177 18.26 49.15 22.56
N VAL D 178 18.16 49.42 23.85
CA VAL D 178 19.20 49.09 24.81
C VAL D 178 18.86 47.74 25.39
N GLN D 179 19.72 46.76 25.14
CA GLN D 179 19.46 45.40 25.62
C GLN D 179 19.66 45.34 27.12
N VAL D 180 18.59 45.10 27.84
CA VAL D 180 18.67 44.84 29.27
C VAL D 180 18.62 43.33 29.44
N GLY D 181 19.77 42.70 29.47
CA GLY D 181 19.84 41.26 29.53
C GLY D 181 19.56 40.76 30.93
N GLU D 182 19.19 39.49 31.02
CA GLU D 182 19.13 38.97 32.37
C GLU D 182 20.54 38.79 32.91
N PRO D 183 20.76 39.09 34.18
CA PRO D 183 22.10 38.98 34.73
C PRO D 183 22.54 37.52 34.85
N THR D 184 23.84 37.35 35.00
CA THR D 184 24.40 36.07 35.36
C THR D 184 24.10 35.78 36.83
N VAL D 185 24.49 34.60 37.28
CA VAL D 185 24.27 34.27 38.69
C VAL D 185 25.14 35.12 39.59
N GLU D 186 26.41 35.32 39.22
CA GLU D 186 27.31 36.13 40.03
C GLU D 186 26.95 37.60 39.99
N HIS D 187 26.32 38.07 38.92
CA HIS D 187 25.76 39.41 38.93
C HIS D 187 24.51 39.49 39.77
N THR D 188 23.67 38.45 39.72
CA THR D 188 22.48 38.38 40.54
C THR D 188 22.82 38.30 42.02
N ILE D 189 23.91 37.59 42.35
CA ILE D 189 24.46 37.59 43.70
C ILE D 189 24.77 39.00 44.16
N GLU D 190 25.50 39.75 43.34
CA GLU D 190 25.88 41.12 43.68
C GLU D 190 24.68 42.05 43.74
N ILE D 191 23.63 41.79 42.98
CA ILE D 191 22.36 42.48 43.14
C ILE D 191 21.77 42.18 44.51
N LEU D 192 21.74 40.90 44.90
CA LEU D 192 21.19 40.53 46.19
C LEU D 192 22.05 41.04 47.33
N LYS D 193 23.38 41.01 47.17
CA LYS D 193 24.28 41.58 48.17
C LYS D 193 24.11 43.08 48.31
N GLY D 194 23.64 43.77 47.27
CA GLY D 194 23.36 45.19 47.39
C GLY D 194 21.96 45.49 47.84
N LEU D 195 21.01 44.61 47.53
CA LEU D 195 19.65 44.76 48.01
C LEU D 195 19.42 44.16 49.37
N ARG D 196 20.48 43.68 50.06
CA ARG D 196 20.28 42.98 51.31
C ARG D 196 19.84 43.94 52.41
N ASP D 197 20.15 45.23 52.29
CA ASP D 197 19.77 46.17 53.33
C ASP D 197 18.28 46.46 53.31
N ARG D 198 17.69 46.49 52.12
CA ARG D 198 16.27 46.79 51.98
C ARG D 198 15.41 45.62 52.44
N TYR D 199 15.93 44.41 52.38
CA TYR D 199 15.14 43.23 52.73
C TYR D 199 15.39 42.79 54.15
N GLU D 200 16.58 43.05 54.68
CA GLU D 200 16.80 42.87 56.10
C GLU D 200 16.05 43.91 56.92
N ALA D 201 15.76 45.06 56.34
CA ALA D 201 15.02 46.08 57.08
C ALA D 201 13.53 45.86 56.99
N HIS D 202 13.04 45.35 55.87
CA HIS D 202 11.61 45.17 55.69
C HIS D 202 11.09 43.99 56.51
N HIS D 203 11.84 42.90 56.57
CA HIS D 203 11.39 41.69 57.23
C HIS D 203 11.94 41.56 58.64
N ARG D 204 12.74 42.54 59.09
CA ARG D 204 13.62 42.53 60.26
C ARG D 204 14.35 41.20 60.44
N VAL D 205 14.85 40.64 59.33
CA VAL D 205 15.60 39.42 59.34
C VAL D 205 17.06 39.74 59.08
N SER D 206 17.90 38.73 59.16
CA SER D 206 19.32 38.86 58.87
C SER D 206 19.67 37.87 57.78
N ILE D 207 19.79 38.36 56.56
CA ILE D 207 20.00 37.52 55.38
C ILE D 207 21.49 37.32 55.20
N THR D 208 21.94 36.07 55.31
CA THR D 208 23.35 35.77 55.26
C THR D 208 23.85 35.73 53.83
N ASP D 209 25.18 35.67 53.69
CA ASP D 209 25.78 35.69 52.36
C ASP D 209 25.52 34.40 51.61
N ALA D 210 25.51 33.27 52.31
CA ALA D 210 25.25 32.00 51.63
C ALA D 210 23.78 31.88 51.24
N ALA D 211 22.90 32.59 51.94
CA ALA D 211 21.50 32.62 51.53
C ALA D 211 21.34 33.35 50.20
N MET D 212 22.10 34.41 49.99
CA MET D 212 22.01 35.15 48.75
C MET D 212 22.77 34.46 47.62
N VAL D 213 23.81 33.70 47.94
CA VAL D 213 24.42 32.84 46.92
C VAL D 213 23.45 31.74 46.54
N ALA D 214 22.83 31.11 47.53
CA ALA D 214 21.83 30.10 47.24
C ALA D 214 20.58 30.65 46.60
N ALA D 215 20.19 31.89 46.90
CA ALA D 215 19.01 32.44 46.25
C ALA D 215 19.25 32.72 44.78
N ALA D 216 20.48 33.03 44.41
CA ALA D 216 20.76 33.24 43.00
C ALA D 216 21.09 31.95 42.28
N THR D 217 21.76 31.01 42.96
CA THR D 217 22.13 29.76 42.31
C THR D 217 20.93 28.86 42.12
N LEU D 218 20.10 28.71 43.16
CA LEU D 218 18.97 27.82 43.07
C LEU D 218 17.83 28.40 42.24
N ALA D 219 17.84 29.70 42.00
CA ALA D 219 16.79 30.26 41.16
C ALA D 219 17.10 30.08 39.68
N ASP D 220 18.36 30.26 39.27
CA ASP D 220 18.72 29.98 37.88
C ASP D 220 18.57 28.51 37.55
N ARG D 221 18.82 27.63 38.51
CA ARG D 221 18.79 26.21 38.24
C ARG D 221 17.38 25.64 38.29
N TYR D 222 16.54 26.08 39.22
CA TYR D 222 15.27 25.41 39.46
C TYR D 222 14.04 26.21 39.10
N ILE D 223 14.18 27.47 38.72
CA ILE D 223 13.04 28.29 38.32
C ILE D 223 13.24 28.66 36.86
N ASN D 224 12.24 28.34 36.04
CA ASN D 224 12.41 28.52 34.61
C ASN D 224 11.20 29.16 33.94
N ASP D 225 10.43 29.91 34.71
CA ASP D 225 9.42 30.78 34.13
C ASP D 225 9.69 32.26 34.36
N ARG D 226 10.43 32.57 35.43
CA ARG D 226 10.77 33.98 35.77
C ARG D 226 12.21 34.27 35.34
N PHE D 227 12.77 35.43 35.71
CA PHE D 227 14.13 35.80 35.23
C PHE D 227 15.08 36.07 36.41
N LEU D 228 16.39 35.95 36.17
CA LEU D 228 17.41 35.99 37.26
C LEU D 228 17.13 36.99 38.40
N PRO D 229 17.14 38.32 38.19
CA PRO D 229 17.04 39.24 39.32
C PRO D 229 15.81 38.86 40.15
N ASP D 230 14.62 38.94 39.54
CA ASP D 230 13.35 38.65 40.28
C ASP D 230 13.40 37.28 40.95
N LYS D 231 13.45 36.21 40.16
CA LYS D 231 13.39 34.84 40.72
C LYS D 231 14.22 34.76 42.01
N ALA D 232 15.37 35.42 42.08
CA ALA D 232 16.23 35.28 43.25
C ALA D 232 15.80 36.21 44.37
N ILE D 233 15.33 37.40 44.00
CA ILE D 233 14.70 38.32 44.94
C ILE D 233 13.44 37.71 45.51
N ASP D 234 12.68 36.99 44.67
CA ASP D 234 11.50 36.26 45.13
C ASP D 234 11.83 35.24 46.20
N LEU D 235 12.97 34.58 46.09
CA LEU D 235 13.36 33.63 47.14
C LEU D 235 13.78 34.34 48.40
N ILE D 236 14.40 35.51 48.28
CA ILE D 236 14.81 36.27 49.44
C ILE D 236 13.60 36.87 50.15
N ASP D 237 12.66 37.43 49.39
CA ASP D 237 11.48 38.07 49.99
C ASP D 237 10.56 37.04 50.61
N GLU D 238 10.33 35.91 49.94
CA GLU D 238 9.44 34.90 50.50
C GLU D 238 10.07 34.21 51.71
N ALA D 239 11.39 34.15 51.79
CA ALA D 239 12.02 33.59 52.97
C ALA D 239 11.96 34.55 54.14
N GLY D 240 12.14 35.84 53.88
CA GLY D 240 12.03 36.82 54.94
C GLY D 240 10.58 37.00 55.38
N ALA D 241 9.64 36.78 54.48
CA ALA D 241 8.24 36.87 54.84
C ALA D 241 7.73 35.58 55.45
N ARG D 242 8.38 34.45 55.19
CA ARG D 242 8.01 33.25 55.93
C ARG D 242 8.52 33.34 57.36
N MET D 243 9.71 33.90 57.57
CA MET D 243 10.20 34.15 58.91
C MET D 243 9.46 35.26 59.62
N ARG D 244 8.76 36.13 58.89
CA ARG D 244 7.87 37.09 59.51
C ARG D 244 6.67 36.40 60.14
N ILE D 245 6.20 35.31 59.55
CA ILE D 245 5.11 34.53 60.10
C ILE D 245 5.56 33.50 61.14
N ARG D 246 6.82 33.09 61.11
CA ARG D 246 7.33 32.22 62.15
C ARG D 246 7.44 32.94 63.48
N ARG D 247 7.86 34.20 63.46
CA ARG D 247 7.93 34.96 64.70
C ARG D 247 6.55 35.41 65.17
N MET D 248 5.54 35.30 64.32
CA MET D 248 4.16 35.46 64.76
C MET D 248 3.67 34.22 65.49
N ALA D 310 15.88 37.12 63.47
CA ALA D 310 15.70 35.84 62.79
C ALA D 310 16.65 35.77 61.61
N GLU D 311 17.49 34.74 61.58
CA GLU D 311 18.48 34.60 60.53
C GLU D 311 17.89 33.82 59.36
N VAL D 312 18.13 34.29 58.15
CA VAL D 312 17.71 33.62 56.93
C VAL D 312 18.96 32.98 56.34
N ASP D 313 19.09 31.67 56.53
CA ASP D 313 20.21 30.91 55.99
C ASP D 313 19.85 30.42 54.59
N ASP D 314 20.72 29.58 54.02
CA ASP D 314 20.40 28.97 52.75
C ASP D 314 19.37 27.86 52.88
N GLU D 315 19.24 27.28 54.07
CA GLU D 315 18.19 26.28 54.28
C GLU D 315 16.82 26.94 54.33
N GLN D 316 16.76 28.23 54.67
CA GLN D 316 15.50 28.96 54.60
C GLN D 316 15.17 29.33 53.18
N ILE D 317 16.19 29.52 52.34
CA ILE D 317 15.97 29.81 50.94
C ILE D 317 15.52 28.55 50.21
N ALA D 318 16.22 27.44 50.44
CA ALA D 318 15.91 26.20 49.77
C ALA D 318 14.60 25.58 50.23
N GLU D 319 14.14 25.92 51.43
CA GLU D 319 12.82 25.49 51.87
C GLU D 319 11.73 26.24 51.11
N VAL D 320 11.96 27.52 50.85
CA VAL D 320 11.02 28.34 50.09
C VAL D 320 10.94 27.87 48.65
N LEU D 321 12.08 27.55 48.05
CA LEU D 321 12.10 26.95 46.73
C LEU D 321 11.44 25.57 46.70
N GLY D 322 11.57 24.81 47.78
CA GLY D 322 10.91 23.53 47.86
C GLY D 322 9.40 23.66 47.96
N ASN D 323 8.92 24.68 48.68
CA ASN D 323 7.48 24.91 48.74
C ASN D 323 6.92 25.42 47.43
N TRP D 324 7.76 26.02 46.59
CA TRP D 324 7.25 26.78 45.46
C TRP D 324 7.42 26.08 44.12
N THR D 325 8.56 25.46 43.85
CA THR D 325 8.67 24.63 42.65
C THR D 325 8.29 23.19 42.92
N GLY D 326 8.23 22.78 44.18
CA GLY D 326 7.93 21.40 44.50
C GLY D 326 9.12 20.48 44.28
N ILE D 327 10.30 21.05 44.07
CA ILE D 327 11.53 20.29 43.86
C ILE D 327 12.22 20.15 45.21
N PRO D 328 12.40 18.94 45.72
CA PRO D 328 13.10 18.77 47.00
C PRO D 328 14.57 19.12 46.86
N VAL D 329 14.93 20.29 47.37
CA VAL D 329 16.25 20.87 47.17
C VAL D 329 16.75 21.29 48.54
N PHE D 330 15.87 21.22 49.53
CA PHE D 330 16.13 21.73 50.87
C PHE D 330 17.22 20.94 51.57
N LYS D 331 17.81 21.54 52.60
CA LYS D 331 18.87 20.92 53.37
C LYS D 331 18.30 19.69 54.09
N LEU D 332 19.06 18.61 54.07
CA LEU D 332 18.54 17.29 54.38
C LEU D 332 18.20 17.14 55.86
N THR D 333 16.96 16.78 56.14
CA THR D 333 16.58 16.30 57.45
C THR D 333 17.25 14.96 57.69
N GLU D 334 17.73 14.76 58.92
CA GLU D 334 18.39 13.50 59.27
C GLU D 334 17.42 12.33 59.22
N ALA D 335 16.13 12.60 59.43
CA ALA D 335 15.12 11.58 59.18
C ALA D 335 14.85 11.39 57.70
N GLU D 336 15.03 12.43 56.89
CA GLU D 336 14.83 12.30 55.45
C GLU D 336 16.04 11.65 54.79
N THR D 337 17.24 11.91 55.29
CA THR D 337 18.43 11.19 54.83
C THR D 337 18.32 9.71 55.16
N THR D 338 17.79 9.39 56.34
CA THR D 338 17.56 8.01 56.73
C THR D 338 16.52 7.36 55.83
N ARG D 339 15.55 8.14 55.36
CA ARG D 339 14.61 7.65 54.36
C ARG D 339 15.30 7.37 53.03
N LEU D 340 16.21 8.26 52.60
CA LEU D 340 16.91 8.06 51.34
C LEU D 340 17.94 6.96 51.42
N LEU D 341 18.59 6.78 52.57
CA LEU D 341 19.55 5.70 52.69
C LEU D 341 18.86 4.36 52.72
N ARG D 342 17.71 4.28 53.38
CA ARG D 342 16.86 3.09 53.34
C ARG D 342 15.78 3.22 52.28
N MET D 343 16.17 3.61 51.06
CA MET D 343 15.21 3.82 50.01
C MET D 343 14.76 2.53 49.39
N GLU D 344 15.71 1.62 49.21
CA GLU D 344 15.46 0.37 48.51
C GLU D 344 14.45 -0.48 49.25
N GLU D 345 14.64 -0.65 50.56
CA GLU D 345 13.71 -1.45 51.34
C GLU D 345 12.39 -0.73 51.59
N GLU D 346 12.33 0.57 51.34
CA GLU D 346 11.04 1.24 51.32
C GLU D 346 10.40 1.19 49.95
N LEU D 347 11.20 1.09 48.88
CA LEU D 347 10.64 0.72 47.60
C LEU D 347 10.30 -0.76 47.53
N HIS D 348 10.96 -1.61 48.33
CA HIS D 348 10.60 -3.01 48.37
C HIS D 348 9.32 -3.27 49.16
N LYS D 349 8.82 -2.27 49.88
CA LYS D 349 7.49 -2.40 50.49
C LYS D 349 6.40 -2.45 49.42
N ARG D 350 6.55 -1.68 48.36
CA ARG D 350 5.56 -1.65 47.30
C ARG D 350 5.79 -2.71 46.23
N ILE D 351 7.03 -3.04 45.91
CA ILE D 351 7.30 -3.97 44.81
C ILE D 351 8.19 -5.09 45.33
N ILE D 352 7.92 -6.31 44.87
CA ILE D 352 8.58 -7.51 45.39
C ILE D 352 9.70 -7.89 44.44
N GLY D 353 10.90 -8.08 44.99
CA GLY D 353 11.99 -8.49 44.15
C GLY D 353 12.47 -7.34 43.29
N GLN D 354 12.94 -7.72 42.10
CA GLN D 354 13.41 -6.80 41.07
C GLN D 354 14.51 -5.88 41.59
N GLU D 355 15.54 -6.47 42.18
CA GLU D 355 16.50 -5.71 42.96
C GLU D 355 17.41 -4.85 42.10
N ASP D 356 17.84 -5.32 40.93
CA ASP D 356 18.78 -4.54 40.12
C ASP D 356 18.17 -3.27 39.52
N ALA D 357 16.87 -3.06 39.70
CA ALA D 357 16.21 -1.80 39.41
C ALA D 357 15.92 -0.97 40.63
N VAL D 358 15.49 -1.61 41.73
CA VAL D 358 15.25 -0.89 42.96
C VAL D 358 16.55 -0.36 43.53
N LYS D 359 17.64 -1.11 43.39
CA LYS D 359 18.94 -0.55 43.73
C LYS D 359 19.35 0.55 42.76
N ALA D 360 18.87 0.50 41.52
CA ALA D 360 19.37 1.43 40.52
C ALA D 360 18.58 2.73 40.46
N VAL D 361 17.28 2.69 40.71
CA VAL D 361 16.55 3.95 40.82
C VAL D 361 16.79 4.61 42.16
N SER D 362 17.27 3.87 43.15
CA SER D 362 17.64 4.49 44.41
C SER D 362 18.95 5.22 44.30
N LYS D 363 19.87 4.70 43.49
CA LYS D 363 21.12 5.40 43.24
C LYS D 363 20.88 6.70 42.50
N ALA D 364 19.83 6.78 41.68
CA ALA D 364 19.57 8.01 40.95
C ALA D 364 18.99 9.08 41.83
N ILE D 365 18.12 8.71 42.78
CA ILE D 365 17.51 9.70 43.64
C ILE D 365 18.50 10.15 44.71
N ARG D 366 19.32 9.22 45.21
CA ARG D 366 20.36 9.61 46.16
C ARG D 366 21.44 10.44 45.49
N ARG D 367 21.65 10.26 44.19
CA ARG D 367 22.58 11.13 43.47
C ARG D 367 22.00 12.52 43.28
N THR D 368 20.68 12.63 43.18
CA THR D 368 20.05 13.93 43.07
C THR D 368 20.09 14.67 44.39
N ARG D 369 19.70 14.01 45.48
CA ARG D 369 19.65 14.68 46.76
C ARG D 369 21.02 14.85 47.40
N ALA D 370 22.06 14.19 46.89
CA ALA D 370 23.40 14.55 47.30
C ALA D 370 23.94 15.75 46.54
N GLY D 371 23.22 16.24 45.54
CA GLY D 371 23.73 17.28 44.70
C GLY D 371 24.83 16.82 43.78
N LEU D 372 24.78 15.56 43.36
CA LEU D 372 25.83 15.01 42.52
C LEU D 372 25.37 14.69 41.11
N LYS D 373 24.15 15.03 40.74
CA LYS D 373 23.76 14.81 39.36
C LYS D 373 24.25 15.95 38.49
N ASP D 374 24.38 15.65 37.20
CA ASP D 374 24.67 16.68 36.21
C ASP D 374 23.49 17.64 36.15
N PRO D 375 23.70 18.95 36.30
CA PRO D 375 22.57 19.88 36.23
C PRO D 375 22.11 20.15 34.82
N LYS D 376 22.72 19.52 33.82
CA LYS D 376 22.33 19.66 32.42
C LYS D 376 21.66 18.41 31.89
N ARG D 377 21.32 17.48 32.78
CA ARG D 377 20.74 16.22 32.41
C ARG D 377 19.62 15.95 33.39
N PRO D 378 18.68 15.07 33.06
CA PRO D 378 17.65 14.71 34.03
C PRO D 378 18.16 13.97 35.24
N SER D 379 17.31 13.86 36.27
CA SER D 379 17.71 13.27 37.54
C SER D 379 17.97 11.78 37.37
N GLY D 380 17.25 11.14 36.46
CA GLY D 380 17.48 9.75 36.15
C GLY D 380 16.85 9.39 34.83
N SER D 381 17.53 8.55 34.07
CA SER D 381 17.02 8.05 32.80
C SER D 381 17.12 6.55 32.82
N PHE D 382 16.01 5.87 32.54
CA PHE D 382 15.95 4.44 32.74
C PHE D 382 15.18 3.76 31.63
N ILE D 383 15.76 2.70 31.09
CA ILE D 383 15.00 1.67 30.39
C ILE D 383 14.65 0.63 31.42
N PHE D 384 13.37 0.45 31.70
CA PHE D 384 12.95 -0.71 32.46
C PHE D 384 12.59 -1.77 31.43
N ALA D 385 13.60 -2.49 31.00
CA ALA D 385 13.37 -3.59 30.07
C ALA D 385 13.13 -4.86 30.86
N GLY D 386 12.37 -5.77 30.26
CA GLY D 386 12.08 -7.00 30.92
C GLY D 386 10.79 -7.63 30.42
N PRO D 387 10.44 -8.80 30.95
CA PRO D 387 9.20 -9.46 30.53
C PRO D 387 7.98 -8.73 31.08
N SER D 388 6.83 -9.06 30.52
CA SER D 388 5.59 -8.40 30.91
C SER D 388 5.20 -8.80 32.32
N GLY D 389 4.66 -7.84 33.06
CA GLY D 389 4.03 -8.15 34.32
C GLY D 389 4.92 -8.24 35.53
N VAL D 390 6.22 -7.97 35.40
CA VAL D 390 7.14 -8.23 36.51
C VAL D 390 7.37 -6.99 37.34
N GLY D 391 6.64 -5.92 37.04
CA GLY D 391 6.74 -4.72 37.85
C GLY D 391 7.54 -3.60 37.21
N LYS D 392 7.39 -3.42 35.91
CA LYS D 392 8.00 -2.26 35.27
C LYS D 392 7.23 -0.99 35.62
N THR D 393 5.90 -1.02 35.49
CA THR D 393 5.09 0.14 35.85
C THR D 393 4.96 0.26 37.37
N GLU D 394 4.95 -0.86 38.08
CA GLU D 394 4.75 -0.83 39.53
C GLU D 394 5.93 -0.22 40.26
N LEU D 395 7.13 -0.31 39.72
CA LEU D 395 8.25 0.38 40.33
C LEU D 395 8.19 1.87 40.03
N SER D 396 7.74 2.22 38.83
CA SER D 396 7.54 3.63 38.48
C SER D 396 6.48 4.27 39.35
N LYS D 397 5.45 3.51 39.73
CA LYS D 397 4.49 3.99 40.70
C LYS D 397 5.06 3.98 42.10
N ALA D 398 5.94 3.02 42.40
CA ALA D 398 6.59 2.99 43.70
C ALA D 398 7.54 4.16 43.86
N LEU D 399 8.23 4.52 42.78
CA LEU D 399 9.12 5.67 42.82
C LEU D 399 8.33 6.97 42.89
N ALA D 400 7.14 6.99 42.31
CA ALA D 400 6.31 8.18 42.43
C ALA D 400 5.69 8.29 43.82
N ASN D 401 5.38 7.15 44.45
CA ASN D 401 4.93 7.21 45.84
C ASN D 401 6.06 7.56 46.79
N PHE D 402 7.29 7.17 46.46
CA PHE D 402 8.39 7.52 47.33
C PHE D 402 8.67 9.00 47.31
N LEU D 403 8.58 9.62 46.14
CA LEU D 403 8.92 11.01 45.97
C LEU D 403 7.75 11.95 46.17
N PHE D 404 6.53 11.45 46.13
CA PHE D 404 5.38 12.33 46.28
C PHE D 404 4.32 11.81 47.24
N GLY D 405 4.22 10.49 47.41
CA GLY D 405 3.09 9.94 48.14
C GLY D 405 1.86 9.78 47.28
N ASP D 406 2.03 9.61 45.97
CA ASP D 406 0.90 9.56 45.06
C ASP D 406 1.30 8.78 43.82
N ASP D 407 0.49 7.79 43.45
CA ASP D 407 0.61 7.17 42.15
C ASP D 407 0.26 8.12 41.02
N ASP D 408 -0.63 9.09 41.27
CA ASP D 408 -1.06 10.03 40.25
C ASP D 408 -0.08 11.15 40.02
N ALA D 409 1.01 11.20 40.78
CA ALA D 409 2.12 12.08 40.47
C ALA D 409 2.99 11.53 39.37
N LEU D 410 2.86 10.25 39.05
CA LEU D 410 3.54 9.67 37.91
C LEU D 410 2.94 10.20 36.62
N ILE D 411 3.77 10.81 35.78
CA ILE D 411 3.35 11.24 34.45
C ILE D 411 3.53 10.01 33.57
N GLN D 412 2.45 9.27 33.36
CA GLN D 412 2.49 8.05 32.57
C GLN D 412 2.10 8.40 31.14
N ILE D 413 3.07 8.28 30.23
CA ILE D 413 2.82 8.52 28.82
C ILE D 413 2.71 7.15 28.17
N ASP D 414 1.50 6.75 27.86
CA ASP D 414 1.27 5.47 27.19
C ASP D 414 1.80 5.55 25.77
N MET D 415 2.95 4.95 25.52
CA MET D 415 3.58 5.00 24.21
C MET D 415 2.97 4.01 23.23
N GLY D 416 2.00 3.22 23.67
CA GLY D 416 1.28 2.36 22.74
C GLY D 416 0.44 3.14 21.76
N GLU D 417 -0.13 4.26 22.19
CA GLU D 417 -0.97 5.10 21.33
C GLU D 417 -0.16 6.17 20.63
N PHE D 418 1.15 5.96 20.54
CA PHE D 418 2.04 6.70 19.66
C PHE D 418 2.55 5.78 18.56
N HIS D 419 1.67 4.89 18.08
CA HIS D 419 2.10 3.81 17.20
C HIS D 419 2.51 4.32 15.82
N ASP D 420 1.87 5.38 15.35
CA ASP D 420 2.34 6.01 14.12
C ASP D 420 3.26 7.18 14.45
N ARG D 421 3.73 7.84 13.40
CA ARG D 421 4.70 8.92 13.53
C ARG D 421 4.05 10.30 13.50
N PHE D 422 2.73 10.37 13.56
CA PHE D 422 2.02 11.63 13.47
C PHE D 422 1.42 12.08 14.79
N THR D 423 1.65 11.32 15.86
CA THR D 423 1.13 11.65 17.17
C THR D 423 2.17 12.26 18.09
N ALA D 424 3.34 12.64 17.57
CA ALA D 424 4.37 13.20 18.43
C ALA D 424 4.03 14.58 18.94
N SER D 425 3.10 15.27 18.26
CA SER D 425 2.62 16.54 18.76
C SER D 425 1.80 16.43 20.02
N ARG D 426 1.37 15.23 20.41
CA ARG D 426 0.81 15.07 21.75
C ARG D 426 1.86 15.29 22.82
N LEU D 427 3.12 14.97 22.53
CA LEU D 427 4.17 15.20 23.50
C LEU D 427 4.52 16.68 23.59
N PHE D 428 4.83 17.31 22.46
CA PHE D 428 5.36 18.66 22.49
C PHE D 428 4.50 19.71 21.80
N GLY D 429 3.27 19.40 21.41
CA GLY D 429 2.45 20.47 20.91
C GLY D 429 2.51 20.61 19.40
N ALA D 430 1.50 21.24 18.87
CA ALA D 430 1.48 21.52 17.45
C ALA D 430 2.41 22.68 17.15
N PRO D 431 2.97 22.74 15.96
CA PRO D 431 3.66 23.93 15.50
C PRO D 431 2.68 25.05 15.23
N PRO D 432 3.15 26.29 15.09
CA PRO D 432 2.21 27.41 14.84
C PRO D 432 1.48 27.29 13.52
N GLY D 433 0.20 27.63 13.56
CA GLY D 433 -0.65 27.51 12.42
C GLY D 433 -1.73 26.48 12.67
N TYR D 434 -1.43 25.52 13.55
CA TYR D 434 -2.11 24.24 13.59
C TYR D 434 -3.01 24.15 14.79
N VAL D 435 -3.87 23.13 14.76
CA VAL D 435 -4.87 22.96 15.80
C VAL D 435 -4.18 22.53 17.09
N GLY D 436 -4.59 23.16 18.18
CA GLY D 436 -4.00 22.86 19.46
C GLY D 436 -2.59 23.39 19.52
N TYR D 437 -2.39 24.59 18.99
CA TYR D 437 -1.10 25.23 19.13
C TYR D 437 -0.98 25.94 20.47
N GLU D 438 -2.08 26.51 20.95
CA GLU D 438 -2.07 27.19 22.22
C GLU D 438 -2.40 26.27 23.39
N GLU D 439 -2.96 25.10 23.11
CA GLU D 439 -3.23 24.10 24.13
C GLU D 439 -2.30 22.92 23.98
N GLY D 440 -1.09 23.13 23.48
CA GLY D 440 -0.30 22.07 22.87
C GLY D 440 0.75 21.51 23.80
N GLY D 441 0.84 20.19 23.82
CA GLY D 441 1.89 19.48 24.51
C GLY D 441 1.43 18.91 25.82
N GLN D 442 1.12 17.60 25.83
CA GLN D 442 0.80 16.95 27.09
C GLN D 442 2.05 16.85 27.95
N LEU D 443 3.13 16.32 27.38
CA LEU D 443 4.35 16.09 28.14
C LEU D 443 5.02 17.39 28.55
N THR D 444 4.94 18.42 27.70
CA THR D 444 5.60 19.68 28.04
C THR D 444 4.85 20.42 29.13
N GLU D 445 3.52 20.45 29.06
CA GLU D 445 2.77 21.22 30.05
C GLU D 445 2.69 20.51 31.39
N LYS D 446 2.76 19.18 31.42
CA LYS D 446 2.73 18.47 32.69
C LYS D 446 4.03 18.62 33.47
N VAL D 447 5.12 18.97 32.79
CA VAL D 447 6.39 19.16 33.47
C VAL D 447 6.74 20.64 33.62
N ARG D 448 6.20 21.51 32.77
CA ARG D 448 6.25 22.94 33.03
C ARG D 448 5.57 23.28 34.35
N ARG D 449 4.52 22.56 34.70
CA ARG D 449 3.85 22.76 35.98
C ARG D 449 4.56 22.04 37.12
N LYS D 450 5.02 20.81 36.91
CA LYS D 450 5.75 20.05 37.92
C LYS D 450 7.11 19.65 37.36
N PRO D 451 8.15 20.45 37.62
CA PRO D 451 9.48 20.16 37.06
C PRO D 451 10.11 18.90 37.63
N PHE D 452 9.96 18.70 38.93
CA PHE D 452 10.37 17.46 39.56
C PHE D 452 9.22 16.48 39.41
N SER D 453 9.41 15.50 38.54
CA SER D 453 8.37 14.52 38.26
C SER D 453 9.04 13.21 37.93
N VAL D 454 8.26 12.15 37.94
CA VAL D 454 8.69 10.87 37.38
C VAL D 454 7.86 10.68 36.14
N VAL D 455 8.48 10.74 34.98
CA VAL D 455 7.78 10.65 33.72
C VAL D 455 7.93 9.23 33.21
N LEU D 456 6.81 8.54 33.04
CA LEU D 456 6.80 7.16 32.61
C LEU D 456 6.43 7.09 31.14
N PHE D 457 7.25 6.39 30.36
CA PHE D 457 6.96 6.11 28.97
C PHE D 457 6.63 4.63 28.87
N ASP D 458 5.36 4.32 29.10
CA ASP D 458 4.91 2.93 29.20
C ASP D 458 4.88 2.30 27.82
N ALA D 459 5.46 1.11 27.72
CA ALA D 459 5.53 0.29 26.51
C ALA D 459 6.19 1.06 25.37
N ILE D 460 7.47 1.35 25.58
CA ILE D 460 8.19 2.30 24.73
C ILE D 460 8.45 1.73 23.34
N GLU D 461 8.47 0.40 23.19
CA GLU D 461 8.72 -0.20 21.89
C GLU D 461 7.52 -0.19 20.99
N LYS D 462 6.33 0.06 21.53
CA LYS D 462 5.13 0.12 20.71
C LYS D 462 5.08 1.39 19.86
N ALA D 463 5.80 2.43 20.29
CA ALA D 463 5.78 3.70 19.57
C ALA D 463 6.62 3.60 18.30
N HIS D 464 6.37 4.55 17.39
CA HIS D 464 7.19 4.65 16.19
C HIS D 464 8.58 5.13 16.59
N GLN D 465 9.58 4.71 15.82
CA GLN D 465 10.95 5.01 16.19
C GLN D 465 11.33 6.47 16.00
N GLU D 466 10.46 7.27 15.38
CA GLU D 466 10.67 8.70 15.31
C GLU D 466 10.07 9.44 16.49
N ILE D 467 9.45 8.74 17.44
CA ILE D 467 8.97 9.41 18.65
C ILE D 467 10.10 9.50 19.65
N TYR D 468 11.11 8.64 19.49
CA TYR D 468 12.28 8.66 20.36
C TYR D 468 13.15 9.85 20.05
N ASN D 469 13.16 10.28 18.80
CA ASN D 469 14.02 11.37 18.37
C ASN D 469 13.56 12.69 18.96
N SER D 470 12.28 12.80 19.29
CA SER D 470 11.80 13.92 20.08
C SER D 470 12.34 13.88 21.50
N LEU D 471 12.67 12.69 22.00
CA LEU D 471 13.08 12.50 23.39
C LEU D 471 14.58 12.33 23.53
N LEU D 472 15.35 12.54 22.47
CA LEU D 472 16.79 12.40 22.57
C LEU D 472 17.40 13.53 23.38
N GLN D 473 17.06 14.77 23.05
CA GLN D 473 17.63 15.90 23.75
C GLN D 473 16.94 16.12 25.08
N VAL D 474 15.81 15.45 25.29
CA VAL D 474 15.22 15.26 26.60
C VAL D 474 16.20 14.54 27.52
N LEU D 475 16.83 13.49 27.03
CA LEU D 475 17.69 12.65 27.86
C LEU D 475 19.06 13.28 28.05
N GLU D 476 19.56 13.96 27.03
CA GLU D 476 20.92 14.48 27.06
C GLU D 476 20.99 15.89 27.61
N ASP D 477 20.02 16.73 27.28
CA ASP D 477 20.06 18.13 27.65
C ASP D 477 19.01 18.53 28.66
N GLY D 478 18.03 17.69 28.93
CA GLY D 478 16.94 18.07 29.81
C GLY D 478 16.03 19.11 29.20
N ARG D 479 15.95 19.14 27.89
CA ARG D 479 15.18 20.14 27.16
C ARG D 479 14.13 19.45 26.32
N LEU D 480 12.95 20.02 26.29
CA LEU D 480 11.96 19.65 25.27
C LEU D 480 11.25 20.96 24.92
N THR D 481 11.72 21.58 23.86
CA THR D 481 11.09 22.79 23.38
C THR D 481 9.75 22.45 22.77
N ASP D 482 8.67 23.04 23.28
CA ASP D 482 7.38 22.68 22.74
C ASP D 482 7.14 23.37 21.40
N GLY D 483 5.95 23.15 20.85
CA GLY D 483 5.61 23.76 19.58
C GLY D 483 5.49 25.27 19.65
N GLN D 484 5.17 25.79 20.83
CA GLN D 484 5.15 27.24 21.02
C GLN D 484 6.56 27.81 21.10
N GLY D 485 7.53 26.97 21.44
CA GLY D 485 8.90 27.41 21.50
C GLY D 485 9.43 27.57 22.91
N ARG D 486 8.59 27.30 23.88
CA ARG D 486 8.98 27.36 25.28
C ARG D 486 9.72 26.10 25.63
N THR D 487 11.00 26.23 25.97
CA THR D 487 11.78 25.10 26.41
C THR D 487 11.34 24.69 27.81
N VAL D 488 10.96 23.43 27.98
CA VAL D 488 10.52 22.91 29.25
C VAL D 488 11.69 22.19 29.90
N ASP D 489 11.95 22.53 31.15
CA ASP D 489 13.05 21.93 31.90
C ASP D 489 12.72 20.49 32.26
N PHE D 490 13.46 19.54 31.69
CA PHE D 490 13.34 18.17 32.15
C PHE D 490 14.53 17.75 32.99
N LYS D 491 15.32 18.70 33.45
CA LYS D 491 16.56 18.42 34.17
C LYS D 491 16.34 17.89 35.57
N ASN D 492 15.11 17.92 36.08
CA ASN D 492 14.80 17.41 37.39
C ASN D 492 13.85 16.23 37.35
N THR D 493 13.53 15.74 36.16
CA THR D 493 12.64 14.61 36.03
C THR D 493 13.40 13.30 36.18
N VAL D 494 12.66 12.26 36.49
CA VAL D 494 13.15 10.90 36.41
C VAL D 494 12.42 10.27 35.24
N LEU D 495 13.14 10.04 34.16
CA LEU D 495 12.55 9.54 32.93
C LEU D 495 12.66 8.02 32.92
N ILE D 496 11.53 7.35 32.80
CA ILE D 496 11.50 5.90 32.82
C ILE D 496 10.83 5.42 31.55
N PHE D 497 11.53 4.56 30.82
CA PHE D 497 11.06 3.97 29.57
C PHE D 497 10.86 2.48 29.85
N THR D 498 9.65 2.07 30.20
CA THR D 498 9.42 0.66 30.40
C THR D 498 9.20 -0.04 29.07
N SER D 499 9.70 -1.27 28.96
CA SER D 499 9.68 -1.98 27.70
C SER D 499 9.39 -3.44 27.94
N ASN D 500 8.25 -3.92 27.44
CA ASN D 500 7.96 -5.34 27.39
C ASN D 500 8.92 -6.10 26.48
N LEU D 501 9.57 -5.41 25.55
CA LEU D 501 10.47 -6.01 24.59
C LEU D 501 11.67 -6.62 25.31
N LEU D 512 19.67 -21.12 23.75
CA LEU D 512 19.33 -22.08 22.70
C LEU D 512 20.51 -23.00 22.41
N GLY D 513 20.29 -24.30 22.52
CA GLY D 513 21.15 -25.27 21.88
C GLY D 513 22.23 -25.89 22.75
N PHE D 514 23.26 -26.39 22.06
CA PHE D 514 24.34 -27.15 22.67
C PHE D 514 25.48 -26.23 23.10
N SER D 515 25.98 -26.44 24.32
CA SER D 515 27.06 -25.65 24.91
C SER D 515 27.55 -26.36 26.17
N LYS D 516 28.36 -25.64 26.97
CA LYS D 516 28.44 -25.88 28.42
C LYS D 516 28.99 -27.24 28.84
N MET D 526 19.76 -13.36 30.59
CA MET D 526 18.52 -12.79 30.07
C MET D 526 18.99 -11.35 29.87
N LYS D 527 19.90 -10.89 30.72
CA LYS D 527 20.43 -9.54 30.61
C LYS D 527 21.23 -9.35 29.34
N GLN D 528 21.97 -10.37 28.92
CA GLN D 528 22.61 -10.31 27.61
C GLN D 528 21.58 -10.43 26.50
N LYS D 529 20.52 -11.21 26.73
CA LYS D 529 19.51 -11.42 25.69
C LYS D 529 18.67 -10.18 25.44
N VAL D 530 18.27 -9.51 26.53
CA VAL D 530 17.40 -8.34 26.40
C VAL D 530 18.16 -7.13 25.90
N ASN D 531 19.39 -6.91 26.36
CA ASN D 531 20.18 -5.75 25.92
C ASN D 531 20.51 -5.81 24.43
N ASP D 532 20.59 -7.00 23.86
CA ASP D 532 20.78 -7.10 22.42
C ASP D 532 19.49 -6.81 21.67
N GLU D 533 18.33 -7.11 22.27
CA GLU D 533 17.07 -6.77 21.64
C GLU D 533 16.80 -5.28 21.67
N LEU D 534 17.33 -4.58 22.67
CA LEU D 534 17.26 -3.13 22.68
C LEU D 534 18.17 -2.52 21.62
N LYS D 535 19.38 -3.07 21.46
CA LYS D 535 20.29 -2.54 20.44
C LYS D 535 19.77 -2.78 19.04
N LYS D 536 19.01 -3.86 18.83
CA LYS D 536 18.39 -4.08 17.54
C LYS D 536 17.24 -3.10 17.31
N HIS D 537 16.42 -2.88 18.31
CA HIS D 537 15.21 -2.09 18.13
C HIS D 537 15.47 -0.59 18.28
N PHE D 538 16.10 -0.20 19.37
CA PHE D 538 16.30 1.22 19.62
C PHE D 538 17.50 1.73 18.83
N ARG D 539 17.54 3.04 18.67
CA ARG D 539 18.66 3.66 18.01
C ARG D 539 19.89 3.59 18.91
N PRO D 540 21.10 3.50 18.35
CA PRO D 540 22.29 3.41 19.20
C PRO D 540 22.60 4.68 19.96
N GLU D 541 22.05 5.82 19.54
CA GLU D 541 22.20 7.05 20.31
C GLU D 541 21.07 7.27 21.29
N PHE D 542 19.96 6.54 21.18
CA PHE D 542 18.95 6.61 22.23
C PHE D 542 19.41 5.84 23.46
N LEU D 543 19.93 4.64 23.25
CA LEU D 543 20.44 3.84 24.36
C LEU D 543 21.71 4.41 24.92
N ASN D 544 22.40 5.24 24.13
CA ASN D 544 23.60 5.89 24.61
C ASN D 544 23.30 6.96 25.65
N ARG D 545 22.08 7.53 25.62
CA ARG D 545 21.69 8.62 26.48
C ARG D 545 20.90 8.16 27.70
N ILE D 546 20.47 6.91 27.72
CA ILE D 546 19.87 6.32 28.90
C ILE D 546 20.95 6.16 29.96
N ASP D 547 20.66 6.60 31.18
CA ASP D 547 21.64 6.48 32.25
C ASP D 547 21.83 5.03 32.66
N ASP D 548 20.73 4.32 32.94
CA ASP D 548 20.79 2.92 33.35
C ASP D 548 19.77 2.14 32.54
N ILE D 549 20.23 1.12 31.84
CA ILE D 549 19.35 0.14 31.20
C ILE D 549 19.24 -1.04 32.14
N ILE D 550 18.03 -1.34 32.58
CA ILE D 550 17.82 -2.33 33.62
C ILE D 550 16.95 -3.43 33.04
N VAL D 551 17.51 -4.60 32.93
CA VAL D 551 16.78 -5.79 32.50
C VAL D 551 16.11 -6.37 33.74
N PHE D 552 14.85 -6.79 33.60
CA PHE D 552 14.10 -7.26 34.75
C PHE D 552 14.07 -8.79 34.78
N HIS D 553 14.20 -9.33 35.99
CA HIS D 553 14.02 -10.75 36.21
C HIS D 553 12.58 -11.15 35.97
N GLN D 554 12.35 -12.30 35.37
CA GLN D 554 11.07 -12.97 35.51
C GLN D 554 10.97 -13.41 36.96
N LEU D 555 9.82 -13.15 37.57
CA LEU D 555 9.66 -13.44 38.99
C LEU D 555 9.61 -14.94 39.23
N THR D 556 10.42 -15.43 40.14
CA THR D 556 10.40 -16.84 40.49
C THR D 556 9.18 -17.15 41.34
N ARG D 557 8.95 -18.44 41.55
CA ARG D 557 7.74 -18.89 42.26
C ARG D 557 7.74 -18.45 43.71
N GLU D 558 8.91 -18.39 44.36
CA GLU D 558 8.97 -17.91 45.72
C GLU D 558 8.81 -16.39 45.79
N GLU D 559 9.06 -15.68 44.69
CA GLU D 559 8.79 -14.26 44.67
C GLU D 559 7.31 -13.98 44.42
N ILE D 560 6.59 -14.95 43.84
CA ILE D 560 5.14 -14.85 43.73
C ILE D 560 4.50 -15.08 45.10
N ILE D 561 5.12 -15.93 45.93
CA ILE D 561 4.63 -16.18 47.28
C ILE D 561 4.77 -14.92 48.13
N ARG D 562 5.85 -14.17 47.95
CA ARG D 562 5.96 -12.89 48.65
C ARG D 562 5.05 -11.84 48.05
N MET D 563 4.56 -12.03 46.83
CA MET D 563 3.64 -11.06 46.25
C MET D 563 2.20 -11.28 46.69
N VAL D 564 1.79 -12.54 46.88
CA VAL D 564 0.44 -12.78 47.37
C VAL D 564 0.30 -12.33 48.82
N ASP D 565 1.40 -12.27 49.57
CA ASP D 565 1.37 -11.63 50.88
C ASP D 565 1.10 -10.15 50.76
N LEU D 566 1.65 -9.52 49.73
CA LEU D 566 1.50 -8.10 49.53
C LEU D 566 0.14 -7.73 48.98
N MET D 567 -0.42 -8.57 48.09
CA MET D 567 -1.68 -8.23 47.46
C MET D 567 -2.90 -8.62 48.26
N ILE D 568 -2.76 -9.46 49.30
CA ILE D 568 -3.89 -9.65 50.19
C ILE D 568 -3.96 -8.51 51.21
N SER D 569 -2.86 -7.79 51.41
CA SER D 569 -2.82 -6.75 52.44
C SER D 569 -3.61 -5.52 52.03
N ARG D 570 -3.95 -5.38 50.76
CA ARG D 570 -4.93 -4.40 50.35
C ARG D 570 -6.33 -4.84 50.79
N VAL D 571 -6.65 -6.11 50.55
CA VAL D 571 -7.92 -6.69 50.99
C VAL D 571 -7.97 -6.74 52.51
N ALA D 572 -6.90 -7.21 53.15
CA ALA D 572 -6.82 -7.25 54.59
C ALA D 572 -6.74 -5.87 55.22
N GLY D 573 -6.33 -4.85 54.47
CA GLY D 573 -6.34 -3.50 55.00
C GLY D 573 -7.75 -2.97 55.18
N GLN D 574 -8.59 -3.12 54.16
CA GLN D 574 -9.98 -2.71 54.24
C GLN D 574 -10.88 -3.73 54.93
N LEU D 575 -10.34 -4.88 55.35
CA LEU D 575 -11.07 -5.77 56.23
C LEU D 575 -10.81 -5.46 57.69
N LYS D 576 -9.59 -5.01 58.03
CA LYS D 576 -9.35 -4.49 59.37
C LYS D 576 -10.03 -3.15 59.60
N SER D 577 -10.44 -2.47 58.53
CA SER D 577 -11.33 -1.32 58.64
C SER D 577 -12.70 -1.73 59.18
N LYS D 578 -13.11 -2.97 58.96
CA LYS D 578 -14.34 -3.51 59.54
C LYS D 578 -14.07 -4.37 60.76
N ASP D 579 -12.83 -4.41 61.24
CA ASP D 579 -12.35 -5.25 62.34
C ASP D 579 -12.67 -6.73 62.09
N MET D 580 -12.16 -7.22 60.96
CA MET D 580 -12.14 -8.65 60.69
C MET D 580 -10.83 -8.98 59.99
N ALA D 581 -10.27 -10.14 60.33
CA ALA D 581 -8.96 -10.52 59.84
C ALA D 581 -9.11 -11.45 58.63
N LEU D 582 -8.02 -11.56 57.88
CA LEU D 582 -7.97 -12.46 56.73
C LEU D 582 -6.62 -13.14 56.74
N VAL D 583 -6.59 -14.38 57.22
CA VAL D 583 -5.35 -15.15 57.33
C VAL D 583 -5.45 -16.31 56.36
N LEU D 584 -4.47 -16.40 55.47
CA LEU D 584 -4.41 -17.47 54.49
C LEU D 584 -3.46 -18.56 54.96
N THR D 585 -3.62 -19.74 54.38
CA THR D 585 -2.74 -20.86 54.65
C THR D 585 -1.70 -20.99 53.54
N ASP D 586 -0.78 -21.94 53.73
CA ASP D 586 0.25 -22.18 52.73
C ASP D 586 -0.32 -22.78 51.46
N ALA D 587 -1.41 -23.54 51.58
CA ALA D 587 -2.06 -24.10 50.39
C ALA D 587 -2.80 -23.01 49.62
N ALA D 588 -3.38 -22.04 50.33
CA ALA D 588 -4.07 -20.94 49.67
C ALA D 588 -3.11 -20.02 48.95
N LYS D 589 -1.96 -19.72 49.56
CA LYS D 589 -0.99 -18.86 48.91
C LYS D 589 -0.30 -19.57 47.75
N ALA D 590 -0.16 -20.90 47.83
CA ALA D 590 0.39 -21.64 46.71
C ALA D 590 -0.60 -21.74 45.56
N LEU D 591 -1.89 -21.84 45.86
CA LEU D 591 -2.88 -21.97 44.80
C LEU D 591 -3.07 -20.64 44.06
N LEU D 592 -2.93 -19.53 44.77
CA LEU D 592 -2.92 -18.23 44.10
C LEU D 592 -1.67 -18.08 43.23
N ALA D 593 -0.54 -18.63 43.69
CA ALA D 593 0.69 -18.57 42.92
C ALA D 593 0.59 -19.39 41.64
N LYS D 594 -0.05 -20.57 41.72
CA LYS D 594 -0.18 -21.41 40.53
C LYS D 594 -1.17 -20.82 39.53
N ARG D 595 -2.12 -20.01 40.00
CA ARG D 595 -3.08 -19.37 39.12
C ARG D 595 -2.67 -17.96 38.72
N GLY D 596 -1.58 -17.45 39.28
CA GLY D 596 -1.15 -16.10 38.97
C GLY D 596 0.11 -16.02 38.13
N PHE D 597 0.99 -17.00 38.30
CA PHE D 597 2.23 -17.02 37.56
C PHE D 597 1.99 -17.53 36.15
N ASP D 598 2.41 -16.74 35.16
CA ASP D 598 2.42 -17.17 33.78
C ASP D 598 3.81 -17.01 33.19
N PRO D 599 4.19 -17.88 32.25
CA PRO D 599 5.34 -17.57 31.39
C PRO D 599 5.04 -16.49 30.38
N VAL D 600 3.77 -16.26 30.06
CA VAL D 600 3.41 -15.18 29.14
C VAL D 600 3.55 -13.83 29.83
N LEU D 601 2.72 -13.62 30.85
CA LEU D 601 2.74 -12.32 31.56
C LEU D 601 3.45 -12.53 32.89
N GLY D 602 2.69 -12.58 33.98
CA GLY D 602 3.30 -12.84 35.29
C GLY D 602 2.90 -11.77 36.27
N ALA D 603 2.48 -12.15 37.48
CA ALA D 603 2.06 -11.18 38.51
C ALA D 603 0.83 -10.39 38.06
N ARG D 604 0.85 -9.82 36.85
CA ARG D 604 -0.37 -9.13 36.35
C ARG D 604 -1.53 -10.11 36.58
N PRO D 605 -1.57 -11.28 35.93
CA PRO D 605 -2.59 -12.30 36.24
C PRO D 605 -2.80 -12.56 37.73
N LEU D 606 -1.76 -12.45 38.56
CA LEU D 606 -1.91 -12.65 40.00
C LEU D 606 -2.77 -11.59 40.65
N ARG D 607 -2.63 -10.33 40.19
CA ARG D 607 -3.47 -9.26 40.68
C ARG D 607 -4.93 -9.49 40.35
N ARG D 608 -5.20 -10.11 39.20
CA ARG D 608 -6.57 -10.40 38.78
C ARG D 608 -7.17 -11.51 39.62
N THR D 609 -6.45 -12.63 39.75
CA THR D 609 -7.01 -13.79 40.43
C THR D 609 -7.00 -13.68 41.95
N ILE D 610 -6.64 -12.53 42.51
CA ILE D 610 -6.89 -12.28 43.92
C ILE D 610 -8.13 -11.40 44.07
N GLN D 611 -8.26 -10.40 43.21
CA GLN D 611 -9.46 -9.57 43.26
C GLN D 611 -10.65 -10.20 42.57
N ARG D 612 -10.49 -11.38 41.98
CA ARG D 612 -11.61 -12.15 41.45
C ARG D 612 -11.88 -13.40 42.26
N GLU D 613 -10.88 -13.95 42.93
CA GLU D 613 -11.06 -15.20 43.66
C GLU D 613 -10.89 -15.07 45.17
N ILE D 614 -10.53 -13.91 45.70
CA ILE D 614 -10.56 -13.71 47.14
C ILE D 614 -11.52 -12.56 47.43
N GLU D 615 -11.37 -11.45 46.71
CA GLU D 615 -12.09 -10.22 47.06
C GLU D 615 -13.56 -10.30 46.68
N ASP D 616 -13.90 -11.01 45.59
CA ASP D 616 -15.30 -11.11 45.19
C ASP D 616 -16.09 -12.01 46.13
N GLN D 617 -15.52 -13.13 46.52
CA GLN D 617 -16.19 -14.05 47.43
C GLN D 617 -16.16 -13.57 48.88
N LEU D 618 -15.40 -12.53 49.20
CA LEU D 618 -15.58 -11.88 50.48
C LEU D 618 -16.65 -10.81 50.42
N SER D 619 -16.82 -10.19 49.24
CA SER D 619 -17.76 -9.08 49.12
C SER D 619 -19.20 -9.56 49.18
N GLU D 620 -19.49 -10.69 48.56
CA GLU D 620 -20.84 -11.24 48.64
C GLU D 620 -21.14 -11.88 49.98
N LYS D 621 -20.11 -12.25 50.75
CA LYS D 621 -20.36 -12.74 52.10
C LYS D 621 -20.54 -11.60 53.09
N ILE D 622 -20.08 -10.40 52.72
CA ILE D 622 -20.52 -9.19 53.42
C ILE D 622 -21.95 -8.85 53.01
N LEU D 623 -22.29 -9.12 51.76
CA LEU D 623 -23.68 -8.96 51.31
C LEU D 623 -24.60 -9.98 51.97
N PHE D 624 -24.11 -11.22 52.13
CA PHE D 624 -24.91 -12.24 52.81
C PHE D 624 -24.96 -12.03 54.31
N GLU D 625 -24.00 -11.29 54.86
CA GLU D 625 -23.83 -11.04 56.30
C GLU D 625 -23.73 -12.34 57.08
N GLU D 626 -22.95 -13.27 56.54
CA GLU D 626 -22.51 -14.44 57.29
C GLU D 626 -21.11 -14.25 57.86
N VAL D 627 -20.52 -13.07 57.66
CA VAL D 627 -19.27 -12.67 58.31
C VAL D 627 -19.59 -11.45 59.15
N GLY D 628 -18.63 -11.00 59.96
CA GLY D 628 -18.88 -9.86 60.80
C GLY D 628 -17.64 -9.35 61.52
N PRO D 629 -17.78 -8.19 62.16
CA PRO D 629 -16.67 -7.67 62.98
C PRO D 629 -16.43 -8.54 64.20
N GLY D 630 -15.19 -8.97 64.36
CA GLY D 630 -14.83 -9.87 65.44
C GLY D 630 -14.69 -11.29 64.93
N GLN D 631 -14.55 -11.44 63.62
CA GLN D 631 -14.37 -12.74 62.99
C GLN D 631 -13.04 -12.78 62.27
N VAL D 632 -12.55 -14.01 62.07
CA VAL D 632 -11.38 -14.25 61.23
C VAL D 632 -11.84 -15.16 60.09
N VAL D 633 -11.32 -14.90 58.90
CA VAL D 633 -11.70 -15.65 57.71
C VAL D 633 -10.46 -16.43 57.28
N THR D 634 -10.38 -17.69 57.68
CA THR D 634 -9.31 -18.52 57.18
C THR D 634 -9.63 -19.01 55.77
N VAL D 635 -8.58 -19.19 54.97
CA VAL D 635 -8.72 -19.53 53.57
C VAL D 635 -7.82 -20.71 53.26
N ASP D 636 -8.41 -21.77 52.71
CA ASP D 636 -7.63 -22.95 52.33
C ASP D 636 -8.07 -23.46 50.96
N ALA D 649 -13.52 -19.12 44.36
CA ALA D 649 -13.47 -20.34 43.56
C ALA D 649 -13.59 -21.57 44.44
N VAL D 650 -12.50 -22.34 44.56
CA VAL D 650 -12.45 -23.48 45.47
C VAL D 650 -11.91 -23.06 46.83
N PHE D 651 -11.76 -21.77 47.07
CA PHE D 651 -11.29 -21.28 48.36
C PHE D 651 -12.43 -21.28 49.37
N THR D 652 -12.08 -21.51 50.63
CA THR D 652 -13.04 -21.54 51.71
C THR D 652 -13.01 -20.23 52.49
N PHE D 653 -14.18 -19.80 52.97
CA PHE D 653 -14.27 -18.53 53.67
C PHE D 653 -15.19 -18.72 54.87
N THR D 654 -14.63 -18.61 56.07
CA THR D 654 -15.41 -18.76 57.29
C THR D 654 -15.77 -17.40 57.87
N VAL E 3 -9.46 52.65 48.23
CA VAL E 3 -10.62 52.36 47.40
C VAL E 3 -11.82 52.97 48.07
N LEU E 4 -12.66 53.63 47.29
CA LEU E 4 -13.90 54.15 47.83
C LEU E 4 -14.88 53.00 48.06
N ASP E 5 -15.98 53.29 48.72
CA ASP E 5 -17.09 52.36 48.86
C ASP E 5 -18.03 52.60 47.68
N GLN E 6 -17.46 52.56 46.49
CA GLN E 6 -18.18 52.85 45.25
C GLN E 6 -17.94 51.71 44.28
N PHE E 7 -16.72 51.18 44.27
CA PHE E 7 -16.40 50.03 43.44
C PHE E 7 -16.08 48.80 44.23
N GLY E 8 -15.87 48.93 45.53
CA GLY E 8 -15.58 47.79 46.35
C GLY E 8 -16.32 47.80 47.65
N ARG E 9 -15.75 47.14 48.64
CA ARG E 9 -16.41 46.94 49.92
C ARG E 9 -15.31 46.67 50.92
N ASN E 10 -15.35 47.36 52.06
CA ASN E 10 -14.31 47.20 53.06
C ASN E 10 -14.56 45.89 53.80
N LEU E 11 -13.78 44.86 53.47
CA LEU E 11 -13.91 43.60 54.18
C LEU E 11 -13.32 43.66 55.57
N THR E 12 -12.40 44.59 55.82
CA THR E 12 -11.88 44.79 57.16
C THR E 12 -12.94 45.42 58.06
N ALA E 13 -13.67 46.40 57.55
CA ALA E 13 -14.77 46.96 58.33
C ALA E 13 -15.95 46.02 58.40
N ALA E 14 -16.10 45.12 57.43
CA ALA E 14 -17.12 44.09 57.53
C ALA E 14 -16.77 43.07 58.61
N ALA E 15 -15.49 42.81 58.82
CA ALA E 15 -15.08 41.91 59.89
C ALA E 15 -15.10 42.57 61.25
N MET E 16 -15.09 43.90 61.31
CA MET E 16 -15.27 44.58 62.58
C MET E 16 -16.69 44.41 63.10
N GLU E 17 -17.67 44.43 62.21
CA GLU E 17 -19.06 44.35 62.60
C GLU E 17 -19.61 42.93 62.51
N GLY E 18 -18.75 41.94 62.36
CA GLY E 18 -19.14 40.55 62.39
C GLY E 18 -19.98 40.12 61.21
N LYS E 19 -19.80 40.80 60.08
CA LYS E 19 -20.58 40.52 58.89
C LYS E 19 -20.01 39.41 58.04
N LEU E 20 -18.71 39.15 58.13
CA LEU E 20 -18.11 38.09 57.36
C LEU E 20 -18.37 36.75 58.01
N ASP E 21 -18.73 35.77 57.20
CA ASP E 21 -18.97 34.42 57.65
C ASP E 21 -17.69 33.81 58.20
N PRO E 22 -17.79 32.95 59.22
CA PRO E 22 -16.58 32.34 59.78
C PRO E 22 -15.93 31.41 58.78
N VAL E 23 -14.61 31.43 58.75
CA VAL E 23 -13.83 30.72 57.75
C VAL E 23 -13.12 29.59 58.46
N ILE E 24 -13.71 28.40 58.43
CA ILE E 24 -13.20 27.24 59.11
C ILE E 24 -12.33 26.47 58.13
N GLY E 25 -11.15 26.07 58.58
CA GLY E 25 -10.18 25.52 57.67
C GLY E 25 -9.57 26.65 56.87
N ARG E 26 -8.92 26.27 55.76
CA ARG E 26 -8.24 27.18 54.84
C ARG E 26 -7.21 28.06 55.54
N GLU E 27 -6.62 27.57 56.64
CA GLU E 27 -5.70 28.40 57.43
C GLU E 27 -4.28 28.30 56.92
N LYS E 28 -3.97 27.24 56.19
CA LYS E 28 -2.69 27.16 55.50
C LYS E 28 -2.65 28.16 54.36
N GLU E 29 -3.80 28.49 53.79
CA GLU E 29 -3.93 29.45 52.71
C GLU E 29 -3.95 30.88 53.19
N ILE E 30 -4.58 31.15 54.34
CA ILE E 30 -4.56 32.50 54.90
C ILE E 30 -3.15 32.85 55.36
N GLU E 31 -2.44 31.88 55.92
CA GLU E 31 -1.04 32.06 56.24
C GLU E 31 -0.19 32.25 54.99
N ARG E 32 -0.55 31.59 53.89
CA ARG E 32 0.21 31.76 52.66
C ARG E 32 -0.06 33.13 52.05
N VAL E 33 -1.28 33.64 52.18
CA VAL E 33 -1.60 34.98 51.68
C VAL E 33 -0.88 36.04 52.48
N MET E 34 -0.81 35.88 53.81
CA MET E 34 0.01 36.74 54.64
C MET E 34 1.48 36.64 54.29
N GLN E 35 1.93 35.46 53.88
CA GLN E 35 3.31 35.29 53.46
C GLN E 35 3.57 36.05 52.18
N VAL E 36 2.59 36.17 51.30
CA VAL E 36 2.82 36.95 50.11
C VAL E 36 2.71 38.43 50.42
N LEU E 37 1.69 38.82 51.17
CA LEU E 37 1.45 40.22 51.47
C LEU E 37 2.52 40.83 52.38
N SER E 38 3.30 40.01 53.08
CA SER E 38 4.36 40.55 53.92
C SER E 38 5.66 40.71 53.16
N ARG E 39 5.71 40.31 51.89
CA ARG E 39 6.89 40.52 51.07
C ARG E 39 7.07 42.00 50.79
N ARG E 40 8.31 42.38 50.51
CA ARG E 40 8.57 43.79 50.23
C ARG E 40 8.12 44.15 48.82
N THR E 41 8.56 43.42 47.81
CA THR E 41 8.15 43.68 46.45
C THR E 41 7.23 42.57 45.98
N LYS E 42 6.24 42.97 45.18
CA LYS E 42 5.28 42.09 44.52
C LYS E 42 4.52 41.25 45.53
N ASN E 43 4.08 41.93 46.58
CA ASN E 43 3.28 41.34 47.65
C ASN E 43 1.82 41.20 47.20
N ASN E 44 1.62 40.30 46.23
CA ASN E 44 0.38 40.21 45.49
C ASN E 44 0.01 38.75 45.31
N PRO E 45 -0.77 38.18 46.20
CA PRO E 45 -1.16 36.78 46.02
C PRO E 45 -2.29 36.65 45.03
N VAL E 46 -2.30 35.54 44.31
CA VAL E 46 -3.45 35.13 43.53
C VAL E 46 -4.00 33.88 44.14
N LEU E 47 -5.23 33.95 44.59
CA LEU E 47 -5.94 32.75 45.02
C LEU E 47 -6.39 32.02 43.77
N ILE E 48 -5.71 30.95 43.45
CA ILE E 48 -6.05 30.13 42.30
C ILE E 48 -6.88 28.96 42.76
N GLY E 49 -8.08 28.84 42.22
CA GLY E 49 -8.93 27.75 42.62
C GLY E 49 -9.91 27.33 41.55
N GLU E 50 -11.13 27.06 41.98
CA GLU E 50 -12.26 26.78 41.11
C GLU E 50 -13.40 27.64 41.61
N PRO E 51 -14.45 27.86 40.79
CA PRO E 51 -15.56 28.69 41.28
C PRO E 51 -16.29 28.10 42.46
N GLY E 52 -16.12 28.74 43.61
CA GLY E 52 -16.83 28.33 44.80
C GLY E 52 -16.02 27.54 45.82
N VAL E 53 -14.71 27.44 45.63
CA VAL E 53 -13.88 26.70 46.58
C VAL E 53 -13.53 27.50 47.81
N GLY E 54 -13.87 28.78 47.83
CA GLY E 54 -13.61 29.58 49.02
C GLY E 54 -12.46 30.53 48.87
N LYS E 55 -12.23 31.02 47.65
CA LYS E 55 -11.17 31.99 47.41
C LYS E 55 -11.49 33.32 48.07
N THR E 56 -12.72 33.79 47.95
CA THR E 56 -13.13 34.98 48.67
C THR E 56 -13.15 34.72 50.17
N ALA E 57 -13.40 33.47 50.58
CA ALA E 57 -13.44 33.14 51.98
C ALA E 57 -12.05 33.17 52.62
N VAL E 58 -11.01 32.88 51.84
CA VAL E 58 -9.64 33.06 52.33
C VAL E 58 -9.39 34.52 52.65
N VAL E 59 -9.83 35.40 51.77
CA VAL E 59 -9.70 36.84 51.97
C VAL E 59 -10.66 37.33 53.06
N GLU E 60 -11.86 36.77 53.13
CA GLU E 60 -12.73 37.04 54.29
C GLU E 60 -12.10 36.54 55.56
N GLY E 61 -11.42 35.39 55.50
CA GLY E 61 -10.67 34.92 56.65
C GLY E 61 -9.44 35.72 56.95
N LEU E 62 -8.83 36.32 55.92
CA LEU E 62 -7.73 37.24 56.14
C LEU E 62 -8.22 38.53 56.78
N ALA E 63 -9.33 39.07 56.29
CA ALA E 63 -9.88 40.30 56.84
C ALA E 63 -10.37 40.12 58.25
N GLN E 64 -10.78 38.90 58.62
CA GLN E 64 -11.02 38.60 60.02
C GLN E 64 -9.71 38.52 60.79
N ALA E 65 -8.67 37.98 60.18
CA ALA E 65 -7.39 37.88 60.86
C ALA E 65 -6.71 39.22 61.03
N ILE E 66 -7.07 40.21 60.22
CA ILE E 66 -6.57 41.57 60.41
C ILE E 66 -7.24 42.20 61.64
N VAL E 67 -8.55 42.05 61.76
CA VAL E 67 -9.24 42.73 62.86
C VAL E 67 -9.06 42.01 64.18
N HIS E 68 -8.68 40.73 64.17
CA HIS E 68 -8.39 40.05 65.42
C HIS E 68 -6.92 40.15 65.80
N GLY E 69 -6.13 40.94 65.06
CA GLY E 69 -4.75 41.16 65.40
C GLY E 69 -3.83 40.00 65.12
N GLU E 70 -4.25 39.07 64.27
CA GLU E 70 -3.47 37.88 63.96
C GLU E 70 -2.57 38.07 62.75
N VAL E 71 -2.11 39.30 62.51
CA VAL E 71 -1.37 39.66 61.31
C VAL E 71 0.01 40.19 61.72
N PRO E 72 1.05 39.97 60.92
CA PRO E 72 2.41 40.11 61.45
C PRO E 72 3.03 41.50 61.34
N GLU E 73 2.38 42.54 61.87
CA GLU E 73 2.85 43.95 61.94
C GLU E 73 3.40 44.50 60.62
N THR E 74 2.98 43.90 59.52
CA THR E 74 3.00 44.43 58.17
C THR E 74 1.60 44.55 57.60
N LEU E 75 0.68 43.71 58.06
CA LEU E 75 -0.71 43.73 57.66
C LEU E 75 -1.62 44.27 58.76
N LYS E 76 -1.07 44.86 59.82
CA LYS E 76 -1.92 45.39 60.88
C LYS E 76 -2.65 46.64 60.41
N ASP E 77 -3.96 46.66 60.67
CA ASP E 77 -4.86 47.78 60.41
C ASP E 77 -4.90 48.13 58.92
N LYS E 78 -4.82 47.08 58.10
CA LYS E 78 -4.95 47.23 56.66
C LYS E 78 -6.42 47.14 56.32
N GLN E 79 -6.98 48.22 55.84
CA GLN E 79 -8.37 48.22 55.39
C GLN E 79 -8.40 47.50 54.06
N LEU E 80 -8.82 46.25 54.10
CA LEU E 80 -8.89 45.42 52.90
C LEU E 80 -10.19 45.76 52.19
N TYR E 81 -10.06 46.22 50.95
CA TYR E 81 -11.20 46.52 50.11
C TYR E 81 -11.27 45.53 48.96
N THR E 82 -12.48 45.16 48.59
CA THR E 82 -12.65 44.48 47.32
C THR E 82 -12.57 45.50 46.20
N LEU E 83 -12.56 45.03 44.96
CA LEU E 83 -12.58 45.95 43.83
C LEU E 83 -13.28 45.23 42.68
N ASP E 84 -14.55 45.52 42.49
CA ASP E 84 -15.28 44.96 41.38
C ASP E 84 -14.77 45.62 40.10
N LEU E 85 -13.89 44.92 39.38
CA LEU E 85 -13.44 45.44 38.10
C LEU E 85 -14.53 45.41 37.05
N GLY E 86 -15.54 44.56 37.24
CA GLY E 86 -16.68 44.59 36.35
C GLY E 86 -17.47 45.88 36.47
N SER E 87 -17.68 46.36 37.70
CA SER E 87 -18.32 47.65 37.88
C SER E 87 -17.37 48.78 37.54
N LEU E 88 -16.06 48.52 37.54
CA LEU E 88 -15.10 49.56 37.21
C LEU E 88 -15.00 49.76 35.71
N VAL E 89 -15.16 48.68 34.93
CA VAL E 89 -15.25 48.81 33.48
C VAL E 89 -16.62 49.40 33.09
N ALA E 90 -17.66 49.04 33.82
CA ALA E 90 -19.03 49.43 33.50
C ALA E 90 -19.22 50.94 33.56
N GLY E 91 -19.64 51.51 32.42
CA GLY E 91 -19.72 52.94 32.27
C GLY E 91 -18.65 53.54 31.41
N SER E 92 -17.81 52.71 30.79
CA SER E 92 -16.77 53.18 29.89
C SER E 92 -17.27 53.02 28.46
N ARG E 93 -17.83 54.09 27.91
CA ARG E 93 -18.23 54.10 26.52
C ARG E 93 -17.45 55.20 25.82
N TYR E 94 -16.76 56.00 26.61
CA TYR E 94 -15.97 57.12 26.13
C TYR E 94 -14.51 56.87 26.50
N ARG E 95 -13.60 57.54 25.81
CA ARG E 95 -12.19 57.41 26.09
C ARG E 95 -11.87 57.96 27.47
N GLY E 96 -11.11 57.19 28.25
CA GLY E 96 -10.61 57.71 29.50
C GLY E 96 -11.53 57.55 30.67
N ASP E 97 -12.71 56.99 30.48
CA ASP E 97 -13.63 56.76 31.60
C ASP E 97 -13.07 55.72 32.55
N PHE E 98 -12.60 54.60 32.02
CA PHE E 98 -12.09 53.53 32.86
C PHE E 98 -10.79 53.93 33.54
N GLU E 99 -9.93 54.62 32.82
CA GLU E 99 -8.65 55.04 33.38
C GLU E 99 -8.84 56.06 34.48
N GLU E 100 -9.87 56.91 34.36
CA GLU E 100 -10.12 57.91 35.39
C GLU E 100 -10.65 57.26 36.65
N ARG E 101 -11.56 56.30 36.53
CA ARG E 101 -12.08 55.63 37.71
C ARG E 101 -11.05 54.70 38.35
N LEU E 102 -10.07 54.24 37.59
CA LEU E 102 -9.01 53.44 38.18
C LEU E 102 -7.92 54.28 38.80
N LYS E 103 -7.60 55.44 38.21
CA LYS E 103 -6.62 56.30 38.85
C LYS E 103 -7.17 56.98 40.09
N LYS E 104 -8.49 57.15 40.21
CA LYS E 104 -9.05 57.66 41.46
C LYS E 104 -8.91 56.62 42.57
N VAL E 105 -9.15 55.35 42.23
CA VAL E 105 -8.91 54.26 43.17
C VAL E 105 -7.44 54.18 43.52
N LEU E 106 -6.56 54.29 42.52
CA LEU E 106 -5.13 54.17 42.75
C LEU E 106 -4.58 55.38 43.50
N LYS E 107 -5.19 56.55 43.34
CA LYS E 107 -4.80 57.72 44.12
C LYS E 107 -5.24 57.56 45.57
N GLU E 108 -6.40 56.93 45.79
CA GLU E 108 -6.91 56.73 47.14
C GLU E 108 -6.07 55.75 47.93
N ILE E 109 -5.53 54.73 47.26
CA ILE E 109 -4.64 53.80 47.91
C ILE E 109 -3.29 54.44 48.21
N ASN E 110 -2.86 55.38 47.36
CA ASN E 110 -1.60 56.06 47.58
C ASN E 110 -1.65 56.98 48.80
N THR E 111 -2.79 57.64 49.01
CA THR E 111 -2.87 58.58 50.13
C THR E 111 -3.00 57.85 51.45
N ARG E 112 -3.86 56.84 51.52
CA ARG E 112 -4.09 56.13 52.76
C ARG E 112 -2.93 55.20 53.09
N GLY E 113 -2.47 54.43 52.11
CA GLY E 113 -1.31 53.58 52.31
C GLY E 113 -1.57 52.34 53.15
N ASP E 114 -2.83 52.07 53.47
CA ASP E 114 -3.17 50.88 54.24
C ASP E 114 -4.26 50.07 53.55
N ILE E 115 -4.24 50.01 52.23
CA ILE E 115 -5.30 49.36 51.46
C ILE E 115 -4.73 48.08 50.87
N ILE E 116 -5.45 46.99 51.05
CA ILE E 116 -5.17 45.77 50.31
C ILE E 116 -6.34 45.57 49.35
N LEU E 117 -6.04 45.61 48.07
CA LEU E 117 -7.02 45.27 47.06
C LEU E 117 -7.33 43.78 47.11
N PHE E 118 -8.60 43.45 47.03
CA PHE E 118 -8.99 42.11 46.62
C PHE E 118 -9.69 42.23 45.29
N ILE E 119 -9.03 41.78 44.23
CA ILE E 119 -9.64 41.73 42.92
C ILE E 119 -10.09 40.30 42.70
N ASP E 120 -11.37 40.06 42.95
CA ASP E 120 -12.00 38.87 42.42
C ASP E 120 -11.98 38.98 40.90
N ALA E 121 -11.81 37.83 40.25
CA ALA E 121 -11.69 37.71 38.79
C ALA E 121 -10.55 38.57 38.26
N LEU E 122 -9.33 38.22 38.67
CA LEU E 122 -8.15 38.94 38.21
C LEU E 122 -7.80 38.65 36.76
N HIS E 123 -8.42 37.65 36.14
CA HIS E 123 -8.24 37.46 34.71
C HIS E 123 -8.86 38.59 33.90
N THR E 124 -9.83 39.31 34.48
CA THR E 124 -10.45 40.46 33.84
C THR E 124 -9.48 41.63 33.70
N LEU E 125 -8.42 41.64 34.52
CA LEU E 125 -7.43 42.72 34.51
C LEU E 125 -6.72 42.83 33.17
N VAL E 126 -6.50 41.72 32.50
CA VAL E 126 -5.88 41.74 31.18
C VAL E 126 -6.90 42.23 30.18
N GLY E 127 -6.59 43.33 29.50
CA GLY E 127 -7.51 43.87 28.50
C GLY E 127 -8.77 44.44 29.09
N ALA E 128 -8.70 44.96 30.31
CA ALA E 128 -9.88 45.57 30.91
C ALA E 128 -10.19 46.91 30.27
N GLY E 129 -9.18 47.70 29.94
CA GLY E 129 -9.45 48.88 29.17
C GLY E 129 -9.57 48.60 27.69
N ALA E 130 -8.48 48.21 27.03
CA ALA E 130 -8.59 47.81 25.63
C ALA E 130 -8.04 46.43 25.33
N ALA E 131 -6.75 46.20 25.62
CA ALA E 131 -6.04 45.04 25.13
C ALA E 131 -4.74 44.92 25.92
N GLU E 132 -3.88 43.99 25.50
CA GLU E 132 -2.61 43.81 26.19
C GLU E 132 -1.66 44.98 25.93
N GLY E 133 -1.38 45.27 24.67
CA GLY E 133 -0.59 46.46 24.42
C GLY E 133 -1.49 47.63 24.14
N ALA E 134 -1.86 48.31 25.22
CA ALA E 134 -2.83 49.38 25.28
C ALA E 134 -2.89 49.78 26.76
N ILE E 135 -3.49 50.93 27.06
CA ILE E 135 -3.72 51.24 28.45
C ILE E 135 -4.91 50.44 28.94
N ASP E 136 -4.63 49.30 29.57
CA ASP E 136 -5.67 48.53 30.23
C ASP E 136 -5.42 48.62 31.74
N ALA E 137 -6.23 47.90 32.50
CA ALA E 137 -6.04 47.91 33.95
C ALA E 137 -4.78 47.18 34.34
N ALA E 138 -4.32 46.24 33.52
CA ALA E 138 -3.07 45.55 33.81
C ALA E 138 -1.90 46.52 33.76
N SER E 139 -1.74 47.23 32.63
CA SER E 139 -0.58 48.09 32.43
C SER E 139 -0.60 49.33 33.32
N ILE E 140 -1.77 49.73 33.81
CA ILE E 140 -1.83 50.79 34.81
C ILE E 140 -1.27 50.28 36.13
N LEU E 141 -1.59 49.06 36.51
CA LEU E 141 -1.21 48.59 37.84
C LEU E 141 0.18 47.97 37.87
N LYS E 142 0.67 47.46 36.72
CA LYS E 142 1.99 46.81 36.60
C LYS E 142 3.19 47.53 37.20
N PRO E 143 3.32 48.88 37.15
CA PRO E 143 4.46 49.48 37.87
C PRO E 143 4.37 49.39 39.37
N LYS E 144 3.20 49.64 39.95
CA LYS E 144 3.11 49.64 41.41
C LYS E 144 2.98 48.24 41.96
N LEU E 145 2.50 47.29 41.15
CA LEU E 145 2.49 45.91 41.58
C LEU E 145 3.89 45.32 41.62
N ALA E 146 4.77 45.76 40.73
CA ALA E 146 6.15 45.28 40.70
C ALA E 146 7.01 45.88 41.79
N ARG E 147 6.53 46.88 42.51
CA ARG E 147 7.32 47.50 43.55
C ARG E 147 6.77 47.28 44.95
N GLY E 148 5.69 46.51 45.08
CA GLY E 148 5.13 46.29 46.40
C GLY E 148 4.37 47.47 46.95
N GLU E 149 4.14 48.49 46.15
CA GLU E 149 3.46 49.70 46.58
C GLU E 149 1.95 49.59 46.40
N LEU E 150 1.49 48.53 45.75
CA LEU E 150 0.07 48.23 45.63
C LEU E 150 -0.12 46.78 46.01
N GLN E 151 -0.73 46.52 47.16
CA GLN E 151 -0.98 45.16 47.61
C GLN E 151 -2.34 44.73 47.08
N THR E 152 -2.35 43.63 46.33
CA THR E 152 -3.53 43.19 45.60
C THR E 152 -3.66 41.69 45.74
N ILE E 153 -4.76 41.23 46.30
CA ILE E 153 -5.05 39.81 46.32
C ILE E 153 -5.91 39.51 45.11
N GLY E 154 -5.45 38.64 44.26
CA GLY E 154 -6.24 38.24 43.12
C GLY E 154 -7.01 36.97 43.40
N ALA E 155 -7.96 36.66 42.52
CA ALA E 155 -8.69 35.41 42.63
C ALA E 155 -9.10 35.00 41.22
N THR E 156 -8.33 34.12 40.62
CA THR E 156 -8.69 33.50 39.36
C THR E 156 -8.97 32.03 39.59
N THR E 157 -9.41 31.38 38.54
CA THR E 157 -9.42 29.93 38.53
C THR E 157 -8.10 29.45 37.94
N LEU E 158 -7.90 28.14 37.90
CA LEU E 158 -6.65 27.61 37.34
C LEU E 158 -6.61 27.80 35.84
N ASP E 159 -7.77 27.70 35.18
CA ASP E 159 -7.82 27.90 33.74
C ASP E 159 -7.56 29.35 33.38
N GLU E 160 -8.15 30.27 34.13
CA GLU E 160 -8.06 31.69 33.84
C GLU E 160 -6.70 32.26 34.21
N TYR E 161 -6.03 31.68 35.20
CA TYR E 161 -4.66 32.08 35.49
C TYR E 161 -3.73 31.67 34.37
N ARG E 162 -3.98 30.52 33.75
CA ARG E 162 -3.12 30.06 32.68
C ARG E 162 -3.43 30.78 31.37
N LYS E 163 -4.68 31.16 31.14
CA LYS E 163 -5.02 31.86 29.90
C LYS E 163 -4.62 33.32 29.91
N TYR E 164 -4.57 33.95 31.07
CA TYR E 164 -4.47 35.39 31.10
C TYR E 164 -3.27 35.93 31.84
N ILE E 165 -2.87 35.33 32.95
CA ILE E 165 -1.75 35.86 33.72
C ILE E 165 -0.44 35.21 33.30
N GLU E 166 -0.41 33.89 33.15
CA GLU E 166 0.79 33.24 32.65
C GLU E 166 1.06 33.59 31.19
N LYS E 167 0.01 33.78 30.40
CA LYS E 167 0.19 34.15 29.00
C LYS E 167 0.72 35.57 28.88
N ASP E 168 0.25 36.47 29.73
CA ASP E 168 0.75 37.83 29.75
C ASP E 168 2.14 37.83 30.34
N ALA E 169 3.14 38.11 29.51
CA ALA E 169 4.49 38.38 29.98
C ALA E 169 4.45 39.70 30.74
N ALA E 170 5.30 39.80 31.78
CA ALA E 170 5.40 40.91 32.74
C ALA E 170 4.14 41.09 33.56
N LEU E 171 3.36 40.02 33.73
CA LEU E 171 2.30 40.01 34.73
C LEU E 171 2.35 38.75 35.59
N GLU E 172 2.97 37.70 35.09
CA GLU E 172 3.13 36.47 35.84
C GLU E 172 4.09 36.68 37.01
N ARG E 173 5.02 37.63 36.87
CA ARG E 173 5.96 37.90 37.95
C ARG E 173 5.36 38.73 39.06
N ARG E 174 4.40 39.61 38.73
CA ARG E 174 3.85 40.54 39.71
C ARG E 174 2.99 39.83 40.74
N PHE E 175 2.55 38.63 40.42
CA PHE E 175 1.53 37.94 41.19
C PHE E 175 2.06 36.61 41.67
N GLN E 176 1.72 36.24 42.89
CA GLN E 176 2.20 35.01 43.46
C GLN E 176 1.08 34.01 43.56
N PRO E 177 1.20 32.85 42.92
CA PRO E 177 0.12 31.87 42.96
C PRO E 177 -0.03 31.26 44.34
N VAL E 178 -1.25 31.33 44.86
CA VAL E 178 -1.64 30.68 46.10
C VAL E 178 -2.75 29.72 45.75
N GLN E 179 -2.49 28.42 45.84
CA GLN E 179 -3.45 27.42 45.44
C GLN E 179 -4.50 27.27 46.55
N VAL E 180 -5.74 27.52 46.21
CA VAL E 180 -6.87 27.18 47.06
C VAL E 180 -7.57 26.00 46.42
N GLY E 181 -7.36 24.82 46.96
CA GLY E 181 -7.97 23.64 46.40
C GLY E 181 -9.41 23.51 46.87
N GLU E 182 -10.15 22.66 46.17
CA GLU E 182 -11.49 22.32 46.61
C GLU E 182 -11.39 21.55 47.92
N PRO E 183 -12.19 21.87 48.91
CA PRO E 183 -12.17 21.12 50.16
C PRO E 183 -12.61 19.67 50.00
N THR E 184 -12.12 18.82 50.88
CA THR E 184 -12.65 17.47 50.97
C THR E 184 -14.02 17.50 51.64
N VAL E 185 -14.69 16.35 51.63
CA VAL E 185 -16.02 16.26 52.24
C VAL E 185 -15.92 16.45 53.75
N GLU E 186 -14.90 15.89 54.37
CA GLU E 186 -14.74 16.06 55.81
C GLU E 186 -14.32 17.48 56.16
N HIS E 187 -13.59 18.15 55.26
CA HIS E 187 -13.30 19.57 55.45
C HIS E 187 -14.55 20.40 55.28
N THR E 188 -15.43 20.02 54.36
CA THR E 188 -16.65 20.75 54.11
C THR E 188 -17.64 20.64 55.26
N ILE E 189 -17.69 19.47 55.92
CA ILE E 189 -18.53 19.31 57.10
C ILE E 189 -18.05 20.22 58.23
N GLU E 190 -16.73 20.38 58.34
CA GLU E 190 -16.19 21.32 59.32
C GLU E 190 -16.51 22.76 58.95
N ILE E 191 -16.59 23.06 57.65
CA ILE E 191 -17.04 24.37 57.21
C ILE E 191 -18.50 24.59 57.57
N LEU E 192 -19.34 23.60 57.29
CA LEU E 192 -20.78 23.72 57.54
C LEU E 192 -21.08 23.79 59.03
N LYS E 193 -20.32 23.07 59.85
CA LYS E 193 -20.51 23.17 61.29
C LYS E 193 -20.03 24.52 61.82
N GLY E 194 -19.05 25.13 61.16
CA GLY E 194 -18.68 26.48 61.51
C GLY E 194 -19.67 27.50 61.01
N LEU E 195 -20.29 27.24 59.86
CA LEU E 195 -21.34 28.08 59.31
C LEU E 195 -22.72 27.72 59.84
N ARG E 196 -22.79 26.85 60.85
CA ARG E 196 -24.07 26.38 61.36
C ARG E 196 -24.86 27.50 62.02
N ASP E 197 -24.20 28.30 62.86
CA ASP E 197 -24.88 29.36 63.58
C ASP E 197 -25.36 30.47 62.66
N ARG E 198 -24.71 30.66 61.51
CA ARG E 198 -25.14 31.71 60.58
C ARG E 198 -26.44 31.32 59.90
N TYR E 199 -26.53 30.08 59.40
CA TYR E 199 -27.71 29.66 58.69
C TYR E 199 -28.83 29.19 59.60
N GLU E 200 -28.52 28.87 60.86
CA GLU E 200 -29.59 28.66 61.83
C GLU E 200 -30.21 29.97 62.25
N ALA E 201 -29.41 31.02 62.38
CA ALA E 201 -29.97 32.30 62.81
C ALA E 201 -30.67 33.02 61.68
N HIS E 202 -30.25 32.81 60.44
CA HIS E 202 -30.90 33.49 59.33
C HIS E 202 -32.26 32.90 59.03
N HIS E 203 -32.34 31.58 58.90
CA HIS E 203 -33.59 30.93 58.58
C HIS E 203 -34.49 30.74 59.78
N ARG E 204 -33.99 30.99 60.99
CA ARG E 204 -34.64 30.65 62.26
C ARG E 204 -35.06 29.19 62.29
N VAL E 205 -34.18 28.33 61.76
CA VAL E 205 -34.45 26.92 61.55
C VAL E 205 -33.23 26.15 62.01
N SER E 206 -33.43 25.19 62.91
CA SER E 206 -32.32 24.38 63.40
C SER E 206 -31.83 23.43 62.32
N ILE E 207 -30.51 23.35 62.18
CA ILE E 207 -29.87 22.52 61.18
C ILE E 207 -29.02 21.51 61.91
N THR E 208 -29.22 20.22 61.63
CA THR E 208 -28.60 19.17 62.41
C THR E 208 -27.30 18.70 61.77
N ASP E 209 -26.55 17.91 62.55
CA ASP E 209 -25.31 17.33 62.05
C ASP E 209 -25.57 16.31 60.95
N ALA E 210 -26.74 15.69 60.95
CA ALA E 210 -27.10 14.74 59.91
C ALA E 210 -27.26 15.45 58.58
N ALA E 211 -27.77 16.68 58.60
CA ALA E 211 -27.98 17.42 57.36
C ALA E 211 -26.67 17.89 56.75
N MET E 212 -25.75 18.35 57.59
CA MET E 212 -24.50 18.91 57.10
C MET E 212 -23.56 17.84 56.58
N VAL E 213 -23.60 16.63 57.15
CA VAL E 213 -22.89 15.51 56.54
C VAL E 213 -23.55 15.14 55.22
N ALA E 214 -24.89 15.19 55.18
CA ALA E 214 -25.61 14.88 53.95
C ALA E 214 -25.40 15.94 52.88
N ALA E 215 -25.21 17.19 53.27
CA ALA E 215 -25.00 18.24 52.29
C ALA E 215 -23.64 18.12 51.64
N ALA E 216 -22.61 17.82 52.42
CA ALA E 216 -21.27 17.72 51.84
C ALA E 216 -21.07 16.42 51.07
N THR E 217 -21.67 15.32 51.54
CA THR E 217 -21.48 14.04 50.88
C THR E 217 -22.22 13.98 49.55
N LEU E 218 -23.50 14.36 49.57
CA LEU E 218 -24.34 14.19 48.39
C LEU E 218 -24.07 15.24 47.32
N ALA E 219 -23.54 16.41 47.69
CA ALA E 219 -23.18 17.38 46.66
C ALA E 219 -21.90 16.99 45.93
N ASP E 220 -20.95 16.35 46.63
CA ASP E 220 -19.77 15.84 45.95
C ASP E 220 -20.14 14.70 44.99
N ARG E 221 -21.14 13.90 45.36
CA ARG E 221 -21.53 12.80 44.51
C ARG E 221 -22.39 13.27 43.35
N TYR E 222 -23.48 13.96 43.64
CA TYR E 222 -24.53 14.22 42.66
C TYR E 222 -24.32 15.50 41.86
N ILE E 223 -23.51 16.44 42.34
CA ILE E 223 -23.23 17.66 41.61
C ILE E 223 -21.77 17.64 41.19
N ASN E 224 -21.53 17.74 39.89
CA ASN E 224 -20.15 17.65 39.43
C ASN E 224 -19.76 18.79 38.48
N ASP E 225 -20.62 19.78 38.26
CA ASP E 225 -20.21 21.00 37.59
C ASP E 225 -19.81 22.11 38.55
N ARG E 226 -20.16 21.95 39.83
CA ARG E 226 -19.84 22.98 40.86
C ARG E 226 -18.75 22.46 41.80
N PHE E 227 -18.50 23.13 42.93
CA PHE E 227 -17.39 22.73 43.83
C PHE E 227 -17.91 22.56 45.28
N LEU E 228 -17.18 21.81 46.10
CA LEU E 228 -17.69 21.42 47.45
C LEU E 228 -18.15 22.60 48.31
N PRO E 229 -17.27 23.44 48.88
CA PRO E 229 -17.70 24.47 49.83
C PRO E 229 -19.04 25.08 49.42
N ASP E 230 -19.14 25.58 48.18
CA ASP E 230 -20.38 26.28 47.75
C ASP E 230 -21.53 25.30 47.58
N LYS E 231 -21.38 24.31 46.69
CA LYS E 231 -22.49 23.35 46.41
C LYS E 231 -23.14 22.89 47.70
N ALA E 232 -22.35 22.61 48.74
CA ALA E 232 -22.88 22.06 49.97
C ALA E 232 -23.52 23.13 50.84
N ILE E 233 -22.98 24.36 50.79
CA ILE E 233 -23.61 25.47 51.48
C ILE E 233 -24.93 25.81 50.82
N ASP E 234 -25.00 25.72 49.49
CA ASP E 234 -26.24 25.97 48.76
C ASP E 234 -27.32 24.96 49.11
N LEU E 235 -26.95 23.72 49.43
CA LEU E 235 -27.93 22.76 49.90
C LEU E 235 -28.46 23.13 51.28
N ILE E 236 -27.57 23.54 52.18
CA ILE E 236 -27.98 23.99 53.51
C ILE E 236 -28.81 25.27 53.40
N ASP E 237 -28.48 26.13 52.45
CA ASP E 237 -29.16 27.41 52.34
C ASP E 237 -30.54 27.22 51.72
N GLU E 238 -30.64 26.41 50.67
CA GLU E 238 -31.92 26.20 50.01
C GLU E 238 -32.86 25.36 50.86
N ALA E 239 -32.33 24.41 51.64
CA ALA E 239 -33.20 23.62 52.50
C ALA E 239 -33.75 24.44 53.65
N GLY E 240 -32.95 25.35 54.18
CA GLY E 240 -33.47 26.27 55.17
C GLY E 240 -34.44 27.28 54.61
N ALA E 241 -34.29 27.61 53.33
CA ALA E 241 -35.22 28.52 52.70
C ALA E 241 -36.54 27.84 52.39
N ARG E 242 -36.49 26.61 51.87
CA ARG E 242 -37.71 25.86 51.61
C ARG E 242 -38.38 25.40 52.89
N MET E 243 -37.64 25.35 54.00
CA MET E 243 -38.28 25.15 55.29
C MET E 243 -39.14 26.34 55.67
N ARG E 244 -38.72 27.55 55.31
CA ARG E 244 -39.48 28.74 55.63
C ARG E 244 -40.78 28.79 54.82
N ILE E 245 -40.78 28.25 53.61
CA ILE E 245 -41.98 28.15 52.81
C ILE E 245 -42.82 26.91 53.15
N ARG E 246 -42.42 26.14 54.14
CA ARG E 246 -43.27 25.07 54.66
C ARG E 246 -43.76 25.33 56.06
N ARG E 247 -42.99 26.07 56.86
CA ARG E 247 -43.41 26.38 58.22
C ARG E 247 -44.46 27.46 58.25
N ALA E 310 -39.44 22.46 62.52
CA ALA E 310 -38.51 23.58 62.63
C ALA E 310 -37.08 23.18 62.28
N GLU E 311 -36.89 22.04 61.62
CA GLU E 311 -35.61 21.34 61.68
C GLU E 311 -35.25 20.76 60.32
N VAL E 312 -34.06 21.11 59.83
CA VAL E 312 -33.50 20.58 58.60
C VAL E 312 -32.70 19.32 58.94
N ASP E 313 -32.96 18.24 58.23
CA ASP E 313 -32.33 16.95 58.50
C ASP E 313 -31.70 16.38 57.23
N ASP E 314 -31.32 15.11 57.33
CA ASP E 314 -30.80 14.34 56.21
C ASP E 314 -31.79 14.29 55.05
N GLU E 315 -33.08 14.12 55.35
CA GLU E 315 -34.07 13.97 54.28
C GLU E 315 -34.38 15.32 53.63
N GLN E 316 -34.26 16.42 54.38
CA GLN E 316 -34.52 17.73 53.83
C GLN E 316 -33.46 18.15 52.82
N ILE E 317 -32.22 17.73 53.03
CA ILE E 317 -31.15 18.02 52.06
C ILE E 317 -31.36 17.21 50.79
N ALA E 318 -31.81 15.96 50.93
CA ALA E 318 -32.03 15.12 49.76
C ALA E 318 -33.21 15.59 48.93
N GLU E 319 -34.17 16.29 49.53
CA GLU E 319 -35.28 16.84 48.77
C GLU E 319 -34.82 18.00 47.90
N VAL E 320 -34.07 18.95 48.48
CA VAL E 320 -33.67 20.12 47.72
C VAL E 320 -32.56 19.80 46.73
N LEU E 321 -31.89 18.67 46.91
CA LEU E 321 -30.97 18.18 45.90
C LEU E 321 -31.69 17.42 44.81
N GLY E 322 -32.77 16.72 45.16
CA GLY E 322 -33.55 16.04 44.15
C GLY E 322 -34.25 16.98 43.19
N ASN E 323 -34.58 18.19 43.64
CA ASN E 323 -35.15 19.18 42.74
C ASN E 323 -34.13 19.75 41.77
N TRP E 324 -32.84 19.57 42.02
CA TRP E 324 -31.83 20.07 41.10
C TRP E 324 -31.50 19.06 40.02
N THR E 325 -31.08 17.86 40.43
CA THR E 325 -30.66 16.85 39.47
C THR E 325 -31.87 16.20 38.79
N GLY E 326 -32.91 15.91 39.56
CA GLY E 326 -34.01 15.11 39.07
C GLY E 326 -34.06 13.71 39.64
N ILE E 327 -33.12 13.38 40.52
CA ILE E 327 -33.14 12.10 41.23
C ILE E 327 -34.30 12.15 42.21
N PRO E 328 -35.09 11.07 42.39
CA PRO E 328 -36.12 11.04 43.42
C PRO E 328 -35.45 11.03 44.80
N VAL E 329 -35.96 11.83 45.74
CA VAL E 329 -35.34 11.93 47.10
C VAL E 329 -34.92 10.54 47.56
N PHE E 330 -35.75 9.52 47.31
CA PHE E 330 -35.44 8.14 47.77
C PHE E 330 -34.04 7.74 47.29
N LYS E 331 -33.76 7.93 46.00
CA LYS E 331 -32.45 7.49 45.44
C LYS E 331 -31.34 8.35 46.03
N LEU E 332 -31.68 9.51 46.60
CA LEU E 332 -30.66 10.35 47.28
C LEU E 332 -30.57 9.90 48.73
N THR E 333 -31.71 9.88 49.43
CA THR E 333 -31.72 9.46 50.86
C THR E 333 -31.90 7.94 50.93
N GLU E 334 -30.82 7.20 50.69
CA GLU E 334 -30.88 5.71 50.73
C GLU E 334 -29.69 5.20 51.52
N ALA E 335 -29.15 4.03 51.12
CA ALA E 335 -28.00 3.43 51.84
C ALA E 335 -27.43 2.30 51.00
N GLU E 336 -26.37 2.57 50.22
CA GLU E 336 -25.78 1.54 49.33
C GLU E 336 -26.19 0.13 49.75
N THR E 337 -25.90 -0.24 51.01
CA THR E 337 -26.33 -1.56 51.53
C THR E 337 -27.77 -2.02 51.28
N THR E 338 -28.75 -1.23 51.72
CA THR E 338 -30.15 -1.40 51.29
C THR E 338 -30.27 -0.89 49.85
N ARG E 339 -29.59 0.22 49.54
CA ARG E 339 -29.71 0.78 48.21
C ARG E 339 -29.60 -0.29 47.15
N LEU E 340 -28.71 -1.26 47.34
CA LEU E 340 -28.62 -2.44 46.48
C LEU E 340 -28.93 -3.64 47.36
N LEU E 341 -30.21 -3.84 47.66
CA LEU E 341 -30.65 -5.04 48.36
C LEU E 341 -31.85 -5.62 47.62
N ARG E 342 -32.72 -4.72 47.16
CA ARG E 342 -33.85 -5.04 46.29
C ARG E 342 -33.54 -4.61 44.87
N MET E 343 -32.29 -4.83 44.47
CA MET E 343 -31.80 -4.42 43.16
C MET E 343 -32.44 -5.23 42.04
N GLU E 344 -32.69 -6.53 42.28
CA GLU E 344 -33.19 -7.39 41.23
C GLU E 344 -34.60 -6.99 40.80
N GLU E 345 -35.48 -6.73 41.78
CA GLU E 345 -36.88 -6.46 41.49
C GLU E 345 -37.07 -5.12 40.79
N GLU E 346 -36.15 -4.18 40.98
CA GLU E 346 -36.25 -2.90 40.30
C GLU E 346 -35.65 -2.95 38.90
N LEU E 347 -34.73 -3.89 38.65
CA LEU E 347 -34.24 -4.09 37.29
C LEU E 347 -35.15 -5.00 36.47
N HIS E 348 -36.15 -5.64 37.08
CA HIS E 348 -37.12 -6.36 36.28
C HIS E 348 -38.14 -5.43 35.62
N LYS E 349 -38.18 -4.17 36.03
CA LYS E 349 -39.28 -3.29 35.64
C LYS E 349 -39.24 -2.91 34.16
N ARG E 350 -38.06 -2.94 33.56
CA ARG E 350 -37.93 -2.69 32.13
C ARG E 350 -37.28 -3.85 31.39
N ILE E 351 -36.85 -4.89 32.10
CA ILE E 351 -36.40 -6.13 31.48
C ILE E 351 -37.33 -7.22 31.98
N ILE E 352 -38.23 -7.67 31.11
CA ILE E 352 -39.00 -8.88 31.36
C ILE E 352 -38.49 -9.94 30.39
N GLY E 353 -38.32 -11.16 30.89
CA GLY E 353 -37.63 -12.18 30.13
C GLY E 353 -36.12 -12.04 30.23
N GLN E 354 -35.40 -13.15 29.99
CA GLN E 354 -33.95 -13.28 30.18
C GLN E 354 -33.62 -12.86 31.62
N GLU E 355 -34.13 -13.63 32.57
CA GLU E 355 -34.06 -13.26 33.98
C GLU E 355 -32.72 -13.62 34.60
N ASP E 356 -32.06 -14.67 34.10
CA ASP E 356 -30.74 -15.05 34.58
C ASP E 356 -29.68 -14.00 34.27
N ALA E 357 -29.91 -13.17 33.26
CA ALA E 357 -29.00 -12.08 32.96
C ALA E 357 -29.10 -10.96 33.99
N VAL E 358 -30.34 -10.60 34.37
CA VAL E 358 -30.55 -9.55 35.36
C VAL E 358 -29.98 -9.97 36.71
N LYS E 359 -30.24 -11.21 37.11
CA LYS E 359 -29.74 -11.69 38.39
C LYS E 359 -28.24 -11.89 38.38
N ALA E 360 -27.62 -11.99 37.20
CA ALA E 360 -26.17 -12.08 37.14
C ALA E 360 -25.55 -10.70 37.33
N VAL E 361 -26.06 -9.69 36.62
CA VAL E 361 -25.47 -8.37 36.74
C VAL E 361 -25.90 -7.70 38.05
N SER E 362 -27.08 -8.06 38.60
CA SER E 362 -27.43 -7.56 39.92
C SER E 362 -26.56 -8.17 40.99
N LYS E 363 -26.14 -9.41 40.81
CA LYS E 363 -25.20 -10.01 41.75
C LYS E 363 -23.81 -9.41 41.58
N ALA E 364 -23.42 -9.10 40.35
CA ALA E 364 -22.07 -8.62 40.07
C ALA E 364 -21.85 -7.21 40.58
N ILE E 365 -22.86 -6.34 40.41
CA ILE E 365 -22.73 -4.98 40.92
C ILE E 365 -22.77 -4.98 42.45
N ARG E 366 -23.61 -5.83 43.03
CA ARG E 366 -23.63 -5.96 44.49
C ARG E 366 -22.35 -6.57 45.05
N ARG E 367 -21.60 -7.32 44.24
CA ARG E 367 -20.27 -7.73 44.68
C ARG E 367 -19.28 -6.61 44.49
N THR E 368 -19.33 -5.93 43.36
CA THR E 368 -18.26 -4.99 43.01
C THR E 368 -18.66 -3.56 43.39
N ARG E 369 -19.68 -3.43 44.23
CA ARG E 369 -19.88 -2.17 44.92
C ARG E 369 -19.92 -2.36 46.44
N ALA E 370 -20.73 -3.29 46.90
CA ALA E 370 -20.96 -3.41 48.33
C ALA E 370 -19.84 -4.20 48.99
N GLY E 371 -19.55 -3.87 50.25
CA GLY E 371 -18.49 -4.54 50.97
C GLY E 371 -17.12 -4.08 50.55
N LEU E 372 -16.37 -4.95 49.90
CA LEU E 372 -15.01 -4.64 49.49
C LEU E 372 -14.99 -4.16 48.04
N LYS E 373 -14.14 -3.18 47.77
CA LYS E 373 -13.89 -2.74 46.41
C LYS E 373 -12.53 -2.06 46.37
N ASP E 374 -11.69 -2.50 45.46
CA ASP E 374 -10.49 -1.73 45.22
C ASP E 374 -10.83 -0.47 44.44
N PRO E 375 -10.12 0.63 44.70
CA PRO E 375 -10.36 1.85 43.92
C PRO E 375 -9.62 1.85 42.59
N LYS E 376 -9.03 0.72 42.23
CA LYS E 376 -8.30 0.55 40.99
C LYS E 376 -9.02 -0.49 40.14
N ARG E 377 -10.34 -0.37 40.06
CA ARG E 377 -11.16 -1.15 39.17
C ARG E 377 -12.47 -0.40 38.96
N PRO E 378 -13.09 -0.53 37.79
CA PRO E 378 -14.42 0.04 37.60
C PRO E 378 -15.47 -0.72 38.38
N SER E 379 -16.69 -0.17 38.37
CA SER E 379 -17.80 -0.79 39.10
C SER E 379 -18.24 -2.10 38.48
N GLY E 380 -17.92 -2.34 37.22
CA GLY E 380 -18.17 -3.61 36.60
C GLY E 380 -17.87 -3.54 35.12
N SER E 381 -17.22 -4.57 34.59
CA SER E 381 -16.98 -4.68 33.16
C SER E 381 -17.77 -5.88 32.65
N PHE E 382 -18.47 -5.70 31.54
CA PHE E 382 -19.36 -6.73 31.06
C PHE E 382 -19.25 -6.89 29.56
N ILE E 383 -19.27 -8.13 29.10
CA ILE E 383 -19.48 -8.44 27.69
C ILE E 383 -20.90 -8.94 27.55
N PHE E 384 -21.73 -8.20 26.82
CA PHE E 384 -23.09 -8.63 26.52
C PHE E 384 -23.04 -9.30 25.14
N ALA E 385 -22.99 -10.63 25.14
CA ALA E 385 -23.02 -11.40 23.91
C ALA E 385 -24.39 -12.02 23.70
N GLY E 386 -24.71 -12.28 22.44
CA GLY E 386 -25.96 -12.93 22.10
C GLY E 386 -26.69 -12.26 20.96
N PRO E 387 -27.99 -12.52 20.84
CA PRO E 387 -28.78 -11.92 19.76
C PRO E 387 -29.02 -10.45 20.02
N SER E 388 -29.02 -9.66 18.94
CA SER E 388 -29.08 -8.22 19.08
C SER E 388 -30.48 -7.74 19.45
N GLY E 389 -30.52 -6.70 20.28
CA GLY E 389 -31.77 -6.01 20.58
C GLY E 389 -32.78 -6.79 21.41
N VAL E 390 -32.36 -7.88 22.06
CA VAL E 390 -33.26 -8.65 22.90
C VAL E 390 -33.29 -8.13 24.33
N GLY E 391 -32.66 -7.01 24.60
CA GLY E 391 -32.52 -6.50 25.94
C GLY E 391 -31.08 -6.18 26.28
N LYS E 392 -30.25 -6.00 25.26
CA LYS E 392 -28.83 -5.75 25.47
C LYS E 392 -28.60 -4.33 25.99
N THR E 393 -28.90 -3.33 25.16
CA THR E 393 -28.81 -1.95 25.61
C THR E 393 -30.06 -1.53 26.37
N GLU E 394 -31.06 -2.39 26.42
CA GLU E 394 -32.25 -2.10 27.22
C GLU E 394 -31.99 -2.38 28.70
N LEU E 395 -31.15 -3.38 28.99
CA LEU E 395 -30.74 -3.63 30.37
C LEU E 395 -29.76 -2.57 30.86
N SER E 396 -28.86 -2.12 29.97
CA SER E 396 -27.87 -1.12 30.36
C SER E 396 -28.52 0.22 30.66
N LYS E 397 -29.59 0.56 29.95
CA LYS E 397 -30.39 1.71 30.32
C LYS E 397 -31.11 1.48 31.64
N ALA E 398 -31.59 0.26 31.86
CA ALA E 398 -32.24 -0.08 33.11
C ALA E 398 -31.25 -0.16 34.26
N LEU E 399 -29.98 -0.43 33.97
CA LEU E 399 -28.95 -0.38 35.00
C LEU E 399 -28.55 1.06 35.28
N ALA E 400 -28.56 1.91 34.25
CA ALA E 400 -28.16 3.31 34.41
C ALA E 400 -29.20 4.07 35.22
N ASN E 401 -30.49 3.75 35.03
CA ASN E 401 -31.52 4.42 35.83
C ASN E 401 -31.52 3.94 37.27
N PHE E 402 -30.91 2.77 37.53
CA PHE E 402 -30.70 2.30 38.89
C PHE E 402 -29.42 2.86 39.49
N LEU E 403 -28.49 3.33 38.65
CA LEU E 403 -27.10 3.60 39.05
C LEU E 403 -27.02 4.64 40.15
N PHE E 404 -27.49 5.85 39.88
CA PHE E 404 -27.69 6.82 40.95
C PHE E 404 -29.01 7.55 40.88
N GLY E 405 -29.83 7.32 39.87
CA GLY E 405 -31.16 7.90 39.84
C GLY E 405 -31.49 8.59 38.54
N ASP E 406 -30.60 8.49 37.54
CA ASP E 406 -30.78 9.18 36.28
C ASP E 406 -30.64 8.18 35.14
N ASP E 407 -31.67 8.13 34.29
CA ASP E 407 -31.59 7.35 33.06
C ASP E 407 -30.59 7.94 32.08
N ASP E 408 -30.36 9.25 32.14
CA ASP E 408 -29.43 9.93 31.23
C ASP E 408 -28.00 9.73 31.73
N ALA E 409 -27.55 8.47 31.68
CA ALA E 409 -26.20 8.12 32.07
C ALA E 409 -25.64 7.06 31.16
N LEU E 410 -26.41 6.69 30.14
CA LEU E 410 -26.01 5.68 29.17
C LEU E 410 -25.38 6.37 27.97
N ILE E 411 -24.23 5.88 27.53
CA ILE E 411 -23.50 6.46 26.41
C ILE E 411 -23.19 5.36 25.42
N GLN E 412 -23.75 5.45 24.22
CA GLN E 412 -23.44 4.54 23.13
C GLN E 412 -22.31 5.13 22.29
N ILE E 413 -21.23 4.39 22.14
CA ILE E 413 -20.09 4.84 21.34
C ILE E 413 -20.24 4.38 19.89
N ASP E 414 -20.93 3.25 19.70
CA ASP E 414 -21.23 2.65 18.40
C ASP E 414 -19.96 2.33 17.64
N MET E 415 -19.18 1.36 18.13
CA MET E 415 -17.89 0.96 17.54
C MET E 415 -17.99 0.31 16.17
N GLY E 416 -19.18 0.18 15.57
CA GLY E 416 -19.30 -0.40 14.24
C GLY E 416 -18.72 0.45 13.14
N GLU E 417 -18.66 1.77 13.35
CA GLU E 417 -18.08 2.65 12.34
C GLU E 417 -16.55 2.58 12.32
N PHE E 418 -15.95 1.96 13.32
CA PHE E 418 -14.51 1.87 13.45
C PHE E 418 -13.99 0.56 12.87
N HIS E 419 -13.14 0.68 11.87
CA HIS E 419 -12.40 -0.46 11.34
C HIS E 419 -11.00 0.04 11.05
N ASP E 420 -10.54 1.02 11.85
CA ASP E 420 -9.27 1.67 11.58
C ASP E 420 -8.61 2.06 12.90
N ARG E 421 -7.30 1.90 12.95
CA ARG E 421 -6.51 2.42 14.06
C ARG E 421 -6.29 3.92 13.95
N PHE E 422 -6.37 4.48 12.73
CA PHE E 422 -6.28 5.92 12.58
C PHE E 422 -7.54 6.62 13.09
N THR E 423 -8.68 5.93 13.08
CA THR E 423 -9.90 6.46 13.68
C THR E 423 -9.93 6.31 15.19
N ALA E 424 -8.97 5.58 15.78
CA ALA E 424 -8.80 5.65 17.23
C ALA E 424 -8.24 6.99 17.66
N SER E 425 -7.55 7.70 16.75
CA SER E 425 -7.22 9.10 16.92
C SER E 425 -8.39 10.01 16.55
N ARG E 426 -9.54 9.42 16.20
CA ARG E 426 -10.75 10.19 16.02
C ARG E 426 -11.82 9.70 17.00
N LEU E 427 -11.39 8.90 17.97
CA LEU E 427 -12.23 8.50 19.09
C LEU E 427 -11.67 8.93 20.44
N PHE E 428 -10.37 8.86 20.67
CA PHE E 428 -9.75 9.33 21.90
C PHE E 428 -9.14 10.71 21.73
N GLY E 429 -9.57 11.45 20.73
CA GLY E 429 -8.98 12.74 20.41
C GLY E 429 -7.84 12.59 19.43
N ALA E 430 -7.60 13.67 18.71
CA ALA E 430 -6.52 13.73 17.76
C ALA E 430 -5.25 14.22 18.44
N PRO E 431 -4.09 13.89 17.89
CA PRO E 431 -2.91 14.68 18.18
C PRO E 431 -3.11 16.10 17.69
N PRO E 432 -2.64 17.10 18.43
CA PRO E 432 -2.88 18.49 18.05
C PRO E 432 -2.16 18.85 16.76
N GLY E 433 -2.86 19.56 15.89
CA GLY E 433 -2.45 19.72 14.52
C GLY E 433 -3.22 18.86 13.55
N TYR E 434 -4.21 18.11 14.00
CA TYR E 434 -4.93 17.17 13.16
C TYR E 434 -6.42 17.29 13.39
N VAL E 435 -7.19 16.66 12.48
CA VAL E 435 -8.64 16.70 12.56
C VAL E 435 -9.11 15.73 13.62
N GLY E 436 -10.13 16.14 14.38
CA GLY E 436 -10.66 15.30 15.43
C GLY E 436 -10.26 15.80 16.81
N TYR E 437 -9.84 17.06 16.87
CA TYR E 437 -9.36 17.66 18.10
C TYR E 437 -10.46 18.20 18.98
N GLU E 438 -11.59 18.65 18.41
CA GLU E 438 -12.70 19.17 19.20
C GLU E 438 -13.71 18.07 19.47
N GLU E 439 -14.31 17.50 18.43
CA GLU E 439 -15.16 16.32 18.59
C GLU E 439 -14.30 15.09 18.35
N GLY E 440 -14.42 14.10 19.24
CA GLY E 440 -13.37 13.11 19.38
C GLY E 440 -12.45 13.61 20.47
N GLY E 441 -12.29 12.82 21.53
CA GLY E 441 -11.82 13.39 22.76
C GLY E 441 -12.91 14.06 23.57
N GLN E 442 -14.17 13.75 23.25
CA GLN E 442 -15.33 14.26 23.95
C GLN E 442 -15.62 13.51 25.25
N LEU E 443 -14.75 12.58 25.64
CA LEU E 443 -14.94 11.80 26.85
C LEU E 443 -14.71 12.65 28.11
N THR E 444 -14.10 13.82 27.98
CA THR E 444 -14.03 14.76 29.09
C THR E 444 -15.41 15.26 29.48
N GLU E 445 -16.19 15.72 28.51
CA GLU E 445 -17.53 16.24 28.77
C GLU E 445 -18.54 15.15 29.12
N LYS E 446 -18.13 13.88 29.16
CA LYS E 446 -19.04 12.78 29.45
C LYS E 446 -18.74 12.12 30.78
N VAL E 447 -17.51 11.64 31.00
CA VAL E 447 -17.26 10.65 32.04
C VAL E 447 -16.48 11.25 33.22
N ARG E 448 -15.74 12.33 33.00
CA ARG E 448 -15.31 13.09 34.17
C ARG E 448 -16.26 14.24 34.45
N ARG E 449 -17.20 14.52 33.56
CA ARG E 449 -18.42 15.22 33.95
C ARG E 449 -19.28 14.35 34.85
N LYS E 450 -19.39 13.07 34.54
CA LYS E 450 -20.19 12.13 35.33
C LYS E 450 -19.32 10.94 35.72
N PRO E 451 -18.70 10.96 36.91
CA PRO E 451 -17.94 9.78 37.35
C PRO E 451 -18.81 8.57 37.56
N PHE E 452 -20.07 8.78 37.95
CA PHE E 452 -21.06 7.71 37.98
C PHE E 452 -21.77 7.70 36.63
N SER E 453 -21.45 6.70 35.82
CA SER E 453 -21.96 6.62 34.45
C SER E 453 -21.97 5.17 34.03
N VAL E 454 -22.51 4.93 32.83
CA VAL E 454 -22.47 3.62 32.17
C VAL E 454 -22.11 3.86 30.71
N VAL E 455 -20.98 3.33 30.28
CA VAL E 455 -20.53 3.48 28.90
C VAL E 455 -20.76 2.15 28.19
N LEU E 456 -21.47 2.20 27.06
CA LEU E 456 -21.78 1.02 26.26
C LEU E 456 -20.96 1.05 24.98
N PHE E 457 -20.21 -0.01 24.72
CA PHE E 457 -19.41 -0.15 23.50
C PHE E 457 -20.11 -1.15 22.59
N ASP E 458 -21.04 -0.66 21.79
CA ASP E 458 -21.82 -1.51 20.90
C ASP E 458 -20.96 -1.94 19.72
N ALA E 459 -21.04 -3.24 19.38
CA ALA E 459 -20.32 -3.89 18.28
C ALA E 459 -18.82 -3.72 18.40
N ILE E 460 -18.25 -4.20 19.51
CA ILE E 460 -16.81 -4.08 19.73
C ILE E 460 -16.03 -5.03 18.83
N GLU E 461 -16.68 -6.05 18.28
CA GLU E 461 -16.01 -6.96 17.36
C GLU E 461 -15.74 -6.32 16.00
N LYS E 462 -16.39 -5.21 15.69
CA LYS E 462 -16.11 -4.50 14.44
C LYS E 462 -14.84 -3.68 14.51
N ALA E 463 -14.40 -3.30 15.71
CA ALA E 463 -13.33 -2.32 15.88
C ALA E 463 -11.96 -2.87 15.53
N HIS E 464 -10.96 -1.99 15.54
CA HIS E 464 -9.57 -2.34 15.26
C HIS E 464 -8.89 -2.74 16.57
N GLN E 465 -7.80 -3.50 16.45
CA GLN E 465 -7.06 -4.00 17.61
C GLN E 465 -6.48 -2.86 18.43
N GLU E 466 -5.94 -1.84 17.77
CA GLU E 466 -5.30 -0.71 18.43
C GLU E 466 -6.28 0.15 19.22
N ILE E 467 -7.58 0.05 18.92
CA ILE E 467 -8.59 0.81 19.64
C ILE E 467 -8.69 0.33 21.09
N TYR E 468 -8.78 -0.99 21.29
CA TYR E 468 -8.91 -1.47 22.65
C TYR E 468 -7.58 -1.83 23.29
N ASN E 469 -6.45 -1.60 22.61
CA ASN E 469 -5.19 -1.53 23.34
C ASN E 469 -5.12 -0.30 24.23
N SER E 470 -5.76 0.80 23.84
CA SER E 470 -5.91 1.94 24.72
C SER E 470 -6.99 1.73 25.77
N LEU E 471 -7.86 0.75 25.58
CA LEU E 471 -8.87 0.40 26.57
C LEU E 471 -8.36 -0.61 27.59
N LEU E 472 -7.10 -1.03 27.48
CA LEU E 472 -6.52 -1.88 28.51
C LEU E 472 -6.15 -1.10 29.76
N GLN E 473 -5.98 0.22 29.64
CA GLN E 473 -5.73 1.06 30.81
C GLN E 473 -6.91 1.04 31.76
N VAL E 474 -8.11 1.20 31.22
CA VAL E 474 -9.27 1.54 32.02
C VAL E 474 -9.86 0.33 32.72
N LEU E 475 -9.48 -0.87 32.29
CA LEU E 475 -9.85 -2.07 33.00
C LEU E 475 -8.88 -2.41 34.11
N GLU E 476 -7.61 -2.05 33.93
CA GLU E 476 -6.60 -2.17 34.98
C GLU E 476 -6.71 -1.04 35.99
N ASP E 477 -6.51 0.20 35.54
CA ASP E 477 -6.42 1.33 36.45
C ASP E 477 -7.78 1.94 36.75
N GLY E 478 -8.54 2.25 35.70
CA GLY E 478 -9.70 3.10 35.82
C GLY E 478 -9.46 4.53 35.37
N ARG E 479 -8.36 4.79 34.66
CA ARG E 479 -8.02 6.12 34.19
C ARG E 479 -7.67 6.06 32.71
N LEU E 480 -7.84 7.18 32.03
CA LEU E 480 -7.62 7.23 30.59
C LEU E 480 -6.94 8.54 30.23
N THR E 481 -5.99 8.48 29.31
CA THR E 481 -5.25 9.65 28.87
C THR E 481 -5.85 10.15 27.55
N ASP E 482 -6.41 11.35 27.58
CA ASP E 482 -7.05 11.94 26.42
C ASP E 482 -5.98 12.49 25.48
N GLY E 483 -6.36 12.69 24.21
CA GLY E 483 -5.56 13.39 23.23
C GLY E 483 -5.33 14.86 23.48
N GLN E 484 -6.03 15.44 24.46
CA GLN E 484 -5.76 16.79 24.93
C GLN E 484 -5.12 16.80 26.32
N GLY E 485 -4.80 15.63 26.86
CA GLY E 485 -4.12 15.53 28.13
C GLY E 485 -5.00 15.68 29.35
N ARG E 486 -6.05 14.87 29.43
CA ARG E 486 -6.94 14.86 30.59
C ARG E 486 -6.87 13.49 31.26
N THR E 487 -7.24 13.47 32.54
CA THR E 487 -7.36 12.22 33.30
C THR E 487 -8.86 11.87 33.30
N VAL E 488 -9.29 11.22 32.22
CA VAL E 488 -10.69 10.82 32.08
C VAL E 488 -10.87 9.57 32.92
N ASP E 489 -11.43 9.74 34.12
CA ASP E 489 -11.57 8.62 35.05
C ASP E 489 -12.74 7.74 34.64
N PHE E 490 -12.46 6.45 34.42
CA PHE E 490 -13.51 5.46 34.32
C PHE E 490 -13.69 4.69 35.62
N LYS E 491 -13.54 5.37 36.75
CA LYS E 491 -13.37 4.70 38.03
C LYS E 491 -14.68 4.12 38.57
N ASN E 492 -15.77 4.88 38.54
CA ASN E 492 -17.06 4.37 38.96
C ASN E 492 -17.96 4.01 37.79
N THR E 493 -17.42 3.98 36.58
CA THR E 493 -18.24 3.72 35.40
C THR E 493 -18.38 2.22 35.15
N VAL E 494 -19.61 1.75 35.04
CA VAL E 494 -19.85 0.39 34.58
C VAL E 494 -19.61 0.37 33.08
N LEU E 495 -18.43 -0.07 32.68
CA LEU E 495 -18.13 -0.24 31.26
C LEU E 495 -18.80 -1.52 30.78
N ILE E 496 -19.46 -1.45 29.62
CA ILE E 496 -20.12 -2.63 29.06
C ILE E 496 -19.74 -2.74 27.60
N PHE E 497 -19.08 -3.83 27.25
CA PHE E 497 -18.76 -4.15 25.87
C PHE E 497 -19.86 -5.04 25.30
N THR E 498 -19.91 -5.10 23.98
CA THR E 498 -21.02 -5.74 23.29
C THR E 498 -20.57 -6.35 21.97
N SER E 499 -20.87 -7.63 21.77
CA SER E 499 -20.53 -8.25 20.47
C SER E 499 -21.56 -9.32 20.11
N ASN E 500 -22.15 -9.22 18.92
CA ASN E 500 -23.08 -10.29 18.46
C ASN E 500 -22.23 -11.35 17.76
N LEU E 501 -21.08 -11.68 18.37
CA LEU E 501 -20.17 -12.74 17.88
C LEU E 501 -20.97 -14.04 17.68
N GLY E 502 -22.25 -14.03 18.08
CA GLY E 502 -23.11 -15.20 17.85
C GLY E 502 -24.17 -14.95 16.79
N THR E 503 -24.14 -15.74 15.71
CA THR E 503 -25.12 -15.57 14.61
C THR E 503 -25.31 -16.91 13.88
N SER E 504 -24.61 -17.95 14.32
CA SER E 504 -24.73 -19.29 13.69
C SER E 504 -26.07 -20.03 13.73
N ASP E 505 -26.52 -20.39 14.93
CA ASP E 505 -27.93 -20.82 15.16
C ASP E 505 -28.84 -19.67 14.72
N ILE E 506 -28.51 -18.45 15.14
CA ILE E 506 -29.30 -17.24 14.73
C ILE E 506 -29.66 -17.39 13.25
N SER E 507 -28.67 -17.74 12.42
CA SER E 507 -28.91 -17.90 10.97
C SER E 507 -29.56 -19.26 10.70
N LYS E 508 -30.84 -19.42 11.06
CA LYS E 508 -31.59 -20.67 10.78
C LYS E 508 -31.09 -21.82 11.66
N PRO E 509 -31.93 -22.83 11.94
CA PRO E 509 -31.53 -23.96 12.79
C PRO E 509 -30.56 -24.89 12.06
N VAL E 510 -29.76 -24.33 11.14
CA VAL E 510 -28.74 -25.15 10.43
C VAL E 510 -27.36 -24.57 10.72
N GLY E 511 -26.31 -25.28 10.33
CA GLY E 511 -24.94 -24.81 10.61
C GLY E 511 -23.97 -25.17 9.51
N LEU E 512 -22.69 -25.34 9.85
CA LEU E 512 -21.63 -25.64 8.87
C LEU E 512 -21.41 -27.16 8.83
N GLY E 513 -22.25 -27.93 9.52
CA GLY E 513 -22.04 -29.39 9.59
C GLY E 513 -23.04 -30.18 8.77
N PHE E 514 -23.09 -31.50 8.99
CA PHE E 514 -24.07 -32.37 8.27
C PHE E 514 -25.16 -32.78 9.27
N SER E 515 -25.09 -32.24 10.50
CA SER E 515 -26.13 -32.54 11.52
C SER E 515 -26.94 -33.78 11.14
N MET E 526 -24.87 -23.27 22.17
CA MET E 526 -25.51 -21.97 22.05
C MET E 526 -24.76 -20.92 22.86
N LYS E 527 -24.81 -21.06 24.18
CA LYS E 527 -24.11 -20.20 25.11
C LYS E 527 -22.59 -20.27 24.95
N GLN E 528 -22.06 -21.46 24.69
CA GLN E 528 -20.63 -21.67 24.55
C GLN E 528 -20.15 -21.47 23.13
N LYS E 529 -21.06 -21.31 22.17
CA LYS E 529 -20.65 -21.00 20.80
C LYS E 529 -20.11 -19.58 20.72
N VAL E 530 -20.79 -18.63 21.37
CA VAL E 530 -20.37 -17.25 21.34
C VAL E 530 -19.28 -16.96 22.36
N ASN E 531 -19.04 -17.88 23.30
CA ASN E 531 -17.95 -17.70 24.25
C ASN E 531 -16.61 -17.94 23.58
N ASP E 532 -16.51 -18.99 22.78
CA ASP E 532 -15.29 -19.29 22.06
C ASP E 532 -15.14 -18.48 20.77
N GLU E 533 -16.17 -17.74 20.38
CA GLU E 533 -16.01 -16.78 19.30
C GLU E 533 -15.30 -15.52 19.78
N LEU E 534 -15.49 -15.16 21.05
CA LEU E 534 -14.72 -14.08 21.66
C LEU E 534 -13.25 -14.43 21.74
N LYS E 535 -12.94 -15.68 22.11
CA LYS E 535 -11.56 -16.14 22.18
C LYS E 535 -10.94 -16.21 20.79
N LYS E 536 -11.74 -16.54 19.77
CA LYS E 536 -11.24 -16.59 18.41
C LYS E 536 -10.94 -15.20 17.88
N HIS E 537 -11.86 -14.26 18.13
CA HIS E 537 -11.72 -12.91 17.58
C HIS E 537 -10.78 -12.02 18.38
N PHE E 538 -10.92 -11.99 19.70
CA PHE E 538 -10.17 -11.06 20.53
C PHE E 538 -8.89 -11.69 21.06
N ARG E 539 -8.10 -10.86 21.73
CA ARG E 539 -6.91 -11.17 22.50
C ARG E 539 -7.29 -11.52 23.93
N PRO E 540 -6.72 -12.59 24.49
CA PRO E 540 -7.01 -12.92 25.90
C PRO E 540 -6.50 -11.90 26.90
N GLU E 541 -5.65 -10.96 26.49
CA GLU E 541 -5.25 -9.88 27.39
C GLU E 541 -6.41 -8.95 27.70
N PHE E 542 -7.35 -8.83 26.77
CA PHE E 542 -8.46 -7.89 26.93
C PHE E 542 -9.63 -8.52 27.68
N LEU E 543 -9.86 -9.82 27.49
CA LEU E 543 -11.09 -10.44 27.96
C LEU E 543 -11.07 -10.78 29.45
N ASN E 544 -9.90 -10.97 30.04
CA ASN E 544 -9.82 -11.48 31.40
C ASN E 544 -9.86 -10.40 32.46
N ARG E 545 -9.66 -9.13 32.10
CA ARG E 545 -9.87 -8.05 33.07
C ARG E 545 -11.35 -7.74 33.22
N ILE E 546 -12.16 -8.15 32.24
CA ILE E 546 -13.60 -7.95 32.27
C ILE E 546 -14.22 -8.83 33.35
N ASP E 547 -15.12 -8.24 34.14
CA ASP E 547 -15.67 -8.89 35.33
C ASP E 547 -16.48 -10.13 35.01
N ASP E 548 -17.60 -9.97 34.31
CA ASP E 548 -18.47 -11.09 33.95
C ASP E 548 -18.88 -10.99 32.50
N ILE E 549 -18.87 -12.13 31.82
CA ILE E 549 -19.38 -12.24 30.46
C ILE E 549 -20.80 -12.74 30.53
N ILE E 550 -21.73 -11.98 29.97
CA ILE E 550 -23.15 -12.31 30.03
C ILE E 550 -23.62 -12.68 28.64
N VAL E 551 -24.21 -13.85 28.52
CA VAL E 551 -24.67 -14.40 27.24
C VAL E 551 -26.19 -14.42 27.27
N PHE E 552 -26.81 -13.95 26.19
CA PHE E 552 -28.27 -13.96 26.07
C PHE E 552 -28.68 -15.10 25.17
N HIS E 553 -29.86 -15.66 25.43
CA HIS E 553 -30.36 -16.77 24.64
C HIS E 553 -31.48 -16.30 23.73
N GLN E 554 -31.91 -17.19 22.83
CA GLN E 554 -33.08 -16.93 22.02
C GLN E 554 -34.32 -16.85 22.91
N LEU E 555 -35.16 -15.87 22.66
CA LEU E 555 -36.33 -15.63 23.51
C LEU E 555 -37.45 -16.61 23.16
N THR E 556 -38.02 -17.22 24.20
CA THR E 556 -39.19 -18.07 24.06
C THR E 556 -40.41 -17.19 23.73
N ARG E 557 -41.42 -17.78 23.07
CA ARG E 557 -42.62 -17.04 22.68
C ARG E 557 -43.39 -16.52 23.88
N GLU E 558 -43.30 -17.22 25.02
CA GLU E 558 -43.90 -16.69 26.25
C GLU E 558 -43.09 -15.53 26.80
N GLU E 559 -41.79 -15.46 26.48
CA GLU E 559 -40.97 -14.34 26.91
C GLU E 559 -41.17 -13.12 26.03
N ILE E 560 -41.57 -13.31 24.78
CA ILE E 560 -41.74 -12.19 23.86
C ILE E 560 -43.06 -11.46 24.13
N ILE E 561 -44.12 -12.21 24.45
CA ILE E 561 -45.43 -11.61 24.64
C ILE E 561 -45.50 -10.78 25.92
N ARG E 562 -44.60 -11.00 26.87
CA ARG E 562 -44.51 -10.10 28.01
C ARG E 562 -43.89 -8.77 27.63
N MET E 563 -42.92 -8.79 26.70
CA MET E 563 -42.40 -7.54 26.14
C MET E 563 -43.44 -6.82 25.31
N VAL E 564 -44.33 -7.56 24.65
CA VAL E 564 -45.45 -6.96 23.94
C VAL E 564 -46.41 -6.31 24.94
N ASP E 565 -46.59 -6.94 26.09
CA ASP E 565 -47.47 -6.40 27.13
C ASP E 565 -46.89 -5.12 27.71
N LEU E 566 -45.57 -5.07 27.88
CA LEU E 566 -44.93 -3.88 28.46
C LEU E 566 -45.00 -2.69 27.51
N MET E 567 -44.95 -2.93 26.20
CA MET E 567 -44.83 -1.87 25.22
C MET E 567 -46.16 -1.44 24.62
N ILE E 568 -47.20 -2.28 24.68
CA ILE E 568 -48.53 -1.83 24.32
C ILE E 568 -49.12 -0.94 25.42
N SER E 569 -48.65 -1.08 26.66
CA SER E 569 -49.11 -0.25 27.75
C SER E 569 -48.43 1.11 27.76
N ARG E 570 -47.36 1.29 26.99
CA ARG E 570 -46.67 2.57 26.94
C ARG E 570 -47.47 3.58 26.12
N VAL E 571 -48.11 3.13 25.05
CA VAL E 571 -48.91 4.04 24.23
C VAL E 571 -50.32 4.17 24.82
N ALA E 572 -50.75 3.19 25.61
CA ALA E 572 -52.11 3.18 26.16
C ALA E 572 -52.35 4.31 27.16
N GLY E 573 -51.29 4.79 27.83
CA GLY E 573 -51.42 5.96 28.67
C GLY E 573 -51.64 7.24 27.89
N GLN E 574 -51.17 7.31 26.66
CA GLN E 574 -51.39 8.46 25.80
C GLN E 574 -52.74 8.41 25.08
N LEU E 575 -53.47 7.30 25.20
CA LEU E 575 -54.80 7.18 24.62
C LEU E 575 -55.89 7.68 25.55
N LYS E 576 -55.81 7.36 26.83
CA LYS E 576 -56.78 7.85 27.81
C LYS E 576 -56.52 9.30 28.21
N SER E 577 -55.43 9.90 27.76
CA SER E 577 -55.29 11.35 27.83
C SER E 577 -56.30 12.04 26.94
N LYS E 578 -56.66 11.41 25.82
CA LYS E 578 -57.70 11.90 24.92
C LYS E 578 -59.00 11.14 25.09
N ASP E 579 -59.12 10.36 26.17
CA ASP E 579 -60.27 9.52 26.50
C ASP E 579 -60.57 8.50 25.41
N MET E 580 -59.52 8.02 24.76
CA MET E 580 -59.59 6.86 23.88
C MET E 580 -59.13 5.65 24.65
N ALA E 581 -59.49 4.47 24.16
CA ALA E 581 -59.14 3.24 24.85
C ALA E 581 -58.93 2.12 23.85
N LEU E 582 -57.69 1.65 23.75
CA LEU E 582 -57.38 0.44 23.01
C LEU E 582 -57.79 -0.71 23.93
N VAL E 583 -58.92 -1.33 23.61
CA VAL E 583 -59.37 -2.49 24.37
C VAL E 583 -58.45 -3.65 24.08
N LEU E 584 -57.70 -4.09 25.10
CA LEU E 584 -56.64 -5.06 24.91
C LEU E 584 -57.19 -6.45 24.67
N THR E 585 -56.61 -7.15 23.70
CA THR E 585 -56.92 -8.55 23.48
C THR E 585 -55.62 -9.29 23.25
N ASP E 586 -55.61 -10.57 23.62
CA ASP E 586 -54.40 -11.38 23.54
C ASP E 586 -54.21 -12.06 22.20
N ALA E 587 -55.24 -12.07 21.35
CA ALA E 587 -55.07 -12.63 20.00
C ALA E 587 -54.21 -11.72 19.13
N ALA E 588 -54.36 -10.41 19.29
CA ALA E 588 -53.50 -9.48 18.55
C ALA E 588 -52.09 -9.49 19.10
N LYS E 589 -51.93 -9.76 20.40
CA LYS E 589 -50.60 -9.78 21.00
C LYS E 589 -49.76 -10.95 20.53
N ALA E 590 -50.39 -12.07 20.16
CA ALA E 590 -49.64 -13.19 19.64
C ALA E 590 -49.13 -12.92 18.23
N LEU E 591 -49.89 -12.16 17.44
CA LEU E 591 -49.47 -11.85 16.08
C LEU E 591 -48.39 -10.77 16.06
N LEU E 592 -48.38 -9.88 17.06
CA LEU E 592 -47.28 -8.93 17.19
C LEU E 592 -45.99 -9.63 17.55
N ALA E 593 -46.06 -10.72 18.33
CA ALA E 593 -44.88 -11.49 18.65
C ALA E 593 -44.34 -12.27 17.45
N LYS E 594 -45.23 -12.68 16.54
CA LYS E 594 -44.78 -13.35 15.32
C LYS E 594 -44.15 -12.36 14.36
N ARG E 595 -44.79 -11.20 14.16
CA ARG E 595 -44.30 -10.23 13.19
C ARG E 595 -43.12 -9.43 13.73
N GLY E 596 -43.12 -9.12 15.03
CA GLY E 596 -42.10 -8.27 15.59
C GLY E 596 -40.92 -9.01 16.20
N PHE E 597 -40.58 -10.16 15.64
CA PHE E 597 -39.44 -10.94 16.11
C PHE E 597 -38.89 -11.81 14.99
N ASP E 598 -37.57 -11.76 14.81
CA ASP E 598 -36.83 -12.71 14.00
C ASP E 598 -35.60 -13.13 14.78
N PRO E 599 -35.08 -14.34 14.57
CA PRO E 599 -33.88 -14.77 15.31
C PRO E 599 -32.56 -14.28 14.71
N VAL E 600 -32.54 -13.04 14.22
CA VAL E 600 -31.30 -12.35 13.90
C VAL E 600 -31.29 -10.96 14.53
N LEU E 601 -32.48 -10.39 14.78
CA LEU E 601 -32.56 -8.98 15.11
C LEU E 601 -33.65 -8.69 16.15
N GLY E 602 -34.35 -9.73 16.59
CA GLY E 602 -35.69 -9.57 17.12
C GLY E 602 -35.74 -8.85 18.46
N ALA E 603 -36.97 -8.38 18.75
CA ALA E 603 -37.41 -7.67 19.96
C ALA E 603 -36.90 -6.23 20.02
N ARG E 604 -36.05 -5.84 19.08
CA ARG E 604 -35.75 -4.47 18.73
C ARG E 604 -36.73 -3.90 17.70
N PRO E 605 -37.11 -4.62 16.57
CA PRO E 605 -38.13 -4.05 15.69
C PRO E 605 -39.55 -4.33 16.14
N LEU E 606 -39.72 -4.74 17.41
CA LEU E 606 -41.05 -4.96 17.95
C LEU E 606 -41.83 -3.66 18.07
N ARG E 607 -41.13 -2.56 18.40
CA ARG E 607 -41.83 -1.29 18.57
C ARG E 607 -42.24 -0.68 17.25
N ARG E 608 -41.48 -0.94 16.19
CA ARG E 608 -41.91 -0.49 14.87
C ARG E 608 -43.06 -1.34 14.36
N THR E 609 -43.10 -2.61 14.76
CA THR E 609 -44.25 -3.46 14.48
C THR E 609 -45.50 -2.94 15.18
N ILE E 610 -45.35 -2.36 16.36
CA ILE E 610 -46.50 -1.79 17.06
C ILE E 610 -47.01 -0.55 16.33
N GLN E 611 -46.11 0.34 15.94
CA GLN E 611 -46.56 1.59 15.32
C GLN E 611 -47.00 1.42 13.87
N ARG E 612 -46.52 0.38 13.16
CA ARG E 612 -46.95 0.17 11.79
C ARG E 612 -48.25 -0.61 11.71
N GLU E 613 -48.52 -1.49 12.67
CA GLU E 613 -49.66 -2.39 12.57
C GLU E 613 -50.83 -2.00 13.45
N ILE E 614 -50.57 -1.33 14.58
CA ILE E 614 -51.64 -0.83 15.44
C ILE E 614 -51.89 0.65 15.15
N GLU E 615 -50.83 1.45 15.22
CA GLU E 615 -51.00 2.90 15.24
C GLU E 615 -51.30 3.46 13.85
N ASP E 616 -51.06 2.68 12.79
CA ASP E 616 -51.50 3.12 11.48
C ASP E 616 -53.01 3.05 11.37
N GLN E 617 -53.60 1.98 11.90
CA GLN E 617 -55.03 1.78 11.75
C GLN E 617 -55.82 2.54 12.82
N LEU E 618 -55.17 2.97 13.89
CA LEU E 618 -55.81 3.87 14.83
C LEU E 618 -55.81 5.32 14.37
N SER E 619 -55.03 5.66 13.35
CA SER E 619 -55.19 6.95 12.69
C SER E 619 -56.34 6.95 11.70
N GLU E 620 -56.83 5.76 11.31
CA GLU E 620 -58.00 5.67 10.44
C GLU E 620 -59.30 6.02 11.17
N LYS E 621 -59.26 6.08 12.50
CA LYS E 621 -60.43 6.54 13.26
C LYS E 621 -60.74 8.00 12.96
N ILE E 622 -59.73 8.86 13.06
CA ILE E 622 -59.94 10.28 12.77
C ILE E 622 -59.90 10.59 11.28
N LEU E 623 -59.44 9.64 10.45
CA LEU E 623 -59.59 9.79 9.00
C LEU E 623 -61.06 9.74 8.61
N PHE E 624 -61.81 8.83 9.22
CA PHE E 624 -63.25 8.81 9.13
C PHE E 624 -63.90 9.57 10.28
N GLU E 625 -63.13 10.41 10.98
CA GLU E 625 -63.56 11.35 12.00
C GLU E 625 -64.27 10.70 13.18
N GLU E 626 -63.55 9.88 13.94
CA GLU E 626 -64.09 9.29 15.17
C GLU E 626 -63.41 9.96 16.35
N VAL E 627 -64.11 10.91 16.99
CA VAL E 627 -63.59 11.50 18.23
C VAL E 627 -64.58 11.24 19.35
N GLY E 628 -65.77 11.85 19.25
CA GLY E 628 -66.84 11.69 20.21
C GLY E 628 -66.46 11.99 21.66
N PRO E 629 -67.20 11.40 22.60
CA PRO E 629 -66.72 11.38 23.99
C PRO E 629 -65.66 10.33 24.22
N GLY E 630 -65.51 9.37 23.30
CA GLY E 630 -64.52 8.32 23.40
C GLY E 630 -65.01 7.05 22.73
N GLN E 631 -64.16 6.45 21.91
CA GLN E 631 -64.52 5.28 21.12
C GLN E 631 -63.67 4.10 21.57
N VAL E 632 -64.34 3.04 22.01
CA VAL E 632 -63.68 1.83 22.52
C VAL E 632 -63.28 0.97 21.33
N VAL E 633 -62.10 1.23 20.77
CA VAL E 633 -61.64 0.59 19.56
C VAL E 633 -61.02 -0.76 19.91
N THR E 634 -61.32 -1.77 19.10
CA THR E 634 -60.72 -3.10 19.21
C THR E 634 -60.30 -3.54 17.83
N VAL E 635 -59.02 -3.85 17.66
CA VAL E 635 -58.46 -4.18 16.36
C VAL E 635 -57.90 -5.59 16.42
N ASP E 636 -58.14 -6.36 15.36
CA ASP E 636 -57.47 -7.63 15.18
C ASP E 636 -57.24 -7.84 13.69
N VAL E 637 -55.98 -7.94 13.30
CA VAL E 637 -55.57 -8.18 11.93
C VAL E 637 -55.67 -9.69 11.70
N ASP E 638 -55.58 -10.11 10.44
CA ASP E 638 -55.82 -11.51 10.08
C ASP E 638 -54.70 -12.43 10.59
N ASN E 639 -54.99 -13.73 10.56
CA ASN E 639 -54.05 -14.72 11.06
C ASN E 639 -52.99 -15.02 10.00
N TRP E 640 -51.78 -15.32 10.46
CA TRP E 640 -50.73 -15.83 9.59
C TRP E 640 -50.26 -17.19 10.08
N VAL F 3 -35.53 59.02 47.98
CA VAL F 3 -36.81 58.52 48.45
C VAL F 3 -37.52 57.81 47.29
N LEU F 4 -38.23 56.72 47.60
CA LEU F 4 -38.94 55.94 46.61
C LEU F 4 -40.30 56.52 46.28
N ASP F 5 -40.70 57.59 46.95
CA ASP F 5 -42.03 58.15 46.81
C ASP F 5 -42.23 58.90 45.50
N GLN F 6 -41.18 59.06 44.70
CA GLN F 6 -41.29 59.76 43.43
C GLN F 6 -40.46 59.07 42.34
N PHE F 7 -40.01 57.86 42.60
CA PHE F 7 -39.27 57.09 41.60
C PHE F 7 -39.67 55.63 41.68
N GLY F 8 -40.14 55.08 40.57
CA GLY F 8 -40.52 53.69 40.49
C GLY F 8 -41.88 53.43 41.14
N ARG F 9 -42.55 52.39 40.63
CA ARG F 9 -43.87 52.06 41.10
C ARG F 9 -43.76 51.14 42.30
N ASN F 10 -44.54 51.41 43.33
CA ASN F 10 -44.65 50.53 44.49
C ASN F 10 -45.58 49.39 44.09
N LEU F 11 -45.00 48.22 43.80
CA LEU F 11 -45.82 47.10 43.35
C LEU F 11 -46.64 46.51 44.48
N THR F 12 -46.18 46.66 45.72
CA THR F 12 -46.94 46.16 46.86
C THR F 12 -48.14 47.05 47.12
N ALA F 13 -47.98 48.37 46.97
CA ALA F 13 -49.10 49.28 47.09
C ALA F 13 -50.07 49.13 45.93
N ALA F 14 -49.56 48.83 44.73
CA ALA F 14 -50.43 48.59 43.60
C ALA F 14 -51.18 47.27 43.75
N ALA F 15 -50.60 46.32 44.49
CA ALA F 15 -51.31 45.06 44.73
C ALA F 15 -52.41 45.21 45.76
N MET F 16 -52.29 46.18 46.67
CA MET F 16 -53.35 46.43 47.63
C MET F 16 -54.58 47.04 46.96
N GLU F 17 -54.37 47.92 46.00
CA GLU F 17 -55.48 48.61 45.34
C GLU F 17 -56.08 47.82 44.20
N GLY F 18 -55.52 46.66 43.86
CA GLY F 18 -55.97 45.90 42.71
C GLY F 18 -55.52 46.55 41.42
N LYS F 19 -54.52 47.39 41.50
CA LYS F 19 -53.98 48.10 40.35
C LYS F 19 -53.17 47.18 39.45
N LEU F 20 -52.54 46.16 39.99
CA LEU F 20 -51.82 45.18 39.19
C LEU F 20 -52.81 44.22 38.54
N ASP F 21 -52.48 43.82 37.32
CA ASP F 21 -53.27 42.82 36.63
C ASP F 21 -53.09 41.47 37.30
N PRO F 22 -54.16 40.70 37.50
CA PRO F 22 -54.06 39.48 38.31
C PRO F 22 -53.27 38.40 37.60
N VAL F 23 -52.33 37.80 38.32
CA VAL F 23 -51.42 36.82 37.77
C VAL F 23 -51.98 35.44 38.09
N ILE F 24 -52.70 34.88 37.13
CA ILE F 24 -53.37 33.61 37.30
C ILE F 24 -52.51 32.54 36.65
N GLY F 25 -52.17 31.53 37.43
CA GLY F 25 -51.06 30.66 37.10
C GLY F 25 -49.84 31.09 37.87
N ARG F 26 -48.68 30.62 37.41
CA ARG F 26 -47.35 31.03 37.87
C ARG F 26 -47.09 30.81 39.36
N GLU F 27 -47.90 29.99 40.05
CA GLU F 27 -47.71 29.82 41.49
C GLU F 27 -46.46 29.04 41.82
N LYS F 28 -45.91 28.31 40.86
CA LYS F 28 -44.67 27.58 41.07
C LYS F 28 -43.46 28.50 40.96
N GLU F 29 -43.49 29.43 40.02
CA GLU F 29 -42.35 30.34 39.82
C GLU F 29 -42.30 31.40 40.90
N ILE F 30 -43.46 31.86 41.38
CA ILE F 30 -43.50 32.81 42.49
C ILE F 30 -43.01 32.15 43.77
N GLU F 31 -43.33 30.86 43.93
CA GLU F 31 -42.81 30.08 45.05
C GLU F 31 -41.29 29.97 44.99
N ARG F 32 -40.75 29.81 43.78
CA ARG F 32 -39.31 29.72 43.58
C ARG F 32 -38.62 31.03 43.93
N VAL F 33 -39.26 32.16 43.62
CA VAL F 33 -38.69 33.47 43.93
C VAL F 33 -38.69 33.72 45.43
N MET F 34 -39.75 33.28 46.12
CA MET F 34 -39.77 33.35 47.58
C MET F 34 -38.74 32.45 48.22
N GLN F 35 -38.33 31.37 47.54
CA GLN F 35 -37.27 30.54 48.07
C GLN F 35 -35.92 31.24 47.96
N VAL F 36 -35.71 32.02 46.91
CA VAL F 36 -34.42 32.68 46.76
C VAL F 36 -34.30 33.85 47.71
N LEU F 37 -35.36 34.65 47.84
CA LEU F 37 -35.35 35.80 48.74
C LEU F 37 -35.23 35.41 50.20
N SER F 38 -35.55 34.17 50.54
CA SER F 38 -35.46 33.69 51.90
C SER F 38 -34.07 33.17 52.25
N ARG F 39 -33.16 33.12 51.28
CA ARG F 39 -31.84 32.57 51.49
C ARG F 39 -30.91 33.61 52.11
N ARG F 40 -29.75 33.14 52.54
CA ARG F 40 -28.72 34.01 53.11
C ARG F 40 -27.73 34.42 52.03
N THR F 41 -27.20 33.46 51.28
CA THR F 41 -26.34 33.77 50.15
C THR F 41 -27.08 33.48 48.86
N LYS F 42 -26.73 34.21 47.80
CA LYS F 42 -27.39 34.21 46.50
C LYS F 42 -28.88 34.46 46.66
N ASN F 43 -29.25 35.45 47.48
CA ASN F 43 -30.65 35.70 47.78
C ASN F 43 -31.28 36.72 46.87
N ASN F 44 -30.82 36.80 45.62
CA ASN F 44 -31.31 37.78 44.68
C ASN F 44 -31.71 37.05 43.42
N PRO F 45 -33.00 36.95 43.11
CA PRO F 45 -33.42 36.22 41.91
C PRO F 45 -33.13 37.01 40.66
N VAL F 46 -32.73 36.29 39.63
CA VAL F 46 -32.67 36.83 38.28
C VAL F 46 -33.65 36.04 37.45
N LEU F 47 -34.79 36.65 37.13
CA LEU F 47 -35.84 35.96 36.40
C LEU F 47 -35.43 35.82 34.95
N ILE F 48 -34.80 34.71 34.63
CA ILE F 48 -34.42 34.41 33.26
C ILE F 48 -35.67 33.99 32.51
N GLY F 49 -35.95 34.67 31.43
CA GLY F 49 -37.04 34.29 30.57
C GLY F 49 -36.71 34.61 29.16
N GLU F 50 -37.74 34.79 28.37
CA GLU F 50 -37.63 35.28 27.01
C GLU F 50 -38.34 36.62 27.01
N PRO F 51 -38.20 37.48 26.00
CA PRO F 51 -38.93 38.75 26.03
C PRO F 51 -40.44 38.61 25.97
N GLY F 52 -41.10 38.99 27.06
CA GLY F 52 -42.54 38.93 27.13
C GLY F 52 -43.04 37.58 27.60
N VAL F 53 -42.25 36.91 28.44
CA VAL F 53 -42.55 35.55 28.87
C VAL F 53 -43.43 35.53 30.09
N GLY F 54 -43.63 36.66 30.77
CA GLY F 54 -44.34 36.69 32.02
C GLY F 54 -43.45 36.87 33.22
N LYS F 55 -42.21 37.29 33.03
CA LYS F 55 -41.29 37.40 34.16
C LYS F 55 -41.55 38.64 34.99
N THR F 56 -42.13 39.68 34.41
CA THR F 56 -42.58 40.79 35.24
C THR F 56 -43.84 40.43 36.00
N ALA F 57 -44.62 39.50 35.46
CA ALA F 57 -45.83 39.06 36.13
C ALA F 57 -45.54 38.20 37.34
N VAL F 58 -44.38 37.54 37.38
CA VAL F 58 -43.99 36.78 38.55
C VAL F 58 -43.77 37.71 39.74
N VAL F 59 -43.15 38.87 39.49
CA VAL F 59 -42.96 39.87 40.53
C VAL F 59 -44.25 40.63 40.81
N GLU F 60 -45.08 40.87 39.79
CA GLU F 60 -46.43 41.36 40.03
C GLU F 60 -47.23 40.35 40.84
N GLY F 61 -47.09 39.07 40.51
CA GLY F 61 -47.70 38.03 41.32
C GLY F 61 -47.05 37.84 42.67
N LEU F 62 -45.78 38.20 42.81
CA LEU F 62 -45.13 38.18 44.10
C LEU F 62 -45.69 39.27 45.01
N ALA F 63 -45.89 40.47 44.45
CA ALA F 63 -46.45 41.57 45.23
C ALA F 63 -47.89 41.30 45.63
N GLN F 64 -48.63 40.54 44.80
CA GLN F 64 -49.96 40.12 45.20
C GLN F 64 -49.90 39.04 46.27
N ALA F 65 -48.82 38.26 46.29
CA ALA F 65 -48.65 37.27 47.34
C ALA F 65 -48.19 37.89 48.65
N ILE F 66 -47.55 39.06 48.60
CA ILE F 66 -47.17 39.75 49.82
C ILE F 66 -48.41 40.28 50.54
N VAL F 67 -49.31 40.92 49.81
CA VAL F 67 -50.47 41.56 50.43
C VAL F 67 -51.54 40.57 50.86
N HIS F 68 -51.46 39.32 50.40
CA HIS F 68 -52.41 38.31 50.85
C HIS F 68 -51.96 37.62 52.13
N GLY F 69 -50.69 37.77 52.51
CA GLY F 69 -50.17 37.00 53.61
C GLY F 69 -49.75 35.60 53.24
N GLU F 70 -49.63 35.31 51.94
CA GLU F 70 -49.12 34.04 51.46
C GLU F 70 -47.61 34.14 51.21
N VAL F 71 -46.94 34.93 52.03
CA VAL F 71 -45.53 35.24 51.82
C VAL F 71 -44.82 34.78 53.09
N PRO F 72 -43.56 34.32 53.03
CA PRO F 72 -42.89 33.84 54.26
C PRO F 72 -42.63 34.89 55.31
N GLU F 73 -42.27 34.45 56.51
CA GLU F 73 -42.07 35.33 57.65
C GLU F 73 -40.83 36.21 57.52
N THR F 74 -39.92 35.88 56.60
CA THR F 74 -38.83 36.76 56.23
C THR F 74 -39.25 37.76 55.17
N LEU F 75 -40.46 37.65 54.63
CA LEU F 75 -40.91 38.55 53.57
C LEU F 75 -42.26 39.18 53.86
N LYS F 76 -42.69 39.22 55.12
CA LYS F 76 -43.97 39.83 55.46
C LYS F 76 -43.91 41.34 55.28
N ASP F 77 -44.82 41.85 54.46
CA ASP F 77 -45.04 43.29 54.25
C ASP F 77 -43.78 43.98 53.73
N LYS F 78 -43.10 43.33 52.80
CA LYS F 78 -41.98 43.94 52.08
C LYS F 78 -42.54 44.78 50.96
N GLN F 79 -42.28 46.08 51.01
CA GLN F 79 -42.71 46.97 49.93
C GLN F 79 -41.83 46.73 48.73
N LEU F 80 -42.41 46.16 47.67
CA LEU F 80 -41.68 45.71 46.49
C LEU F 80 -41.75 46.81 45.46
N TYR F 81 -40.61 47.43 45.17
CA TYR F 81 -40.54 48.52 44.22
C TYR F 81 -39.87 48.08 42.94
N THR F 82 -40.51 48.34 41.82
CA THR F 82 -39.78 48.42 40.56
C THR F 82 -39.13 49.79 40.55
N LEU F 83 -38.02 49.91 39.83
CA LEU F 83 -37.26 51.16 39.82
C LEU F 83 -37.15 51.65 38.39
N ASP F 84 -37.74 52.80 38.12
CA ASP F 84 -37.80 53.31 36.75
C ASP F 84 -36.47 53.93 36.37
N LEU F 85 -35.72 53.24 35.53
CA LEU F 85 -34.52 53.79 34.92
C LEU F 85 -34.95 54.75 33.82
N GLY F 86 -34.18 55.82 33.64
CA GLY F 86 -34.58 56.85 32.71
C GLY F 86 -35.45 57.93 33.32
N SER F 87 -35.69 57.82 34.62
CA SER F 87 -36.48 58.84 35.36
C SER F 87 -35.59 59.41 36.46
N LEU F 88 -34.75 58.57 37.07
CA LEU F 88 -33.76 59.09 38.06
C LEU F 88 -32.77 59.96 37.30
N VAL F 89 -32.82 59.89 35.96
CA VAL F 89 -32.31 60.98 35.09
C VAL F 89 -33.18 62.21 35.29
N ALA F 90 -34.43 62.21 34.80
CA ALA F 90 -35.34 63.38 34.90
C ALA F 90 -34.82 64.45 35.85
N GLY F 91 -33.85 65.26 35.41
CA GLY F 91 -33.21 66.26 36.28
C GLY F 91 -31.71 66.34 35.99
N SER F 92 -31.19 67.55 35.80
CA SER F 92 -29.74 67.75 35.55
C SER F 92 -29.16 68.77 36.54
N ARG F 93 -28.32 68.31 37.47
CA ARG F 93 -27.64 69.25 38.41
C ARG F 93 -26.13 69.07 38.54
N TYR F 94 -25.40 69.24 37.44
CA TYR F 94 -25.76 68.88 36.03
C TYR F 94 -25.47 67.40 35.80
N ARG F 95 -24.23 67.08 35.36
CA ARG F 95 -23.84 65.68 35.09
C ARG F 95 -23.62 64.96 36.42
N GLY F 96 -23.34 63.65 36.37
CA GLY F 96 -23.30 62.80 37.57
C GLY F 96 -24.64 62.75 38.26
N ASP F 97 -25.64 63.45 37.71
CA ASP F 97 -26.98 63.50 38.34
C ASP F 97 -27.53 62.09 38.52
N PHE F 98 -27.53 61.27 37.46
CA PHE F 98 -28.16 59.97 37.64
C PHE F 98 -27.37 59.09 38.61
N GLU F 99 -26.09 59.38 38.79
CA GLU F 99 -25.32 58.67 39.81
C GLU F 99 -25.64 59.20 41.21
N GLU F 100 -25.73 60.53 41.35
CA GLU F 100 -25.96 61.12 42.67
C GLU F 100 -27.39 60.93 43.13
N ARG F 101 -28.33 60.82 42.19
CA ARG F 101 -29.73 60.67 42.57
C ARG F 101 -30.04 59.21 42.93
N LEU F 102 -29.38 58.27 42.25
CA LEU F 102 -29.55 56.85 42.56
C LEU F 102 -28.99 56.51 43.93
N LYS F 103 -27.94 57.23 44.36
CA LYS F 103 -27.41 57.01 45.69
C LYS F 103 -28.37 57.48 46.77
N LYS F 104 -29.12 58.56 46.50
CA LYS F 104 -30.11 59.02 47.47
C LYS F 104 -31.27 58.05 47.60
N VAL F 105 -31.58 57.30 46.55
CA VAL F 105 -32.63 56.29 46.61
C VAL F 105 -32.18 55.12 47.48
N LEU F 106 -30.93 54.69 47.30
CA LEU F 106 -30.40 53.56 48.05
C LEU F 106 -30.19 53.91 49.52
N LYS F 107 -29.92 55.18 49.82
CA LYS F 107 -29.77 55.60 51.21
C LYS F 107 -31.10 55.60 51.94
N GLU F 108 -32.22 55.69 51.21
CA GLU F 108 -33.53 55.53 51.82
C GLU F 108 -33.91 54.07 51.97
N ILE F 109 -33.34 53.19 51.14
CA ILE F 109 -33.67 51.76 51.20
C ILE F 109 -33.11 51.14 52.47
N ASN F 110 -31.86 51.44 52.81
CA ASN F 110 -31.30 50.95 54.06
C ASN F 110 -31.66 51.82 55.26
N THR F 111 -32.21 53.01 55.03
CA THR F 111 -32.84 53.75 56.12
C THR F 111 -34.07 53.01 56.60
N ARG F 112 -34.89 52.53 55.66
CA ARG F 112 -35.94 51.57 55.95
C ARG F 112 -35.36 50.17 55.96
N GLY F 113 -36.21 49.16 55.99
CA GLY F 113 -35.68 47.80 55.87
C GLY F 113 -36.55 46.87 55.07
N ASP F 114 -37.67 47.37 54.55
CA ASP F 114 -38.67 46.52 53.90
C ASP F 114 -38.75 46.75 52.40
N ILE F 115 -37.64 47.09 51.76
CA ILE F 115 -37.63 47.41 50.35
C ILE F 115 -36.99 46.25 49.60
N ILE F 116 -37.67 45.77 48.56
CA ILE F 116 -37.09 44.85 47.60
C ILE F 116 -37.21 45.49 46.22
N LEU F 117 -36.07 45.78 45.60
CA LEU F 117 -36.06 46.37 44.28
C LEU F 117 -36.32 45.31 43.23
N PHE F 118 -37.12 45.66 42.22
CA PHE F 118 -37.21 44.86 41.02
C PHE F 118 -36.60 45.65 39.87
N ILE F 119 -35.71 45.01 39.13
CA ILE F 119 -35.03 45.64 38.01
C ILE F 119 -35.38 44.84 36.77
N ASP F 120 -36.22 45.41 35.92
CA ASP F 120 -36.73 44.75 34.72
C ASP F 120 -35.65 44.54 33.68
N ALA F 121 -34.54 45.27 33.76
CA ALA F 121 -33.43 45.04 32.85
C ALA F 121 -32.13 45.08 33.64
N LEU F 122 -31.73 43.93 34.18
CA LEU F 122 -30.60 43.90 35.08
C LEU F 122 -29.29 43.99 34.32
N HIS F 123 -29.29 43.58 33.06
CA HIS F 123 -28.13 43.70 32.21
C HIS F 123 -27.77 45.15 31.90
N THR F 124 -28.75 46.06 31.94
CA THR F 124 -28.50 47.47 31.68
C THR F 124 -27.76 48.17 32.80
N LEU F 125 -27.73 47.59 34.00
CA LEU F 125 -26.93 48.14 35.08
C LEU F 125 -25.60 47.41 35.24
N VAL F 126 -25.26 46.53 34.31
CA VAL F 126 -24.01 45.78 34.33
C VAL F 126 -23.14 46.13 33.14
N GLY F 127 -23.73 46.16 31.95
CA GLY F 127 -23.02 46.58 30.76
C GLY F 127 -23.22 48.01 30.36
N ILE F 135 -23.67 54.75 40.39
CA ILE F 135 -23.40 53.83 41.54
C ILE F 135 -23.41 52.39 41.01
N ASP F 136 -24.13 52.15 39.90
CA ASP F 136 -24.19 50.80 39.29
C ASP F 136 -24.91 49.84 40.25
N ALA F 137 -25.14 50.26 41.50
CA ALA F 137 -25.84 49.42 42.51
C ALA F 137 -25.02 48.16 42.80
N ALA F 138 -24.28 47.65 41.81
CA ALA F 138 -23.48 46.42 42.00
C ALA F 138 -22.85 46.43 43.39
N SER F 139 -22.24 47.54 43.78
CA SER F 139 -21.59 47.64 45.10
C SER F 139 -22.63 47.47 46.21
N ILE F 140 -23.70 48.26 46.18
CA ILE F 140 -24.71 48.21 47.29
C ILE F 140 -25.27 46.80 47.39
N LEU F 141 -25.22 46.03 46.30
CA LEU F 141 -25.69 44.62 46.33
C LEU F 141 -24.85 43.85 47.36
N LYS F 142 -23.57 44.17 47.48
CA LYS F 142 -22.67 43.45 48.42
C LYS F 142 -23.48 42.98 49.64
N PRO F 143 -24.00 43.87 50.51
CA PRO F 143 -24.84 43.46 51.63
C PRO F 143 -26.34 43.54 51.28
N LEU F 150 -32.01 45.88 50.99
CA LEU F 150 -31.60 45.76 49.61
C LEU F 150 -31.53 44.31 49.16
N GLN F 151 -32.68 43.65 49.05
CA GLN F 151 -32.81 42.48 48.20
C GLN F 151 -33.26 42.97 46.84
N THR F 152 -32.81 42.30 45.79
CA THR F 152 -33.07 42.75 44.44
C THR F 152 -33.52 41.58 43.59
N ILE F 153 -34.60 41.76 42.84
CA ILE F 153 -35.05 40.79 41.86
C ILE F 153 -34.72 41.32 40.48
N GLY F 154 -34.00 40.54 39.69
CA GLY F 154 -33.67 40.91 38.34
C GLY F 154 -34.52 40.17 37.34
N ALA F 155 -34.42 40.60 36.09
CA ALA F 155 -35.13 39.93 35.01
C ALA F 155 -34.41 40.16 33.69
N THR F 156 -33.69 39.16 33.20
CA THR F 156 -33.02 39.26 31.92
C THR F 156 -33.46 38.10 31.04
N THR F 157 -33.00 38.13 29.80
CA THR F 157 -33.15 36.97 28.95
C THR F 157 -32.00 36.00 29.23
N LEU F 158 -32.09 34.81 28.64
CA LEU F 158 -31.03 33.84 28.83
C LEU F 158 -29.78 34.22 28.05
N ASP F 159 -29.93 34.95 26.94
CA ASP F 159 -28.77 35.45 26.21
C ASP F 159 -28.03 36.49 27.04
N GLU F 160 -28.78 37.36 27.71
CA GLU F 160 -28.19 38.41 28.52
C GLU F 160 -27.78 37.95 29.91
N TYR F 161 -28.32 36.82 30.36
CA TYR F 161 -27.78 36.22 31.57
C TYR F 161 -26.39 35.64 31.33
N ARG F 162 -26.20 34.97 30.19
CA ARG F 162 -24.90 34.41 29.88
C ARG F 162 -23.92 35.46 29.39
N LYS F 163 -24.40 36.65 29.04
CA LYS F 163 -23.53 37.71 28.55
C LYS F 163 -23.05 38.61 29.68
N TYR F 164 -23.92 38.92 30.63
CA TYR F 164 -23.58 39.92 31.63
C TYR F 164 -23.56 39.40 33.06
N ILE F 165 -24.54 38.60 33.46
CA ILE F 165 -24.67 38.27 34.87
C ILE F 165 -23.74 37.12 35.25
N GLU F 166 -23.72 36.06 34.44
CA GLU F 166 -22.85 34.93 34.71
C GLU F 166 -21.37 35.25 34.45
N LYS F 167 -21.08 36.25 33.62
CA LYS F 167 -19.71 36.66 33.32
C LYS F 167 -19.11 37.58 34.37
N ASP F 168 -19.68 37.61 35.57
CA ASP F 168 -19.12 38.37 36.67
C ASP F 168 -19.25 37.53 37.94
N ALA F 169 -18.10 37.16 38.51
CA ALA F 169 -18.08 36.38 39.74
C ALA F 169 -18.45 37.22 40.95
N ALA F 170 -18.43 38.54 40.82
CA ALA F 170 -18.92 39.45 41.85
C ALA F 170 -20.40 39.74 41.70
N LEU F 171 -21.07 39.02 40.80
CA LEU F 171 -22.47 39.23 40.45
C LEU F 171 -23.13 37.87 40.28
N GLU F 172 -22.45 36.82 40.73
CA GLU F 172 -23.00 35.47 40.61
C GLU F 172 -22.89 34.80 41.97
N ARG F 173 -22.10 35.41 42.85
CA ARG F 173 -22.07 34.91 44.25
C ARG F 173 -23.32 35.44 44.95
N ARG F 174 -24.13 36.26 44.25
CA ARG F 174 -25.32 36.88 44.89
C ARG F 174 -26.55 36.79 43.99
N PHE F 175 -26.35 36.59 42.68
CA PHE F 175 -27.50 36.57 41.74
C PHE F 175 -27.87 35.14 41.40
N GLN F 176 -28.98 34.66 41.95
CA GLN F 176 -29.46 33.31 41.70
C GLN F 176 -30.39 33.29 40.50
N PRO F 177 -30.08 32.53 39.46
CA PRO F 177 -30.96 32.44 38.31
C PRO F 177 -32.25 31.71 38.64
N VAL F 178 -33.37 32.31 38.24
CA VAL F 178 -34.69 31.71 38.39
C VAL F 178 -35.33 31.65 37.02
N GLN F 179 -35.71 30.45 36.61
CA GLN F 179 -36.27 30.23 35.28
C GLN F 179 -37.75 30.59 35.27
N VAL F 180 -38.12 31.46 34.35
CA VAL F 180 -39.53 31.70 34.03
C VAL F 180 -39.73 31.22 32.60
N GLY F 181 -40.32 30.06 32.44
CA GLY F 181 -40.46 29.47 31.13
C GLY F 181 -41.68 30.00 30.40
N GLU F 182 -41.65 29.80 29.10
CA GLU F 182 -42.80 30.09 28.25
C GLU F 182 -43.92 29.13 28.60
N PRO F 183 -45.14 29.63 28.78
CA PRO F 183 -46.25 28.74 29.10
C PRO F 183 -46.59 27.85 27.92
N THR F 184 -47.26 26.74 28.22
CA THR F 184 -47.83 25.91 27.17
C THR F 184 -49.04 26.63 26.57
N VAL F 185 -49.56 26.09 25.47
CA VAL F 185 -50.79 26.61 24.89
C VAL F 185 -51.95 26.44 25.88
N GLU F 186 -51.93 25.37 26.66
CA GLU F 186 -52.95 25.17 27.68
C GLU F 186 -52.81 26.20 28.80
N HIS F 187 -51.59 26.45 29.26
CA HIS F 187 -51.38 27.27 30.45
C HIS F 187 -51.68 28.73 30.19
N THR F 188 -51.42 29.22 28.98
CA THR F 188 -51.72 30.61 28.68
C THR F 188 -53.20 30.88 28.48
N ILE F 189 -54.05 29.85 28.39
CA ILE F 189 -55.48 30.09 28.33
C ILE F 189 -55.99 30.57 29.68
N GLU F 190 -55.53 29.96 30.77
CA GLU F 190 -55.93 30.43 32.09
C GLU F 190 -55.29 31.77 32.44
N ILE F 191 -54.17 32.10 31.81
CA ILE F 191 -53.68 33.48 31.88
C ILE F 191 -54.68 34.42 31.22
N LEU F 192 -55.18 34.04 30.04
CA LEU F 192 -56.17 34.87 29.35
C LEU F 192 -57.50 34.89 30.08
N LYS F 193 -57.90 33.77 30.70
CA LYS F 193 -59.16 33.77 31.43
C LYS F 193 -59.05 34.56 32.72
N GLY F 194 -57.85 34.68 33.28
CA GLY F 194 -57.66 35.48 34.46
C GLY F 194 -57.56 36.95 34.12
N LEU F 195 -57.00 37.24 32.95
CA LEU F 195 -56.92 38.59 32.42
C LEU F 195 -58.13 38.96 31.61
N ARG F 196 -59.17 38.12 31.62
CA ARG F 196 -60.36 38.38 30.82
C ARG F 196 -61.11 39.63 31.29
N ASP F 197 -61.27 39.77 32.61
CA ASP F 197 -62.05 40.88 33.14
C ASP F 197 -61.34 42.21 32.99
N ARG F 198 -60.01 42.21 32.83
CA ARG F 198 -59.30 43.45 32.56
C ARG F 198 -59.56 43.92 31.14
N TYR F 199 -59.46 43.02 30.16
CA TYR F 199 -59.65 43.40 28.77
C TYR F 199 -61.11 43.41 28.34
N GLU F 200 -62.00 42.70 29.03
CA GLU F 200 -63.42 42.93 28.82
C GLU F 200 -63.84 44.32 29.25
N ALA F 201 -63.36 44.77 30.40
CA ALA F 201 -63.77 46.06 30.93
C ALA F 201 -63.08 47.23 30.28
N HIS F 202 -61.90 47.00 29.69
CA HIS F 202 -61.20 48.11 29.04
C HIS F 202 -61.84 48.48 27.72
N HIS F 203 -62.43 47.51 27.02
CA HIS F 203 -63.05 47.76 25.73
C HIS F 203 -64.56 47.71 25.79
N ARG F 204 -65.14 47.35 26.94
CA ARG F 204 -66.59 47.21 27.16
C ARG F 204 -67.19 46.18 26.21
N VAL F 205 -66.39 45.18 25.85
CA VAL F 205 -66.79 44.12 24.94
C VAL F 205 -66.44 42.80 25.59
N SER F 206 -67.43 41.90 25.71
CA SER F 206 -67.18 40.59 26.29
C SER F 206 -66.39 39.72 25.34
N ILE F 207 -65.52 38.89 25.90
CA ILE F 207 -64.61 38.03 25.14
C ILE F 207 -64.92 36.59 25.51
N THR F 208 -65.19 35.77 24.51
CA THR F 208 -65.61 34.40 24.75
C THR F 208 -64.43 33.53 25.14
N ASP F 209 -64.74 32.40 25.77
CA ASP F 209 -63.71 31.44 26.13
C ASP F 209 -63.11 30.79 24.88
N ALA F 210 -63.94 30.62 23.86
CA ALA F 210 -63.46 30.03 22.59
C ALA F 210 -62.39 30.95 22.01
N ALA F 211 -62.62 32.27 22.08
CA ALA F 211 -61.65 33.20 21.52
C ALA F 211 -60.28 33.03 22.16
N MET F 212 -60.25 32.76 23.47
CA MET F 212 -59.01 32.61 24.19
C MET F 212 -58.33 31.29 23.89
N VAL F 213 -59.10 30.24 23.64
CA VAL F 213 -58.51 28.98 23.18
C VAL F 213 -57.95 29.18 21.78
N ALA F 214 -58.60 30.00 20.97
CA ALA F 214 -58.06 30.33 19.66
C ALA F 214 -56.85 31.23 19.77
N ALA F 215 -56.93 32.30 20.57
CA ALA F 215 -55.83 33.26 20.66
C ALA F 215 -54.59 32.71 21.33
N ALA F 216 -54.72 31.60 22.03
CA ALA F 216 -53.53 30.92 22.53
C ALA F 216 -52.96 29.96 21.50
N THR F 217 -53.83 29.19 20.84
CA THR F 217 -53.39 28.23 19.85
C THR F 217 -52.85 28.92 18.61
N LEU F 218 -53.55 29.93 18.13
CA LEU F 218 -53.16 30.59 16.89
C LEU F 218 -51.94 31.48 17.07
N ALA F 219 -51.71 31.98 18.28
CA ALA F 219 -50.54 32.83 18.50
C ALA F 219 -49.26 32.00 18.57
N ASP F 220 -49.32 30.81 19.15
CA ASP F 220 -48.15 29.94 19.13
C ASP F 220 -47.87 29.47 17.71
N ARG F 221 -48.92 29.20 16.94
CA ARG F 221 -48.76 28.60 15.62
C ARG F 221 -48.19 29.61 14.62
N TYR F 222 -48.60 30.87 14.70
CA TYR F 222 -48.28 31.80 13.65
C TYR F 222 -47.39 32.98 14.06
N ILE F 223 -47.23 33.24 15.34
CA ILE F 223 -46.31 34.27 15.80
C ILE F 223 -45.12 33.57 16.45
N ASN F 224 -43.94 33.78 15.89
CA ASN F 224 -42.80 32.97 16.32
C ASN F 224 -41.59 33.80 16.73
N ASP F 225 -41.70 35.12 16.69
CA ASP F 225 -40.70 35.97 17.31
C ASP F 225 -41.11 36.44 18.70
N ARG F 226 -42.41 36.33 19.00
CA ARG F 226 -42.90 36.75 20.33
C ARG F 226 -43.16 35.50 21.17
N PHE F 227 -43.45 35.67 22.46
CA PHE F 227 -43.56 34.47 23.34
C PHE F 227 -44.99 34.23 23.76
N LEU F 228 -45.27 33.05 24.29
CA LEU F 228 -46.65 32.62 24.61
C LEU F 228 -47.49 33.71 25.31
N PRO F 229 -47.28 34.03 26.60
CA PRO F 229 -48.21 34.93 27.31
C PRO F 229 -48.54 36.20 26.50
N ASP F 230 -47.54 37.00 26.15
CA ASP F 230 -47.79 38.29 25.45
C ASP F 230 -48.55 38.05 24.14
N LYS F 231 -47.94 37.32 23.20
CA LYS F 231 -48.58 37.07 21.88
C LYS F 231 -50.08 36.86 22.06
N ALA F 232 -50.49 35.95 22.94
CA ALA F 232 -51.90 35.61 23.09
C ALA F 232 -52.67 36.80 23.65
N ILE F 233 -52.05 37.54 24.56
CA ILE F 233 -52.66 38.75 25.10
C ILE F 233 -52.73 39.84 24.04
N ASP F 234 -51.74 39.89 23.14
CA ASP F 234 -51.75 40.88 22.07
C ASP F 234 -52.90 40.63 21.11
N LEU F 235 -53.30 39.38 20.91
CA LEU F 235 -54.45 39.12 20.07
C LEU F 235 -55.75 39.46 20.77
N ILE F 236 -55.84 39.20 22.07
CA ILE F 236 -57.04 39.52 22.83
C ILE F 236 -57.21 41.02 22.98
N ASP F 237 -56.10 41.74 23.24
CA ASP F 237 -56.15 43.18 23.41
C ASP F 237 -56.50 43.88 22.09
N GLU F 238 -55.97 43.38 20.98
CA GLU F 238 -56.17 44.05 19.71
C GLU F 238 -57.50 43.67 19.07
N ALA F 239 -58.01 42.47 19.35
CA ALA F 239 -59.34 42.13 18.85
C ALA F 239 -60.42 42.86 19.65
N GLY F 240 -60.19 43.05 20.95
CA GLY F 240 -61.08 43.88 21.71
C GLY F 240 -60.99 45.33 21.31
N ALA F 241 -59.81 45.76 20.87
CA ALA F 241 -59.67 47.12 20.37
C ALA F 241 -60.32 47.28 19.01
N ARG F 242 -60.22 46.25 18.17
CA ARG F 242 -60.84 46.27 16.85
C ARG F 242 -62.35 46.33 16.95
N MET F 243 -62.91 45.66 17.95
CA MET F 243 -64.36 45.67 18.14
C MET F 243 -64.84 47.04 18.63
N ARG F 244 -64.03 47.73 19.41
CA ARG F 244 -64.38 49.08 19.85
C ARG F 244 -64.29 50.07 18.70
N ILE F 245 -63.41 49.81 17.72
CA ILE F 245 -63.29 50.74 16.59
C ILE F 245 -64.49 50.64 15.67
N ARG F 246 -64.84 49.43 15.23
CA ARG F 246 -65.85 49.29 14.19
C ARG F 246 -67.27 49.44 14.71
N ARG F 247 -67.46 49.50 16.02
CA ARG F 247 -68.74 49.98 16.53
C ARG F 247 -68.79 51.50 16.57
N MET F 248 -67.67 52.17 16.30
CA MET F 248 -67.62 53.61 16.09
C MET F 248 -67.41 53.98 14.62
N THR F 249 -67.84 53.14 13.69
CA THR F 249 -67.67 53.43 12.28
C THR F 249 -68.93 53.04 11.51
N VAL F 309 -70.61 43.81 24.67
CA VAL F 309 -71.91 43.51 24.11
C VAL F 309 -71.73 42.94 22.70
N ALA F 310 -70.55 43.17 22.13
CA ALA F 310 -70.34 42.84 20.72
C ALA F 310 -69.45 41.62 20.49
N GLU F 311 -69.08 40.89 21.55
CA GLU F 311 -68.67 39.50 21.47
C GLU F 311 -67.44 39.18 20.61
N VAL F 312 -66.26 39.56 21.08
CA VAL F 312 -65.01 39.08 20.49
C VAL F 312 -65.00 37.56 20.48
N ASP F 313 -64.90 36.97 19.29
CA ASP F 313 -65.02 35.53 19.11
C ASP F 313 -63.72 34.97 18.56
N ASP F 314 -63.74 33.68 18.23
CA ASP F 314 -62.58 33.09 17.56
C ASP F 314 -62.48 33.51 16.11
N GLU F 315 -63.62 33.85 15.50
CA GLU F 315 -63.61 34.50 14.20
C GLU F 315 -62.88 35.84 14.25
N GLN F 316 -63.03 36.57 15.36
CA GLN F 316 -62.34 37.85 15.54
C GLN F 316 -60.84 37.70 15.72
N ILE F 317 -60.38 36.61 16.32
CA ILE F 317 -58.95 36.44 16.54
C ILE F 317 -58.24 36.14 15.23
N ALA F 318 -58.86 35.34 14.37
CA ALA F 318 -58.27 35.02 13.09
C ALA F 318 -58.27 36.22 12.15
N GLU F 319 -59.25 37.12 12.30
CA GLU F 319 -59.23 38.36 11.55
C GLU F 319 -58.08 39.25 11.99
N VAL F 320 -57.81 39.29 13.29
CA VAL F 320 -56.74 40.14 13.79
C VAL F 320 -55.38 39.53 13.49
N LEU F 321 -55.24 38.22 13.68
CA LEU F 321 -54.01 37.55 13.35
C LEU F 321 -53.79 37.48 11.84
N GLY F 322 -54.87 37.52 11.05
CA GLY F 322 -54.74 37.66 9.62
C GLY F 322 -54.17 39.00 9.19
N ASN F 323 -54.22 40.01 10.06
CA ASN F 323 -53.56 41.28 9.80
C ASN F 323 -52.17 41.34 10.40
N TRP F 324 -51.93 40.62 11.50
CA TRP F 324 -50.57 40.49 12.02
C TRP F 324 -49.66 39.81 11.00
N THR F 325 -49.96 38.56 10.69
CA THR F 325 -49.12 37.76 9.80
C THR F 325 -49.31 38.09 8.33
N GLY F 326 -50.48 38.60 7.96
CA GLY F 326 -50.75 38.86 6.56
C GLY F 326 -51.00 37.62 5.74
N ILE F 327 -51.52 36.56 6.35
CA ILE F 327 -51.82 35.34 5.62
C ILE F 327 -53.31 35.32 5.36
N PRO F 328 -53.79 34.61 4.34
CA PRO F 328 -55.24 34.43 4.19
C PRO F 328 -55.78 33.57 5.32
N VAL F 329 -57.04 33.80 5.68
CA VAL F 329 -57.63 33.14 6.83
C VAL F 329 -58.02 31.71 6.45
N PHE F 330 -57.21 30.74 6.89
CA PHE F 330 -57.55 29.33 6.83
C PHE F 330 -57.46 28.84 8.27
N LYS F 331 -57.69 29.78 9.19
CA LYS F 331 -57.57 29.53 10.61
C LYS F 331 -58.77 30.13 11.34
N THR F 337 -58.15 22.08 11.39
CA THR F 337 -56.84 21.67 10.84
C THR F 337 -56.91 20.21 10.42
N THR F 338 -57.60 19.37 11.19
CA THR F 338 -57.78 17.95 10.79
C THR F 338 -58.38 17.95 9.38
N ARG F 339 -59.35 18.84 9.14
CA ARG F 339 -59.96 18.93 7.78
C ARG F 339 -58.84 19.24 6.78
N LEU F 340 -58.01 20.24 7.05
CA LEU F 340 -56.86 20.52 6.16
C LEU F 340 -56.07 19.23 6.00
N LEU F 341 -55.67 18.61 7.12
CA LEU F 341 -54.85 17.37 7.08
C LEU F 341 -55.49 16.37 6.13
N ARG F 342 -56.79 16.51 5.84
CA ARG F 342 -57.45 15.61 4.85
C ARG F 342 -56.92 15.95 3.45
N MET F 343 -55.60 15.83 3.23
CA MET F 343 -55.01 16.18 1.91
C MET F 343 -55.21 15.04 0.91
N GLU F 344 -54.13 14.36 0.52
CA GLU F 344 -54.20 13.22 -0.45
C GLU F 344 -54.57 13.77 -1.83
N GLU F 345 -55.58 14.63 -1.89
CA GLU F 345 -55.94 15.28 -3.19
C GLU F 345 -55.73 16.77 -2.99
N GLU F 346 -55.79 17.24 -1.75
CA GLU F 346 -55.58 18.68 -1.44
C GLU F 346 -54.12 19.02 -1.78
N LEU F 347 -53.50 18.22 -2.64
CA LEU F 347 -52.10 18.49 -2.97
C LEU F 347 -51.92 18.06 -4.43
N HIS F 348 -50.66 17.78 -4.79
CA HIS F 348 -50.16 17.34 -6.09
C HIS F 348 -50.19 18.50 -7.08
N LYS F 349 -50.05 19.71 -6.54
CA LYS F 349 -49.81 20.88 -7.36
C LYS F 349 -48.38 20.88 -7.92
N ARG F 350 -47.41 20.48 -7.10
CA ARG F 350 -46.04 20.29 -7.56
C ARG F 350 -45.59 18.84 -7.56
N ILE F 351 -46.22 17.98 -6.79
CA ILE F 351 -45.91 16.55 -6.80
C ILE F 351 -46.67 15.91 -7.93
N ILE F 352 -45.97 15.34 -8.90
CA ILE F 352 -46.63 14.57 -9.95
C ILE F 352 -45.95 13.21 -10.02
N GLY F 353 -46.76 12.17 -10.11
CA GLY F 353 -46.29 10.83 -9.82
C GLY F 353 -46.05 10.65 -8.33
N GLN F 354 -45.30 9.61 -7.97
CA GLN F 354 -44.97 9.25 -6.58
C GLN F 354 -46.20 9.15 -5.69
N GLU F 355 -47.27 8.51 -6.19
CA GLU F 355 -48.60 8.71 -5.62
C GLU F 355 -48.78 7.94 -4.30
N ASP F 356 -48.10 6.80 -4.15
CA ASP F 356 -48.37 5.97 -3.00
C ASP F 356 -47.63 6.45 -1.76
N ALA F 357 -46.50 7.14 -1.93
CA ALA F 357 -45.81 7.71 -0.78
C ALA F 357 -46.57 8.90 -0.21
N VAL F 358 -47.33 9.59 -1.06
CA VAL F 358 -48.19 10.69 -0.60
C VAL F 358 -49.32 10.15 0.25
N LYS F 359 -49.92 9.03 -0.17
CA LYS F 359 -50.95 8.40 0.65
C LYS F 359 -50.37 7.75 1.89
N ALA F 360 -49.08 7.43 1.89
CA ALA F 360 -48.44 6.85 3.05
C ALA F 360 -48.10 7.88 4.11
N VAL F 361 -47.81 9.13 3.72
CA VAL F 361 -47.53 10.17 4.71
C VAL F 361 -48.78 10.86 5.20
N SER F 362 -49.97 10.41 4.79
CA SER F 362 -51.21 10.96 5.32
C SER F 362 -51.46 10.48 6.73
N LYS F 363 -51.50 9.16 6.91
CA LYS F 363 -51.83 8.58 8.20
C LYS F 363 -50.69 8.70 9.19
N ALA F 364 -49.48 9.04 8.73
CA ALA F 364 -48.34 9.17 9.64
C ALA F 364 -48.30 10.54 10.29
N ILE F 365 -48.57 11.60 9.52
CA ILE F 365 -48.66 12.95 10.08
C ILE F 365 -49.84 13.05 11.04
N ARG F 366 -50.94 12.39 10.72
CA ARG F 366 -52.13 12.42 11.56
C ARG F 366 -52.08 11.42 12.71
N ARG F 367 -50.93 10.78 12.96
CA ARG F 367 -50.74 10.10 14.23
C ARG F 367 -50.61 11.11 15.36
N THR F 368 -50.09 12.31 15.06
CA THR F 368 -49.93 13.34 16.08
C THR F 368 -51.28 13.89 16.52
N ARG F 369 -52.19 14.12 15.58
CA ARG F 369 -53.51 14.63 15.91
C ARG F 369 -54.40 13.60 16.58
N PRO F 375 -47.09 15.54 21.43
CA PRO F 375 -45.89 15.12 22.16
C PRO F 375 -44.72 16.10 21.97
N LYS F 376 -43.57 15.80 22.56
CA LYS F 376 -42.39 16.70 22.45
C LYS F 376 -41.59 16.34 21.19
N ARG F 377 -41.92 15.21 20.57
CA ARG F 377 -41.19 14.75 19.36
C ARG F 377 -41.83 15.39 18.13
N PRO F 378 -41.08 15.65 17.03
CA PRO F 378 -41.64 16.33 15.84
C PRO F 378 -42.95 15.77 15.30
N SER F 379 -43.63 16.56 14.47
CA SER F 379 -44.94 16.14 13.96
C SER F 379 -44.82 14.99 12.97
N GLY F 380 -43.65 14.83 12.35
CA GLY F 380 -43.44 13.73 11.44
C GLY F 380 -41.96 13.44 11.32
N SER F 381 -41.65 12.17 11.12
CA SER F 381 -40.27 11.73 10.89
C SER F 381 -40.28 10.77 9.71
N PHE F 382 -39.46 11.05 8.71
CA PHE F 382 -39.44 10.24 7.51
C PHE F 382 -38.03 10.08 6.99
N ILE F 383 -37.82 8.97 6.29
CA ILE F 383 -36.60 8.70 5.54
C ILE F 383 -37.01 8.58 4.09
N LYS F 392 -39.00 13.75 -4.33
CA LYS F 392 -38.74 13.67 -2.88
C LYS F 392 -38.49 15.08 -2.33
N THR F 393 -37.47 15.77 -2.85
CA THR F 393 -37.24 17.19 -2.43
C THR F 393 -38.54 17.96 -2.65
N GLU F 394 -39.12 17.85 -3.84
CA GLU F 394 -40.42 18.52 -4.10
C GLU F 394 -41.43 18.02 -3.06
N LEU F 395 -41.60 16.70 -2.93
CA LEU F 395 -42.50 16.18 -1.89
C LEU F 395 -42.38 17.08 -0.66
N SER F 396 -41.17 17.23 -0.14
CA SER F 396 -40.93 18.11 1.02
C SER F 396 -41.52 19.49 0.75
N LYS F 397 -41.07 20.16 -0.32
CA LYS F 397 -41.60 21.50 -0.66
C LYS F 397 -43.13 21.49 -0.50
N ALA F 398 -43.83 20.66 -1.26
CA ALA F 398 -45.28 20.61 -1.18
C ALA F 398 -45.77 20.19 0.19
N LEU F 399 -44.95 19.45 0.95
CA LEU F 399 -45.28 19.21 2.35
C LEU F 399 -45.10 20.47 3.18
N ALA F 400 -44.11 21.30 2.84
CA ALA F 400 -43.97 22.58 3.52
C ALA F 400 -45.08 23.55 3.16
N ASN F 401 -45.58 23.48 1.92
CA ASN F 401 -46.67 24.36 1.54
C ASN F 401 -47.98 23.91 2.18
N PHE F 402 -48.27 22.62 2.13
CA PHE F 402 -49.60 22.19 2.57
C PHE F 402 -49.71 22.15 4.08
N LEU F 403 -48.69 21.64 4.76
CA LEU F 403 -48.76 21.61 6.22
C LEU F 403 -48.48 22.98 6.81
N PHE F 404 -47.45 23.65 6.33
CA PHE F 404 -46.92 24.83 7.02
C PHE F 404 -47.05 26.10 6.20
N GLY F 405 -47.93 26.13 5.20
CA GLY F 405 -48.25 27.37 4.52
C GLY F 405 -47.27 27.77 3.44
N ASP F 406 -46.03 28.06 3.82
CA ASP F 406 -45.07 28.64 2.91
C ASP F 406 -44.29 27.57 2.17
N ASP F 407 -43.94 27.88 0.91
CA ASP F 407 -42.96 27.07 0.20
C ASP F 407 -41.59 27.19 0.84
N ASP F 408 -41.27 28.37 1.39
CA ASP F 408 -40.02 28.62 2.07
C ASP F 408 -40.08 28.29 3.55
N ALA F 409 -41.07 27.51 3.97
CA ALA F 409 -41.06 26.85 5.26
C ALA F 409 -40.30 25.54 5.24
N LEU F 410 -39.67 25.22 4.11
CA LEU F 410 -38.81 24.05 4.00
C LEU F 410 -37.38 24.46 4.28
N ILE F 411 -36.84 24.03 5.41
CA ILE F 411 -35.45 24.28 5.75
C ILE F 411 -34.62 23.14 5.17
N GLN F 412 -33.78 23.45 4.19
CA GLN F 412 -32.88 22.49 3.58
C GLN F 412 -31.51 22.62 4.21
N ILE F 413 -31.09 21.58 4.93
CA ILE F 413 -29.77 21.52 5.51
C ILE F 413 -29.01 20.43 4.76
N GLY F 441 -25.73 28.86 14.57
CA GLY F 441 -25.60 27.45 14.27
C GLY F 441 -26.04 27.15 12.86
N GLN F 442 -26.13 25.85 12.56
CA GLN F 442 -26.59 25.41 11.26
C GLN F 442 -28.05 25.00 11.23
N LEU F 443 -28.63 24.64 12.37
CA LEU F 443 -30.08 24.51 12.47
C LEU F 443 -30.58 25.08 13.78
N THR F 444 -29.72 25.74 14.54
CA THR F 444 -30.13 26.46 15.74
C THR F 444 -30.17 27.93 15.39
N GLU F 445 -31.14 28.64 15.99
CA GLU F 445 -31.47 30.04 15.69
C GLU F 445 -31.90 30.22 14.24
N LYS F 446 -32.41 29.15 13.62
CA LYS F 446 -33.12 29.25 12.36
C LYS F 446 -34.30 28.29 12.36
N VAL F 447 -34.45 27.52 13.43
CA VAL F 447 -35.71 26.88 13.79
C VAL F 447 -36.26 27.49 15.08
N ARG F 448 -35.41 28.17 15.85
CA ARG F 448 -35.89 29.13 16.84
C ARG F 448 -36.70 30.23 16.16
N ARG F 449 -36.31 30.62 14.95
CA ARG F 449 -37.05 31.63 14.21
C ARG F 449 -38.38 31.07 13.72
N LYS F 450 -38.36 29.87 13.14
CA LYS F 450 -39.57 29.24 12.61
C LYS F 450 -39.64 27.80 13.09
N PRO F 451 -40.34 27.52 14.20
CA PRO F 451 -40.41 26.15 14.70
C PRO F 451 -41.53 25.33 14.08
N PHE F 452 -42.07 25.83 12.98
CA PHE F 452 -43.17 25.19 12.28
C PHE F 452 -42.69 25.00 10.84
N SER F 453 -41.51 24.40 10.72
CA SER F 453 -40.86 24.22 9.43
C SER F 453 -40.61 22.73 9.22
N VAL F 454 -40.60 22.33 7.96
CA VAL F 454 -40.17 20.99 7.58
C VAL F 454 -38.66 21.04 7.41
N VAL F 455 -37.95 20.28 8.24
CA VAL F 455 -36.49 20.29 8.22
C VAL F 455 -36.06 19.15 7.30
N LEU F 456 -35.51 19.50 6.15
CA LEU F 456 -35.07 18.54 5.15
C LEU F 456 -33.56 18.35 5.23
N PHE F 457 -33.14 17.10 5.22
CA PHE F 457 -31.72 16.74 5.31
C PHE F 457 -31.26 16.21 3.96
N ASP F 458 -30.58 17.05 3.19
CA ASP F 458 -30.17 16.71 1.84
C ASP F 458 -28.94 15.81 1.87
N ALA F 459 -29.08 14.60 1.30
CA ALA F 459 -28.00 13.65 1.04
C ALA F 459 -27.27 13.26 2.32
N ILE F 460 -28.01 12.57 3.21
CA ILE F 460 -27.46 12.11 4.47
C ILE F 460 -26.45 10.97 4.29
N GLU F 461 -26.43 10.32 3.11
CA GLU F 461 -25.45 9.30 2.81
C GLU F 461 -24.03 9.85 2.79
N LYS F 462 -23.87 11.13 2.47
CA LYS F 462 -22.56 11.74 2.28
C LYS F 462 -22.11 12.50 3.52
N ALA F 463 -22.59 12.12 4.70
CA ALA F 463 -22.17 12.69 5.96
C ALA F 463 -21.94 11.58 6.96
N HIS F 464 -20.89 11.72 7.76
CA HIS F 464 -20.49 10.72 8.74
C HIS F 464 -21.18 10.97 10.08
N GLN F 465 -20.89 10.09 11.04
CA GLN F 465 -21.57 10.14 12.34
C GLN F 465 -20.96 11.26 13.18
N GLU F 466 -21.40 12.49 12.92
CA GLU F 466 -21.23 13.59 13.85
C GLU F 466 -22.53 14.38 13.80
N ILE F 467 -23.41 13.94 12.89
CA ILE F 467 -24.67 14.62 12.62
C ILE F 467 -25.76 13.93 13.41
N TYR F 468 -25.42 12.85 14.10
CA TYR F 468 -26.38 12.08 14.88
C TYR F 468 -26.41 12.57 16.32
N ASN F 469 -26.51 13.91 16.47
CA ASN F 469 -26.84 14.48 17.77
C ASN F 469 -27.86 15.61 17.66
N SER F 470 -28.15 16.12 16.46
CA SER F 470 -29.23 17.09 16.30
C SER F 470 -30.40 16.49 15.53
N LEU F 471 -30.41 15.18 15.34
CA LEU F 471 -31.56 14.47 14.77
C LEU F 471 -31.86 13.25 15.63
N LEU F 472 -31.02 13.03 16.63
CA LEU F 472 -31.10 11.82 17.43
C LEU F 472 -31.73 12.09 18.79
N GLN F 473 -31.20 13.06 19.51
CA GLN F 473 -31.76 13.44 20.80
C GLN F 473 -32.97 14.34 20.67
N VAL F 474 -33.38 14.67 19.45
CA VAL F 474 -34.58 15.48 19.24
C VAL F 474 -35.80 14.63 19.01
N LEU F 475 -35.63 13.34 18.74
CA LEU F 475 -36.73 12.39 18.77
C LEU F 475 -36.95 11.83 20.16
N GLU F 476 -36.02 12.09 21.07
CA GLU F 476 -36.14 11.69 22.46
C GLU F 476 -36.42 12.85 23.40
N ASP F 477 -35.97 14.06 23.06
CA ASP F 477 -36.31 15.24 23.86
C ASP F 477 -37.15 16.21 23.04
N GLY F 478 -36.66 16.60 21.86
CA GLY F 478 -37.31 17.64 21.10
C GLY F 478 -36.67 18.99 21.36
N ARG F 479 -35.67 18.99 22.25
CA ARG F 479 -35.00 20.21 22.66
C ARG F 479 -33.50 20.04 22.52
N LEU F 480 -32.82 21.06 22.03
CA LEU F 480 -31.36 21.08 21.96
C LEU F 480 -30.84 22.27 22.75
N THR F 481 -30.43 22.03 23.99
CA THR F 481 -29.59 23.00 24.67
C THR F 481 -28.22 23.01 23.99
N ASP F 482 -27.63 24.19 23.92
CA ASP F 482 -26.36 24.34 23.21
C ASP F 482 -25.59 25.51 23.81
N GLY F 483 -24.50 25.87 23.14
CA GLY F 483 -23.72 27.02 23.58
C GLY F 483 -24.22 28.33 23.01
N GLN F 484 -25.25 28.28 22.16
CA GLN F 484 -25.80 29.51 21.58
C GLN F 484 -26.53 30.33 22.62
N GLY F 485 -27.34 29.67 23.45
CA GLY F 485 -28.00 30.40 24.52
C GLY F 485 -29.51 30.25 24.54
N ARG F 486 -30.06 29.40 23.68
CA ARG F 486 -31.49 29.12 23.67
C ARG F 486 -31.71 27.64 23.42
N THR F 487 -32.83 27.11 23.95
CA THR F 487 -33.23 25.73 23.73
C THR F 487 -34.23 25.71 22.58
N VAL F 488 -33.80 25.20 21.43
CA VAL F 488 -34.63 25.21 20.23
C VAL F 488 -35.72 24.14 20.36
N ASP F 489 -36.90 24.45 19.85
CA ASP F 489 -38.08 23.63 20.02
C ASP F 489 -38.34 22.81 18.77
N PHE F 490 -38.20 21.49 18.88
CA PHE F 490 -38.58 20.57 17.81
C PHE F 490 -39.74 19.74 18.30
N LYS F 491 -40.95 20.27 18.18
CA LYS F 491 -42.13 19.51 18.57
C LYS F 491 -43.20 19.67 17.52
N ASN F 492 -42.96 20.57 16.57
CA ASN F 492 -43.91 20.85 15.52
C ASN F 492 -43.21 20.91 14.17
N THR F 493 -42.08 20.21 14.06
CA THR F 493 -41.38 20.11 12.79
C THR F 493 -41.76 18.79 12.13
N VAL F 494 -41.40 18.67 10.86
CA VAL F 494 -41.47 17.41 10.13
C VAL F 494 -40.04 17.11 9.71
N LEU F 495 -39.37 16.24 10.47
CA LEU F 495 -38.03 15.83 10.09
C LEU F 495 -38.10 14.87 8.91
N ILE F 496 -37.29 15.13 7.90
CA ILE F 496 -37.24 14.27 6.72
C ILE F 496 -35.77 14.03 6.37
N PHE F 497 -35.39 12.75 6.27
CA PHE F 497 -34.08 12.38 5.77
C PHE F 497 -34.20 12.06 4.29
N THR F 498 -33.27 12.56 3.49
CA THR F 498 -33.17 12.21 2.07
C THR F 498 -31.94 11.32 1.93
N SER F 499 -32.17 10.01 1.87
CA SER F 499 -31.06 9.08 1.76
C SER F 499 -30.82 8.70 0.31
N ASN F 500 -31.80 8.05 -0.31
CA ASN F 500 -31.61 7.51 -1.65
C ASN F 500 -32.32 8.39 -2.67
N LEU F 501 -31.65 8.60 -3.80
CA LEU F 501 -32.22 9.33 -4.93
C LEU F 501 -32.74 8.38 -6.00
N LEU F 512 -24.30 -12.44 -9.75
CA LEU F 512 -23.05 -12.51 -10.50
C LEU F 512 -23.19 -13.18 -11.86
N GLY F 513 -23.98 -14.25 -11.92
CA GLY F 513 -23.88 -15.20 -13.03
C GLY F 513 -25.16 -15.42 -13.81
N PHE F 514 -25.34 -16.66 -14.23
CA PHE F 514 -26.37 -17.07 -15.18
C PHE F 514 -27.77 -16.98 -14.57
N SER F 515 -28.73 -16.59 -15.42
CA SER F 515 -30.12 -16.45 -15.03
C SER F 515 -30.99 -16.92 -16.19
N LYS F 516 -32.27 -17.15 -15.88
CA LYS F 516 -33.19 -17.95 -16.70
C LYS F 516 -33.36 -17.41 -18.12
N MET F 526 -35.29 -2.64 -6.94
CA MET F 526 -36.48 -2.17 -6.25
C MET F 526 -37.69 -2.67 -7.03
N LYS F 527 -38.50 -3.48 -6.36
CA LYS F 527 -39.87 -3.70 -6.79
C LYS F 527 -40.77 -3.12 -5.71
N GLN F 528 -40.47 -3.47 -4.45
CA GLN F 528 -41.08 -2.84 -3.29
C GLN F 528 -40.06 -2.56 -2.19
N LYS F 529 -38.80 -2.94 -2.37
CA LYS F 529 -37.82 -2.93 -1.29
C LYS F 529 -36.74 -1.89 -1.52
N VAL F 530 -36.72 -0.88 -0.66
CA VAL F 530 -35.58 0.02 -0.51
C VAL F 530 -35.37 0.23 0.99
N ASN F 531 -36.35 -0.21 1.79
CA ASN F 531 -36.36 0.13 3.21
C ASN F 531 -35.32 -0.64 4.00
N ASP F 532 -34.88 -1.79 3.50
CA ASP F 532 -33.87 -2.56 4.20
C ASP F 532 -32.46 -1.98 4.04
N GLU F 533 -32.27 -1.07 3.09
CA GLU F 533 -30.96 -0.48 2.86
C GLU F 533 -30.52 0.37 4.05
N LEU F 534 -31.40 1.25 4.52
CA LEU F 534 -31.07 2.15 5.60
C LEU F 534 -31.09 1.48 6.96
N LYS F 535 -31.78 0.34 7.07
CA LYS F 535 -31.69 -0.49 8.26
C LYS F 535 -30.29 -1.07 8.42
N LYS F 536 -29.70 -1.50 7.31
CA LYS F 536 -28.32 -1.97 7.30
C LYS F 536 -27.31 -0.83 7.34
N HIS F 537 -27.70 0.36 6.90
CA HIS F 537 -26.79 1.50 6.90
C HIS F 537 -26.53 1.99 8.32
N PHE F 538 -27.56 2.46 9.00
CA PHE F 538 -27.44 2.84 10.40
C PHE F 538 -28.46 2.06 11.22
N ARG F 539 -28.16 1.89 12.51
CA ARG F 539 -28.83 0.99 13.45
C ARG F 539 -30.32 1.29 13.59
N PRO F 540 -31.16 0.24 13.70
CA PRO F 540 -32.58 0.42 14.05
C PRO F 540 -32.83 0.50 15.56
N GLU F 541 -31.98 1.23 16.26
CA GLU F 541 -32.20 1.57 17.66
C GLU F 541 -32.99 2.86 17.78
N PHE F 542 -33.19 3.56 16.66
CA PHE F 542 -34.15 4.66 16.63
C PHE F 542 -34.97 4.68 15.35
N LEU F 543 -34.97 3.60 14.55
CA LEU F 543 -35.89 3.48 13.43
C LEU F 543 -37.30 3.10 13.86
N ASN F 544 -37.46 2.56 15.06
CA ASN F 544 -38.78 2.49 15.69
C ASN F 544 -39.13 3.79 16.40
N ARG F 545 -38.23 4.77 16.36
CA ARG F 545 -38.49 6.10 16.86
C ARG F 545 -38.72 7.07 15.70
N ILE F 546 -38.24 6.75 14.51
CA ILE F 546 -38.73 7.33 13.26
C ILE F 546 -40.19 6.97 13.13
N ASP F 547 -41.01 7.93 12.73
CA ASP F 547 -42.45 7.75 12.57
C ASP F 547 -42.76 6.71 11.52
N ASP F 548 -42.29 6.92 10.29
CA ASP F 548 -42.57 6.01 9.21
C ASP F 548 -41.42 6.03 8.22
N ILE F 549 -40.93 4.85 7.87
CA ILE F 549 -39.97 4.70 6.78
C ILE F 549 -40.76 4.33 5.55
N ILE F 550 -40.97 5.29 4.65
CA ILE F 550 -41.78 5.07 3.46
C ILE F 550 -40.86 4.84 2.27
N VAL F 551 -41.36 4.10 1.29
CA VAL F 551 -40.61 3.80 0.10
C VAL F 551 -41.15 4.67 -1.03
N PHE F 552 -40.34 4.87 -2.06
CA PHE F 552 -40.78 5.56 -3.26
C PHE F 552 -40.80 4.59 -4.41
N HIS F 553 -41.81 4.70 -5.26
CA HIS F 553 -41.97 3.77 -6.35
C HIS F 553 -41.26 4.26 -7.59
N GLN F 554 -41.22 3.39 -8.60
CA GLN F 554 -40.39 3.62 -9.77
C GLN F 554 -40.97 4.70 -10.66
N LEU F 555 -40.15 5.15 -11.61
CA LEU F 555 -40.59 6.15 -12.58
C LEU F 555 -41.41 5.51 -13.68
N THR F 556 -42.44 6.22 -14.12
CA THR F 556 -43.33 5.77 -15.19
C THR F 556 -43.09 6.65 -16.41
N ARG F 557 -43.21 6.05 -17.59
CA ARG F 557 -43.10 6.81 -18.84
C ARG F 557 -44.18 7.88 -18.94
N GLU F 558 -45.38 7.61 -18.44
CA GLU F 558 -46.41 8.62 -18.41
C GLU F 558 -46.12 9.67 -17.35
N GLU F 559 -45.43 9.28 -16.27
CA GLU F 559 -45.08 10.21 -15.20
C GLU F 559 -44.10 11.27 -15.69
N ILE F 560 -43.16 10.89 -16.55
CA ILE F 560 -42.19 11.85 -17.06
C ILE F 560 -42.84 12.79 -18.07
N ILE F 561 -43.80 12.30 -18.85
CA ILE F 561 -44.55 13.16 -19.76
C ILE F 561 -45.37 14.17 -18.96
N ARG F 562 -45.87 13.76 -17.80
CA ARG F 562 -46.53 14.69 -16.90
C ARG F 562 -45.54 15.65 -16.24
N MET F 563 -44.25 15.35 -16.26
CA MET F 563 -43.25 16.31 -15.81
C MET F 563 -42.78 17.24 -16.92
N VAL F 564 -42.97 16.86 -18.18
CA VAL F 564 -42.55 17.70 -19.29
C VAL F 564 -43.49 18.88 -19.45
N ASP F 565 -44.80 18.63 -19.43
CA ASP F 565 -45.74 19.74 -19.52
C ASP F 565 -45.84 20.55 -18.23
N LEU F 566 -45.23 20.08 -17.14
CA LEU F 566 -45.08 20.90 -15.95
C LEU F 566 -43.95 21.89 -16.10
N MET F 567 -42.83 21.47 -16.68
CA MET F 567 -41.70 22.36 -16.90
C MET F 567 -41.87 23.26 -18.11
N ILE F 568 -42.86 22.98 -18.97
CA ILE F 568 -43.14 23.92 -20.05
C ILE F 568 -43.97 25.09 -19.56
N SER F 569 -44.56 24.98 -18.36
CA SER F 569 -45.32 26.08 -17.79
C SER F 569 -44.41 27.18 -17.26
N ARG F 570 -43.17 26.84 -16.93
CA ARG F 570 -42.19 27.85 -16.53
C ARG F 570 -41.86 28.80 -17.68
N VAL F 571 -41.91 28.30 -18.91
CA VAL F 571 -41.53 29.09 -20.08
C VAL F 571 -42.73 29.51 -20.92
N ALA F 572 -43.88 28.88 -20.76
CA ALA F 572 -45.07 29.34 -21.49
C ALA F 572 -45.56 30.66 -20.93
N GLY F 573 -45.39 30.87 -19.62
CA GLY F 573 -45.76 32.15 -19.04
C GLY F 573 -44.85 33.27 -19.47
N GLN F 574 -43.59 32.97 -19.74
CA GLN F 574 -42.66 33.95 -20.27
C GLN F 574 -42.96 34.27 -21.73
N LEU F 575 -43.69 33.42 -22.43
CA LEU F 575 -44.11 33.73 -23.78
C LEU F 575 -45.47 34.41 -23.84
N LYS F 576 -46.34 34.16 -22.86
CA LYS F 576 -47.58 34.90 -22.78
C LYS F 576 -47.36 36.35 -22.37
N SER F 577 -46.22 36.64 -21.75
CA SER F 577 -45.78 38.03 -21.57
C SER F 577 -45.38 38.69 -22.87
N LYS F 578 -45.13 37.92 -23.91
CA LYS F 578 -44.84 38.43 -25.24
C LYS F 578 -46.03 38.37 -26.17
N ASP F 579 -47.19 37.92 -25.67
CA ASP F 579 -48.36 37.52 -26.45
C ASP F 579 -47.94 36.46 -27.49
N MET F 580 -47.39 35.38 -26.96
CA MET F 580 -47.09 34.18 -27.72
C MET F 580 -47.75 32.99 -27.02
N ALA F 581 -47.95 31.92 -27.76
CA ALA F 581 -48.54 30.72 -27.21
C ALA F 581 -47.70 29.53 -27.63
N LEU F 582 -47.37 28.67 -26.67
CA LEU F 582 -46.47 27.54 -26.87
C LEU F 582 -47.26 26.25 -26.67
N VAL F 583 -47.84 25.76 -27.76
CA VAL F 583 -48.47 24.45 -27.72
C VAL F 583 -47.47 23.41 -28.18
N LEU F 584 -47.63 22.19 -27.70
CA LEU F 584 -46.73 21.10 -28.04
C LEU F 584 -47.55 19.92 -28.54
N THR F 585 -46.86 18.91 -29.04
CA THR F 585 -47.48 17.68 -29.49
C THR F 585 -47.06 16.53 -28.57
N ASP F 586 -47.82 15.45 -28.64
CA ASP F 586 -47.48 14.22 -27.91
C ASP F 586 -46.15 13.65 -28.35
N ALA F 587 -45.79 13.82 -29.63
CA ALA F 587 -44.49 13.36 -30.10
C ALA F 587 -43.36 14.17 -29.47
N ALA F 588 -43.50 15.50 -29.46
CA ALA F 588 -42.47 16.36 -28.89
C ALA F 588 -42.36 16.21 -27.37
N LYS F 589 -43.49 15.99 -26.71
CA LYS F 589 -43.46 15.78 -25.26
C LYS F 589 -42.88 14.41 -24.91
N ALA F 590 -43.05 13.43 -25.79
CA ALA F 590 -42.43 12.13 -25.55
C ALA F 590 -40.94 12.13 -25.84
N LEU F 591 -40.47 13.01 -26.73
CA LEU F 591 -39.04 13.13 -26.99
C LEU F 591 -38.31 13.70 -25.79
N LEU F 592 -38.83 14.79 -25.23
CA LEU F 592 -38.27 15.38 -24.02
C LEU F 592 -38.40 14.46 -22.82
N ALA F 593 -39.40 13.59 -22.79
CA ALA F 593 -39.47 12.56 -21.77
C ALA F 593 -38.42 11.49 -22.01
N LYS F 594 -38.11 11.22 -23.28
CA LYS F 594 -37.15 10.19 -23.62
C LYS F 594 -35.71 10.63 -23.36
N ARG F 595 -35.46 11.93 -23.33
CA ARG F 595 -34.11 12.46 -23.19
C ARG F 595 -33.98 13.10 -21.81
N GLY F 596 -32.97 12.68 -21.05
CA GLY F 596 -32.71 13.28 -19.76
C GLY F 596 -33.74 12.96 -18.68
N PHE F 597 -33.77 11.71 -18.23
CA PHE F 597 -34.75 11.30 -17.23
C PHE F 597 -34.14 10.41 -16.16
N ASP F 598 -32.82 10.20 -16.22
CA ASP F 598 -32.10 9.06 -15.65
C ASP F 598 -32.34 8.81 -14.16
N PRO F 599 -32.80 7.61 -13.80
CA PRO F 599 -33.23 7.33 -12.41
C PRO F 599 -32.12 7.31 -11.39
N VAL F 600 -30.86 7.22 -11.82
CA VAL F 600 -29.75 7.47 -10.92
C VAL F 600 -29.72 8.93 -10.48
N LEU F 601 -30.08 9.86 -11.36
CA LEU F 601 -30.12 11.28 -11.04
C LEU F 601 -31.56 11.76 -10.88
N GLY F 602 -32.48 10.85 -10.60
CA GLY F 602 -33.89 11.18 -10.44
C GLY F 602 -34.53 11.68 -11.72
N ALA F 603 -34.90 12.96 -11.74
CA ALA F 603 -35.31 13.59 -12.99
C ALA F 603 -34.68 14.97 -13.15
N ARG F 604 -33.54 15.20 -12.51
CA ARG F 604 -32.83 16.49 -12.67
C ARG F 604 -32.54 16.77 -14.15
N PRO F 605 -31.97 15.83 -14.92
CA PRO F 605 -31.59 16.09 -16.32
C PRO F 605 -32.72 16.64 -17.19
N LEU F 606 -33.94 16.71 -16.66
CA LEU F 606 -35.06 17.12 -17.50
C LEU F 606 -35.11 18.63 -17.66
N ARG F 607 -34.68 19.38 -16.63
CA ARG F 607 -34.68 20.83 -16.71
C ARG F 607 -33.68 21.34 -17.75
N ARG F 608 -32.54 20.65 -17.88
CA ARG F 608 -31.61 20.96 -18.95
C ARG F 608 -32.19 20.63 -20.31
N THR F 609 -32.88 19.48 -20.40
CA THR F 609 -33.33 18.98 -21.70
C THR F 609 -34.42 19.87 -22.29
N ILE F 610 -35.26 20.46 -21.44
CA ILE F 610 -36.23 21.42 -21.90
C ILE F 610 -35.54 22.65 -22.48
N GLN F 611 -34.56 23.21 -21.76
CA GLN F 611 -34.03 24.48 -22.21
C GLN F 611 -32.95 24.35 -23.26
N ARG F 612 -32.27 23.20 -23.35
CA ARG F 612 -31.29 23.04 -24.42
C ARG F 612 -31.97 22.82 -25.76
N GLU F 613 -33.15 22.20 -25.74
CA GLU F 613 -33.80 21.78 -26.97
C GLU F 613 -34.92 22.72 -27.38
N ILE F 614 -35.77 23.14 -26.44
CA ILE F 614 -36.83 24.08 -26.78
C ILE F 614 -36.27 25.50 -26.72
N GLU F 615 -35.82 25.90 -25.53
CA GLU F 615 -35.62 27.32 -25.22
C GLU F 615 -34.40 27.91 -25.90
N ASP F 616 -33.35 27.13 -26.13
CA ASP F 616 -32.23 27.67 -26.91
C ASP F 616 -32.61 27.87 -28.36
N GLN F 617 -33.49 27.02 -28.89
CA GLN F 617 -33.97 27.19 -30.25
C GLN F 617 -35.20 28.07 -30.31
N LEU F 618 -35.82 28.36 -29.16
CA LEU F 618 -36.91 29.31 -29.16
C LEU F 618 -36.39 30.72 -28.89
N SER F 619 -35.22 30.83 -28.24
CA SER F 619 -34.66 32.16 -28.01
C SER F 619 -34.13 32.75 -29.30
N GLU F 620 -33.70 31.90 -30.23
CA GLU F 620 -33.14 32.42 -31.46
C GLU F 620 -34.24 32.90 -32.41
N LYS F 621 -35.36 32.17 -32.47
CA LYS F 621 -36.42 32.48 -33.44
C LYS F 621 -37.17 33.75 -33.06
N ILE F 622 -37.15 34.13 -31.78
CA ILE F 622 -37.62 35.45 -31.40
C ILE F 622 -36.66 36.52 -31.92
N LEU F 623 -35.36 36.27 -31.80
CA LEU F 623 -34.37 37.22 -32.28
C LEU F 623 -34.22 37.18 -33.80
N PHE F 624 -34.39 36.01 -34.42
CA PHE F 624 -34.54 35.95 -35.88
C PHE F 624 -35.86 36.55 -36.35
N GLU F 625 -36.82 36.72 -35.44
CA GLU F 625 -38.17 37.25 -35.70
C GLU F 625 -38.93 36.38 -36.69
N GLU F 626 -38.68 35.06 -36.67
CA GLU F 626 -39.63 34.16 -37.29
C GLU F 626 -40.93 34.13 -36.50
N VAL F 627 -40.83 34.22 -35.18
CA VAL F 627 -41.98 34.28 -34.29
C VAL F 627 -42.01 35.63 -33.60
N GLY F 628 -43.10 36.36 -33.79
CA GLY F 628 -43.30 37.61 -33.10
C GLY F 628 -44.49 37.54 -32.16
N PRO F 629 -44.95 38.69 -31.66
CA PRO F 629 -46.15 38.70 -30.83
C PRO F 629 -47.41 38.36 -31.62
N GLY F 630 -48.37 37.70 -30.96
CA GLY F 630 -49.56 37.26 -31.64
C GLY F 630 -49.28 36.10 -32.57
N GLN F 631 -48.67 35.05 -32.02
CA GLN F 631 -48.26 33.89 -32.81
C GLN F 631 -48.42 32.65 -31.94
N VAL F 632 -48.95 31.59 -32.53
CA VAL F 632 -49.05 30.30 -31.89
C VAL F 632 -47.85 29.47 -32.32
N VAL F 633 -47.09 28.98 -31.35
CA VAL F 633 -45.89 28.18 -31.61
C VAL F 633 -46.21 26.73 -31.32
N THR F 634 -46.09 25.88 -32.34
CA THR F 634 -46.42 24.47 -32.24
C THR F 634 -45.16 23.62 -32.48
N VAL F 635 -44.48 23.29 -31.40
CA VAL F 635 -43.32 22.41 -31.46
C VAL F 635 -43.74 20.98 -31.74
N ASP F 636 -43.35 20.45 -32.89
CA ASP F 636 -43.70 19.08 -33.25
C ASP F 636 -42.46 18.31 -33.66
N VAL F 637 -42.71 17.14 -34.25
CA VAL F 637 -41.71 16.19 -34.76
C VAL F 637 -40.83 15.66 -33.64
N ALA F 649 -34.94 12.60 -34.92
CA ALA F 649 -35.95 13.63 -34.83
C ALA F 649 -35.31 14.94 -34.40
N VAL F 650 -35.88 16.03 -34.90
CA VAL F 650 -35.42 17.37 -34.56
C VAL F 650 -36.66 18.23 -34.33
N PHE F 651 -36.55 19.19 -33.42
CA PHE F 651 -37.65 20.07 -33.09
C PHE F 651 -37.74 21.17 -34.13
N THR F 652 -38.92 21.32 -34.72
CA THR F 652 -39.19 22.44 -35.61
C THR F 652 -40.56 22.98 -35.26
N PHE F 653 -40.81 24.22 -35.67
CA PHE F 653 -42.11 24.82 -35.43
C PHE F 653 -42.34 25.96 -36.41
N THR F 654 -43.46 26.66 -36.18
CA THR F 654 -43.84 27.80 -37.01
C THR F 654 -43.43 29.10 -36.35
N ASN G 1 1.43 -6.19 -11.37
CA ASN G 1 1.37 -7.52 -11.98
C ASN G 1 0.62 -7.43 -13.31
N PRO G 2 1.27 -7.73 -14.43
CA PRO G 2 0.72 -7.33 -15.73
C PRO G 2 -0.53 -8.08 -16.16
N TYR G 3 -0.79 -9.27 -15.62
CA TYR G 3 -2.05 -9.92 -15.94
C TYR G 3 -3.20 -9.34 -15.13
N ASN G 4 -2.92 -8.85 -13.92
CA ASN G 4 -3.95 -8.15 -13.16
C ASN G 4 -4.34 -6.85 -13.83
N LYS G 5 -3.37 -6.12 -14.36
CA LYS G 5 -3.68 -4.82 -14.97
C LYS G 5 -4.34 -4.96 -16.32
N LEU G 6 -4.15 -6.11 -16.99
CA LEU G 6 -5.01 -6.44 -18.12
C LEU G 6 -6.44 -6.64 -17.65
N PHE G 7 -6.62 -7.43 -16.60
CA PHE G 7 -7.95 -7.78 -16.12
C PHE G 7 -8.65 -6.59 -15.46
N GLU G 8 -7.89 -5.68 -14.85
CA GLU G 8 -8.49 -4.47 -14.30
C GLU G 8 -8.94 -3.53 -15.41
N GLU G 9 -8.27 -3.57 -16.56
CA GLU G 9 -8.71 -2.84 -17.74
C GLU G 9 -9.57 -3.70 -18.65
N ARG G 10 -10.17 -4.76 -18.11
CA ARG G 10 -11.17 -5.61 -18.76
C ARG G 10 -10.59 -6.31 -19.99
N ILE G 11 -9.42 -6.91 -19.82
CA ILE G 11 -8.80 -7.71 -20.87
C ILE G 11 -8.58 -9.11 -20.33
N ILE G 12 -9.31 -10.06 -20.88
CA ILE G 12 -9.11 -11.48 -20.60
C ILE G 12 -8.05 -12.00 -21.55
N PHE G 13 -7.03 -12.62 -21.00
CA PHE G 13 -5.92 -13.08 -21.78
C PHE G 13 -6.03 -14.60 -21.89
N LEU G 14 -6.29 -15.10 -23.10
CA LEU G 14 -6.42 -16.55 -23.26
C LEU G 14 -5.06 -17.23 -23.15
N GLY G 15 -4.16 -16.96 -24.09
CA GLY G 15 -2.76 -17.28 -23.93
C GLY G 15 -2.34 -18.71 -24.13
N VAL G 16 -2.96 -19.65 -23.41
CA VAL G 16 -2.47 -21.02 -23.36
C VAL G 16 -3.40 -21.93 -24.13
N GLN G 17 -2.99 -23.20 -24.26
CA GLN G 17 -3.79 -24.32 -24.75
C GLN G 17 -5.18 -24.34 -24.14
N VAL G 18 -6.20 -24.30 -24.98
CA VAL G 18 -7.58 -24.37 -24.51
C VAL G 18 -7.83 -25.79 -24.03
N ASP G 19 -7.84 -25.97 -22.72
CA ASP G 19 -8.26 -27.21 -22.11
C ASP G 19 -9.34 -26.86 -21.10
N ASP G 20 -9.68 -27.81 -20.22
CA ASP G 20 -10.67 -27.55 -19.19
C ASP G 20 -10.24 -26.39 -18.28
N ALA G 21 -9.03 -26.47 -17.72
CA ALA G 21 -8.56 -25.50 -16.74
C ALA G 21 -8.39 -24.11 -17.36
N SER G 22 -8.01 -24.03 -18.63
CA SER G 22 -7.98 -22.73 -19.29
C SER G 22 -9.38 -22.21 -19.57
N ALA G 23 -10.31 -23.11 -19.91
CA ALA G 23 -11.68 -22.69 -20.11
C ALA G 23 -12.32 -22.26 -18.81
N ASN G 24 -11.96 -22.93 -17.71
CA ASN G 24 -12.52 -22.59 -16.40
C ASN G 24 -12.09 -21.21 -15.94
N ASP G 25 -10.87 -20.79 -16.30
CA ASP G 25 -10.37 -19.49 -15.89
C ASP G 25 -11.08 -18.37 -16.63
N ILE G 26 -11.35 -18.57 -17.92
CA ILE G 26 -11.89 -17.51 -18.75
C ILE G 26 -13.36 -17.28 -18.43
N MET G 27 -14.12 -18.35 -18.20
CA MET G 27 -15.52 -18.21 -17.81
C MET G 27 -15.65 -17.57 -16.44
N ALA G 28 -14.69 -17.83 -15.55
CA ALA G 28 -14.63 -17.08 -14.30
C ALA G 28 -14.33 -15.61 -14.55
N GLN G 29 -13.52 -15.31 -15.57
CA GLN G 29 -13.16 -13.93 -15.88
C GLN G 29 -14.21 -13.24 -16.75
N LEU G 30 -14.93 -13.98 -17.60
CA LEU G 30 -15.96 -13.39 -18.43
C LEU G 30 -17.15 -12.93 -17.60
N LEU G 31 -17.43 -13.63 -16.50
CA LEU G 31 -18.60 -13.31 -15.70
C LEU G 31 -18.31 -12.26 -14.64
N VAL G 32 -17.07 -12.20 -14.16
CA VAL G 32 -16.69 -11.13 -13.25
C VAL G 32 -16.68 -9.78 -13.95
N LEU G 33 -16.11 -9.73 -15.15
CA LEU G 33 -16.17 -8.51 -15.94
C LEU G 33 -17.57 -8.23 -16.45
N GLU G 34 -18.41 -9.25 -16.56
CA GLU G 34 -19.84 -9.00 -16.75
C GLU G 34 -20.47 -8.33 -15.55
N SER G 35 -20.06 -8.73 -14.34
CA SER G 35 -20.66 -8.16 -13.14
C SER G 35 -20.06 -6.82 -12.76
N LEU G 36 -18.81 -6.55 -13.16
CA LEU G 36 -18.20 -5.26 -12.85
C LEU G 36 -18.82 -4.14 -13.67
N ASP G 37 -18.94 -4.34 -14.98
CA ASP G 37 -19.60 -3.38 -15.86
C ASP G 37 -20.14 -4.14 -17.06
N PRO G 38 -21.43 -4.45 -17.09
CA PRO G 38 -21.98 -5.23 -18.21
C PRO G 38 -22.13 -4.45 -19.50
N ASP G 39 -21.93 -3.13 -19.49
CA ASP G 39 -22.08 -2.30 -20.67
C ASP G 39 -20.74 -1.87 -21.23
N ARG G 40 -19.64 -2.25 -20.60
CA ARG G 40 -18.31 -1.91 -21.07
C ARG G 40 -17.66 -3.15 -21.65
N ASP G 41 -16.97 -2.96 -22.78
CA ASP G 41 -16.56 -4.07 -23.63
C ASP G 41 -15.43 -4.88 -23.00
N ILE G 42 -15.61 -6.18 -22.91
CA ILE G 42 -14.55 -7.10 -22.53
C ILE G 42 -13.66 -7.32 -23.75
N THR G 43 -12.35 -7.26 -23.55
CA THR G 43 -11.43 -7.57 -24.62
C THR G 43 -10.82 -8.94 -24.34
N MET G 44 -10.76 -9.78 -25.37
CA MET G 44 -10.20 -11.12 -25.21
C MET G 44 -8.98 -11.25 -26.11
N TYR G 45 -7.81 -11.40 -25.50
CA TYR G 45 -6.57 -11.59 -26.25
C TYR G 45 -6.35 -13.07 -26.47
N ILE G 46 -6.10 -13.45 -27.73
CA ILE G 46 -6.02 -14.85 -28.10
C ILE G 46 -4.65 -15.12 -28.71
N ASN G 47 -3.85 -15.93 -28.04
CA ASN G 47 -2.59 -16.47 -28.55
C ASN G 47 -2.58 -17.98 -28.31
N SER G 48 -3.65 -18.63 -28.68
CA SER G 48 -3.78 -19.99 -28.26
C SER G 48 -3.60 -20.97 -29.41
N PRO G 49 -3.02 -22.15 -29.15
CA PRO G 49 -3.01 -23.21 -30.17
C PRO G 49 -4.31 -24.00 -30.24
N GLY G 50 -5.32 -23.64 -29.47
CA GLY G 50 -6.60 -24.30 -29.57
C GLY G 50 -6.69 -25.54 -28.71
N GLY G 51 -7.45 -26.51 -29.19
CA GLY G 51 -7.66 -27.76 -28.49
C GLY G 51 -8.94 -27.72 -27.70
N GLY G 52 -9.58 -28.88 -27.58
CA GLY G 52 -10.79 -28.98 -26.79
C GLY G 52 -12.00 -28.47 -27.52
N PHE G 53 -13.07 -29.25 -27.55
CA PHE G 53 -14.30 -28.74 -28.11
C PHE G 53 -15.31 -28.36 -27.04
N THR G 54 -15.39 -29.15 -25.96
CA THR G 54 -16.24 -28.76 -24.85
C THR G 54 -15.65 -27.61 -24.08
N SER G 55 -14.32 -27.47 -24.11
CA SER G 55 -13.67 -26.30 -23.54
C SER G 55 -13.82 -25.09 -24.45
N LEU G 56 -13.82 -25.31 -25.77
CA LEU G 56 -14.22 -24.29 -26.72
C LEU G 56 -15.62 -23.78 -26.45
N MET G 57 -16.60 -24.67 -26.45
CA MET G 57 -17.99 -24.27 -26.31
C MET G 57 -18.35 -23.85 -24.89
N ALA G 58 -17.45 -24.06 -23.93
CA ALA G 58 -17.60 -23.43 -22.63
C ALA G 58 -17.19 -21.97 -22.69
N ILE G 59 -16.06 -21.68 -23.31
CA ILE G 59 -15.64 -20.30 -23.50
C ILE G 59 -16.57 -19.59 -24.48
N TYR G 60 -16.98 -20.30 -25.54
CA TYR G 60 -17.80 -19.71 -26.60
C TYR G 60 -19.16 -19.26 -26.06
N ASP G 61 -19.83 -20.13 -25.31
CA ASP G 61 -21.16 -19.79 -24.82
C ASP G 61 -21.10 -18.70 -23.77
N THR G 62 -20.04 -18.67 -22.96
CA THR G 62 -19.93 -17.67 -21.92
C THR G 62 -19.64 -16.29 -22.50
N MET G 63 -18.78 -16.21 -23.51
CA MET G 63 -18.53 -14.94 -24.17
C MET G 63 -19.69 -14.54 -25.08
N GLN G 64 -20.55 -15.46 -25.45
CA GLN G 64 -21.82 -15.10 -26.06
C GLN G 64 -22.90 -14.78 -25.04
N TYR G 65 -22.77 -15.30 -23.81
CA TYR G 65 -23.79 -15.07 -22.79
C TYR G 65 -23.76 -13.65 -22.27
N VAL G 66 -22.57 -13.12 -22.03
CA VAL G 66 -22.44 -11.91 -21.22
C VAL G 66 -22.98 -10.70 -21.97
N ARG G 67 -23.44 -9.70 -21.20
CA ARG G 67 -24.00 -8.50 -21.80
C ARG G 67 -22.93 -7.69 -22.53
N ALA G 68 -21.69 -7.81 -22.08
CA ALA G 68 -20.61 -7.03 -22.65
C ALA G 68 -20.21 -7.56 -24.02
N ASP G 69 -19.85 -6.63 -24.91
CA ASP G 69 -19.29 -7.00 -26.19
C ASP G 69 -17.90 -7.58 -25.96
N ILE G 70 -17.59 -8.64 -26.70
CA ILE G 70 -16.27 -9.24 -26.59
C ILE G 70 -15.45 -8.78 -27.77
N GLN G 71 -14.37 -8.08 -27.49
CA GLN G 71 -13.39 -7.66 -28.47
C GLN G 71 -12.33 -8.74 -28.51
N THR G 72 -12.34 -9.56 -29.55
CA THR G 72 -11.34 -10.60 -29.71
C THR G 72 -10.18 -10.05 -30.52
N VAL G 73 -8.98 -10.19 -29.99
CA VAL G 73 -7.76 -9.73 -30.62
C VAL G 73 -6.84 -10.94 -30.74
N CYS G 74 -6.50 -11.31 -31.97
CA CYS G 74 -5.55 -12.40 -32.18
C CYS G 74 -4.14 -11.83 -32.17
N LEU G 75 -3.27 -12.45 -31.37
CA LEU G 75 -1.94 -11.89 -31.14
C LEU G 75 -0.92 -12.51 -32.09
N GLY G 76 -0.71 -13.81 -31.98
CA GLY G 76 0.20 -14.46 -32.90
C GLY G 76 -0.38 -15.73 -33.48
N GLN G 77 -1.44 -16.25 -32.86
CA GLN G 77 -1.98 -17.54 -33.25
C GLN G 77 -3.40 -17.65 -32.72
N ALA G 78 -4.31 -18.10 -33.58
CA ALA G 78 -5.69 -18.40 -33.14
C ALA G 78 -5.99 -19.72 -33.86
N ALA G 79 -5.49 -20.83 -33.31
CA ALA G 79 -5.64 -22.12 -34.02
C ALA G 79 -6.76 -22.95 -33.42
N SER G 80 -7.43 -23.76 -34.24
CA SER G 80 -8.47 -24.68 -33.72
C SER G 80 -9.50 -23.91 -32.91
N ALA G 81 -9.74 -24.34 -31.66
CA ALA G 81 -10.76 -23.69 -30.80
C ALA G 81 -10.54 -22.18 -30.78
N ALA G 82 -9.28 -21.75 -30.65
CA ALA G 82 -8.97 -20.31 -30.56
C ALA G 82 -9.56 -19.56 -31.76
N ALA G 83 -9.44 -20.11 -32.97
CA ALA G 83 -9.94 -19.37 -34.12
C ALA G 83 -11.45 -19.28 -34.12
N VAL G 84 -12.13 -20.23 -33.49
CA VAL G 84 -13.57 -20.15 -33.32
C VAL G 84 -13.91 -19.13 -32.27
N LEU G 85 -13.13 -19.08 -31.18
CA LEU G 85 -13.26 -18.04 -30.18
C LEU G 85 -12.90 -16.68 -30.74
N LEU G 86 -11.99 -16.63 -31.70
CA LEU G 86 -11.64 -15.39 -32.37
C LEU G 86 -12.80 -14.87 -33.22
N ALA G 87 -13.49 -15.76 -33.93
CA ALA G 87 -14.69 -15.36 -34.63
C ALA G 87 -15.85 -15.12 -33.68
N ALA G 88 -15.77 -15.63 -32.46
CA ALA G 88 -16.85 -15.49 -31.50
C ALA G 88 -17.00 -14.09 -30.93
N GLY G 89 -16.10 -13.17 -31.24
CA GLY G 89 -16.27 -11.79 -30.82
C GLY G 89 -17.43 -11.14 -31.54
N THR G 90 -17.83 -10.00 -31.00
CA THR G 90 -18.95 -9.28 -31.59
C THR G 90 -18.53 -8.68 -32.92
N PRO G 91 -19.47 -8.58 -33.88
CA PRO G 91 -19.12 -8.06 -35.21
C PRO G 91 -18.66 -6.61 -35.16
N GLY G 92 -17.59 -6.33 -35.88
CA GLY G 92 -16.92 -5.05 -35.82
C GLY G 92 -15.84 -4.96 -34.77
N LYS G 93 -15.80 -5.90 -33.83
CA LYS G 93 -14.82 -5.85 -32.76
C LYS G 93 -13.89 -7.05 -32.78
N ARG G 94 -13.79 -7.76 -33.89
CA ARG G 94 -12.90 -8.91 -34.00
C ARG G 94 -11.62 -8.45 -34.68
N MET G 95 -10.53 -8.47 -33.94
CA MET G 95 -9.29 -7.85 -34.40
C MET G 95 -8.20 -8.90 -34.48
N ALA G 96 -7.18 -8.57 -35.25
CA ALA G 96 -6.00 -9.42 -35.33
C ALA G 96 -4.80 -8.53 -35.62
N LEU G 97 -3.68 -8.91 -35.04
CA LEU G 97 -2.42 -8.27 -35.35
C LEU G 97 -1.97 -8.69 -36.74
N PRO G 98 -1.18 -7.86 -37.45
CA PRO G 98 -0.94 -8.13 -38.89
C PRO G 98 -0.22 -9.41 -39.20
N ASN G 99 0.64 -9.90 -38.32
CA ASN G 99 1.32 -11.17 -38.55
C ASN G 99 0.77 -12.27 -37.68
N ALA G 100 -0.45 -12.11 -37.18
CA ALA G 100 -1.11 -13.19 -36.46
C ALA G 100 -1.58 -14.25 -37.43
N ARG G 101 -1.66 -15.48 -36.96
CA ARG G 101 -2.03 -16.63 -37.76
C ARG G 101 -3.37 -17.15 -37.28
N VAL G 102 -4.29 -17.38 -38.21
CA VAL G 102 -5.57 -18.00 -37.89
C VAL G 102 -5.60 -19.36 -38.55
N LEU G 103 -5.76 -20.40 -37.77
CA LEU G 103 -5.72 -21.76 -38.27
C LEU G 103 -7.04 -22.43 -37.95
N ILE G 104 -7.87 -22.64 -38.97
CA ILE G 104 -9.14 -23.34 -38.81
C ILE G 104 -9.00 -24.74 -39.39
N HIS G 105 -9.46 -25.71 -38.60
CA HIS G 105 -9.45 -27.12 -39.06
C HIS G 105 -10.54 -27.90 -38.31
N GLN G 106 -11.06 -28.94 -38.94
CA GLN G 106 -12.11 -29.76 -38.38
C GLN G 106 -11.66 -30.38 -37.06
N PRO G 107 -12.61 -30.74 -36.19
CA PRO G 107 -12.24 -31.39 -34.93
C PRO G 107 -11.54 -32.72 -35.15
N SER G 108 -10.70 -33.08 -34.18
CA SER G 108 -9.87 -34.26 -34.30
C SER G 108 -9.74 -34.90 -32.94
N LEU G 109 -9.77 -36.22 -32.92
CA LEU G 109 -9.40 -37.00 -31.75
C LEU G 109 -7.89 -37.03 -31.60
N SER G 110 -7.40 -36.41 -30.54
CA SER G 110 -6.01 -36.56 -30.14
C SER G 110 -5.83 -37.95 -29.56
N GLY G 111 -5.17 -38.82 -30.32
CA GLY G 111 -4.98 -40.19 -29.89
C GLY G 111 -6.20 -41.06 -30.16
N VAL G 112 -5.95 -42.35 -30.22
CA VAL G 112 -6.97 -43.35 -30.54
C VAL G 112 -7.80 -43.59 -29.28
N ILE G 113 -9.12 -43.68 -29.43
CA ILE G 113 -9.94 -44.20 -28.35
C ILE G 113 -10.51 -45.54 -28.79
N GLN G 114 -10.35 -46.54 -27.94
CA GLN G 114 -10.72 -47.90 -28.28
C GLN G 114 -12.19 -48.12 -27.96
N GLY G 115 -12.67 -49.30 -28.29
CA GLY G 115 -14.02 -49.65 -27.91
C GLY G 115 -14.64 -50.54 -28.95
N GLN G 116 -15.81 -51.06 -28.59
CA GLN G 116 -16.64 -51.81 -29.52
C GLN G 116 -17.15 -50.88 -30.61
N PHE G 117 -17.61 -51.48 -31.72
CA PHE G 117 -18.07 -50.65 -32.83
C PHE G 117 -19.32 -49.87 -32.49
N SER G 118 -20.14 -50.38 -31.57
CA SER G 118 -21.26 -49.58 -31.08
C SER G 118 -20.79 -48.41 -30.25
N ASP G 119 -19.69 -48.58 -29.52
CA ASP G 119 -19.09 -47.45 -28.82
C ASP G 119 -18.47 -46.46 -29.78
N LEU G 120 -17.95 -46.94 -30.91
CA LEU G 120 -17.25 -46.08 -31.85
C LEU G 120 -18.19 -45.44 -32.86
N GLU G 121 -19.38 -46.00 -33.07
CA GLU G 121 -20.38 -45.29 -33.86
C GLU G 121 -20.90 -44.06 -33.14
N ILE G 122 -20.76 -44.03 -31.82
CA ILE G 122 -21.22 -42.89 -31.04
C ILE G 122 -20.12 -41.86 -30.87
N GLN G 123 -18.88 -42.31 -30.70
CA GLN G 123 -17.75 -41.40 -30.69
C GLN G 123 -17.50 -40.79 -32.05
N ALA G 124 -17.96 -41.44 -33.13
CA ALA G 124 -17.89 -40.84 -34.44
C ALA G 124 -19.07 -39.96 -34.74
N ALA G 125 -20.24 -40.31 -34.19
CA ALA G 125 -21.37 -39.39 -34.29
C ALA G 125 -21.15 -38.17 -33.43
N GLU G 126 -20.34 -38.30 -32.37
CA GLU G 126 -20.00 -37.16 -31.55
C GLU G 126 -19.08 -36.19 -32.26
N ILE G 127 -18.01 -36.69 -32.88
CA ILE G 127 -17.10 -35.80 -33.57
C ILE G 127 -17.73 -35.29 -34.86
N GLU G 128 -18.75 -35.97 -35.38
CA GLU G 128 -19.50 -35.41 -36.49
C GLU G 128 -20.35 -34.24 -36.04
N ARG G 129 -21.05 -34.36 -34.90
CA ARG G 129 -21.75 -33.17 -34.42
C ARG G 129 -20.81 -32.19 -33.73
N MET G 130 -19.61 -32.61 -33.35
CA MET G 130 -18.58 -31.62 -33.05
C MET G 130 -18.18 -30.88 -34.31
N ARG G 131 -18.17 -31.56 -35.45
CA ARG G 131 -17.75 -30.94 -36.69
C ARG G 131 -18.81 -29.99 -37.21
N THR G 132 -20.08 -30.44 -37.20
CA THR G 132 -21.16 -29.57 -37.66
C THR G 132 -21.35 -28.37 -36.74
N LEU G 133 -21.15 -28.56 -35.44
CA LEU G 133 -21.29 -27.44 -34.53
C LEU G 133 -20.14 -26.47 -34.68
N MET G 134 -18.94 -26.95 -34.99
CA MET G 134 -17.83 -26.06 -35.28
C MET G 134 -18.09 -25.27 -36.55
N GLU G 135 -18.76 -25.88 -37.52
CA GLU G 135 -19.04 -25.20 -38.78
C GLU G 135 -20.27 -24.32 -38.68
N THR G 136 -21.27 -24.72 -37.89
CA THR G 136 -22.44 -23.87 -37.71
C THR G 136 -22.09 -22.64 -36.87
N THR G 137 -21.21 -22.82 -35.88
CA THR G 137 -20.72 -21.68 -35.10
C THR G 137 -19.91 -20.74 -35.97
N LEU G 138 -19.00 -21.29 -36.76
CA LEU G 138 -18.14 -20.46 -37.59
C LEU G 138 -18.87 -19.91 -38.80
N ALA G 139 -20.09 -20.36 -39.09
CA ALA G 139 -20.89 -19.75 -40.14
C ALA G 139 -21.74 -18.61 -39.64
N ARG G 140 -22.16 -18.66 -38.37
CA ARG G 140 -22.85 -17.52 -37.78
C ARG G 140 -21.94 -16.31 -37.65
N HIS G 141 -20.64 -16.54 -37.51
CA HIS G 141 -19.71 -15.48 -37.18
C HIS G 141 -18.84 -15.05 -38.34
N THR G 142 -18.80 -15.81 -39.43
CA THR G 142 -18.10 -15.40 -40.63
C THR G 142 -19.02 -15.09 -41.79
N GLY G 143 -20.30 -15.42 -41.69
CA GLY G 143 -21.21 -15.18 -42.78
C GLY G 143 -21.04 -16.11 -43.95
N LYS G 144 -20.58 -17.33 -43.72
CA LYS G 144 -20.42 -18.31 -44.78
C LYS G 144 -21.49 -19.38 -44.66
N ASP G 145 -21.48 -20.33 -45.60
CA ASP G 145 -22.65 -21.16 -45.82
C ASP G 145 -22.62 -22.44 -45.01
N ALA G 146 -21.56 -22.66 -44.20
CA ALA G 146 -21.28 -23.83 -43.36
C ALA G 146 -21.00 -25.10 -44.14
N GLY G 147 -21.14 -25.08 -45.46
CA GLY G 147 -20.67 -26.15 -46.29
C GLY G 147 -19.40 -25.66 -46.95
N VAL G 148 -19.31 -24.34 -47.08
CA VAL G 148 -18.07 -23.71 -47.51
C VAL G 148 -17.00 -23.90 -46.44
N ILE G 149 -17.38 -23.77 -45.18
CA ILE G 149 -16.44 -23.97 -44.08
C ILE G 149 -16.06 -25.43 -43.94
N ARG G 150 -16.97 -26.35 -44.30
CA ARG G 150 -16.62 -27.76 -44.32
C ARG G 150 -15.61 -28.06 -45.41
N LYS G 151 -15.75 -27.44 -46.57
CA LYS G 151 -14.74 -27.56 -47.62
C LYS G 151 -13.43 -26.90 -47.22
N ASP G 152 -13.50 -25.80 -46.47
CA ASP G 152 -12.31 -25.06 -46.12
C ASP G 152 -11.58 -25.65 -44.93
N THR G 153 -12.30 -26.13 -43.93
CA THR G 153 -11.70 -26.78 -42.79
C THR G 153 -11.56 -28.28 -42.97
N ASP G 154 -11.63 -28.75 -44.22
CA ASP G 154 -11.32 -30.14 -44.52
C ASP G 154 -9.91 -30.49 -44.11
N ARG G 155 -8.98 -29.58 -44.39
CA ARG G 155 -7.60 -29.69 -43.96
C ARG G 155 -7.32 -28.52 -43.03
N ASP G 156 -6.04 -28.34 -42.70
CA ASP G 156 -5.65 -27.17 -41.88
C ASP G 156 -5.61 -25.93 -42.78
N LYS G 157 -6.50 -24.98 -42.54
CA LYS G 157 -6.57 -23.77 -43.34
C LYS G 157 -5.93 -22.65 -42.54
N ILE G 158 -4.68 -22.37 -42.83
CA ILE G 158 -3.98 -21.26 -42.21
C ILE G 158 -4.42 -19.97 -42.89
N LEU G 159 -4.91 -19.04 -42.09
CA LEU G 159 -5.28 -17.72 -42.57
C LEU G 159 -4.32 -16.70 -41.99
N THR G 160 -3.68 -15.93 -42.87
CA THR G 160 -3.10 -14.66 -42.48
C THR G 160 -4.22 -13.72 -42.04
N ALA G 161 -3.89 -12.76 -41.17
CA ALA G 161 -4.88 -11.83 -40.64
C ALA G 161 -5.56 -11.01 -41.73
N GLU G 162 -4.84 -10.68 -42.80
CA GLU G 162 -5.47 -9.97 -43.91
C GLU G 162 -6.44 -10.85 -44.67
N GLU G 163 -6.22 -12.16 -44.70
CA GLU G 163 -7.14 -13.08 -45.35
C GLU G 163 -8.00 -13.83 -44.35
N ALA G 164 -7.80 -13.61 -43.06
CA ALA G 164 -8.83 -13.93 -42.09
C ALA G 164 -9.88 -12.84 -42.01
N LYS G 165 -9.53 -11.62 -42.44
CA LYS G 165 -10.52 -10.58 -42.59
C LYS G 165 -11.43 -10.86 -43.77
N ASP G 166 -10.85 -11.31 -44.88
CA ASP G 166 -11.64 -11.68 -46.05
C ASP G 166 -12.46 -12.94 -45.80
N TYR G 167 -11.99 -13.81 -44.92
CA TYR G 167 -12.73 -15.01 -44.60
C TYR G 167 -13.86 -14.71 -43.63
N GLY G 168 -13.74 -13.64 -42.86
CA GLY G 168 -14.74 -13.29 -41.89
C GLY G 168 -14.41 -13.68 -40.47
N ILE G 169 -13.22 -14.24 -40.23
CA ILE G 169 -12.81 -14.60 -38.88
C ILE G 169 -12.64 -13.35 -38.04
N ILE G 170 -11.95 -12.34 -38.59
CA ILE G 170 -11.78 -11.07 -37.91
C ILE G 170 -12.35 -9.97 -38.80
N ASP G 171 -12.51 -8.79 -38.22
CA ASP G 171 -13.10 -7.67 -38.90
C ASP G 171 -12.11 -6.56 -39.19
N THR G 172 -10.99 -6.52 -38.49
CA THR G 172 -10.03 -5.43 -38.62
C THR G 172 -8.65 -6.02 -38.38
N VAL G 173 -7.73 -5.76 -39.29
CA VAL G 173 -6.32 -6.00 -39.02
C VAL G 173 -5.77 -4.74 -38.34
N LEU G 174 -5.16 -4.93 -37.18
CA LEU G 174 -4.74 -3.80 -36.35
C LEU G 174 -3.56 -3.07 -36.95
N GLU G 175 -3.73 -1.76 -37.12
CA GLU G 175 -2.65 -0.90 -37.57
C GLU G 175 -1.78 -0.52 -36.38
N TYR G 176 -0.51 -0.29 -36.67
CA TYR G 176 0.50 0.01 -35.67
C TYR G 176 0.40 1.46 -35.21
N ARG G 177 0.95 1.74 -34.03
CA ARG G 177 0.79 3.11 -33.46
C ARG G 177 2.13 3.68 -33.04
N LYS G 178 3.21 2.91 -33.16
CA LYS G 178 4.55 3.45 -32.85
C LYS G 178 4.60 4.89 -33.38
N LEU G 179 4.54 5.88 -32.48
CA LEU G 179 4.58 7.31 -32.90
C LEU G 179 5.64 7.47 -34.00
N SER G 180 6.77 6.78 -33.87
CA SER G 180 7.85 6.84 -34.90
C SER G 180 8.37 8.28 -34.98
N ASN H 1 13.49 -6.41 -5.64
CA ASN H 1 13.42 -7.52 -6.57
C ASN H 1 13.88 -7.05 -7.94
N PRO H 2 14.98 -7.62 -8.47
CA PRO H 2 15.66 -6.98 -9.61
C PRO H 2 14.89 -7.03 -10.92
N TYR H 3 13.96 -7.96 -11.09
CA TYR H 3 13.15 -7.91 -12.31
C TYR H 3 12.05 -6.86 -12.21
N ASN H 4 11.56 -6.59 -11.00
CA ASN H 4 10.62 -5.50 -10.81
C ASN H 4 11.27 -4.16 -11.09
N LYS H 5 12.50 -3.97 -10.64
CA LYS H 5 13.16 -2.69 -10.82
C LYS H 5 13.62 -2.46 -12.26
N LEU H 6 13.81 -3.54 -13.01
CA LEU H 6 13.93 -3.39 -14.46
C LEU H 6 12.62 -2.90 -15.05
N PHE H 7 11.51 -3.52 -14.65
CA PHE H 7 10.21 -3.19 -15.24
C PHE H 7 9.71 -1.83 -14.77
N GLU H 8 10.09 -1.41 -13.55
CA GLU H 8 9.73 -0.07 -13.10
C GLU H 8 10.52 1.00 -13.85
N GLU H 9 11.73 0.65 -14.29
CA GLU H 9 12.50 1.52 -15.17
C GLU H 9 12.30 1.20 -16.63
N ARG H 10 11.18 0.55 -16.95
CA ARG H 10 10.71 0.29 -18.32
C ARG H 10 11.68 -0.57 -19.10
N ILE H 11 12.11 -1.66 -18.50
CA ILE H 11 12.97 -2.64 -19.15
C ILE H 11 12.26 -3.98 -19.12
N ILE H 12 11.84 -4.45 -20.28
CA ILE H 12 11.31 -5.79 -20.43
C ILE H 12 12.46 -6.75 -20.67
N PHE H 13 12.52 -7.79 -19.88
CA PHE H 13 13.63 -8.72 -19.94
C PHE H 13 13.11 -9.99 -20.60
N LEU H 14 13.61 -10.29 -21.81
CA LEU H 14 13.15 -11.49 -22.50
C LEU H 14 13.71 -12.74 -21.83
N GLY H 15 15.02 -12.92 -21.88
CA GLY H 15 15.71 -13.87 -21.04
C GLY H 15 15.63 -15.34 -21.42
N VAL H 16 14.42 -15.87 -21.60
CA VAL H 16 14.24 -17.31 -21.74
C VAL H 16 13.87 -17.65 -23.17
N GLN H 17 13.79 -18.96 -23.44
CA GLN H 17 13.24 -19.55 -24.66
C GLN H 17 11.92 -18.91 -25.06
N VAL H 18 11.86 -18.36 -26.26
CA VAL H 18 10.62 -17.77 -26.78
C VAL H 18 9.66 -18.91 -27.05
N ASP H 19 8.68 -19.08 -26.17
CA ASP H 19 7.57 -19.98 -26.42
C ASP H 19 6.31 -19.17 -26.21
N ASP H 20 5.17 -19.85 -26.09
CA ASP H 20 3.90 -19.17 -25.84
C ASP H 20 3.95 -18.37 -24.55
N ALA H 21 4.30 -19.04 -23.44
CA ALA H 21 4.28 -18.42 -22.11
C ALA H 21 5.27 -17.28 -21.98
N SER H 22 6.42 -17.38 -22.65
CA SER H 22 7.33 -16.24 -22.67
C SER H 22 6.79 -15.10 -23.53
N ALA H 23 6.14 -15.43 -24.64
CA ALA H 23 5.53 -14.40 -25.46
C ALA H 23 4.37 -13.74 -24.75
N ASN H 24 3.61 -14.51 -23.96
CA ASN H 24 2.46 -13.98 -23.24
C ASN H 24 2.90 -12.99 -22.17
N ASP H 25 4.06 -13.20 -21.57
CA ASP H 25 4.54 -12.31 -20.52
C ASP H 25 4.98 -10.97 -21.10
N ILE H 26 5.62 -10.99 -22.26
CA ILE H 26 6.21 -9.78 -22.83
C ILE H 26 5.13 -8.87 -23.39
N MET H 27 4.13 -9.46 -24.05
CA MET H 27 3.00 -8.68 -24.55
C MET H 27 2.18 -8.07 -23.41
N ALA H 28 2.09 -8.77 -22.29
CA ALA H 28 1.53 -8.17 -21.09
C ALA H 28 2.39 -7.02 -20.60
N GLN H 29 3.71 -7.14 -20.74
CA GLN H 29 4.62 -6.10 -20.28
C GLN H 29 4.79 -4.96 -21.30
N LEU H 30 4.66 -5.26 -22.59
CA LEU H 30 4.77 -4.22 -23.61
C LEU H 30 3.59 -3.27 -23.57
N LEU H 31 2.42 -3.76 -23.18
CA LEU H 31 1.22 -2.94 -23.19
C LEU H 31 1.03 -2.17 -21.89
N VAL H 32 1.52 -2.71 -20.77
CA VAL H 32 1.49 -1.98 -19.51
C VAL H 32 2.44 -0.79 -19.57
N LEU H 33 3.66 -1.00 -20.07
CA LEU H 33 4.57 0.10 -20.26
C LEU H 33 4.13 1.04 -21.37
N GLU H 34 3.31 0.56 -22.31
CA GLU H 34 2.61 1.45 -23.22
C GLU H 34 1.60 2.32 -22.48
N SER H 35 0.90 1.76 -21.51
CA SER H 35 -0.12 2.53 -20.80
C SER H 35 0.46 3.41 -19.71
N LEU H 36 1.62 3.05 -19.15
CA LEU H 36 2.23 3.89 -18.12
C LEU H 36 2.78 5.18 -18.71
N ASP H 37 3.54 5.08 -19.80
CA ASP H 37 4.04 6.25 -20.49
C ASP H 37 4.28 5.87 -21.95
N PRO H 38 3.36 6.22 -22.85
CA PRO H 38 3.52 5.82 -24.26
C PRO H 38 4.57 6.61 -25.02
N ASP H 39 5.13 7.66 -24.44
CA ASP H 39 6.13 8.48 -25.10
C ASP H 39 7.53 8.23 -24.56
N ARG H 40 7.67 7.35 -23.57
CA ARG H 40 8.96 7.02 -22.99
C ARG H 40 9.36 5.62 -23.45
N ASP H 41 10.64 5.48 -23.80
CA ASP H 41 11.11 4.33 -24.55
C ASP H 41 11.14 3.07 -23.69
N ILE H 42 10.52 2.01 -24.19
CA ILE H 42 10.63 0.69 -23.58
C ILE H 42 11.95 0.09 -24.01
N THR H 43 12.69 -0.49 -23.08
CA THR H 43 13.91 -1.19 -23.39
C THR H 43 13.64 -2.68 -23.30
N MET H 44 14.11 -3.44 -24.29
CA MET H 44 13.90 -4.88 -24.30
C MET H 44 15.26 -5.57 -24.27
N TYR H 45 15.55 -6.27 -23.18
CA TYR H 45 16.79 -7.02 -23.06
C TYR H 45 16.58 -8.42 -23.59
N ILE H 46 17.47 -8.85 -24.48
CA ILE H 46 17.32 -10.11 -25.19
C ILE H 46 18.53 -11.00 -24.90
N ASN H 47 18.29 -12.10 -24.20
CA ASN H 47 19.27 -13.17 -24.01
C ASN H 47 18.61 -14.50 -24.35
N SER H 48 17.95 -14.55 -25.48
CA SER H 48 17.12 -15.70 -25.72
C SER H 48 17.70 -16.61 -26.77
N PRO H 49 17.50 -17.92 -26.65
CA PRO H 49 17.83 -18.84 -27.74
C PRO H 49 16.79 -18.92 -28.84
N GLY H 50 15.73 -18.13 -28.76
CA GLY H 50 14.77 -18.09 -29.84
C GLY H 50 13.69 -19.14 -29.68
N GLY H 51 13.21 -19.63 -30.82
CA GLY H 51 12.17 -20.63 -30.86
C GLY H 51 10.81 -19.99 -31.04
N GLY H 52 9.94 -20.70 -31.74
CA GLY H 52 8.58 -20.23 -31.92
C GLY H 52 8.48 -19.17 -33.00
N PHE H 53 7.54 -19.35 -33.93
CA PHE H 53 7.31 -18.31 -34.90
C PHE H 53 6.06 -17.51 -34.60
N THR H 54 5.00 -18.17 -34.13
CA THR H 54 3.82 -17.46 -33.71
C THR H 54 4.06 -16.74 -32.39
N SER H 55 4.98 -17.25 -31.57
CA SER H 55 5.41 -16.55 -30.37
C SER H 55 6.33 -15.40 -30.71
N LEU H 56 7.16 -15.57 -31.74
CA LEU H 56 7.92 -14.47 -32.32
C LEU H 56 7.01 -13.35 -32.78
N MET H 57 6.07 -13.67 -33.67
CA MET H 57 5.22 -12.65 -34.26
C MET H 57 4.15 -12.13 -33.30
N ALA H 58 3.99 -12.77 -32.15
CA ALA H 58 3.22 -12.16 -31.07
C ALA H 58 4.01 -11.07 -30.38
N ILE H 59 5.27 -11.35 -30.05
CA ILE H 59 6.15 -10.34 -29.46
C ILE H 59 6.45 -9.26 -30.48
N TYR H 60 6.68 -9.67 -31.74
CA TYR H 60 7.08 -8.73 -32.80
C TYR H 60 6.00 -7.70 -33.06
N ASP H 61 4.76 -8.15 -33.23
CA ASP H 61 3.68 -7.23 -33.54
C ASP H 61 3.36 -6.30 -32.38
N THR H 62 3.49 -6.81 -31.15
CA THR H 62 3.18 -6.00 -29.98
C THR H 62 4.24 -4.92 -29.76
N MET H 63 5.51 -5.26 -29.95
CA MET H 63 6.55 -4.24 -29.85
C MET H 63 6.57 -3.32 -31.06
N GLN H 64 5.95 -3.71 -32.17
CA GLN H 64 5.70 -2.76 -33.24
C GLN H 64 4.40 -1.98 -33.03
N TYR H 65 3.47 -2.53 -32.24
CA TYR H 65 2.19 -1.85 -32.04
C TYR H 65 2.32 -0.64 -31.15
N VAL H 66 3.10 -0.74 -30.07
CA VAL H 66 3.04 0.24 -29.01
C VAL H 66 3.61 1.57 -29.46
N ARG H 67 3.13 2.65 -28.83
CA ARG H 67 3.59 3.99 -29.19
C ARG H 67 5.05 4.20 -28.80
N ALA H 68 5.50 3.48 -27.78
CA ALA H 68 6.85 3.67 -27.28
C ALA H 68 7.86 3.04 -28.20
N ASP H 69 9.01 3.69 -28.32
CA ASP H 69 10.14 3.11 -29.04
C ASP H 69 10.67 1.93 -28.25
N ILE H 70 11.03 0.87 -28.95
CA ILE H 70 11.59 -0.29 -28.30
C ILE H 70 13.09 -0.26 -28.50
N GLN H 71 13.82 -0.17 -27.41
CA GLN H 71 15.27 -0.26 -27.39
C GLN H 71 15.62 -1.71 -27.16
N THR H 72 16.04 -2.40 -28.20
CA THR H 72 16.45 -3.79 -28.07
C THR H 72 17.94 -3.86 -27.77
N VAL H 73 18.29 -4.58 -26.71
CA VAL H 73 19.67 -4.75 -26.30
C VAL H 73 19.93 -6.24 -26.24
N CYS H 74 20.87 -6.71 -27.06
CA CYS H 74 21.25 -8.11 -27.02
C CYS H 74 22.34 -8.30 -25.97
N LEU H 75 22.14 -9.26 -25.09
CA LEU H 75 23.02 -9.42 -23.93
C LEU H 75 24.12 -10.44 -24.22
N GLY H 76 23.74 -11.69 -24.45
CA GLY H 76 24.74 -12.68 -24.81
C GLY H 76 24.34 -13.50 -26.01
N GLN H 77 23.06 -13.45 -26.36
CA GLN H 77 22.55 -14.31 -27.41
C GLN H 77 21.23 -13.74 -27.93
N ALA H 78 21.07 -13.72 -29.24
CA ALA H 78 19.78 -13.51 -29.87
C ALA H 78 19.73 -14.50 -31.03
N ALA H 79 19.16 -15.68 -30.76
CA ALA H 79 19.11 -16.73 -31.79
C ALA H 79 17.70 -16.84 -32.36
N SER H 80 17.58 -17.16 -33.63
CA SER H 80 16.25 -17.39 -34.24
C SER H 80 15.30 -16.24 -33.91
N ALA H 81 14.16 -16.54 -33.30
CA ALA H 81 13.15 -15.51 -32.98
C ALA H 81 13.83 -14.30 -32.33
N ALA H 82 14.63 -14.53 -31.30
CA ALA H 82 15.29 -13.42 -30.57
C ALA H 82 15.99 -12.48 -31.55
N ALA H 83 16.70 -12.99 -32.57
CA ALA H 83 17.42 -12.08 -33.43
C ALA H 83 16.48 -11.27 -34.30
N VAL H 84 15.29 -11.80 -34.58
CA VAL H 84 14.28 -11.04 -35.30
C VAL H 84 13.68 -9.99 -34.38
N LEU H 85 13.45 -10.34 -33.11
CA LEU H 85 13.03 -9.38 -32.11
C LEU H 85 14.10 -8.36 -31.83
N LEU H 86 15.37 -8.73 -31.98
CA LEU H 86 16.46 -7.80 -31.82
C LEU H 86 16.49 -6.78 -32.94
N ALA H 87 16.23 -7.22 -34.18
CA ALA H 87 16.08 -6.28 -35.27
C ALA H 87 14.76 -5.52 -35.19
N ALA H 88 13.80 -6.03 -34.43
CA ALA H 88 12.49 -5.41 -34.34
C ALA H 88 12.48 -4.12 -33.54
N GLY H 89 13.58 -3.74 -32.91
CA GLY H 89 13.65 -2.46 -32.24
C GLY H 89 13.62 -1.31 -33.22
N THR H 90 13.37 -0.13 -32.68
CA THR H 90 13.30 1.05 -33.53
C THR H 90 14.70 1.40 -34.05
N PRO H 91 14.78 1.95 -35.26
CA PRO H 91 16.09 2.27 -35.83
C PRO H 91 16.85 3.32 -35.03
N GLY H 92 18.13 3.06 -34.82
CA GLY H 92 18.94 3.86 -33.94
C GLY H 92 18.94 3.41 -32.50
N LYS H 93 18.01 2.54 -32.12
CA LYS H 93 17.91 2.09 -30.73
C LYS H 93 18.12 0.60 -30.60
N ARG H 94 18.71 -0.06 -31.59
CA ARG H 94 18.97 -1.49 -31.54
C ARG H 94 20.41 -1.69 -31.11
N MET H 95 20.60 -2.24 -29.92
CA MET H 95 21.90 -2.29 -29.30
C MET H 95 22.32 -3.73 -29.07
N ALA H 96 23.63 -3.92 -28.90
CA ALA H 96 24.14 -5.22 -28.54
C ALA H 96 25.41 -5.03 -27.74
N LEU H 97 25.60 -5.90 -26.78
CA LEU H 97 26.84 -5.93 -26.02
C LEU H 97 27.94 -6.50 -26.91
N PRO H 98 29.21 -6.14 -26.67
CA PRO H 98 30.27 -6.46 -27.65
C PRO H 98 30.51 -7.94 -27.90
N ASN H 99 30.30 -8.79 -26.90
CA ASN H 99 30.46 -10.23 -27.10
C ASN H 99 29.13 -10.94 -27.18
N ALA H 100 28.07 -10.23 -27.49
CA ALA H 100 26.78 -10.87 -27.73
C ALA H 100 26.80 -11.55 -29.08
N ARG H 101 26.00 -12.60 -29.21
CA ARG H 101 25.93 -13.42 -30.41
C ARG H 101 24.57 -13.24 -31.04
N VAL H 102 24.53 -12.99 -32.33
CA VAL H 102 23.29 -12.91 -33.08
C VAL H 102 23.26 -14.08 -34.05
N LEU H 103 22.26 -14.93 -33.94
CA LEU H 103 22.18 -16.14 -34.73
C LEU H 103 20.88 -16.09 -35.53
N ILE H 104 20.97 -15.87 -36.83
CA ILE H 104 19.82 -15.87 -37.71
C ILE H 104 19.84 -17.15 -38.53
N HIS H 105 18.67 -17.80 -38.56
CA HIS H 105 18.52 -19.06 -39.35
C HIS H 105 17.06 -19.24 -39.73
N GLN H 106 16.79 -19.85 -40.88
CA GLN H 106 15.45 -20.08 -41.38
C GLN H 106 14.62 -20.86 -40.37
N PRO H 107 13.29 -20.73 -40.43
CA PRO H 107 12.44 -21.50 -39.51
C PRO H 107 12.59 -22.99 -39.71
N SER H 108 12.34 -23.73 -38.64
CA SER H 108 12.56 -25.16 -38.62
C SER H 108 11.49 -25.82 -37.77
N LEU H 109 11.01 -26.96 -38.24
CA LEU H 109 10.18 -27.83 -37.43
C LEU H 109 11.03 -28.59 -36.44
N SER H 110 10.82 -28.31 -35.16
CA SER H 110 11.40 -29.11 -34.09
C SER H 110 10.64 -30.42 -34.05
N GLY H 111 11.29 -31.49 -34.49
CA GLY H 111 10.65 -32.78 -34.54
C GLY H 111 9.77 -32.96 -35.76
N VAL H 112 9.52 -34.22 -36.09
CA VAL H 112 8.75 -34.59 -37.27
C VAL H 112 7.28 -34.43 -36.94
N ILE H 113 6.51 -33.87 -37.87
CA ILE H 113 5.06 -33.96 -37.76
C ILE H 113 4.55 -34.84 -38.88
N GLN H 114 3.73 -35.81 -38.52
CA GLN H 114 3.25 -36.82 -39.43
C GLN H 114 2.02 -36.32 -40.16
N GLY H 115 1.54 -37.11 -41.09
CA GLY H 115 0.30 -36.78 -41.75
C GLY H 115 0.31 -37.24 -43.18
N GLN H 116 -0.86 -37.14 -43.79
CA GLN H 116 -1.01 -37.38 -45.22
C GLN H 116 -0.27 -36.30 -46.00
N PHE H 117 0.00 -36.58 -47.28
CA PHE H 117 0.75 -35.62 -48.08
C PHE H 117 -0.03 -34.34 -48.31
N SER H 118 -1.35 -34.41 -48.31
CA SER H 118 -2.14 -33.18 -48.36
C SER H 118 -2.01 -32.39 -47.07
N ASP H 119 -1.87 -33.08 -45.93
CA ASP H 119 -1.59 -32.39 -44.68
C ASP H 119 -0.19 -31.81 -44.67
N LEU H 120 0.75 -32.46 -45.35
CA LEU H 120 2.14 -32.02 -45.31
C LEU H 120 2.45 -30.99 -46.37
N GLU H 121 1.65 -30.91 -47.44
CA GLU H 121 1.78 -29.79 -48.37
C GLU H 121 1.38 -28.47 -47.73
N ILE H 122 0.57 -28.53 -46.68
CA ILE H 122 0.11 -27.34 -46.00
C ILE H 122 1.05 -26.96 -44.87
N GLN H 123 1.58 -27.96 -44.16
CA GLN H 123 2.61 -27.70 -43.17
C GLN H 123 3.91 -27.26 -43.80
N ALA H 124 4.13 -27.59 -45.06
CA ALA H 124 5.29 -27.08 -45.78
C ALA H 124 5.02 -25.73 -46.39
N ALA H 125 3.79 -25.47 -46.82
CA ALA H 125 3.44 -24.13 -47.25
C ALA H 125 3.41 -23.18 -46.07
N GLU H 126 3.15 -23.70 -44.88
CA GLU H 126 3.18 -22.87 -43.68
C GLU H 126 4.60 -22.47 -43.31
N ILE H 127 5.54 -23.41 -43.29
CA ILE H 127 6.90 -23.05 -42.95
C ILE H 127 7.55 -22.27 -44.08
N GLU H 128 7.03 -22.38 -45.30
CA GLU H 128 7.50 -21.50 -46.36
C GLU H 128 7.04 -20.07 -46.15
N ARG H 129 5.77 -19.87 -45.78
CA ARG H 129 5.38 -18.50 -45.44
C ARG H 129 5.85 -18.11 -44.05
N MET H 130 6.21 -19.05 -43.18
CA MET H 130 7.01 -18.69 -42.02
C MET H 130 8.38 -18.21 -42.44
N ARG H 131 8.94 -18.79 -43.49
CA ARG H 131 10.28 -18.42 -43.92
C ARG H 131 10.27 -17.07 -44.62
N THR H 132 9.30 -16.85 -45.51
CA THR H 132 9.22 -15.57 -46.20
C THR H 132 8.87 -14.44 -45.24
N LEU H 133 8.03 -14.73 -44.24
CA LEU H 133 7.70 -13.69 -43.27
C LEU H 133 8.87 -13.39 -42.37
N MET H 134 9.69 -14.39 -42.04
CA MET H 134 10.90 -14.13 -41.27
C MET H 134 11.87 -13.29 -42.09
N GLU H 135 11.91 -13.48 -43.40
CA GLU H 135 12.82 -12.73 -44.24
C GLU H 135 12.26 -11.37 -44.61
N THR H 136 10.95 -11.26 -44.78
CA THR H 136 10.35 -9.95 -45.05
C THR H 136 10.41 -9.06 -43.82
N THR H 137 10.23 -9.65 -42.63
CA THR H 137 10.40 -8.91 -41.39
C THR H 137 11.84 -8.46 -41.21
N LEU H 138 12.78 -9.36 -41.41
CA LEU H 138 14.18 -9.04 -41.23
C LEU H 138 14.73 -8.18 -42.36
N ALA H 139 14.00 -7.99 -43.45
CA ALA H 139 14.42 -7.04 -44.48
C ALA H 139 13.90 -5.64 -44.23
N ARG H 140 12.75 -5.50 -43.58
CA ARG H 140 12.28 -4.19 -43.17
C ARG H 140 13.18 -3.57 -42.12
N HIS H 141 13.84 -4.39 -41.31
CA HIS H 141 14.58 -3.92 -40.16
C HIS H 141 16.09 -3.94 -40.33
N THR H 142 16.59 -4.61 -41.36
CA THR H 142 18.01 -4.56 -41.67
C THR H 142 18.33 -3.83 -42.95
N GLY H 143 17.33 -3.51 -43.77
CA GLY H 143 17.56 -2.84 -45.01
C GLY H 143 18.17 -3.71 -46.09
N LYS H 144 17.89 -5.01 -46.05
CA LYS H 144 18.40 -5.93 -47.06
C LYS H 144 17.26 -6.35 -47.98
N ASP H 145 17.60 -7.17 -48.98
CA ASP H 145 16.72 -7.34 -50.12
C ASP H 145 15.75 -8.49 -49.96
N ALA H 146 15.80 -9.20 -48.82
CA ALA H 146 15.01 -10.37 -48.43
C ALA H 146 15.29 -11.61 -49.27
N GLY H 147 16.12 -11.50 -50.30
CA GLY H 147 16.63 -12.64 -51.00
C GLY H 147 18.06 -12.82 -50.54
N VAL H 148 18.65 -11.70 -50.13
CA VAL H 148 19.96 -11.74 -49.48
C VAL H 148 19.85 -12.44 -48.13
N ILE H 149 18.78 -12.16 -47.40
CA ILE H 149 18.55 -12.81 -46.11
C ILE H 149 18.21 -14.28 -46.29
N ARG H 150 17.56 -14.63 -47.40
CA ARG H 150 17.33 -16.04 -47.69
C ARG H 150 18.63 -16.77 -47.98
N LYS H 151 19.55 -16.14 -48.70
CA LYS H 151 20.87 -16.72 -48.89
C LYS H 151 21.66 -16.77 -47.58
N ASP H 152 21.46 -15.79 -46.72
CA ASP H 152 22.25 -15.72 -45.50
C ASP H 152 21.69 -16.60 -44.40
N THR H 153 20.37 -16.69 -44.27
CA THR H 153 19.75 -17.58 -43.31
C THR H 153 19.47 -18.96 -43.88
N ASP H 154 20.12 -19.31 -44.98
CA ASP H 154 20.05 -20.67 -45.50
C ASP H 154 20.57 -21.66 -44.46
N ARG H 155 21.66 -21.32 -43.80
CA ARG H 155 22.21 -22.08 -42.71
C ARG H 155 22.15 -21.21 -41.47
N ASP H 156 22.79 -21.66 -40.39
CA ASP H 156 22.87 -20.84 -39.16
C ASP H 156 23.94 -19.77 -39.36
N LYS H 157 23.53 -18.50 -39.40
CA LYS H 157 24.44 -17.39 -39.61
C LYS H 157 24.68 -16.73 -38.26
N ILE H 158 25.78 -17.08 -37.63
CA ILE H 158 26.17 -16.45 -36.38
C ILE H 158 26.79 -15.11 -36.69
N LEU H 159 26.26 -14.07 -36.09
CA LEU H 159 26.79 -12.72 -36.21
C LEU H 159 27.35 -12.31 -34.86
N THR H 160 28.62 -11.91 -34.85
CA THR H 160 29.16 -11.09 -33.79
C THR H 160 28.45 -9.74 -33.82
N ALA H 161 28.40 -9.07 -32.66
CA ALA H 161 27.71 -7.79 -32.56
C ALA H 161 28.30 -6.72 -33.46
N GLU H 162 29.60 -6.75 -33.70
CA GLU H 162 30.20 -5.81 -34.64
C GLU H 162 29.81 -6.11 -36.08
N GLU H 163 29.53 -7.36 -36.40
CA GLU H 163 29.08 -7.72 -37.74
C GLU H 163 27.58 -7.98 -37.79
N ALA H 164 26.89 -7.90 -36.66
CA ALA H 164 25.45 -7.71 -36.68
C ALA H 164 25.09 -6.24 -36.87
N LYS H 165 26.03 -5.34 -36.56
CA LYS H 165 25.85 -3.94 -36.91
C LYS H 165 25.98 -3.74 -38.41
N ASP H 166 26.96 -4.39 -39.02
CA ASP H 166 27.14 -4.31 -40.46
C ASP H 166 26.01 -5.02 -41.20
N TYR H 167 25.42 -6.03 -40.58
CA TYR H 167 24.32 -6.74 -41.20
C TYR H 167 23.03 -5.94 -41.08
N GLY H 168 22.93 -5.08 -40.08
CA GLY H 168 21.74 -4.31 -39.85
C GLY H 168 20.84 -4.83 -38.77
N ILE H 169 21.25 -5.91 -38.07
CA ILE H 169 20.46 -6.43 -36.97
C ILE H 169 20.43 -5.43 -35.83
N ILE H 170 21.58 -4.87 -35.47
CA ILE H 170 21.66 -3.85 -34.44
C ILE H 170 22.26 -2.60 -35.05
N ASP H 171 22.16 -1.51 -34.31
CA ASP H 171 22.64 -0.22 -34.77
C ASP H 171 23.85 0.29 -34.01
N THR H 172 24.09 -0.23 -32.82
CA THR H 172 25.17 0.26 -31.97
C THR H 172 25.69 -0.92 -31.17
N VAL H 173 27.00 -1.12 -31.20
CA VAL H 173 27.64 -2.01 -30.23
C VAL H 173 27.93 -1.19 -28.99
N LEU H 174 27.47 -1.67 -27.84
CA LEU H 174 27.55 -0.90 -26.61
C LEU H 174 28.97 -0.80 -26.09
N GLU H 175 29.42 0.42 -25.87
CA GLU H 175 30.71 0.66 -25.25
C GLU H 175 30.58 0.56 -23.74
N TYR H 176 31.67 0.15 -23.10
CA TYR H 176 31.73 -0.09 -21.68
C TYR H 176 31.84 1.22 -20.90
N ARG H 177 31.40 1.20 -19.64
CA ARG H 177 31.37 2.48 -18.89
C ARG H 177 32.02 2.30 -17.51
N LYS H 178 32.73 1.19 -17.30
CA LYS H 178 33.47 1.05 -16.03
C LYS H 178 34.32 2.32 -15.85
N LEU H 179 34.00 3.13 -14.85
CA LEU H 179 34.80 4.36 -14.56
C LEU H 179 36.28 4.03 -14.79
N SER H 180 36.72 2.83 -14.39
CA SER H 180 38.13 2.38 -14.57
C SER H 180 39.07 3.59 -14.49
N ASN I 1 16.90 -12.45 5.66
CA ASN I 1 17.12 -13.38 4.56
C ASN I 1 18.52 -13.16 4.01
N PRO I 2 19.40 -14.18 4.09
CA PRO I 2 20.84 -13.92 3.89
C PRO I 2 21.24 -13.57 2.47
N TYR I 3 20.46 -13.94 1.47
CA TYR I 3 20.78 -13.48 0.12
C TYR I 3 20.36 -12.05 -0.11
N ASN I 4 19.30 -11.60 0.56
CA ASN I 4 18.93 -10.19 0.50
C ASN I 4 19.99 -9.32 1.14
N LYS I 5 20.54 -9.75 2.28
CA LYS I 5 21.52 -8.93 2.99
C LYS I 5 22.87 -8.93 2.30
N LEU I 6 23.16 -9.96 1.50
CA LEU I 6 24.28 -9.86 0.58
C LEU I 6 24.02 -8.79 -0.47
N PHE I 7 22.82 -8.81 -1.06
CA PHE I 7 22.50 -7.88 -2.15
C PHE I 7 22.31 -6.46 -1.64
N GLU I 8 21.86 -6.29 -0.40
CA GLU I 8 21.77 -4.95 0.18
C GLU I 8 23.15 -4.38 0.48
N GLU I 9 24.12 -5.25 0.76
CA GLU I 9 25.51 -4.85 0.89
C GLU I 9 26.28 -5.00 -0.41
N ARG I 10 25.57 -5.03 -1.53
CA ARG I 10 26.12 -5.01 -2.90
C ARG I 10 27.00 -6.22 -3.17
N ILE I 11 26.48 -7.40 -2.84
CA ILE I 11 27.16 -8.65 -3.13
C ILE I 11 26.23 -9.50 -3.99
N ILE I 12 26.61 -9.68 -5.25
CA ILE I 12 25.93 -10.60 -6.14
C ILE I 12 26.52 -11.99 -5.94
N PHE I 13 25.65 -12.95 -5.69
CA PHE I 13 26.10 -14.30 -5.38
C PHE I 13 25.79 -15.16 -6.61
N LEU I 14 26.85 -15.63 -7.27
CA LEU I 14 26.63 -16.45 -8.47
C LEU I 14 26.11 -17.84 -8.08
N GLY I 15 26.92 -18.62 -7.38
CA GLY I 15 26.46 -19.80 -6.68
C GLY I 15 26.19 -21.03 -7.52
N VAL I 16 25.35 -20.92 -8.55
CA VAL I 16 24.84 -22.10 -9.25
C VAL I 16 25.49 -22.19 -10.62
N GLN I 17 25.19 -23.30 -11.31
CA GLN I 17 25.48 -23.53 -12.73
C GLN I 17 25.12 -22.33 -13.59
N VAL I 18 26.10 -21.80 -14.31
CA VAL I 18 25.86 -20.69 -15.22
C VAL I 18 25.05 -21.21 -16.39
N ASP I 19 23.76 -20.91 -16.39
CA ASP I 19 22.92 -21.17 -17.55
C ASP I 19 22.23 -19.85 -17.88
N ASP I 20 21.20 -19.91 -18.72
CA ASP I 20 20.45 -18.71 -19.06
C ASP I 20 19.84 -18.06 -17.83
N ALA I 21 19.08 -18.83 -17.04
CA ALA I 21 18.35 -18.30 -15.89
C ALA I 21 19.28 -17.77 -14.81
N SER I 22 20.46 -18.40 -14.63
CA SER I 22 21.43 -17.84 -13.71
C SER I 22 22.05 -16.57 -14.26
N ALA I 23 22.29 -16.52 -15.57
CA ALA I 23 22.82 -15.31 -16.18
C ALA I 23 21.80 -14.19 -16.14
N ASN I 24 20.52 -14.53 -16.29
CA ASN I 24 19.47 -13.51 -16.27
C ASN I 24 19.33 -12.87 -14.90
N ASP I 25 19.59 -13.63 -13.83
CA ASP I 25 19.48 -13.08 -12.49
C ASP I 25 20.61 -12.11 -12.18
N ILE I 26 21.81 -12.42 -12.65
CA ILE I 26 22.98 -11.63 -12.29
C ILE I 26 22.99 -10.31 -13.04
N MET I 27 22.60 -10.33 -14.32
CA MET I 27 22.49 -9.08 -15.09
C MET I 27 21.39 -8.19 -14.55
N ALA I 28 20.31 -8.78 -14.03
CA ALA I 28 19.33 -8.00 -13.30
C ALA I 28 19.93 -7.42 -12.03
N GLN I 29 20.83 -8.15 -11.37
CA GLN I 29 21.45 -7.67 -10.15
C GLN I 29 22.63 -6.74 -10.39
N LEU I 30 23.35 -6.93 -11.50
CA LEU I 30 24.47 -6.04 -11.82
C LEU I 30 24.00 -4.64 -12.18
N LEU I 31 22.82 -4.53 -12.76
CA LEU I 31 22.33 -3.22 -13.21
C LEU I 31 21.57 -2.49 -12.13
N VAL I 32 20.93 -3.22 -11.21
CA VAL I 32 20.28 -2.58 -10.06
C VAL I 32 21.33 -1.99 -9.12
N LEU I 33 22.38 -2.75 -8.83
CA LEU I 33 23.47 -2.21 -8.04
C LEU I 33 24.26 -1.15 -8.78
N GLU I 34 24.23 -1.17 -10.13
CA GLU I 34 24.71 -0.04 -10.89
C GLU I 34 23.85 1.20 -10.68
N SER I 35 22.53 1.03 -10.58
CA SER I 35 21.65 2.17 -10.42
C SER I 35 21.57 2.65 -8.98
N LEU I 36 21.81 1.77 -8.01
CA LEU I 36 21.76 2.19 -6.62
C LEU I 36 22.96 3.07 -6.26
N ASP I 37 24.16 2.64 -6.63
CA ASP I 37 25.36 3.45 -6.43
C ASP I 37 26.38 3.03 -7.48
N PRO I 38 26.54 3.79 -8.55
CA PRO I 38 27.47 3.39 -9.61
C PRO I 38 28.94 3.57 -9.26
N ASP I 39 29.24 4.23 -8.13
CA ASP I 39 30.61 4.48 -7.73
C ASP I 39 31.06 3.57 -6.59
N ARG I 40 30.17 2.73 -6.10
CA ARG I 40 30.48 1.81 -5.01
C ARG I 40 30.60 0.41 -5.58
N ASP I 41 31.60 -0.33 -5.12
CA ASP I 41 32.04 -1.56 -5.76
C ASP I 41 31.04 -2.68 -5.56
N ILE I 42 30.63 -3.31 -6.65
CA ILE I 42 29.84 -4.53 -6.60
C ILE I 42 30.79 -5.69 -6.32
N THR I 43 30.42 -6.55 -5.40
CA THR I 43 31.18 -7.75 -5.13
C THR I 43 30.44 -8.95 -5.74
N MET I 44 31.18 -9.80 -6.44
CA MET I 44 30.57 -10.99 -7.06
C MET I 44 31.19 -12.23 -6.46
N TYR I 45 30.38 -13.00 -5.73
CA TYR I 45 30.84 -14.26 -5.16
C TYR I 45 30.61 -15.39 -6.14
N ILE I 46 31.64 -16.17 -6.40
CA ILE I 46 31.61 -17.19 -7.43
C ILE I 46 31.89 -18.55 -6.80
N ASN I 47 30.89 -19.42 -6.82
CA ASN I 47 31.03 -20.83 -6.45
C ASN I 47 30.40 -21.67 -7.55
N SER I 48 30.74 -21.38 -8.78
CA SER I 48 29.98 -21.99 -9.84
C SER I 48 30.78 -23.06 -10.57
N PRO I 49 30.12 -24.11 -11.05
CA PRO I 49 30.78 -25.06 -11.94
C PRO I 49 30.85 -24.60 -13.40
N GLY I 50 30.39 -23.40 -13.71
CA GLY I 50 30.52 -22.89 -15.05
C GLY I 50 29.38 -23.31 -15.95
N GLY I 51 29.69 -23.48 -17.22
CA GLY I 51 28.72 -23.87 -18.22
C GLY I 51 28.19 -22.65 -18.95
N GLY I 52 27.87 -22.84 -20.22
CA GLY I 52 27.28 -21.78 -21.01
C GLY I 52 28.32 -20.79 -21.49
N PHE I 53 28.30 -20.48 -22.77
CA PHE I 53 29.17 -19.43 -23.26
C PHE I 53 28.43 -18.14 -23.52
N THR I 54 27.21 -18.22 -24.04
CA THR I 54 26.39 -17.03 -24.21
C THR I 54 25.88 -16.55 -22.87
N SER I 55 25.73 -17.45 -21.90
CA SER I 55 25.41 -17.05 -20.54
C SER I 55 26.63 -16.48 -19.82
N LEU I 56 27.81 -17.01 -20.14
CA LEU I 56 29.06 -16.40 -19.72
C LEU I 56 29.18 -14.97 -20.22
N MET I 57 29.09 -14.78 -21.53
CA MET I 57 29.29 -13.47 -22.12
C MET I 57 28.12 -12.53 -21.90
N ALA I 58 27.00 -13.03 -21.37
CA ALA I 58 25.97 -12.15 -20.86
C ALA I 58 26.35 -11.58 -19.51
N ILE I 59 26.85 -12.44 -18.61
CA ILE I 59 27.34 -11.97 -17.31
C ILE I 59 28.61 -11.16 -17.50
N TYR I 60 29.49 -11.60 -18.40
CA TYR I 60 30.78 -10.95 -18.62
C TYR I 60 30.62 -9.52 -19.10
N ASP I 61 29.79 -9.32 -20.11
CA ASP I 61 29.62 -7.99 -20.68
C ASP I 61 28.92 -7.05 -19.71
N THR I 62 27.99 -7.58 -18.92
CA THR I 62 27.25 -6.74 -17.98
C THR I 62 28.13 -6.30 -16.82
N MET I 63 28.97 -7.19 -16.30
CA MET I 63 29.91 -6.80 -15.27
C MET I 63 31.07 -5.98 -15.81
N GLN I 64 31.30 -6.01 -17.11
CA GLN I 64 32.20 -5.04 -17.72
C GLN I 64 31.48 -3.74 -18.08
N TYR I 65 30.16 -3.78 -18.26
CA TYR I 65 29.43 -2.58 -18.66
C TYR I 65 29.31 -1.59 -17.52
N VAL I 66 29.03 -2.07 -16.31
CA VAL I 66 28.58 -1.20 -15.23
C VAL I 66 29.70 -0.30 -14.75
N ARG I 67 29.32 0.87 -14.23
CA ARG I 67 30.32 1.83 -13.75
C ARG I 67 31.05 1.31 -12.53
N ALA I 68 30.39 0.45 -11.76
CA ALA I 68 30.97 -0.04 -10.53
C ALA I 68 32.05 -1.08 -10.80
N ASP I 69 33.09 -1.04 -9.96
CA ASP I 69 34.11 -2.08 -10.01
C ASP I 69 33.51 -3.38 -9.52
N ILE I 70 33.86 -4.48 -10.18
CA ILE I 70 33.39 -5.78 -9.76
C ILE I 70 34.50 -6.45 -9.00
N GLN I 71 34.24 -6.75 -7.73
CA GLN I 71 35.13 -7.52 -6.88
C GLN I 71 34.70 -8.98 -7.00
N THR I 72 35.47 -9.76 -7.75
CA THR I 72 35.16 -11.18 -7.88
C THR I 72 35.89 -11.95 -6.79
N VAL I 73 35.15 -12.76 -6.05
CA VAL I 73 35.69 -13.58 -4.98
C VAL I 73 35.32 -15.02 -5.30
N CYS I 74 36.32 -15.87 -5.49
CA CYS I 74 36.07 -17.28 -5.71
C CYS I 74 35.99 -17.99 -4.37
N LEU I 75 34.91 -18.75 -4.17
CA LEU I 75 34.63 -19.34 -2.87
C LEU I 75 35.19 -20.75 -2.75
N GLY I 76 34.70 -21.66 -3.58
CA GLY I 76 35.25 -23.00 -3.58
C GLY I 76 35.55 -23.51 -4.96
N GLN I 77 34.99 -22.85 -5.97
CA GLN I 77 35.10 -23.34 -7.34
C GLN I 77 34.80 -22.20 -8.29
N ALA I 78 35.61 -22.08 -9.34
CA ALA I 78 35.29 -21.26 -10.51
C ALA I 78 35.72 -22.10 -11.71
N ALA I 79 34.73 -22.67 -12.39
CA ALA I 79 35.09 -23.60 -13.47
C ALA I 79 34.58 -23.10 -14.81
N SER I 80 35.25 -23.50 -15.89
CA SER I 80 34.77 -23.14 -17.24
C SER I 80 34.41 -21.66 -17.29
N ALA I 81 33.12 -21.34 -17.40
CA ALA I 81 32.68 -19.94 -17.56
C ALA I 81 32.90 -19.16 -16.27
N ALA I 82 32.84 -19.83 -15.11
CA ALA I 82 32.94 -19.07 -13.88
C ALA I 82 34.34 -18.58 -13.61
N ALA I 83 35.35 -19.29 -14.12
CA ALA I 83 36.72 -18.82 -14.00
C ALA I 83 36.99 -17.64 -14.92
N VAL I 84 36.24 -17.54 -16.02
CA VAL I 84 36.35 -16.37 -16.87
C VAL I 84 35.69 -15.18 -16.22
N LEU I 85 34.53 -15.41 -15.57
CA LEU I 85 33.90 -14.37 -14.76
C LEU I 85 34.73 -14.00 -13.56
N LEU I 86 35.52 -14.93 -13.04
CA LEU I 86 36.43 -14.64 -11.94
C LEU I 86 37.56 -13.72 -12.40
N ALA I 87 38.10 -13.97 -13.59
CA ALA I 87 39.08 -13.05 -14.15
C ALA I 87 38.44 -11.77 -14.63
N ALA I 88 37.12 -11.75 -14.83
CA ALA I 88 36.42 -10.58 -15.34
C ALA I 88 36.29 -9.46 -14.32
N GLY I 89 36.69 -9.67 -13.08
CA GLY I 89 36.71 -8.59 -12.12
C GLY I 89 37.75 -7.55 -12.46
N THR I 90 37.62 -6.41 -11.81
CA THR I 90 38.55 -5.33 -12.05
C THR I 90 39.91 -5.67 -11.48
N PRO I 91 41.00 -5.22 -12.11
CA PRO I 91 42.34 -5.55 -11.63
C PRO I 91 42.62 -5.00 -10.24
N GLY I 92 43.20 -5.84 -9.40
CA GLY I 92 43.38 -5.55 -8.00
C GLY I 92 42.23 -5.98 -7.12
N LYS I 93 41.08 -6.28 -7.70
CA LYS I 93 39.92 -6.67 -6.91
C LYS I 93 39.46 -8.08 -7.20
N ARG I 94 40.31 -8.92 -7.78
CA ARG I 94 39.95 -10.29 -8.08
C ARG I 94 40.51 -11.17 -6.98
N MET I 95 39.63 -11.77 -6.19
CA MET I 95 40.02 -12.44 -4.98
C MET I 95 39.64 -13.91 -5.05
N ALA I 96 40.30 -14.70 -4.21
CA ALA I 96 39.94 -16.11 -4.08
C ALA I 96 40.26 -16.55 -2.67
N LEU I 97 39.43 -17.42 -2.16
CA LEU I 97 39.69 -18.07 -0.89
C LEU I 97 40.82 -19.07 -1.05
N PRO I 98 41.59 -19.37 0.01
CA PRO I 98 42.84 -20.13 -0.18
C PRO I 98 42.67 -21.55 -0.72
N ASN I 99 41.56 -22.21 -0.43
CA ASN I 99 41.32 -23.54 -0.95
C ASN I 99 40.28 -23.54 -2.05
N ALA I 100 40.05 -22.40 -2.68
CA ALA I 100 39.19 -22.34 -3.84
C ALA I 100 39.90 -22.92 -5.04
N ARG I 101 39.12 -23.46 -5.97
CA ARG I 101 39.63 -24.12 -7.16
C ARG I 101 39.25 -23.30 -8.38
N VAL I 102 40.22 -23.04 -9.24
CA VAL I 102 39.96 -22.36 -10.51
C VAL I 102 40.23 -23.36 -11.62
N LEU I 103 39.21 -23.63 -12.42
CA LEU I 103 39.31 -24.64 -13.47
C LEU I 103 39.04 -23.96 -14.80
N ILE I 104 40.08 -23.79 -15.61
CA ILE I 104 39.94 -23.22 -16.94
C ILE I 104 40.09 -24.33 -17.97
N HIS I 105 39.16 -24.35 -18.91
CA HIS I 105 39.21 -25.35 -20.01
C HIS I 105 38.47 -24.79 -21.22
N GLN I 106 38.86 -25.22 -22.41
CA GLN I 106 38.28 -24.76 -23.66
C GLN I 106 36.79 -25.07 -23.70
N PRO I 107 36.02 -24.32 -24.49
CA PRO I 107 34.58 -24.60 -24.60
C PRO I 107 34.30 -25.98 -25.17
N SER I 108 33.16 -26.53 -24.80
CA SER I 108 32.82 -27.90 -25.14
C SER I 108 31.32 -27.97 -25.40
N LEU I 109 30.96 -28.74 -26.41
CA LEU I 109 29.57 -29.12 -26.63
C LEU I 109 29.17 -30.21 -25.64
N SER I 110 28.25 -29.88 -24.76
CA SER I 110 27.61 -30.89 -23.92
C SER I 110 26.66 -31.68 -24.78
N GLY I 111 27.02 -32.93 -25.08
CA GLY I 111 26.22 -33.75 -25.94
C GLY I 111 26.43 -33.45 -27.41
N VAL I 112 26.09 -34.44 -28.23
CA VAL I 112 26.29 -34.38 -29.67
C VAL I 112 25.16 -33.54 -30.26
N ILE I 113 25.50 -32.66 -31.20
CA ILE I 113 24.47 -32.04 -32.03
C ILE I 113 24.62 -32.56 -33.45
N GLN I 114 23.51 -33.03 -34.01
CA GLN I 114 23.50 -33.67 -35.31
C GLN I 114 23.39 -32.62 -36.39
N GLY I 115 23.46 -33.07 -37.63
CA GLY I 115 23.23 -32.17 -38.74
C GLY I 115 24.07 -32.56 -39.93
N GLN I 116 23.78 -31.90 -41.04
CA GLN I 116 24.60 -32.01 -42.23
C GLN I 116 25.96 -31.41 -41.99
N PHE I 117 26.93 -31.76 -42.84
CA PHE I 117 28.28 -31.26 -42.63
C PHE I 117 28.37 -29.76 -42.84
N SER I 118 27.50 -29.19 -43.65
CA SER I 118 27.44 -27.73 -43.74
C SER I 118 26.89 -27.12 -42.46
N ASP I 119 25.96 -27.82 -41.80
CA ASP I 119 25.52 -27.37 -40.49
C ASP I 119 26.60 -27.53 -39.45
N LEU I 120 27.46 -28.54 -39.59
CA LEU I 120 28.47 -28.81 -38.58
C LEU I 120 29.74 -28.04 -38.81
N GLU I 121 30.00 -27.57 -40.03
CA GLU I 121 31.10 -26.63 -40.24
C GLU I 121 30.83 -25.30 -39.58
N ILE I 122 29.58 -24.98 -39.33
CA ILE I 122 29.21 -23.72 -38.69
C ILE I 122 29.16 -23.87 -37.19
N GLN I 123 28.67 -25.01 -36.69
CA GLN I 123 28.73 -25.29 -35.27
C GLN I 123 30.15 -25.51 -34.79
N ALA I 124 31.06 -25.88 -35.69
CA ALA I 124 32.46 -25.98 -35.33
C ALA I 124 33.17 -24.65 -35.48
N ALA I 125 32.76 -23.83 -36.45
CA ALA I 125 33.28 -22.48 -36.50
C ALA I 125 32.77 -21.66 -35.35
N GLU I 126 31.59 -22.00 -34.81
CA GLU I 126 31.07 -21.32 -33.65
C GLU I 126 31.86 -21.64 -32.39
N ILE I 127 32.13 -22.93 -32.14
CA ILE I 127 32.89 -23.25 -30.94
C ILE I 127 34.35 -22.87 -31.11
N GLU I 128 34.82 -22.68 -32.34
CA GLU I 128 36.15 -22.12 -32.52
C GLU I 128 36.18 -20.66 -32.15
N ARG I 129 35.19 -19.87 -32.58
CA ARG I 129 35.16 -18.49 -32.11
C ARG I 129 34.62 -18.39 -30.68
N MET I 130 33.95 -19.41 -30.17
CA MET I 130 33.77 -19.49 -28.72
C MET I 130 35.10 -19.72 -28.03
N ARG I 131 35.99 -20.48 -28.65
CA ARG I 131 37.27 -20.79 -28.04
C ARG I 131 38.19 -19.59 -28.09
N THR I 132 38.27 -18.92 -29.24
CA THR I 132 39.13 -17.74 -29.35
C THR I 132 38.62 -16.60 -28.48
N LEU I 133 37.29 -16.47 -28.35
CA LEU I 133 36.76 -15.42 -27.51
C LEU I 133 36.98 -15.73 -26.04
N MET I 134 36.94 -17.00 -25.66
CA MET I 134 37.28 -17.37 -24.29
C MET I 134 38.74 -17.09 -24.00
N GLU I 135 39.61 -17.24 -24.99
CA GLU I 135 41.03 -17.00 -24.80
C GLU I 135 41.38 -15.54 -24.93
N THR I 136 40.69 -14.80 -25.81
CA THR I 136 40.93 -13.37 -25.91
C THR I 136 40.42 -12.64 -24.68
N THR I 137 39.28 -13.10 -24.13
CA THR I 137 38.79 -12.54 -22.89
C THR I 137 39.73 -12.84 -21.74
N LEU I 138 40.18 -14.08 -21.64
CA LEU I 138 41.04 -14.46 -20.54
C LEU I 138 42.47 -13.96 -20.72
N ALA I 139 42.82 -13.42 -21.89
CA ALA I 139 44.12 -12.78 -22.06
C ALA I 139 44.10 -11.30 -21.71
N ARG I 140 42.95 -10.63 -21.89
CA ARG I 140 42.80 -9.26 -21.42
C ARG I 140 42.86 -9.17 -19.91
N HIS I 141 42.46 -10.22 -19.22
CA HIS I 141 42.28 -10.18 -17.79
C HIS I 141 43.36 -10.91 -17.01
N THR I 142 44.18 -11.73 -17.68
CA THR I 142 45.31 -12.36 -17.03
C THR I 142 46.65 -11.85 -17.51
N GLY I 143 46.67 -11.07 -18.59
CA GLY I 143 47.92 -10.57 -19.13
C GLY I 143 48.75 -11.61 -19.84
N LYS I 144 48.12 -12.62 -20.41
CA LYS I 144 48.83 -13.65 -21.16
C LYS I 144 48.60 -13.46 -22.65
N ASP I 145 49.23 -14.32 -23.44
CA ASP I 145 49.40 -14.04 -24.86
C ASP I 145 48.27 -14.58 -25.72
N ALA I 146 47.28 -15.25 -25.11
CA ALA I 146 46.11 -15.91 -25.70
C ALA I 146 46.46 -17.12 -26.56
N GLY I 147 47.74 -17.40 -26.77
CA GLY I 147 48.17 -18.64 -27.36
C GLY I 147 48.70 -19.48 -26.24
N VAL I 148 49.18 -18.80 -25.19
CA VAL I 148 49.55 -19.45 -23.96
C VAL I 148 48.32 -20.04 -23.29
N ILE I 149 47.22 -19.30 -23.30
CA ILE I 149 45.97 -19.78 -22.72
C ILE I 149 45.38 -20.91 -23.57
N ARG I 150 45.61 -20.89 -24.88
CA ARG I 150 45.19 -22.00 -25.72
C ARG I 150 45.97 -23.27 -25.39
N LYS I 151 47.28 -23.14 -25.13
CA LYS I 151 48.07 -24.28 -24.68
C LYS I 151 47.64 -24.72 -23.29
N ASP I 152 47.26 -23.78 -22.44
CA ASP I 152 46.93 -24.12 -21.06
C ASP I 152 45.52 -24.64 -20.90
N THR I 153 44.56 -24.09 -21.64
CA THR I 153 43.19 -24.59 -21.61
C THR I 153 42.94 -25.65 -22.67
N ASP I 154 44.01 -26.27 -23.19
CA ASP I 154 43.86 -27.42 -24.06
C ASP I 154 43.16 -28.56 -23.35
N ARG I 155 43.51 -28.78 -22.10
CA ARG I 155 42.85 -29.72 -21.23
C ARG I 155 42.24 -28.95 -20.07
N ASP I 156 41.76 -29.69 -19.08
CA ASP I 156 41.24 -29.03 -17.86
C ASP I 156 42.44 -28.58 -17.02
N LYS I 157 42.61 -27.28 -16.84
CA LYS I 157 43.71 -26.74 -16.05
C LYS I 157 43.15 -26.30 -14.72
N ILE I 158 43.30 -27.14 -13.71
CA ILE I 158 42.89 -26.80 -12.36
C ILE I 158 43.96 -25.91 -11.77
N LEU I 159 43.55 -24.74 -11.29
CA LEU I 159 44.42 -23.82 -10.60
C LEU I 159 43.99 -23.75 -9.14
N THR I 160 44.93 -24.01 -8.24
CA THR I 160 44.81 -23.56 -6.87
C THR I 160 44.84 -22.03 -6.85
N ALA I 161 44.23 -21.44 -5.82
CA ALA I 161 44.14 -19.98 -5.71
C ALA I 161 45.51 -19.32 -5.66
N GLU I 162 46.50 -19.98 -5.05
CA GLU I 162 47.84 -19.41 -5.05
C GLU I 162 48.49 -19.46 -6.42
N GLU I 163 48.12 -20.42 -7.25
CA GLU I 163 48.63 -20.49 -8.61
C GLU I 163 47.62 -20.01 -9.64
N ALA I 164 46.41 -19.63 -9.21
CA ALA I 164 45.58 -18.77 -10.03
C ALA I 164 45.97 -17.31 -9.88
N LYS I 165 46.65 -16.97 -8.78
CA LYS I 165 47.25 -15.65 -8.67
C LYS I 165 48.43 -15.50 -9.60
N ASP I 166 49.27 -16.54 -9.67
CA ASP I 166 50.41 -16.52 -10.58
C ASP I 166 49.96 -16.60 -12.03
N TYR I 167 48.81 -17.22 -12.29
CA TYR I 167 48.29 -17.29 -13.65
C TYR I 167 47.65 -15.98 -14.06
N GLY I 168 47.19 -15.19 -13.10
CA GLY I 168 46.53 -13.94 -13.39
C GLY I 168 45.03 -14.00 -13.32
N ILE I 169 44.46 -15.15 -12.94
CA ILE I 169 43.01 -15.26 -12.80
C ILE I 169 42.54 -14.38 -11.65
N ILE I 170 43.21 -14.45 -10.51
CA ILE I 170 42.89 -13.61 -9.37
C ILE I 170 44.12 -12.79 -9.01
N ASP I 171 43.91 -11.79 -8.17
CA ASP I 171 44.97 -10.87 -7.78
C ASP I 171 45.38 -11.02 -6.34
N THR I 172 44.54 -11.63 -5.50
CA THR I 172 44.81 -11.72 -4.07
C THR I 172 44.20 -13.02 -3.58
N VAL I 173 44.98 -13.83 -2.88
CA VAL I 173 44.43 -14.92 -2.11
C VAL I 173 44.03 -14.36 -0.75
N LEU I 174 42.78 -14.58 -0.36
CA LEU I 174 42.24 -13.97 0.84
C LEU I 174 42.82 -14.58 2.10
N GLU I 175 43.37 -13.72 2.95
CA GLU I 175 43.84 -14.14 4.25
C GLU I 175 42.68 -14.19 5.23
N TYR I 176 42.80 -15.08 6.21
CA TYR I 176 41.78 -15.34 7.19
C TYR I 176 41.76 -14.25 8.27
N ARG I 177 40.59 -14.12 8.90
CA ARG I 177 40.42 -13.00 9.87
C ARG I 177 39.90 -13.53 11.21
N LYS I 178 39.54 -14.81 11.28
CA LYS I 178 39.13 -15.38 12.59
C LYS I 178 40.05 -14.78 13.67
N LEU I 179 39.51 -13.88 14.50
CA LEU I 179 40.31 -13.26 15.58
C LEU I 179 41.18 -14.33 16.24
N SER I 180 40.63 -15.55 16.43
CA SER I 180 41.42 -16.67 17.01
C SER I 180 42.24 -16.17 18.20
N ASN J 1 9.05 -20.40 13.66
CA ASN J 1 9.66 -21.28 12.68
C ASN J 1 11.03 -21.73 13.19
N PRO J 2 11.22 -23.04 13.42
CA PRO J 2 12.38 -23.48 14.23
C PRO J 2 13.73 -23.30 13.55
N TYR J 3 13.79 -23.23 12.22
CA TYR J 3 15.07 -22.94 11.60
C TYR J 3 15.41 -21.46 11.67
N ASN J 4 14.39 -20.60 11.68
CA ASN J 4 14.66 -19.17 11.89
C ASN J 4 15.17 -18.91 13.29
N LYS J 5 14.62 -19.59 14.30
CA LYS J 5 15.02 -19.34 15.68
C LYS J 5 16.38 -19.95 15.98
N LEU J 6 16.79 -20.96 15.23
CA LEU J 6 18.20 -21.37 15.26
C LEU J 6 19.08 -20.26 14.70
N PHE J 7 18.71 -19.71 13.55
CA PHE J 7 19.53 -18.71 12.89
C PHE J 7 19.51 -17.38 13.63
N GLU J 8 18.41 -17.05 14.32
CA GLU J 8 18.38 -15.84 15.14
C GLU J 8 19.26 -15.99 16.37
N GLU J 9 19.43 -17.22 16.86
CA GLU J 9 20.36 -17.52 17.93
C GLU J 9 21.71 -17.97 17.40
N ARG J 10 22.01 -17.62 16.14
CA ARG J 10 23.32 -17.82 15.49
C ARG J 10 23.70 -19.29 15.41
N ILE J 11 22.77 -20.10 14.93
CA ILE J 11 23.01 -21.52 14.70
C ILE J 11 22.73 -21.80 13.23
N ILE J 12 23.77 -22.10 12.48
CA ILE J 12 23.66 -22.58 11.11
C ILE J 12 23.46 -24.07 11.13
N PHE J 13 22.42 -24.54 10.48
CA PHE J 13 22.07 -25.95 10.50
C PHE J 13 22.44 -26.53 9.15
N LEU J 14 23.44 -27.41 9.12
CA LEU J 14 23.85 -27.99 7.85
C LEU J 14 22.80 -28.99 7.35
N GLY J 15 22.61 -30.09 8.07
CA GLY J 15 21.45 -30.94 7.90
C GLY J 15 21.46 -31.88 6.70
N VAL J 16 21.65 -31.35 5.50
CA VAL J 16 21.43 -32.13 4.29
C VAL J 16 22.77 -32.48 3.65
N GLN J 17 22.69 -33.29 2.58
CA GLN J 17 23.78 -33.59 1.66
C GLN J 17 24.52 -32.33 1.23
N VAL J 18 25.82 -32.29 1.47
CA VAL J 18 26.64 -31.15 1.05
C VAL J 18 26.75 -31.21 -0.47
N ASP J 19 26.02 -30.35 -1.14
CA ASP J 19 26.17 -30.14 -2.57
C ASP J 19 26.37 -28.66 -2.76
N ASP J 20 26.25 -28.19 -4.02
CA ASP J 20 26.37 -26.77 -4.30
C ASP J 20 25.34 -25.95 -3.55
N ALA J 21 24.05 -26.31 -3.70
CA ALA J 21 22.96 -25.54 -3.12
C ALA J 21 22.99 -25.55 -1.59
N SER J 22 23.44 -26.64 -0.98
CA SER J 22 23.62 -26.63 0.47
C SER J 22 24.81 -25.78 0.87
N ALA J 23 25.88 -25.81 0.07
CA ALA J 23 27.02 -24.96 0.36
C ALA J 23 26.69 -23.50 0.17
N ASN J 24 25.85 -23.19 -0.82
CA ASN J 24 25.46 -21.81 -1.10
C ASN J 24 24.64 -21.22 0.04
N ASP J 25 23.84 -22.05 0.71
CA ASP J 25 23.01 -21.55 1.80
C ASP J 25 23.84 -21.23 3.03
N ILE J 26 24.86 -22.05 3.31
CA ILE J 26 25.63 -21.90 4.54
C ILE J 26 26.57 -20.71 4.45
N MET J 27 27.18 -20.51 3.29
CA MET J 27 28.03 -19.34 3.09
C MET J 27 27.23 -18.04 3.12
N ALA J 28 25.98 -18.09 2.65
CA ALA J 28 25.08 -16.97 2.86
C ALA J 28 24.78 -16.77 4.33
N GLN J 29 24.70 -17.85 5.11
CA GLN J 29 24.40 -17.76 6.53
C GLN J 29 25.64 -17.48 7.37
N LEU J 30 26.82 -17.93 6.93
CA LEU J 30 28.04 -17.66 7.67
C LEU J 30 28.43 -16.20 7.61
N LEU J 31 28.10 -15.52 6.52
CA LEU J 31 28.50 -14.13 6.35
C LEU J 31 27.49 -13.16 6.94
N VAL J 32 26.22 -13.55 6.97
CA VAL J 32 25.21 -12.72 7.62
C VAL J 32 25.43 -12.71 9.13
N LEU J 33 25.67 -13.88 9.71
CA LEU J 33 26.01 -13.94 11.13
C LEU J 33 27.38 -13.34 11.42
N GLU J 34 28.27 -13.31 10.43
CA GLU J 34 29.48 -12.50 10.54
C GLU J 34 29.15 -11.01 10.61
N SER J 35 28.18 -10.56 9.83
CA SER J 35 27.85 -9.14 9.81
C SER J 35 26.96 -8.72 10.96
N LEU J 36 26.17 -9.65 11.52
CA LEU J 36 25.31 -9.30 12.65
C LEU J 36 26.13 -9.09 13.91
N ASP J 37 27.04 -10.01 14.21
CA ASP J 37 27.93 -9.86 15.36
C ASP J 37 29.18 -10.67 15.06
N PRO J 38 30.27 -10.04 14.63
CA PRO J 38 31.48 -10.80 14.29
C PRO J 38 32.26 -11.32 15.49
N ASP J 39 31.90 -10.92 16.71
CA ASP J 39 32.60 -11.35 17.90
C ASP J 39 31.82 -12.39 18.69
N ARG J 40 30.62 -12.75 18.22
CA ARG J 40 29.79 -13.74 18.89
C ARG J 40 29.81 -15.02 18.07
N ASP J 41 29.92 -16.15 18.75
CA ASP J 41 30.26 -17.41 18.12
C ASP J 41 29.10 -17.95 17.29
N ILE J 42 29.39 -18.29 16.04
CA ILE J 42 28.46 -19.00 15.18
C ILE J 42 28.51 -20.47 15.56
N THR J 43 27.36 -21.09 15.71
CA THR J 43 27.29 -22.53 15.95
C THR J 43 26.86 -23.22 14.68
N MET J 44 27.53 -24.29 14.31
CA MET J 44 27.20 -25.03 13.10
C MET J 44 26.79 -26.44 13.47
N TYR J 45 25.53 -26.78 13.26
CA TYR J 45 25.03 -28.12 13.52
C TYR J 45 25.19 -28.97 12.28
N ILE J 46 25.80 -30.15 12.45
CA ILE J 46 26.16 -31.00 11.33
C ILE J 46 25.49 -32.34 11.49
N ASN J 47 24.56 -32.66 10.59
CA ASN J 47 23.95 -33.98 10.45
C ASN J 47 24.02 -34.40 8.99
N SER J 48 25.19 -34.26 8.40
CA SER J 48 25.23 -34.41 6.97
C SER J 48 25.92 -35.70 6.55
N PRO J 49 25.48 -36.31 5.46
CA PRO J 49 26.22 -37.43 4.87
C PRO J 49 27.42 -37.01 4.01
N GLY J 50 27.70 -35.72 3.92
CA GLY J 50 28.88 -35.28 3.20
C GLY J 50 28.61 -35.09 1.72
N GLY J 51 29.64 -35.34 0.93
CA GLY J 51 29.57 -35.20 -0.51
C GLY J 51 30.11 -33.85 -0.94
N GLY J 52 30.71 -33.84 -2.12
CA GLY J 52 31.20 -32.60 -2.67
C GLY J 52 32.53 -32.19 -2.07
N PHE J 53 33.50 -31.86 -2.91
CA PHE J 53 34.74 -31.32 -2.39
C PHE J 53 34.84 -29.82 -2.59
N THR J 54 34.37 -29.31 -3.72
CA THR J 54 34.33 -27.88 -3.91
C THR J 54 33.22 -27.24 -3.08
N SER J 55 32.18 -28.01 -2.78
CA SER J 55 31.16 -27.55 -1.85
C SER J 55 31.65 -27.64 -0.41
N LEU J 56 32.46 -28.65 -0.10
CA LEU J 56 33.19 -28.71 1.16
C LEU J 56 34.07 -27.47 1.35
N MET J 57 34.97 -27.22 0.40
CA MET J 57 35.92 -26.14 0.54
C MET J 57 35.30 -24.77 0.33
N ALA J 58 34.05 -24.71 -0.13
CA ALA J 58 33.30 -23.47 -0.08
C ALA J 58 32.81 -23.19 1.34
N ILE J 59 32.23 -24.20 1.99
CA ILE J 59 31.82 -24.06 3.38
C ILE J 59 33.03 -23.93 4.28
N TYR J 60 34.08 -24.69 4.00
CA TYR J 60 35.28 -24.71 4.84
C TYR J 60 35.97 -23.36 4.88
N ASP J 61 36.18 -22.76 3.71
CA ASP J 61 36.89 -21.48 3.66
C ASP J 61 36.06 -20.37 4.27
N THR J 62 34.74 -20.42 4.10
CA THR J 62 33.88 -19.37 4.63
C THR J 62 33.80 -19.43 6.15
N MET J 63 33.71 -20.63 6.72
CA MET J 63 33.73 -20.76 8.17
C MET J 63 35.12 -20.54 8.75
N GLN J 64 36.16 -20.63 7.92
CA GLN J 64 37.47 -20.17 8.35
C GLN J 64 37.67 -18.69 8.10
N TYR J 65 36.91 -18.10 7.18
CA TYR J 65 37.08 -16.68 6.86
C TYR J 65 36.54 -15.79 7.95
N VAL J 66 35.37 -16.12 8.49
CA VAL J 66 34.61 -15.18 9.30
C VAL J 66 35.31 -14.92 10.63
N ARG J 67 35.07 -13.73 11.18
CA ARG J 67 35.69 -13.36 12.45
C ARG J 67 35.16 -14.20 13.59
N ALA J 68 33.94 -14.68 13.47
CA ALA J 68 33.31 -15.43 14.54
C ALA J 68 33.88 -16.83 14.64
N ASP J 69 33.99 -17.32 15.87
CA ASP J 69 34.36 -18.70 16.10
C ASP J 69 33.22 -19.59 15.65
N ILE J 70 33.56 -20.70 15.01
CA ILE J 70 32.56 -21.64 14.59
C ILE J 70 32.53 -22.80 15.58
N GLN J 71 31.40 -22.96 16.23
CA GLN J 71 31.16 -24.09 17.12
C GLN J 71 30.50 -25.17 16.29
N THR J 72 31.25 -26.21 15.93
CA THR J 72 30.70 -27.31 15.18
C THR J 72 30.18 -28.37 16.14
N VAL J 73 28.94 -28.76 15.94
CA VAL J 73 28.29 -29.77 16.77
C VAL J 73 27.81 -30.87 15.82
N CYS J 74 28.33 -32.07 16.00
CA CYS J 74 27.86 -33.21 15.21
C CYS J 74 26.66 -33.84 15.90
N LEU J 75 25.58 -34.02 15.14
CA LEU J 75 24.31 -34.45 15.72
C LEU J 75 24.16 -35.96 15.65
N GLY J 76 24.11 -36.51 14.45
CA GLY J 76 24.04 -37.95 14.32
C GLY J 76 25.03 -38.49 13.32
N GLN J 77 25.57 -37.62 12.47
CA GLN J 77 26.42 -38.06 11.38
C GLN J 77 27.26 -36.88 10.90
N ALA J 78 28.56 -37.10 10.75
CA ALA J 78 29.45 -36.08 10.15
C ALA J 78 30.29 -36.90 9.18
N ALA J 79 29.74 -37.17 7.99
CA ALA J 79 30.44 -38.10 7.07
C ALA J 79 31.22 -37.33 6.00
N SER J 80 32.33 -37.91 5.54
CA SER J 80 33.10 -37.30 4.43
C SER J 80 33.27 -35.80 4.63
N ALA J 81 32.82 -35.02 3.65
CA ALA J 81 32.99 -33.55 3.70
C ALA J 81 32.46 -33.03 5.05
N ALA J 82 31.40 -33.65 5.58
CA ALA J 82 30.86 -33.06 6.80
C ALA J 82 31.75 -33.30 8.00
N ALA J 83 32.53 -34.37 7.99
CA ALA J 83 33.50 -34.60 9.05
C ALA J 83 34.68 -33.65 8.96
N VAL J 84 34.97 -33.17 7.75
CA VAL J 84 36.00 -32.16 7.57
C VAL J 84 35.50 -30.81 8.06
N LEU J 85 34.23 -30.51 7.78
CA LEU J 85 33.59 -29.32 8.33
C LEU J 85 33.43 -29.42 9.83
N LEU J 86 33.28 -30.62 10.37
CA LEU J 86 33.22 -30.82 11.80
C LEU J 86 34.57 -30.53 12.46
N ALA J 87 35.66 -30.96 11.84
CA ALA J 87 36.97 -30.58 12.33
C ALA J 87 37.29 -29.12 12.02
N ALA J 88 36.58 -28.50 11.10
CA ALA J 88 36.83 -27.13 10.72
C ALA J 88 36.41 -26.10 11.76
N GLY J 89 35.75 -26.52 12.82
CA GLY J 89 35.44 -25.59 13.90
C GLY J 89 36.68 -25.15 14.64
N THR J 90 36.52 -24.10 15.41
CA THR J 90 37.64 -23.56 16.16
C THR J 90 38.03 -24.53 17.27
N PRO J 91 39.32 -24.61 17.62
CA PRO J 91 39.75 -25.54 18.66
C PRO J 91 39.15 -25.23 20.02
N GLY J 92 38.69 -26.27 20.70
CA GLY J 92 37.95 -26.15 21.92
C GLY J 92 36.45 -26.02 21.72
N LYS J 93 36.00 -25.74 20.51
CA LYS J 93 34.57 -25.56 20.26
C LYS J 93 34.03 -26.59 19.29
N ARG J 94 34.71 -27.70 19.08
CA ARG J 94 34.25 -28.75 18.18
C ARG J 94 33.57 -29.82 19.02
N MET J 95 32.27 -29.96 18.86
CA MET J 95 31.47 -30.79 19.75
C MET J 95 30.81 -31.91 18.97
N ALA J 96 30.42 -32.94 19.70
CA ALA J 96 29.66 -34.02 19.10
C ALA J 96 28.75 -34.61 20.16
N LEU J 97 27.57 -35.02 19.74
CA LEU J 97 26.66 -35.74 20.60
C LEU J 97 27.21 -37.15 20.81
N PRO J 98 26.88 -37.81 21.94
CA PRO J 98 27.59 -39.06 22.29
C PRO J 98 27.39 -40.21 21.32
N ASN J 99 26.25 -40.29 20.65
CA ASN J 99 26.04 -41.34 19.67
C ASN J 99 26.12 -40.82 18.24
N ALA J 100 26.76 -39.68 18.04
CA ALA J 100 27.01 -39.19 16.70
C ALA J 100 28.12 -40.01 16.06
N ARG J 101 28.07 -40.07 14.73
CA ARG J 101 29.01 -40.86 13.96
C ARG J 101 29.87 -39.92 13.12
N VAL J 102 31.18 -40.10 13.16
CA VAL J 102 32.09 -39.35 12.32
C VAL J 102 32.70 -40.31 11.34
N LEU J 103 32.51 -40.07 10.05
CA LEU J 103 32.99 -40.96 9.00
C LEU J 103 33.94 -40.19 8.10
N ILE J 104 35.23 -40.49 8.20
CA ILE J 104 36.23 -39.89 7.35
C ILE J 104 36.68 -40.91 6.31
N HIS J 105 36.73 -40.45 5.07
CA HIS J 105 37.22 -41.32 3.98
C HIS J 105 37.75 -40.44 2.86
N GLN J 106 38.65 -40.97 2.05
CA GLN J 106 39.27 -40.25 0.95
C GLN J 106 38.22 -39.83 -0.07
N PRO J 107 38.51 -38.78 -0.86
CA PRO J 107 37.55 -38.36 -1.89
C PRO J 107 37.32 -39.44 -2.93
N SER J 108 36.14 -39.40 -3.53
CA SER J 108 35.72 -40.43 -4.46
C SER J 108 34.90 -39.80 -5.56
N LEU J 109 35.11 -40.28 -6.78
CA LEU J 109 34.23 -39.96 -7.90
C LEU J 109 32.95 -40.78 -7.79
N SER J 110 31.84 -40.09 -7.58
CA SER J 110 30.53 -40.71 -7.70
C SER J 110 30.25 -40.94 -9.17
N GLY J 111 30.30 -42.19 -9.59
CA GLY J 111 30.10 -42.53 -10.98
C GLY J 111 31.35 -42.32 -11.82
N VAL J 112 31.37 -43.00 -12.96
CA VAL J 112 32.51 -42.99 -13.86
C VAL J 112 32.45 -41.71 -14.67
N ILE J 113 33.59 -41.05 -14.86
CA ILE J 113 33.69 -40.01 -15.86
C ILE J 113 34.59 -40.48 -16.98
N GLN J 114 34.11 -40.36 -18.20
CA GLN J 114 34.79 -40.89 -19.36
C GLN J 114 35.80 -39.87 -19.87
N GLY J 115 36.55 -40.26 -20.87
CA GLY J 115 37.44 -39.33 -21.51
C GLY J 115 38.68 -40.01 -22.00
N GLN J 116 39.47 -39.26 -22.76
CA GLN J 116 40.79 -39.70 -23.18
C GLN J 116 41.70 -39.81 -21.98
N PHE J 117 42.81 -40.54 -22.15
CA PHE J 117 43.71 -40.73 -21.01
C PHE J 117 44.39 -39.44 -20.60
N SER J 118 44.55 -38.50 -21.52
CA SER J 118 45.05 -37.18 -21.12
C SER J 118 44.00 -36.43 -20.30
N ASP J 119 42.72 -36.63 -20.61
CA ASP J 119 41.67 -36.07 -19.78
C ASP J 119 41.61 -36.76 -18.43
N LEU J 120 41.94 -38.04 -18.37
CA LEU J 120 41.82 -38.78 -17.13
C LEU J 120 43.06 -38.69 -16.26
N GLU J 121 44.22 -38.35 -16.83
CA GLU J 121 45.37 -38.02 -16.01
C GLU J 121 45.18 -36.74 -15.23
N ILE J 122 44.27 -35.88 -15.69
CA ILE J 122 44.00 -34.62 -15.02
C ILE J 122 42.88 -34.78 -14.01
N GLN J 123 41.86 -35.56 -14.33
CA GLN J 123 40.84 -35.89 -13.36
C GLN J 123 41.37 -36.77 -12.24
N ALA J 124 42.46 -37.49 -12.48
CA ALA J 124 43.10 -38.23 -11.41
C ALA J 124 44.09 -37.39 -10.64
N ALA J 125 44.74 -36.44 -11.31
CA ALA J 125 45.55 -35.48 -10.58
C ALA J 125 44.68 -34.55 -9.76
N GLU J 126 43.43 -34.34 -10.20
CA GLU J 126 42.51 -33.52 -9.43
C GLU J 126 42.06 -34.22 -8.16
N ILE J 127 41.66 -35.49 -8.25
CA ILE J 127 41.23 -36.17 -7.05
C ILE J 127 42.42 -36.50 -6.16
N GLU J 128 43.64 -36.52 -6.71
CA GLU J 128 44.80 -36.64 -5.86
C GLU J 128 45.04 -35.36 -5.07
N ARG J 129 44.93 -34.19 -5.70
CA ARG J 129 45.02 -32.98 -4.91
C ARG J 129 43.73 -32.69 -4.16
N MET J 130 42.61 -33.29 -4.54
CA MET J 130 41.47 -33.33 -3.62
C MET J 130 41.80 -34.17 -2.40
N ARG J 131 42.57 -35.24 -2.59
CA ARG J 131 42.89 -36.13 -1.48
C ARG J 131 43.90 -35.50 -0.55
N THR J 132 44.95 -34.89 -1.12
CA THR J 132 45.96 -34.24 -0.28
C THR J 132 45.38 -33.03 0.43
N LEU J 133 44.48 -32.30 -0.22
CA LEU J 133 43.89 -31.14 0.44
C LEU J 133 42.92 -31.57 1.53
N MET J 134 42.23 -32.70 1.36
CA MET J 134 41.40 -33.23 2.42
C MET J 134 42.25 -33.67 3.60
N GLU J 135 43.44 -34.17 3.34
CA GLU J 135 44.31 -34.63 4.41
C GLU J 135 45.10 -33.49 5.03
N THR J 136 45.48 -32.49 4.23
CA THR J 136 46.16 -31.33 4.78
C THR J 136 45.22 -30.48 5.62
N THR J 137 43.96 -30.38 5.18
CA THR J 137 42.95 -29.71 5.99
C THR J 137 42.69 -30.44 7.28
N LEU J 138 42.51 -31.75 7.20
CA LEU J 138 42.21 -32.53 8.38
C LEU J 138 43.42 -32.74 9.26
N ALA J 139 44.63 -32.39 8.81
CA ALA J 139 45.79 -32.41 9.68
C ALA J 139 45.99 -31.11 10.43
N ARG J 140 45.59 -29.98 9.84
CA ARG J 140 45.61 -28.72 10.56
C ARG J 140 44.64 -28.71 11.72
N HIS J 141 43.55 -29.47 11.62
CA HIS J 141 42.48 -29.40 12.58
C HIS J 141 42.41 -30.58 13.54
N THR J 142 43.15 -31.66 13.27
CA THR J 142 43.24 -32.77 14.20
C THR J 142 44.62 -32.92 14.82
N GLY J 143 45.61 -32.21 14.31
CA GLY J 143 46.95 -32.33 14.83
C GLY J 143 47.66 -33.61 14.47
N LYS J 144 47.32 -34.20 13.32
CA LYS J 144 47.97 -35.40 12.86
C LYS J 144 48.90 -35.08 11.70
N ASP J 145 49.59 -36.11 11.21
CA ASP J 145 50.77 -35.88 10.39
C ASP J 145 50.45 -35.81 8.89
N ALA J 146 49.17 -35.98 8.53
CA ALA J 146 48.60 -35.99 7.16
C ALA J 146 49.04 -37.19 6.34
N GLY J 147 49.93 -38.02 6.85
CA GLY J 147 50.21 -39.31 6.26
C GLY J 147 49.53 -40.34 7.11
N VAL J 148 49.34 -39.98 8.39
CA VAL J 148 48.53 -40.79 9.28
C VAL J 148 47.07 -40.76 8.83
N ILE J 149 46.60 -39.59 8.41
CA ILE J 149 45.24 -39.46 7.92
C ILE J 149 45.07 -40.14 6.57
N ARG J 150 46.13 -40.19 5.77
CA ARG J 150 46.07 -40.96 4.53
C ARG J 150 45.96 -42.46 4.80
N LYS J 151 46.68 -42.95 5.81
CA LYS J 151 46.51 -44.34 6.22
C LYS J 151 45.15 -44.58 6.83
N ASP J 152 44.61 -43.60 7.54
CA ASP J 152 43.34 -43.78 8.23
C ASP J 152 42.15 -43.61 7.32
N THR J 153 42.19 -42.65 6.40
CA THR J 153 41.13 -42.46 5.44
C THR J 153 41.35 -43.25 4.15
N ASP J 154 42.21 -44.26 4.20
CA ASP J 154 42.36 -45.18 3.09
C ASP J 154 41.05 -45.89 2.79
N ARG J 155 40.35 -46.29 3.84
CA ARG J 155 39.02 -46.85 3.75
C ARG J 155 38.06 -45.92 4.49
N ASP J 156 36.83 -46.39 4.68
CA ASP J 156 35.87 -45.60 5.48
C ASP J 156 36.24 -45.80 6.95
N LYS J 157 36.61 -44.72 7.63
CA LYS J 157 36.97 -44.77 9.04
C LYS J 157 35.82 -44.17 9.82
N ILE J 158 34.96 -45.02 10.35
CA ILE J 158 33.88 -44.58 11.21
C ILE J 158 34.45 -44.30 12.59
N LEU J 159 34.22 -43.10 13.09
CA LEU J 159 34.60 -42.71 14.42
C LEU J 159 33.35 -42.49 15.25
N THR J 160 33.26 -43.19 16.37
CA THR J 160 32.38 -42.78 17.45
C THR J 160 32.87 -41.45 18.00
N ALA J 161 31.95 -40.67 18.59
CA ALA J 161 32.29 -39.34 19.10
C ALA J 161 33.35 -39.39 20.19
N GLU J 162 33.37 -40.45 21.00
CA GLU J 162 34.42 -40.58 22.00
C GLU J 162 35.78 -40.87 21.36
N GLU J 163 35.80 -41.53 20.22
CA GLU J 163 37.05 -41.78 19.51
C GLU J 163 37.24 -40.85 18.32
N ALA J 164 36.29 -39.97 18.05
CA ALA J 164 36.58 -38.79 17.25
C ALA J 164 37.19 -37.69 18.08
N LYS J 165 36.99 -37.74 19.41
CA LYS J 165 37.72 -36.85 20.30
C LYS J 165 39.18 -37.25 20.38
N ASP J 166 39.45 -38.55 20.47
CA ASP J 166 40.82 -39.03 20.49
C ASP J 166 41.50 -38.84 19.15
N TYR J 167 40.73 -38.85 18.07
CA TYR J 167 41.30 -38.63 16.75
C TYR J 167 41.58 -37.15 16.52
N GLY J 168 40.87 -36.28 17.20
CA GLY J 168 41.04 -34.86 17.02
C GLY J 168 39.98 -34.22 16.16
N ILE J 169 38.99 -34.98 15.70
CA ILE J 169 37.91 -34.40 14.90
C ILE J 169 37.09 -33.44 15.75
N ILE J 170 36.72 -33.86 16.95
CA ILE J 170 36.00 -33.00 17.88
C ILE J 170 36.82 -32.86 19.15
N ASP J 171 36.43 -31.90 19.98
CA ASP J 171 37.14 -31.59 21.20
C ASP J 171 36.37 -31.98 22.45
N THR J 172 35.05 -32.14 22.35
CA THR J 172 34.22 -32.39 23.51
C THR J 172 33.07 -33.28 23.06
N VAL J 173 32.85 -34.38 23.77
CA VAL J 173 31.60 -35.12 23.63
C VAL J 173 30.58 -34.49 24.56
N LEU J 174 29.43 -34.11 24.02
CA LEU J 174 28.45 -33.35 24.77
C LEU J 174 27.77 -34.21 25.83
N GLU J 175 27.81 -33.72 27.07
CA GLU J 175 27.10 -34.37 28.16
C GLU J 175 25.65 -33.90 28.15
N TYR J 176 24.78 -34.78 28.64
CA TYR J 176 23.34 -34.56 28.64
C TYR J 176 22.94 -33.63 29.78
N ARG J 177 21.81 -32.94 29.60
CA ARG J 177 21.42 -31.92 30.59
C ARG J 177 20.01 -32.21 31.12
N LYS J 178 19.43 -33.34 30.71
CA LYS J 178 18.11 -33.71 31.26
C LYS J 178 18.15 -33.48 32.78
N LEU J 179 17.47 -32.45 33.25
CA LEU J 179 17.41 -32.17 34.71
C LEU J 179 16.93 -33.42 35.44
N SER J 180 16.23 -34.31 34.72
CA SER J 180 15.75 -35.59 35.32
C SER J 180 14.73 -35.29 36.42
N ASN K 1 -3.44 -23.27 12.96
CA ASN K 1 -2.68 -24.30 12.28
C ASN K 1 -2.30 -25.39 13.28
N PRO K 2 -2.78 -26.63 13.10
CA PRO K 2 -2.74 -27.60 14.21
C PRO K 2 -1.35 -28.09 14.57
N TYR K 3 -0.37 -28.02 13.67
CA TYR K 3 0.97 -28.38 14.07
C TYR K 3 1.65 -27.26 14.85
N ASN K 4 1.28 -26.01 14.59
CA ASN K 4 1.78 -24.91 15.40
C ASN K 4 1.24 -24.98 16.82
N LYS K 5 -0.03 -25.34 16.97
CA LYS K 5 -0.63 -25.36 18.30
C LYS K 5 -0.18 -26.56 19.10
N LEU K 6 0.26 -27.63 18.42
CA LEU K 6 1.00 -28.67 19.13
C LEU K 6 2.32 -28.13 19.64
N PHE K 7 3.06 -27.42 18.79
CA PHE K 7 4.39 -26.93 19.16
C PHE K 7 4.32 -25.80 20.16
N GLU K 8 3.25 -25.00 20.13
CA GLU K 8 3.07 -23.96 21.14
C GLU K 8 2.74 -24.56 22.49
N GLU K 9 2.09 -25.73 22.50
CA GLU K 9 1.86 -26.48 23.73
C GLU K 9 2.94 -27.52 23.97
N ARG K 10 4.12 -27.33 23.36
CA ARG K 10 5.33 -28.11 23.59
C ARG K 10 5.14 -29.58 23.22
N ILE K 11 4.59 -29.81 22.04
CA ILE K 11 4.43 -31.15 21.49
C ILE K 11 5.16 -31.22 20.16
N ILE K 12 6.25 -31.98 20.13
CA ILE K 12 6.95 -32.27 18.89
C ILE K 12 6.29 -33.48 18.26
N PHE K 13 5.92 -33.35 17.00
CA PHE K 13 5.21 -34.40 16.31
C PHE K 13 6.18 -35.04 15.33
N LEU K 14 6.54 -36.30 15.58
CA LEU K 14 7.48 -36.98 14.69
C LEU K 14 6.83 -37.31 13.36
N GLY K 15 5.83 -38.19 13.38
CA GLY K 15 4.92 -38.36 12.26
C GLY K 15 5.42 -39.13 11.07
N VAL K 16 6.55 -38.74 10.49
CA VAL K 16 6.98 -39.26 9.20
C VAL K 16 8.16 -40.21 9.39
N GLN K 17 8.56 -40.84 8.29
CA GLN K 17 9.80 -41.61 8.15
C GLN K 17 11.00 -40.87 8.72
N VAL K 18 11.69 -41.48 9.67
CA VAL K 18 12.89 -40.89 10.26
C VAL K 18 13.97 -40.95 9.21
N ASP K 19 14.25 -39.80 8.59
CA ASP K 19 15.40 -39.66 7.73
C ASP K 19 16.18 -38.45 8.23
N ASP K 20 17.11 -37.96 7.42
CA ASP K 20 17.88 -36.77 7.80
C ASP K 20 16.96 -35.57 8.03
N ALA K 21 16.12 -35.25 7.05
CA ALA K 21 15.28 -34.06 7.10
C ALA K 21 14.26 -34.12 8.22
N SER K 22 13.74 -35.32 8.53
CA SER K 22 12.87 -35.44 9.69
C SER K 22 13.65 -35.31 10.99
N ALA K 23 14.88 -35.83 11.04
CA ALA K 23 15.70 -35.67 12.22
C ALA K 23 16.11 -34.22 12.41
N ASN K 24 16.35 -33.51 11.30
CA ASN K 24 16.76 -32.11 11.38
C ASN K 24 15.65 -31.23 11.93
N ASP K 25 14.40 -31.58 11.65
CA ASP K 25 13.28 -30.78 12.12
C ASP K 25 13.08 -30.94 13.62
N ILE K 26 13.26 -32.16 14.12
CA ILE K 26 12.97 -32.45 15.52
C ILE K 26 14.03 -31.87 16.44
N MET K 27 15.30 -31.96 16.03
CA MET K 27 16.38 -31.36 16.80
C MET K 27 16.27 -29.84 16.82
N ALA K 28 15.78 -29.26 15.74
CA ALA K 28 15.44 -27.84 15.76
C ALA K 28 14.30 -27.56 16.73
N GLN K 29 13.34 -28.49 16.85
CA GLN K 29 12.21 -28.32 17.73
C GLN K 29 12.52 -28.71 19.18
N LEU K 30 13.43 -29.67 19.39
CA LEU K 30 13.80 -30.06 20.74
C LEU K 30 14.59 -28.97 21.45
N LEU K 31 15.35 -28.19 20.70
CA LEU K 31 16.20 -27.17 21.32
C LEU K 31 15.48 -25.85 21.50
N VAL K 32 14.51 -25.55 20.63
CA VAL K 32 13.68 -24.36 20.82
C VAL K 32 12.80 -24.51 22.04
N LEU K 33 12.15 -25.67 22.20
CA LEU K 33 11.38 -25.94 23.40
C LEU K 33 12.27 -26.10 24.62
N GLU K 34 13.53 -26.48 24.44
CA GLU K 34 14.49 -26.37 25.52
C GLU K 34 14.75 -24.92 25.91
N SER K 35 14.81 -24.01 24.93
CA SER K 35 15.10 -22.62 25.24
C SER K 35 13.87 -21.86 25.71
N LEU K 36 12.67 -22.29 25.31
CA LEU K 36 11.46 -21.60 25.75
C LEU K 36 11.19 -21.86 27.23
N ASP K 37 11.25 -23.11 27.65
CA ASP K 37 11.09 -23.46 29.05
C ASP K 37 11.81 -24.78 29.28
N PRO K 38 13.03 -24.75 29.84
CA PRO K 38 13.78 -26.00 30.03
C PRO K 38 13.28 -26.87 31.17
N ASP K 39 12.35 -26.38 31.97
CA ASP K 39 11.83 -27.14 33.10
C ASP K 39 10.43 -27.69 32.84
N ARG K 40 9.86 -27.39 31.67
CA ARG K 40 8.54 -27.87 31.32
C ARG K 40 8.69 -28.96 30.26
N ASP K 41 7.90 -30.03 30.42
CA ASP K 41 8.12 -31.28 29.71
C ASP K 41 7.76 -31.14 28.23
N ILE K 42 8.70 -31.53 27.37
CA ILE K 42 8.44 -31.67 25.95
C ILE K 42 7.72 -32.98 25.73
N THR K 43 6.67 -32.96 24.93
CA THR K 43 5.97 -34.18 24.55
C THR K 43 6.34 -34.52 23.12
N MET K 44 6.67 -35.79 22.87
CA MET K 44 7.03 -36.22 21.52
C MET K 44 6.03 -37.27 21.05
N TYR K 45 5.25 -36.91 20.03
CA TYR K 45 4.30 -37.85 19.45
C TYR K 45 4.97 -38.64 18.35
N ILE K 46 4.84 -39.96 18.40
CA ILE K 46 5.56 -40.84 17.49
C ILE K 46 4.56 -41.69 16.72
N ASN K 47 4.48 -41.47 15.41
CA ASN K 47 3.73 -42.32 14.48
C ASN K 47 4.64 -42.67 13.31
N SER K 48 5.84 -43.11 13.63
CA SER K 48 6.81 -43.21 12.55
C SER K 48 7.09 -44.66 12.19
N PRO K 49 7.37 -44.93 10.92
CA PRO K 49 7.87 -46.26 10.53
C PRO K 49 9.36 -46.45 10.76
N GLY K 50 10.04 -45.47 11.32
CA GLY K 50 11.44 -45.64 11.65
C GLY K 50 12.35 -45.30 10.49
N GLY K 51 13.47 -46.00 10.44
CA GLY K 51 14.46 -45.79 9.39
C GLY K 51 15.56 -44.88 9.88
N GLY K 52 16.76 -45.12 9.39
CA GLY K 52 17.89 -44.27 9.73
C GLY K 52 18.46 -44.59 11.09
N PHE K 53 19.76 -44.75 11.16
CA PHE K 53 20.39 -44.91 12.46
C PHE K 53 21.09 -43.65 12.92
N THR K 54 21.74 -42.95 12.00
CA THR K 54 22.34 -41.67 12.36
C THR K 54 21.27 -40.61 12.54
N SER K 55 20.14 -40.76 11.87
CA SER K 55 18.99 -39.90 12.10
C SER K 55 18.29 -40.25 13.41
N LEU K 56 18.26 -41.54 13.75
CA LEU K 56 17.84 -41.99 15.07
C LEU K 56 18.69 -41.36 16.15
N MET K 57 20.00 -41.55 16.10
CA MET K 57 20.89 -41.08 17.15
C MET K 57 21.11 -39.57 17.12
N ALA K 58 20.63 -38.90 16.07
CA ALA K 58 20.54 -37.45 16.12
C ALA K 58 19.35 -37.01 16.95
N ILE K 59 18.18 -37.63 16.73
CA ILE K 59 17.00 -37.34 17.54
C ILE K 59 17.21 -37.85 18.95
N TYR K 60 17.82 -39.04 19.09
CA TYR K 60 18.01 -39.67 20.40
C TYR K 60 18.88 -38.83 21.32
N ASP K 61 20.02 -38.38 20.81
CA ASP K 61 20.94 -37.62 21.65
C ASP K 61 20.38 -36.25 22.00
N THR K 62 19.62 -35.64 21.09
CA THR K 62 19.06 -34.33 21.34
C THR K 62 17.95 -34.39 22.38
N MET K 63 17.09 -35.40 22.31
CA MET K 63 16.06 -35.57 23.32
C MET K 63 16.63 -36.09 24.64
N GLN K 64 17.83 -36.66 24.63
CA GLN K 64 18.53 -36.91 25.86
C GLN K 64 19.33 -35.70 26.33
N TYR K 65 19.69 -34.79 25.42
CA TYR K 65 20.50 -33.64 25.81
C TYR K 65 19.70 -32.63 26.61
N VAL K 66 18.46 -32.36 26.20
CA VAL K 66 17.74 -31.19 26.67
C VAL K 66 17.36 -31.36 28.13
N ARG K 67 17.23 -30.21 28.83
CA ARG K 67 16.89 -30.24 30.25
C ARG K 67 15.48 -30.75 30.46
N ALA K 68 14.60 -30.56 29.48
CA ALA K 68 13.21 -30.93 29.62
C ALA K 68 13.04 -32.43 29.53
N ASP K 69 12.10 -32.95 30.30
CA ASP K 69 11.71 -34.35 30.19
C ASP K 69 10.98 -34.54 28.87
N ILE K 70 11.26 -35.66 28.21
CA ILE K 70 10.59 -35.96 26.97
C ILE K 70 9.52 -36.99 27.27
N GLN K 71 8.27 -36.60 27.01
CA GLN K 71 7.12 -37.49 27.11
C GLN K 71 6.91 -38.08 25.72
N THR K 72 7.28 -39.33 25.55
CA THR K 72 7.07 -40.00 24.28
C THR K 72 5.73 -40.70 24.29
N VAL K 73 4.92 -40.42 23.27
CA VAL K 73 3.60 -41.00 23.12
C VAL K 73 3.57 -41.69 21.77
N CYS K 74 3.36 -43.00 21.77
CA CYS K 74 3.23 -43.73 20.51
C CYS K 74 1.78 -43.70 20.08
N LEU K 75 1.54 -43.31 18.83
CA LEU K 75 0.19 -43.08 18.36
C LEU K 75 -0.38 -44.31 17.67
N GLY K 76 0.23 -44.73 16.57
CA GLY K 76 -0.21 -45.94 15.92
C GLY K 76 0.93 -46.87 15.57
N GLN K 77 2.14 -46.35 15.59
CA GLN K 77 3.30 -47.11 15.15
C GLN K 77 4.56 -46.48 15.70
N ALA K 78 5.47 -47.32 16.20
CA ALA K 78 6.84 -46.92 16.47
C ALA K 78 7.69 -48.08 16.00
N ALA K 79 8.16 -47.98 14.77
CA ALA K 79 8.91 -49.13 14.21
C ALA K 79 10.39 -48.79 14.09
N SER K 80 11.24 -49.81 14.18
CA SER K 80 12.70 -49.59 14.02
C SER K 80 13.18 -48.43 14.89
N ALA K 81 13.69 -47.37 14.25
CA ALA K 81 14.28 -46.27 15.03
C ALA K 81 13.23 -45.61 15.91
N ALA K 82 11.98 -45.54 15.45
CA ALA K 82 11.00 -44.81 16.22
C ALA K 82 10.66 -45.49 17.54
N ALA K 83 10.80 -46.81 17.60
CA ALA K 83 10.61 -47.51 18.86
C ALA K 83 11.77 -47.28 19.82
N VAL K 84 12.94 -46.97 19.29
CA VAL K 84 14.06 -46.59 20.13
C VAL K 84 13.86 -45.18 20.67
N LEU K 85 13.35 -44.28 19.83
CA LEU K 85 12.96 -42.95 20.28
C LEU K 85 11.79 -43.00 21.25
N LEU K 86 10.93 -44.00 21.11
CA LEU K 86 9.83 -44.19 22.04
C LEU K 86 10.33 -44.62 23.41
N ALA K 87 11.33 -45.51 23.44
CA ALA K 87 11.96 -45.84 24.71
C ALA K 87 12.86 -44.72 25.21
N ALA K 88 13.25 -43.79 24.33
CA ALA K 88 14.14 -42.71 24.71
C ALA K 88 13.51 -41.65 25.58
N GLY K 89 12.20 -41.72 25.82
CA GLY K 89 11.58 -40.81 26.75
C GLY K 89 12.02 -41.05 28.17
N THR K 90 11.74 -40.08 29.01
CA THR K 90 12.12 -40.19 30.41
C THR K 90 11.27 -41.26 31.10
N PRO K 91 11.85 -41.97 32.08
CA PRO K 91 11.09 -43.04 32.75
C PRO K 91 9.88 -42.51 33.50
N GLY K 92 8.76 -43.22 33.34
CA GLY K 92 7.48 -42.77 33.84
C GLY K 92 6.70 -41.92 32.87
N LYS K 93 7.34 -41.42 31.82
CA LYS K 93 6.67 -40.55 30.86
C LYS K 93 6.63 -41.14 29.46
N ARG K 94 6.83 -42.44 29.32
CA ARG K 94 6.80 -43.10 28.02
C ARG K 94 5.42 -43.72 27.84
N MET K 95 4.65 -43.20 26.91
CA MET K 95 3.26 -43.55 26.80
C MET K 95 2.98 -44.17 25.44
N ALA K 96 1.88 -44.90 25.37
CA ALA K 96 1.43 -45.44 24.10
C ALA K 96 -0.07 -45.54 24.12
N LEU K 97 -0.68 -45.30 22.98
CA LEU K 97 -2.10 -45.51 22.81
C LEU K 97 -2.38 -47.01 22.77
N PRO K 98 -3.58 -47.46 23.16
CA PRO K 98 -3.79 -48.90 23.38
C PRO K 98 -3.64 -49.78 22.16
N ASN K 99 -3.94 -49.26 20.96
CA ASN K 99 -3.76 -50.04 19.74
C ASN K 99 -2.55 -49.58 18.96
N ALA K 100 -1.61 -48.90 19.59
CA ALA K 100 -0.37 -48.56 18.95
C ALA K 100 0.52 -49.79 18.84
N ARG K 101 1.37 -49.79 17.82
CA ARG K 101 2.24 -50.91 17.52
C ARG K 101 3.68 -50.49 17.76
N VAL K 102 4.43 -51.30 18.48
CA VAL K 102 5.86 -51.05 18.69
C VAL K 102 6.60 -52.17 17.98
N LEU K 103 7.45 -51.82 17.03
CA LEU K 103 8.16 -52.80 16.23
C LEU K 103 9.66 -52.57 16.42
N ILE K 104 10.31 -53.47 17.13
CA ILE K 104 11.75 -53.41 17.32
C ILE K 104 12.40 -54.48 16.46
N HIS K 105 13.44 -54.07 15.74
CA HIS K 105 14.20 -55.02 14.90
C HIS K 105 15.62 -54.48 14.71
N GLN K 106 16.58 -55.36 14.50
CA GLN K 106 17.98 -55.02 14.33
C GLN K 106 18.15 -54.10 13.13
N PRO K 107 19.22 -53.30 13.09
CA PRO K 107 19.46 -52.44 11.94
C PRO K 107 19.68 -53.22 10.66
N SER K 108 19.34 -52.60 9.54
CA SER K 108 19.36 -53.25 8.26
C SER K 108 19.80 -52.27 7.20
N LEU K 109 20.61 -52.74 6.27
CA LEU K 109 20.92 -52.01 5.06
C LEU K 109 19.75 -52.09 4.09
N SER K 110 19.13 -50.94 3.84
CA SER K 110 18.16 -50.83 2.76
C SER K 110 18.91 -50.85 1.45
N GLY K 111 18.81 -51.95 0.72
CA GLY K 111 19.52 -52.09 -0.51
C GLY K 111 20.97 -52.50 -0.32
N VAL K 112 21.54 -53.07 -1.37
CA VAL K 112 22.90 -53.59 -1.36
C VAL K 112 23.85 -52.42 -1.53
N ILE K 113 24.92 -52.41 -0.76
CA ILE K 113 26.03 -51.51 -1.05
C ILE K 113 27.22 -52.35 -1.50
N GLN K 114 27.80 -51.95 -2.63
CA GLN K 114 28.86 -52.71 -3.27
C GLN K 114 30.19 -52.30 -2.67
N GLY K 115 31.23 -52.99 -3.10
CA GLY K 115 32.56 -52.59 -2.71
C GLY K 115 33.47 -53.79 -2.58
N GLN K 116 34.74 -53.49 -2.39
CA GLN K 116 35.73 -54.51 -2.09
C GLN K 116 35.45 -55.09 -0.72
N PHE K 117 36.03 -56.27 -0.45
CA PHE K 117 35.77 -56.92 0.83
C PHE K 117 36.36 -56.15 2.00
N SER K 118 37.42 -55.38 1.77
CA SER K 118 37.89 -54.48 2.82
C SER K 118 36.93 -53.34 3.06
N ASP K 119 36.24 -52.88 2.02
CA ASP K 119 35.18 -51.90 2.21
C ASP K 119 33.98 -52.50 2.91
N LEU K 120 33.72 -53.79 2.68
CA LEU K 120 32.54 -54.42 3.25
C LEU K 120 32.78 -54.98 4.64
N GLU K 121 34.03 -55.23 5.02
CA GLU K 121 34.32 -55.55 6.41
C GLU K 121 34.09 -54.36 7.31
N ILE K 122 34.12 -53.15 6.77
CA ILE K 122 33.90 -51.94 7.54
C ILE K 122 32.44 -51.56 7.57
N GLN K 123 31.75 -51.73 6.46
CA GLN K 123 30.31 -51.55 6.44
C GLN K 123 29.58 -52.61 7.24
N ALA K 124 30.20 -53.76 7.45
CA ALA K 124 29.62 -54.76 8.34
C ALA K 124 30.01 -54.53 9.78
N ALA K 125 31.22 -54.01 10.02
CA ALA K 125 31.55 -53.60 11.37
C ALA K 125 30.76 -52.39 11.78
N GLU K 126 30.32 -51.57 10.82
CA GLU K 126 29.48 -50.43 11.12
C GLU K 126 28.07 -50.86 11.53
N ILE K 127 27.45 -51.75 10.77
CA ILE K 127 26.12 -52.18 11.15
C ILE K 127 26.16 -53.09 12.38
N GLU K 128 27.31 -53.68 12.68
CA GLU K 128 27.44 -54.39 13.94
C GLU K 128 27.48 -53.41 15.11
N ARG K 129 28.24 -52.32 15.00
CA ARG K 129 28.16 -51.34 16.07
C ARG K 129 26.92 -50.48 15.96
N MET K 130 26.25 -50.43 14.81
CA MET K 130 24.88 -49.94 14.79
C MET K 130 23.96 -50.87 15.56
N ARG K 131 24.22 -52.17 15.50
CA ARG K 131 23.36 -53.13 16.18
C ARG K 131 23.59 -53.11 17.67
N THR K 132 24.86 -53.10 18.10
CA THR K 132 25.15 -53.05 19.53
C THR K 132 24.71 -51.74 20.14
N LEU K 133 24.82 -50.64 19.40
CA LEU K 133 24.37 -49.36 19.94
C LEU K 133 22.86 -49.29 20.02
N MET K 134 22.16 -49.92 19.08
CA MET K 134 20.71 -50.01 19.17
C MET K 134 20.30 -50.84 20.37
N GLU K 135 21.08 -51.87 20.70
CA GLU K 135 20.74 -52.73 21.82
C GLU K 135 21.21 -52.14 23.14
N THR K 136 22.34 -51.43 23.14
CA THR K 136 22.79 -50.78 24.37
C THR K 136 21.90 -49.61 24.72
N THR K 137 21.42 -48.88 23.70
CA THR K 137 20.45 -47.81 23.93
C THR K 137 19.14 -48.37 24.45
N LEU K 138 18.64 -49.42 23.82
CA LEU K 138 17.37 -49.98 24.21
C LEU K 138 17.47 -50.80 25.50
N ALA K 139 18.67 -51.07 26.01
CA ALA K 139 18.81 -51.69 27.31
C ALA K 139 18.88 -50.69 28.45
N ARG K 140 19.41 -49.48 28.19
CA ARG K 140 19.34 -48.42 29.17
C ARG K 140 17.93 -47.98 29.45
N HIS K 141 17.04 -48.10 28.46
CA HIS K 141 15.72 -47.54 28.55
C HIS K 141 14.62 -48.56 28.78
N THR K 142 14.91 -49.85 28.64
CA THR K 142 13.96 -50.90 28.96
C THR K 142 14.36 -51.72 30.17
N GLY K 143 15.60 -51.58 30.64
CA GLY K 143 16.05 -52.36 31.77
C GLY K 143 16.32 -53.81 31.44
N LYS K 144 16.69 -54.11 30.21
CA LYS K 144 17.02 -55.47 29.82
C LYS K 144 18.53 -55.62 29.64
N ASP K 145 18.96 -56.83 29.32
CA ASP K 145 20.36 -57.19 29.49
C ASP K 145 21.19 -56.92 28.25
N ALA K 146 20.57 -56.42 27.18
CA ALA K 146 21.14 -56.11 25.85
C ALA K 146 21.57 -57.35 25.07
N GLY K 147 21.51 -58.52 25.67
CA GLY K 147 21.68 -59.77 24.94
C GLY K 147 20.30 -60.35 24.79
N VAL K 148 19.42 -59.99 25.72
CA VAL K 148 18.01 -60.31 25.61
C VAL K 148 17.40 -59.56 24.45
N ILE K 149 17.77 -58.30 24.28
CA ILE K 149 17.29 -57.49 23.17
C ILE K 149 17.87 -57.97 21.86
N ARG K 150 19.09 -58.51 21.87
CA ARG K 150 19.65 -59.11 20.67
C ARG K 150 18.88 -60.35 20.26
N LYS K 151 18.48 -61.17 21.24
CA LYS K 151 17.62 -62.31 20.94
C LYS K 151 16.24 -61.87 20.49
N ASP K 152 15.74 -60.77 21.04
CA ASP K 152 14.39 -60.34 20.73
C ASP K 152 14.31 -59.56 19.43
N THR K 153 15.29 -58.72 19.14
CA THR K 153 15.34 -58.00 17.88
C THR K 153 16.10 -58.75 16.81
N ASP K 154 16.28 -60.06 16.98
CA ASP K 154 16.82 -60.90 15.92
C ASP K 154 15.93 -60.84 14.68
N ARG K 155 14.64 -60.89 14.89
CA ARG K 155 13.66 -60.72 13.83
C ARG K 155 12.85 -59.47 14.16
N ASP K 156 11.77 -59.27 13.39
CA ASP K 156 10.87 -58.13 13.70
C ASP K 156 10.04 -58.54 14.92
N LYS K 157 10.16 -57.80 16.01
CA LYS K 157 9.40 -58.08 17.22
C LYS K 157 8.33 -57.01 17.33
N ILE K 158 7.13 -57.35 16.90
CA ILE K 158 5.99 -56.45 17.05
C ILE K 158 5.51 -56.54 18.49
N LEU K 159 5.43 -55.39 19.15
CA LEU K 159 4.89 -55.29 20.49
C LEU K 159 3.58 -54.51 20.42
N THR K 160 2.51 -55.10 20.94
CA THR K 160 1.35 -54.35 21.34
C THR K 160 1.74 -53.45 22.51
N ALA K 161 1.01 -52.34 22.67
CA ALA K 161 1.31 -51.37 23.72
C ALA K 161 1.24 -51.97 25.12
N GLU K 162 0.34 -52.92 25.34
CA GLU K 162 0.28 -53.60 26.64
C GLU K 162 1.49 -54.49 26.87
N GLU K 163 2.07 -55.04 25.81
CA GLU K 163 3.27 -55.84 25.94
C GLU K 163 4.53 -55.10 25.54
N ALA K 164 4.40 -53.85 25.08
CA ALA K 164 5.53 -52.94 25.10
C ALA K 164 5.72 -52.32 26.46
N LYS K 165 4.67 -52.31 27.28
CA LYS K 165 4.82 -51.92 28.67
C LYS K 165 5.58 -52.98 29.45
N ASP K 166 5.25 -54.25 29.21
CA ASP K 166 5.95 -55.35 29.85
C ASP K 166 7.37 -55.48 29.35
N TYR K 167 7.62 -55.07 28.11
CA TYR K 167 8.96 -55.12 27.57
C TYR K 167 9.81 -53.96 28.09
N GLY K 168 9.17 -52.88 28.49
CA GLY K 168 9.88 -51.71 28.97
C GLY K 168 10.02 -50.61 27.95
N ILE K 169 9.44 -50.76 26.76
CA ILE K 169 9.49 -49.71 25.76
C ILE K 169 8.71 -48.49 26.24
N ILE K 170 7.50 -48.71 26.75
CA ILE K 170 6.69 -47.64 27.30
C ILE K 170 6.40 -47.96 28.76
N ASP K 171 5.89 -46.97 29.46
CA ASP K 171 5.61 -47.10 30.88
C ASP K 171 4.13 -47.08 31.20
N THR K 172 3.30 -46.58 30.30
CA THR K 172 1.88 -46.42 30.56
C THR K 172 1.16 -46.61 29.24
N VAL K 173 0.15 -47.48 29.22
CA VAL K 173 -0.80 -47.50 28.12
C VAL K 173 -1.88 -46.49 28.43
N LEU K 174 -2.12 -45.57 27.50
CA LEU K 174 -3.02 -44.45 27.74
C LEU K 174 -4.47 -44.88 27.81
N GLU K 175 -5.13 -44.53 28.90
CA GLU K 175 -6.55 -44.77 29.04
C GLU K 175 -7.33 -43.66 28.35
N TYR K 176 -8.51 -44.00 27.87
CA TYR K 176 -9.36 -43.11 27.11
C TYR K 176 -10.09 -42.14 28.03
N ARG K 177 -10.70 -41.11 27.44
CA ARG K 177 -11.57 -40.20 28.17
C ARG K 177 -12.98 -40.14 27.59
N LYS K 178 -13.29 -40.96 26.59
CA LYS K 178 -14.67 -41.23 26.25
C LYS K 178 -14.87 -42.74 26.29
N LEU K 179 -15.87 -43.18 27.05
CA LEU K 179 -16.12 -44.59 27.31
C LEU K 179 -16.92 -45.28 26.22
N SER K 180 -17.26 -44.56 25.14
CA SER K 180 -18.07 -45.04 24.01
C SER K 180 -19.42 -45.63 24.44
N ASN L 1 -11.39 -19.59 3.57
CA ASN L 1 -10.81 -20.86 3.17
C ASN L 1 -11.64 -22.00 3.75
N PRO L 2 -12.26 -22.84 2.91
CA PRO L 2 -13.33 -23.72 3.40
C PRO L 2 -12.87 -24.84 4.31
N TYR L 3 -11.60 -25.24 4.26
CA TYR L 3 -11.15 -26.23 5.23
C TYR L 3 -10.87 -25.61 6.58
N ASN L 4 -10.47 -24.33 6.61
CA ASN L 4 -10.32 -23.63 7.87
C ASN L 4 -11.67 -23.45 8.56
N LYS L 5 -12.71 -23.12 7.79
CA LYS L 5 -14.01 -22.87 8.40
C LYS L 5 -14.71 -24.15 8.83
N LEU L 6 -14.33 -25.28 8.23
CA LEU L 6 -14.71 -26.56 8.82
C LEU L 6 -14.03 -26.75 10.16
N PHE L 7 -12.73 -26.49 10.22
CA PHE L 7 -11.96 -26.73 11.44
C PHE L 7 -12.29 -25.72 12.53
N GLU L 8 -12.68 -24.49 12.15
CA GLU L 8 -13.11 -23.52 13.14
C GLU L 8 -14.46 -23.90 13.73
N GLU L 9 -15.29 -24.58 12.94
CA GLU L 9 -16.55 -25.14 13.43
C GLU L 9 -16.39 -26.58 13.89
N ARG L 10 -15.16 -26.99 14.21
CA ARG L 10 -14.82 -28.28 14.82
C ARG L 10 -15.20 -29.46 13.92
N ILE L 11 -14.82 -29.36 12.66
CA ILE L 11 -15.03 -30.44 11.71
C ILE L 11 -13.68 -30.84 11.14
N ILE L 12 -13.23 -32.03 11.50
CA ILE L 12 -12.04 -32.64 10.90
C ILE L 12 -12.44 -33.36 9.64
N PHE L 13 -11.77 -33.04 8.56
CA PHE L 13 -12.12 -33.59 7.26
C PHE L 13 -11.06 -34.62 6.90
N LEU L 14 -11.44 -35.89 6.86
CA LEU L 14 -10.47 -36.93 6.53
C LEU L 14 -10.10 -36.88 5.05
N GLY L 15 -11.05 -37.15 4.17
CA GLY L 15 -10.93 -36.83 2.77
C GLY L 15 -10.06 -37.74 1.92
N VAL L 16 -8.81 -37.95 2.31
CA VAL L 16 -7.84 -38.60 1.44
C VAL L 16 -7.55 -40.00 1.96
N GLN L 17 -6.76 -40.74 1.17
CA GLN L 17 -6.14 -42.02 1.53
C GLN L 17 -5.52 -41.97 2.92
N VAL L 18 -5.95 -42.87 3.80
CA VAL L 18 -5.38 -42.95 5.15
C VAL L 18 -3.98 -43.53 5.00
N ASP L 19 -2.98 -42.66 5.12
CA ASP L 19 -1.60 -43.10 5.22
C ASP L 19 -1.03 -42.44 6.46
N ASP L 20 0.30 -42.46 6.60
CA ASP L 20 0.94 -41.81 7.74
C ASP L 20 0.63 -40.32 7.78
N ALA L 21 0.88 -39.62 6.69
CA ALA L 21 0.73 -38.16 6.64
C ALA L 21 -0.72 -37.72 6.82
N SER L 22 -1.68 -38.51 6.33
CA SER L 22 -3.07 -38.21 6.62
C SER L 22 -3.42 -38.49 8.07
N ALA L 23 -2.85 -39.55 8.64
CA ALA L 23 -3.09 -39.83 10.05
C ALA L 23 -2.45 -38.79 10.94
N ASN L 24 -1.28 -38.27 10.52
CA ASN L 24 -0.57 -37.27 11.31
C ASN L 24 -1.35 -35.95 11.36
N ASP L 25 -2.08 -35.63 10.29
CA ASP L 25 -2.83 -34.38 10.26
C ASP L 25 -4.05 -34.45 11.17
N ILE L 26 -4.71 -35.61 11.22
CA ILE L 26 -5.97 -35.73 11.96
C ILE L 26 -5.70 -35.77 13.46
N MET L 27 -4.66 -36.47 13.88
CA MET L 27 -4.28 -36.48 15.28
C MET L 27 -3.82 -35.12 15.77
N ALA L 28 -3.19 -34.34 14.89
CA ALA L 28 -2.93 -32.95 15.20
C ALA L 28 -4.22 -32.16 15.33
N GLN L 29 -5.22 -32.49 14.52
CA GLN L 29 -6.50 -31.79 14.56
C GLN L 29 -7.43 -32.30 15.65
N LEU L 30 -7.33 -33.59 16.01
CA LEU L 30 -8.16 -34.13 17.08
C LEU L 30 -7.77 -33.58 18.44
N LEU L 31 -6.49 -33.27 18.62
CA LEU L 31 -6.01 -32.81 19.92
C LEU L 31 -6.13 -31.31 20.08
N VAL L 32 -6.05 -30.56 18.98
CA VAL L 32 -6.28 -29.12 19.04
C VAL L 32 -7.74 -28.83 19.36
N LEU L 33 -8.66 -29.52 18.69
CA LEU L 33 -10.07 -29.38 19.01
C LEU L 33 -10.41 -29.97 20.37
N GLU L 34 -9.61 -30.92 20.86
CA GLU L 34 -9.70 -31.32 22.26
C GLU L 34 -9.29 -30.19 23.19
N SER L 35 -8.26 -29.43 22.83
CA SER L 35 -7.81 -28.36 23.70
C SER L 35 -8.63 -27.10 23.58
N LEU L 36 -9.28 -26.87 22.43
CA LEU L 36 -10.11 -25.68 22.28
C LEU L 36 -11.38 -25.79 23.10
N ASP L 37 -12.08 -26.91 23.01
CA ASP L 37 -13.26 -27.16 23.81
C ASP L 37 -13.43 -28.67 23.95
N PRO L 38 -13.02 -29.25 25.08
CA PRO L 38 -13.11 -30.70 25.24
C PRO L 38 -14.52 -31.23 25.46
N ASP L 39 -15.50 -30.36 25.67
CA ASP L 39 -16.87 -30.77 25.93
C ASP L 39 -17.76 -30.55 24.71
N ARG L 40 -17.23 -30.00 23.63
CA ARG L 40 -17.99 -29.75 22.42
C ARG L 40 -17.56 -30.76 21.37
N ASP L 41 -18.55 -31.29 20.64
CA ASP L 41 -18.36 -32.48 19.82
C ASP L 41 -17.52 -32.18 18.59
N ILE L 42 -16.48 -32.97 18.37
CA ILE L 42 -15.71 -32.93 17.14
C ILE L 42 -16.48 -33.71 16.10
N THR L 43 -16.61 -33.17 14.89
CA THR L 43 -17.23 -33.88 13.79
C THR L 43 -16.12 -34.35 12.85
N MET L 44 -16.18 -35.60 12.42
CA MET L 44 -15.18 -36.14 11.50
C MET L 44 -15.86 -36.55 10.20
N TYR L 45 -15.53 -35.84 9.12
CA TYR L 45 -16.07 -36.17 7.81
C TYR L 45 -15.17 -37.18 7.13
N ILE L 46 -15.75 -38.26 6.63
CA ILE L 46 -14.98 -39.37 6.09
C ILE L 46 -15.40 -39.59 4.64
N ASN L 47 -14.47 -39.35 3.72
CA ASN L 47 -14.60 -39.71 2.31
C ASN L 47 -13.35 -40.45 1.88
N SER L 48 -12.95 -41.43 2.65
CA SER L 48 -11.63 -41.98 2.41
C SER L 48 -11.72 -43.38 1.82
N PRO L 49 -10.78 -43.74 0.95
CA PRO L 49 -10.66 -45.13 0.51
C PRO L 49 -9.93 -46.04 1.48
N GLY L 50 -9.53 -45.53 2.65
CA GLY L 50 -8.93 -46.38 3.65
C GLY L 50 -7.43 -46.52 3.47
N GLY L 51 -6.93 -47.67 3.84
CA GLY L 51 -5.51 -47.99 3.74
C GLY L 51 -4.83 -47.74 5.06
N GLY L 52 -3.80 -48.54 5.34
CA GLY L 52 -3.02 -48.35 6.54
C GLY L 52 -3.70 -48.93 7.76
N PHE L 53 -2.98 -49.72 8.54
CA PHE L 53 -3.54 -50.19 9.79
C PHE L 53 -2.96 -49.45 10.98
N THR L 54 -1.66 -49.15 10.94
CA THR L 54 -1.07 -48.34 12.00
C THR L 54 -1.50 -46.88 11.86
N SER L 55 -1.83 -46.45 10.65
CA SER L 55 -2.41 -45.14 10.45
C SER L 55 -3.87 -45.11 10.85
N LEU L 56 -4.58 -46.22 10.64
CA LEU L 56 -5.91 -46.42 11.19
C LEU L 56 -5.90 -46.30 12.71
N MET L 57 -5.09 -47.12 13.37
CA MET L 57 -5.08 -47.17 14.82
C MET L 57 -4.40 -45.97 15.45
N ALA L 58 -3.73 -45.13 14.65
CA ALA L 58 -3.32 -43.82 15.14
C ALA L 58 -4.49 -42.87 15.19
N ILE L 59 -5.30 -42.82 14.12
CA ILE L 59 -6.50 -42.00 14.11
C ILE L 59 -7.52 -42.56 15.09
N TYR L 60 -7.64 -43.90 15.14
CA TYR L 60 -8.65 -44.56 15.97
C TYR L 60 -8.42 -44.27 17.45
N ASP L 61 -7.19 -44.43 17.92
CA ASP L 61 -6.91 -44.23 19.33
C ASP L 61 -7.04 -42.77 19.73
N THR L 62 -6.67 -41.86 18.83
CA THR L 62 -6.74 -40.45 19.15
C THR L 62 -8.17 -39.96 19.21
N MET L 63 -9.04 -40.41 18.30
CA MET L 63 -10.44 -40.06 18.38
C MET L 63 -11.16 -40.81 19.49
N GLN L 64 -10.59 -41.90 19.99
CA GLN L 64 -11.09 -42.49 21.23
C GLN L 64 -10.48 -41.84 22.46
N TYR L 65 -9.30 -41.21 22.33
CA TYR L 65 -8.65 -40.61 23.48
C TYR L 65 -9.34 -39.35 23.94
N VAL L 66 -9.75 -38.50 22.99
CA VAL L 66 -10.13 -37.13 23.33
C VAL L 66 -11.43 -37.10 24.11
N ARG L 67 -11.59 -36.06 24.94
CA ARG L 67 -12.79 -35.93 25.76
C ARG L 67 -14.02 -35.67 24.89
N ALA L 68 -13.82 -35.06 23.74
CA ALA L 68 -14.94 -34.70 22.88
C ALA L 68 -15.51 -35.92 22.19
N ASP L 69 -16.83 -35.91 22.03
CA ASP L 69 -17.49 -36.93 21.23
C ASP L 69 -17.11 -36.73 19.77
N ILE L 70 -16.88 -37.82 19.06
CA ILE L 70 -16.57 -37.74 17.66
C ILE L 70 -17.82 -38.10 16.88
N GLN L 71 -18.29 -37.16 16.10
CA GLN L 71 -19.40 -37.34 15.18
C GLN L 71 -18.80 -37.73 13.84
N THR L 72 -18.88 -39.01 13.50
CA THR L 72 -18.37 -39.48 12.22
C THR L 72 -19.49 -39.41 11.18
N VAL L 73 -19.20 -38.76 10.07
CA VAL L 73 -20.15 -38.61 8.97
C VAL L 73 -19.48 -39.17 7.73
N CYS L 74 -20.07 -40.21 7.15
CA CYS L 74 -19.56 -40.75 5.91
C CYS L 74 -20.17 -40.01 4.74
N LEU L 75 -19.32 -39.55 3.83
CA LEU L 75 -19.78 -38.66 2.76
C LEU L 75 -20.10 -39.45 1.50
N GLY L 76 -19.11 -40.09 0.91
CA GLY L 76 -19.37 -40.92 -0.24
C GLY L 76 -18.74 -42.28 -0.14
N GLN L 77 -17.79 -42.44 0.78
CA GLN L 77 -17.02 -43.67 0.86
C GLN L 77 -16.39 -43.76 2.23
N ALA L 78 -16.44 -44.93 2.84
CA ALA L 78 -15.62 -45.27 3.99
C ALA L 78 -15.16 -46.70 3.75
N ALA L 79 -14.13 -46.81 2.91
CA ALA L 79 -13.61 -48.15 2.58
C ALA L 79 -12.48 -48.54 3.53
N SER L 80 -12.26 -49.84 3.72
CA SER L 80 -11.10 -50.30 4.52
C SER L 80 -11.02 -49.60 5.88
N ALA L 81 -9.87 -49.01 6.19
CA ALA L 81 -9.65 -48.39 7.51
C ALA L 81 -10.70 -47.31 7.80
N ALA L 82 -11.15 -46.61 6.76
CA ALA L 82 -12.05 -45.49 6.99
C ALA L 82 -13.40 -45.94 7.52
N ALA L 83 -13.83 -47.15 7.20
CA ALA L 83 -15.06 -47.69 7.75
C ALA L 83 -14.90 -48.06 9.21
N VAL L 84 -13.67 -48.37 9.63
CA VAL L 84 -13.41 -48.61 11.04
C VAL L 84 -13.42 -47.29 11.80
N LEU L 85 -12.84 -46.24 11.21
CA LEU L 85 -12.93 -44.90 11.76
C LEU L 85 -14.35 -44.38 11.75
N LEU L 86 -15.17 -44.81 10.79
CA LEU L 86 -16.57 -44.45 10.77
C LEU L 86 -17.34 -45.09 11.90
N ALA L 87 -17.05 -46.35 12.21
CA ALA L 87 -17.63 -46.97 13.39
C ALA L 87 -17.00 -46.45 14.67
N ALA L 88 -15.83 -45.83 14.59
CA ALA L 88 -15.13 -45.35 15.77
C ALA L 88 -15.77 -44.11 16.39
N GLY L 89 -16.78 -43.52 15.78
CA GLY L 89 -17.49 -42.43 16.40
C GLY L 89 -18.27 -42.88 17.60
N THR L 90 -18.70 -41.91 18.39
CA THR L 90 -19.44 -42.22 19.59
C THR L 90 -20.83 -42.74 19.22
N PRO L 91 -21.39 -43.65 20.02
CA PRO L 91 -22.71 -44.21 19.70
C PRO L 91 -23.81 -43.15 19.71
N GLY L 92 -24.65 -43.22 18.68
CA GLY L 92 -25.65 -42.21 18.45
C GLY L 92 -25.19 -41.06 17.58
N LYS L 93 -23.87 -40.93 17.36
CA LYS L 93 -23.35 -39.83 16.57
C LYS L 93 -22.62 -40.30 15.33
N ARG L 94 -22.86 -41.54 14.90
CA ARG L 94 -22.21 -42.07 13.70
C ARG L 94 -23.19 -41.93 12.54
N MET L 95 -22.86 -41.08 11.59
CA MET L 95 -23.80 -40.69 10.56
C MET L 95 -23.25 -41.08 9.19
N ALA L 96 -24.16 -41.17 8.23
CA ALA L 96 -23.77 -41.40 6.85
C ALA L 96 -24.78 -40.74 5.95
N LEU L 97 -24.29 -40.22 4.84
CA LEU L 97 -25.15 -39.70 3.80
C LEU L 97 -25.83 -40.87 3.09
N PRO L 98 -27.03 -40.66 2.50
CA PRO L 98 -27.82 -41.81 2.03
C PRO L 98 -27.19 -42.63 0.93
N ASN L 99 -26.38 -42.03 0.07
CA ASN L 99 -25.70 -42.78 -0.98
C ASN L 99 -24.23 -42.95 -0.68
N ALA L 100 -23.84 -42.84 0.57
CA ALA L 100 -22.47 -43.15 0.95
C ALA L 100 -22.27 -44.66 0.97
N ARG L 101 -21.03 -45.07 0.74
CA ARG L 101 -20.67 -46.48 0.66
C ARG L 101 -19.76 -46.82 1.82
N VAL L 102 -20.07 -47.90 2.51
CA VAL L 102 -19.21 -48.40 3.58
C VAL L 102 -18.66 -49.73 3.12
N LEU L 103 -17.34 -49.83 3.06
CA LEU L 103 -16.67 -51.02 2.55
C LEU L 103 -15.77 -51.57 3.65
N ILE L 104 -16.17 -52.69 4.25
CA ILE L 104 -15.36 -53.35 5.26
C ILE L 104 -14.74 -54.59 4.64
N HIS L 105 -13.43 -54.74 4.87
CA HIS L 105 -12.71 -55.93 4.37
C HIS L 105 -11.48 -56.16 5.26
N GLN L 106 -11.05 -57.41 5.39
CA GLN L 106 -9.92 -57.79 6.21
C GLN L 106 -8.66 -57.07 5.75
N PRO L 107 -7.67 -56.90 6.64
CA PRO L 107 -6.42 -56.26 6.25
C PRO L 107 -5.69 -57.03 5.17
N SER L 108 -4.92 -56.31 4.37
CA SER L 108 -4.26 -56.88 3.22
C SER L 108 -2.89 -56.22 3.06
N LEU L 109 -1.91 -57.02 2.69
CA LEU L 109 -0.62 -56.52 2.25
C LEU L 109 -0.73 -56.00 0.84
N SER L 110 -0.55 -54.69 0.68
CA SER L 110 -0.39 -54.11 -0.65
C SER L 110 0.99 -54.48 -1.16
N GLY L 111 1.03 -55.37 -2.13
CA GLY L 111 2.29 -55.84 -2.66
C GLY L 111 2.93 -56.90 -1.81
N VAL L 112 3.81 -57.67 -2.44
CA VAL L 112 4.48 -58.80 -1.80
C VAL L 112 5.61 -58.25 -0.96
N ILE L 113 5.78 -58.78 0.25
CA ILE L 113 7.00 -58.55 1.00
C ILE L 113 7.77 -59.86 1.09
N GLN L 114 9.05 -59.78 0.74
CA GLN L 114 9.89 -60.96 0.65
C GLN L 114 10.48 -61.27 2.01
N GLY L 115 11.19 -62.38 2.08
CA GLY L 115 11.90 -62.70 3.29
C GLY L 115 11.98 -64.19 3.50
N GLN L 116 12.76 -64.57 4.49
CA GLN L 116 12.82 -65.94 4.94
C GLN L 116 11.49 -66.34 5.57
N PHE L 117 11.27 -67.64 5.70
CA PHE L 117 9.99 -68.09 6.25
C PHE L 117 9.84 -67.73 7.72
N SER L 118 10.94 -67.57 8.45
CA SER L 118 10.84 -67.06 9.80
C SER L 118 10.45 -65.59 9.80
N ASP L 119 10.90 -64.84 8.80
CA ASP L 119 10.45 -63.46 8.64
C ASP L 119 8.98 -63.40 8.24
N LEU L 120 8.52 -64.38 7.47
CA LEU L 120 7.16 -64.35 6.97
C LEU L 120 6.16 -64.97 7.92
N GLU L 121 6.60 -65.82 8.86
CA GLU L 121 5.73 -66.25 9.93
C GLU L 121 5.37 -65.11 10.87
N ILE L 122 6.19 -64.08 10.91
CA ILE L 122 5.96 -62.93 11.76
C ILE L 122 5.14 -61.87 11.05
N GLN L 123 5.40 -61.66 9.77
CA GLN L 123 4.57 -60.78 8.97
C GLN L 123 3.17 -61.36 8.76
N ALA L 124 3.02 -62.67 8.87
CA ALA L 124 1.70 -63.26 8.82
C ALA L 124 1.03 -63.28 10.18
N ALA L 125 1.82 -63.42 11.25
CA ALA L 125 1.25 -63.25 12.58
C ALA L 125 0.89 -61.81 12.83
N GLU L 126 1.56 -60.87 12.15
CA GLU L 126 1.22 -59.47 12.27
C GLU L 126 -0.11 -59.15 11.60
N ILE L 127 -0.30 -59.61 10.36
CA ILE L 127 -1.55 -59.32 9.69
C ILE L 127 -2.69 -60.15 10.29
N GLU L 128 -2.38 -61.23 10.99
CA GLU L 128 -3.41 -61.93 11.73
C GLU L 128 -3.85 -61.12 12.95
N ARG L 129 -2.91 -60.54 13.70
CA ARG L 129 -3.34 -59.67 14.77
C ARG L 129 -3.75 -58.30 14.27
N MET L 130 -3.36 -57.92 13.04
CA MET L 130 -4.05 -56.81 12.39
C MET L 130 -5.49 -57.17 12.09
N ARG L 131 -5.74 -58.43 11.75
CA ARG L 131 -7.09 -58.84 11.38
C ARG L 131 -7.97 -58.97 12.62
N THR L 132 -7.45 -59.57 13.69
CA THR L 132 -8.22 -59.70 14.92
C THR L 132 -8.46 -58.36 15.55
N LEU L 133 -7.49 -57.44 15.46
CA LEU L 133 -7.70 -56.12 16.04
C LEU L 133 -8.69 -55.32 15.22
N MET L 134 -8.71 -55.50 13.91
CA MET L 134 -9.73 -54.85 13.08
C MET L 134 -11.11 -55.40 13.42
N GLU L 135 -11.20 -56.67 13.76
CA GLU L 135 -12.49 -57.27 14.08
C GLU L 135 -12.89 -57.01 15.53
N THR L 136 -11.93 -56.95 16.45
CA THR L 136 -12.25 -56.62 17.83
C THR L 136 -12.64 -55.17 17.96
N THR L 137 -11.99 -54.29 17.19
CA THR L 137 -12.39 -52.89 17.15
C THR L 137 -13.78 -52.72 16.57
N LEU L 138 -14.03 -53.38 15.45
CA LEU L 138 -15.31 -53.25 14.78
C LEU L 138 -16.42 -54.02 15.50
N ALA L 139 -16.09 -54.85 16.48
CA ALA L 139 -17.12 -55.49 17.30
C ALA L 139 -17.50 -54.66 18.51
N ARG L 140 -16.56 -53.87 19.05
CA ARG L 140 -16.90 -52.94 20.11
C ARG L 140 -17.84 -51.84 19.63
N HIS L 141 -17.77 -51.50 18.34
CA HIS L 141 -18.47 -50.35 17.81
C HIS L 141 -19.69 -50.71 16.97
N THR L 142 -19.86 -51.97 16.59
CA THR L 142 -21.06 -52.41 15.90
C THR L 142 -21.92 -53.34 16.72
N GLY L 143 -21.41 -53.83 17.85
CA GLY L 143 -22.16 -54.75 18.67
C GLY L 143 -22.29 -56.14 18.09
N LYS L 144 -21.31 -56.57 17.32
CA LYS L 144 -21.32 -57.91 16.75
C LYS L 144 -20.29 -58.77 17.46
N ASP L 145 -20.22 -60.05 17.05
CA ASP L 145 -19.58 -61.06 17.88
C ASP L 145 -18.10 -61.22 17.57
N ALA L 146 -17.58 -60.47 16.60
CA ALA L 146 -16.20 -60.45 16.08
C ALA L 146 -15.82 -61.73 15.34
N GLY L 147 -16.68 -62.74 15.33
CA GLY L 147 -16.52 -63.88 14.47
C GLY L 147 -17.50 -63.70 13.33
N VAL L 148 -18.58 -62.97 13.62
CA VAL L 148 -19.51 -62.54 12.59
C VAL L 148 -18.83 -61.58 11.64
N ILE L 149 -18.03 -60.67 12.18
CA ILE L 149 -17.30 -59.71 11.37
C ILE L 149 -16.19 -60.40 10.58
N ARG L 150 -15.62 -61.47 11.14
CA ARG L 150 -14.64 -62.25 10.38
C ARG L 150 -15.29 -62.95 9.20
N LYS L 151 -16.50 -63.48 9.39
CA LYS L 151 -17.25 -64.04 8.27
C LYS L 151 -17.67 -62.96 7.28
N ASP L 152 -17.97 -61.77 7.76
CA ASP L 152 -18.47 -60.71 6.89
C ASP L 152 -17.35 -59.98 6.16
N THR L 153 -16.23 -59.74 6.83
CA THR L 153 -15.07 -59.12 6.19
C THR L 153 -14.13 -60.14 5.59
N ASP L 154 -14.60 -61.37 5.37
CA ASP L 154 -13.82 -62.35 4.63
C ASP L 154 -13.52 -61.85 3.23
N ARG L 155 -14.50 -61.25 2.59
CA ARG L 155 -14.33 -60.60 1.31
C ARG L 155 -14.63 -59.12 1.49
N ASP L 156 -14.74 -58.41 0.37
CA ASP L 156 -15.12 -56.98 0.44
C ASP L 156 -16.62 -56.91 0.69
N LYS L 157 -17.03 -56.37 1.83
CA LYS L 157 -18.43 -56.24 2.18
C LYS L 157 -18.81 -54.79 1.99
N ILE L 158 -19.41 -54.47 0.85
CA ILE L 158 -19.92 -53.14 0.60
C ILE L 158 -21.24 -52.99 1.32
N LEU L 159 -21.34 -51.96 2.15
CA LEU L 159 -22.56 -51.62 2.84
C LEU L 159 -23.07 -50.30 2.30
N THR L 160 -24.31 -50.29 1.83
CA THR L 160 -25.08 -49.06 1.70
C THR L 160 -25.30 -48.49 3.09
N ALA L 161 -25.49 -47.17 3.17
CA ALA L 161 -25.68 -46.49 4.45
C ALA L 161 -26.90 -46.99 5.21
N GLU L 162 -27.96 -47.37 4.50
CA GLU L 162 -29.11 -47.94 5.18
C GLU L 162 -28.82 -49.32 5.75
N GLU L 163 -27.92 -50.07 5.14
CA GLU L 163 -27.53 -51.37 5.66
C GLU L 163 -26.19 -51.34 6.36
N ALA L 164 -25.52 -50.19 6.41
CA ALA L 164 -24.48 -49.96 7.40
C ALA L 164 -25.08 -49.53 8.72
N LYS L 165 -26.31 -49.01 8.70
CA LYS L 165 -27.03 -48.77 9.94
C LYS L 165 -27.46 -50.08 10.58
N ASP L 166 -27.95 -51.01 9.76
CA ASP L 166 -28.35 -52.32 10.27
C ASP L 166 -27.13 -53.13 10.70
N TYR L 167 -25.98 -52.88 10.09
CA TYR L 167 -24.78 -53.59 10.47
C TYR L 167 -24.18 -53.00 11.74
N GLY L 168 -24.48 -51.75 12.04
CA GLY L 168 -23.95 -51.10 13.21
C GLY L 168 -22.77 -50.19 12.94
N ILE L 169 -22.37 -50.03 11.68
CA ILE L 169 -21.28 -49.12 11.34
C ILE L 169 -21.68 -47.69 11.66
N ILE L 170 -22.88 -47.29 11.24
CA ILE L 170 -23.39 -45.97 11.53
C ILE L 170 -24.69 -46.12 12.30
N ASP L 171 -25.15 -45.01 12.86
CA ASP L 171 -26.34 -44.99 13.68
C ASP L 171 -27.50 -44.26 13.04
N THR L 172 -27.23 -43.39 12.08
CA THR L 172 -28.26 -42.56 11.47
C THR L 172 -27.88 -42.34 10.02
N VAL L 173 -28.81 -42.60 9.11
CA VAL L 173 -28.67 -42.14 7.74
C VAL L 173 -29.21 -40.73 7.68
N LEU L 174 -28.40 -39.80 7.18
CA LEU L 174 -28.74 -38.38 7.21
C LEU L 174 -29.86 -38.05 6.25
N GLU L 175 -30.91 -37.43 6.78
CA GLU L 175 -32.00 -36.92 5.95
C GLU L 175 -31.62 -35.57 5.38
N TYR L 176 -32.18 -35.27 4.23
CA TYR L 176 -31.88 -34.06 3.47
C TYR L 176 -32.64 -32.88 4.05
N ARG L 177 -32.17 -31.66 3.72
CA ARG L 177 -32.76 -30.46 4.38
C ARG L 177 -33.27 -29.46 3.33
N LYS L 178 -32.92 -29.65 2.06
CA LYS L 178 -33.41 -28.75 0.99
C LYS L 178 -34.82 -28.27 1.37
N LEU L 179 -34.99 -26.97 1.61
CA LEU L 179 -36.33 -26.41 1.94
C LEU L 179 -37.39 -27.19 1.14
N SER L 180 -37.17 -27.37 -0.16
CA SER L 180 -38.12 -28.15 -1.00
C SER L 180 -39.55 -27.68 -0.73
N ASN M 1 -9.77 -12.07 -6.99
CA ASN M 1 -9.53 -13.46 -7.37
C ASN M 1 -10.85 -14.08 -7.83
N PRO M 2 -10.94 -14.49 -9.10
CA PRO M 2 -12.26 -14.78 -9.68
C PRO M 2 -12.97 -16.00 -9.12
N TYR M 3 -12.25 -16.96 -8.55
CA TYR M 3 -12.95 -18.07 -7.91
C TYR M 3 -13.48 -17.68 -6.54
N ASN M 4 -12.81 -16.75 -5.86
CA ASN M 4 -13.36 -16.23 -4.61
C ASN M 4 -14.64 -15.45 -4.85
N LYS M 5 -14.68 -14.65 -5.91
CA LYS M 5 -15.85 -13.82 -6.16
C LYS M 5 -17.02 -14.63 -6.69
N LEU M 6 -16.75 -15.79 -7.29
CA LEU M 6 -17.82 -16.75 -7.53
C LEU M 6 -18.37 -17.27 -6.21
N PHE M 7 -17.48 -17.66 -5.29
CA PHE M 7 -17.90 -18.26 -4.04
C PHE M 7 -18.52 -17.24 -3.10
N GLU M 8 -18.10 -15.97 -3.18
CA GLU M 8 -18.74 -14.93 -2.39
C GLU M 8 -20.14 -14.63 -2.90
N GLU M 9 -20.37 -14.82 -4.20
CA GLU M 9 -21.70 -14.74 -4.77
C GLU M 9 -22.40 -16.09 -4.85
N ARG M 10 -21.95 -17.04 -4.02
CA ARG M 10 -22.57 -18.34 -3.81
C ARG M 10 -22.60 -19.17 -5.09
N ILE M 11 -21.45 -19.25 -5.76
CA ILE M 11 -21.30 -20.08 -6.93
C ILE M 11 -20.16 -21.06 -6.67
N ILE M 12 -20.52 -22.32 -6.56
CA ILE M 12 -19.55 -23.40 -6.48
C ILE M 12 -19.17 -23.82 -7.88
N PHE M 13 -17.89 -23.84 -8.17
CA PHE M 13 -17.41 -24.12 -9.50
C PHE M 13 -16.81 -25.53 -9.49
N LEU M 14 -17.46 -26.46 -10.17
CA LEU M 14 -16.95 -27.83 -10.19
C LEU M 14 -15.68 -27.92 -11.03
N GLY M 15 -15.79 -27.70 -12.33
CA GLY M 15 -14.64 -27.45 -13.17
C GLY M 15 -13.80 -28.63 -13.58
N VAL M 16 -13.32 -29.42 -12.62
CA VAL M 16 -12.32 -30.44 -12.89
C VAL M 16 -12.95 -31.82 -12.82
N GLN M 17 -12.14 -32.83 -13.18
CA GLN M 17 -12.41 -34.25 -12.98
C GLN M 17 -12.94 -34.54 -11.58
N VAL M 18 -14.13 -35.14 -11.50
CA VAL M 18 -14.71 -35.51 -10.22
C VAL M 18 -13.89 -36.68 -9.68
N ASP M 19 -13.03 -36.40 -8.70
CA ASP M 19 -12.36 -37.44 -7.96
C ASP M 19 -12.62 -37.16 -6.49
N ASP M 20 -11.86 -37.81 -5.60
CA ASP M 20 -12.01 -37.58 -4.17
C ASP M 20 -11.75 -36.12 -3.82
N ALA M 21 -10.60 -35.59 -4.23
CA ALA M 21 -10.18 -34.24 -3.85
C ALA M 21 -11.10 -33.17 -4.43
N SER M 22 -11.64 -33.40 -5.63
CA SER M 22 -12.64 -32.47 -6.15
C SER M 22 -13.96 -32.58 -5.40
N ALA M 23 -14.34 -33.80 -5.01
CA ALA M 23 -15.55 -33.97 -4.22
C ALA M 23 -15.39 -33.37 -2.84
N ASN M 24 -14.18 -33.47 -2.26
CA ASN M 24 -13.92 -32.93 -0.94
C ASN M 24 -14.03 -31.41 -0.91
N ASP M 25 -13.66 -30.75 -2.01
CA ASP M 25 -13.71 -29.30 -2.07
C ASP M 25 -15.15 -28.80 -2.14
N ILE M 26 -15.99 -29.51 -2.90
CA ILE M 26 -17.35 -29.03 -3.15
C ILE M 26 -18.22 -29.22 -1.92
N MET M 27 -18.06 -30.36 -1.22
CA MET M 27 -18.79 -30.58 0.02
C MET M 27 -18.37 -29.61 1.11
N ALA M 28 -17.10 -29.20 1.11
CA ALA M 28 -16.68 -28.10 1.96
C ALA M 28 -17.35 -26.80 1.56
N GLN M 29 -17.56 -26.60 0.26
CA GLN M 29 -18.18 -25.38 -0.23
C GLN M 29 -19.70 -25.41 -0.17
N LEU M 30 -20.30 -26.59 -0.29
CA LEU M 30 -21.75 -26.69 -0.19
C LEU M 30 -22.25 -26.43 1.22
N LEU M 31 -21.45 -26.77 2.22
CA LEU M 31 -21.88 -26.62 3.61
C LEU M 31 -21.56 -25.26 4.17
N VAL M 32 -20.50 -24.60 3.67
CA VAL M 32 -20.22 -23.23 4.06
C VAL M 32 -21.28 -22.29 3.53
N LEU M 33 -21.65 -22.44 2.26
CA LEU M 33 -22.74 -21.65 1.70
C LEU M 33 -24.09 -22.05 2.28
N GLU M 34 -24.22 -23.28 2.79
CA GLU M 34 -25.37 -23.62 3.62
C GLU M 34 -25.37 -22.84 4.92
N SER M 35 -24.20 -22.64 5.53
CA SER M 35 -24.15 -21.94 6.81
C SER M 35 -24.17 -20.43 6.66
N LEU M 36 -23.74 -19.90 5.51
CA LEU M 36 -23.78 -18.46 5.31
C LEU M 36 -25.20 -17.96 5.12
N ASP M 37 -25.96 -18.62 4.24
CA ASP M 37 -27.35 -18.30 4.04
C ASP M 37 -28.06 -19.55 3.54
N PRO M 38 -28.77 -20.27 4.40
CA PRO M 38 -29.42 -21.52 3.97
C PRO M 38 -30.66 -21.32 3.11
N ASP M 39 -31.15 -20.09 2.97
CA ASP M 39 -32.34 -19.81 2.20
C ASP M 39 -32.03 -19.16 0.87
N ARG M 40 -30.75 -18.91 0.59
CA ARG M 40 -30.33 -18.30 -0.67
C ARG M 40 -29.66 -19.37 -1.52
N ASP M 41 -29.99 -19.35 -2.81
CA ASP M 41 -29.69 -20.47 -3.72
C ASP M 41 -28.21 -20.57 -4.01
N ILE M 42 -27.64 -21.76 -3.81
CA ILE M 42 -26.29 -22.06 -4.24
C ILE M 42 -26.33 -22.36 -5.72
N THR M 43 -25.41 -21.80 -6.48
CA THR M 43 -25.29 -22.11 -7.89
C THR M 43 -24.08 -23.02 -8.08
N MET M 44 -24.25 -24.08 -8.85
CA MET M 44 -23.15 -25.01 -9.11
C MET M 44 -22.83 -25.01 -10.60
N TYR M 45 -21.65 -24.53 -10.95
CA TYR M 45 -21.20 -24.54 -12.34
C TYR M 45 -20.48 -25.83 -12.63
N ILE M 46 -20.88 -26.50 -13.72
CA ILE M 46 -20.38 -27.83 -14.03
C ILE M 46 -19.73 -27.80 -15.40
N ASN M 47 -18.42 -28.01 -15.44
CA ASN M 47 -17.66 -28.22 -16.67
C ASN M 47 -16.79 -29.46 -16.49
N SER M 48 -17.39 -30.53 -16.01
CA SER M 48 -16.56 -31.62 -15.60
C SER M 48 -16.67 -32.81 -16.56
N PRO M 49 -15.58 -33.55 -16.74
CA PRO M 49 -15.67 -34.83 -17.47
C PRO M 49 -16.17 -35.99 -16.63
N GLY M 50 -16.54 -35.76 -15.38
CA GLY M 50 -17.12 -36.81 -14.58
C GLY M 50 -16.07 -37.64 -13.87
N GLY M 51 -16.38 -38.91 -13.70
CA GLY M 51 -15.50 -39.84 -13.03
C GLY M 51 -15.88 -39.99 -11.57
N GLY M 52 -15.67 -41.19 -11.04
CA GLY M 52 -15.92 -41.41 -9.63
C GLY M 52 -17.39 -41.63 -9.35
N PHE M 53 -17.72 -42.69 -8.63
CA PHE M 53 -19.09 -42.86 -8.20
C PHE M 53 -19.29 -42.52 -6.74
N THR M 54 -18.32 -42.86 -5.89
CA THR M 54 -18.40 -42.45 -4.49
C THR M 54 -18.11 -40.97 -4.35
N SER M 55 -17.34 -40.40 -5.28
CA SER M 55 -17.14 -38.96 -5.33
C SER M 55 -18.36 -38.26 -5.90
N LEU M 56 -19.04 -38.90 -6.85
CA LEU M 56 -20.35 -38.45 -7.31
C LEU M 56 -21.34 -38.39 -6.16
N MET M 57 -21.54 -39.51 -5.47
CA MET M 57 -22.55 -39.58 -4.43
C MET M 57 -22.13 -38.87 -3.15
N ALA M 58 -20.87 -38.43 -3.06
CA ALA M 58 -20.50 -37.49 -2.01
C ALA M 58 -20.98 -36.08 -2.35
N ILE M 59 -20.76 -35.64 -3.59
CA ILE M 59 -21.26 -34.35 -4.03
C ILE M 59 -22.78 -34.38 -4.13
N TYR M 60 -23.33 -35.49 -4.61
CA TYR M 60 -24.77 -35.62 -4.82
C TYR M 60 -25.55 -35.51 -3.52
N ASP M 61 -25.13 -36.24 -2.50
CA ASP M 61 -25.84 -36.24 -1.24
C ASP M 61 -25.71 -34.90 -0.52
N THR M 62 -24.56 -34.25 -0.66
CA THR M 62 -24.35 -32.98 0.02
C THR M 62 -25.17 -31.87 -0.61
N MET M 63 -25.25 -31.85 -1.95
CA MET M 63 -26.09 -30.87 -2.61
C MET M 63 -27.57 -31.21 -2.49
N GLN M 64 -27.91 -32.44 -2.16
CA GLN M 64 -29.27 -32.76 -1.75
C GLN M 64 -29.50 -32.51 -0.27
N TYR M 65 -28.44 -32.51 0.54
CA TYR M 65 -28.62 -32.32 1.98
C TYR M 65 -28.96 -30.88 2.33
N VAL M 66 -28.30 -29.93 1.69
CA VAL M 66 -28.31 -28.55 2.16
C VAL M 66 -29.68 -27.92 1.97
N ARG M 67 -30.00 -26.95 2.83
CA ARG M 67 -31.30 -26.28 2.76
C ARG M 67 -31.42 -25.46 1.49
N ALA M 68 -30.30 -24.99 0.97
CA ALA M 68 -30.31 -24.11 -0.19
C ALA M 68 -30.61 -24.90 -1.46
N ASP M 69 -31.35 -24.27 -2.36
CA ASP M 69 -31.57 -24.83 -3.68
C ASP M 69 -30.27 -24.80 -4.45
N ILE M 70 -29.99 -25.85 -5.19
CA ILE M 70 -28.79 -25.91 -6.01
C ILE M 70 -29.19 -25.61 -7.44
N GLN M 71 -28.65 -24.53 -7.96
CA GLN M 71 -28.80 -24.15 -9.36
C GLN M 71 -27.63 -24.75 -10.10
N THR M 72 -27.87 -25.83 -10.83
CA THR M 72 -26.81 -26.44 -11.63
C THR M 72 -26.80 -25.83 -13.02
N VAL M 73 -25.64 -25.37 -13.44
CA VAL M 73 -25.46 -24.77 -14.75
C VAL M 73 -24.36 -25.56 -15.44
N CYS M 74 -24.69 -26.17 -16.58
CA CYS M 74 -23.68 -26.87 -17.36
C CYS M 74 -23.02 -25.90 -18.33
N LEU M 75 -21.70 -25.87 -18.32
CA LEU M 75 -20.98 -24.85 -19.07
C LEU M 75 -20.58 -25.35 -20.45
N GLY M 76 -19.75 -26.39 -20.50
CA GLY M 76 -19.40 -26.96 -21.78
C GLY M 76 -19.52 -28.47 -21.79
N GLN M 77 -19.58 -29.08 -20.61
CA GLN M 77 -19.55 -30.53 -20.50
C GLN M 77 -20.10 -30.93 -19.16
N ALA M 78 -20.95 -31.95 -19.16
CA ALA M 78 -21.32 -32.68 -17.94
C ALA M 78 -21.33 -34.14 -18.32
N ALA M 79 -20.22 -34.82 -18.02
CA ALA M 79 -20.11 -36.21 -18.47
C ALA M 79 -20.15 -37.14 -17.27
N SER M 80 -20.71 -38.33 -17.44
CA SER M 80 -20.70 -39.33 -16.34
C SER M 80 -21.16 -38.70 -15.03
N ALA M 81 -20.31 -38.74 -14.00
CA ALA M 81 -20.72 -38.24 -12.67
C ALA M 81 -21.23 -36.81 -12.74
N ALA M 82 -20.77 -36.03 -13.71
CA ALA M 82 -21.14 -34.62 -13.70
C ALA M 82 -22.53 -34.38 -14.28
N ALA M 83 -22.98 -35.25 -15.18
CA ALA M 83 -24.33 -35.15 -15.69
C ALA M 83 -25.36 -35.59 -14.67
N VAL M 84 -24.95 -36.45 -13.73
CA VAL M 84 -25.83 -36.81 -12.63
C VAL M 84 -25.91 -35.67 -11.63
N LEU M 85 -24.79 -35.01 -11.37
CA LEU M 85 -24.78 -33.79 -10.57
C LEU M 85 -25.52 -32.66 -11.24
N LEU M 86 -25.53 -32.63 -12.56
CA LEU M 86 -26.31 -31.65 -13.30
C LEU M 86 -27.79 -31.87 -13.14
N ALA M 87 -28.23 -33.13 -13.18
CA ALA M 87 -29.62 -33.42 -12.88
C ALA M 87 -29.92 -33.29 -11.40
N ALA M 88 -28.91 -33.30 -10.55
CA ALA M 88 -29.09 -33.23 -9.10
C ALA M 88 -29.53 -31.86 -8.61
N GLY M 89 -29.57 -30.84 -9.47
CA GLY M 89 -30.08 -29.56 -9.07
C GLY M 89 -31.57 -29.61 -8.81
N THR M 90 -32.06 -28.58 -8.15
CA THR M 90 -33.47 -28.52 -7.83
C THR M 90 -34.29 -28.30 -9.10
N PRO M 91 -35.51 -28.86 -9.16
CA PRO M 91 -36.32 -28.72 -10.37
C PRO M 91 -36.69 -27.27 -10.67
N GLY M 92 -36.56 -26.90 -11.93
CA GLY M 92 -36.71 -25.53 -12.36
C GLY M 92 -35.43 -24.73 -12.32
N LYS M 93 -34.40 -25.22 -11.64
CA LYS M 93 -33.14 -24.49 -11.54
C LYS M 93 -31.97 -25.23 -12.17
N ARG M 94 -32.23 -26.19 -13.05
CA ARG M 94 -31.18 -26.94 -13.72
C ARG M 94 -30.98 -26.33 -15.09
N MET M 95 -29.82 -25.71 -15.30
CA MET M 95 -29.59 -24.91 -16.48
C MET M 95 -28.44 -25.48 -17.28
N ALA M 96 -28.39 -25.10 -18.55
CA ALA M 96 -27.27 -25.47 -19.40
C ALA M 96 -27.09 -24.37 -20.44
N LEU M 97 -25.84 -24.13 -20.78
CA LEU M 97 -25.51 -23.24 -21.86
C LEU M 97 -25.85 -23.92 -23.18
N PRO M 98 -26.16 -23.16 -24.25
CA PRO M 98 -26.73 -23.79 -25.46
C PRO M 98 -25.84 -24.79 -26.17
N ASN M 99 -24.52 -24.62 -26.11
CA ASN M 99 -23.62 -25.57 -26.72
C ASN M 99 -22.91 -26.44 -25.69
N ALA M 100 -23.49 -26.55 -24.50
CA ALA M 100 -22.97 -27.49 -23.51
C ALA M 100 -23.36 -28.90 -23.89
N ARG M 101 -22.53 -29.85 -23.46
CA ARG M 101 -22.70 -31.26 -23.79
C ARG M 101 -23.02 -32.02 -22.52
N VAL M 102 -24.06 -32.84 -22.57
CA VAL M 102 -24.41 -33.71 -21.45
C VAL M 102 -24.17 -35.13 -21.90
N LEU M 103 -23.30 -35.85 -21.20
CA LEU M 103 -22.92 -37.20 -21.58
C LEU M 103 -23.28 -38.13 -20.43
N ILE M 104 -24.31 -38.94 -20.61
CA ILE M 104 -24.70 -39.93 -19.62
C ILE M 104 -24.29 -41.31 -20.11
N HIS M 105 -23.64 -42.06 -19.22
CA HIS M 105 -23.22 -43.44 -19.56
C HIS M 105 -23.09 -44.24 -18.26
N GLN M 106 -23.34 -45.55 -18.33
CA GLN M 106 -23.30 -46.45 -17.19
C GLN M 106 -21.93 -46.39 -16.53
N PRO M 107 -21.85 -46.74 -15.24
CA PRO M 107 -20.55 -46.75 -14.56
C PRO M 107 -19.59 -47.76 -15.17
N SER M 108 -18.31 -47.47 -15.03
CA SER M 108 -17.28 -48.25 -15.68
C SER M 108 -16.07 -48.33 -14.77
N LEU M 109 -15.45 -49.49 -14.72
CA LEU M 109 -14.15 -49.64 -14.10
C LEU M 109 -13.07 -49.11 -15.02
N SER M 110 -12.41 -48.04 -14.58
CA SER M 110 -11.21 -47.56 -15.25
C SER M 110 -10.08 -48.53 -14.93
N GLY M 111 -9.69 -49.32 -15.92
CA GLY M 111 -8.66 -50.31 -15.71
C GLY M 111 -9.19 -51.58 -15.06
N VAL M 112 -8.44 -52.66 -15.26
CA VAL M 112 -8.81 -53.98 -14.79
C VAL M 112 -8.48 -54.06 -13.31
N ILE M 113 -9.38 -54.64 -12.52
CA ILE M 113 -9.02 -55.02 -11.16
C ILE M 113 -9.02 -56.54 -11.07
N GLN M 114 -7.92 -57.08 -10.55
CA GLN M 114 -7.71 -58.51 -10.51
C GLN M 114 -8.37 -59.09 -9.28
N GLY M 115 -8.32 -60.41 -9.18
CA GLY M 115 -8.79 -61.06 -7.98
C GLY M 115 -9.39 -62.40 -8.30
N GLN M 116 -9.68 -63.13 -7.24
CA GLN M 116 -10.42 -64.38 -7.33
C GLN M 116 -11.83 -64.11 -7.80
N PHE M 117 -12.50 -65.15 -8.29
CA PHE M 117 -13.86 -64.97 -8.80
C PHE M 117 -14.84 -64.59 -7.70
N SER M 118 -14.58 -65.00 -6.46
CA SER M 118 -15.39 -64.53 -5.36
C SER M 118 -15.15 -63.06 -5.08
N ASP M 119 -13.93 -62.58 -5.30
CA ASP M 119 -13.66 -61.15 -5.21
C ASP M 119 -14.31 -60.40 -6.36
N LEU M 120 -14.41 -61.02 -7.52
CA LEU M 120 -14.93 -60.34 -8.69
C LEU M 120 -16.44 -60.43 -8.80
N GLU M 121 -17.07 -61.40 -8.15
CA GLU M 121 -18.52 -61.39 -8.03
C GLU M 121 -19.02 -60.24 -7.18
N ILE M 122 -18.17 -59.72 -6.31
CA ILE M 122 -18.53 -58.62 -5.44
C ILE M 122 -18.21 -57.29 -6.08
N GLN M 123 -17.10 -57.21 -6.79
CA GLN M 123 -16.81 -56.02 -7.57
C GLN M 123 -17.75 -55.86 -8.75
N ALA M 124 -18.36 -56.94 -9.21
CA ALA M 124 -19.39 -56.83 -10.23
C ALA M 124 -20.75 -56.56 -9.64
N ALA M 125 -21.03 -57.08 -8.45
CA ALA M 125 -22.24 -56.69 -7.76
C ALA M 125 -22.18 -55.25 -7.30
N GLU M 126 -20.96 -54.73 -7.07
CA GLU M 126 -20.79 -53.34 -6.71
C GLU M 126 -21.09 -52.42 -7.88
N ILE M 127 -20.52 -52.70 -9.06
CA ILE M 127 -20.78 -51.83 -10.19
C ILE M 127 -22.20 -52.03 -10.71
N GLU M 128 -22.84 -53.16 -10.39
CA GLU M 128 -24.24 -53.29 -10.69
C GLU M 128 -25.09 -52.41 -9.79
N ARG M 129 -24.81 -52.36 -8.50
CA ARG M 129 -25.54 -51.41 -7.67
C ARG M 129 -25.00 -49.99 -7.83
N MET M 130 -23.78 -49.82 -8.36
CA MET M 130 -23.42 -48.50 -8.86
C MET M 130 -24.26 -48.13 -10.06
N ARG M 131 -24.60 -49.11 -10.89
CA ARG M 131 -25.37 -48.83 -12.10
C ARG M 131 -26.82 -48.55 -11.76
N THR M 132 -27.41 -49.36 -10.88
CA THR M 132 -28.81 -49.13 -10.49
C THR M 132 -28.95 -47.83 -9.71
N LEU M 133 -27.96 -47.49 -8.89
CA LEU M 133 -28.05 -46.25 -8.14
C LEU M 133 -27.87 -45.05 -9.05
N MET M 134 -27.04 -45.17 -10.09
CA MET M 134 -26.92 -44.10 -11.07
C MET M 134 -28.23 -43.92 -11.84
N GLU M 135 -28.95 -45.02 -12.08
CA GLU M 135 -30.19 -44.93 -12.81
C GLU M 135 -31.36 -44.55 -11.92
N THR M 136 -31.34 -44.98 -10.65
CA THR M 136 -32.38 -44.57 -9.72
C THR M 136 -32.25 -43.10 -9.37
N THR M 137 -31.01 -42.62 -9.25
CA THR M 137 -30.77 -41.19 -9.03
C THR M 137 -31.22 -40.39 -10.22
N LEU M 138 -30.84 -40.81 -11.42
CA LEU M 138 -31.17 -40.07 -12.62
C LEU M 138 -32.63 -40.24 -13.02
N ALA M 139 -33.37 -41.16 -12.39
CA ALA M 139 -34.81 -41.24 -12.62
C ALA M 139 -35.60 -40.36 -11.69
N ARG M 140 -35.11 -40.13 -10.46
CA ARG M 140 -35.74 -39.17 -9.58
C ARG M 140 -35.65 -37.75 -10.12
N HIS M 141 -34.61 -37.45 -10.90
CA HIS M 141 -34.33 -36.10 -11.31
C HIS M 141 -34.66 -35.81 -12.76
N THR M 142 -34.92 -36.83 -13.58
CA THR M 142 -35.38 -36.63 -14.94
C THR M 142 -36.80 -37.07 -15.17
N GLY M 143 -37.42 -37.76 -14.22
CA GLY M 143 -38.77 -38.23 -14.38
C GLY M 143 -38.92 -39.37 -15.35
N LYS M 144 -37.89 -40.21 -15.48
CA LYS M 144 -37.96 -41.37 -16.35
C LYS M 144 -38.05 -42.64 -15.51
N ASP M 145 -38.16 -43.77 -16.20
CA ASP M 145 -38.64 -44.99 -15.56
C ASP M 145 -37.52 -45.83 -14.96
N ALA M 146 -36.27 -45.38 -15.09
CA ALA M 146 -35.02 -46.03 -14.65
C ALA M 146 -34.69 -47.31 -15.40
N GLY M 147 -35.58 -47.79 -16.26
CA GLY M 147 -35.26 -48.85 -17.19
C GLY M 147 -35.06 -48.21 -18.53
N VAL M 148 -35.71 -47.05 -18.70
CA VAL M 148 -35.47 -46.21 -19.88
C VAL M 148 -34.05 -45.67 -19.83
N ILE M 149 -33.61 -45.25 -18.65
CA ILE M 149 -32.26 -44.73 -18.49
C ILE M 149 -31.23 -45.85 -18.63
N ARG M 150 -31.59 -47.08 -18.24
CA ARG M 150 -30.70 -48.21 -18.48
C ARG M 150 -30.54 -48.50 -19.97
N LYS M 151 -31.64 -48.39 -20.73
CA LYS M 151 -31.54 -48.49 -22.18
C LYS M 151 -30.78 -47.34 -22.78
N ASP M 152 -30.90 -46.15 -22.21
CA ASP M 152 -30.28 -44.96 -22.78
C ASP M 152 -28.82 -44.84 -22.39
N THR M 153 -28.46 -45.17 -21.16
CA THR M 153 -27.08 -45.16 -20.73
C THR M 153 -26.39 -46.49 -20.94
N ASP M 154 -26.94 -47.35 -21.80
CA ASP M 154 -26.26 -48.56 -22.21
C ASP M 154 -24.94 -48.24 -22.88
N ARG M 155 -24.94 -47.23 -23.72
CA ARG M 155 -23.73 -46.71 -24.35
C ARG M 155 -23.56 -45.27 -23.88
N ASP M 156 -22.61 -44.57 -24.50
CA ASP M 156 -22.44 -43.13 -24.19
C ASP M 156 -23.58 -42.38 -24.89
N LYS M 157 -24.43 -41.71 -24.12
CA LYS M 157 -25.53 -40.94 -24.67
C LYS M 157 -25.17 -39.48 -24.54
N ILE M 158 -24.68 -38.90 -25.61
CA ILE M 158 -24.39 -37.47 -25.65
C ILE M 158 -25.69 -36.73 -25.85
N LEU M 159 -25.98 -35.80 -24.96
CA LEU M 159 -27.13 -34.94 -25.07
C LEU M 159 -26.65 -33.51 -25.32
N THR M 160 -27.14 -32.91 -26.40
CA THR M 160 -27.13 -31.46 -26.54
C THR M 160 -28.05 -30.89 -25.46
N ALA M 161 -27.78 -29.63 -25.07
CA ALA M 161 -28.55 -28.98 -24.02
C ALA M 161 -30.03 -28.85 -24.35
N GLU M 162 -30.36 -28.67 -25.63
CA GLU M 162 -31.77 -28.65 -26.02
C GLU M 162 -32.43 -30.01 -25.90
N GLU M 163 -31.67 -31.09 -26.06
CA GLU M 163 -32.21 -32.42 -25.90
C GLU M 163 -31.81 -33.05 -24.57
N ALA M 164 -31.02 -32.35 -23.76
CA ALA M 164 -30.95 -32.67 -22.34
C ALA M 164 -32.11 -32.04 -21.58
N LYS M 165 -32.71 -30.99 -22.16
CA LYS M 165 -33.95 -30.46 -21.59
C LYS M 165 -35.10 -31.42 -21.84
N ASP M 166 -35.17 -31.99 -23.04
CA ASP M 166 -36.20 -32.98 -23.35
C ASP M 166 -35.99 -34.26 -22.58
N TYR M 167 -34.73 -34.59 -22.26
CA TYR M 167 -34.45 -35.78 -21.51
C TYR M 167 -34.75 -35.59 -20.03
N GLY M 168 -34.72 -34.35 -19.56
CA GLY M 168 -34.96 -34.05 -18.17
C GLY M 168 -33.72 -33.81 -17.35
N ILE M 169 -32.54 -33.82 -17.98
CA ILE M 169 -31.30 -33.53 -17.27
C ILE M 169 -31.30 -32.09 -16.80
N ILE M 170 -31.65 -31.16 -17.68
CA ILE M 170 -31.75 -29.75 -17.32
C ILE M 170 -33.17 -29.29 -17.59
N ASP M 171 -33.49 -28.11 -17.07
CA ASP M 171 -34.82 -27.55 -17.18
C ASP M 171 -34.87 -26.34 -18.08
N THR M 172 -33.75 -25.69 -18.33
CA THR M 172 -33.74 -24.45 -19.10
C THR M 172 -32.42 -24.41 -19.86
N VAL M 173 -32.49 -24.18 -21.16
CA VAL M 173 -31.31 -23.80 -21.92
C VAL M 173 -31.15 -22.30 -21.81
N LEU M 174 -29.97 -21.86 -21.37
CA LEU M 174 -29.74 -20.45 -21.07
C LEU M 174 -29.69 -19.60 -22.32
N GLU M 175 -30.53 -18.58 -22.35
CA GLU M 175 -30.51 -17.60 -23.43
C GLU M 175 -29.42 -16.57 -23.17
N TYR M 176 -28.88 -16.02 -24.24
CA TYR M 176 -27.77 -15.08 -24.20
C TYR M 176 -28.26 -13.69 -23.82
N ARG M 177 -27.34 -12.89 -23.28
CA ARG M 177 -27.75 -11.55 -22.76
C ARG M 177 -26.93 -10.46 -23.43
N LYS M 178 -26.02 -10.83 -24.32
CA LYS M 178 -25.26 -9.80 -25.07
C LYS M 178 -26.30 -8.71 -25.30
N LEU M 179 -26.06 -7.51 -24.74
CA LEU M 179 -26.99 -6.38 -25.02
C LEU M 179 -26.47 -5.90 -26.38
N SER M 180 -26.74 -6.65 -27.44
CA SER M 180 -26.16 -6.27 -28.76
C SER M 180 -26.86 -7.21 -29.75
N SER N 1 13.05 -76.20 -33.81
CA SER N 1 12.45 -76.20 -32.49
C SER N 1 11.73 -77.50 -32.23
N LEU N 2 11.22 -77.67 -31.01
CA LEU N 2 10.33 -78.80 -30.74
C LEU N 2 8.90 -78.46 -31.10
N THR N 3 8.43 -77.29 -30.65
CA THR N 3 7.06 -76.85 -30.90
C THR N 3 6.80 -76.73 -32.39
N ASP N 4 7.79 -76.25 -33.15
CA ASP N 4 7.66 -76.24 -34.60
C ASP N 4 7.76 -77.63 -35.18
N SER N 5 8.45 -78.55 -34.51
CA SER N 5 8.55 -79.90 -35.03
C SER N 5 7.27 -80.67 -34.85
N VAL N 6 6.56 -80.43 -33.74
CA VAL N 6 5.30 -81.13 -33.51
C VAL N 6 4.23 -80.57 -34.43
N TYR N 7 4.24 -79.26 -34.64
CA TYR N 7 3.33 -78.65 -35.61
C TYR N 7 3.64 -79.07 -37.03
N GLU N 8 4.90 -79.34 -37.35
CA GLU N 8 5.24 -79.81 -38.68
C GLU N 8 4.76 -81.24 -38.89
N ARG N 9 4.80 -82.05 -37.84
CA ARG N 9 4.34 -83.43 -37.96
C ARG N 9 2.82 -83.50 -38.01
N LEU N 10 2.13 -82.54 -37.41
CA LEU N 10 0.68 -82.49 -37.57
C LEU N 10 0.29 -81.85 -38.89
N LEU N 11 1.14 -80.98 -39.43
CA LEU N 11 0.94 -80.48 -40.77
C LEU N 11 1.06 -81.59 -41.80
N SER N 12 1.89 -82.59 -41.53
CA SER N 12 1.94 -83.77 -42.39
C SER N 12 0.67 -84.58 -42.27
N GLU N 13 0.03 -84.58 -41.09
CA GLU N 13 -1.25 -85.22 -40.89
C GLU N 13 -2.41 -84.29 -41.14
N ARG N 14 -2.15 -83.14 -41.78
CA ARG N 14 -3.14 -82.15 -42.21
C ARG N 14 -3.90 -81.58 -41.03
N ILE N 15 -3.20 -81.34 -39.93
CA ILE N 15 -3.75 -80.73 -38.74
C ILE N 15 -2.99 -79.43 -38.51
N ILE N 16 -3.68 -78.32 -38.63
CA ILE N 16 -3.08 -77.01 -38.41
C ILE N 16 -3.76 -76.37 -37.22
N PHE N 17 -3.02 -75.53 -36.52
CA PHE N 17 -3.55 -74.89 -35.32
C PHE N 17 -3.64 -73.39 -35.52
N LEU N 18 -4.80 -72.84 -35.21
CA LEU N 18 -4.94 -71.43 -34.89
C LEU N 18 -4.89 -71.37 -33.37
N GLY N 19 -3.73 -71.04 -32.84
CA GLY N 19 -3.57 -71.14 -31.40
C GLY N 19 -3.20 -69.86 -30.72
N SER N 20 -3.20 -68.76 -31.46
CA SER N 20 -2.82 -67.47 -30.94
C SER N 20 -3.92 -66.48 -31.25
N GLU N 21 -3.66 -65.21 -30.98
CA GLU N 21 -4.52 -64.18 -31.53
C GLU N 21 -4.34 -64.16 -33.04
N VAL N 22 -5.41 -63.86 -33.76
CA VAL N 22 -5.35 -63.82 -35.20
C VAL N 22 -4.79 -62.46 -35.61
N ASN N 23 -3.48 -62.38 -35.70
CA ASN N 23 -2.86 -61.21 -36.30
C ASN N 23 -2.42 -61.60 -37.70
N ASP N 24 -1.76 -60.68 -38.40
CA ASP N 24 -1.38 -60.95 -39.77
C ASP N 24 -0.30 -62.00 -39.87
N GLU N 25 0.54 -62.17 -38.85
CA GLU N 25 1.59 -63.17 -38.92
C GLU N 25 1.02 -64.59 -38.79
N ILE N 26 0.13 -64.79 -37.82
CA ILE N 26 -0.50 -66.10 -37.65
C ILE N 26 -1.47 -66.38 -38.78
N ALA N 27 -2.08 -65.34 -39.35
CA ALA N 27 -3.00 -65.55 -40.45
C ALA N 27 -2.27 -65.94 -41.72
N ASN N 28 -1.12 -65.32 -41.99
CA ASN N 28 -0.39 -65.62 -43.19
C ASN N 28 0.20 -67.01 -43.16
N ARG N 29 0.64 -67.48 -42.00
CA ARG N 29 1.15 -68.84 -41.94
C ARG N 29 0.02 -69.86 -41.97
N LEU N 30 -1.17 -69.53 -41.49
CA LEU N 30 -2.30 -70.43 -41.69
C LEU N 30 -2.74 -70.45 -43.14
N CYS N 31 -2.81 -69.27 -43.76
CA CYS N 31 -3.12 -69.22 -45.18
C CYS N 31 -2.06 -69.92 -46.00
N ALA N 32 -0.80 -69.85 -45.57
CA ALA N 32 0.24 -70.60 -46.23
C ALA N 32 0.06 -72.09 -46.02
N GLN N 33 -0.33 -72.50 -44.82
CA GLN N 33 -0.52 -73.92 -44.55
C GLN N 33 -1.74 -74.47 -45.27
N ILE N 34 -2.81 -73.69 -45.39
CA ILE N 34 -3.97 -74.16 -46.13
C ILE N 34 -3.67 -74.25 -47.62
N LEU N 35 -2.94 -73.29 -48.16
CA LEU N 35 -2.51 -73.36 -49.55
C LEU N 35 -1.51 -74.49 -49.77
N LEU N 36 -0.69 -74.78 -48.76
CA LEU N 36 0.26 -75.88 -48.91
C LEU N 36 -0.43 -77.22 -48.82
N LEU N 37 -1.41 -77.35 -47.94
CA LEU N 37 -2.10 -78.61 -47.79
C LEU N 37 -3.10 -78.85 -48.91
N ALA N 38 -3.71 -77.80 -49.45
CA ALA N 38 -4.60 -77.99 -50.58
C ALA N 38 -3.84 -78.30 -51.85
N ALA N 39 -2.61 -77.84 -51.96
CA ALA N 39 -1.78 -78.21 -53.10
C ALA N 39 -1.19 -79.61 -52.95
N GLU N 40 -0.96 -80.05 -51.72
CA GLU N 40 -0.40 -81.37 -51.48
C GLU N 40 -1.42 -82.46 -51.76
N ASP N 41 -2.63 -82.33 -51.22
CA ASP N 41 -3.72 -83.21 -51.56
C ASP N 41 -5.00 -82.40 -51.47
N ALA N 42 -5.74 -82.36 -52.57
CA ALA N 42 -6.88 -81.47 -52.69
C ALA N 42 -8.19 -82.16 -52.34
N SER N 43 -8.14 -83.32 -51.70
CA SER N 43 -9.35 -84.06 -51.40
C SER N 43 -9.45 -84.48 -49.95
N LYS N 44 -8.35 -84.41 -49.20
CA LYS N 44 -8.37 -84.76 -47.79
C LYS N 44 -8.71 -83.54 -46.97
N ASP N 45 -9.37 -83.77 -45.84
CA ASP N 45 -9.79 -82.68 -44.97
C ASP N 45 -8.61 -82.08 -44.25
N ILE N 46 -8.68 -80.79 -44.02
CA ILE N 46 -7.71 -80.09 -43.19
C ILE N 46 -8.37 -79.83 -41.85
N SER N 47 -7.74 -80.27 -40.77
CA SER N 47 -8.26 -80.08 -39.43
C SER N 47 -7.64 -78.83 -38.83
N LEU N 48 -8.44 -77.82 -38.62
CA LEU N 48 -7.97 -76.55 -38.07
C LEU N 48 -8.45 -76.47 -36.63
N TYR N 49 -7.53 -76.52 -35.67
CA TYR N 49 -7.95 -76.50 -34.28
C TYR N 49 -7.82 -75.07 -33.76
N ILE N 50 -8.92 -74.53 -33.26
CA ILE N 50 -9.00 -73.15 -32.84
C ILE N 50 -8.80 -73.11 -31.34
N ASN N 51 -7.73 -72.49 -30.89
CA ASN N 51 -7.59 -72.08 -29.49
C ASN N 51 -7.18 -70.61 -29.57
N SER N 52 -8.16 -69.75 -29.74
CA SER N 52 -7.82 -68.40 -30.11
C SER N 52 -8.65 -67.39 -29.35
N PRO N 53 -8.04 -66.33 -28.83
CA PRO N 53 -8.80 -65.22 -28.27
C PRO N 53 -9.34 -64.25 -29.31
N GLY N 54 -9.27 -64.60 -30.58
CA GLY N 54 -9.68 -63.72 -31.65
C GLY N 54 -8.56 -62.80 -32.04
N GLY N 55 -8.83 -61.99 -33.04
CA GLY N 55 -7.83 -61.04 -33.46
C GLY N 55 -8.33 -60.13 -34.55
N SER N 56 -7.48 -59.87 -35.52
CA SER N 56 -7.79 -58.91 -36.56
C SER N 56 -8.87 -59.45 -37.49
N ILE N 57 -9.78 -58.59 -37.91
CA ILE N 57 -10.84 -58.99 -38.82
C ILE N 57 -10.25 -59.36 -40.17
N SER N 58 -9.36 -58.51 -40.69
CA SER N 58 -8.80 -58.74 -42.01
C SER N 58 -7.82 -59.90 -42.02
N ALA N 59 -7.16 -60.16 -40.90
CA ALA N 59 -6.35 -61.36 -40.78
C ALA N 59 -7.22 -62.61 -40.80
N GLY N 60 -8.33 -62.58 -40.07
CA GLY N 60 -9.23 -63.71 -40.08
C GLY N 60 -10.01 -63.84 -41.37
N MET N 61 -10.28 -62.73 -42.05
CA MET N 61 -10.88 -62.81 -43.36
C MET N 61 -9.92 -63.37 -44.39
N ALA N 62 -8.61 -63.20 -44.18
CA ALA N 62 -7.64 -63.86 -45.03
C ALA N 62 -7.69 -65.37 -44.83
N ILE N 63 -7.77 -65.81 -43.58
CA ILE N 63 -7.89 -67.23 -43.28
C ILE N 63 -9.19 -67.78 -43.80
N TYR N 64 -10.29 -67.06 -43.58
CA TYR N 64 -11.61 -67.49 -44.02
C TYR N 64 -11.69 -67.61 -45.52
N ASP N 65 -11.10 -66.68 -46.26
CA ASP N 65 -11.07 -66.81 -47.69
C ASP N 65 -10.18 -67.96 -48.14
N THR N 66 -9.10 -68.21 -47.42
CA THR N 66 -8.25 -69.33 -47.77
C THR N 66 -8.91 -70.65 -47.42
N MET N 67 -9.72 -70.67 -46.36
CA MET N 67 -10.51 -71.85 -46.03
C MET N 67 -11.56 -72.14 -47.09
N VAL N 68 -12.22 -71.11 -47.60
CA VAL N 68 -13.29 -71.32 -48.56
C VAL N 68 -12.73 -71.67 -49.93
N LEU N 69 -11.70 -70.97 -50.36
CA LEU N 69 -11.18 -71.22 -51.70
C LEU N 69 -10.30 -72.45 -51.77
N ALA N 70 -9.98 -73.06 -50.64
CA ALA N 70 -9.30 -74.34 -50.68
C ALA N 70 -10.29 -75.40 -51.14
N PRO N 71 -9.88 -76.31 -52.01
CA PRO N 71 -10.77 -77.42 -52.40
C PRO N 71 -10.98 -78.41 -51.28
N CYS N 72 -10.13 -78.41 -50.27
CA CYS N 72 -10.30 -79.26 -49.11
C CYS N 72 -11.45 -78.76 -48.25
N ASP N 73 -12.04 -79.67 -47.49
CA ASP N 73 -13.00 -79.28 -46.46
C ASP N 73 -12.21 -78.98 -45.20
N ILE N 74 -12.34 -77.76 -44.70
CA ILE N 74 -11.63 -77.36 -43.50
C ILE N 74 -12.49 -77.77 -42.31
N ALA N 75 -12.09 -78.82 -41.62
CA ALA N 75 -12.76 -79.20 -40.38
C ALA N 75 -12.23 -78.32 -39.27
N THR N 76 -13.11 -77.63 -38.57
CA THR N 76 -12.66 -76.77 -37.50
C THR N 76 -13.02 -77.36 -36.15
N TYR N 77 -12.19 -77.05 -35.16
CA TYR N 77 -12.27 -77.63 -33.84
C TYR N 77 -12.10 -76.53 -32.82
N ALA N 78 -13.16 -76.24 -32.09
CA ALA N 78 -13.06 -75.32 -30.96
C ALA N 78 -12.32 -76.05 -29.86
N MET N 79 -11.09 -75.65 -29.60
CA MET N 79 -10.23 -76.34 -28.65
C MET N 79 -9.98 -75.36 -27.50
N GLY N 80 -10.84 -75.39 -26.51
CA GLY N 80 -10.65 -74.50 -25.37
C GLY N 80 -11.27 -73.13 -25.48
N MET N 81 -10.96 -72.41 -26.55
CA MET N 81 -11.42 -71.05 -26.71
C MET N 81 -11.55 -70.70 -28.18
N ALA N 82 -12.69 -70.17 -28.56
CA ALA N 82 -12.88 -69.61 -29.90
C ALA N 82 -13.58 -68.27 -29.70
N ALA N 83 -12.79 -67.22 -29.60
CA ALA N 83 -13.39 -65.92 -29.29
C ALA N 83 -13.21 -65.00 -30.48
N SER N 84 -14.17 -64.10 -30.71
CA SER N 84 -13.98 -63.10 -31.78
C SER N 84 -13.67 -63.80 -33.11
N MET N 85 -12.50 -63.51 -33.67
CA MET N 85 -12.14 -64.12 -34.96
C MET N 85 -11.94 -65.62 -34.73
N GLY N 86 -11.78 -66.05 -33.48
CA GLY N 86 -11.63 -67.48 -33.33
C GLY N 86 -12.94 -68.23 -33.48
N GLU N 87 -14.04 -67.63 -33.01
CA GLU N 87 -15.35 -68.22 -33.25
C GLU N 87 -15.76 -68.06 -34.69
N PHE N 88 -15.27 -67.01 -35.35
CA PHE N 88 -15.64 -66.77 -36.73
C PHE N 88 -15.06 -67.85 -37.61
N LEU N 89 -13.77 -68.12 -37.46
CA LEU N 89 -13.10 -69.15 -38.22
C LEU N 89 -13.53 -70.54 -37.81
N LEU N 90 -13.94 -70.72 -36.55
CA LEU N 90 -14.59 -71.95 -36.13
C LEU N 90 -15.87 -72.19 -36.91
N ALA N 91 -16.76 -71.20 -36.91
CA ALA N 91 -18.02 -71.31 -37.62
C ALA N 91 -17.84 -71.23 -39.12
N ALA N 92 -16.68 -70.80 -39.60
CA ALA N 92 -16.36 -70.75 -41.01
C ALA N 92 -15.93 -72.08 -41.57
N GLY N 93 -15.86 -73.13 -40.76
CA GLY N 93 -15.52 -74.44 -41.25
C GLY N 93 -16.59 -75.00 -42.16
N THR N 94 -16.27 -76.14 -42.75
CA THR N 94 -17.22 -76.84 -43.59
C THR N 94 -18.39 -77.31 -42.75
N LYS N 95 -19.60 -77.08 -43.26
CA LYS N 95 -20.81 -77.53 -42.57
C LYS N 95 -20.80 -79.03 -42.43
N GLY N 96 -21.11 -79.50 -41.23
CA GLY N 96 -20.94 -80.89 -40.89
C GLY N 96 -19.59 -81.20 -40.31
N LYS N 97 -18.64 -80.28 -40.39
CA LYS N 97 -17.28 -80.53 -39.94
C LYS N 97 -16.80 -79.46 -38.98
N ARG N 98 -17.71 -78.73 -38.36
CA ARG N 98 -17.35 -77.74 -37.37
C ARG N 98 -17.57 -78.38 -36.01
N TYR N 99 -16.50 -78.57 -35.27
CA TYR N 99 -16.58 -79.32 -34.03
C TYR N 99 -16.24 -78.42 -32.86
N ALA N 100 -16.84 -78.71 -31.72
CA ALA N 100 -16.42 -78.13 -30.46
C ALA N 100 -15.97 -79.26 -29.56
N LEU N 101 -14.81 -79.11 -28.98
CA LEU N 101 -14.44 -80.03 -27.93
C LEU N 101 -15.29 -79.69 -26.71
N PRO N 102 -15.67 -80.68 -25.88
CA PRO N 102 -16.83 -80.52 -24.99
C PRO N 102 -16.71 -79.44 -23.93
N HIS N 103 -15.54 -78.90 -23.69
CA HIS N 103 -15.36 -77.84 -22.71
C HIS N 103 -14.76 -76.60 -23.35
N ALA N 104 -14.82 -76.51 -24.67
CA ALA N 104 -14.47 -75.26 -25.32
C ALA N 104 -15.55 -74.24 -25.08
N ARG N 105 -15.14 -72.99 -25.02
CA ARG N 105 -16.05 -71.89 -24.81
C ARG N 105 -15.92 -70.95 -25.99
N ILE N 106 -17.05 -70.54 -26.54
CA ILE N 106 -17.11 -69.73 -27.73
C ILE N 106 -17.58 -68.34 -27.33
N LEU N 107 -16.77 -67.34 -27.61
CA LEU N 107 -17.11 -65.96 -27.32
C LEU N 107 -17.47 -65.26 -28.62
N MET N 108 -18.67 -64.71 -28.66
CA MET N 108 -19.15 -63.97 -29.82
C MET N 108 -19.38 -62.53 -29.43
N HIS N 109 -18.78 -61.62 -30.19
CA HIS N 109 -18.97 -60.19 -29.89
C HIS N 109 -18.69 -59.35 -31.14
N GLN N 110 -19.32 -58.20 -31.24
CA GLN N 110 -19.09 -57.25 -32.31
C GLN N 110 -17.61 -56.86 -32.36
N PRO N 111 -17.11 -56.41 -33.51
CA PRO N 111 -15.68 -56.12 -33.60
C PRO N 111 -15.28 -54.91 -32.77
N LEU N 112 -14.05 -54.96 -32.29
CA LEU N 112 -13.45 -53.85 -31.57
C LEU N 112 -12.53 -53.12 -32.53
N GLY N 113 -12.25 -51.89 -32.22
CA GLY N 113 -11.39 -51.09 -33.08
C GLY N 113 -10.92 -49.85 -32.39
N GLY N 114 -10.67 -48.83 -33.18
CA GLY N 114 -10.27 -47.55 -32.63
C GLY N 114 -10.41 -46.47 -33.67
N VAL N 115 -11.06 -45.39 -33.29
CA VAL N 115 -11.14 -44.22 -34.14
C VAL N 115 -10.02 -43.26 -33.75
N THR N 116 -9.44 -42.62 -34.75
CA THR N 116 -8.34 -41.68 -34.54
C THR N 116 -8.28 -40.72 -35.71
N GLY N 117 -7.61 -39.61 -35.49
CA GLY N 117 -7.39 -38.65 -36.53
C GLY N 117 -8.47 -37.59 -36.56
N SER N 118 -8.58 -36.96 -37.73
CA SER N 118 -9.50 -35.85 -37.89
C SER N 118 -10.92 -36.36 -38.02
N ALA N 119 -11.87 -35.43 -38.04
CA ALA N 119 -13.27 -35.82 -38.11
C ALA N 119 -13.66 -36.33 -39.49
N ALA N 120 -12.90 -36.01 -40.52
CA ALA N 120 -13.14 -36.60 -41.82
C ALA N 120 -12.52 -37.99 -41.92
N ASP N 121 -11.42 -38.23 -41.20
CA ASP N 121 -10.87 -39.58 -41.10
C ASP N 121 -11.80 -40.49 -40.31
N ILE N 122 -12.29 -40.00 -39.17
CA ILE N 122 -13.12 -40.81 -38.29
C ILE N 122 -14.47 -41.09 -38.92
N ALA N 123 -14.98 -40.17 -39.75
CA ALA N 123 -16.23 -40.41 -40.45
C ALA N 123 -16.08 -41.52 -41.50
N ILE N 124 -14.87 -41.68 -42.03
CA ILE N 124 -14.60 -42.75 -42.98
C ILE N 124 -14.29 -44.05 -42.27
N GLN N 125 -13.63 -43.98 -41.12
CA GLN N 125 -13.47 -45.16 -40.29
C GLN N 125 -14.80 -45.67 -39.79
N ALA N 126 -15.73 -44.77 -39.48
CA ALA N 126 -17.04 -45.17 -39.01
C ALA N 126 -17.88 -45.79 -40.12
N GLU N 127 -17.76 -45.26 -41.34
CA GLU N 127 -18.42 -45.91 -42.47
C GLU N 127 -17.86 -47.28 -42.70
N GLN N 128 -16.55 -47.44 -42.52
CA GLN N 128 -15.93 -48.72 -42.73
C GLN N 128 -16.14 -49.65 -41.55
N PHE N 129 -16.31 -49.10 -40.34
CA PHE N 129 -16.69 -49.94 -39.22
C PHE N 129 -18.09 -50.47 -39.39
N ALA N 130 -18.99 -49.68 -39.99
CA ALA N 130 -20.33 -50.16 -40.27
C ALA N 130 -20.33 -51.21 -41.38
N VAL N 131 -19.36 -51.13 -42.30
CA VAL N 131 -19.28 -52.14 -43.35
C VAL N 131 -18.72 -53.44 -42.80
N ILE N 132 -17.68 -53.36 -41.97
CA ILE N 132 -17.08 -54.55 -41.38
C ILE N 132 -18.05 -55.23 -40.43
N LYS N 133 -18.76 -54.44 -39.61
CA LYS N 133 -19.71 -55.00 -38.66
C LYS N 133 -20.90 -55.62 -39.36
N LYS N 134 -21.33 -55.05 -40.47
CA LYS N 134 -22.41 -55.65 -41.23
C LYS N 134 -21.97 -56.93 -41.92
N GLU N 135 -20.72 -56.97 -42.38
CA GLU N 135 -20.23 -58.14 -43.09
C GLU N 135 -19.89 -59.27 -42.14
N MET N 136 -19.33 -58.92 -40.96
CA MET N 136 -19.07 -59.92 -39.94
C MET N 136 -20.36 -60.52 -39.42
N PHE N 137 -21.40 -59.70 -39.28
CA PHE N 137 -22.67 -60.23 -38.81
C PHE N 137 -23.39 -61.00 -39.88
N ARG N 138 -23.19 -60.62 -41.15
CA ARG N 138 -23.80 -61.37 -42.24
C ARG N 138 -23.20 -62.76 -42.34
N LEU N 139 -21.89 -62.87 -42.15
CA LEU N 139 -21.26 -64.17 -42.27
C LEU N 139 -21.53 -65.04 -41.05
N ASN N 140 -21.55 -64.47 -39.85
CA ASN N 140 -22.00 -65.22 -38.68
C ASN N 140 -23.45 -65.63 -38.79
N ALA N 141 -24.28 -64.84 -39.46
CA ALA N 141 -25.64 -65.29 -39.71
C ALA N 141 -25.67 -66.39 -40.76
N GLU N 142 -24.71 -66.37 -41.68
CA GLU N 142 -24.63 -67.44 -42.68
C GLU N 142 -24.08 -68.71 -42.06
N PHE N 143 -23.09 -68.58 -41.18
CA PHE N 143 -22.45 -69.72 -40.57
C PHE N 143 -23.40 -70.43 -39.61
N THR N 144 -23.90 -69.67 -38.64
CA THR N 144 -24.75 -70.25 -37.61
C THR N 144 -26.15 -70.55 -38.10
N GLY N 145 -26.57 -69.93 -39.19
CA GLY N 145 -27.95 -70.07 -39.61
C GLY N 145 -28.92 -69.24 -38.81
N GLN N 146 -28.42 -68.38 -37.94
CA GLN N 146 -29.26 -67.48 -37.18
C GLN N 146 -29.65 -66.31 -38.05
N PRO N 147 -30.74 -65.60 -37.73
CA PRO N 147 -31.01 -64.35 -38.41
C PRO N 147 -29.95 -63.31 -38.09
N ILE N 148 -29.70 -62.40 -39.03
CA ILE N 148 -28.72 -61.35 -38.82
C ILE N 148 -29.18 -60.38 -37.74
N GLU N 149 -30.47 -60.32 -37.47
CA GLU N 149 -30.96 -59.50 -36.37
C GLU N 149 -30.61 -60.11 -35.03
N ARG N 150 -30.60 -61.44 -34.94
CA ARG N 150 -30.21 -62.10 -33.70
C ARG N 150 -28.69 -62.05 -33.52
N ILE N 151 -27.94 -62.21 -34.60
CA ILE N 151 -26.48 -62.08 -34.56
C ILE N 151 -26.08 -60.69 -34.09
N GLU N 152 -26.76 -59.66 -34.59
CA GLU N 152 -26.45 -58.30 -34.19
C GLU N 152 -26.86 -58.04 -32.76
N ALA N 153 -27.96 -58.65 -32.32
CA ALA N 153 -28.42 -58.47 -30.95
C ALA N 153 -27.53 -59.20 -29.96
N ASP N 154 -27.07 -60.40 -30.31
CA ASP N 154 -26.24 -61.15 -29.39
C ASP N 154 -24.82 -60.64 -29.37
N SER N 155 -24.30 -60.20 -30.51
CA SER N 155 -23.00 -59.57 -30.55
C SER N 155 -23.12 -58.06 -30.33
N ASP N 156 -23.73 -57.69 -29.22
CA ASP N 156 -23.70 -56.31 -28.78
C ASP N 156 -22.60 -56.18 -27.74
N ARG N 157 -22.69 -56.96 -26.69
CA ARG N 157 -21.62 -57.14 -25.74
C ARG N 157 -21.02 -58.52 -25.99
N ASP N 158 -20.21 -58.97 -25.04
CA ASP N 158 -19.65 -60.33 -25.14
C ASP N 158 -20.79 -61.32 -24.93
N ARG N 159 -20.88 -62.32 -25.79
CA ARG N 159 -21.91 -63.35 -25.72
C ARG N 159 -21.21 -64.68 -25.69
N TRP N 160 -21.16 -65.27 -24.52
CA TRP N 160 -20.42 -66.50 -24.31
C TRP N 160 -21.29 -67.71 -24.58
N PHE N 161 -20.64 -68.76 -25.06
CA PHE N 161 -21.31 -70.01 -25.36
C PHE N 161 -20.48 -71.14 -24.77
N THR N 162 -21.15 -72.15 -24.26
CA THR N 162 -20.47 -73.40 -24.00
C THR N 162 -20.44 -74.19 -25.29
N ALA N 163 -19.94 -75.42 -25.24
CA ALA N 163 -19.96 -76.23 -26.45
C ALA N 163 -21.37 -76.63 -26.82
N ALA N 164 -22.22 -76.85 -25.82
CA ALA N 164 -23.61 -77.22 -26.08
C ALA N 164 -24.43 -76.04 -26.54
N GLU N 165 -24.14 -74.85 -26.01
CA GLU N 165 -24.84 -73.65 -26.45
C GLU N 165 -24.40 -73.25 -27.85
N ALA N 166 -23.14 -73.48 -28.19
CA ALA N 166 -22.68 -73.18 -29.54
C ALA N 166 -23.21 -74.17 -30.55
N LEU N 167 -23.50 -75.39 -30.10
CA LEU N 167 -24.13 -76.36 -30.99
C LEU N 167 -25.57 -75.98 -31.28
N GLU N 168 -26.29 -75.48 -30.27
CA GLU N 168 -27.65 -75.02 -30.50
C GLU N 168 -27.69 -73.75 -31.31
N TYR N 169 -26.69 -72.90 -31.16
CA TYR N 169 -26.70 -71.60 -31.82
C TYR N 169 -26.26 -71.73 -33.27
N GLY N 170 -25.35 -72.64 -33.55
CA GLY N 170 -24.97 -72.95 -34.91
C GLY N 170 -23.52 -72.76 -35.25
N PHE N 171 -22.66 -72.44 -34.28
CA PHE N 171 -21.26 -72.26 -34.58
C PHE N 171 -20.60 -73.57 -34.95
N VAL N 172 -20.93 -74.63 -34.24
CA VAL N 172 -20.36 -75.94 -34.48
C VAL N 172 -21.48 -76.87 -34.89
N ASP N 173 -21.09 -77.98 -35.50
CA ASP N 173 -22.03 -78.96 -35.98
C ASP N 173 -22.06 -80.19 -35.10
N HIS N 174 -20.99 -80.47 -34.37
CA HIS N 174 -20.93 -81.61 -33.48
C HIS N 174 -20.12 -81.22 -32.26
N ILE N 175 -20.36 -81.94 -31.17
CA ILE N 175 -19.48 -81.93 -30.01
C ILE N 175 -18.90 -83.32 -29.93
N ILE N 176 -17.64 -83.47 -30.27
CA ILE N 176 -17.04 -84.80 -30.30
C ILE N 176 -16.73 -85.27 -28.90
N THR N 177 -17.09 -86.52 -28.61
CA THR N 177 -16.98 -87.09 -27.28
C THR N 177 -16.58 -88.55 -27.43
N ARG N 178 -15.33 -88.85 -27.11
CA ARG N 178 -14.76 -90.17 -27.30
C ARG N 178 -14.13 -90.67 -26.01
N SER O 1 12.72 -72.88 -39.08
CA SER O 1 11.43 -72.61 -38.48
C SER O 1 10.34 -73.41 -39.17
N LEU O 2 9.11 -73.35 -38.64
CA LEU O 2 7.98 -73.90 -39.36
C LEU O 2 7.42 -72.92 -40.35
N THR O 3 7.20 -71.67 -39.91
CA THR O 3 6.65 -70.62 -40.76
C THR O 3 7.55 -70.36 -41.96
N ASP O 4 8.86 -70.39 -41.76
CA ASP O 4 9.77 -70.30 -42.88
C ASP O 4 9.76 -71.56 -43.71
N SER O 5 9.45 -72.71 -43.13
CA SER O 5 9.41 -73.94 -43.90
C SER O 5 8.20 -74.00 -44.81
N VAL O 6 7.06 -73.48 -44.34
CA VAL O 6 5.85 -73.48 -45.15
C VAL O 6 5.98 -72.45 -46.27
N TYR O 7 6.59 -71.31 -45.98
CA TYR O 7 6.86 -70.32 -47.01
C TYR O 7 7.89 -70.81 -48.01
N GLU O 8 8.83 -71.64 -47.58
CA GLU O 8 9.81 -72.20 -48.51
C GLU O 8 9.16 -73.21 -49.43
N ARG O 9 8.19 -73.97 -48.92
CA ARG O 9 7.51 -74.94 -49.75
C ARG O 9 6.54 -74.28 -50.72
N LEU O 10 6.02 -73.12 -50.37
CA LEU O 10 5.21 -72.37 -51.32
C LEU O 10 6.08 -71.61 -52.31
N LEU O 11 7.29 -71.24 -51.89
CA LEU O 11 8.25 -70.67 -52.81
C LEU O 11 8.66 -71.69 -53.87
N SER O 12 8.67 -72.97 -53.52
CA SER O 12 8.89 -74.01 -54.52
C SER O 12 7.71 -74.12 -55.47
N GLU O 13 6.51 -73.83 -55.00
CA GLU O 13 5.32 -73.78 -55.83
C GLU O 13 5.06 -72.40 -56.38
N ARG O 14 6.06 -71.51 -56.31
CA ARG O 14 6.05 -70.16 -56.86
C ARG O 14 4.94 -69.30 -56.26
N ILE O 15 4.72 -69.46 -54.96
CA ILE O 15 3.75 -68.68 -54.21
C ILE O 15 4.52 -67.92 -53.16
N ILE O 16 4.55 -66.60 -53.28
CA ILE O 16 5.22 -65.75 -52.31
C ILE O 16 4.18 -64.88 -51.63
N PHE O 17 4.46 -64.51 -50.39
CA PHE O 17 3.51 -63.72 -49.61
C PHE O 17 4.09 -62.36 -49.29
N LEU O 18 3.32 -61.33 -49.58
CA LEU O 18 3.48 -60.04 -48.95
C LEU O 18 2.50 -60.03 -47.79
N GLY O 19 2.98 -60.31 -46.60
CA GLY O 19 2.08 -60.50 -45.50
C GLY O 19 2.28 -59.56 -44.34
N SER O 20 3.16 -58.60 -44.51
CA SER O 20 3.48 -57.65 -43.45
C SER O 20 3.31 -56.25 -44.01
N GLU O 21 3.73 -55.26 -43.22
CA GLU O 21 3.91 -53.94 -43.77
C GLU O 21 5.07 -53.97 -44.76
N VAL O 22 4.96 -53.18 -45.81
CA VAL O 22 6.02 -53.16 -46.82
C VAL O 22 7.11 -52.23 -46.32
N ASN O 23 8.05 -52.78 -45.57
CA ASN O 23 9.25 -52.04 -45.23
C ASN O 23 10.36 -52.56 -46.13
N ASP O 24 11.57 -52.06 -45.92
CA ASP O 24 12.67 -52.46 -46.78
C ASP O 24 13.09 -53.91 -46.58
N GLU O 25 12.86 -54.47 -45.39
CA GLU O 25 13.24 -55.85 -45.16
C GLU O 25 12.32 -56.82 -45.89
N ILE O 26 11.01 -56.59 -45.79
CA ILE O 26 10.04 -57.44 -46.48
C ILE O 26 10.10 -57.20 -47.99
N ALA O 27 10.45 -55.98 -48.40
CA ALA O 27 10.55 -55.70 -49.83
C ALA O 27 11.75 -56.38 -50.44
N ASN O 28 12.88 -56.37 -49.74
CA ASN O 28 14.07 -56.97 -50.28
C ASN O 28 13.96 -58.48 -50.38
N ARG O 29 13.29 -59.12 -49.44
CA ARG O 29 13.11 -60.56 -49.56
C ARG O 29 12.08 -60.91 -50.60
N LEU O 30 11.08 -60.05 -50.84
CA LEU O 30 10.20 -60.29 -51.98
C LEU O 30 10.90 -60.07 -53.29
N CYS O 31 11.68 -58.99 -53.39
CA CYS O 31 12.48 -58.77 -54.59
C CYS O 31 13.48 -59.88 -54.79
N ALA O 32 14.01 -60.43 -53.70
CA ALA O 32 14.89 -61.58 -53.82
C ALA O 32 14.13 -62.80 -54.28
N GLN O 33 12.91 -63.00 -53.78
CA GLN O 33 12.12 -64.16 -54.19
C GLN O 33 11.65 -64.04 -55.63
N ILE O 34 11.32 -62.84 -56.09
CA ILE O 34 10.90 -62.67 -57.48
C ILE O 34 12.09 -62.88 -58.41
N LEU O 35 13.26 -62.37 -58.03
CA LEU O 35 14.47 -62.62 -58.82
C LEU O 35 14.87 -64.08 -58.76
N LEU O 36 14.62 -64.76 -57.65
CA LEU O 36 14.95 -66.16 -57.56
C LEU O 36 13.99 -67.01 -58.36
N LEU O 37 12.71 -66.67 -58.34
CA LEU O 37 11.74 -67.44 -59.09
C LEU O 37 11.78 -67.16 -60.58
N ALA O 38 12.12 -65.94 -60.98
CA ALA O 38 12.26 -65.64 -62.39
C ALA O 38 13.51 -66.26 -62.97
N ALA O 39 14.55 -66.46 -62.16
CA ALA O 39 15.73 -67.16 -62.62
C ALA O 39 15.54 -68.66 -62.64
N GLU O 40 14.69 -69.18 -61.75
CA GLU O 40 14.44 -70.62 -61.70
C GLU O 40 13.61 -71.08 -62.89
N ASP O 41 12.51 -70.39 -63.17
CA ASP O 41 11.74 -70.63 -64.37
C ASP O 41 11.11 -69.31 -64.79
N ALA O 42 11.42 -68.90 -66.01
CA ALA O 42 11.07 -67.56 -66.48
C ALA O 42 9.75 -67.54 -67.23
N SER O 43 8.95 -68.60 -67.14
CA SER O 43 7.71 -68.67 -67.90
C SER O 43 6.51 -69.01 -67.04
N LYS O 44 6.73 -69.50 -65.82
CA LYS O 44 5.63 -69.82 -64.92
C LYS O 44 5.25 -68.60 -64.11
N ASP O 45 3.98 -68.52 -63.76
CA ASP O 45 3.49 -67.37 -63.03
C ASP O 45 3.95 -67.43 -61.58
N ILE O 46 4.19 -66.27 -61.00
CA ILE O 46 4.48 -66.13 -59.58
C ILE O 46 3.22 -65.62 -58.92
N SER O 47 2.74 -66.33 -57.91
CA SER O 47 1.55 -65.93 -57.19
C SER O 47 1.96 -65.15 -55.95
N LEU O 48 1.64 -63.87 -55.93
CA LEU O 48 1.98 -63.01 -54.82
C LEU O 48 0.72 -62.73 -54.02
N TYR O 49 0.63 -63.23 -52.80
CA TYR O 49 -0.57 -63.04 -52.03
C TYR O 49 -0.37 -61.87 -51.09
N ILE O 50 -1.25 -60.87 -51.19
CA ILE O 50 -1.12 -59.62 -50.46
C ILE O 50 -2.00 -59.71 -49.24
N ASN O 51 -1.41 -59.69 -48.06
CA ASN O 51 -2.14 -59.42 -46.82
C ASN O 51 -1.33 -58.34 -46.13
N SER O 52 -1.55 -57.10 -46.54
CA SER O 52 -0.61 -56.07 -46.15
C SER O 52 -1.34 -54.81 -45.74
N PRO O 53 -0.94 -54.18 -44.64
CA PRO O 53 -1.44 -52.85 -44.31
C PRO O 53 -0.75 -51.72 -45.06
N GLY O 54 0.05 -52.05 -46.06
CA GLY O 54 0.82 -51.05 -46.78
C GLY O 54 2.11 -50.78 -46.07
N GLY O 55 2.90 -49.91 -46.68
CA GLY O 55 4.16 -49.57 -46.08
C GLY O 55 4.89 -48.50 -46.84
N SER O 56 6.20 -48.67 -46.96
CA SER O 56 7.04 -47.64 -47.58
C SER O 56 6.80 -47.59 -49.07
N ILE O 57 6.78 -46.37 -49.63
CA ILE O 57 6.59 -46.21 -51.07
C ILE O 57 7.77 -46.80 -51.82
N SER O 58 8.99 -46.46 -51.38
CA SER O 58 10.18 -46.92 -52.08
C SER O 58 10.43 -48.40 -51.91
N ALA O 59 9.99 -48.97 -50.78
CA ALA O 59 10.03 -50.41 -50.62
C ALA O 59 9.06 -51.09 -51.58
N GLY O 60 7.85 -50.55 -51.70
CA GLY O 60 6.90 -51.10 -52.64
C GLY O 60 7.23 -50.82 -54.08
N MET O 61 7.91 -49.70 -54.35
CA MET O 61 8.40 -49.46 -55.70
C MET O 61 9.53 -50.40 -56.07
N ALA O 62 10.28 -50.87 -55.08
CA ALA O 62 11.27 -51.91 -55.33
C ALA O 62 10.59 -53.20 -55.74
N ILE O 63 9.53 -53.57 -55.03
CA ILE O 63 8.77 -54.78 -55.36
C ILE O 63 8.10 -54.62 -56.71
N TYR O 64 7.49 -53.46 -56.95
CA TYR O 64 6.79 -53.19 -58.21
C TYR O 64 7.73 -53.23 -59.40
N ASP O 65 8.93 -52.68 -59.25
CA ASP O 65 9.90 -52.79 -60.33
C ASP O 65 10.38 -54.21 -60.51
N THR O 66 10.49 -54.97 -59.42
CA THR O 66 10.92 -56.35 -59.56
C THR O 66 9.80 -57.19 -60.16
N MET O 67 8.55 -56.84 -59.87
CA MET O 67 7.40 -57.51 -60.50
C MET O 67 7.36 -57.24 -61.99
N VAL O 68 7.64 -56.01 -62.42
CA VAL O 68 7.53 -55.66 -63.82
C VAL O 68 8.71 -56.22 -64.60
N LEU O 69 9.92 -56.09 -64.07
CA LEU O 69 11.08 -56.53 -64.81
C LEU O 69 11.27 -58.04 -64.75
N ALA O 70 10.51 -58.74 -63.95
CA ALA O 70 10.54 -60.19 -64.02
C ALA O 70 9.85 -60.64 -65.30
N PRO O 71 10.42 -61.62 -66.00
CA PRO O 71 9.74 -62.15 -67.18
C PRO O 71 8.49 -62.94 -66.85
N CYS O 72 8.35 -63.37 -65.60
CA CYS O 72 7.16 -64.06 -65.15
C CYS O 72 6.00 -63.08 -65.05
N ASP O 73 4.78 -63.61 -65.15
CA ASP O 73 3.59 -62.83 -64.84
C ASP O 73 3.33 -62.96 -63.35
N ILE O 74 3.32 -61.83 -62.65
CA ILE O 74 3.09 -61.85 -61.21
C ILE O 74 1.57 -61.82 -61.00
N ALA O 75 1.00 -62.94 -60.62
CA ALA O 75 -0.40 -62.98 -60.25
C ALA O 75 -0.53 -62.48 -58.83
N THR O 76 -1.34 -61.46 -58.61
CA THR O 76 -1.50 -60.94 -57.27
C THR O 76 -2.86 -61.33 -56.71
N TYR O 77 -2.89 -61.46 -55.39
CA TYR O 77 -4.05 -61.96 -54.68
C TYR O 77 -4.27 -61.10 -53.45
N ALA O 78 -5.35 -60.35 -53.45
CA ALA O 78 -5.75 -59.62 -52.26
C ALA O 78 -6.28 -60.62 -51.26
N MET O 79 -5.53 -60.87 -50.21
CA MET O 79 -5.86 -61.90 -49.24
C MET O 79 -6.15 -61.20 -47.93
N GLY O 80 -7.40 -60.83 -47.72
CA GLY O 80 -7.77 -60.15 -46.48
C GLY O 80 -7.62 -58.66 -46.46
N MET O 81 -6.44 -58.16 -46.81
CA MET O 81 -6.18 -56.73 -46.74
C MET O 81 -5.13 -56.35 -47.75
N ALA O 82 -5.42 -55.31 -48.54
CA ALA O 82 -4.44 -54.71 -49.42
C ALA O 82 -4.57 -53.21 -49.23
N ALA O 83 -4.06 -52.75 -48.11
CA ALA O 83 -4.13 -51.31 -47.80
C ALA O 83 -2.87 -50.62 -48.30
N SER O 84 -2.99 -49.39 -48.80
CA SER O 84 -1.79 -48.62 -49.17
C SER O 84 -0.90 -49.39 -50.14
N MET O 85 0.40 -49.44 -49.84
CA MET O 85 1.35 -50.13 -50.75
C MET O 85 0.86 -51.55 -50.98
N GLY O 86 -0.07 -52.06 -50.16
CA GLY O 86 -0.56 -53.39 -50.44
C GLY O 86 -1.55 -53.40 -51.59
N GLU O 87 -2.37 -52.36 -51.70
CA GLU O 87 -3.26 -52.24 -52.85
C GLU O 87 -2.48 -51.87 -54.09
N PHE O 88 -1.35 -51.19 -53.92
CA PHE O 88 -0.56 -50.76 -55.06
C PHE O 88 0.05 -51.98 -55.72
N LEU O 89 0.69 -52.84 -54.93
CA LEU O 89 1.30 -54.05 -55.45
C LEU O 89 0.26 -55.07 -55.89
N LEU O 90 -0.92 -55.04 -55.28
CA LEU O 90 -2.04 -55.82 -55.78
C LEU O 90 -2.42 -55.40 -57.18
N ALA O 91 -2.66 -54.12 -57.37
CA ALA O 91 -3.01 -53.59 -58.67
C ALA O 91 -1.85 -53.57 -59.63
N ALA O 92 -0.63 -53.75 -59.14
CA ALA O 92 0.57 -53.84 -59.96
C ALA O 92 0.78 -55.19 -60.57
N GLY O 93 -0.09 -56.16 -60.30
CA GLY O 93 0.03 -57.46 -60.90
C GLY O 93 -0.23 -57.42 -62.38
N THR O 94 -0.01 -58.56 -63.02
CA THR O 94 -0.27 -58.70 -64.44
C THR O 94 -1.76 -58.56 -64.68
N LYS O 95 -2.12 -57.78 -65.70
CA LYS O 95 -3.51 -57.60 -66.07
C LYS O 95 -4.12 -58.93 -66.48
N GLY O 96 -5.30 -59.21 -65.95
CA GLY O 96 -5.89 -60.52 -66.07
C GLY O 96 -5.52 -61.46 -64.94
N LYS O 97 -4.54 -61.10 -64.13
CA LYS O 97 -4.06 -61.99 -63.08
C LYS O 97 -4.06 -61.29 -61.73
N ARG O 98 -4.81 -60.22 -61.57
CA ARG O 98 -4.94 -59.55 -60.29
C ARG O 98 -6.22 -60.02 -59.65
N TYR O 99 -6.11 -60.72 -58.54
CA TYR O 99 -7.26 -61.37 -57.95
C TYR O 99 -7.55 -60.77 -56.59
N ALA O 100 -8.81 -60.75 -56.22
CA ALA O 100 -9.21 -60.47 -54.86
C ALA O 100 -9.92 -61.69 -54.33
N LEU O 101 -9.52 -62.13 -53.16
CA LEU O 101 -10.31 -63.14 -52.49
C LEU O 101 -11.59 -62.45 -52.00
N PRO O 102 -12.73 -63.15 -51.95
CA PRO O 102 -14.03 -62.47 -51.93
C PRO O 102 -14.33 -61.60 -50.73
N HIS O 103 -13.55 -61.70 -49.67
CA HIS O 103 -13.74 -60.87 -48.49
C HIS O 103 -12.50 -60.07 -48.17
N ALA O 104 -11.60 -59.93 -49.14
CA ALA O 104 -10.51 -58.99 -48.97
C ALA O 104 -11.02 -57.58 -49.10
N ARG O 105 -10.38 -56.68 -48.38
CA ARG O 105 -10.74 -55.29 -48.40
C ARG O 105 -9.53 -54.50 -48.85
N ILE O 106 -9.74 -53.60 -49.79
CA ILE O 106 -8.68 -52.82 -50.41
C ILE O 106 -8.80 -51.39 -49.93
N LEU O 107 -7.75 -50.90 -49.30
CA LEU O 107 -7.69 -49.53 -48.82
C LEU O 107 -6.81 -48.71 -49.74
N MET O 108 -7.36 -47.65 -50.30
CA MET O 108 -6.62 -46.76 -51.17
C MET O 108 -6.54 -45.38 -50.53
N HIS O 109 -5.33 -44.88 -50.40
CA HIS O 109 -5.17 -43.52 -49.83
C HIS O 109 -3.86 -42.90 -50.29
N GLN O 110 -3.80 -41.59 -50.33
CA GLN O 110 -2.60 -40.85 -50.65
C GLN O 110 -1.49 -41.21 -49.67
N PRO O 111 -0.22 -41.04 -50.06
CA PRO O 111 0.86 -41.47 -49.18
C PRO O 111 0.97 -40.62 -47.91
N LEU O 112 1.41 -41.26 -46.85
CA LEU O 112 1.68 -40.59 -45.59
C LEU O 112 3.17 -40.38 -45.48
N GLY O 113 3.56 -39.43 -44.68
CA GLY O 113 4.97 -39.14 -44.52
C GLY O 113 5.23 -38.28 -43.31
N GLY O 114 6.27 -37.49 -43.38
CA GLY O 114 6.58 -36.58 -42.31
C GLY O 114 7.56 -35.54 -42.77
N VAL O 115 7.26 -34.29 -42.51
CA VAL O 115 8.19 -33.20 -42.78
C VAL O 115 8.96 -32.91 -41.50
N THR O 116 10.24 -32.61 -41.67
CA THR O 116 11.11 -32.32 -40.54
C THR O 116 12.28 -31.48 -41.03
N GLY O 117 12.94 -30.84 -40.09
CA GLY O 117 14.12 -30.08 -40.39
C GLY O 117 13.80 -28.63 -40.69
N SER O 118 14.74 -28.00 -41.38
CA SER O 118 14.64 -26.58 -41.66
C SER O 118 13.64 -26.35 -42.79
N ALA O 119 13.36 -25.07 -43.05
CA ALA O 119 12.38 -24.74 -44.07
C ALA O 119 12.89 -24.98 -45.47
N ALA O 120 14.20 -25.04 -45.66
CA ALA O 120 14.74 -25.43 -46.95
C ALA O 120 14.73 -26.94 -47.13
N ASP O 121 14.88 -27.69 -46.04
CA ASP O 121 14.70 -29.14 -46.10
C ASP O 121 13.26 -29.50 -46.39
N ILE O 122 12.32 -28.86 -45.69
CA ILE O 122 10.91 -29.18 -45.81
C ILE O 122 10.38 -28.77 -47.18
N ALA O 123 10.93 -27.71 -47.76
CA ALA O 123 10.52 -27.31 -49.10
C ALA O 123 10.97 -28.33 -50.14
N ILE O 124 12.05 -29.04 -49.86
CA ILE O 124 12.52 -30.08 -50.77
C ILE O 124 11.79 -31.40 -50.52
N GLN O 125 11.45 -31.67 -49.26
CA GLN O 125 10.58 -32.80 -48.96
C GLN O 125 9.21 -32.61 -49.57
N ALA O 126 8.71 -31.37 -49.59
CA ALA O 126 7.41 -31.10 -50.17
C ALA O 126 7.42 -31.23 -51.68
N GLU O 127 8.51 -30.80 -52.32
CA GLU O 127 8.64 -31.03 -53.76
C GLU O 127 8.70 -32.51 -54.06
N GLN O 128 9.36 -33.27 -53.19
CA GLN O 128 9.47 -34.69 -53.42
C GLN O 128 8.20 -35.42 -53.01
N PHE O 129 7.46 -34.88 -52.04
CA PHE O 129 6.16 -35.47 -51.74
C PHE O 129 5.19 -35.25 -52.89
N ALA O 130 5.30 -34.11 -53.58
CA ALA O 130 4.47 -33.88 -54.75
C ALA O 130 4.88 -34.77 -55.90
N VAL O 131 6.15 -35.17 -55.98
CA VAL O 131 6.59 -36.07 -57.03
C VAL O 131 6.13 -37.49 -56.75
N ILE O 132 6.25 -37.93 -55.50
CA ILE O 132 5.83 -39.28 -55.12
C ILE O 132 4.33 -39.42 -55.24
N LYS O 133 3.58 -38.41 -54.79
CA LYS O 133 2.12 -38.46 -54.85
C LYS O 133 1.62 -38.41 -56.29
N LYS O 134 2.32 -37.69 -57.16
CA LYS O 134 1.93 -37.68 -58.57
C LYS O 134 2.25 -39.00 -59.23
N GLU O 135 3.36 -39.62 -58.84
CA GLU O 135 3.77 -40.87 -59.47
C GLU O 135 2.95 -42.04 -58.95
N MET O 136 2.63 -42.03 -57.66
CA MET O 136 1.75 -43.05 -57.09
C MET O 136 0.36 -42.97 -57.69
N PHE O 137 -0.12 -41.75 -57.93
CA PHE O 137 -1.45 -41.61 -58.52
C PHE O 137 -1.43 -41.92 -60.00
N ARG O 138 -0.31 -41.67 -60.67
CA ARG O 138 -0.21 -42.00 -62.08
C ARG O 138 -0.21 -43.51 -62.28
N LEU O 139 0.45 -44.24 -61.39
CA LEU O 139 0.50 -45.68 -61.53
C LEU O 139 -0.80 -46.34 -61.12
N ASN O 140 -1.44 -45.85 -60.06
CA ASN O 140 -2.79 -46.31 -59.72
C ASN O 140 -3.80 -45.97 -60.81
N ALA O 141 -3.60 -44.87 -61.53
CA ALA O 141 -4.46 -44.61 -62.67
C ALA O 141 -4.13 -45.53 -63.83
N GLU O 142 -2.87 -45.97 -63.93
CA GLU O 142 -2.50 -46.91 -64.96
C GLU O 142 -2.99 -48.31 -64.63
N PHE O 143 -2.91 -48.68 -63.35
CA PHE O 143 -3.31 -50.01 -62.92
C PHE O 143 -4.81 -50.18 -63.02
N THR O 144 -5.55 -49.31 -62.37
CA THR O 144 -7.00 -49.42 -62.31
C THR O 144 -7.67 -49.01 -63.61
N GLY O 145 -6.98 -48.24 -64.44
CA GLY O 145 -7.62 -47.69 -65.61
C GLY O 145 -8.52 -46.51 -65.32
N GLN O 146 -8.50 -46.01 -64.10
CA GLN O 146 -9.26 -44.84 -63.75
C GLN O 146 -8.52 -43.60 -64.20
N PRO O 147 -9.20 -42.47 -64.37
CA PRO O 147 -8.47 -41.22 -64.61
C PRO O 147 -7.66 -40.84 -63.38
N ILE O 148 -6.55 -40.13 -63.61
CA ILE O 148 -5.71 -39.69 -62.52
C ILE O 148 -6.43 -38.64 -61.67
N GLU O 149 -7.42 -37.96 -62.22
CA GLU O 149 -8.23 -37.04 -61.44
C GLU O 149 -9.12 -37.77 -60.46
N ARG O 150 -9.62 -38.94 -60.85
CA ARG O 150 -10.44 -39.73 -59.94
C ARG O 150 -9.58 -40.42 -58.88
N ILE O 151 -8.40 -40.89 -59.28
CA ILE O 151 -7.45 -41.48 -58.34
C ILE O 151 -7.04 -40.46 -57.28
N GLU O 152 -6.79 -39.23 -57.70
CA GLU O 152 -6.39 -38.19 -56.75
C GLU O 152 -7.56 -37.79 -55.87
N ALA O 153 -8.78 -37.81 -56.42
CA ALA O 153 -9.95 -37.45 -55.63
C ALA O 153 -10.30 -38.53 -54.63
N ASP O 154 -10.17 -39.80 -55.03
CA ASP O 154 -10.53 -40.89 -54.13
C ASP O 154 -9.45 -41.12 -53.08
N SER O 155 -8.19 -40.96 -53.46
CA SER O 155 -7.10 -41.03 -52.49
C SER O 155 -6.82 -39.66 -51.89
N ASP O 156 -7.85 -39.05 -51.32
CA ASP O 156 -7.67 -37.87 -50.50
C ASP O 156 -7.63 -38.30 -49.05
N ARG O 157 -8.67 -38.96 -48.60
CA ARG O 157 -8.69 -39.66 -47.33
C ARG O 157 -8.60 -41.14 -47.63
N ASP O 158 -8.81 -41.97 -46.62
CA ASP O 158 -8.96 -43.41 -46.83
C ASP O 158 -10.15 -43.70 -47.72
N ARG O 159 -9.94 -44.56 -48.70
CA ARG O 159 -10.99 -44.96 -49.63
C ARG O 159 -11.02 -46.47 -49.64
N TRP O 160 -11.99 -47.04 -48.96
CA TRP O 160 -12.08 -48.47 -48.79
C TRP O 160 -12.86 -49.11 -49.91
N PHE O 161 -12.47 -50.33 -50.24
CA PHE O 161 -13.10 -51.11 -51.28
C PHE O 161 -13.36 -52.49 -50.74
N THR O 162 -14.49 -53.07 -51.11
CA THR O 162 -14.67 -54.50 -50.95
C THR O 162 -14.00 -55.18 -52.15
N ALA O 163 -14.14 -56.50 -52.23
CA ALA O 163 -13.58 -57.18 -53.40
C ALA O 163 -14.39 -56.84 -54.65
N ALA O 164 -15.70 -56.65 -54.50
CA ALA O 164 -16.54 -56.31 -55.64
C ALA O 164 -16.34 -54.86 -56.05
N GLU O 165 -16.13 -53.97 -55.09
CA GLU O 165 -15.87 -52.58 -55.43
C GLU O 165 -14.50 -52.40 -56.04
N ALA O 166 -13.52 -53.20 -55.62
CA ALA O 166 -12.20 -53.15 -56.21
C ALA O 166 -12.18 -53.74 -57.61
N LEU O 167 -13.08 -54.68 -57.87
CA LEU O 167 -13.22 -55.20 -59.23
C LEU O 167 -13.80 -54.17 -60.16
N GLU O 168 -14.79 -53.41 -59.70
CA GLU O 168 -15.37 -52.35 -60.50
C GLU O 168 -14.40 -51.20 -60.69
N TYR O 169 -13.57 -50.93 -59.69
CA TYR O 169 -12.69 -49.78 -59.73
C TYR O 169 -11.46 -50.08 -60.57
N GLY O 170 -10.98 -51.31 -60.55
CA GLY O 170 -9.92 -51.74 -61.40
C GLY O 170 -8.67 -52.26 -60.72
N PHE O 171 -8.68 -52.41 -59.41
CA PHE O 171 -7.51 -52.92 -58.72
C PHE O 171 -7.27 -54.38 -59.04
N VAL O 172 -8.34 -55.16 -59.08
CA VAL O 172 -8.25 -56.58 -59.37
C VAL O 172 -9.00 -56.85 -60.67
N ASP O 173 -8.70 -57.99 -61.24
CA ASP O 173 -9.31 -58.40 -62.49
C ASP O 173 -10.35 -59.48 -62.30
N HIS O 174 -10.26 -60.25 -61.23
CA HIS O 174 -11.22 -61.29 -60.93
C HIS O 174 -11.40 -61.37 -59.43
N ILE O 175 -12.54 -61.91 -59.02
CA ILE O 175 -12.77 -62.34 -57.65
C ILE O 175 -12.93 -63.83 -57.72
N ILE O 176 -11.93 -64.57 -57.27
CA ILE O 176 -11.97 -66.02 -57.40
C ILE O 176 -12.90 -66.60 -56.35
N THR O 177 -13.74 -67.53 -56.78
CA THR O 177 -14.78 -68.12 -55.95
C THR O 177 -14.91 -69.58 -56.31
N ARG O 178 -14.42 -70.45 -55.44
CA ARG O 178 -14.38 -71.88 -55.68
C ARG O 178 -15.03 -72.64 -54.54
N SER P 1 17.19 -69.69 -41.88
CA SER P 1 16.03 -68.85 -42.13
C SER P 1 15.53 -69.03 -43.55
N LEU P 2 14.42 -68.38 -43.87
CA LEU P 2 13.99 -68.32 -45.26
C LEU P 2 14.64 -67.15 -45.98
N THR P 3 14.61 -65.97 -45.35
CA THR P 3 15.20 -64.77 -45.94
C THR P 3 16.68 -64.94 -46.19
N ASP P 4 17.38 -65.61 -45.26
CA ASP P 4 18.77 -65.94 -45.50
C ASP P 4 18.92 -67.02 -46.55
N SER P 5 17.93 -67.89 -46.71
CA SER P 5 18.03 -68.93 -47.72
C SER P 5 17.85 -68.38 -49.12
N VAL P 6 16.96 -67.39 -49.27
CA VAL P 6 16.75 -66.79 -50.58
C VAL P 6 17.95 -65.94 -50.97
N TYR P 7 18.52 -65.23 -50.00
CA TYR P 7 19.74 -64.47 -50.24
C TYR P 7 20.92 -65.37 -50.52
N GLU P 8 20.96 -66.56 -49.93
CA GLU P 8 22.03 -67.50 -50.21
C GLU P 8 21.91 -68.06 -51.63
N ARG P 9 20.68 -68.26 -52.09
CA ARG P 9 20.49 -68.78 -53.43
C ARG P 9 20.76 -67.72 -54.49
N LEU P 10 20.56 -66.45 -54.15
CA LEU P 10 20.97 -65.39 -55.06
C LEU P 10 22.45 -65.11 -54.99
N LEU P 11 23.06 -65.38 -53.85
CA LEU P 11 24.52 -65.33 -53.75
C LEU P 11 25.16 -66.39 -54.62
N SER P 12 24.49 -67.53 -54.79
CA SER P 12 24.98 -68.52 -55.75
C SER P 12 24.84 -68.04 -57.18
N GLU P 13 23.83 -67.21 -57.44
CA GLU P 13 23.66 -66.58 -58.75
C GLU P 13 24.34 -65.23 -58.83
N ARG P 14 25.22 -64.92 -57.87
CA ARG P 14 26.05 -63.73 -57.81
C ARG P 14 25.21 -62.46 -57.74
N ILE P 15 24.12 -62.52 -57.00
CA ILE P 15 23.25 -61.38 -56.76
C ILE P 15 23.27 -61.11 -55.27
N ILE P 16 23.80 -59.97 -54.89
CA ILE P 16 23.87 -59.56 -53.50
C ILE P 16 23.01 -58.32 -53.33
N PHE P 17 22.46 -58.15 -52.13
CA PHE P 17 21.59 -57.03 -51.86
C PHE P 17 22.19 -56.11 -50.81
N LEU P 18 22.24 -54.83 -51.13
CA LEU P 18 22.35 -53.78 -50.12
C LEU P 18 20.92 -53.33 -49.87
N GLY P 19 20.32 -53.84 -48.81
CA GLY P 19 18.91 -53.59 -48.63
C GLY P 19 18.55 -52.89 -47.34
N SER P 20 19.57 -52.46 -46.61
CA SER P 20 19.36 -51.81 -45.32
C SER P 20 20.11 -50.50 -45.34
N GLU P 21 20.16 -49.84 -44.18
CA GLU P 21 21.10 -48.75 -44.03
C GLU P 21 22.51 -49.32 -44.05
N VAL P 22 23.44 -48.55 -44.61
CA VAL P 22 24.82 -49.01 -44.70
C VAL P 22 25.48 -48.73 -43.37
N ASN P 23 25.39 -49.68 -42.46
CA ASN P 23 26.18 -49.62 -41.25
C ASN P 23 27.33 -50.59 -41.41
N ASP P 24 28.14 -50.74 -40.36
CA ASP P 24 29.31 -51.59 -40.47
C ASP P 24 28.95 -53.07 -40.57
N GLU P 25 27.81 -53.48 -40.04
CA GLU P 25 27.43 -54.89 -40.12
C GLU P 25 27.00 -55.27 -41.53
N ILE P 26 26.17 -54.44 -42.16
CA ILE P 26 25.74 -54.71 -43.53
C ILE P 26 26.89 -54.49 -44.50
N ALA P 27 27.81 -53.59 -44.18
CA ALA P 27 28.95 -53.35 -45.06
C ALA P 27 29.92 -54.51 -45.01
N ASN P 28 30.17 -55.07 -43.84
CA ASN P 28 31.12 -56.15 -43.72
C ASN P 28 30.60 -57.42 -44.38
N ARG P 29 29.30 -57.68 -44.31
CA ARG P 29 28.78 -58.86 -45.00
C ARG P 29 28.73 -58.64 -46.50
N LEU P 30 28.53 -57.41 -46.97
CA LEU P 30 28.66 -57.17 -48.40
C LEU P 30 30.10 -57.29 -48.86
N CYS P 31 31.03 -56.71 -48.10
CA CYS P 31 32.44 -56.88 -48.42
C CYS P 31 32.86 -58.33 -48.35
N ALA P 32 32.27 -59.09 -47.43
CA ALA P 32 32.52 -60.52 -47.38
C ALA P 32 31.94 -61.21 -48.59
N GLN P 33 30.74 -60.81 -49.03
CA GLN P 33 30.13 -61.43 -50.19
C GLN P 33 30.86 -61.08 -51.47
N ILE P 34 31.35 -59.85 -51.59
CA ILE P 34 32.10 -59.47 -52.79
C ILE P 34 33.44 -60.21 -52.83
N LEU P 35 34.11 -60.33 -51.68
CA LEU P 35 35.33 -61.12 -51.62
C LEU P 35 35.08 -62.59 -51.84
N LEU P 36 33.91 -63.09 -51.42
CA LEU P 36 33.60 -64.48 -51.63
C LEU P 36 33.25 -64.75 -53.09
N LEU P 37 32.53 -63.84 -53.72
CA LEU P 37 32.15 -64.04 -55.10
C LEU P 37 33.30 -63.77 -56.06
N ALA P 38 34.20 -62.85 -55.72
CA ALA P 38 35.37 -62.63 -56.56
C ALA P 38 36.37 -63.77 -56.46
N ALA P 39 36.41 -64.44 -55.31
CA ALA P 39 37.25 -65.62 -55.18
C ALA P 39 36.63 -66.85 -55.83
N GLU P 40 35.30 -66.92 -55.88
CA GLU P 40 34.62 -68.05 -56.47
C GLU P 40 34.75 -68.04 -57.99
N ASP P 41 34.47 -66.90 -58.61
CA ASP P 41 34.72 -66.71 -60.03
C ASP P 41 35.05 -65.25 -60.25
N ALA P 42 36.22 -65.00 -60.81
CA ALA P 42 36.77 -63.66 -60.91
C ALA P 42 36.44 -62.98 -62.23
N SER P 43 35.51 -63.53 -63.00
CA SER P 43 35.22 -62.99 -64.32
C SER P 43 33.73 -62.74 -64.53
N LYS P 44 32.88 -63.28 -63.68
CA LYS P 44 31.45 -63.06 -63.80
C LYS P 44 31.05 -61.83 -63.01
N ASP P 45 30.01 -61.16 -63.49
CA ASP P 45 29.58 -59.93 -62.86
C ASP P 45 28.87 -60.24 -61.55
N ILE P 46 29.01 -59.33 -60.59
CA ILE P 46 28.27 -59.38 -59.34
C ILE P 46 27.17 -58.34 -59.44
N SER P 47 25.93 -58.76 -59.23
CA SER P 47 24.80 -57.86 -59.29
C SER P 47 24.47 -57.39 -57.87
N LEU P 48 24.68 -56.12 -57.61
CA LEU P 48 24.43 -55.55 -56.29
C LEU P 48 23.16 -54.71 -56.38
N TYR P 49 22.09 -55.15 -55.72
CA TYR P 49 20.85 -54.40 -55.82
C TYR P 49 20.73 -53.50 -54.61
N ILE P 50 20.56 -52.20 -54.86
CA ILE P 50 20.57 -51.19 -53.82
C ILE P 50 19.13 -50.86 -53.50
N ASN P 51 18.70 -51.16 -52.28
CA ASN P 51 17.47 -50.60 -51.72
C ASN P 51 17.88 -50.05 -50.38
N SER P 52 18.43 -48.85 -50.38
CA SER P 52 19.11 -48.41 -49.17
C SER P 52 18.78 -46.95 -48.89
N PRO P 53 18.50 -46.63 -47.63
CA PRO P 53 18.40 -45.22 -47.23
C PRO P 53 19.73 -44.55 -46.97
N GLY P 54 20.84 -45.19 -47.34
CA GLY P 54 22.15 -44.67 -47.05
C GLY P 54 22.59 -45.06 -45.68
N GLY P 55 23.81 -44.68 -45.35
CA GLY P 55 24.32 -45.00 -44.04
C GLY P 55 25.67 -44.38 -43.79
N SER P 56 26.54 -45.16 -43.15
CA SER P 56 27.84 -44.65 -42.75
C SER P 56 28.74 -44.46 -43.96
N ILE P 57 29.52 -43.37 -43.95
CA ILE P 57 30.44 -43.11 -45.05
C ILE P 57 31.52 -44.18 -45.09
N SER P 58 32.11 -44.48 -43.94
CA SER P 58 33.21 -45.43 -43.88
C SER P 58 32.75 -46.85 -44.12
N ALA P 59 31.50 -47.16 -43.77
CA ALA P 59 30.94 -48.45 -44.12
C ALA P 59 30.74 -48.56 -45.62
N GLY P 60 30.24 -47.50 -46.24
CA GLY P 60 30.08 -47.52 -47.68
C GLY P 60 31.38 -47.40 -48.43
N MET P 61 32.38 -46.73 -47.85
CA MET P 61 33.70 -46.73 -48.45
C MET P 61 34.37 -48.08 -48.37
N ALA P 62 34.00 -48.88 -47.36
CA ALA P 62 34.49 -50.26 -47.32
C ALA P 62 33.88 -51.07 -48.44
N ILE P 63 32.59 -50.89 -48.71
CA ILE P 63 31.92 -51.57 -49.81
C ILE P 63 32.48 -51.09 -51.13
N TYR P 64 32.64 -49.77 -51.27
CA TYR P 64 33.14 -49.18 -52.51
C TYR P 64 34.56 -49.64 -52.82
N ASP P 65 35.41 -49.74 -51.82
CA ASP P 65 36.73 -50.27 -52.05
C ASP P 65 36.70 -51.75 -52.39
N THR P 66 35.77 -52.49 -51.80
CA THR P 66 35.67 -53.90 -52.12
C THR P 66 35.07 -54.09 -53.50
N MET P 67 34.20 -53.19 -53.93
CA MET P 67 33.67 -53.21 -55.30
C MET P 67 34.76 -52.91 -56.32
N VAL P 68 35.64 -51.96 -56.03
CA VAL P 68 36.66 -51.58 -56.99
C VAL P 68 37.76 -52.61 -57.04
N LEU P 69 38.22 -53.09 -55.89
CA LEU P 69 39.32 -54.03 -55.89
C LEU P 69 38.91 -55.44 -56.25
N ALA P 70 37.62 -55.71 -56.37
CA ALA P 70 37.21 -56.98 -56.90
C ALA P 70 37.50 -57.03 -58.39
N PRO P 71 38.02 -58.13 -58.90
CA PRO P 71 38.21 -58.25 -60.35
C PRO P 71 36.91 -58.36 -61.12
N CYS P 72 35.82 -58.70 -60.45
CA CYS P 72 34.51 -58.73 -61.06
C CYS P 72 34.03 -57.33 -61.35
N ASP P 73 33.14 -57.19 -62.33
CA ASP P 73 32.42 -55.95 -62.55
C ASP P 73 31.18 -55.97 -61.67
N ILE P 74 31.07 -54.99 -60.77
CA ILE P 74 29.93 -54.93 -59.88
C ILE P 74 28.82 -54.18 -60.61
N ALA P 75 27.81 -54.90 -61.07
CA ALA P 75 26.64 -54.27 -61.66
C ALA P 75 25.75 -53.80 -60.52
N THR P 76 25.42 -52.51 -60.50
CA THR P 76 24.56 -52.01 -59.45
C THR P 76 23.17 -51.71 -59.97
N TYR P 77 22.21 -51.84 -59.09
CA TYR P 77 20.80 -51.75 -59.44
C TYR P 77 20.11 -50.91 -58.38
N ALA P 78 19.66 -49.73 -58.77
CA ALA P 78 18.82 -48.92 -57.89
C ALA P 78 17.46 -49.57 -57.83
N MET P 79 17.13 -50.17 -56.70
CA MET P 79 15.91 -50.93 -56.56
C MET P 79 15.05 -50.20 -55.53
N GLY P 80 14.23 -49.28 -56.00
CA GLY P 80 13.37 -48.55 -55.09
C GLY P 80 13.96 -47.31 -54.48
N MET P 81 15.12 -47.42 -53.85
CA MET P 81 15.72 -46.31 -53.14
C MET P 81 17.22 -46.45 -53.13
N ALA P 82 17.92 -45.39 -53.51
CA ALA P 82 19.37 -45.30 -53.36
C ALA P 82 19.65 -43.92 -52.79
N ALA P 83 19.83 -43.90 -51.48
CA ALA P 83 19.97 -42.57 -50.85
C ALA P 83 21.31 -42.51 -50.14
N SER P 84 21.87 -41.31 -50.01
CA SER P 84 23.10 -41.20 -49.21
C SER P 84 24.13 -42.20 -49.75
N MET P 85 24.58 -43.10 -48.89
CA MET P 85 25.58 -44.10 -49.32
C MET P 85 24.91 -45.09 -50.28
N GLY P 86 23.57 -45.06 -50.38
CA GLY P 86 23.01 -45.99 -51.33
C GLY P 86 23.15 -45.50 -52.76
N GLU P 87 23.05 -44.18 -52.98
CA GLU P 87 23.32 -43.63 -54.30
C GLU P 87 24.79 -43.66 -54.60
N PHE P 88 25.62 -43.59 -53.57
CA PHE P 88 27.06 -43.58 -53.78
C PHE P 88 27.51 -44.92 -54.31
N LEU P 89 27.09 -46.01 -53.66
CA LEU P 89 27.43 -47.35 -54.09
C LEU P 89 26.71 -47.74 -55.36
N LEU P 90 25.55 -47.16 -55.62
CA LEU P 90 24.91 -47.30 -56.92
C LEU P 90 25.77 -46.72 -58.02
N ALA P 91 26.18 -45.47 -57.86
CA ALA P 91 27.03 -44.81 -58.83
C ALA P 91 28.45 -45.33 -58.83
N ALA P 92 28.83 -46.08 -57.81
CA ALA P 92 30.13 -46.71 -57.71
C ALA P 92 30.23 -47.99 -58.51
N GLY P 93 29.16 -48.42 -59.15
CA GLY P 93 29.22 -49.62 -59.96
C GLY P 93 30.08 -49.43 -61.18
N THR P 94 30.28 -50.53 -61.90
CA THR P 94 31.04 -50.49 -63.14
C THR P 94 30.30 -49.65 -64.16
N LYS P 95 31.03 -48.76 -64.84
CA LYS P 95 30.45 -47.93 -65.87
C LYS P 95 29.89 -48.80 -66.99
N GLY P 96 28.68 -48.49 -67.41
CA GLY P 96 27.94 -49.35 -68.30
C GLY P 96 27.09 -50.38 -67.58
N LYS P 97 27.29 -50.55 -66.29
CA LYS P 97 26.56 -51.57 -65.54
C LYS P 97 25.88 -51.00 -64.33
N ARG P 98 25.64 -49.70 -64.30
CA ARG P 98 24.91 -49.08 -63.21
C ARG P 98 23.48 -48.89 -63.68
N TYR P 99 22.55 -49.58 -63.05
CA TYR P 99 21.19 -49.61 -63.52
C TYR P 99 20.27 -48.98 -62.50
N ALA P 100 19.21 -48.36 -62.98
CA ALA P 100 18.11 -47.94 -62.14
C ALA P 100 16.88 -48.69 -62.59
N LEU P 101 16.18 -49.30 -61.65
CA LEU P 101 14.86 -49.81 -61.99
C LEU P 101 13.94 -48.61 -62.16
N PRO P 102 12.94 -48.68 -63.05
CA PRO P 102 12.32 -47.46 -63.59
C PRO P 102 11.59 -46.57 -62.59
N HIS P 103 11.33 -47.06 -61.38
CA HIS P 103 10.67 -46.26 -60.36
C HIS P 103 11.52 -46.17 -59.11
N ALA P 104 12.81 -46.44 -59.23
CA ALA P 104 13.71 -46.16 -58.14
C ALA P 104 13.94 -44.66 -58.05
N ARG P 105 14.16 -44.20 -56.82
CA ARG P 105 14.41 -42.81 -56.58
C ARG P 105 15.77 -42.69 -55.92
N ILE P 106 16.58 -41.77 -56.41
CA ILE P 106 17.95 -41.59 -55.96
C ILE P 106 18.02 -40.29 -55.19
N LEU P 107 18.43 -40.38 -53.94
CA LEU P 107 18.60 -39.22 -53.08
C LEU P 107 20.07 -38.90 -52.94
N MET P 108 20.46 -37.69 -53.31
CA MET P 108 21.83 -37.25 -53.19
C MET P 108 21.89 -36.10 -52.22
N HIS P 109 22.76 -36.23 -51.23
CA HIS P 109 22.93 -35.14 -50.25
C HIS P 109 24.29 -35.22 -49.56
N GLN P 110 24.81 -34.08 -49.13
CA GLN P 110 26.04 -34.00 -48.37
C GLN P 110 25.96 -34.88 -47.14
N PRO P 111 27.10 -35.32 -46.60
CA PRO P 111 27.04 -36.23 -45.47
C PRO P 111 26.53 -35.58 -44.20
N LEU P 112 25.87 -36.37 -43.38
CA LEU P 112 25.39 -35.94 -42.08
C LEU P 112 26.36 -36.47 -41.04
N GLY P 113 26.37 -35.84 -39.89
CA GLY P 113 27.26 -36.27 -38.84
C GLY P 113 26.88 -35.66 -37.52
N GLY P 114 27.87 -35.47 -36.67
CA GLY P 114 27.64 -34.84 -35.40
C GLY P 114 28.94 -34.39 -34.78
N VAL P 115 28.98 -33.16 -34.35
CA VAL P 115 30.12 -32.64 -33.62
C VAL P 115 29.84 -32.79 -32.13
N THR P 116 30.88 -33.12 -31.38
CA THR P 116 30.76 -33.32 -29.94
C THR P 116 32.13 -33.14 -29.31
N GLY P 117 32.12 -32.90 -28.02
CA GLY P 117 33.34 -32.80 -27.26
C GLY P 117 33.83 -31.38 -27.18
N SER P 118 35.12 -31.26 -26.90
CA SER P 118 35.72 -29.96 -26.69
C SER P 118 35.93 -29.25 -28.01
N ALA P 119 36.36 -27.99 -27.93
CA ALA P 119 36.54 -27.20 -29.14
C ALA P 119 37.76 -27.63 -29.94
N ALA P 120 38.71 -28.31 -29.31
CA ALA P 120 39.81 -28.88 -30.06
C ALA P 120 39.43 -30.19 -30.72
N ASP P 121 38.52 -30.95 -30.09
CA ASP P 121 37.96 -32.14 -30.73
C ASP P 121 37.11 -31.75 -31.93
N ILE P 122 36.24 -30.76 -31.76
CA ILE P 122 35.31 -30.36 -32.81
C ILE P 122 36.04 -29.71 -33.97
N ALA P 123 37.16 -29.03 -33.70
CA ALA P 123 37.95 -28.46 -34.77
C ALA P 123 38.62 -29.54 -35.61
N ILE P 124 38.88 -30.69 -35.02
CA ILE P 124 39.46 -31.81 -35.76
C ILE P 124 38.38 -32.62 -36.45
N GLN P 125 37.20 -32.73 -35.84
CA GLN P 125 36.05 -33.31 -36.53
C GLN P 125 35.65 -32.46 -37.73
N ALA P 126 35.76 -31.15 -37.61
CA ALA P 126 35.41 -30.27 -38.71
C ALA P 126 36.42 -30.35 -39.85
N GLU P 127 37.70 -30.49 -39.52
CA GLU P 127 38.69 -30.72 -40.56
C GLU P 127 38.44 -32.04 -41.24
N GLN P 128 38.03 -33.04 -40.49
CA GLN P 128 37.77 -34.34 -41.08
C GLN P 128 36.44 -34.38 -41.78
N PHE P 129 35.47 -33.57 -41.34
CA PHE P 129 34.23 -33.46 -42.10
C PHE P 129 34.47 -32.78 -43.43
N ALA P 130 35.40 -31.83 -43.48
CA ALA P 130 35.74 -31.21 -44.74
C ALA P 130 36.51 -32.15 -45.65
N VAL P 131 37.24 -33.11 -45.08
CA VAL P 131 37.94 -34.09 -45.89
C VAL P 131 36.98 -35.11 -46.45
N ILE P 132 36.05 -35.59 -45.62
CA ILE P 132 35.06 -36.57 -46.05
C ILE P 132 34.13 -35.97 -47.10
N LYS P 133 33.68 -34.75 -46.87
CA LYS P 133 32.77 -34.08 -47.80
C LYS P 133 33.46 -33.78 -49.12
N LYS P 134 34.74 -33.45 -49.09
CA LYS P 134 35.46 -33.22 -50.34
C LYS P 134 35.69 -34.53 -51.08
N GLU P 135 35.93 -35.61 -50.35
CA GLU P 135 36.21 -36.90 -50.99
C GLU P 135 34.92 -37.55 -51.51
N MET P 136 33.83 -37.41 -50.76
CA MET P 136 32.53 -37.89 -51.22
C MET P 136 32.07 -37.13 -52.46
N PHE P 137 32.34 -35.83 -52.50
CA PHE P 137 31.94 -35.06 -53.67
C PHE P 137 32.86 -35.31 -54.84
N ARG P 138 34.13 -35.61 -54.57
CA ARG P 138 35.06 -35.93 -55.64
C ARG P 138 34.68 -37.24 -56.32
N LEU P 139 34.26 -38.21 -55.52
CA LEU P 139 33.91 -39.50 -56.10
C LEU P 139 32.56 -39.46 -56.79
N ASN P 140 31.58 -38.75 -56.24
CA ASN P 140 30.34 -38.51 -56.97
C ASN P 140 30.55 -37.71 -58.23
N ALA P 141 31.53 -36.82 -58.26
CA ALA P 141 31.86 -36.16 -59.51
C ALA P 141 32.56 -37.11 -60.47
N GLU P 142 33.29 -38.08 -59.93
CA GLU P 142 33.92 -39.07 -60.79
C GLU P 142 32.91 -40.06 -61.32
N PHE P 143 31.96 -40.45 -60.48
CA PHE P 143 30.95 -41.44 -60.86
C PHE P 143 30.01 -40.87 -61.89
N THR P 144 29.36 -39.76 -61.56
CA THR P 144 28.37 -39.16 -62.42
C THR P 144 28.97 -38.46 -63.61
N GLY P 145 30.24 -38.09 -63.55
CA GLY P 145 30.81 -37.28 -64.59
C GLY P 145 30.43 -35.82 -64.51
N GLN P 146 29.78 -35.42 -63.44
CA GLN P 146 29.43 -34.03 -63.23
C GLN P 146 30.65 -33.29 -62.70
N PRO P 147 30.69 -31.97 -62.83
CA PRO P 147 31.75 -31.21 -62.14
C PRO P 147 31.56 -31.29 -60.64
N ILE P 148 32.66 -31.20 -59.90
CA ILE P 148 32.59 -31.24 -58.45
C ILE P 148 31.91 -30.00 -57.90
N GLU P 149 31.87 -28.91 -58.67
CA GLU P 149 31.13 -27.73 -58.25
C GLU P 149 29.63 -27.96 -58.33
N ARG P 150 29.18 -28.74 -59.31
CA ARG P 150 27.77 -29.06 -59.40
C ARG P 150 27.37 -30.11 -58.38
N ILE P 151 28.24 -31.08 -58.12
CA ILE P 151 28.00 -32.07 -57.07
C ILE P 151 27.88 -31.40 -55.72
N GLU P 152 28.75 -30.42 -55.44
CA GLU P 152 28.69 -29.73 -54.17
C GLU P 152 27.46 -28.83 -54.08
N ALA P 153 27.05 -28.25 -55.21
CA ALA P 153 25.88 -27.39 -55.21
C ALA P 153 24.60 -28.20 -55.08
N ASP P 154 24.53 -29.36 -55.72
CA ASP P 154 23.32 -30.16 -55.65
C ASP P 154 23.21 -30.90 -54.33
N SER P 155 24.34 -31.36 -53.79
CA SER P 155 24.35 -31.96 -52.47
C SER P 155 24.57 -30.90 -51.40
N ASP P 156 23.72 -29.89 -51.40
CA ASP P 156 23.67 -28.97 -50.28
C ASP P 156 22.56 -29.38 -49.35
N ARG P 157 21.35 -29.48 -49.88
CA ARG P 157 20.23 -30.11 -49.21
C ARG P 157 20.00 -31.45 -49.89
N ASP P 158 18.85 -32.05 -49.58
CA ASP P 158 18.49 -33.32 -50.27
C ASP P 158 18.19 -32.99 -51.72
N ARG P 159 18.74 -33.77 -52.64
CA ARG P 159 18.56 -33.60 -54.07
C ARG P 159 18.04 -34.92 -54.61
N TRP P 160 16.76 -34.96 -54.90
CA TRP P 160 16.11 -36.19 -55.32
C TRP P 160 16.16 -36.35 -56.82
N PHE P 161 16.23 -37.59 -57.24
CA PHE P 161 16.27 -37.95 -58.64
C PHE P 161 15.28 -39.05 -58.88
N THR P 162 14.62 -39.01 -60.02
CA THR P 162 13.91 -40.19 -60.49
C THR P 162 14.92 -41.08 -61.20
N ALA P 163 14.46 -42.16 -61.80
CA ALA P 163 15.39 -42.99 -62.56
C ALA P 163 15.84 -42.29 -63.83
N ALA P 164 14.97 -41.50 -64.43
CA ALA P 164 15.33 -40.77 -65.64
C ALA P 164 16.22 -39.57 -65.33
N GLU P 165 16.00 -38.93 -64.19
CA GLU P 165 16.86 -37.82 -63.80
C GLU P 165 18.23 -38.32 -63.37
N ALA P 166 18.29 -39.50 -62.76
CA ALA P 166 19.57 -40.06 -62.38
C ALA P 166 20.34 -40.56 -63.59
N LEU P 167 19.64 -40.95 -64.64
CA LEU P 167 20.30 -41.32 -65.88
C LEU P 167 20.92 -40.10 -66.55
N GLU P 168 20.21 -38.97 -66.54
CA GLU P 168 20.76 -37.75 -67.11
C GLU P 168 21.89 -37.21 -66.26
N TYR P 169 21.82 -37.39 -64.96
CA TYR P 169 22.81 -36.81 -64.07
C TYR P 169 24.07 -37.64 -64.04
N GLY P 170 23.94 -38.95 -64.16
CA GLY P 170 25.09 -39.82 -64.30
C GLY P 170 25.24 -40.88 -63.25
N PHE P 171 24.27 -41.04 -62.34
CA PHE P 171 24.39 -42.07 -61.33
C PHE P 171 24.28 -43.45 -61.92
N VAL P 172 23.36 -43.63 -62.86
CA VAL P 172 23.14 -44.90 -63.50
C VAL P 172 23.45 -44.76 -64.97
N ASP P 173 23.66 -45.89 -65.61
CA ASP P 173 23.99 -45.93 -67.02
C ASP P 173 22.83 -46.37 -67.87
N HIS P 174 21.89 -47.12 -67.30
CA HIS P 174 20.71 -47.58 -68.02
C HIS P 174 19.54 -47.59 -67.07
N ILE P 175 18.35 -47.53 -67.64
CA ILE P 175 17.11 -47.82 -66.92
C ILE P 175 16.56 -49.05 -67.59
N ILE P 176 16.64 -50.20 -66.91
CA ILE P 176 16.21 -51.44 -67.53
C ILE P 176 14.71 -51.53 -67.52
N THR P 177 14.15 -51.93 -68.67
CA THR P 177 12.72 -51.97 -68.88
C THR P 177 12.39 -53.19 -69.72
N ARG P 178 11.81 -54.19 -69.10
CA ARG P 178 11.53 -55.46 -69.75
C ARG P 178 10.07 -55.85 -69.56
N SER Q 1 23.21 -69.18 -40.22
CA SER Q 1 22.90 -67.88 -40.80
C SER Q 1 23.50 -67.76 -42.17
N LEU Q 2 23.21 -66.64 -42.86
CA LEU Q 2 23.90 -66.35 -44.10
C LEU Q 2 25.21 -65.62 -43.84
N THR Q 3 25.16 -64.59 -42.99
CA THR Q 3 26.34 -63.81 -42.65
C THR Q 3 27.41 -64.67 -42.01
N ASP Q 4 27.01 -65.60 -41.16
CA ASP Q 4 27.96 -66.56 -40.62
C ASP Q 4 28.42 -67.56 -41.67
N SER Q 5 27.59 -67.83 -42.67
CA SER Q 5 28.00 -68.77 -43.71
C SER Q 5 29.02 -68.17 -44.64
N VAL Q 6 28.89 -66.87 -44.94
CA VAL Q 6 29.85 -66.21 -45.81
C VAL Q 6 31.18 -66.03 -45.09
N TYR Q 7 31.12 -65.70 -43.80
CA TYR Q 7 32.33 -65.62 -42.99
C TYR Q 7 32.99 -66.97 -42.80
N GLU Q 8 32.20 -68.05 -42.77
CA GLU Q 8 32.78 -69.38 -42.66
C GLU Q 8 33.48 -69.78 -43.95
N ARG Q 9 32.93 -69.35 -45.08
CA ARG Q 9 33.56 -69.69 -46.36
C ARG Q 9 34.81 -68.85 -46.60
N LEU Q 10 34.88 -67.66 -46.03
CA LEU Q 10 36.11 -66.90 -46.09
C LEU Q 10 37.12 -67.37 -45.07
N LEU Q 11 36.64 -67.93 -43.95
CA LEU Q 11 37.53 -68.58 -43.02
C LEU Q 11 38.19 -69.79 -43.63
N SER Q 12 37.50 -70.47 -44.55
CA SER Q 12 38.13 -71.55 -45.30
C SER Q 12 39.18 -71.02 -46.25
N GLU Q 13 39.00 -69.81 -46.75
CA GLU Q 13 39.99 -69.14 -47.59
C GLU Q 13 40.93 -68.28 -46.78
N ARG Q 14 40.95 -68.47 -45.46
CA ARG Q 14 41.85 -67.81 -44.51
C ARG Q 14 41.68 -66.31 -44.52
N ILE Q 15 40.45 -65.85 -44.63
CA ILE Q 15 40.10 -64.45 -44.59
C ILE Q 15 39.18 -64.25 -43.40
N ILE Q 16 39.66 -63.51 -42.41
CA ILE Q 16 38.87 -63.22 -41.21
C ILE Q 16 38.62 -61.72 -41.17
N PHE Q 17 37.50 -61.35 -40.57
CA PHE Q 17 37.12 -59.94 -40.49
C PHE Q 17 37.12 -59.46 -39.06
N LEU Q 18 37.78 -58.36 -38.83
CA LEU Q 18 37.52 -57.52 -37.67
C LEU Q 18 36.57 -56.44 -38.17
N GLY Q 19 35.29 -56.61 -37.94
CA GLY Q 19 34.33 -55.73 -38.55
C GLY Q 19 33.45 -54.98 -37.58
N SER Q 20 33.75 -55.10 -36.29
CA SER Q 20 32.96 -54.46 -35.26
C SER Q 20 33.89 -53.67 -34.37
N GLU Q 21 33.35 -53.15 -33.28
CA GLU Q 21 34.21 -52.66 -32.23
C GLU Q 21 34.96 -53.83 -31.61
N VAL Q 22 36.19 -53.59 -31.20
CA VAL Q 22 36.99 -54.65 -30.62
C VAL Q 22 36.61 -54.76 -29.15
N ASN Q 23 35.61 -55.57 -28.86
CA ASN Q 23 35.30 -55.93 -27.50
C ASN Q 23 35.83 -57.33 -27.27
N ASP Q 24 35.59 -57.87 -26.08
CA ASP Q 24 36.14 -59.18 -25.76
C ASP Q 24 35.48 -60.30 -26.55
N GLU Q 25 34.23 -60.12 -26.99
CA GLU Q 25 33.57 -61.17 -27.76
C GLU Q 25 34.13 -61.26 -29.17
N ILE Q 26 34.31 -60.13 -29.84
CA ILE Q 26 34.88 -60.13 -31.18
C ILE Q 26 36.36 -60.46 -31.12
N ALA Q 27 37.04 -60.11 -30.04
CA ALA Q 27 38.45 -60.43 -29.93
C ALA Q 27 38.67 -61.92 -29.72
N ASN Q 28 37.83 -62.55 -28.91
CA ASN Q 28 38.00 -63.97 -28.64
C ASN Q 28 37.69 -64.81 -29.85
N ARG Q 29 36.71 -64.41 -30.66
CA ARG Q 29 36.47 -65.18 -31.88
C ARG Q 29 37.52 -64.93 -32.94
N LEU Q 30 38.15 -63.75 -32.96
CA LEU Q 30 39.29 -63.56 -33.85
C LEU Q 30 40.49 -64.34 -33.36
N CYS Q 31 40.75 -64.30 -32.06
CA CYS Q 31 41.83 -65.12 -31.51
C CYS Q 31 41.57 -66.59 -31.72
N ALA Q 32 40.30 -66.99 -31.66
CA ALA Q 32 39.95 -68.37 -31.97
C ALA Q 32 40.17 -68.67 -33.44
N GLN Q 33 39.84 -67.73 -34.32
CA GLN Q 33 40.03 -67.96 -35.75
C GLN Q 33 41.50 -67.96 -36.13
N ILE Q 34 42.32 -67.12 -35.50
CA ILE Q 34 43.74 -67.12 -35.80
C ILE Q 34 44.39 -68.41 -35.28
N LEU Q 35 43.99 -68.87 -34.09
CA LEU Q 35 44.48 -70.14 -33.60
C LEU Q 35 43.97 -71.31 -34.42
N LEU Q 36 42.76 -71.20 -34.97
CA LEU Q 36 42.24 -72.27 -35.79
C LEU Q 36 42.92 -72.30 -37.15
N LEU Q 37 43.20 -71.13 -37.73
CA LEU Q 37 43.83 -71.09 -39.02
C LEU Q 37 45.32 -71.38 -38.95
N ALA Q 38 45.98 -71.02 -37.85
CA ALA Q 38 47.38 -71.37 -37.70
C ALA Q 38 47.58 -72.84 -37.42
N ALA Q 39 46.59 -73.49 -36.79
CA ALA Q 39 46.65 -74.93 -36.61
C ALA Q 39 46.28 -75.69 -37.87
N GLU Q 40 45.43 -75.11 -38.71
CA GLU Q 40 45.03 -75.76 -39.94
C GLU Q 40 46.15 -75.77 -40.97
N ASP Q 41 46.77 -74.62 -41.20
CA ASP Q 41 47.97 -74.54 -42.01
C ASP Q 41 48.82 -73.41 -41.47
N ALA Q 42 50.06 -73.75 -41.10
CA ALA Q 42 50.92 -72.83 -40.39
C ALA Q 42 51.84 -72.05 -41.30
N SER Q 43 51.57 -72.06 -42.61
CA SER Q 43 52.47 -71.42 -43.55
C SER Q 43 51.75 -70.48 -44.49
N LYS Q 44 50.43 -70.57 -44.58
CA LYS Q 44 49.66 -69.69 -45.44
C LYS Q 44 49.28 -68.43 -44.67
N ASP Q 45 49.16 -67.33 -45.40
CA ASP Q 45 48.86 -66.06 -44.77
C ASP Q 45 47.40 -66.02 -44.35
N ILE Q 46 47.14 -65.32 -43.26
CA ILE Q 46 45.78 -65.04 -42.81
C ILE Q 46 45.49 -63.59 -43.17
N SER Q 47 44.41 -63.37 -43.89
CA SER Q 47 44.01 -62.03 -44.29
C SER Q 47 42.99 -61.50 -43.29
N LEU Q 48 43.37 -60.50 -42.54
CA LEU Q 48 42.51 -59.90 -41.54
C LEU Q 48 42.02 -58.56 -42.06
N TYR Q 49 40.73 -58.45 -42.36
CA TYR Q 49 40.24 -57.19 -42.91
C TYR Q 49 39.64 -56.37 -41.79
N ILE Q 50 40.14 -55.15 -41.62
CA ILE Q 50 39.77 -54.29 -40.52
C ILE Q 50 38.72 -53.32 -41.02
N ASN Q 51 37.52 -53.41 -40.49
CA ASN Q 51 36.54 -52.34 -40.62
C ASN Q 51 36.05 -52.09 -39.21
N SER Q 52 36.81 -51.30 -38.46
CA SER Q 52 36.57 -51.27 -37.04
C SER Q 52 36.65 -49.84 -36.51
N PRO Q 53 35.71 -49.45 -35.66
CA PRO Q 53 35.85 -48.17 -34.95
C PRO Q 53 36.76 -48.25 -33.74
N GLY Q 54 37.51 -49.32 -33.56
CA GLY Q 54 38.35 -49.51 -32.40
C GLY Q 54 37.55 -50.10 -31.27
N GLY Q 55 38.24 -50.35 -30.18
CA GLY Q 55 37.56 -50.90 -29.03
C GLY Q 55 38.48 -51.03 -27.84
N SER Q 56 38.34 -52.14 -27.12
CA SER Q 56 39.08 -52.33 -25.89
C SER Q 56 40.55 -52.57 -26.18
N ILE Q 57 41.41 -51.99 -25.33
CA ILE Q 57 42.85 -52.18 -25.49
C ILE Q 57 43.22 -53.62 -25.25
N SER Q 58 42.71 -54.20 -24.16
CA SER Q 58 43.05 -55.56 -23.80
C SER Q 58 42.45 -56.58 -24.74
N ALA Q 59 41.30 -56.27 -25.33
CA ALA Q 59 40.74 -57.12 -26.37
C ALA Q 59 41.61 -57.08 -27.62
N GLY Q 60 42.06 -55.89 -27.99
CA GLY Q 60 42.95 -55.79 -29.14
C GLY Q 60 44.34 -56.30 -28.88
N MET Q 61 44.80 -56.21 -27.63
CA MET Q 61 46.08 -56.83 -27.29
C MET Q 61 45.99 -58.34 -27.30
N ALA Q 62 44.80 -58.90 -27.06
CA ALA Q 62 44.61 -60.32 -27.21
C ALA Q 62 44.74 -60.72 -28.67
N ILE Q 63 44.13 -59.94 -29.56
CA ILE Q 63 44.23 -60.18 -31.00
C ILE Q 63 45.66 -60.00 -31.47
N TYR Q 64 46.30 -58.92 -31.02
CA TYR Q 64 47.67 -58.61 -31.42
C TYR Q 64 48.65 -59.68 -30.96
N ASP Q 65 48.47 -60.21 -29.76
CA ASP Q 65 49.32 -61.31 -29.34
C ASP Q 65 49.03 -62.56 -30.11
N THR Q 66 47.77 -62.79 -30.48
CA THR Q 66 47.45 -63.97 -31.27
C THR Q 66 47.96 -63.82 -32.70
N MET Q 67 47.98 -62.59 -33.21
CA MET Q 67 48.57 -62.32 -34.53
C MET Q 67 50.07 -62.57 -34.52
N VAL Q 68 50.76 -62.16 -33.46
CA VAL Q 68 52.21 -62.29 -33.42
C VAL Q 68 52.61 -63.73 -33.16
N LEU Q 69 51.95 -64.39 -32.23
CA LEU Q 69 52.36 -65.75 -31.89
C LEU Q 69 51.87 -66.78 -32.89
N ALA Q 70 51.03 -66.39 -33.82
CA ALA Q 70 50.69 -67.29 -34.90
C ALA Q 70 51.89 -67.43 -35.83
N PRO Q 71 52.20 -68.65 -36.27
CA PRO Q 71 53.28 -68.81 -37.25
C PRO Q 71 52.94 -68.25 -38.61
N CYS Q 72 51.66 -68.04 -38.89
CA CYS Q 72 51.22 -67.43 -40.13
C CYS Q 72 51.58 -65.95 -40.14
N ASP Q 73 51.71 -65.39 -41.34
CA ASP Q 73 51.82 -63.94 -41.49
C ASP Q 73 50.40 -63.39 -41.59
N ILE Q 74 50.04 -62.50 -40.67
CA ILE Q 74 48.72 -61.92 -40.68
C ILE Q 74 48.76 -60.72 -41.60
N ALA Q 75 48.17 -60.85 -42.78
CA ALA Q 75 48.03 -59.72 -43.68
C ALA Q 75 46.84 -58.90 -43.23
N THR Q 76 47.04 -57.62 -42.96
CA THR Q 76 45.94 -56.79 -42.53
C THR Q 76 45.49 -55.84 -43.63
N TYR Q 77 44.22 -55.52 -43.60
CA TYR Q 77 43.58 -54.75 -44.65
C TYR Q 77 42.70 -53.71 -44.01
N ALA Q 78 43.06 -52.45 -44.15
CA ALA Q 78 42.19 -51.36 -43.72
C ALA Q 78 41.06 -51.28 -44.72
N MET Q 79 39.87 -51.67 -44.30
CA MET Q 79 38.72 -51.76 -45.18
C MET Q 79 37.71 -50.73 -44.68
N GLY Q 80 37.80 -49.52 -45.19
CA GLY Q 80 36.87 -48.48 -44.78
C GLY Q 80 37.24 -47.69 -43.57
N MET Q 81 37.53 -48.37 -42.46
CA MET Q 81 37.81 -47.69 -41.21
C MET Q 81 38.72 -48.54 -40.36
N ALA Q 82 39.79 -47.94 -39.85
CA ALA Q 82 40.65 -48.57 -38.86
C ALA Q 82 40.91 -47.51 -37.79
N ALA Q 83 39.89 -47.28 -36.97
CA ALA Q 83 40.03 -46.27 -35.92
C ALA Q 83 40.47 -46.95 -34.63
N SER Q 84 41.23 -46.25 -33.79
CA SER Q 84 41.57 -46.80 -32.45
C SER Q 84 42.20 -48.18 -32.58
N MET Q 85 41.69 -49.15 -31.81
CA MET Q 85 42.29 -50.50 -31.82
C MET Q 85 42.20 -51.07 -33.23
N GLY Q 86 41.41 -50.44 -34.11
CA GLY Q 86 41.39 -50.96 -35.46
C GLY Q 86 42.62 -50.57 -36.24
N GLU Q 87 43.14 -49.37 -36.01
CA GLU Q 87 44.40 -48.98 -36.62
C GLU Q 87 45.56 -49.70 -35.98
N PHE Q 88 45.42 -50.08 -34.71
CA PHE Q 88 46.48 -50.75 -34.01
C PHE Q 88 46.69 -52.12 -34.60
N LEU Q 89 45.61 -52.89 -34.74
CA LEU Q 89 45.67 -54.21 -35.32
C LEU Q 89 45.95 -54.18 -36.81
N LEU Q 90 45.57 -53.11 -37.49
CA LEU Q 90 46.01 -52.89 -38.86
C LEU Q 90 47.51 -52.77 -38.95
N ALA Q 91 48.08 -51.88 -38.15
CA ALA Q 91 49.52 -51.68 -38.13
C ALA Q 91 50.26 -52.82 -37.47
N ALA Q 92 49.55 -53.68 -36.76
CA ALA Q 92 50.12 -54.87 -36.13
C ALA Q 92 50.29 -56.02 -37.09
N GLY Q 93 49.91 -55.87 -38.35
CA GLY Q 93 50.10 -56.92 -39.32
C GLY Q 93 51.56 -57.14 -39.63
N THR Q 94 51.82 -58.17 -40.41
CA THR Q 94 53.16 -58.48 -40.85
C THR Q 94 53.66 -57.37 -41.74
N LYS Q 95 54.90 -56.93 -41.50
CA LYS Q 95 55.52 -55.89 -42.31
C LYS Q 95 55.63 -56.35 -43.75
N GLY Q 96 55.23 -55.48 -44.67
CA GLY Q 96 55.07 -55.86 -46.05
C GLY Q 96 53.70 -56.36 -46.39
N LYS Q 97 52.87 -56.64 -45.39
CA LYS Q 97 51.56 -57.22 -45.63
C LYS Q 97 50.46 -56.41 -44.95
N ARG Q 98 50.73 -55.17 -44.62
CA ARG Q 98 49.72 -54.30 -44.05
C ARG Q 98 49.17 -53.43 -45.17
N TYR Q 99 47.92 -53.61 -45.49
CA TYR Q 99 47.35 -52.96 -46.67
C TYR Q 99 46.26 -51.99 -46.24
N ALA Q 100 46.12 -50.93 -47.00
CA ALA Q 100 44.97 -50.05 -46.90
C ALA Q 100 44.23 -50.12 -48.22
N LEU Q 101 42.94 -50.32 -48.17
CA LEU Q 101 42.15 -50.14 -49.36
C LEU Q 101 42.06 -48.64 -49.61
N PRO Q 102 42.00 -48.20 -50.88
CA PRO Q 102 42.38 -46.81 -51.21
C PRO Q 102 41.52 -45.71 -50.62
N HIS Q 103 40.37 -46.04 -50.07
CA HIS Q 103 39.51 -45.06 -49.44
C HIS Q 103 39.23 -45.40 -47.99
N ALA Q 104 40.05 -46.26 -47.40
CA ALA Q 104 39.98 -46.48 -45.98
C ALA Q 104 40.56 -45.29 -45.26
N ARG Q 105 40.03 -45.01 -44.08
CA ARG Q 105 40.49 -43.91 -43.27
C ARG Q 105 40.95 -44.48 -41.94
N ILE Q 106 42.12 -44.06 -41.51
CA ILE Q 106 42.77 -44.57 -40.31
C ILE Q 106 42.71 -43.48 -39.26
N LEU Q 107 42.09 -43.78 -38.13
CA LEU Q 107 42.00 -42.86 -37.01
C LEU Q 107 42.97 -43.31 -35.93
N MET Q 108 43.87 -42.42 -35.54
CA MET Q 108 44.83 -42.70 -34.50
C MET Q 108 44.59 -41.74 -33.35
N HIS Q 109 44.42 -42.29 -32.15
CA HIS Q 109 44.22 -41.44 -30.96
C HIS Q 109 44.58 -42.19 -29.69
N GLN Q 110 45.03 -41.45 -28.68
CA GLN Q 110 45.34 -42.00 -27.37
C GLN Q 110 44.15 -42.75 -26.82
N PRO Q 111 44.36 -43.70 -25.91
CA PRO Q 111 43.24 -44.50 -25.44
C PRO Q 111 42.26 -43.71 -24.58
N LEU Q 112 41.00 -44.11 -24.66
CA LEU Q 112 39.95 -43.53 -23.85
C LEU Q 112 39.68 -44.49 -22.70
N GLY Q 113 39.12 -43.97 -21.63
CA GLY Q 113 38.83 -44.80 -20.49
C GLY Q 113 37.88 -44.12 -19.55
N GLY Q 114 38.01 -44.45 -18.28
CA GLY Q 114 37.19 -43.82 -17.27
C GLY Q 114 37.76 -44.06 -15.90
N VAL Q 115 37.91 -43.01 -15.13
CA VAL Q 115 38.31 -43.13 -13.74
C VAL Q 115 37.08 -43.16 -12.88
N THR Q 116 37.11 -43.98 -11.83
CA THR Q 116 35.99 -44.12 -10.92
C THR Q 116 36.50 -44.64 -9.59
N GLY Q 117 35.68 -44.46 -8.58
CA GLY Q 117 35.99 -44.98 -7.26
C GLY Q 117 36.73 -43.97 -6.43
N SER Q 118 37.41 -44.48 -5.41
CA SER Q 118 38.09 -43.65 -4.46
C SER Q 118 39.37 -43.09 -5.04
N ALA Q 119 40.02 -42.20 -4.31
CA ALA Q 119 41.23 -41.56 -4.81
C ALA Q 119 42.41 -42.50 -4.80
N ALA Q 120 42.37 -43.58 -4.02
CA ALA Q 120 43.41 -44.58 -4.11
C ALA Q 120 43.17 -45.53 -5.27
N ASP Q 121 41.90 -45.77 -5.62
CA ASP Q 121 41.58 -46.53 -6.82
C ASP Q 121 41.98 -45.75 -8.07
N ILE Q 122 41.63 -44.47 -8.12
CA ILE Q 122 41.89 -43.64 -9.29
C ILE Q 122 43.37 -43.41 -9.47
N ALA Q 123 44.13 -43.35 -8.38
CA ALA Q 123 45.58 -43.21 -8.51
C ALA Q 123 46.21 -44.45 -9.09
N ILE Q 124 45.59 -45.60 -8.90
CA ILE Q 124 46.10 -46.84 -9.48
C ILE Q 124 45.61 -47.01 -10.90
N GLN Q 125 44.39 -46.55 -11.19
CA GLN Q 125 43.92 -46.49 -12.57
C GLN Q 125 44.77 -45.54 -13.40
N ALA Q 126 45.20 -44.43 -12.80
CA ALA Q 126 46.03 -43.46 -13.50
C ALA Q 126 47.42 -44.00 -13.76
N GLU Q 127 47.98 -44.75 -12.80
CA GLU Q 127 49.26 -45.39 -13.05
C GLU Q 127 49.13 -46.42 -14.15
N GLN Q 128 48.01 -47.11 -14.20
CA GLN Q 128 47.81 -48.11 -15.22
C GLN Q 128 47.41 -47.48 -16.54
N PHE Q 129 46.76 -46.32 -16.52
CA PHE Q 129 46.51 -45.61 -17.77
C PHE Q 129 47.81 -45.10 -18.35
N ALA Q 130 48.76 -44.71 -17.51
CA ALA Q 130 50.06 -44.29 -18.02
C ALA Q 130 50.85 -45.47 -18.54
N VAL Q 131 50.62 -46.67 -18.02
CA VAL Q 131 51.30 -47.86 -18.54
C VAL Q 131 50.72 -48.27 -19.87
N ILE Q 132 49.39 -48.27 -19.98
CA ILE Q 132 48.71 -48.64 -21.22
C ILE Q 132 49.03 -47.64 -22.33
N LYS Q 133 49.00 -46.35 -22.00
CA LYS Q 133 49.27 -45.31 -22.99
C LYS Q 133 50.72 -45.34 -23.44
N LYS Q 134 51.65 -45.68 -22.55
CA LYS Q 134 53.03 -45.79 -22.95
C LYS Q 134 53.25 -47.02 -23.81
N GLU Q 135 52.54 -48.11 -23.51
CA GLU Q 135 52.73 -49.35 -24.25
C GLU Q 135 52.04 -49.29 -25.60
N MET Q 136 50.86 -48.66 -25.67
CA MET Q 136 50.18 -48.45 -26.93
C MET Q 136 50.98 -47.54 -27.85
N PHE Q 137 51.62 -46.51 -27.28
CA PHE Q 137 52.43 -45.63 -28.09
C PHE Q 137 53.74 -46.27 -28.48
N ARG Q 138 54.28 -47.13 -27.64
CA ARG Q 138 55.51 -47.84 -27.99
C ARG Q 138 55.28 -48.78 -29.14
N LEU Q 139 54.13 -49.45 -29.16
CA LEU Q 139 53.87 -50.41 -30.23
C LEU Q 139 53.49 -49.71 -31.53
N ASN Q 140 52.71 -48.62 -31.45
CA ASN Q 140 52.48 -47.80 -32.64
C ASN Q 140 53.77 -47.17 -33.16
N ALA Q 141 54.72 -46.87 -32.28
CA ALA Q 141 56.01 -46.40 -32.76
C ALA Q 141 56.80 -47.54 -33.38
N GLU Q 142 56.58 -48.77 -32.91
CA GLU Q 142 57.24 -49.91 -33.48
C GLU Q 142 56.62 -50.29 -34.82
N PHE Q 143 55.30 -50.19 -34.91
CA PHE Q 143 54.58 -50.57 -36.11
C PHE Q 143 54.86 -49.58 -37.24
N THR Q 144 54.59 -48.31 -36.99
CA THR Q 144 54.74 -47.29 -38.00
C THR Q 144 56.18 -46.93 -38.27
N GLY Q 145 57.08 -47.22 -37.34
CA GLY Q 145 58.44 -46.75 -37.48
C GLY Q 145 58.62 -45.30 -37.13
N GLN Q 146 57.59 -44.65 -36.61
CA GLN Q 146 57.70 -43.28 -36.18
C GLN Q 146 58.36 -43.23 -34.82
N PRO Q 147 58.94 -42.09 -34.43
CA PRO Q 147 59.39 -41.95 -33.04
C PRO Q 147 58.22 -41.97 -32.10
N ILE Q 148 58.46 -42.44 -30.87
CA ILE Q 148 57.40 -42.47 -29.87
C ILE Q 148 56.99 -41.07 -29.44
N GLU Q 149 57.87 -40.08 -29.65
CA GLU Q 149 57.49 -38.69 -29.38
C GLU Q 149 56.51 -38.18 -30.40
N ARG Q 150 56.62 -38.62 -31.65
CA ARG Q 150 55.66 -38.22 -32.67
C ARG Q 150 54.35 -38.97 -32.52
N ILE Q 151 54.41 -40.25 -32.15
CA ILE Q 151 53.21 -41.03 -31.87
C ILE Q 151 52.43 -40.41 -30.72
N GLU Q 152 53.12 -39.98 -29.67
CA GLU Q 152 52.45 -39.37 -28.53
C GLU Q 152 51.90 -38.00 -28.89
N ALA Q 153 52.60 -37.27 -29.76
CA ALA Q 153 52.14 -35.95 -30.16
C ALA Q 153 50.95 -36.04 -31.10
N ASP Q 154 50.95 -37.02 -32.00
CA ASP Q 154 49.86 -37.13 -32.95
C ASP Q 154 48.64 -37.77 -32.31
N SER Q 155 48.84 -38.72 -31.41
CA SER Q 155 47.73 -39.30 -30.65
C SER Q 155 47.50 -38.49 -29.37
N ASP Q 156 47.28 -37.20 -29.52
CA ASP Q 156 46.80 -36.40 -28.41
C ASP Q 156 45.29 -36.25 -28.55
N ARG Q 157 44.86 -35.74 -29.68
CA ARG Q 157 43.46 -35.76 -30.07
C ARG Q 157 43.32 -36.81 -31.17
N ASP Q 158 42.16 -36.85 -31.81
CA ASP Q 158 42.00 -37.66 -33.00
C ASP Q 158 42.95 -37.22 -34.10
N ARG Q 159 43.61 -38.18 -34.72
CA ARG Q 159 44.54 -37.90 -35.80
C ARG Q 159 44.13 -38.80 -36.96
N TRP Q 160 43.48 -38.20 -37.95
CA TRP Q 160 42.94 -38.95 -39.05
C TRP Q 160 43.95 -39.09 -40.18
N PHE Q 161 43.87 -40.20 -40.87
CA PHE Q 161 44.73 -40.50 -41.99
C PHE Q 161 43.88 -40.99 -43.14
N THR Q 162 44.25 -40.60 -44.35
CA THR Q 162 43.73 -41.28 -45.52
C THR Q 162 44.57 -42.53 -45.74
N ALA Q 163 44.32 -43.25 -46.82
CA ALA Q 163 45.15 -44.40 -47.11
C ALA Q 163 46.56 -43.96 -47.51
N ALA Q 164 46.67 -42.84 -48.20
CA ALA Q 164 47.98 -42.34 -48.62
C ALA Q 164 48.74 -41.74 -47.45
N GLU Q 165 48.03 -41.09 -46.53
CA GLU Q 165 48.69 -40.54 -45.35
C GLU Q 165 49.11 -41.65 -44.40
N ALA Q 166 48.35 -42.72 -44.32
CA ALA Q 166 48.72 -43.85 -43.48
C ALA Q 166 49.87 -44.63 -44.08
N LEU Q 167 50.01 -44.60 -45.41
CA LEU Q 167 51.17 -45.21 -46.04
C LEU Q 167 52.43 -44.43 -45.74
N GLU Q 168 52.35 -43.09 -45.76
CA GLU Q 168 53.50 -42.27 -45.43
C GLU Q 168 53.84 -42.36 -43.95
N TYR Q 169 52.84 -42.52 -43.11
CA TYR Q 169 53.07 -42.51 -41.67
C TYR Q 169 53.58 -43.85 -41.19
N GLY Q 170 53.15 -44.93 -41.81
CA GLY Q 170 53.69 -46.24 -41.54
C GLY Q 170 52.70 -47.27 -41.05
N PHE Q 171 51.41 -46.97 -41.00
CA PHE Q 171 50.44 -47.95 -40.56
C PHE Q 171 50.31 -49.09 -41.54
N VAL Q 172 50.30 -48.78 -42.83
CA VAL Q 172 50.16 -49.77 -43.86
C VAL Q 172 51.43 -49.76 -44.70
N ASP Q 173 51.62 -50.83 -45.44
CA ASP Q 173 52.79 -50.99 -46.28
C ASP Q 173 52.47 -50.81 -47.74
N HIS Q 174 51.23 -51.02 -48.14
CA HIS Q 174 50.81 -50.84 -49.51
C HIS Q 174 49.38 -50.31 -49.51
N ILE Q 175 49.03 -49.67 -50.62
CA ILE Q 175 47.64 -49.35 -50.93
C ILE Q 175 47.32 -50.16 -52.17
N ILE Q 176 46.53 -51.21 -52.02
CA ILE Q 176 46.27 -52.08 -53.15
C ILE Q 176 45.26 -51.43 -54.08
N THR Q 177 45.54 -51.48 -55.38
CA THR Q 177 44.75 -50.82 -56.39
C THR Q 177 44.71 -51.71 -57.62
N ARG Q 178 43.57 -52.33 -57.86
CA ARG Q 178 43.41 -53.29 -58.94
C ARG Q 178 42.21 -52.93 -59.80
N SER R 1 26.14 -71.58 -35.27
CA SER R 1 26.78 -70.28 -35.42
C SER R 1 28.16 -70.42 -36.03
N LEU R 2 28.82 -69.30 -36.31
CA LEU R 2 30.22 -69.34 -36.69
C LEU R 2 31.12 -69.34 -35.47
N THR R 3 30.85 -68.44 -34.53
CA THR R 3 31.63 -68.31 -33.31
C THR R 3 31.60 -69.61 -32.50
N ASP R 4 30.44 -70.26 -32.45
CA ASP R 4 30.36 -71.57 -31.83
C ASP R 4 31.05 -72.63 -32.66
N SER R 5 31.11 -72.45 -33.97
CA SER R 5 31.77 -73.44 -34.80
C SER R 5 33.29 -73.38 -34.67
N VAL R 6 33.83 -72.17 -34.50
CA VAL R 6 35.27 -72.04 -34.34
C VAL R 6 35.69 -72.52 -32.96
N TYR R 7 34.87 -72.25 -31.95
CA TYR R 7 35.12 -72.78 -30.62
C TYR R 7 34.96 -74.28 -30.56
N GLU R 8 34.08 -74.85 -31.38
CA GLU R 8 33.93 -76.30 -31.42
C GLU R 8 35.13 -76.94 -32.07
N ARG R 9 35.71 -76.29 -33.07
CA ARG R 9 36.88 -76.85 -33.74
C ARG R 9 38.13 -76.71 -32.88
N LEU R 10 38.18 -75.71 -32.01
CA LEU R 10 39.27 -75.63 -31.06
C LEU R 10 39.06 -76.56 -29.88
N LEU R 11 37.79 -76.84 -29.55
CA LEU R 11 37.50 -77.87 -28.56
C LEU R 11 37.95 -79.24 -29.04
N SER R 12 37.91 -79.48 -30.35
CA SER R 12 38.46 -80.71 -30.90
C SER R 12 39.98 -80.72 -30.78
N GLU R 13 40.61 -79.56 -30.84
CA GLU R 13 42.04 -79.43 -30.62
C GLU R 13 42.39 -79.14 -29.17
N ARG R 14 41.42 -79.35 -28.26
CA ARG R 14 41.57 -79.24 -26.81
C ARG R 14 41.97 -77.83 -26.39
N ILE R 15 41.41 -76.83 -27.06
CA ILE R 15 41.62 -75.44 -26.74
C ILE R 15 40.27 -74.85 -26.36
N ILE R 16 40.14 -74.46 -25.11
CA ILE R 16 38.91 -73.86 -24.61
C ILE R 16 39.22 -72.43 -24.21
N PHE R 17 38.21 -71.57 -24.30
CA PHE R 17 38.39 -70.16 -23.99
C PHE R 17 37.55 -69.78 -22.79
N LEU R 18 38.19 -69.13 -21.83
CA LEU R 18 37.50 -68.29 -20.86
C LEU R 18 37.60 -66.88 -21.41
N GLY R 19 36.55 -66.43 -22.07
CA GLY R 19 36.65 -65.17 -22.77
C GLY R 19 35.67 -64.13 -22.33
N SER R 20 34.93 -64.40 -21.27
CA SER R 20 33.93 -63.49 -20.78
C SER R 20 34.18 -63.27 -19.30
N GLU R 21 33.25 -62.58 -18.65
CA GLU R 21 33.25 -62.58 -17.20
C GLU R 21 32.92 -63.99 -16.71
N VAL R 22 33.51 -64.38 -15.60
CA VAL R 22 33.27 -65.71 -15.07
C VAL R 22 31.97 -65.66 -14.27
N ASN R 23 30.86 -65.89 -14.95
CA ASN R 23 29.61 -66.09 -14.25
C ASN R 23 29.32 -67.59 -14.26
N ASP R 24 28.16 -67.97 -13.73
CA ASP R 24 27.86 -69.39 -13.63
C ASP R 24 27.60 -70.03 -14.98
N GLU R 25 27.17 -69.27 -15.97
CA GLU R 25 26.92 -69.85 -17.29
C GLU R 25 28.22 -70.17 -18.02
N ILE R 26 29.18 -69.24 -18.00
CA ILE R 26 30.47 -69.48 -18.63
C ILE R 26 31.28 -70.48 -17.83
N ALA R 27 31.08 -70.53 -16.52
CA ALA R 27 31.80 -71.51 -15.70
C ALA R 27 31.31 -72.91 -15.93
N ASN R 28 29.99 -73.07 -16.06
CA ASN R 28 29.44 -74.40 -16.26
C ASN R 28 29.81 -74.97 -17.61
N ARG R 29 29.87 -74.14 -18.65
CA ARG R 29 30.28 -74.66 -19.94
C ARG R 29 31.78 -74.91 -20.00
N LEU R 30 32.59 -74.17 -19.24
CA LEU R 30 34.00 -74.54 -19.14
C LEU R 30 34.19 -75.81 -18.34
N CYS R 31 33.46 -75.94 -17.23
CA CYS R 31 33.51 -77.19 -16.46
C CYS R 31 32.99 -78.34 -17.29
N ALA R 32 32.00 -78.09 -18.14
CA ALA R 32 31.53 -79.12 -19.05
C ALA R 32 32.59 -79.46 -20.08
N GLN R 33 33.29 -78.45 -20.60
CA GLN R 33 34.32 -78.71 -21.59
C GLN R 33 35.53 -79.40 -21.00
N ILE R 34 35.90 -79.07 -19.76
CA ILE R 34 37.02 -79.76 -19.13
C ILE R 34 36.66 -81.20 -18.82
N LEU R 35 35.43 -81.44 -18.36
CA LEU R 35 34.98 -82.82 -18.15
C LEU R 35 34.82 -83.57 -19.46
N LEU R 36 34.46 -82.87 -20.53
CA LEU R 36 34.34 -83.55 -21.81
C LEU R 36 35.70 -83.86 -22.40
N LEU R 37 36.66 -82.96 -22.25
CA LEU R 37 37.99 -83.20 -22.80
C LEU R 37 38.79 -84.17 -21.96
N ALA R 38 38.57 -84.19 -20.65
CA ALA R 38 39.26 -85.18 -19.82
C ALA R 38 38.70 -86.57 -20.01
N ALA R 39 37.43 -86.67 -20.37
CA ALA R 39 36.85 -87.97 -20.70
C ALA R 39 37.24 -88.42 -22.09
N GLU R 40 37.46 -87.50 -23.01
CA GLU R 40 37.83 -87.84 -24.38
C GLU R 40 39.25 -88.36 -24.45
N ASP R 41 40.20 -87.65 -23.84
CA ASP R 41 41.55 -88.13 -23.70
C ASP R 41 42.11 -87.57 -22.40
N ALA R 42 42.53 -88.47 -21.51
CA ALA R 42 42.90 -88.09 -20.16
C ALA R 42 44.39 -87.82 -20.02
N SER R 43 45.11 -87.68 -21.12
CA SER R 43 46.56 -87.51 -21.04
C SER R 43 47.05 -86.32 -21.83
N LYS R 44 46.23 -85.77 -22.72
CA LYS R 44 46.62 -84.60 -23.49
C LYS R 44 46.26 -83.34 -22.72
N ASP R 45 47.06 -82.30 -22.94
CA ASP R 45 46.85 -81.05 -22.22
C ASP R 45 45.64 -80.32 -22.77
N ILE R 46 44.95 -79.62 -21.90
CA ILE R 46 43.86 -78.74 -22.27
C ILE R 46 44.39 -77.32 -22.21
N SER R 47 44.27 -76.58 -23.30
CA SER R 47 44.74 -75.21 -23.36
C SER R 47 43.57 -74.28 -23.06
N LEU R 48 43.63 -73.60 -21.94
CA LEU R 48 42.58 -72.68 -21.53
C LEU R 48 43.08 -71.27 -21.73
N TYR R 49 42.49 -70.54 -22.67
CA TYR R 49 42.97 -69.19 -22.93
C TYR R 49 42.08 -68.21 -22.19
N ILE R 50 42.71 -67.39 -21.35
CA ILE R 50 41.99 -66.48 -20.46
C ILE R 50 41.99 -65.11 -21.12
N ASN R 51 40.82 -64.62 -21.48
CA ASN R 51 40.63 -63.21 -21.79
C ASN R 51 39.43 -62.79 -20.97
N SER R 52 39.66 -62.49 -19.70
CA SER R 52 38.55 -62.38 -18.79
C SER R 52 38.70 -61.18 -17.88
N PRO R 53 37.64 -60.41 -17.68
CA PRO R 53 37.67 -59.37 -16.64
C PRO R 53 37.40 -59.90 -15.24
N GLY R 54 37.40 -61.21 -15.05
CA GLY R 54 37.08 -61.80 -13.78
C GLY R 54 35.59 -61.97 -13.63
N GLY R 55 35.20 -62.55 -12.51
CA GLY R 55 33.79 -62.74 -12.27
C GLY R 55 33.51 -63.32 -10.92
N SER R 56 32.57 -64.24 -10.87
CA SER R 56 32.13 -64.80 -9.60
C SER R 56 33.19 -65.70 -9.01
N ILE R 57 33.36 -65.63 -7.69
CA ILE R 57 34.33 -66.48 -7.01
C ILE R 57 33.92 -67.93 -7.12
N SER R 58 32.65 -68.22 -6.84
CA SER R 58 32.17 -69.59 -6.84
C SER R 58 32.10 -70.17 -8.23
N ALA R 59 31.86 -69.33 -9.23
CA ALA R 59 31.94 -69.78 -10.61
C ALA R 59 33.36 -70.13 -10.98
N GLY R 60 34.32 -69.30 -10.58
CA GLY R 60 35.71 -69.61 -10.85
C GLY R 60 36.25 -70.72 -10.01
N MET R 61 35.72 -70.90 -8.80
CA MET R 61 36.10 -72.06 -8.01
C MET R 61 35.54 -73.35 -8.58
N ALA R 62 34.43 -73.27 -9.31
CA ALA R 62 33.95 -74.43 -10.03
C ALA R 62 34.90 -74.80 -11.16
N ILE R 63 35.38 -73.80 -11.89
CA ILE R 63 36.35 -74.03 -12.96
C ILE R 63 37.65 -74.53 -12.38
N TYR R 64 38.13 -73.91 -11.29
CA TYR R 64 39.38 -74.29 -10.67
C TYR R 64 39.34 -75.71 -10.13
N ASP R 65 38.22 -76.11 -9.54
CA ASP R 65 38.10 -77.49 -9.10
C ASP R 65 38.03 -78.45 -10.29
N THR R 66 37.41 -78.03 -11.38
CA THR R 66 37.34 -78.89 -12.54
C THR R 66 38.71 -78.96 -13.23
N MET R 67 39.49 -77.89 -13.16
CA MET R 67 40.85 -77.90 -13.66
C MET R 67 41.74 -78.84 -12.86
N VAL R 68 41.59 -78.84 -11.54
CA VAL R 68 42.46 -79.65 -10.70
C VAL R 68 42.06 -81.11 -10.76
N LEU R 69 40.76 -81.40 -10.71
CA LEU R 69 40.35 -82.78 -10.69
C LEU R 69 40.37 -83.43 -12.06
N ALA R 70 40.61 -82.66 -13.10
CA ALA R 70 40.83 -83.27 -14.41
C ALA R 70 42.19 -83.94 -14.42
N PRO R 71 42.30 -85.14 -14.97
CA PRO R 71 43.62 -85.77 -15.09
C PRO R 71 44.51 -85.09 -16.10
N CYS R 72 43.95 -84.29 -16.98
CA CYS R 72 44.72 -83.50 -17.94
C CYS R 72 45.45 -82.38 -17.22
N ASP R 73 46.55 -81.93 -17.80
CA ASP R 73 47.20 -80.70 -17.35
C ASP R 73 46.55 -79.54 -18.07
N ILE R 74 45.97 -78.62 -17.31
CA ILE R 74 45.32 -77.45 -17.90
C ILE R 74 46.39 -76.40 -18.13
N ALA R 75 46.78 -76.20 -19.38
CA ALA R 75 47.68 -75.12 -19.72
C ALA R 75 46.87 -73.84 -19.83
N THR R 76 47.25 -72.83 -19.07
CA THR R 76 46.51 -71.58 -19.13
C THR R 76 47.30 -70.52 -19.85
N TYR R 77 46.57 -69.61 -20.48
CA TYR R 77 47.14 -68.61 -21.36
C TYR R 77 46.47 -67.28 -21.06
N ALA R 78 47.22 -66.36 -20.50
CA ALA R 78 46.73 -64.99 -20.34
C ALA R 78 46.71 -64.35 -21.70
N MET R 79 45.53 -64.13 -22.25
CA MET R 79 45.36 -63.63 -23.60
C MET R 79 44.72 -62.26 -23.48
N GLY R 80 45.53 -61.23 -23.37
CA GLY R 80 45.00 -59.89 -23.27
C GLY R 80 44.66 -59.41 -21.90
N MET R 81 43.86 -60.16 -21.15
CA MET R 81 43.40 -59.73 -19.85
C MET R 81 43.12 -60.94 -18.98
N ALA R 82 43.66 -60.94 -17.78
CA ALA R 82 43.32 -61.93 -16.76
C ALA R 82 43.11 -61.15 -15.47
N ALA R 83 41.87 -60.74 -15.24
CA ALA R 83 41.62 -59.89 -14.07
C ALA R 83 40.75 -60.68 -13.10
N SER R 84 40.86 -60.38 -11.81
CA SER R 84 39.95 -61.03 -10.84
C SER R 84 40.03 -62.54 -11.00
N MET R 85 38.89 -63.17 -11.22
CA MET R 85 38.85 -64.65 -11.37
C MET R 85 39.64 -65.02 -12.63
N GLY R 86 39.91 -64.05 -13.51
CA GLY R 86 40.66 -64.46 -14.69
C GLY R 86 42.13 -64.69 -14.38
N GLU R 87 42.70 -63.88 -13.49
CA GLU R 87 44.06 -64.14 -13.04
C GLU R 87 44.13 -65.35 -12.14
N PHE R 88 43.04 -65.64 -11.44
CA PHE R 88 43.02 -66.77 -10.53
C PHE R 88 43.10 -68.06 -11.31
N LEU R 89 42.25 -68.19 -12.32
CA LEU R 89 42.24 -69.38 -13.17
C LEU R 89 43.46 -69.45 -14.05
N LEU R 90 44.04 -68.31 -14.41
CA LEU R 90 45.33 -68.28 -15.07
C LEU R 90 46.40 -68.90 -14.19
N ALA R 91 46.53 -68.41 -12.97
CA ALA R 91 47.49 -68.93 -12.03
C ALA R 91 47.14 -70.30 -11.51
N ALA R 92 45.90 -70.74 -11.71
CA ALA R 92 45.45 -72.07 -11.34
C ALA R 92 45.84 -73.13 -12.32
N GLY R 93 46.51 -72.79 -13.41
CA GLY R 93 46.94 -73.77 -14.37
C GLY R 93 48.02 -74.66 -13.79
N THR R 94 48.38 -75.67 -14.57
CA THR R 94 49.44 -76.58 -14.19
C THR R 94 50.76 -75.82 -14.15
N LYS R 95 51.53 -76.04 -13.09
CA LYS R 95 52.83 -75.39 -12.95
C LYS R 95 53.74 -75.82 -14.08
N GLY R 96 54.41 -74.84 -14.69
CA GLY R 96 55.13 -75.06 -15.91
C GLY R 96 54.30 -74.84 -17.15
N LYS R 97 53.00 -74.71 -17.02
CA LYS R 97 52.12 -74.58 -18.17
C LYS R 97 51.22 -73.36 -18.06
N ARG R 98 51.58 -72.41 -17.23
CA ARG R 98 50.83 -71.17 -17.11
C ARG R 98 51.54 -70.13 -17.94
N TYR R 99 50.89 -69.66 -18.99
CA TYR R 99 51.54 -68.80 -19.95
C TYR R 99 50.87 -67.44 -19.96
N ALA R 100 51.67 -66.42 -20.23
CA ALA R 100 51.14 -65.10 -20.54
C ALA R 100 51.56 -64.76 -21.95
N LEU R 101 50.62 -64.33 -22.75
CA LEU R 101 50.99 -63.76 -24.02
C LEU R 101 51.61 -62.40 -23.74
N PRO R 102 52.59 -61.95 -24.54
CA PRO R 102 53.53 -60.90 -24.07
C PRO R 102 52.93 -59.54 -23.77
N HIS R 103 51.69 -59.29 -24.17
CA HIS R 103 51.04 -58.03 -23.89
C HIS R 103 49.75 -58.24 -23.12
N ALA R 104 49.58 -59.40 -22.52
CA ALA R 104 48.49 -59.60 -21.59
C ALA R 104 48.77 -58.85 -20.31
N ARG R 105 47.70 -58.38 -19.68
CA ARG R 105 47.80 -57.65 -18.43
C ARG R 105 47.00 -58.41 -17.40
N ILE R 106 47.60 -58.61 -16.23
CA ILE R 106 47.02 -59.39 -15.16
C ILE R 106 46.62 -58.44 -14.05
N LEU R 107 45.35 -58.45 -13.70
CA LEU R 107 44.82 -57.62 -12.64
C LEU R 107 44.55 -58.49 -11.43
N MET R 108 45.16 -58.17 -10.31
CA MET R 108 44.97 -58.90 -9.07
C MET R 108 44.35 -57.97 -8.05
N HIS R 109 43.22 -58.39 -7.48
CA HIS R 109 42.53 -57.56 -6.46
C HIS R 109 41.64 -58.41 -5.57
N GLN R 110 41.51 -58.04 -4.30
CA GLN R 110 40.63 -58.71 -3.36
C GLN R 110 39.23 -58.81 -3.93
N PRO R 111 38.42 -59.77 -3.48
CA PRO R 111 37.10 -59.94 -4.08
C PRO R 111 36.16 -58.80 -3.77
N LEU R 112 35.26 -58.54 -4.71
CA LEU R 112 34.22 -57.56 -4.54
C LEU R 112 32.94 -58.29 -4.20
N GLY R 113 32.02 -57.59 -3.59
CA GLY R 113 30.76 -58.21 -3.22
C GLY R 113 29.72 -57.18 -2.87
N GLY R 114 28.82 -57.55 -1.99
CA GLY R 114 27.82 -56.64 -1.51
C GLY R 114 27.16 -57.17 -0.27
N VAL R 115 27.08 -56.33 0.74
CA VAL R 115 26.34 -56.67 1.95
C VAL R 115 24.93 -56.12 1.81
N THR R 116 23.97 -56.88 2.32
CA THR R 116 22.57 -56.48 2.26
C THR R 116 21.81 -57.22 3.35
N GLY R 117 20.65 -56.70 3.66
CA GLY R 117 19.78 -57.33 4.62
C GLY R 117 20.00 -56.82 6.02
N SER R 118 19.58 -57.63 6.98
CA SER R 118 19.63 -57.25 8.37
C SER R 118 21.05 -57.36 8.90
N ALA R 119 21.25 -56.90 10.13
CA ALA R 119 22.59 -56.91 10.70
C ALA R 119 23.04 -58.31 11.08
N ALA R 120 22.12 -59.25 11.25
CA ALA R 120 22.51 -60.62 11.46
C ALA R 120 22.83 -61.32 10.14
N ASP R 121 22.18 -60.91 9.06
CA ASP R 121 22.55 -61.38 7.73
C ASP R 121 23.92 -60.87 7.33
N ILE R 122 24.16 -59.57 7.54
CA ILE R 122 25.41 -58.94 7.12
C ILE R 122 26.57 -59.44 7.95
N ALA R 123 26.33 -59.78 9.21
CA ALA R 123 27.39 -60.35 10.04
C ALA R 123 27.79 -61.74 9.57
N ILE R 124 26.87 -62.45 8.94
CA ILE R 124 27.18 -63.76 8.38
C ILE R 124 27.79 -63.64 7.00
N GLN R 125 27.36 -62.65 6.22
CA GLN R 125 28.03 -62.34 4.96
C GLN R 125 29.45 -61.88 5.21
N ALA R 126 29.68 -61.14 6.29
CA ALA R 126 31.03 -60.67 6.60
C ALA R 126 31.93 -61.80 7.05
N GLU R 127 31.38 -62.74 7.82
CA GLU R 127 32.16 -63.93 8.18
C GLU R 127 32.50 -64.73 6.95
N GLN R 128 31.57 -64.80 6.01
CA GLN R 128 31.82 -65.56 4.80
C GLN R 128 32.68 -64.78 3.82
N PHE R 129 32.63 -63.45 3.86
CA PHE R 129 33.56 -62.68 3.05
C PHE R 129 34.98 -62.83 3.57
N ALA R 130 35.14 -62.97 4.89
CA ALA R 130 36.46 -63.22 5.43
C ALA R 130 36.95 -64.62 5.11
N VAL R 131 36.04 -65.58 4.93
CA VAL R 131 36.44 -66.93 4.56
C VAL R 131 36.84 -66.98 3.10
N ILE R 132 36.06 -66.33 2.23
CA ILE R 132 36.35 -66.31 0.81
C ILE R 132 37.64 -65.56 0.53
N LYS R 133 37.83 -64.42 1.20
CA LYS R 133 39.03 -63.61 1.00
C LYS R 133 40.27 -64.32 1.52
N LYS R 134 40.14 -65.08 2.62
CA LYS R 134 41.27 -65.84 3.11
C LYS R 134 41.59 -67.00 2.19
N GLU R 135 40.57 -67.62 1.61
CA GLU R 135 40.79 -68.78 0.75
C GLU R 135 41.29 -68.37 -0.63
N MET R 136 40.79 -67.25 -1.15
CA MET R 136 41.30 -66.71 -2.40
C MET R 136 42.75 -66.26 -2.26
N PHE R 137 43.10 -65.69 -1.12
CA PHE R 137 44.48 -65.27 -0.93
C PHE R 137 45.38 -66.45 -0.65
N ARG R 138 44.85 -67.50 -0.01
CA ARG R 138 45.65 -68.69 0.22
C ARG R 138 45.99 -69.39 -1.09
N LEU R 139 45.04 -69.43 -2.01
CA LEU R 139 45.29 -70.10 -3.27
C LEU R 139 46.17 -69.28 -4.19
N ASN R 140 45.98 -67.95 -4.22
CA ASN R 140 46.93 -67.10 -4.93
C ASN R 140 48.31 -67.15 -4.33
N ALA R 141 48.43 -67.36 -3.02
CA ALA R 141 49.75 -67.56 -2.45
C ALA R 141 50.29 -68.93 -2.82
N GLU R 142 49.42 -69.90 -3.03
CA GLU R 142 49.87 -71.21 -3.45
C GLU R 142 50.26 -71.21 -4.92
N PHE R 143 49.49 -70.47 -5.74
CA PHE R 143 49.74 -70.44 -7.17
C PHE R 143 51.02 -69.68 -7.48
N THR R 144 51.10 -68.45 -7.01
CA THR R 144 52.23 -67.59 -7.30
C THR R 144 53.47 -67.96 -6.52
N GLY R 145 53.31 -68.67 -5.40
CA GLY R 145 54.44 -68.91 -4.53
C GLY R 145 54.80 -67.73 -3.67
N GLN R 146 54.00 -66.69 -3.68
CA GLN R 146 54.22 -65.54 -2.83
C GLN R 146 53.74 -65.86 -1.43
N PRO R 147 54.22 -65.14 -0.42
CA PRO R 147 53.60 -65.28 0.91
C PRO R 147 52.19 -64.74 0.89
N ILE R 148 51.34 -65.30 1.76
CA ILE R 148 49.96 -64.85 1.84
C ILE R 148 49.87 -63.43 2.40
N GLU R 149 50.90 -62.98 3.10
CA GLU R 149 50.94 -61.60 3.57
C GLU R 149 51.18 -60.65 2.41
N ARG R 150 51.97 -61.06 1.43
CA ARG R 150 52.18 -60.22 0.25
C ARG R 150 50.99 -60.24 -0.67
N ILE R 151 50.34 -61.40 -0.81
CA ILE R 151 49.11 -61.53 -1.60
C ILE R 151 48.03 -60.64 -1.02
N GLU R 152 47.89 -60.62 0.30
CA GLU R 152 46.88 -59.79 0.94
C GLU R 152 47.23 -58.32 0.83
N ALA R 153 48.52 -57.99 0.88
CA ALA R 153 48.93 -56.60 0.76
C ALA R 153 48.79 -56.09 -0.66
N ASP R 154 49.09 -56.91 -1.65
CA ASP R 154 48.99 -56.47 -3.03
C ASP R 154 47.55 -56.46 -3.51
N SER R 155 46.75 -57.41 -3.07
CA SER R 155 45.32 -57.40 -3.37
C SER R 155 44.56 -56.62 -2.32
N ASP R 156 44.96 -55.38 -2.10
CA ASP R 156 44.16 -54.47 -1.30
C ASP R 156 43.33 -53.62 -2.24
N ARG R 157 43.99 -52.93 -3.16
CA ARG R 157 43.36 -52.28 -4.27
C ARG R 157 43.68 -53.10 -5.51
N ASP R 158 43.35 -52.55 -6.68
CA ASP R 158 43.79 -53.16 -7.92
C ASP R 158 45.31 -53.20 -8.00
N ARG R 159 45.85 -54.34 -8.39
CA ARG R 159 47.29 -54.52 -8.53
C ARG R 159 47.52 -55.07 -9.91
N TRP R 160 47.97 -54.23 -10.82
CA TRP R 160 48.14 -54.60 -12.20
C TRP R 160 49.51 -55.17 -12.46
N PHE R 161 49.57 -56.08 -13.40
CA PHE R 161 50.80 -56.74 -13.79
C PHE R 161 50.88 -56.72 -15.31
N THR R 162 52.08 -56.54 -15.82
CA THR R 162 52.32 -56.84 -17.22
C THR R 162 52.60 -58.33 -17.31
N ALA R 163 52.94 -58.82 -18.50
CA ALA R 163 53.30 -60.23 -18.61
C ALA R 163 54.61 -60.51 -17.92
N ALA R 164 55.54 -59.55 -17.96
CA ALA R 164 56.83 -59.74 -17.32
C ALA R 164 56.72 -59.60 -15.81
N GLU R 165 55.86 -58.72 -15.33
CA GLU R 165 55.65 -58.59 -13.90
C GLU R 165 54.90 -59.78 -13.33
N ALA R 166 53.99 -60.36 -14.11
CA ALA R 166 53.27 -61.55 -13.67
C ALA R 166 54.17 -62.76 -13.69
N LEU R 167 55.18 -62.78 -14.55
CA LEU R 167 56.15 -63.85 -14.54
C LEU R 167 57.03 -63.78 -13.29
N GLU R 168 57.43 -62.57 -12.90
CA GLU R 168 58.22 -62.41 -11.69
C GLU R 168 57.40 -62.69 -10.45
N TYR R 169 56.11 -62.38 -10.49
CA TYR R 169 55.27 -62.51 -9.31
C TYR R 169 54.84 -63.94 -9.11
N GLY R 170 54.62 -64.66 -10.20
CA GLY R 170 54.34 -66.07 -10.14
C GLY R 170 53.03 -66.52 -10.71
N PHE R 171 52.27 -65.63 -11.35
CA PHE R 171 51.00 -66.04 -11.95
C PHE R 171 51.22 -66.95 -13.13
N VAL R 172 52.20 -66.64 -13.96
CA VAL R 172 52.49 -67.43 -15.14
C VAL R 172 53.89 -68.00 -14.99
N ASP R 173 54.16 -69.02 -15.78
CA ASP R 173 55.44 -69.70 -15.75
C ASP R 173 56.30 -69.35 -16.94
N HIS R 174 55.70 -68.92 -18.04
CA HIS R 174 56.44 -68.53 -19.22
C HIS R 174 55.71 -67.38 -19.89
N ILE R 175 56.44 -66.62 -20.68
CA ILE R 175 55.88 -65.67 -21.62
C ILE R 175 56.26 -66.19 -22.99
N ILE R 176 55.30 -66.74 -23.71
CA ILE R 176 55.62 -67.35 -25.00
C ILE R 176 55.81 -66.26 -26.04
N THR R 177 56.87 -66.42 -26.83
CA THR R 177 57.29 -65.43 -27.81
C THR R 177 57.81 -66.16 -29.03
N ARG R 178 57.03 -66.15 -30.11
CA ARG R 178 57.34 -66.88 -31.31
C ARG R 178 57.28 -65.97 -32.52
N SER S 1 23.71 -75.05 -30.75
CA SER S 1 24.67 -74.22 -30.03
C SER S 1 25.93 -75.00 -29.71
N LEU S 2 26.92 -74.32 -29.13
CA LEU S 2 28.08 -75.03 -28.60
C LEU S 2 27.82 -75.51 -27.18
N THR S 3 27.31 -74.60 -26.33
CA THR S 3 27.02 -74.92 -24.94
C THR S 3 26.01 -76.05 -24.83
N ASP S 4 25.01 -76.05 -25.71
CA ASP S 4 24.09 -77.18 -25.75
C ASP S 4 24.74 -78.42 -26.33
N SER S 5 25.74 -78.26 -27.19
CA SER S 5 26.40 -79.42 -27.75
C SER S 5 27.30 -80.10 -26.74
N VAL S 6 27.95 -79.33 -25.87
CA VAL S 6 28.82 -79.91 -24.86
C VAL S 6 27.98 -80.58 -23.78
N TYR S 7 26.85 -79.96 -23.43
CA TYR S 7 25.92 -80.58 -22.49
C TYR S 7 25.27 -81.82 -23.07
N GLU S 8 25.05 -81.86 -24.38
CA GLU S 8 24.50 -83.06 -25.01
C GLU S 8 25.51 -84.19 -25.00
N ARG S 9 26.79 -83.87 -25.16
CA ARG S 9 27.80 -84.91 -25.15
C ARG S 9 28.08 -85.42 -23.75
N LEU S 10 27.84 -84.59 -22.73
CA LEU S 10 27.93 -85.09 -21.37
C LEU S 10 26.67 -85.82 -20.96
N LEU S 11 25.53 -85.46 -21.57
CA LEU S 11 24.32 -86.24 -21.37
C LEU S 11 24.47 -87.64 -21.95
N SER S 12 25.26 -87.80 -23.01
CA SER S 12 25.58 -89.12 -23.50
C SER S 12 26.47 -89.88 -22.53
N GLU S 13 27.31 -89.17 -21.79
CA GLU S 13 28.13 -89.76 -20.74
C GLU S 13 27.45 -89.72 -19.39
N ARG S 14 26.14 -89.45 -19.37
CA ARG S 14 25.28 -89.46 -18.18
C ARG S 14 25.73 -88.44 -17.16
N ILE S 15 26.16 -87.28 -17.62
CA ILE S 15 26.56 -86.17 -16.78
C ILE S 15 25.62 -85.02 -17.08
N ILE S 16 24.81 -84.64 -16.11
CA ILE S 16 23.88 -83.54 -16.26
C ILE S 16 24.28 -82.45 -15.29
N PHE S 17 23.99 -81.20 -15.65
CA PHE S 17 24.37 -80.06 -14.83
C PHE S 17 23.14 -79.35 -14.31
N LEU S 18 23.12 -79.12 -13.01
CA LEU S 18 22.29 -78.08 -12.41
C LEU S 18 23.21 -76.89 -12.26
N GLY S 19 23.14 -75.97 -13.20
CA GLY S 19 24.11 -74.90 -13.21
C GLY S 19 23.53 -73.52 -13.10
N SER S 20 22.23 -73.43 -12.87
CA SER S 20 21.55 -72.15 -12.78
C SER S 20 20.79 -72.12 -11.47
N GLU S 21 19.96 -71.09 -11.30
CA GLU S 21 18.97 -71.13 -10.25
C GLU S 21 17.95 -72.20 -10.59
N VAL S 22 17.44 -72.87 -9.56
CA VAL S 22 16.46 -73.92 -9.78
C VAL S 22 15.10 -73.26 -9.95
N ASN S 23 14.77 -72.91 -11.18
CA ASN S 23 13.41 -72.49 -11.49
C ASN S 23 12.73 -73.66 -12.17
N ASP S 24 11.49 -73.45 -12.60
CA ASP S 24 10.74 -74.55 -13.21
C ASP S 24 11.29 -74.95 -14.57
N GLU S 25 11.95 -74.04 -15.29
CA GLU S 25 12.49 -74.38 -16.59
C GLU S 25 13.71 -75.28 -16.46
N ILE S 26 14.63 -74.93 -15.56
CA ILE S 26 15.82 -75.76 -15.35
C ILE S 26 15.45 -77.05 -14.63
N ALA S 27 14.41 -77.02 -13.82
CA ALA S 27 13.99 -78.25 -13.14
C ALA S 27 13.36 -79.23 -14.09
N ASN S 28 12.54 -78.73 -15.03
CA ASN S 28 11.87 -79.62 -15.96
C ASN S 28 12.84 -80.25 -16.93
N ARG S 29 13.87 -79.53 -17.34
CA ARG S 29 14.85 -80.15 -18.23
C ARG S 29 15.76 -81.10 -17.48
N LEU S 30 16.02 -80.87 -16.18
CA LEU S 30 16.73 -81.88 -15.41
C LEU S 30 15.88 -83.10 -15.17
N CYS S 31 14.60 -82.90 -14.83
CA CYS S 31 13.70 -84.02 -14.68
C CYS S 31 13.53 -84.76 -15.99
N ALA S 32 13.56 -84.03 -17.10
CA ALA S 32 13.53 -84.68 -18.40
C ALA S 32 14.80 -85.47 -18.65
N GLN S 33 15.95 -84.91 -18.26
CA GLN S 33 17.21 -85.60 -18.47
C GLN S 33 17.34 -86.82 -17.58
N ILE S 34 16.85 -86.75 -16.34
CA ILE S 34 16.91 -87.91 -15.46
C ILE S 34 15.98 -89.00 -15.95
N LEU S 35 14.78 -88.63 -16.42
CA LEU S 35 13.88 -89.61 -17.02
C LEU S 35 14.42 -90.15 -18.32
N LEU S 36 15.17 -89.34 -19.07
CA LEU S 36 15.73 -89.84 -20.31
C LEU S 36 16.91 -90.76 -20.05
N LEU S 37 17.73 -90.44 -19.06
CA LEU S 37 18.88 -91.28 -18.76
C LEU S 37 18.49 -92.54 -18.02
N ALA S 38 17.44 -92.50 -17.20
CA ALA S 38 16.99 -93.71 -16.54
C ALA S 38 16.29 -94.65 -17.49
N ALA S 39 15.67 -94.11 -18.55
CA ALA S 39 15.10 -94.96 -19.57
C ALA S 39 16.13 -95.50 -20.53
N GLU S 40 17.23 -94.77 -20.74
CA GLU S 40 18.28 -95.22 -21.63
C GLU S 40 19.07 -96.37 -21.03
N ASP S 41 19.51 -96.22 -19.78
CA ASP S 41 20.12 -97.31 -19.04
C ASP S 41 19.78 -97.12 -17.59
N ALA S 42 19.15 -98.13 -17.00
CA ALA S 42 18.59 -98.02 -15.67
C ALA S 42 19.53 -98.52 -14.59
N SER S 43 20.81 -98.71 -14.91
CA SER S 43 21.74 -99.27 -13.95
C SER S 43 23.01 -98.45 -13.82
N LYS S 44 23.27 -97.54 -14.75
CA LYS S 44 24.44 -96.69 -14.67
C LYS S 44 24.12 -95.44 -13.88
N ASP S 45 25.13 -94.91 -13.21
CA ASP S 45 24.93 -93.73 -12.38
C ASP S 45 24.77 -92.50 -13.23
N ILE S 46 23.96 -91.57 -12.76
CA ILE S 46 23.82 -90.26 -13.36
C ILE S 46 24.61 -89.29 -12.50
N SER S 47 25.53 -88.55 -13.11
CA SER S 47 26.33 -87.57 -12.40
C SER S 47 25.69 -86.21 -12.54
N LEU S 48 25.18 -85.67 -11.45
CA LEU S 48 24.53 -84.38 -11.45
C LEU S 48 25.47 -83.37 -10.80
N TYR S 49 25.99 -82.42 -11.58
CA TYR S 49 26.93 -81.47 -11.01
C TYR S 49 26.18 -80.20 -10.64
N ILE S 50 26.29 -79.81 -9.39
CA ILE S 50 25.53 -78.70 -8.84
C ILE S 50 26.44 -77.48 -8.84
N ASN S 51 26.10 -76.48 -9.62
CA ASN S 51 26.67 -75.15 -9.46
C ASN S 51 25.47 -74.22 -9.42
N SER S 52 24.86 -74.10 -8.26
CA SER S 52 23.55 -73.49 -8.23
C SER S 52 23.43 -72.54 -7.04
N PRO S 53 22.88 -71.35 -7.24
CA PRO S 53 22.53 -70.49 -6.12
C PRO S 53 21.22 -70.86 -5.44
N GLY S 54 20.65 -72.01 -5.76
CA GLY S 54 19.36 -72.41 -5.23
C GLY S 54 18.25 -71.83 -6.06
N GLY S 55 17.03 -72.17 -5.68
CA GLY S 55 15.90 -71.66 -6.41
C GLY S 55 14.59 -72.06 -5.78
N SER S 56 13.64 -72.41 -6.62
CA SER S 56 12.30 -72.71 -6.15
C SER S 56 12.28 -74.04 -5.41
N ILE S 57 11.50 -74.09 -4.33
CA ILE S 57 11.38 -75.32 -3.55
C ILE S 57 10.69 -76.40 -4.39
N SER S 58 9.58 -76.04 -5.03
CA SER S 58 8.81 -77.00 -5.79
C SER S 58 9.52 -77.43 -7.06
N ALA S 59 10.34 -76.55 -7.63
CA ALA S 59 11.17 -76.95 -8.75
C ALA S 59 12.24 -77.94 -8.30
N GLY S 60 12.85 -77.69 -7.15
CA GLY S 60 13.83 -78.62 -6.64
C GLY S 60 13.22 -79.89 -6.10
N MET S 61 12.00 -79.82 -5.59
CA MET S 61 11.30 -81.04 -5.20
C MET S 61 10.91 -81.87 -6.40
N ALA S 62 10.71 -81.24 -7.56
CA ALA S 62 10.51 -82.00 -8.77
C ALA S 62 11.76 -82.75 -9.15
N ILE S 63 12.91 -82.10 -9.06
CA ILE S 63 14.19 -82.74 -9.34
C ILE S 63 14.46 -83.84 -8.33
N TYR S 64 14.24 -83.55 -7.05
CA TYR S 64 14.48 -84.50 -5.98
C TYR S 64 13.61 -85.73 -6.12
N ASP S 65 12.36 -85.56 -6.48
CA ASP S 65 11.51 -86.72 -6.72
C ASP S 65 11.95 -87.49 -7.96
N THR S 66 12.44 -86.79 -8.97
CA THR S 66 12.91 -87.49 -10.15
C THR S 66 14.22 -88.19 -9.89
N MET S 67 15.05 -87.64 -9.00
CA MET S 67 16.27 -88.29 -8.57
C MET S 67 15.98 -89.56 -7.78
N VAL S 68 14.97 -89.53 -6.91
CA VAL S 68 14.68 -90.68 -6.07
C VAL S 68 13.97 -91.76 -6.87
N LEU S 69 13.01 -91.38 -7.70
CA LEU S 69 12.25 -92.39 -8.41
C LEU S 69 12.98 -92.92 -9.62
N ALA S 70 14.11 -92.35 -9.98
CA ALA S 70 14.95 -92.94 -11.00
C ALA S 70 15.59 -94.19 -10.44
N PRO S 71 15.64 -95.29 -11.21
CA PRO S 71 16.35 -96.48 -10.75
C PRO S 71 17.86 -96.29 -10.71
N CYS S 72 18.37 -95.29 -11.40
CA CYS S 72 19.79 -94.96 -11.36
C CYS S 72 20.15 -94.35 -10.01
N ASP S 73 21.41 -94.47 -9.64
CA ASP S 73 21.94 -93.74 -8.49
C ASP S 73 22.40 -92.38 -9.00
N ILE S 74 21.83 -91.31 -8.45
CA ILE S 74 22.20 -89.97 -8.87
C ILE S 74 23.40 -89.56 -8.03
N ALA S 75 24.58 -89.55 -8.65
CA ALA S 75 25.77 -89.03 -7.99
C ALA S 75 25.74 -87.52 -8.08
N THR S 76 25.82 -86.83 -6.96
CA THR S 76 25.79 -85.39 -7.00
C THR S 76 27.17 -84.82 -6.69
N TYR S 77 27.44 -83.66 -7.26
CA TYR S 77 28.75 -83.04 -7.21
C TYR S 77 28.56 -81.56 -6.92
N ALA S 78 28.97 -81.14 -5.74
CA ALA S 78 29.01 -79.72 -5.44
C ALA S 78 30.14 -79.10 -6.22
N MET S 79 29.82 -78.32 -7.23
CA MET S 79 30.81 -77.77 -8.15
C MET S 79 30.78 -76.26 -7.96
N GLY S 80 31.59 -75.77 -7.04
CA GLY S 80 31.63 -74.33 -6.81
C GLY S 80 30.62 -73.79 -5.83
N MET S 81 29.34 -74.07 -6.04
CA MET S 81 28.31 -73.51 -5.20
C MET S 81 27.12 -74.45 -5.16
N ALA S 82 26.64 -74.75 -3.95
CA ALA S 82 25.39 -75.47 -3.77
C ALA S 82 24.63 -74.72 -2.68
N ALA S 83 23.73 -73.85 -3.11
CA ALA S 83 23.08 -73.00 -2.10
C ALA S 83 21.58 -73.24 -2.17
N SER S 84 20.87 -73.02 -1.08
CA SER S 84 19.41 -73.13 -1.15
C SER S 84 19.05 -74.50 -1.73
N MET S 85 18.30 -74.51 -2.82
CA MET S 85 17.89 -75.78 -3.45
C MET S 85 19.13 -76.46 -4.02
N GLY S 86 20.25 -75.76 -4.16
CA GLY S 86 21.40 -76.44 -4.71
C GLY S 86 22.06 -77.37 -3.71
N GLU S 87 22.09 -76.97 -2.44
CA GLU S 87 22.57 -77.86 -1.40
C GLU S 87 21.58 -78.97 -1.13
N PHE S 88 20.31 -78.71 -1.36
CA PHE S 88 19.29 -79.71 -1.11
C PHE S 88 19.43 -80.86 -2.08
N LEU S 89 19.54 -80.54 -3.36
CA LEU S 89 19.71 -81.54 -4.40
C LEU S 89 21.09 -82.18 -4.36
N LEU S 90 22.08 -81.45 -3.87
CA LEU S 90 23.38 -82.04 -3.58
C LEU S 90 23.26 -83.13 -2.52
N ALA S 91 22.66 -82.79 -1.39
CA ALA S 91 22.48 -83.74 -0.32
C ALA S 91 21.42 -84.78 -0.63
N ALA S 92 20.61 -84.56 -1.66
CA ALA S 92 19.61 -85.50 -2.12
C ALA S 92 20.18 -86.60 -2.98
N GLY S 93 21.48 -86.59 -3.26
CA GLY S 93 22.08 -87.63 -4.04
C GLY S 93 22.08 -88.96 -3.31
N THR S 94 22.50 -89.99 -4.02
CA THR S 94 22.62 -91.31 -3.42
C THR S 94 23.70 -91.28 -2.35
N LYS S 95 23.40 -91.88 -1.20
CA LYS S 95 24.35 -91.95 -0.11
C LYS S 95 25.58 -92.74 -0.55
N GLY S 96 26.76 -92.20 -0.26
CA GLY S 96 27.98 -92.72 -0.80
C GLY S 96 28.38 -92.08 -2.11
N LYS S 97 27.48 -91.34 -2.74
CA LYS S 97 27.75 -90.77 -4.05
C LYS S 97 27.50 -89.27 -4.07
N ARG S 98 27.49 -88.63 -2.92
CA ARG S 98 27.35 -87.18 -2.84
C ARG S 98 28.73 -86.59 -2.67
N TYR S 99 29.18 -85.85 -3.65
CA TYR S 99 30.55 -85.39 -3.66
C TYR S 99 30.59 -83.88 -3.57
N ALA S 100 31.64 -83.36 -2.95
CA ALA S 100 31.95 -81.95 -3.02
C ALA S 100 33.30 -81.82 -3.69
N LEU S 101 33.39 -80.95 -4.68
CA LEU S 101 34.70 -80.61 -5.18
C LEU S 101 35.36 -79.72 -4.13
N PRO S 102 36.69 -79.79 -3.98
CA PRO S 102 37.34 -79.35 -2.73
C PRO S 102 37.20 -77.87 -2.38
N HIS S 103 36.76 -77.05 -3.31
CA HIS S 103 36.57 -75.63 -3.05
C HIS S 103 35.15 -75.21 -3.32
N ALA S 104 34.23 -76.16 -3.39
CA ALA S 104 32.83 -75.82 -3.42
C ALA S 104 32.38 -75.34 -2.06
N ARG S 105 31.42 -74.43 -2.07
CA ARG S 105 30.89 -73.88 -0.85
C ARG S 105 29.40 -74.17 -0.83
N ILE S 106 28.92 -74.67 0.29
CA ILE S 106 27.54 -75.10 0.45
C ILE S 106 26.85 -74.11 1.37
N LEU S 107 25.79 -73.49 0.87
CA LEU S 107 24.99 -72.55 1.63
C LEU S 107 23.70 -73.21 2.04
N MET S 108 23.44 -73.25 3.34
CA MET S 108 22.22 -73.83 3.86
C MET S 108 21.42 -72.74 4.56
N HIS S 109 20.17 -72.59 4.17
CA HIS S 109 19.31 -71.57 4.81
C HIS S 109 17.84 -71.93 4.65
N GLN S 110 17.00 -71.52 5.59
CA GLN S 110 15.57 -71.70 5.54
C GLN S 110 15.03 -71.09 4.26
N PRO S 111 13.87 -71.55 3.78
CA PRO S 111 13.37 -71.04 2.50
C PRO S 111 12.93 -69.60 2.57
N LEU S 112 13.09 -68.91 1.45
CA LEU S 112 12.64 -67.55 1.30
C LEU S 112 11.32 -67.58 0.53
N GLY S 113 10.54 -66.53 0.68
CA GLY S 113 9.28 -66.46 0.01
C GLY S 113 8.72 -65.08 0.01
N GLY S 114 7.40 -64.99 -0.01
CA GLY S 114 6.74 -63.71 0.05
C GLY S 114 5.28 -63.89 0.39
N VAL S 115 4.83 -63.14 1.37
CA VAL S 115 3.41 -63.11 1.70
C VAL S 115 2.78 -61.94 0.97
N THR S 116 1.55 -62.14 0.50
CA THR S 116 0.83 -61.13 -0.23
C THR S 116 -0.66 -61.41 -0.14
N GLY S 117 -1.46 -60.40 -0.42
CA GLY S 117 -2.88 -60.56 -0.45
C GLY S 117 -3.52 -60.26 0.88
N SER S 118 -4.72 -60.79 1.04
CA SER S 118 -5.52 -60.51 2.22
C SER S 118 -5.00 -61.31 3.40
N ALA S 119 -5.56 -61.04 4.58
CA ALA S 119 -5.09 -61.73 5.78
C ALA S 119 -5.53 -63.18 5.83
N ALA S 120 -6.56 -63.54 5.09
CA ALA S 120 -6.92 -64.95 4.98
C ALA S 120 -6.04 -65.67 3.97
N ASP S 121 -5.58 -64.97 2.93
CA ASP S 121 -4.59 -65.53 2.02
C ASP S 121 -3.26 -65.73 2.72
N ILE S 122 -2.80 -64.73 3.46
CA ILE S 122 -1.51 -64.77 4.12
C ILE S 122 -1.49 -65.81 5.24
N ALA S 123 -2.63 -66.02 5.89
CA ALA S 123 -2.70 -67.05 6.92
C ALA S 123 -2.59 -68.44 6.33
N ILE S 124 -2.99 -68.61 5.07
CA ILE S 124 -2.85 -69.88 4.39
C ILE S 124 -1.48 -70.04 3.79
N GLN S 125 -0.89 -68.94 3.32
CA GLN S 125 0.51 -68.96 2.90
C GLN S 125 1.42 -69.26 4.07
N ALA S 126 1.08 -68.75 5.26
CA ALA S 126 1.90 -69.02 6.45
C ALA S 126 1.78 -70.44 6.91
N GLU S 127 0.59 -71.02 6.82
CA GLU S 127 0.44 -72.44 7.12
C GLU S 127 1.23 -73.28 6.14
N GLN S 128 1.25 -72.86 4.89
CA GLN S 128 1.98 -73.61 3.89
C GLN S 128 3.47 -73.32 3.95
N PHE S 129 3.86 -72.15 4.41
CA PHE S 129 5.28 -71.90 4.64
C PHE S 129 5.78 -72.74 5.81
N ALA S 130 4.94 -72.97 6.81
CA ALA S 130 5.33 -73.85 7.90
C ALA S 130 5.39 -75.29 7.46
N VAL S 131 4.60 -75.68 6.46
CA VAL S 131 4.66 -77.05 5.95
C VAL S 131 5.90 -77.25 5.10
N ILE S 132 6.21 -76.28 4.24
CA ILE S 132 7.39 -76.36 3.38
C ILE S 132 8.66 -76.34 4.21
N LYS S 133 8.71 -75.44 5.20
CA LYS S 133 9.89 -75.32 6.05
C LYS S 133 10.10 -76.56 6.92
N LYS S 134 9.01 -77.18 7.36
CA LYS S 134 9.14 -78.42 8.12
C LYS S 134 9.58 -79.57 7.23
N GLU S 135 9.11 -79.59 5.99
CA GLU S 135 9.45 -80.68 5.09
C GLU S 135 10.86 -80.52 4.53
N MET S 136 11.26 -79.29 4.25
CA MET S 136 12.64 -79.03 3.82
C MET S 136 13.63 -79.35 4.93
N PHE S 137 13.27 -79.06 6.18
CA PHE S 137 14.17 -79.37 7.27
C PHE S 137 14.16 -80.85 7.60
N ARG S 138 13.03 -81.52 7.38
CA ARG S 138 12.97 -82.96 7.60
C ARG S 138 13.85 -83.70 6.60
N LEU S 139 13.86 -83.24 5.35
CA LEU S 139 14.65 -83.92 4.35
C LEU S 139 16.13 -83.60 4.49
N ASN S 140 16.48 -82.36 4.82
CA ASN S 140 17.87 -82.05 5.15
C ASN S 140 18.34 -82.79 6.40
N ALA S 141 17.44 -83.06 7.33
CA ALA S 141 17.83 -83.90 8.47
C ALA S 141 17.98 -85.34 8.04
N GLU S 142 17.22 -85.76 7.03
CA GLU S 142 17.36 -87.12 6.53
C GLU S 142 18.62 -87.25 5.68
N PHE S 143 18.93 -86.23 4.89
CA PHE S 143 20.09 -86.28 4.01
C PHE S 143 21.38 -86.23 4.81
N THR S 144 21.53 -85.20 5.62
CA THR S 144 22.74 -84.99 6.38
C THR S 144 22.88 -85.94 7.55
N GLY S 145 21.77 -86.52 8.02
CA GLY S 145 21.83 -87.30 9.23
C GLY S 145 21.87 -86.48 10.49
N GLN S 146 21.71 -85.17 10.38
CA GLN S 146 21.67 -84.30 11.53
C GLN S 146 20.29 -84.37 12.15
N PRO S 147 20.14 -84.01 13.42
CA PRO S 147 18.79 -83.87 13.98
C PRO S 147 18.08 -82.71 13.32
N ILE S 148 16.74 -82.81 13.26
CA ILE S 148 15.95 -81.75 12.66
C ILE S 148 15.98 -80.48 13.52
N GLU S 149 16.32 -80.61 14.80
CA GLU S 149 16.50 -79.43 15.63
C GLU S 149 17.77 -78.68 15.27
N ARG S 150 18.81 -79.41 14.87
CA ARG S 150 20.04 -78.75 14.45
C ARG S 150 19.89 -78.16 13.05
N ILE S 151 19.18 -78.86 12.16
CA ILE S 151 18.89 -78.33 10.83
C ILE S 151 18.08 -77.05 10.92
N GLU S 152 17.11 -77.01 11.81
CA GLU S 152 16.30 -75.81 11.97
C GLU S 152 17.09 -74.68 12.61
N ALA S 153 18.01 -75.03 13.52
CA ALA S 153 18.82 -74.02 14.17
C ALA S 153 19.87 -73.46 13.22
N ASP S 154 20.46 -74.31 12.39
CA ASP S 154 21.51 -73.83 11.48
C ASP S 154 20.91 -73.10 10.29
N SER S 155 19.77 -73.56 9.80
CA SER S 155 19.06 -72.85 8.75
C SER S 155 18.10 -71.82 9.34
N ASP S 156 18.63 -70.94 10.17
CA ASP S 156 17.88 -69.77 10.60
C ASP S 156 18.27 -68.60 9.72
N ARG S 157 19.55 -68.30 9.69
CA ARG S 157 20.14 -67.39 8.72
C ARG S 157 20.91 -68.23 7.73
N ASP S 158 21.69 -67.56 6.87
CA ASP S 158 22.62 -68.28 6.01
C ASP S 158 23.64 -69.04 6.84
N ARG S 159 23.86 -70.29 6.48
CA ARG S 159 24.82 -71.15 7.15
C ARG S 159 25.74 -71.71 6.08
N TRP S 160 26.93 -71.16 6.00
CA TRP S 160 27.86 -71.54 4.96
C TRP S 160 28.73 -72.70 5.38
N PHE S 161 29.11 -73.50 4.41
CA PHE S 161 29.94 -74.66 4.61
C PHE S 161 31.03 -74.64 3.57
N THR S 162 32.23 -75.05 3.95
CA THR S 162 33.24 -75.40 2.98
C THR S 162 32.97 -76.83 2.55
N ALA S 163 33.84 -77.40 1.72
CA ALA S 163 33.67 -78.79 1.35
C ALA S 163 33.96 -79.70 2.53
N ALA S 164 34.91 -79.32 3.39
CA ALA S 164 35.23 -80.12 4.55
C ALA S 164 34.18 -80.00 5.64
N GLU S 165 33.58 -78.81 5.78
CA GLU S 165 32.51 -78.64 6.74
C GLU S 165 31.25 -79.32 6.29
N ALA S 166 30.99 -79.36 4.99
CA ALA S 166 29.83 -80.07 4.48
C ALA S 166 30.00 -81.57 4.57
N LEU S 167 31.24 -82.04 4.52
CA LEU S 167 31.50 -83.46 4.73
C LEU S 167 31.23 -83.85 6.18
N GLU S 168 31.64 -83.01 7.12
CA GLU S 168 31.37 -83.28 8.53
C GLU S 168 29.89 -83.16 8.85
N TYR S 169 29.20 -82.25 8.17
CA TYR S 169 27.81 -81.99 8.49
C TYR S 169 26.90 -83.03 7.87
N GLY S 170 27.25 -83.53 6.70
CA GLY S 170 26.55 -84.63 6.09
C GLY S 170 25.96 -84.36 4.74
N PHE S 171 26.21 -83.20 4.13
CA PHE S 171 25.66 -82.93 2.82
C PHE S 171 26.30 -83.80 1.76
N VAL S 172 27.61 -83.98 1.83
CA VAL S 172 28.33 -84.79 0.88
C VAL S 172 28.94 -85.96 1.62
N ASP S 173 29.31 -86.96 0.84
CA ASP S 173 29.89 -88.18 1.37
C ASP S 173 31.37 -88.26 1.14
N HIS S 174 31.89 -87.57 0.13
CA HIS S 174 33.31 -87.55 -0.16
C HIS S 174 33.68 -86.18 -0.66
N ILE S 175 34.95 -85.85 -0.54
CA ILE S 175 35.55 -84.72 -1.22
C ILE S 175 36.56 -85.32 -2.17
N ILE S 176 36.25 -85.31 -3.46
CA ILE S 176 37.13 -85.96 -4.43
C ILE S 176 38.34 -85.08 -4.70
N THR S 177 39.51 -85.72 -4.70
CA THR S 177 40.79 -85.02 -4.82
C THR S 177 41.71 -85.89 -5.66
N ARG S 178 41.94 -85.47 -6.89
CA ARG S 178 42.73 -86.24 -7.84
C ARG S 178 43.82 -85.38 -8.45
N SER T 1 17.92 -77.13 -30.20
CA SER T 1 18.33 -76.88 -28.82
C SER T 1 18.64 -78.17 -28.11
N LEU T 2 19.12 -78.08 -26.87
CA LEU T 2 19.26 -79.28 -26.05
C LEU T 2 17.96 -79.59 -25.32
N THR T 3 17.36 -78.58 -24.70
CA THR T 3 16.11 -78.74 -23.96
C THR T 3 15.00 -79.24 -24.87
N ASP T 4 14.95 -78.73 -26.10
CA ASP T 4 14.00 -79.26 -27.07
C ASP T 4 14.39 -80.65 -27.54
N SER T 5 15.68 -80.99 -27.51
CA SER T 5 16.09 -82.31 -27.94
C SER T 5 15.74 -83.36 -26.90
N VAL T 6 15.84 -83.02 -25.62
CA VAL T 6 15.50 -83.97 -24.57
C VAL T 6 13.99 -84.17 -24.52
N TYR T 7 13.23 -83.09 -24.71
CA TYR T 7 11.78 -83.19 -24.79
C TYR T 7 11.33 -83.95 -26.04
N GLU T 8 12.09 -83.85 -27.13
CA GLU T 8 11.75 -84.61 -28.33
C GLU T 8 12.01 -86.09 -28.12
N ARG T 9 13.05 -86.44 -27.37
CA ARG T 9 13.34 -87.84 -27.12
C ARG T 9 12.37 -88.44 -26.12
N LEU T 10 11.81 -87.63 -25.23
CA LEU T 10 10.77 -88.13 -24.35
C LEU T 10 9.42 -88.16 -25.05
N LEU T 11 9.22 -87.29 -26.04
CA LEU T 11 8.05 -87.37 -26.89
C LEU T 11 8.06 -88.66 -27.70
N SER T 12 9.24 -89.16 -28.06
CA SER T 12 9.33 -90.47 -28.70
C SER T 12 8.97 -91.58 -27.73
N GLU T 13 9.25 -91.38 -26.44
CA GLU T 13 8.86 -92.32 -25.40
C GLU T 13 7.51 -91.98 -24.81
N ARG T 14 6.75 -91.11 -25.46
CA ARG T 14 5.39 -90.73 -25.12
C ARG T 14 5.31 -90.08 -23.74
N ILE T 15 6.31 -89.26 -23.43
CA ILE T 15 6.37 -88.51 -22.19
C ILE T 15 6.37 -87.03 -22.56
N ILE T 16 5.32 -86.33 -22.21
CA ILE T 16 5.20 -84.91 -22.48
C ILE T 16 5.17 -84.17 -21.16
N PHE T 17 5.64 -82.94 -21.16
CA PHE T 17 5.71 -82.15 -19.94
C PHE T 17 4.82 -80.94 -20.05
N LEU T 18 3.99 -80.75 -19.03
CA LEU T 18 3.41 -79.46 -18.73
C LEU T 18 4.31 -78.86 -17.66
N GLY T 19 5.22 -78.01 -18.07
CA GLY T 19 6.22 -77.55 -17.13
C GLY T 19 6.24 -76.06 -16.91
N SER T 20 5.27 -75.35 -17.47
CA SER T 20 5.22 -73.91 -17.36
C SER T 20 3.83 -73.53 -16.86
N GLU T 21 3.56 -72.24 -16.86
CA GLU T 21 2.18 -71.81 -16.70
C GLU T 21 1.38 -72.24 -17.91
N VAL T 22 0.12 -72.59 -17.71
CA VAL T 22 -0.70 -73.04 -18.81
C VAL T 22 -1.24 -71.80 -19.50
N ASN T 23 -0.50 -71.30 -20.47
CA ASN T 23 -1.02 -70.27 -21.35
C ASN T 23 -1.38 -70.93 -22.66
N ASP T 24 -1.82 -70.14 -23.63
CA ASP T 24 -2.26 -70.72 -24.89
C ASP T 24 -1.11 -71.31 -25.69
N GLU T 25 0.12 -70.82 -25.51
CA GLU T 25 1.23 -71.37 -26.27
C GLU T 25 1.62 -72.75 -25.77
N ILE T 26 1.73 -72.91 -24.45
CA ILE T 26 2.06 -74.21 -23.87
C ILE T 26 0.89 -75.17 -24.03
N ALA T 27 -0.34 -74.66 -24.04
CA ALA T 27 -1.49 -75.53 -24.20
C ALA T 27 -1.58 -76.07 -25.62
N ASN T 28 -1.30 -75.22 -26.61
CA ASN T 28 -1.40 -75.65 -27.99
C ASN T 28 -0.32 -76.65 -28.35
N ARG T 29 0.87 -76.51 -27.79
CA ARG T 29 1.89 -77.51 -28.07
C ARG T 29 1.64 -78.80 -27.32
N LEU T 30 0.99 -78.75 -26.14
CA LEU T 30 0.58 -79.99 -25.50
C LEU T 30 -0.56 -80.66 -26.26
N CYS T 31 -1.53 -79.87 -26.69
CA CYS T 31 -2.61 -80.40 -27.51
C CYS T 31 -2.07 -80.94 -28.83
N ALA T 32 -1.04 -80.29 -29.37
CA ALA T 32 -0.39 -80.82 -30.55
C ALA T 32 0.34 -82.12 -30.25
N GLN T 33 0.99 -82.21 -29.10
CA GLN T 33 1.71 -83.42 -28.75
C GLN T 33 0.76 -84.56 -28.44
N ILE T 34 -0.37 -84.29 -27.80
CA ILE T 34 -1.33 -85.34 -27.53
C ILE T 34 -1.97 -85.84 -28.82
N LEU T 35 -2.30 -84.91 -29.74
CA LEU T 35 -2.81 -85.32 -31.04
C LEU T 35 -1.75 -86.03 -31.86
N LEU T 36 -0.48 -85.67 -31.69
CA LEU T 36 0.57 -86.35 -32.43
C LEU T 36 0.83 -87.74 -31.86
N LEU T 37 0.78 -87.88 -30.54
CA LEU T 37 1.02 -89.17 -29.94
C LEU T 37 -0.15 -90.11 -30.07
N ALA T 38 -1.38 -89.58 -30.08
CA ALA T 38 -2.54 -90.43 -30.27
C ALA T 38 -2.65 -90.88 -31.72
N ALA T 39 -2.15 -90.10 -32.66
CA ALA T 39 -2.11 -90.52 -34.05
C ALA T 39 -0.97 -91.49 -34.31
N GLU T 40 0.12 -91.38 -33.57
CA GLU T 40 1.26 -92.27 -33.75
C GLU T 40 0.96 -93.67 -33.24
N ASP T 41 0.44 -93.77 -32.03
CA ASP T 41 -0.04 -95.04 -31.51
C ASP T 41 -1.20 -94.74 -30.58
N ALA T 42 -2.34 -95.33 -30.88
CA ALA T 42 -3.58 -94.98 -30.20
C ALA T 42 -3.88 -95.90 -29.03
N SER T 43 -2.91 -96.69 -28.58
CA SER T 43 -3.16 -97.65 -27.53
C SER T 43 -2.15 -97.55 -26.39
N LYS T 44 -1.04 -96.86 -26.60
CA LYS T 44 -0.04 -96.70 -25.56
C LYS T 44 -0.36 -95.46 -24.73
N ASP T 45 0.01 -95.51 -23.47
CA ASP T 45 -0.28 -94.41 -22.57
C ASP T 45 0.62 -93.23 -22.86
N ILE T 46 0.09 -92.04 -22.67
CA ILE T 46 0.87 -90.81 -22.73
C ILE T 46 1.11 -90.36 -21.31
N SER T 47 2.37 -90.16 -20.96
CA SER T 47 2.74 -89.70 -19.63
C SER T 47 2.90 -88.20 -19.64
N LEU T 48 2.01 -87.51 -18.95
CA LEU T 48 2.04 -86.06 -18.88
C LEU T 48 2.54 -85.66 -17.51
N TYR T 49 3.73 -85.07 -17.44
CA TYR T 49 4.27 -84.71 -16.14
C TYR T 49 3.98 -83.25 -15.87
N ILE T 50 3.32 -82.98 -14.76
CA ILE T 50 2.84 -81.65 -14.42
C ILE T 50 3.84 -81.03 -13.47
N ASN T 51 4.50 -79.97 -13.88
CA ASN T 51 5.22 -79.09 -12.97
C ASN T 51 4.74 -77.69 -13.33
N SER T 52 3.58 -77.32 -12.80
CA SER T 52 2.93 -76.15 -13.33
C SER T 52 2.37 -75.29 -12.21
N PRO T 53 2.56 -73.98 -12.28
CA PRO T 53 1.86 -73.07 -11.36
C PRO T 53 0.43 -72.77 -11.77
N GLY T 54 -0.12 -73.49 -12.74
CA GLY T 54 -1.44 -73.22 -13.25
C GLY T 54 -1.39 -72.16 -14.31
N GLY T 55 -2.55 -71.88 -14.87
CA GLY T 55 -2.61 -70.85 -15.89
C GLY T 55 -4.02 -70.59 -16.34
N SER T 56 -4.18 -70.40 -17.65
CA SER T 56 -5.46 -70.03 -18.20
C SER T 56 -6.44 -71.19 -18.13
N ILE T 57 -7.70 -70.88 -17.82
CA ILE T 57 -8.73 -71.91 -17.75
C ILE T 57 -8.96 -72.50 -19.14
N SER T 58 -9.12 -71.62 -20.13
CA SER T 58 -9.42 -72.08 -21.48
C SER T 58 -8.25 -72.77 -22.14
N ALA T 59 -7.03 -72.39 -21.76
CA ALA T 59 -5.86 -73.13 -22.22
C ALA T 59 -5.82 -74.51 -21.62
N GLY T 60 -6.12 -74.63 -20.33
CA GLY T 60 -6.16 -75.92 -19.70
C GLY T 60 -7.37 -76.75 -20.10
N MET T 61 -8.48 -76.09 -20.43
CA MET T 61 -9.61 -76.82 -20.97
C MET T 61 -9.33 -77.33 -22.37
N ALA T 62 -8.45 -76.67 -23.12
CA ALA T 62 -8.01 -77.20 -24.39
C ALA T 62 -7.19 -78.47 -24.20
N ILE T 63 -6.29 -78.46 -23.21
CA ILE T 63 -5.50 -79.64 -22.88
C ILE T 63 -6.39 -80.75 -22.36
N TYR T 64 -7.31 -80.40 -21.46
CA TYR T 64 -8.21 -81.39 -20.88
C TYR T 64 -9.11 -82.04 -21.91
N ASP T 65 -9.61 -81.27 -22.87
CA ASP T 65 -10.38 -81.86 -23.94
C ASP T 65 -9.51 -82.71 -24.84
N THR T 66 -8.27 -82.32 -25.05
CA THR T 66 -7.40 -83.14 -25.88
C THR T 66 -6.98 -84.40 -25.15
N MET T 67 -6.86 -84.33 -23.83
CA MET T 67 -6.60 -85.51 -23.02
C MET T 67 -7.76 -86.49 -23.06
N VAL T 68 -8.99 -85.99 -23.01
CA VAL T 68 -10.14 -86.87 -22.97
C VAL T 68 -10.43 -87.45 -24.34
N LEU T 69 -10.36 -86.63 -25.38
CA LEU T 69 -10.70 -87.14 -26.70
C LEU T 69 -9.58 -87.93 -27.34
N ALA T 70 -8.41 -87.97 -26.72
CA ALA T 70 -7.39 -88.87 -27.19
C ALA T 70 -7.78 -90.30 -26.83
N PRO T 71 -7.59 -91.25 -27.75
CA PRO T 71 -7.86 -92.66 -27.39
C PRO T 71 -6.86 -93.22 -26.41
N CYS T 72 -5.71 -92.58 -26.27
CA CYS T 72 -4.71 -92.99 -25.29
C CYS T 72 -5.19 -92.66 -23.88
N ASP T 73 -4.68 -93.39 -22.90
CA ASP T 73 -4.86 -93.03 -21.50
C ASP T 73 -3.76 -92.06 -21.13
N ILE T 74 -4.14 -90.86 -20.70
CA ILE T 74 -3.15 -89.86 -20.32
C ILE T 74 -2.80 -90.11 -18.86
N ALA T 75 -1.62 -90.66 -18.61
CA ALA T 75 -1.14 -90.80 -17.25
C ALA T 75 -0.57 -89.47 -16.81
N THR T 76 -1.06 -88.93 -15.71
CA THR T 76 -0.54 -87.66 -15.25
C THR T 76 0.32 -87.84 -14.01
N TYR T 77 1.28 -86.94 -13.87
CA TYR T 77 2.30 -87.03 -12.84
C TYR T 77 2.49 -85.66 -12.23
N ALA T 78 2.10 -85.51 -10.98
CA ALA T 78 2.40 -84.30 -10.25
C ALA T 78 3.88 -84.30 -9.93
N MET T 79 4.63 -83.45 -10.58
CA MET T 79 6.08 -83.43 -10.48
C MET T 79 6.45 -82.10 -9.82
N GLY T 80 6.50 -82.07 -8.52
CA GLY T 80 6.87 -80.85 -7.83
C GLY T 80 5.74 -79.90 -7.51
N MET T 81 4.96 -79.53 -8.52
CA MET T 81 3.91 -78.55 -8.34
C MET T 81 2.79 -78.79 -9.33
N ALA T 82 1.57 -78.84 -8.83
CA ALA T 82 0.39 -78.87 -9.69
C ALA T 82 -0.59 -77.87 -9.08
N ALA T 83 -0.38 -76.60 -9.41
CA ALA T 83 -1.23 -75.56 -8.83
C ALA T 83 -2.28 -75.15 -9.84
N SER T 84 -3.49 -74.86 -9.39
CA SER T 84 -4.51 -74.32 -10.32
C SER T 84 -4.69 -75.25 -11.52
N MET T 85 -4.58 -74.70 -12.72
CA MET T 85 -4.80 -75.51 -13.93
C MET T 85 -3.81 -76.68 -13.91
N GLY T 86 -2.75 -76.60 -13.10
CA GLY T 86 -1.87 -77.75 -13.07
C GLY T 86 -2.45 -78.90 -12.27
N GLU T 87 -3.16 -78.59 -11.19
CA GLU T 87 -3.86 -79.64 -10.46
C GLU T 87 -5.07 -80.12 -11.23
N PHE T 88 -5.64 -79.27 -12.06
CA PHE T 88 -6.81 -79.65 -12.82
C PHE T 88 -6.45 -80.70 -13.84
N LEU T 89 -5.40 -80.44 -14.61
CA LEU T 89 -4.92 -81.38 -15.61
C LEU T 89 -4.29 -82.60 -14.99
N LEU T 90 -3.72 -82.48 -13.79
CA LEU T 90 -3.29 -83.63 -13.02
C LEU T 90 -4.46 -84.54 -12.70
N ALA T 91 -5.51 -83.98 -12.11
CA ALA T 91 -6.69 -84.73 -11.77
C ALA T 91 -7.51 -85.12 -12.98
N ALA T 92 -7.24 -84.51 -14.13
CA ALA T 92 -7.90 -84.84 -15.37
C ALA T 92 -7.32 -86.06 -16.06
N GLY T 93 -6.29 -86.67 -15.49
CA GLY T 93 -5.74 -87.87 -16.06
C GLY T 93 -6.69 -89.04 -15.98
N THR T 94 -6.29 -90.12 -16.61
CA THR T 94 -7.07 -91.35 -16.57
C THR T 94 -7.09 -91.88 -15.14
N LYS T 95 -8.28 -92.27 -14.69
CA LYS T 95 -8.44 -92.83 -13.36
C LYS T 95 -7.63 -94.10 -13.23
N GLY T 96 -6.89 -94.20 -12.13
CA GLY T 96 -5.89 -95.23 -11.98
C GLY T 96 -4.53 -94.85 -12.48
N LYS T 97 -4.42 -93.75 -13.22
CA LYS T 97 -3.15 -93.36 -13.81
C LYS T 97 -2.79 -91.93 -13.45
N ARG T 98 -3.37 -91.38 -12.39
CA ARG T 98 -3.01 -90.07 -11.93
C ARG T 98 -2.04 -90.23 -10.78
N TYR T 99 -0.82 -89.78 -10.97
CA TYR T 99 0.23 -90.04 -10.00
C TYR T 99 0.72 -88.74 -9.39
N ALA T 100 1.14 -88.81 -8.15
CA ALA T 100 1.88 -87.73 -7.52
C ALA T 100 3.24 -88.26 -7.16
N LEU T 101 4.27 -87.53 -7.53
CA LEU T 101 5.57 -87.86 -7.01
C LEU T 101 5.58 -87.44 -5.54
N PRO T 102 6.32 -88.14 -4.66
CA PRO T 102 6.02 -88.10 -3.23
C PRO T 102 6.21 -86.75 -2.54
N HIS T 103 6.85 -85.80 -3.19
CA HIS T 103 7.03 -84.48 -2.63
C HIS T 103 6.45 -83.41 -3.51
N ALA T 104 5.57 -83.79 -4.44
CA ALA T 104 4.81 -82.80 -5.17
C ALA T 104 3.77 -82.19 -4.27
N ARG T 105 3.46 -80.94 -4.53
CA ARG T 105 2.47 -80.21 -3.77
C ARG T 105 1.40 -79.75 -4.73
N ILE T 106 0.15 -79.97 -4.36
CA ILE T 106 -0.99 -79.68 -5.21
C ILE T 106 -1.72 -78.50 -4.61
N LEU T 107 -1.85 -77.43 -5.39
CA LEU T 107 -2.56 -76.24 -4.97
C LEU T 107 -3.90 -76.19 -5.67
N MET T 108 -4.97 -76.13 -4.90
CA MET T 108 -6.31 -76.05 -5.42
C MET T 108 -6.94 -74.72 -5.00
N HIS T 109 -7.42 -73.97 -5.98
CA HIS T 109 -8.08 -72.68 -5.66
C HIS T 109 -9.03 -72.28 -6.78
N GLN T 110 -10.06 -71.53 -6.44
CA GLN T 110 -11.01 -70.98 -7.40
C GLN T 110 -10.28 -70.16 -8.45
N PRO T 111 -10.85 -69.99 -9.63
CA PRO T 111 -10.12 -69.27 -10.69
C PRO T 111 -9.96 -67.80 -10.38
N LEU T 112 -8.85 -67.25 -10.86
CA LEU T 112 -8.57 -65.83 -10.78
C LEU T 112 -8.90 -65.21 -12.12
N GLY T 113 -9.14 -63.92 -12.10
CA GLY T 113 -9.47 -63.22 -13.33
C GLY T 113 -9.36 -61.74 -13.17
N GLY T 114 -10.16 -61.03 -13.94
CA GLY T 114 -10.20 -59.59 -13.83
C GLY T 114 -11.43 -59.04 -14.50
N VAL T 115 -12.13 -58.18 -13.80
CA VAL T 115 -13.26 -57.47 -14.39
C VAL T 115 -12.77 -56.13 -14.89
N THR T 116 -13.30 -55.70 -16.03
CA THR T 116 -12.92 -54.44 -16.63
C THR T 116 -14.04 -53.97 -17.54
N GLY T 117 -14.01 -52.70 -17.86
CA GLY T 117 -14.96 -52.14 -18.80
C GLY T 117 -16.18 -51.59 -18.09
N SER T 118 -17.24 -51.47 -18.87
CA SER T 118 -18.46 -50.86 -18.37
C SER T 118 -19.22 -51.85 -17.49
N ALA T 119 -20.29 -51.36 -16.87
CA ALA T 119 -21.04 -52.20 -15.96
C ALA T 119 -21.86 -53.25 -16.68
N ALA T 120 -22.14 -53.07 -17.96
CA ALA T 120 -22.78 -54.12 -18.74
C ALA T 120 -21.78 -55.15 -19.20
N ASP T 121 -20.53 -54.74 -19.44
CA ASP T 121 -19.46 -55.70 -19.71
C ASP T 121 -19.15 -56.54 -18.49
N ILE T 122 -19.03 -55.89 -17.33
CA ILE T 122 -18.65 -56.58 -16.11
C ILE T 122 -19.76 -57.51 -15.64
N ALA T 123 -21.01 -57.15 -15.91
CA ALA T 123 -22.12 -58.03 -15.56
C ALA T 123 -22.11 -59.30 -16.40
N ILE T 124 -21.57 -59.21 -17.62
CA ILE T 124 -21.46 -60.39 -18.48
C ILE T 124 -20.21 -61.18 -18.15
N GLN T 125 -19.13 -60.50 -17.77
CA GLN T 125 -17.96 -61.20 -17.25
C GLN T 125 -18.28 -61.93 -15.96
N ALA T 126 -19.13 -61.34 -15.12
CA ALA T 126 -19.51 -61.99 -13.87
C ALA T 126 -20.39 -63.19 -14.10
N GLU T 127 -21.29 -63.12 -15.08
CA GLU T 127 -22.08 -64.29 -15.43
C GLU T 127 -21.19 -65.37 -15.97
N GLN T 128 -20.17 -65.00 -16.73
CA GLN T 128 -19.28 -65.99 -17.28
C GLN T 128 -18.27 -66.47 -16.26
N PHE T 129 -17.92 -65.63 -15.28
CA PHE T 129 -17.09 -66.12 -14.19
C PHE T 129 -17.84 -67.12 -13.34
N ALA T 130 -19.15 -66.94 -13.19
CA ALA T 130 -19.95 -67.91 -12.46
C ALA T 130 -20.11 -69.20 -13.25
N VAL T 131 -20.07 -69.13 -14.58
CA VAL T 131 -20.15 -70.34 -15.40
C VAL T 131 -18.83 -71.10 -15.34
N ILE T 132 -17.71 -70.39 -15.45
CA ILE T 132 -16.40 -71.02 -15.41
C ILE T 132 -16.14 -71.63 -14.05
N LYS T 133 -16.48 -70.90 -12.98
CA LYS T 133 -16.26 -71.38 -11.63
C LYS T 133 -17.14 -72.57 -11.31
N LYS T 134 -18.36 -72.60 -11.85
CA LYS T 134 -19.22 -73.77 -11.63
C LYS T 134 -18.72 -74.96 -12.43
N GLU T 135 -18.18 -74.73 -13.62
CA GLU T 135 -17.72 -75.83 -14.45
C GLU T 135 -16.39 -76.37 -13.97
N MET T 136 -15.49 -75.48 -13.51
CA MET T 136 -14.24 -75.92 -12.92
C MET T 136 -14.48 -76.71 -11.64
N PHE T 137 -15.46 -76.30 -10.84
CA PHE T 137 -15.73 -77.03 -9.63
C PHE T 137 -16.47 -78.32 -9.90
N ARG T 138 -17.28 -78.36 -10.97
CA ARG T 138 -17.95 -79.59 -11.33
C ARG T 138 -16.96 -80.64 -11.80
N LEU T 139 -15.95 -80.22 -12.54
CA LEU T 139 -14.98 -81.17 -13.04
C LEU T 139 -14.01 -81.62 -11.96
N ASN T 140 -13.58 -80.71 -11.08
CA ASN T 140 -12.82 -81.12 -9.91
C ASN T 140 -13.62 -82.02 -8.98
N ALA T 141 -14.94 -81.84 -8.92
CA ALA T 141 -15.74 -82.78 -8.15
C ALA T 141 -15.86 -84.11 -8.88
N GLU T 142 -15.79 -84.09 -10.21
CA GLU T 142 -15.82 -85.32 -10.98
C GLU T 142 -14.48 -86.05 -10.89
N PHE T 143 -13.39 -85.29 -10.92
CA PHE T 143 -12.06 -85.87 -10.90
C PHE T 143 -11.77 -86.49 -9.55
N THR T 144 -11.87 -85.67 -8.50
CA THR T 144 -11.53 -86.11 -7.16
C THR T 144 -12.57 -87.02 -6.56
N GLY T 145 -13.80 -86.99 -7.07
CA GLY T 145 -14.86 -87.73 -6.42
C GLY T 145 -15.42 -87.06 -5.19
N GLN T 146 -14.99 -85.83 -4.92
CA GLN T 146 -15.51 -85.08 -3.80
C GLN T 146 -16.85 -84.48 -4.19
N PRO T 147 -17.69 -84.12 -3.23
CA PRO T 147 -18.88 -83.35 -3.56
C PRO T 147 -18.51 -81.97 -4.07
N ILE T 148 -19.35 -81.41 -4.93
CA ILE T 148 -19.09 -80.08 -5.47
C ILE T 148 -19.21 -79.01 -4.39
N GLU T 149 -19.92 -79.31 -3.30
CA GLU T 149 -19.98 -78.39 -2.17
C GLU T 149 -18.65 -78.35 -1.43
N ARG T 150 -17.95 -79.48 -1.36
CA ARG T 150 -16.64 -79.49 -0.72
C ARG T 150 -15.59 -78.89 -1.61
N ILE T 151 -15.67 -79.12 -2.92
CA ILE T 151 -14.77 -78.50 -3.88
C ILE T 151 -14.91 -76.99 -3.84
N GLU T 152 -16.14 -76.49 -3.77
CA GLU T 152 -16.35 -75.05 -3.71
C GLU T 152 -15.89 -74.48 -2.38
N ALA T 153 -16.05 -75.24 -1.29
CA ALA T 153 -15.62 -74.77 0.01
C ALA T 153 -14.10 -74.77 0.14
N ASP T 154 -13.44 -75.78 -0.41
CA ASP T 154 -11.99 -75.85 -0.29
C ASP T 154 -11.31 -74.91 -1.26
N SER T 155 -11.87 -74.74 -2.46
CA SER T 155 -11.36 -73.75 -3.40
C SER T 155 -12.02 -72.40 -3.18
N ASP T 156 -11.95 -71.90 -1.96
CA ASP T 156 -12.32 -70.53 -1.68
C ASP T 156 -11.07 -69.68 -1.67
N ARG T 157 -10.12 -70.03 -0.84
CA ARG T 157 -8.77 -69.51 -0.87
C ARG T 157 -7.88 -70.59 -1.45
N ASP T 158 -6.57 -70.38 -1.38
CA ASP T 158 -5.63 -71.44 -1.70
C ASP T 158 -5.80 -72.62 -0.77
N ARG T 159 -5.84 -73.82 -1.33
CA ARG T 159 -5.97 -75.04 -0.57
C ARG T 159 -4.85 -75.96 -1.00
N TRP T 160 -3.83 -76.06 -0.16
CA TRP T 160 -2.64 -76.82 -0.51
C TRP T 160 -2.78 -78.27 -0.08
N PHE T 161 -2.15 -79.13 -0.85
CA PHE T 161 -2.15 -80.55 -0.61
C PHE T 161 -0.72 -81.05 -0.72
N THR T 162 -0.36 -81.99 0.12
CA THR T 162 0.84 -82.77 -0.12
C THR T 162 0.47 -83.89 -1.08
N ALA T 163 1.40 -84.78 -1.37
CA ALA T 163 1.07 -85.90 -2.22
C ALA T 163 0.13 -86.87 -1.50
N ALA T 164 0.28 -87.01 -0.19
CA ALA T 164 -0.58 -87.90 0.56
C ALA T 164 -1.95 -87.29 0.78
N GLU T 165 -2.03 -85.97 0.95
CA GLU T 165 -3.32 -85.32 1.08
C GLU T 165 -4.06 -85.29 -0.24
N ALA T 166 -3.34 -85.18 -1.35
CA ALA T 166 -3.98 -85.22 -2.65
C ALA T 166 -4.45 -86.61 -3.01
N LEU T 167 -3.78 -87.64 -2.47
CA LEU T 167 -4.24 -88.99 -2.66
C LEU T 167 -5.53 -89.24 -1.89
N GLU T 168 -5.64 -88.71 -0.68
CA GLU T 168 -6.86 -88.85 0.09
C GLU T 168 -7.99 -88.03 -0.50
N TYR T 169 -7.67 -86.89 -1.09
CA TYR T 169 -8.69 -86.00 -1.58
C TYR T 169 -9.21 -86.44 -2.94
N GLY T 170 -8.35 -87.03 -3.76
CA GLY T 170 -8.76 -87.63 -5.00
C GLY T 170 -8.12 -87.08 -6.24
N PHE T 171 -7.15 -86.18 -6.12
CA PHE T 171 -6.51 -85.65 -7.32
C PHE T 171 -5.67 -86.69 -8.01
N VAL T 172 -4.95 -87.49 -7.25
CA VAL T 172 -4.10 -88.52 -7.79
C VAL T 172 -4.62 -89.86 -7.31
N ASP T 173 -4.19 -90.91 -8.00
CA ASP T 173 -4.60 -92.25 -7.69
C ASP T 173 -3.51 -93.04 -7.01
N HIS T 174 -2.25 -92.68 -7.21
CA HIS T 174 -1.14 -93.35 -6.58
C HIS T 174 -0.08 -92.32 -6.25
N ILE T 175 0.76 -92.66 -5.29
CA ILE T 175 2.01 -91.95 -5.04
C ILE T 175 3.10 -92.95 -5.36
N ILE T 176 3.79 -92.76 -6.47
CA ILE T 176 4.79 -93.73 -6.87
C ILE T 176 6.05 -93.56 -6.06
N THR T 177 6.60 -94.67 -5.59
CA THR T 177 7.73 -94.69 -4.69
C THR T 177 8.61 -95.87 -5.04
N ARG T 178 9.74 -95.60 -5.67
CA ARG T 178 10.63 -96.63 -6.16
C ARG T 178 12.04 -96.40 -5.65
N MET U 1 -4.29 15.22 6.24
CA MET U 1 -4.60 14.81 7.60
C MET U 1 -4.63 15.99 8.56
N LYS U 2 -3.67 16.89 8.39
CA LYS U 2 -3.52 18.03 9.27
C LYS U 2 -4.67 19.02 9.08
N VAL U 3 -4.95 19.79 10.12
CA VAL U 3 -5.84 20.92 10.03
C VAL U 3 -5.09 22.13 10.58
N LEU U 4 -5.23 23.24 9.88
CA LEU U 4 -4.73 24.52 10.31
C LEU U 4 -5.90 25.28 10.92
N ILE U 5 -5.67 25.81 12.13
CA ILE U 5 -6.77 26.42 12.94
C ILE U 5 -7.00 27.91 12.63
N LEU U 6 -6.34 28.43 11.61
CA LEU U 6 -6.55 29.86 11.24
C LEU U 6 -6.54 30.71 12.51
N ALA U 7 -7.26 31.82 12.52
CA ALA U 7 -7.32 32.73 13.68
C ALA U 7 -8.15 33.95 13.28
N CYS U 8 -9.46 33.90 13.49
CA CYS U 8 -10.36 35.00 13.05
C CYS U 8 -10.09 36.26 13.88
N LEU U 9 -9.24 37.16 13.39
CA LEU U 9 -9.01 38.42 14.07
C LEU U 9 -10.30 39.22 14.17
N VAL U 10 -10.61 39.70 15.38
CA VAL U 10 -11.80 40.50 15.61
C VAL U 10 -11.42 41.97 15.53
N ALA U 11 -12.36 42.84 15.17
CA ALA U 11 -12.13 44.27 15.15
C ALA U 11 -12.40 44.83 16.53
N LEU U 12 -11.34 45.27 17.22
CA LEU U 12 -11.46 45.77 18.58
C LEU U 12 -10.74 47.11 18.64
N ALA U 13 -11.47 48.13 19.10
CA ALA U 13 -10.92 49.48 19.13
C ALA U 13 -11.26 50.12 20.46
N LEU U 14 -10.48 51.14 20.82
CA LEU U 14 -10.75 51.89 22.05
C LEU U 14 -12.02 52.72 21.88
N ALA U 15 -12.58 53.15 23.01
CA ALA U 15 -13.85 53.85 23.01
C ALA U 15 -13.71 55.23 22.38
N ARG U 16 -14.79 55.72 21.80
CA ARG U 16 -14.72 56.95 21.05
C ARG U 16 -14.72 58.15 21.98
N GLU U 17 -13.80 59.08 21.72
CA GLU U 17 -13.89 60.42 22.27
C GLU U 17 -15.11 61.09 21.68
N LEU U 18 -15.81 61.89 22.48
CA LEU U 18 -16.98 62.56 21.93
C LEU U 18 -16.74 64.06 21.90
N GLU U 19 -17.51 64.74 21.08
CA GLU U 19 -17.48 66.18 21.08
C GLU U 19 -18.76 66.68 21.73
N GLU U 20 -18.62 67.73 22.53
CA GLU U 20 -19.63 68.13 23.48
C GLU U 20 -20.50 69.20 22.86
N LEU U 21 -21.75 69.28 23.29
CA LEU U 21 -22.60 70.41 22.98
C LEU U 21 -22.65 71.29 24.21
N ASN U 22 -22.45 72.58 24.04
CA ASN U 22 -22.34 73.50 25.16
C ASN U 22 -23.74 74.02 25.49
N VAL U 23 -24.05 74.09 26.77
CA VAL U 23 -25.22 74.81 27.26
C VAL U 23 -24.72 75.84 28.28
N PRO U 24 -24.84 77.14 28.01
CA PRO U 24 -24.23 78.22 28.81
C PRO U 24 -24.81 78.39 30.22
PG ATP V . -37.88 55.17 5.20
O1G ATP V . -36.75 55.64 4.31
O2G ATP V . -37.56 53.89 5.92
O3G ATP V . -38.37 56.25 6.13
PB ATP V . -40.58 54.30 4.56
O1B ATP V . -40.50 52.82 4.77
O2B ATP V . -41.18 55.17 5.61
O3B ATP V . -39.12 54.84 4.24
PA ATP V . -42.17 55.83 2.68
O1A ATP V . -43.37 55.96 3.54
O2A ATP V . -41.26 57.00 2.53
O3A ATP V . -41.32 54.57 3.17
O5' ATP V . -42.61 55.31 1.23
C5' ATP V . -41.69 55.47 0.12
C4' ATP V . -42.46 55.89 -1.10
O4' ATP V . -43.47 54.89 -1.37
C3' ATP V . -43.22 57.22 -1.00
O3' ATP V . -43.30 57.84 -2.27
C2' ATP V . -44.59 56.76 -0.53
O2' ATP V . -45.63 57.69 -0.80
C1' ATP V . -44.75 55.49 -1.36
N9 ATP V . -45.67 54.51 -0.79
C8 ATP V . -45.40 53.54 0.13
N7 ATP V . -46.46 52.82 0.42
C5 ATP V . -47.46 53.33 -0.37
C6 ATP V . -48.82 52.99 -0.53
N6 ATP V . -49.42 52.02 0.13
N1 ATP V . -49.55 53.72 -1.40
C2 ATP V . -48.94 54.72 -2.06
N3 ATP V . -47.68 55.12 -2.01
C4 ATP V . -46.99 54.38 -1.12
PG ATP W . -5.65 27.00 -19.10
O1G ATP W . -6.05 25.68 -19.66
O2G ATP W . -6.51 27.39 -17.93
O3G ATP W . -4.19 27.09 -18.79
PB ATP W . -7.05 28.21 -21.40
O1B ATP W . -7.31 26.87 -22.00
O2B ATP W . -8.17 28.98 -20.83
O3B ATP W . -5.90 28.05 -20.30
PA ATP W . -6.14 30.71 -22.59
O1A ATP W . -5.70 31.21 -21.25
O2A ATP W . -7.36 31.30 -23.20
O3A ATP W . -6.32 29.13 -22.48
O5' ATP W . -4.92 30.80 -23.62
C5' ATP W . -3.94 31.86 -23.52
C4' ATP W . -3.97 32.71 -24.76
O4' ATP W . -3.79 31.88 -25.94
C3' ATP W . -5.27 33.47 -25.03
O3' ATP W . -5.36 34.68 -24.28
C2' ATP W . -5.13 33.72 -26.53
O2' ATP W . -4.22 34.75 -26.84
C1' ATP W . -4.61 32.37 -26.99
N9 ATP W . -5.65 31.38 -27.25
C8 ATP W . -5.81 30.16 -26.65
N7 ATP W . -6.84 29.50 -27.12
C5 ATP W . -7.41 30.35 -28.06
C6 ATP W . -8.52 30.23 -28.91
N6 ATP W . -9.32 29.17 -28.93
N1 ATP W . -8.79 31.27 -29.73
C2 ATP W . -7.98 32.34 -29.71
N3 ATP W . -6.90 32.55 -28.96
C4 ATP W . -6.66 31.51 -28.15
H5'1 ATP W . -3.04 31.47 -23.41
H5'2 ATP W . -4.12 32.42 -22.73
H4' ATP W . -3.24 33.36 -24.71
H3' ATP W . -6.06 32.90 -24.86
HO3' ATP W . -6.09 35.07 -24.47
H2' ATP W . -6.02 33.92 -26.94
HO2' ATP W . -4.14 34.82 -27.68
H1' ATP W . -4.07 32.49 -27.81
H8 ATP W . -5.24 29.82 -25.99
HN61 ATP W . -9.99 29.15 -29.49
HN62 ATP W . -9.17 28.50 -28.39
H2 ATP W . -8.21 33.03 -30.30
MG MG X . -40.05 56.97 6.23
MG MG Y . -7.32 29.93 -18.38
PG ATP Z . 21.17 26.47 -6.16
O1G ATP Z . 21.74 25.44 -5.21
O2G ATP Z . 20.27 25.88 -7.19
O3G ATP Z . 20.54 27.63 -5.43
PB ATP Z . 22.42 28.07 -8.22
O1B ATP Z . 22.52 27.26 -9.46
O2B ATP Z . 21.32 29.06 -8.05
O3B ATP Z . 22.42 27.09 -6.96
PA ATP Z . 24.23 30.13 -7.21
O1A ATP Z . 23.99 31.31 -8.08
O2A ATP Z . 23.58 30.09 -5.87
O3A ATP Z . 23.82 28.81 -8.02
O5' ATP Z . 25.80 29.87 -7.04
C5' ATP Z . 26.43 30.08 -5.76
C4' ATP Z . 27.51 31.12 -5.93
O4' ATP Z . 28.52 30.63 -6.83
C3' ATP Z . 27.06 32.46 -6.53
O3' ATP Z . 26.59 33.36 -5.53
C2' ATP Z . 28.34 32.94 -7.20
O2' ATP Z . 29.24 33.51 -6.27
C1' ATP Z . 28.88 31.63 -7.75
N9 ATP Z . 28.38 31.24 -9.07
C8 ATP Z . 27.66 30.12 -9.38
N7 ATP Z . 27.39 30.04 -10.66
C5 ATP Z . 27.95 31.16 -11.22
C6 ATP Z . 28.01 31.65 -12.54
N6 ATP Z . 27.45 31.03 -13.57
N1 ATP Z . 28.68 32.81 -12.75
C2 ATP Z . 29.23 33.42 -11.70
N3 ATP Z . 29.25 33.06 -10.42
C4 ATP Z . 28.58 31.91 -10.25
PG ATP AA . -13.20 61.61 -5.68
O1G ATP AA . -14.19 60.50 -5.45
O2G ATP AA . -13.70 62.93 -5.17
O3G ATP AA . -11.84 61.26 -5.19
PB ATP AA . -14.13 62.25 -8.37
O1B ATP AA . -14.70 61.02 -9.00
O2B ATP AA . -15.04 63.27 -7.78
O3B ATP AA . -13.06 61.81 -7.27
PA ATP AA . -13.10 64.50 -9.89
O1A ATP AA . -14.47 64.96 -10.30
O2A ATP AA . -12.38 65.27 -8.84
O3A ATP AA . -13.20 62.98 -9.45
O5' ATP AA . -12.19 64.38 -11.19
C5' ATP AA . -10.75 64.37 -11.04
C4' ATP AA . -10.14 65.14 -12.18
O4' ATP AA . -10.68 64.62 -13.43
C3' ATP AA . -10.45 66.64 -12.22
O3' ATP AA . -9.36 67.36 -12.80
C2' ATP AA . -11.68 66.70 -13.13
O2' ATP AA . -11.90 67.97 -13.70
C1' ATP AA . -11.28 65.66 -14.16
N9 ATP AA . -12.39 65.08 -14.90
C8 ATP AA . -13.15 64.00 -14.54
N7 ATP AA . -14.08 63.72 -15.43
C5 ATP AA . -13.90 64.67 -16.43
C6 ATP AA . -14.56 64.91 -17.65
N6 ATP AA . -15.58 64.19 -18.09
N1 ATP AA . -14.12 65.94 -18.40
C2 ATP AA . -13.10 66.68 -17.95
N3 ATP AA . -12.40 66.55 -16.83
C4 ATP AA . -12.86 65.51 -16.10
MG MG BA . -14.86 64.29 -5.93
MG MG CA . 19.87 29.25 -6.07
PG ATP DA . 25.03 12.50 19.49
O1G ATP DA . 24.48 11.13 19.82
O2G ATP DA . 25.89 12.51 18.24
O3G ATP DA . 24.02 13.62 19.57
PB ATP DA . 27.23 13.87 20.50
O1B ATP DA . 28.25 13.32 19.53
O2B ATP DA . 26.61 15.23 20.24
O3B ATP DA . 26.05 12.80 20.69
PA ATP DA . 27.91 15.27 22.82
O1A ATP DA . 28.83 16.24 22.11
O2A ATP DA . 26.48 15.68 23.09
O3A ATP DA . 27.90 13.91 21.97
O5' ATP DA . 28.60 14.85 24.21
C5' ATP DA . 27.97 13.99 25.14
C4' ATP DA . 28.76 14.06 26.44
O4' ATP DA . 30.05 13.49 26.23
C3' ATP DA . 28.95 15.51 26.85
O3' ATP DA . 28.54 15.69 28.22
C2' ATP DA . 30.43 15.78 26.72
O2' ATP DA . 30.93 16.38 27.92
C1' ATP DA . 31.10 14.43 26.49
N9 ATP DA . 31.98 14.48 25.30
C8 ATP DA . 31.83 13.71 24.21
N7 ATP DA . 32.79 13.97 23.29
C5 ATP DA . 33.59 14.91 23.80
C6 ATP DA . 34.80 15.65 23.34
N6 ATP DA . 35.36 15.39 22.14
N1 ATP DA . 35.33 16.56 24.18
C2 ATP DA . 34.78 16.82 25.39
N3 ATP DA . 33.68 16.20 25.87
C4 ATP DA . 33.05 15.25 25.13
PG ATP EA . 9.89 58.64 9.72
O1G ATP EA . 10.23 57.57 10.72
O2G ATP EA . 8.66 58.31 8.93
O3G ATP EA . 9.84 60.02 10.32
PB ATP EA . 11.70 59.86 7.79
O1B ATP EA . 12.28 59.29 6.55
O2B ATP EA . 10.69 60.95 7.71
O3B ATP EA . 11.10 58.67 8.68
PA ATP EA . 13.83 61.65 8.66
O1A ATP EA . 13.45 62.46 7.47
O2A ATP EA . 13.83 62.31 9.99
O3A ATP EA . 12.89 60.37 8.72
O5' ATP EA . 15.26 60.97 8.40
C5' ATP EA . 15.91 60.34 9.52
C4' ATP EA . 17.24 61.00 9.77
O4' ATP EA . 18.00 61.01 8.53
C3' ATP EA . 17.20 62.46 10.22
O3' ATP EA . 18.29 62.75 11.08
C2' ATP EA . 17.36 63.22 8.90
O2' ATP EA . 17.82 64.54 9.06
C1' ATP EA . 18.38 62.33 8.22
N9 ATP EA . 18.39 62.43 6.77
C8 ATP EA . 17.62 61.75 5.87
N7 ATP EA . 17.90 62.07 4.62
C5 ATP EA . 18.91 63.01 4.72
C6 ATP EA . 19.64 63.74 3.76
N6 ATP EA . 19.44 63.62 2.44
N1 ATP EA . 20.57 64.59 4.20
C2 ATP EA . 20.76 64.71 5.52
N3 ATP EA . 20.15 64.08 6.52
C4 ATP EA . 19.23 63.23 6.04
MG MG FA . 9.33 61.67 9.06
MG MG GA . 24.72 15.65 20.00
PG ATP HA . 8.92 44.22 33.98
O1G ATP HA . 8.10 43.03 34.37
O2G ATP HA . 9.37 44.18 32.56
O3G ATP HA . 8.26 45.52 34.35
PB ATP HA . 11.66 44.87 34.72
O1B ATP HA . 12.46 44.10 33.72
O2B ATP HA . 11.43 46.32 34.52
O3B ATP HA . 10.24 44.15 34.89
PA ATP HA . 12.21 45.51 37.50
O1A ATP HA . 12.85 46.83 37.24
O2A ATP HA . 10.81 45.47 38.02
O3A ATP HA . 12.29 44.64 36.17
O5' ATP HA . 13.15 44.66 38.48
C5' ATP HA . 12.57 43.58 39.24
C4' ATP HA . 13.22 43.53 40.60
O4' ATP HA . 14.65 43.35 40.42
C3' ATP HA . 13.09 44.79 41.46
O3' ATP HA . 13.08 44.44 42.84
C2' ATP HA . 14.37 45.56 41.11
O2' ATP HA . 14.74 46.50 42.09
C1' ATP HA . 15.36 44.39 41.03
N9 ATP HA . 16.53 44.66 40.23
C8 ATP HA . 16.67 44.48 38.87
N7 ATP HA . 17.87 44.79 38.45
C5 ATP HA . 18.55 45.21 39.58
C6 ATP HA . 19.86 45.68 39.79
N6 ATP HA . 20.76 45.81 38.82
N1 ATP HA . 20.21 46.00 41.06
C2 ATP HA . 19.30 45.87 42.03
N3 ATP HA . 18.04 45.44 41.95
C4 ATP HA . 17.73 45.13 40.69
PG ATP IA . 3.71 -4.50 31.23
O1G ATP IA . 3.46 -5.69 30.35
O2G ATP IA . 4.61 -3.47 30.58
O3G ATP IA . 2.43 -3.89 31.74
PB ATP IA . 4.88 -4.26 33.88
O1B ATP IA . 5.94 -5.04 34.57
O2B ATP IA . 5.08 -2.83 33.58
O3B ATP IA . 4.49 -5.02 32.53
PA ATP IA . 3.21 -4.10 36.26
O1A ATP IA . 4.08 -4.96 37.11
O2A ATP IA . 3.28 -2.63 36.47
O3A ATP IA . 3.52 -4.42 34.72
O5' ATP IA . 1.69 -4.58 36.39
C5' ATP IA . 0.97 -4.15 37.57
C4' ATP IA . 0.53 -5.35 38.37
O4' ATP IA . 1.67 -6.23 38.57
C3' ATP IA . 0.02 -5.05 39.79
O3' ATP IA . -0.94 -6.02 40.18
C2' ATP IA . 1.29 -5.19 40.61
O2' ATP IA . 1.04 -5.38 41.99
C1' ATP IA . 1.89 -6.43 39.94
N9 ATP IA . 3.31 -6.63 40.14
C8 ATP IA . 4.19 -7.07 39.20
N7 ATP IA . 5.42 -7.16 39.65
C5 ATP IA . 5.34 -6.77 40.97
C6 ATP IA . 6.29 -6.66 42.00
N6 ATP IA . 7.58 -6.95 41.82
N1 ATP IA . 5.87 -6.23 43.20
C2 ATP IA . 4.57 -5.96 43.36
N3 ATP IA . 3.58 -6.03 42.48
C4 ATP IA . 4.04 -6.44 41.29
MG MG JA . 3.72 -1.86 32.60
MG MG KA . 9.27 47.26 35.36
PB ADP LA . -14.84 31.43 45.36
O1B ADP LA . -13.82 30.33 45.15
O2B ADP LA . -14.28 32.79 45.08
O3B ADP LA . -16.13 31.16 44.66
PA ADP LA . -16.31 32.24 47.74
O1A ADP LA . -15.87 32.40 49.15
O2A ADP LA . -16.65 33.46 46.96
O3A ADP LA . -15.19 31.42 46.94
O5' ADP LA . -17.55 31.22 47.68
C5' ADP LA . -17.46 30.00 48.44
C4' ADP LA . -18.65 29.89 49.37
O4' ADP LA . -18.35 28.91 50.40
C3' ADP LA . -19.02 31.15 50.15
O3' ADP LA . -20.37 31.10 50.59
C2' ADP LA . -18.04 31.07 51.32
O2' ADP LA . -18.47 31.80 52.45
C1' ADP LA . -18.05 29.56 51.61
N9 ADP LA . -16.77 29.07 52.09
C8 ADP LA . -15.69 28.68 51.34
N7 ADP LA . -14.68 28.27 52.05
C5 ADP LA . -15.11 28.39 53.35
C6 ADP LA . -14.48 28.13 54.58
N6 ADP LA . -13.26 27.64 54.70
N1 ADP LA . -15.20 28.36 55.72
C2 ADP LA . -16.44 28.84 55.60
N3 ADP LA . -17.13 29.13 54.50
C4 ADP LA . -16.40 28.89 53.40
H5'1 ADP LA . -16.62 29.97 48.97
H5'2 ADP LA . -17.45 29.22 47.82
H4' ADP LA . -19.42 29.58 48.84
H3' ADP LA . -18.86 31.97 49.63
HO3' ADP LA . -20.50 30.38 51.02
H2' ADP LA . -17.14 31.36 51.04
HO2' ADP LA . -19.22 31.50 52.72
H1' ADP LA . -18.75 29.38 52.27
H8 ADP LA . -15.69 28.70 50.39
HN61 ADP LA . -12.88 27.24 54.02
HN62 ADP LA . -12.81 27.73 55.45
H2 ADP LA . -16.89 28.99 56.41
PB ADP MA . -30.01 -5.95 20.32
O1B ADP MA . -29.34 -6.68 21.45
O2B ADP MA . -29.24 -4.73 19.88
O3B ADP MA . -30.38 -6.85 19.17
PA ADP MA . -31.71 -4.23 21.96
O1A ADP MA . -31.05 -4.58 23.25
O2A ADP MA . -31.39 -2.92 21.31
O3A ADP MA . -31.40 -5.40 20.90
O5' ADP MA . -33.29 -4.36 22.12
C5' ADP MA . -33.91 -3.64 23.22
C4' ADP MA . -35.35 -3.34 22.87
O4' ADP MA . -36.12 -4.56 22.96
C3' ADP MA . -36.06 -2.36 23.81
O3' ADP MA . -37.18 -1.71 23.25
C2' ADP MA . -36.54 -3.30 24.93
O2' ADP MA . -37.70 -2.82 25.57
C1' ADP MA . -36.82 -4.60 24.19
N9 ADP MA . -36.38 -5.77 24.94
C8 ADP MA . -35.77 -6.90 24.44
N7 ADP MA . -35.49 -7.78 25.36
C5 ADP MA . -35.94 -7.21 26.54
C6 ADP MA . -35.93 -7.66 27.87
N6 ADP MA . -35.43 -8.83 28.25
N1 ADP MA . -36.46 -6.85 28.81
C2 ADP MA . -36.96 -5.67 28.42
N3 ADP MA . -37.03 -5.14 27.20
C4 ADP MA . -36.50 -5.97 26.29
H5'1 ADP MA . -33.43 -2.79 23.37
H5'2 ADP MA . -33.88 -4.18 24.05
H4' ADP MA . -35.39 -3.00 21.96
H3' ADP MA . -35.41 -1.70 24.17
HO3' ADP MA . -37.87 -2.17 23.40
H2' ADP MA . -35.82 -3.43 25.59
HO2' ADP MA . -37.60 -2.00 25.75
H1' ADP MA . -37.79 -4.67 24.02
H8 ADP MA . -35.57 -7.02 23.53
HN61 ADP MA . -35.47 -9.06 29.10
HN62 ADP MA . -35.06 -9.36 27.66
H2 ADP MA . -37.33 -5.14 29.10
PB ADP NA . -35.74 14.51 -5.89
O1B ADP NA . -37.19 14.33 -6.29
O2B ADP NA . -35.46 14.07 -4.47
O3B ADP NA . -34.78 13.91 -6.88
PA ADP NA . -34.50 17.04 -6.77
O1A ADP NA . -34.95 18.46 -6.62
O2A ADP NA . -33.10 16.71 -6.38
O3A ADP NA . -35.48 16.10 -5.92
O5' ADP NA . -34.77 16.55 -8.26
C5' ADP NA . -36.12 16.32 -8.72
C4' ADP NA . -36.37 17.12 -9.97
O4' ADP NA . -37.54 16.58 -10.65
C3' ADP NA . -36.70 18.61 -9.76
O3' ADP NA . -36.35 19.37 -10.90
C2' ADP NA . -38.20 18.56 -9.52
O2' ADP NA . -38.84 19.79 -9.80
C1' ADP NA . -38.63 17.48 -10.52
N9 ADP NA . -39.80 16.74 -10.10
C8 ADP NA . -41.10 17.10 -10.36
N7 ADP NA . -41.97 16.26 -9.86
C5 ADP NA . -41.21 15.29 -9.23
C6 ADP NA . -41.55 14.13 -8.53
N6 ADP NA . -42.81 13.74 -8.32
N1 ADP NA . -40.54 13.38 -8.03
C2 ADP NA . -39.28 13.78 -8.25
N3 ADP NA . -38.85 14.85 -8.90
C4 ADP NA . -39.86 15.57 -9.38
H5'1 ADP NA . -36.77 16.59 -8.02
H5'2 ADP NA . -36.25 15.36 -8.91
H4' ADP NA . -35.59 17.04 -10.56
H3' ADP NA . -36.22 18.94 -8.95
HO3' ADP NA . -36.32 18.86 -11.57
H2' ADP NA . -38.40 18.26 -8.60
HO2' ADP NA . -39.57 19.63 -10.21
H1' ADP NA . -38.80 17.92 -11.39
H8 ADP NA . -41.35 17.87 -10.85
HN61 ADP NA . -43.47 14.21 -8.65
HN62 ADP NA . -42.96 13.00 -7.87
H2 ADP NA . -38.61 13.22 -7.88
PB ADP OA . -41.70 39.80 30.48
O1B ADP OA . -41.62 38.85 31.64
O2B ADP OA . -41.00 41.10 30.73
O3B ADP OA . -41.29 39.16 29.17
PA ADP OA . -44.30 40.80 31.34
O1A ADP OA . -44.66 39.79 32.39
O2A ADP OA . -43.76 42.12 31.80
O3A ADP OA . -43.26 40.15 30.32
O5' ADP OA . -45.57 41.05 30.39
C5' ADP OA . -46.25 39.91 29.82
C4' ADP OA . -47.70 40.24 29.62
O4' ADP OA . -48.47 39.04 29.84
C3' ADP OA . -48.32 41.24 30.61
O3' ADP OA . -49.55 41.75 30.10
C2' ADP OA . -48.53 40.33 31.81
O2' ADP OA . -49.46 40.85 32.74
C1' ADP OA . -49.08 39.08 31.11
N9 ADP OA . -48.77 37.85 31.82
C8 ADP OA . -47.65 37.07 31.67
N7 ADP OA . -47.64 36.02 32.45
C5 ADP OA . -48.83 36.11 33.17
C6 ADP OA . -49.41 35.30 34.16
N6 ADP OA . -48.83 34.18 34.61
N1 ADP OA . -50.60 35.68 34.67
C2 ADP OA . -51.16 36.80 34.21
N3 ADP OA . -50.71 37.64 33.27
C4 ADP OA . -49.53 37.24 32.80
H5'1 ADP OA . -46.16 39.13 30.41
H5'2 ADP OA . -45.83 39.68 28.95
H4' ADP OA . -47.83 40.55 28.70
H3' ADP OA . -47.70 41.98 30.83
HO3' ADP OA . -49.40 42.12 29.36
H2' ADP OA . -47.67 40.13 32.26
HO2' ADP OA . -50.21 40.96 32.36
H1' ADP OA . -50.05 39.17 31.02
H8 ADP OA . -46.97 37.27 31.07
HN61 ADP OA . -49.24 33.71 35.23
HN62 ADP OA . -48.06 33.93 34.29
H2 ADP OA . -52.00 37.02 34.59
N1 BO2 PA . -12.82 -34.35 -29.90
C2 BO2 PA . -12.52 -33.76 -28.73
C3 BO2 PA . -12.79 -34.34 -27.51
N4 BO2 PA . -13.39 -35.53 -27.42
C5 BO2 PA . -13.71 -36.12 -28.57
C6 BO2 PA . -13.42 -35.53 -29.79
C7 BO2 PA . -11.84 -32.42 -28.81
O8 BO2 PA . -12.03 -31.57 -27.95
N9 BO2 PA . -11.00 -32.27 -29.83
C10 BO2 PA . -9.72 -31.63 -29.67
C11 BO2 PA . -8.61 -32.66 -29.42
C12 BO2 PA . -9.03 -33.81 -28.54
C13 BO2 PA . -8.91 -33.73 -27.17
C14 BO2 PA . -9.30 -34.79 -26.37
C15 BO2 PA . -9.81 -35.94 -26.93
C16 BO2 PA . -9.94 -36.03 -28.29
C17 BO2 PA . -9.55 -34.97 -29.10
C18 BO2 PA . -9.42 -30.81 -30.93
O19 BO2 PA . -9.14 -31.37 -31.99
N20 BO2 PA . -9.48 -29.49 -30.80
C21 BO2 PA . -10.13 -28.63 -31.78
C22 BO2 PA . -11.04 -27.62 -31.10
C23 BO2 PA . -12.39 -27.45 -31.77
C24 BO2 PA . -12.29 -26.51 -32.96
C25 BO2 PA . -12.92 -28.79 -32.22
B26 BO2 PA . -9.02 -27.93 -32.73
O27 BO2 PA . -9.55 -27.85 -34.13
O28 BO2 PA . -7.76 -28.73 -32.70
N1 BO2 QA . 7.71 -23.60 -36.95
C2 BO2 QA . 6.98 -23.34 -35.86
C3 BO2 QA . 5.76 -23.94 -35.63
N4 BO2 QA . 5.24 -24.83 -36.49
C5 BO2 QA . 5.97 -25.09 -37.57
C6 BO2 QA . 7.18 -24.48 -37.79
C7 BO2 QA . 7.53 -22.35 -34.88
O8 BO2 QA . 6.92 -22.07 -33.85
N9 BO2 QA . 8.69 -21.80 -35.22
C10 BO2 QA . 9.92 -22.20 -34.58
C11 BO2 QA . 10.03 -23.73 -34.49
C12 BO2 QA . 10.27 -24.21 -33.08
C13 BO2 QA . 11.36 -23.77 -32.36
C14 BO2 QA . 11.57 -24.21 -31.06
C15 BO2 QA . 10.70 -25.09 -30.48
C16 BO2 QA . 9.61 -25.54 -31.19
C17 BO2 QA . 9.39 -25.09 -32.49
C18 BO2 QA . 11.12 -21.62 -35.31
O19 BO2 QA . 11.60 -22.18 -36.29
N20 BO2 QA . 11.62 -20.48 -34.82
C21 BO2 QA . 12.43 -19.55 -35.58
C22 BO2 QA . 11.98 -18.12 -35.32
C23 BO2 QA . 12.11 -17.19 -36.52
C24 BO2 QA . 13.53 -16.65 -36.64
C25 BO2 QA . 11.71 -17.90 -37.79
B26 BO2 QA . 14.00 -19.79 -35.22
O27 BO2 QA . 14.82 -19.45 -36.42
O28 BO2 QA . 14.20 -21.22 -34.84
N1 BO2 RA . 29.21 -24.53 -26.69
C2 BO2 RA . 28.46 -24.00 -25.70
C3 BO2 RA . 27.13 -23.69 -25.88
N4 BO2 RA . 26.52 -23.90 -27.05
C5 BO2 RA . 27.25 -24.42 -28.02
C6 BO2 RA . 28.59 -24.73 -27.84
C7 BO2 RA . 29.12 -23.75 -24.38
O8 BO2 RA . 28.83 -22.78 -23.70
N9 BO2 RA . 30.02 -24.66 -24.01
C10 BO2 RA . 30.27 -24.94 -22.62
C11 BO2 RA . 29.46 -26.14 -22.14
C12 BO2 RA . 28.07 -26.17 -22.71
C13 BO2 RA . 27.04 -25.46 -22.12
C14 BO2 RA . 25.75 -25.48 -22.65
C15 BO2 RA . 25.50 -26.21 -23.79
C16 BO2 RA . 26.51 -26.92 -24.40
C17 BO2 RA . 27.79 -26.89 -23.86
C18 BO2 RA . 31.76 -25.17 -22.38
O19 BO2 RA . 32.21 -26.31 -22.27
N20 BO2 RA . 32.52 -24.07 -22.31
C21 BO2 RA . 33.00 -23.50 -21.07
C22 BO2 RA . 32.73 -22.01 -21.03
C23 BO2 RA . 33.96 -21.14 -21.18
C24 BO2 RA . 35.19 -21.86 -20.66
C25 BO2 RA . 34.15 -20.75 -22.64
B26 BO2 RA . 32.33 -24.18 -19.77
O27 BO2 RA . 32.72 -25.62 -19.67
O28 BO2 RA . 30.86 -24.07 -19.89
N1 BO2 SA . 35.52 -35.64 -6.54
C2 BO2 SA . 34.46 -34.85 -6.31
C3 BO2 SA . 33.88 -34.09 -7.31
N4 BO2 SA . 34.37 -34.07 -8.55
C5 BO2 SA . 35.42 -34.85 -8.77
C6 BO2 SA . 35.99 -35.62 -7.78
C7 BO2 SA . 33.90 -34.83 -4.92
O8 BO2 SA . 33.28 -33.85 -4.50
N9 BO2 SA . 34.08 -35.95 -4.21
C10 BO2 SA . 33.19 -36.34 -3.15
C11 BO2 SA . 32.02 -37.17 -3.68
C12 BO2 SA . 31.48 -36.64 -4.98
C13 BO2 SA . 30.56 -35.61 -5.00
C14 BO2 SA . 30.07 -35.11 -6.20
C15 BO2 SA . 30.49 -35.65 -7.39
C16 BO2 SA . 31.39 -36.68 -7.39
C17 BO2 SA . 31.89 -37.18 -6.19
C18 BO2 SA . 33.99 -37.12 -2.12
O19 BO2 SA . 34.12 -38.35 -2.22
N20 BO2 SA . 34.56 -36.41 -1.16
C21 BO2 SA . 34.45 -36.67 0.27
C22 BO2 SA . 34.53 -35.36 1.04
C23 BO2 SA . 35.87 -35.10 1.70
C24 BO2 SA . 36.24 -36.24 2.63
C25 BO2 SA . 36.95 -34.90 0.66
B26 BO2 SA . 33.11 -37.48 0.75
O27 BO2 SA . 32.82 -38.65 -0.13
O28 BO2 SA . 31.95 -36.55 0.75
N1 BO2 TA . 20.80 -49.34 9.57
C2 BO2 TA . 21.00 -48.20 8.92
C3 BO2 TA . 22.05 -48.02 8.04
N4 BO2 TA . 22.93 -48.99 7.80
C5 BO2 TA . 22.73 -50.13 8.45
C6 BO2 TA . 21.68 -50.31 9.32
C7 BO2 TA . 20.04 -47.08 9.16
O8 BO2 TA . 20.23 -45.96 8.69
N9 BO2 TA . 18.98 -47.40 9.91
C10 BO2 TA . 17.86 -48.14 9.38
C11 BO2 TA . 17.93 -48.22 7.85
C12 BO2 TA . 16.61 -47.87 7.22
C13 BO2 TA . 15.50 -48.70 7.39
C14 BO2 TA . 14.28 -48.38 6.81
C15 BO2 TA . 14.15 -47.22 6.05
C16 BO2 TA . 15.24 -46.40 5.88
C17 BO2 TA . 16.46 -46.72 6.46
C18 BO2 TA . 17.80 -49.54 9.98
O19 BO2 TA . 17.73 -50.52 9.25
N20 BO2 TA . 17.82 -49.61 11.30
C21 BO2 TA . 16.63 -49.64 12.15
C22 BO2 TA . 16.67 -48.49 13.13
C23 BO2 TA . 17.05 -48.87 14.55
C24 BO2 TA . 16.26 -50.08 15.01
C25 BO2 TA . 18.54 -49.16 14.64
B26 BO2 TA . 15.20 -49.65 11.33
O27 BO2 TA . 15.28 -50.53 10.13
O28 BO2 TA . 14.87 -48.25 10.94
N1 BO2 UA . -0.95 -54.63 6.48
C2 BO2 UA . -0.84 -53.29 6.45
C3 BO2 UA . 0.37 -52.65 6.63
N4 BO2 UA . 1.50 -53.34 6.85
C5 BO2 UA . 1.39 -54.67 6.88
C6 BO2 UA . 0.18 -55.29 6.69
C7 BO2 UA . -2.08 -52.50 6.22
O8 BO2 UA . -2.25 -51.42 6.76
N9 BO2 UA . -2.96 -53.03 5.38
C10 BO2 UA . -3.89 -52.24 4.64
C11 BO2 UA . -3.33 -51.80 3.28
C12 BO2 UA . -1.82 -51.63 3.29
C13 BO2 UA . -1.26 -50.41 3.59
C14 BO2 UA . 0.12 -50.26 3.61
C15 BO2 UA . 0.94 -51.32 3.32
C16 BO2 UA . 0.38 -52.55 3.03
C17 BO2 UA . -0.99 -52.70 3.01
C18 BO2 UA . -5.17 -53.04 4.44
O19 BO2 UA . -5.29 -53.79 3.47
N20 BO2 UA . -6.15 -52.85 5.32
C21 BO2 UA . -7.54 -52.75 4.92
C22 BO2 UA . -8.47 -53.00 6.12
C23 BO2 UA . -8.27 -52.09 7.33
C24 BO2 UA . -9.57 -51.92 8.09
C25 BO2 UA . -7.19 -52.63 8.25
B26 BO2 UA . -7.76 -51.32 4.16
O27 BO2 UA . -6.82 -51.21 3.00
O28 BO2 UA . -7.52 -50.19 5.10
N1 BO2 VA . -17.57 -46.45 -11.66
C2 BO2 VA . -16.53 -46.19 -10.87
C3 BO2 VA . -15.81 -47.19 -10.26
N4 BO2 VA . -16.12 -48.47 -10.42
C5 BO2 VA . -17.15 -48.73 -11.22
C6 BO2 VA . -17.87 -47.73 -11.83
C7 BO2 VA . -16.16 -44.75 -10.67
O8 BO2 VA . -15.42 -44.42 -9.73
N9 BO2 VA . -16.68 -43.89 -11.54
C10 BO2 VA . -16.28 -43.85 -12.94
C11 BO2 VA . -15.01 -44.68 -13.19
C12 BO2 VA . -13.76 -44.07 -12.61
C13 BO2 VA . -13.46 -42.73 -12.83
C14 BO2 VA . -12.30 -42.18 -12.29
C15 BO2 VA . -11.45 -42.96 -11.55
C16 BO2 VA . -11.74 -44.28 -11.33
C17 BO2 VA . -12.89 -44.84 -11.86
C18 BO2 VA . -17.43 -44.37 -13.79
O19 BO2 VA . -17.22 -45.12 -14.74
N20 BO2 VA . -18.65 -43.96 -13.45
C21 BO2 VA . -19.40 -42.94 -14.15
C22 BO2 VA . -20.09 -42.02 -13.15
C23 BO2 VA . -21.61 -42.13 -13.10
C24 BO2 VA . -22.19 -42.11 -14.50
C25 BO2 VA . -22.03 -43.39 -12.37
B26 BO2 VA . -18.52 -42.05 -15.20
O27 BO2 VA . -17.63 -42.91 -16.04
O28 BO2 VA . -17.72 -41.06 -14.44
N1 BO2 WA . -10.77 -53.13 -36.17
C2 BO2 WA . -10.62 -54.22 -36.94
C3 BO2 WA . -10.80 -54.18 -38.31
N4 BO2 WA . -11.13 -53.04 -38.94
C5 BO2 WA . -11.27 -51.97 -38.17
C6 BO2 WA . -11.09 -52.01 -36.81
C7 BO2 WA . -10.25 -55.50 -36.27
O8 BO2 WA . -9.43 -56.27 -36.78
N9 BO2 WA . -10.86 -55.72 -35.11
C10 BO2 WA . -10.63 -56.91 -34.34
C11 BO2 WA . -9.29 -56.87 -33.58
C12 BO2 WA . -8.55 -55.57 -33.72
C13 BO2 WA . -9.04 -54.40 -33.17
C14 BO2 WA . -8.35 -53.21 -33.30
C15 BO2 WA . -7.16 -53.17 -33.98
C16 BO2 WA . -6.66 -54.33 -34.54
C17 BO2 WA . -7.35 -55.52 -34.41
C18 BO2 WA . -11.76 -57.06 -33.33
O19 BO2 WA . -11.77 -56.36 -32.32
N20 BO2 WA . -12.69 -57.99 -33.57
C21 BO2 WA . -13.38 -58.65 -32.47
C22 BO2 WA . -14.76 -59.17 -32.87
C23 BO2 WA . -14.90 -59.89 -34.21
C24 BO2 WA . -13.66 -60.70 -34.56
C25 BO2 WA . -16.12 -60.80 -34.19
B26 BO2 WA . -12.42 -59.79 -31.81
O27 BO2 WA . -11.74 -59.24 -30.60
O28 BO2 WA . -11.38 -60.26 -32.78
N1 BO2 XA . 7.75 -42.15 -49.01
C2 BO2 XA . 6.96 -42.27 -47.95
C3 BO2 XA . 6.73 -41.22 -47.09
N4 BO2 XA . 7.27 -40.02 -47.30
C5 BO2 XA . 8.05 -39.90 -48.37
C6 BO2 XA . 8.29 -40.96 -49.22
C7 BO2 XA . 6.35 -43.62 -47.69
O8 BO2 XA . 7.05 -44.61 -47.58
N9 BO2 XA . 5.03 -43.63 -47.59
C10 BO2 XA . 4.35 -44.45 -46.61
C11 BO2 XA . 4.83 -44.10 -45.19
C12 BO2 XA . 5.80 -45.11 -44.64
C13 BO2 XA . 5.40 -46.41 -44.38
C14 BO2 XA . 6.30 -47.34 -43.88
C15 BO2 XA . 7.59 -46.97 -43.62
C16 BO2 XA . 8.01 -45.69 -43.87
C17 BO2 XA . 7.11 -44.76 -44.38
C18 BO2 XA . 2.84 -44.27 -46.69
O19 BO2 XA . 2.23 -43.79 -45.74
N20 BO2 XA . 2.23 -44.68 -47.80
C21 BO2 XA . 0.79 -44.92 -47.79
C22 BO2 XA . 0.14 -44.57 -49.16
C23 BO2 XA . 0.60 -45.33 -50.41
C24 BO2 XA . 1.45 -46.54 -50.07
C25 BO2 XA . -0.59 -45.74 -51.25
B26 BO2 XA . 0.44 -46.41 -47.21
O27 BO2 XA . 0.06 -46.30 -45.78
O28 BO2 XA . 1.62 -47.33 -47.31
N1 BO2 YA . 31.30 -40.35 -41.29
C2 BO2 YA . 30.05 -39.98 -41.04
C3 BO2 YA . 29.75 -38.84 -40.32
N4 BO2 YA . 30.69 -38.04 -39.84
C5 BO2 YA . 31.94 -38.42 -40.08
C6 BO2 YA . 32.25 -39.56 -40.79
C7 BO2 YA . 28.96 -40.85 -41.57
O8 BO2 YA . 29.13 -42.06 -41.74
N9 BO2 YA . 27.81 -40.23 -41.81
C10 BO2 YA . 26.82 -40.76 -42.71
C11 BO2 YA . 25.49 -40.99 -41.98
C12 BO2 YA . 25.71 -41.69 -40.67
C13 BO2 YA . 25.99 -40.98 -39.52
C14 BO2 YA . 26.21 -41.63 -38.31
C15 BO2 YA . 26.16 -43.00 -38.26
C16 BO2 YA . 25.89 -43.73 -39.40
C17 BO2 YA . 25.68 -43.08 -40.59
C18 BO2 YA . 26.64 -39.78 -43.85
O19 BO2 YA . 27.06 -38.63 -43.73
N20 BO2 YA . 26.05 -40.22 -44.95
C21 BO2 YA . 24.86 -39.59 -45.50
C22 BO2 YA . 25.18 -38.85 -46.81
C23 BO2 YA . 26.48 -39.27 -47.49
C24 BO2 YA . 26.81 -38.34 -48.64
C25 BO2 YA . 26.40 -40.70 -47.98
B26 BO2 YA . 23.70 -40.70 -45.67
O27 BO2 YA . 22.77 -40.65 -44.51
O28 BO2 YA . 24.32 -42.06 -45.75
N1 BO2 ZA . 41.75 -50.22 -21.26
C2 BO2 ZA . 40.87 -49.31 -21.70
C3 BO2 ZA . 40.56 -48.19 -20.96
N4 BO2 ZA . 41.11 -47.95 -19.78
C5 BO2 ZA . 41.98 -48.86 -19.35
C6 BO2 ZA . 42.29 -49.98 -20.08
C7 BO2 ZA . 40.24 -49.55 -23.03
O8 BO2 ZA . 40.07 -50.69 -23.46
N9 BO2 ZA . 39.87 -48.46 -23.68
C10 BO2 ZA . 39.68 -48.43 -25.10
C11 BO2 ZA . 38.25 -48.00 -25.45
C12 BO2 ZA . 37.24 -48.72 -24.59
C13 BO2 ZA . 36.86 -48.20 -23.37
C14 BO2 ZA . 35.94 -48.88 -22.57
C15 BO2 ZA . 35.43 -50.07 -22.99
C16 BO2 ZA . 35.81 -50.60 -24.19
C17 BO2 ZA . 36.72 -49.93 -24.98
C18 BO2 ZA . 40.70 -47.50 -25.71
O19 BO2 ZA . 41.26 -46.67 -25.00
N20 BO2 ZA . 40.93 -47.60 -27.01
C21 BO2 ZA . 40.77 -46.48 -27.94
C22 BO2 ZA . 42.13 -45.90 -28.31
C23 BO2 ZA . 43.30 -46.86 -28.29
C24 BO2 ZA . 43.12 -47.98 -29.30
C25 BO2 ZA . 44.61 -46.14 -28.56
B26 BO2 ZA . 39.90 -46.94 -29.23
O27 BO2 ZA . 38.48 -46.54 -29.06
O28 BO2 ZA . 40.00 -48.42 -29.40
N1 BO2 AB . 31.45 -64.33 -3.94
C2 BO2 AB . 31.58 -63.14 -4.50
C3 BO2 AB . 31.27 -61.97 -3.83
N4 BO2 AB . 30.82 -61.99 -2.57
C5 BO2 AB . 30.69 -63.19 -2.01
C6 BO2 AB . 30.99 -64.34 -2.69
C7 BO2 AB . 32.08 -63.08 -5.91
O8 BO2 AB . 31.58 -63.79 -6.78
N9 BO2 AB . 33.07 -62.23 -6.13
C10 BO2 AB . 33.13 -61.44 -7.34
C11 BO2 AB . 31.83 -60.66 -7.53
C12 BO2 AB . 31.01 -61.15 -8.70
C13 BO2 AB . 29.81 -61.80 -8.50
C14 BO2 AB . 29.07 -62.26 -9.57
C15 BO2 AB . 29.51 -62.07 -10.85
C16 BO2 AB . 30.70 -61.44 -11.07
C17 BO2 AB . 31.45 -60.98 -9.99
C18 BO2 AB . 34.30 -60.46 -7.29
O19 BO2 AB . 34.08 -59.25 -7.22
N20 BO2 AB . 35.52 -60.96 -7.37
C21 BO2 AB . 36.61 -60.15 -7.92
C22 BO2 AB . 37.96 -60.45 -7.26
C23 BO2 AB . 38.24 -61.89 -6.88
C24 BO2 AB . 38.33 -62.78 -8.12
C25 BO2 AB . 39.53 -61.99 -6.10
B26 BO2 AB . 36.65 -60.27 -9.55
O27 BO2 AB . 35.70 -59.29 -10.15
O28 BO2 AB . 36.28 -61.65 -9.97
N1 BO2 BB . 8.12 -72.05 -2.19
C2 BO2 BB . 8.94 -70.99 -2.15
C3 BO2 BB . 8.58 -69.80 -1.56
N4 BO2 BB . 7.39 -69.63 -0.99
C5 BO2 BB . 6.57 -70.68 -1.03
C6 BO2 BB . 6.92 -71.87 -1.62
C7 BO2 BB . 10.28 -71.15 -2.79
O8 BO2 BB . 10.42 -71.77 -3.84
N9 BO2 BB . 11.29 -70.57 -2.13
C10 BO2 BB . 12.65 -70.67 -2.59
C11 BO2 BB . 12.94 -69.71 -3.75
C12 BO2 BB . 11.83 -68.74 -4.04
C13 BO2 BB . 11.51 -67.74 -3.15
C14 BO2 BB . 10.48 -66.85 -3.41
C15 BO2 BB . 9.78 -66.95 -4.58
C16 BO2 BB . 10.09 -67.93 -5.49
C17 BO2 BB . 11.11 -68.82 -5.22
C18 BO2 BB . 13.58 -70.34 -1.44
O19 BO2 BB . 13.68 -69.19 -1.03
N20 BO2 BB . 14.33 -71.33 -0.95
C21 BO2 BB . 15.70 -71.08 -0.52
C22 BO2 BB . 16.15 -72.06 0.55
C23 BO2 BB . 15.47 -73.41 0.55
C24 BO2 BB . 16.02 -74.31 -0.55
C25 BO2 BB . 15.63 -74.09 1.90
B26 BO2 BB . 16.66 -71.02 -1.84
O27 BO2 BB . 16.48 -69.72 -2.54
O28 BO2 BB . 16.31 -72.14 -2.76
N1 BO2 CB . -10.57 -67.56 -17.55
C2 BO2 CB . -9.74 -67.10 -16.61
C3 BO2 CB . -10.02 -65.95 -15.90
N4 BO2 CB . -11.14 -65.25 -16.10
C5 BO2 CB . -11.95 -65.72 -17.04
C6 BO2 CB . -11.68 -66.86 -17.76
C7 BO2 CB . -8.48 -67.86 -16.36
O8 BO2 CB . -7.74 -68.20 -17.29
N9 BO2 CB . -8.21 -68.14 -15.09
C10 BO2 CB . -6.87 -68.15 -14.58
C11 BO2 CB . -6.24 -66.76 -14.71
C12 BO2 CB . -5.33 -66.63 -15.89
C13 BO2 CB . -5.65 -65.79 -16.94
C14 BO2 CB . -4.81 -65.67 -18.04
C15 BO2 CB . -3.65 -66.40 -18.10
C16 BO2 CB . -3.32 -67.23 -17.06
C17 BO2 CB . -4.16 -67.35 -15.97
C18 BO2 CB . -6.85 -68.56 -13.11
O19 BO2 CB . -6.54 -67.75 -12.25
N20 BO2 CB . -7.13 -69.83 -12.82
C21 BO2 CB . -6.74 -70.38 -11.53
C22 BO2 CB . -7.77 -71.38 -10.97
C23 BO2 CB . -8.06 -72.67 -11.76
C24 BO2 CB . -7.08 -72.89 -12.89
C25 BO2 CB . -8.08 -73.86 -10.83
B26 BO2 CB . -5.19 -70.92 -11.57
O27 BO2 CB . -4.29 -69.87 -11.03
O28 BO2 CB . -4.75 -71.22 -12.97
#